data_5UDD
#
_entry.id   5UDD
#
_cell.length_a   229.020
_cell.length_b   229.020
_cell.length_c   343.250
_cell.angle_alpha   90.000
_cell.angle_beta   90.000
_cell.angle_gamma   120.000
#
_symmetry.space_group_name_H-M   'P 32 2 1'
#
loop_
_entity.id
_entity.type
_entity.pdbx_description
1 polymer 'Fusion glycoprotein F0'
2 polymer 'MEDI8897 Fab Heavy Chain'
3 polymer 'MEDI8897 Fab Light Chain'
4 non-polymer 'SULFATE ION'
#
loop_
_entity_poly.entity_id
_entity_poly.type
_entity_poly.pdbx_seq_one_letter_code
_entity_poly.pdbx_strand_id
1 'polypeptide(L)'
;MELLIHRSSAIFLTLAINALYLTSSQNITEEFYQSTCSAVSRGYFSALRTGWYTSVITIELSNIKETKCNGTDTKVKLIK
QELDKYKNAVTELQLLTQNTPAANNRARREAPQYMNYTINTTKNLNVSISKKRKRRFLGFLLGVGSAIASGIAVCKVLHL
EGEVNKIKNALLSTNKAVVSLSNGVSVLTFKVLDLKSYINNQLLPILNQQSCRISNIETVIEFQQKNSRLLEITREFSVN
AGVTTPLSTYMLTNSELLSLINDMPITNDQKKLMSSNVQIVRQQSYSIMCIIKEEVLAYVVQLPIYGVIDTPCWKLHTSP
LCTTNIKEGSNICLTRTDRGWYCDNAGSVSFFPQADTCKVQSNRVFCDTMNSLTLPSEVSLCNTDIFNSKYDCKIMTSKT
DISSSVITSLGAIVSCYGKTKCTASNKNRGIIKTFSNGCDYVSNKGVDTVSVGNTLYYVNKLEGKNLYVKGEPIINYYDP
LVFPSDEFDASISQVNEKINQSLAFIRRSDELLSAIGGYIPEAPRDGQAYVRKDGEWVLLSTFLGGLVPRGSHHHHHHSA
WSHPQFEK
;
A,B,C,D,E,F,G,H,I
2 'polypeptide(L)'
;QVQLVQSGAEVKKPGSSVMVSCQASGGLLEDYIINWVRQAPGQGPEWMGGIIPVLGTVHYGPKFQGRVTITADESTDTAY
MELSSLRSEDTAMYYCATETALVVSETYLPHYFDNWGQGTLVTVSSASTKGPSVFPLAPSSKSTSGGTAALGCLVKDYFP
EPVTVSWNSGALTSGVHTFPAVLQSSGLYSLSSVVTVPSSSLGTQTYICNVNHKPSNTKVDKRVEPKS
;
J,K,L,M,N,O
3 'polypeptide(L)'
;DIQMTQSPSSLSAAVGDRVTITCQASQDIVNYLNWYQQKPGKAPKLLIYVASNLETGVPSRFSGSGSGTDFSLTISSLQP
EDVATYYCQQYDNLPLTFGGGTKVEIKRTVAAPSVFIFPPSDEQLKSGTASVVCLLNNFYPREAKVQWKVDNALQSGNSQ
ESVTEQDSKDSTYSLSSTLTLSKADYEKHKVYACEVTHQGLSSPVTKSFNRGEC
;
P,Q,R,S,T,U
#
# COMPACT_ATOMS: atom_id res chain seq x y z
N GLN A 26 32.72 -25.75 -65.55
CA GLN A 26 33.17 -24.65 -64.71
C GLN A 26 34.62 -24.24 -65.00
N ASN A 27 34.82 -23.61 -66.15
CA ASN A 27 36.13 -23.14 -66.58
C ASN A 27 36.17 -21.62 -66.48
N ILE A 28 36.99 -21.11 -65.56
CA ILE A 28 37.12 -19.68 -65.31
C ILE A 28 38.56 -19.26 -65.55
N THR A 29 38.74 -18.17 -66.29
CA THR A 29 40.06 -17.60 -66.58
C THR A 29 40.16 -16.23 -65.92
N GLU A 30 41.27 -15.97 -65.24
CA GLU A 30 41.51 -14.68 -64.59
C GLU A 30 42.71 -14.01 -65.23
N GLU A 31 42.62 -12.69 -65.39
CA GLU A 31 43.71 -11.89 -65.92
C GLU A 31 44.04 -10.77 -64.94
N PHE A 32 45.32 -10.64 -64.61
CA PHE A 32 45.81 -9.57 -63.76
C PHE A 32 46.63 -8.61 -64.58
N TYR A 33 46.34 -7.32 -64.47
CA TYR A 33 47.03 -6.27 -65.21
C TYR A 33 47.91 -5.49 -64.25
N GLN A 34 49.22 -5.68 -64.35
CA GLN A 34 50.15 -4.97 -63.47
C GLN A 34 50.11 -3.47 -63.71
N SER A 35 49.79 -3.04 -64.93
CA SER A 35 49.80 -1.60 -65.22
C SER A 35 48.80 -0.86 -64.36
N THR A 36 47.62 -1.45 -64.16
CA THR A 36 46.56 -0.77 -63.47
C THR A 36 46.21 -1.41 -62.14
N CYS A 37 46.92 -2.48 -61.75
CA CYS A 37 46.62 -3.20 -60.52
C CYS A 37 45.12 -3.54 -60.44
N SER A 38 44.70 -4.36 -61.40
CA SER A 38 43.32 -4.80 -61.49
C SER A 38 43.29 -6.22 -62.03
N ALA A 39 42.18 -6.91 -61.82
CA ALA A 39 42.04 -8.31 -62.21
C ALA A 39 40.63 -8.57 -62.71
N VAL A 40 40.52 -9.34 -63.78
CA VAL A 40 39.23 -9.64 -64.42
C VAL A 40 39.05 -11.15 -64.47
N SER A 41 37.97 -11.64 -63.88
CA SER A 41 37.65 -13.06 -63.88
C SER A 41 36.60 -13.29 -64.95
N ARG A 42 36.99 -13.92 -66.05
CA ARG A 42 36.11 -14.10 -67.21
C ARG A 42 35.53 -15.51 -67.22
N GLY A 43 34.41 -15.66 -67.93
CA GLY A 43 33.79 -16.96 -68.10
C GLY A 43 32.51 -17.15 -67.32
N TYR A 44 32.20 -16.26 -66.37
CA TYR A 44 30.97 -16.39 -65.63
C TYR A 44 29.78 -16.05 -66.54
N PHE A 45 28.61 -16.54 -66.16
CA PHE A 45 27.38 -16.27 -66.89
C PHE A 45 26.42 -15.47 -66.04
N SER A 46 25.46 -14.86 -66.72
CA SER A 46 24.54 -13.93 -66.10
C SER A 46 23.24 -14.62 -65.73
N ALA A 47 22.56 -14.05 -64.74
CA ALA A 47 21.20 -14.38 -64.38
C ALA A 47 20.57 -13.16 -63.70
N LEU A 48 20.11 -12.21 -64.50
CA LEU A 48 19.70 -10.91 -63.99
C LEU A 48 18.20 -10.92 -63.72
N ARG A 49 17.82 -10.41 -62.55
CA ARG A 49 16.40 -10.31 -62.20
C ARG A 49 15.84 -9.09 -62.93
N THR A 50 15.14 -9.34 -64.04
CA THR A 50 14.61 -8.26 -64.87
C THR A 50 13.17 -7.91 -64.57
N GLY A 51 12.40 -8.83 -63.98
CA GLY A 51 10.99 -8.57 -63.74
C GLY A 51 10.52 -9.21 -62.45
N TRP A 52 9.21 -9.11 -62.22
CA TRP A 52 8.57 -9.66 -61.04
C TRP A 52 7.35 -10.49 -61.41
N TYR A 53 7.18 -11.63 -60.75
CA TYR A 53 5.95 -12.40 -60.80
C TYR A 53 5.29 -12.39 -59.43
N THR A 54 3.99 -12.10 -59.39
CA THR A 54 3.24 -11.99 -58.15
C THR A 54 2.18 -13.07 -58.09
N SER A 55 2.09 -13.76 -56.96
CA SER A 55 1.05 -14.74 -56.73
C SER A 55 0.42 -14.52 -55.37
N VAL A 56 -0.88 -14.84 -55.29
CA VAL A 56 -1.65 -14.68 -54.07
C VAL A 56 -1.90 -16.06 -53.49
N ILE A 57 -1.37 -16.29 -52.29
CA ILE A 57 -1.53 -17.56 -51.58
C ILE A 57 -2.57 -17.34 -50.50
N THR A 58 -3.56 -18.23 -50.44
CA THR A 58 -4.68 -18.05 -49.54
C THR A 58 -4.78 -19.21 -48.55
N ILE A 59 -5.29 -18.90 -47.37
CA ILE A 59 -5.66 -19.90 -46.36
C ILE A 59 -7.07 -19.59 -45.89
N GLU A 60 -7.93 -20.60 -45.90
CA GLU A 60 -9.32 -20.44 -45.52
C GLU A 60 -9.46 -20.63 -44.01
N LEU A 61 -10.07 -19.64 -43.34
CA LEU A 61 -10.18 -19.64 -41.89
C LEU A 61 -11.64 -19.70 -41.45
N SER A 62 -11.85 -20.10 -40.20
CA SER A 62 -13.15 -19.99 -39.56
C SER A 62 -12.97 -19.31 -38.21
N ASN A 63 -13.67 -18.18 -38.01
CA ASN A 63 -13.57 -17.41 -36.79
C ASN A 63 -14.57 -17.90 -35.75
N ILE A 64 -14.07 -18.33 -34.61
CA ILE A 64 -14.88 -18.78 -33.49
C ILE A 64 -15.28 -17.55 -32.68
N LYS A 65 -16.57 -17.42 -32.37
CA LYS A 65 -17.02 -16.27 -31.57
C LYS A 65 -16.26 -16.24 -30.26
N GLU A 66 -16.31 -17.34 -29.50
CA GLU A 66 -15.48 -17.53 -28.33
C GLU A 66 -15.54 -19.01 -28.00
N THR A 67 -14.43 -19.57 -27.55
CA THR A 67 -14.46 -20.94 -27.06
C THR A 67 -15.05 -20.91 -25.66
N LYS A 68 -16.30 -21.35 -25.53
CA LYS A 68 -17.00 -21.16 -24.28
C LYS A 68 -16.80 -22.37 -23.36
N CYS A 69 -15.67 -23.06 -23.54
CA CYS A 69 -15.31 -24.19 -22.70
C CYS A 69 -14.58 -23.70 -21.45
N ASN A 70 -14.87 -24.35 -20.34
CA ASN A 70 -14.27 -23.97 -19.07
C ASN A 70 -12.88 -24.59 -18.97
N GLY A 71 -11.88 -23.77 -18.62
CA GLY A 71 -10.49 -24.18 -18.56
C GLY A 71 -9.86 -24.72 -17.29
N THR A 72 -10.13 -25.97 -16.91
CA THR A 72 -9.46 -26.51 -15.72
C THR A 72 -8.71 -27.83 -15.94
N ASP A 73 -9.44 -28.87 -16.37
CA ASP A 73 -8.86 -30.21 -16.53
C ASP A 73 -7.68 -30.20 -17.49
N THR A 74 -6.80 -31.20 -17.31
CA THR A 74 -5.58 -31.31 -18.12
C THR A 74 -5.87 -31.59 -19.59
N LYS A 75 -6.94 -32.33 -19.89
CA LYS A 75 -7.26 -32.58 -21.29
C LYS A 75 -7.80 -31.32 -21.95
N VAL A 76 -8.70 -30.61 -21.28
CA VAL A 76 -9.28 -29.39 -21.83
C VAL A 76 -8.24 -28.30 -21.98
N LYS A 77 -7.36 -28.16 -20.98
CA LYS A 77 -6.42 -27.04 -21.00
C LYS A 77 -5.46 -27.07 -22.19
N LEU A 78 -5.12 -28.24 -22.74
CA LEU A 78 -4.23 -28.23 -23.89
C LEU A 78 -4.98 -27.87 -25.18
N ILE A 79 -6.13 -28.48 -25.45
CA ILE A 79 -6.88 -28.18 -26.69
C ILE A 79 -7.45 -26.77 -26.65
N LYS A 80 -7.96 -26.35 -25.50
CA LYS A 80 -8.51 -25.00 -25.35
C LYS A 80 -7.40 -23.96 -25.52
N GLN A 81 -6.25 -24.20 -24.88
CA GLN A 81 -5.11 -23.30 -25.08
C GLN A 81 -4.63 -23.32 -26.53
N GLU A 82 -4.68 -24.49 -27.17
CA GLU A 82 -4.30 -24.58 -28.57
C GLU A 82 -5.25 -23.78 -29.44
N LEU A 83 -6.55 -23.82 -29.10
CA LEU A 83 -7.53 -23.03 -29.83
C LEU A 83 -7.27 -21.54 -29.65
N ASP A 84 -6.90 -21.13 -28.43
CA ASP A 84 -6.66 -19.72 -28.18
C ASP A 84 -5.45 -19.21 -28.97
N LYS A 85 -4.41 -20.04 -29.12
CA LYS A 85 -3.24 -19.64 -29.91
C LYS A 85 -3.61 -19.43 -31.37
N TYR A 86 -4.54 -20.23 -31.89
CA TYR A 86 -5.03 -20.01 -33.24
C TYR A 86 -5.81 -18.69 -33.33
N LYS A 87 -6.77 -18.50 -32.42
CA LYS A 87 -7.62 -17.31 -32.45
C LYS A 87 -6.84 -16.03 -32.20
N ASN A 88 -5.74 -16.12 -31.44
CA ASN A 88 -4.94 -14.91 -31.21
C ASN A 88 -4.10 -14.56 -32.43
N ALA A 89 -3.53 -15.56 -33.10
CA ALA A 89 -2.77 -15.31 -34.33
C ALA A 89 -3.66 -14.68 -35.39
N VAL A 90 -4.88 -15.20 -35.53
CA VAL A 90 -5.86 -14.64 -36.46
C VAL A 90 -6.16 -13.18 -36.09
N THR A 91 -6.42 -12.94 -34.80
CA THR A 91 -6.71 -11.58 -34.34
C THR A 91 -5.52 -10.67 -34.58
N GLU A 92 -4.31 -11.18 -34.35
CA GLU A 92 -3.11 -10.39 -34.59
C GLU A 92 -3.04 -9.89 -36.03
N LEU A 93 -3.40 -10.75 -37.00
CA LEU A 93 -3.26 -10.37 -38.39
C LEU A 93 -4.23 -9.24 -38.77
N GLN A 94 -5.44 -9.23 -38.19
CA GLN A 94 -6.35 -8.13 -38.46
C GLN A 94 -5.79 -6.80 -37.96
N LEU A 95 -5.06 -6.82 -36.85
CA LEU A 95 -4.41 -5.60 -36.38
C LEU A 95 -3.33 -5.16 -37.36
N LEU A 96 -2.54 -6.11 -37.85
CA LEU A 96 -1.44 -5.78 -38.76
C LEU A 96 -1.94 -5.37 -40.14
N THR A 97 -3.13 -5.81 -40.53
CA THR A 97 -3.61 -5.59 -41.89
C THR A 97 -4.31 -4.25 -42.04
N GLN A 98 -3.67 -3.19 -41.57
CA GLN A 98 -4.19 -1.84 -41.70
C GLN A 98 -3.05 -0.83 -41.81
N LEU A 138 32.48 2.69 -55.00
CA LEU A 138 31.43 3.24 -55.85
C LEU A 138 30.06 2.95 -55.25
N GLY A 139 29.03 2.87 -56.08
CA GLY A 139 27.69 2.53 -55.65
C GLY A 139 26.75 3.69 -55.38
N PHE A 140 27.25 4.83 -54.91
CA PHE A 140 26.36 5.94 -54.58
C PHE A 140 25.65 6.51 -55.81
N LEU A 141 26.09 6.19 -57.02
CA LEU A 141 25.45 6.75 -58.21
C LEU A 141 24.19 6.00 -58.60
N LEU A 142 23.82 4.96 -57.85
CA LEU A 142 22.72 4.09 -58.26
C LEU A 142 21.39 4.81 -58.14
N GLY A 143 20.38 4.20 -58.74
CA GLY A 143 19.03 4.72 -58.74
C GLY A 143 18.20 3.95 -57.72
N VAL A 144 17.24 4.63 -57.12
CA VAL A 144 16.46 4.02 -56.05
C VAL A 144 15.21 3.41 -56.64
N GLY A 145 14.83 2.25 -56.10
CA GLY A 145 13.62 1.58 -56.50
C GLY A 145 12.67 1.33 -55.34
N SER A 146 11.53 0.76 -55.69
CA SER A 146 10.51 0.35 -54.73
C SER A 146 10.40 -1.16 -54.89
N ALA A 147 11.00 -1.90 -53.95
CA ALA A 147 11.17 -3.33 -54.15
C ALA A 147 9.85 -4.07 -54.27
N ILE A 148 8.85 -3.66 -53.49
CA ILE A 148 7.58 -4.36 -53.47
C ILE A 148 6.46 -3.53 -54.09
N ALA A 149 6.80 -2.56 -54.94
CA ALA A 149 5.76 -1.78 -55.61
C ALA A 149 4.84 -2.68 -56.40
N SER A 150 5.37 -3.76 -56.97
CA SER A 150 4.53 -4.71 -57.68
C SER A 150 3.60 -5.44 -56.73
N GLY A 151 4.14 -5.98 -55.65
CA GLY A 151 3.32 -6.71 -54.69
C GLY A 151 2.29 -5.84 -53.99
N ILE A 152 2.71 -4.64 -53.54
CA ILE A 152 1.77 -3.75 -52.86
C ILE A 152 0.60 -3.42 -53.78
N ALA A 153 0.88 -3.23 -55.07
CA ALA A 153 -0.18 -2.92 -56.02
C ALA A 153 -1.24 -4.01 -56.03
N VAL A 154 -0.83 -5.28 -56.01
CA VAL A 154 -1.79 -6.37 -56.03
C VAL A 154 -2.58 -6.42 -54.72
N CYS A 155 -1.89 -6.33 -53.59
CA CYS A 155 -2.55 -6.35 -52.28
C CYS A 155 -3.60 -5.25 -52.19
N LYS A 156 -3.27 -4.05 -52.69
CA LYS A 156 -4.19 -2.93 -52.61
C LYS A 156 -5.51 -3.23 -53.28
N VAL A 157 -5.50 -4.07 -54.32
CA VAL A 157 -6.72 -4.40 -55.03
C VAL A 157 -7.65 -5.22 -54.15
N LEU A 158 -7.10 -6.14 -53.36
CA LEU A 158 -7.91 -7.00 -52.50
C LEU A 158 -8.69 -6.22 -51.44
N HIS A 159 -8.23 -5.04 -51.03
CA HIS A 159 -8.95 -4.29 -50.01
C HIS A 159 -10.26 -3.67 -50.51
N LEU A 160 -10.51 -3.63 -51.82
CA LEU A 160 -11.74 -3.04 -52.30
C LEU A 160 -12.95 -3.91 -51.89
N GLU A 161 -14.09 -3.25 -51.73
CA GLU A 161 -15.28 -3.91 -51.20
C GLU A 161 -15.73 -5.03 -52.14
N GLY A 162 -16.01 -6.20 -51.57
CA GLY A 162 -16.51 -7.30 -52.37
C GLY A 162 -15.52 -7.86 -53.37
N GLU A 163 -14.24 -7.50 -53.27
CA GLU A 163 -13.26 -7.98 -54.24
C GLU A 163 -12.76 -9.36 -53.85
N VAL A 164 -12.58 -9.61 -52.56
CA VAL A 164 -12.16 -10.91 -52.07
C VAL A 164 -13.14 -12.00 -52.49
N ASN A 165 -14.44 -11.67 -52.58
CA ASN A 165 -15.44 -12.68 -52.92
C ASN A 165 -15.13 -13.34 -54.27
N LYS A 166 -14.66 -12.58 -55.26
CA LYS A 166 -14.25 -13.18 -56.52
C LYS A 166 -13.17 -14.23 -56.32
N ILE A 167 -12.23 -13.97 -55.41
CA ILE A 167 -11.16 -14.94 -55.14
C ILE A 167 -11.75 -16.21 -54.55
N LYS A 168 -12.59 -16.07 -53.52
CA LYS A 168 -13.12 -17.23 -52.82
C LYS A 168 -13.91 -18.13 -53.76
N ASN A 169 -14.76 -17.56 -54.61
CA ASN A 169 -15.62 -18.35 -55.47
C ASN A 169 -14.82 -19.15 -56.49
N ALA A 170 -13.68 -18.63 -56.93
CA ALA A 170 -12.87 -19.34 -57.92
C ALA A 170 -12.08 -20.49 -57.31
N LEU A 171 -11.63 -20.36 -56.06
CA LEU A 171 -10.87 -21.41 -55.42
C LEU A 171 -11.75 -22.40 -54.66
N LEU A 172 -13.04 -22.41 -54.95
CA LEU A 172 -13.91 -23.37 -54.27
C LEU A 172 -13.79 -24.76 -54.89
N SER A 173 -13.60 -24.85 -56.21
CA SER A 173 -13.58 -26.13 -56.89
C SER A 173 -12.17 -26.70 -57.06
N THR A 174 -11.16 -25.84 -57.23
CA THR A 174 -9.78 -26.27 -57.36
C THR A 174 -8.91 -25.47 -56.39
N ASN A 175 -7.66 -25.89 -56.26
CA ASN A 175 -6.70 -25.21 -55.38
C ASN A 175 -5.79 -24.27 -56.15
N LYS A 176 -6.08 -24.07 -57.42
CA LYS A 176 -5.27 -23.23 -58.30
C LYS A 176 -6.24 -22.58 -59.27
N ALA A 177 -6.25 -21.25 -59.33
CA ALA A 177 -7.16 -20.56 -60.22
C ALA A 177 -6.57 -19.22 -60.62
N VAL A 178 -6.94 -18.76 -61.81
CA VAL A 178 -6.63 -17.43 -62.28
C VAL A 178 -7.89 -16.59 -62.12
N VAL A 179 -7.79 -15.51 -61.34
CA VAL A 179 -8.92 -14.68 -60.96
C VAL A 179 -8.84 -13.33 -61.63
N SER A 180 -10.00 -12.82 -62.07
CA SER A 180 -10.11 -11.48 -62.59
C SER A 180 -10.43 -10.54 -61.44
N LEU A 181 -9.46 -9.70 -61.07
CA LEU A 181 -9.74 -8.70 -60.06
C LEU A 181 -10.47 -7.52 -60.69
N SER A 182 -11.19 -6.78 -59.84
CA SER A 182 -11.99 -5.67 -60.37
C SER A 182 -11.14 -4.57 -60.97
N ASN A 183 -9.93 -4.35 -60.43
CA ASN A 183 -9.11 -3.25 -60.91
C ASN A 183 -8.38 -3.60 -62.20
N GLY A 184 -7.22 -4.25 -62.13
CA GLY A 184 -6.52 -4.44 -63.39
C GLY A 184 -5.61 -5.62 -63.64
N VAL A 185 -5.44 -6.54 -62.69
CA VAL A 185 -4.40 -7.56 -62.82
C VAL A 185 -4.98 -8.95 -62.58
N SER A 186 -4.56 -9.91 -63.41
CA SER A 186 -4.88 -11.32 -63.23
C SER A 186 -3.74 -11.99 -62.48
N VAL A 187 -4.07 -12.64 -61.37
CA VAL A 187 -3.06 -13.22 -60.49
C VAL A 187 -3.41 -14.68 -60.22
N LEU A 188 -2.37 -15.51 -60.12
CA LEU A 188 -2.57 -16.89 -59.68
C LEU A 188 -2.85 -16.91 -58.18
N THR A 189 -3.90 -17.62 -57.79
CA THR A 189 -4.29 -17.74 -56.39
C THR A 189 -4.27 -19.20 -55.98
N PHE A 190 -3.95 -19.43 -54.71
CA PHE A 190 -3.56 -20.75 -54.24
C PHE A 190 -4.11 -20.92 -52.83
N LYS A 191 -5.01 -21.89 -52.64
CA LYS A 191 -5.44 -22.29 -51.31
C LYS A 191 -4.60 -23.49 -50.86
N VAL A 192 -3.73 -23.27 -49.88
CA VAL A 192 -2.78 -24.30 -49.45
C VAL A 192 -3.36 -25.10 -48.29
N LEU A 193 -3.68 -24.44 -47.19
CA LEU A 193 -4.25 -25.09 -46.02
C LEU A 193 -5.73 -24.74 -45.92
N ASP A 194 -6.56 -25.75 -45.68
CA ASP A 194 -7.98 -25.57 -45.44
C ASP A 194 -8.26 -25.83 -43.96
N LEU A 195 -8.16 -24.78 -43.15
CA LEU A 195 -8.47 -24.89 -41.74
C LEU A 195 -9.96 -24.82 -41.46
N LYS A 196 -10.73 -24.20 -42.36
CA LYS A 196 -12.18 -24.07 -42.18
C LYS A 196 -12.86 -25.42 -42.01
N SER A 197 -12.78 -26.27 -43.04
CA SER A 197 -13.50 -27.55 -43.00
C SER A 197 -12.97 -28.49 -41.93
N TYR A 198 -11.72 -28.32 -41.51
CA TYR A 198 -11.21 -29.10 -40.38
C TYR A 198 -11.85 -28.64 -39.08
N ILE A 199 -11.85 -27.33 -38.84
CA ILE A 199 -12.41 -26.80 -37.61
C ILE A 199 -13.93 -27.02 -37.58
N ASN A 200 -14.58 -26.85 -38.73
CA ASN A 200 -16.04 -26.89 -38.75
C ASN A 200 -16.58 -28.31 -38.73
N ASN A 201 -15.97 -29.23 -39.47
CA ASN A 201 -16.55 -30.55 -39.65
C ASN A 201 -15.77 -31.71 -39.07
N GLN A 202 -14.57 -31.50 -38.55
CA GLN A 202 -13.83 -32.61 -37.94
C GLN A 202 -13.45 -32.38 -36.50
N LEU A 203 -13.08 -31.15 -36.13
CA LEU A 203 -12.57 -30.91 -34.77
C LEU A 203 -13.68 -30.49 -33.83
N LEU A 204 -14.33 -29.38 -34.10
CA LEU A 204 -15.39 -28.87 -33.22
C LEU A 204 -16.50 -29.89 -32.97
N PRO A 205 -16.96 -30.69 -33.94
CA PRO A 205 -17.92 -31.74 -33.60
C PRO A 205 -17.35 -32.74 -32.60
N ILE A 206 -16.11 -33.18 -32.81
CA ILE A 206 -15.47 -34.06 -31.84
C ILE A 206 -15.43 -33.39 -30.48
N LEU A 207 -15.07 -32.11 -30.46
CA LEU A 207 -14.96 -31.39 -29.20
C LEU A 207 -16.32 -31.20 -28.56
N ASN A 208 -17.31 -30.75 -29.33
CA ASN A 208 -18.59 -30.40 -28.74
C ASN A 208 -19.29 -31.63 -28.18
N GLN A 209 -19.11 -32.78 -28.81
CA GLN A 209 -19.90 -33.95 -28.41
C GLN A 209 -19.57 -34.38 -26.99
N GLN A 210 -18.30 -34.32 -26.61
CA GLN A 210 -17.87 -34.81 -25.30
C GLN A 210 -17.57 -33.68 -24.31
N SER A 211 -18.17 -32.50 -24.51
CA SER A 211 -18.05 -31.37 -23.58
C SER A 211 -16.59 -31.03 -23.26
N CYS A 212 -15.76 -30.96 -24.30
CA CYS A 212 -14.36 -30.55 -24.26
C CYS A 212 -13.47 -31.61 -23.63
N ARG A 213 -14.01 -32.77 -23.26
CA ARG A 213 -13.21 -33.90 -22.84
C ARG A 213 -12.80 -34.60 -24.12
N ILE A 214 -11.61 -34.28 -24.63
CA ILE A 214 -11.14 -34.98 -25.81
C ILE A 214 -10.51 -36.27 -25.29
N SER A 215 -11.25 -37.37 -25.40
CA SER A 215 -10.78 -38.64 -24.86
C SER A 215 -9.65 -39.22 -25.69
N ASN A 216 -9.60 -38.90 -26.98
CA ASN A 216 -8.64 -39.48 -27.89
C ASN A 216 -7.62 -38.40 -28.18
N ILE A 217 -6.41 -38.58 -27.65
CA ILE A 217 -5.34 -37.59 -27.80
C ILE A 217 -4.91 -37.37 -29.25
N GLU A 218 -5.22 -38.32 -30.14
CA GLU A 218 -4.73 -38.22 -31.52
C GLU A 218 -5.30 -37.01 -32.25
N THR A 219 -6.55 -36.64 -31.95
CA THR A 219 -7.18 -35.53 -32.64
C THR A 219 -6.45 -34.22 -32.36
N VAL A 220 -6.08 -33.98 -31.10
CA VAL A 220 -5.47 -32.70 -30.73
C VAL A 220 -4.08 -32.56 -31.34
N ILE A 221 -3.33 -33.66 -31.45
CA ILE A 221 -1.99 -33.57 -32.03
C ILE A 221 -2.09 -33.24 -33.52
N GLU A 222 -3.03 -33.86 -34.22
CA GLU A 222 -3.25 -33.52 -35.62
C GLU A 222 -3.62 -32.05 -35.78
N PHE A 223 -4.43 -31.53 -34.86
CA PHE A 223 -4.82 -30.13 -34.93
C PHE A 223 -3.63 -29.20 -34.80
N GLN A 224 -2.78 -29.44 -33.80
CA GLN A 224 -1.65 -28.55 -33.58
C GLN A 224 -0.67 -28.57 -34.75
N GLN A 225 -0.54 -29.70 -35.44
CA GLN A 225 0.25 -29.71 -36.66
C GLN A 225 -0.48 -28.97 -37.79
N LYS A 226 -1.79 -29.22 -37.94
CA LYS A 226 -2.56 -28.48 -38.94
C LYS A 226 -2.57 -26.99 -38.63
N ASN A 227 -2.52 -26.64 -37.34
CA ASN A 227 -2.49 -25.27 -36.89
C ASN A 227 -1.09 -24.68 -36.94
N SER A 228 -0.07 -25.52 -37.10
CA SER A 228 1.30 -25.07 -36.95
C SER A 228 1.70 -24.06 -38.02
N ARG A 229 1.41 -24.37 -39.30
CA ARG A 229 1.90 -23.51 -40.36
C ARG A 229 1.35 -22.10 -40.24
N LEU A 230 0.09 -21.97 -39.83
CA LEU A 230 -0.49 -20.64 -39.66
C LEU A 230 0.27 -19.86 -38.61
N LEU A 231 0.58 -20.49 -37.48
CA LEU A 231 1.27 -19.76 -36.42
C LEU A 231 2.69 -19.39 -36.87
N GLU A 232 3.33 -20.28 -37.64
CA GLU A 232 4.69 -19.99 -38.12
C GLU A 232 4.69 -18.85 -39.12
N ILE A 233 3.75 -18.88 -40.07
CA ILE A 233 3.58 -17.76 -40.99
C ILE A 233 3.22 -16.50 -40.22
N THR A 234 2.28 -16.62 -39.28
CA THR A 234 1.92 -15.47 -38.45
C THR A 234 3.13 -14.96 -37.69
N ARG A 235 3.91 -15.87 -37.13
CA ARG A 235 5.06 -15.46 -36.35
C ARG A 235 6.07 -14.69 -37.19
N GLU A 236 6.37 -15.18 -38.39
CA GLU A 236 7.31 -14.46 -39.26
C GLU A 236 6.76 -13.09 -39.66
N PHE A 237 5.49 -13.03 -40.09
CA PHE A 237 4.91 -11.73 -40.42
C PHE A 237 4.90 -10.81 -39.22
N SER A 238 4.78 -11.37 -38.01
CA SER A 238 4.72 -10.55 -36.81
C SER A 238 6.07 -9.94 -36.46
N VAL A 239 7.16 -10.42 -37.06
CA VAL A 239 8.49 -9.92 -36.76
C VAL A 239 9.08 -9.08 -37.89
N ASN A 240 8.43 -9.00 -39.05
CA ASN A 240 9.01 -8.29 -40.18
C ASN A 240 8.09 -7.21 -40.76
N ALA A 241 7.10 -6.76 -40.00
CA ALA A 241 6.16 -5.70 -40.42
C ALA A 241 5.42 -6.07 -41.71
N GLY A 242 4.95 -7.31 -41.78
CA GLY A 242 4.16 -7.79 -42.89
C GLY A 242 4.90 -8.03 -44.18
N VAL A 243 6.21 -7.83 -44.22
CA VAL A 243 7.01 -8.06 -45.42
C VAL A 243 8.23 -8.87 -45.02
N THR A 244 8.30 -10.12 -45.49
CA THR A 244 9.41 -11.00 -45.17
C THR A 244 10.28 -11.27 -46.40
N THR A 245 11.59 -11.40 -46.15
CA THR A 245 12.58 -11.83 -47.12
C THR A 245 13.78 -12.37 -46.36
N PRO A 246 14.38 -13.47 -46.79
CA PRO A 246 13.93 -14.31 -47.92
C PRO A 246 12.63 -15.05 -47.67
N LEU A 247 12.10 -15.66 -48.72
CA LEU A 247 10.83 -16.38 -48.63
C LEU A 247 11.06 -17.70 -47.91
N SER A 248 10.48 -17.83 -46.72
CA SER A 248 10.73 -19.00 -45.89
C SER A 248 10.02 -20.23 -46.45
N THR A 249 10.37 -21.40 -45.88
CA THR A 249 9.70 -22.63 -46.27
C THR A 249 8.31 -22.76 -45.67
N TYR A 250 8.00 -22.01 -44.62
CA TYR A 250 6.63 -21.94 -44.14
C TYR A 250 5.76 -21.08 -45.05
N MET A 251 6.35 -20.04 -45.65
CA MET A 251 5.64 -19.22 -46.62
C MET A 251 5.30 -20.01 -47.87
N LEU A 252 6.26 -20.75 -48.39
CA LEU A 252 6.10 -21.47 -49.66
C LEU A 252 7.02 -22.67 -49.65
N THR A 253 6.44 -23.87 -49.56
CA THR A 253 7.23 -25.08 -49.59
C THR A 253 7.86 -25.28 -50.96
N ASN A 254 8.89 -26.14 -51.02
CA ASN A 254 9.54 -26.43 -52.29
C ASN A 254 8.53 -27.03 -53.28
N SER A 255 7.62 -27.88 -52.79
CA SER A 255 6.62 -28.45 -53.67
C SER A 255 5.77 -27.36 -54.29
N GLU A 256 5.37 -26.39 -53.48
CA GLU A 256 4.62 -25.24 -53.98
C GLU A 256 5.46 -24.37 -54.88
N LEU A 257 6.73 -24.16 -54.52
CA LEU A 257 7.57 -23.24 -55.28
C LEU A 257 7.88 -23.79 -56.67
N LEU A 258 8.33 -25.05 -56.76
CA LEU A 258 8.60 -25.65 -58.07
C LEU A 258 7.36 -25.65 -58.96
N SER A 259 6.19 -25.91 -58.38
CA SER A 259 4.96 -25.88 -59.18
C SER A 259 4.63 -24.46 -59.63
N LEU A 260 4.86 -23.48 -58.75
CA LEU A 260 4.68 -22.09 -59.14
C LEU A 260 5.74 -21.65 -60.16
N ILE A 261 6.95 -22.18 -60.04
CA ILE A 261 8.00 -21.90 -61.03
C ILE A 261 7.53 -22.31 -62.42
N ASN A 262 6.88 -23.48 -62.52
CA ASN A 262 6.46 -24.01 -63.81
C ASN A 262 5.42 -23.15 -64.51
N ASP A 263 4.67 -22.34 -63.78
CA ASP A 263 3.59 -21.54 -64.36
C ASP A 263 4.01 -20.12 -64.70
N MET A 264 5.28 -19.77 -64.52
CA MET A 264 5.67 -18.41 -64.86
C MET A 264 5.87 -18.25 -66.37
N PRO A 265 5.56 -17.07 -66.91
CA PRO A 265 5.66 -16.84 -68.36
C PRO A 265 7.11 -16.68 -68.82
N ILE A 266 7.86 -17.78 -68.80
CA ILE A 266 9.27 -17.79 -69.20
C ILE A 266 9.55 -19.06 -70.00
N THR A 267 10.71 -19.08 -70.64
CA THR A 267 11.15 -20.25 -71.40
C THR A 267 11.50 -21.40 -70.45
N ASN A 268 11.55 -22.61 -71.02
CA ASN A 268 11.96 -23.76 -70.22
C ASN A 268 13.40 -23.61 -69.71
N ASP A 269 14.26 -22.95 -70.47
CA ASP A 269 15.61 -22.70 -69.98
C ASP A 269 15.58 -21.83 -68.73
N GLN A 270 14.73 -20.81 -68.70
CA GLN A 270 14.61 -19.98 -67.51
C GLN A 270 13.97 -20.77 -66.37
N LYS A 271 12.94 -21.56 -66.68
CA LYS A 271 12.30 -22.40 -65.66
C LYS A 271 13.29 -23.35 -65.03
N LYS A 272 14.08 -24.04 -65.86
CA LYS A 272 15.03 -25.02 -65.34
C LYS A 272 16.05 -24.38 -64.41
N LEU A 273 16.53 -23.17 -64.76
CA LEU A 273 17.48 -22.47 -63.91
C LEU A 273 16.90 -22.22 -62.51
N MET A 274 15.67 -21.72 -62.44
CA MET A 274 15.06 -21.40 -61.15
C MET A 274 14.84 -22.64 -60.31
N SER A 275 14.42 -23.75 -60.93
CA SER A 275 14.19 -24.99 -60.19
C SER A 275 15.48 -25.63 -59.70
N SER A 276 16.59 -25.43 -60.43
CA SER A 276 17.87 -26.00 -60.03
C SER A 276 18.57 -25.18 -58.94
N ASN A 277 18.17 -23.92 -58.75
CA ASN A 277 18.76 -23.02 -57.76
C ASN A 277 17.67 -22.34 -56.93
N VAL A 278 16.69 -23.14 -56.47
CA VAL A 278 15.56 -22.61 -55.71
C VAL A 278 15.99 -21.84 -54.48
N GLN A 279 17.18 -22.10 -53.98
CA GLN A 279 17.62 -21.40 -52.77
C GLN A 279 17.84 -19.92 -53.05
N ILE A 280 18.43 -19.60 -54.20
CA ILE A 280 18.64 -18.19 -54.53
C ILE A 280 17.32 -17.50 -54.80
N VAL A 281 16.40 -18.20 -55.47
CA VAL A 281 15.07 -17.66 -55.74
C VAL A 281 14.44 -17.17 -54.45
N ARG A 282 14.50 -18.01 -53.40
CA ARG A 282 13.92 -17.63 -52.11
C ARG A 282 14.51 -16.32 -51.61
N GLN A 283 15.81 -16.13 -51.79
CA GLN A 283 16.46 -14.96 -51.21
C GLN A 283 16.14 -13.68 -51.96
N GLN A 284 15.70 -13.76 -53.21
CA GLN A 284 15.32 -12.58 -53.96
C GLN A 284 13.82 -12.38 -54.01
N SER A 285 13.06 -13.07 -53.16
CA SER A 285 11.61 -12.99 -53.13
C SER A 285 11.12 -12.30 -51.86
N TYR A 286 9.88 -11.83 -51.92
CA TYR A 286 9.21 -11.22 -50.78
C TYR A 286 7.86 -11.89 -50.53
N SER A 287 7.41 -11.82 -49.29
CA SER A 287 6.05 -12.21 -48.92
C SER A 287 5.37 -11.02 -48.27
N ILE A 288 4.23 -10.61 -48.82
CA ILE A 288 3.50 -9.45 -48.29
C ILE A 288 2.14 -9.89 -47.76
N MET A 289 2.01 -9.84 -46.44
CA MET A 289 0.75 -10.04 -45.75
C MET A 289 -0.12 -8.79 -45.90
N CYS A 290 -1.42 -8.97 -46.18
CA CYS A 290 -2.25 -7.78 -46.39
C CYS A 290 -3.73 -7.87 -45.99
N ILE A 291 -4.36 -9.04 -46.08
CA ILE A 291 -5.80 -9.05 -45.83
C ILE A 291 -6.20 -10.37 -45.16
N ILE A 292 -7.04 -10.24 -44.13
CA ILE A 292 -7.74 -11.35 -43.55
C ILE A 292 -9.18 -10.92 -43.29
N LYS A 293 -10.06 -11.15 -44.26
CA LYS A 293 -11.45 -10.74 -44.07
C LYS A 293 -12.35 -11.66 -44.86
N GLU A 294 -13.59 -11.79 -44.38
CA GLU A 294 -14.57 -12.67 -44.98
C GLU A 294 -14.02 -14.09 -45.06
N GLU A 295 -13.75 -14.66 -43.88
CA GLU A 295 -13.27 -16.03 -43.69
C GLU A 295 -12.16 -16.45 -44.67
N VAL A 296 -11.31 -15.54 -45.16
CA VAL A 296 -10.20 -15.93 -46.03
C VAL A 296 -8.96 -15.12 -45.66
N LEU A 297 -7.83 -15.81 -45.53
CA LEU A 297 -6.53 -15.16 -45.36
C LEU A 297 -5.71 -15.32 -46.63
N ALA A 298 -5.17 -14.20 -47.14
CA ALA A 298 -4.35 -14.23 -48.34
C ALA A 298 -3.17 -13.27 -48.23
N TYR A 299 -2.02 -13.71 -48.72
CA TYR A 299 -0.81 -12.89 -48.82
C TYR A 299 -0.23 -13.00 -50.23
N VAL A 300 0.49 -11.96 -50.65
CA VAL A 300 1.09 -11.90 -51.98
C VAL A 300 2.55 -12.34 -51.90
N VAL A 301 2.90 -13.33 -52.70
CA VAL A 301 4.28 -13.79 -52.84
C VAL A 301 4.85 -13.20 -54.12
N GLN A 302 6.00 -12.54 -54.00
CA GLN A 302 6.64 -11.85 -55.11
C GLN A 302 7.94 -12.58 -55.48
N LEU A 303 7.92 -13.33 -56.64
CA LEU A 303 9.07 -14.11 -57.11
C LEU A 303 9.84 -13.35 -58.17
N PRO A 304 11.15 -13.57 -58.27
CA PRO A 304 11.93 -12.91 -59.32
C PRO A 304 11.68 -13.54 -60.67
N ILE A 305 11.92 -12.73 -61.71
CA ILE A 305 11.84 -13.20 -63.09
C ILE A 305 13.18 -12.88 -63.74
N TYR A 306 13.84 -13.91 -64.24
CA TYR A 306 15.19 -13.76 -64.81
C TYR A 306 15.05 -13.72 -66.33
N GLY A 307 14.94 -12.52 -66.88
CA GLY A 307 14.76 -12.33 -68.31
C GLY A 307 16.02 -12.36 -69.14
N VAL A 308 17.19 -12.14 -68.51
CA VAL A 308 18.46 -12.11 -69.21
C VAL A 308 19.31 -13.22 -68.61
N ILE A 309 19.59 -14.25 -69.39
CA ILE A 309 20.28 -15.45 -68.95
C ILE A 309 21.38 -15.77 -69.94
N ASP A 310 22.50 -16.28 -69.43
CA ASP A 310 23.58 -16.82 -70.25
C ASP A 310 24.29 -15.74 -71.03
N THR A 311 24.26 -14.56 -70.54
CA THR A 311 25.13 -13.63 -71.23
C THR A 311 26.50 -13.58 -70.55
N PRO A 312 27.55 -13.25 -71.30
CA PRO A 312 28.88 -13.21 -70.69
C PRO A 312 28.90 -12.21 -69.55
N CYS A 313 29.54 -12.61 -68.46
CA CYS A 313 29.62 -11.82 -67.25
C CYS A 313 31.00 -12.00 -66.63
N TRP A 314 31.58 -10.91 -66.11
CA TRP A 314 32.93 -10.94 -65.58
C TRP A 314 33.02 -10.06 -64.34
N LYS A 315 33.98 -10.37 -63.47
CA LYS A 315 34.19 -9.64 -62.22
C LYS A 315 35.54 -8.94 -62.27
N LEU A 316 35.55 -7.65 -61.91
CA LEU A 316 36.76 -6.83 -61.88
C LEU A 316 37.15 -6.52 -60.44
N HIS A 317 38.35 -6.96 -60.06
CA HIS A 317 38.94 -6.66 -58.76
C HIS A 317 40.04 -5.60 -58.94
N THR A 318 40.07 -4.60 -58.06
CA THR A 318 41.10 -3.57 -58.09
C THR A 318 41.63 -3.34 -56.67
N SER A 319 42.84 -2.79 -56.58
CA SER A 319 43.50 -2.52 -55.31
C SER A 319 44.37 -1.28 -55.48
N PRO A 320 44.57 -0.49 -54.42
CA PRO A 320 45.26 0.80 -54.59
C PRO A 320 46.70 0.64 -55.08
N LEU A 321 47.09 1.54 -55.99
CA LEU A 321 48.41 1.53 -56.62
C LEU A 321 49.15 2.81 -56.25
N CYS A 322 50.24 2.66 -55.49
CA CYS A 322 51.06 3.79 -55.06
C CYS A 322 52.49 3.61 -55.56
N THR A 323 53.20 4.73 -55.70
CA THR A 323 54.61 4.66 -56.01
C THR A 323 55.37 4.12 -54.81
N THR A 324 56.56 3.58 -55.08
CA THR A 324 57.42 3.04 -54.04
C THR A 324 58.72 3.83 -54.07
N ASN A 325 58.70 5.03 -53.50
CA ASN A 325 59.89 5.86 -53.43
C ASN A 325 60.42 5.88 -51.99
N ILE A 326 61.69 6.26 -51.88
CA ILE A 326 62.42 6.14 -50.63
C ILE A 326 61.89 7.12 -49.57
N LYS A 327 61.37 8.26 -49.99
CA LYS A 327 60.88 9.26 -49.04
C LYS A 327 59.64 8.75 -48.32
N GLU A 328 59.65 8.86 -46.98
CA GLU A 328 58.64 8.21 -46.16
C GLU A 328 57.25 8.81 -46.38
N GLY A 329 57.16 10.13 -46.36
CA GLY A 329 55.85 10.77 -46.37
C GLY A 329 55.45 11.30 -47.73
N SER A 330 56.36 11.23 -48.69
CA SER A 330 56.13 11.77 -50.03
C SER A 330 55.82 10.60 -50.96
N ASN A 331 54.53 10.27 -51.07
CA ASN A 331 54.12 9.22 -52.00
C ASN A 331 52.76 9.57 -52.59
N ILE A 332 52.48 8.99 -53.77
CA ILE A 332 51.26 9.27 -54.52
C ILE A 332 50.55 7.96 -54.84
N CYS A 333 49.22 7.96 -54.71
CA CYS A 333 48.41 6.76 -54.87
C CYS A 333 47.29 6.95 -55.88
N LEU A 334 46.83 5.83 -56.43
CA LEU A 334 45.85 5.79 -57.52
C LEU A 334 45.10 4.47 -57.45
N THR A 335 43.77 4.52 -57.59
CA THR A 335 42.93 3.32 -57.49
C THR A 335 41.81 3.35 -58.50
N ARG A 336 41.64 2.26 -59.26
CA ARG A 336 40.48 2.12 -60.12
C ARG A 336 39.23 1.95 -59.27
N THR A 337 38.20 2.76 -59.55
CA THR A 337 36.97 2.71 -58.78
C THR A 337 35.85 1.91 -59.43
N ASP A 338 36.06 1.37 -60.63
CA ASP A 338 35.02 0.65 -61.35
C ASP A 338 34.93 -0.83 -60.98
N ARG A 339 35.20 -1.17 -59.72
CA ARG A 339 35.10 -2.55 -59.25
C ARG A 339 33.64 -3.01 -59.20
N GLY A 340 33.44 -4.31 -59.42
CA GLY A 340 32.15 -4.94 -59.32
C GLY A 340 31.95 -5.96 -60.42
N TRP A 341 30.69 -6.35 -60.64
CA TRP A 341 30.31 -7.30 -61.67
C TRP A 341 29.84 -6.56 -62.93
N TYR A 342 30.19 -7.11 -64.09
CA TYR A 342 29.77 -6.57 -65.38
C TYR A 342 29.20 -7.70 -66.22
N CYS A 343 27.91 -7.63 -66.56
CA CYS A 343 27.31 -8.63 -67.43
C CYS A 343 26.85 -7.97 -68.71
N ASP A 344 27.05 -8.64 -69.84
CA ASP A 344 26.47 -8.19 -71.08
C ASP A 344 24.96 -8.23 -70.98
N ASN A 345 24.29 -7.22 -71.53
CA ASN A 345 22.83 -7.13 -71.46
C ASN A 345 22.37 -6.14 -72.52
N ALA A 346 21.66 -6.63 -73.53
CA ALA A 346 21.00 -5.76 -74.51
C ALA A 346 21.98 -4.82 -75.18
N GLY A 347 23.13 -5.35 -75.59
CA GLY A 347 24.10 -4.53 -76.28
C GLY A 347 24.87 -3.59 -75.37
N SER A 348 24.49 -3.51 -74.11
CA SER A 348 25.14 -2.68 -73.10
C SER A 348 25.73 -3.60 -72.04
N VAL A 349 26.18 -3.02 -70.93
CA VAL A 349 26.71 -3.81 -69.83
C VAL A 349 25.94 -3.41 -68.58
N SER A 350 25.37 -4.39 -67.90
CA SER A 350 24.72 -4.16 -66.61
C SER A 350 25.77 -4.25 -65.52
N PHE A 351 25.94 -3.14 -64.79
CA PHE A 351 27.03 -2.98 -63.84
C PHE A 351 26.49 -2.99 -62.42
N PHE A 352 27.05 -3.85 -61.59
CA PHE A 352 26.65 -3.94 -60.19
C PHE A 352 27.82 -3.51 -59.32
N PRO A 353 27.84 -2.28 -58.82
CA PRO A 353 29.01 -1.80 -58.07
C PRO A 353 29.16 -2.49 -56.73
N GLN A 354 28.04 -2.75 -56.07
CA GLN A 354 28.06 -3.35 -54.74
C GLN A 354 28.43 -4.82 -54.85
N ALA A 355 29.35 -5.27 -53.99
CA ALA A 355 29.93 -6.60 -54.17
C ALA A 355 28.95 -7.70 -53.75
N ASP A 356 28.29 -7.53 -52.62
CA ASP A 356 27.46 -8.55 -52.02
C ASP A 356 26.01 -8.50 -52.52
N THR A 357 25.73 -7.73 -53.57
CA THR A 357 24.40 -7.71 -54.15
C THR A 357 24.16 -8.90 -55.06
N CYS A 358 25.20 -9.67 -55.36
CA CYS A 358 25.11 -10.84 -56.22
C CYS A 358 25.55 -12.08 -55.46
N LYS A 359 24.93 -13.21 -55.80
CA LYS A 359 25.25 -14.51 -55.23
C LYS A 359 25.74 -15.40 -56.35
N VAL A 360 26.86 -16.08 -56.10
CA VAL A 360 27.53 -16.86 -57.13
C VAL A 360 27.30 -18.34 -56.86
N GLN A 361 26.86 -19.06 -57.89
CA GLN A 361 26.76 -20.52 -57.84
C GLN A 361 27.50 -21.05 -59.06
N SER A 362 28.64 -21.69 -58.84
CA SER A 362 29.46 -22.20 -59.94
C SER A 362 29.82 -21.09 -60.94
N ASN A 363 29.14 -21.05 -62.08
CA ASN A 363 29.38 -20.04 -63.10
C ASN A 363 28.23 -19.06 -63.27
N ARG A 364 27.16 -19.19 -62.48
CA ARG A 364 25.99 -18.34 -62.61
C ARG A 364 26.02 -17.25 -61.56
N VAL A 365 25.78 -16.01 -61.97
CA VAL A 365 25.76 -14.86 -61.08
C VAL A 365 24.31 -14.39 -61.00
N PHE A 366 23.68 -14.52 -59.83
CA PHE A 366 22.31 -14.07 -59.64
C PHE A 366 22.37 -12.64 -59.13
N CYS A 367 21.92 -11.69 -59.95
CA CYS A 367 21.99 -10.30 -59.56
C CYS A 367 20.62 -9.66 -59.74
N ASP A 368 20.47 -8.47 -59.18
CA ASP A 368 19.23 -7.73 -59.28
C ASP A 368 19.50 -6.46 -60.08
N THR A 369 18.81 -6.34 -61.22
CA THR A 369 19.04 -5.19 -62.07
C THR A 369 18.68 -3.87 -61.39
N MET A 370 17.84 -3.91 -60.36
CA MET A 370 17.40 -2.67 -59.71
C MET A 370 18.54 -1.88 -59.09
N ASN A 371 19.57 -2.55 -58.59
CA ASN A 371 20.72 -1.84 -58.03
C ASN A 371 21.88 -1.76 -59.02
N SER A 372 21.58 -1.58 -60.30
CA SER A 372 22.60 -1.59 -61.33
C SER A 372 22.50 -0.33 -62.19
N LEU A 373 23.61 0.00 -62.83
CA LEU A 373 23.68 1.01 -63.87
C LEU A 373 23.92 0.33 -65.21
N THR A 374 23.50 1.00 -66.26
CA THR A 374 23.63 0.49 -67.62
C THR A 374 24.76 1.23 -68.32
N LEU A 375 25.82 0.51 -68.66
CA LEU A 375 26.99 1.17 -69.20
C LEU A 375 27.24 0.75 -70.64
N PRO A 376 27.90 1.60 -71.43
CA PRO A 376 28.28 1.22 -72.78
C PRO A 376 29.29 0.07 -72.78
N SER A 377 29.32 -0.65 -73.90
CA SER A 377 30.20 -1.80 -74.04
C SER A 377 31.67 -1.42 -73.96
N GLU A 378 32.01 -0.15 -74.23
CA GLU A 378 33.39 0.29 -74.20
C GLU A 378 33.99 0.26 -72.81
N VAL A 379 33.20 -0.03 -71.77
CA VAL A 379 33.74 -0.10 -70.42
C VAL A 379 34.85 -1.13 -70.33
N SER A 380 34.75 -2.22 -71.11
CA SER A 380 35.75 -3.27 -71.07
C SER A 380 37.14 -2.80 -71.47
N LEU A 381 37.24 -1.67 -72.18
CA LEU A 381 38.54 -1.17 -72.61
C LEU A 381 39.40 -0.69 -71.44
N CYS A 382 38.78 -0.30 -70.32
CA CYS A 382 39.54 0.13 -69.15
C CYS A 382 40.41 -0.99 -68.60
N ASN A 383 40.07 -2.25 -68.87
CA ASN A 383 40.90 -3.36 -68.45
C ASN A 383 42.10 -3.50 -69.37
N THR A 384 41.89 -3.32 -70.67
CA THR A 384 42.94 -3.50 -71.66
C THR A 384 43.72 -2.24 -71.97
N ASP A 385 43.10 -1.06 -71.90
CA ASP A 385 43.78 0.19 -72.20
C ASP A 385 43.16 1.27 -71.32
N ILE A 386 43.80 1.56 -70.18
CA ILE A 386 43.23 2.54 -69.27
C ILE A 386 43.25 3.95 -69.84
N PHE A 387 44.11 4.23 -70.82
CA PHE A 387 44.19 5.55 -71.42
C PHE A 387 43.40 5.66 -72.72
N ASN A 388 42.53 4.69 -73.03
CA ASN A 388 41.80 4.72 -74.28
C ASN A 388 40.95 5.98 -74.38
N SER A 389 40.80 6.49 -75.60
CA SER A 389 40.11 7.76 -75.84
C SER A 389 38.62 7.58 -76.11
N LYS A 390 38.07 6.40 -75.83
CA LYS A 390 36.67 6.11 -76.13
C LYS A 390 35.79 5.95 -74.90
N TYR A 391 36.38 5.65 -73.75
CA TYR A 391 35.65 5.60 -72.49
C TYR A 391 36.54 6.17 -71.39
N ASP A 392 35.97 7.01 -70.55
CA ASP A 392 36.71 7.71 -69.50
C ASP A 392 36.76 6.82 -68.26
N CYS A 393 37.89 6.14 -68.07
CA CYS A 393 38.01 5.18 -66.98
C CYS A 393 38.01 5.88 -65.63
N LYS A 394 37.26 5.31 -64.69
CA LYS A 394 37.06 5.91 -63.38
C LYS A 394 38.20 5.53 -62.43
N ILE A 395 38.73 6.54 -61.73
CA ILE A 395 39.88 6.36 -60.86
C ILE A 395 39.75 7.31 -59.68
N MET A 396 40.39 6.97 -58.58
CA MET A 396 40.52 7.84 -57.42
C MET A 396 41.99 8.12 -57.14
N THR A 397 42.26 9.24 -56.49
CA THR A 397 43.63 9.62 -56.16
C THR A 397 43.75 9.82 -54.66
N SER A 398 44.96 9.58 -54.14
CA SER A 398 45.19 9.79 -52.71
C SER A 398 46.68 9.88 -52.43
N LYS A 399 46.99 10.31 -51.21
CA LYS A 399 48.30 10.16 -50.60
C LYS A 399 48.26 9.22 -49.40
N THR A 400 47.20 8.42 -49.28
CA THR A 400 47.01 7.53 -48.14
C THR A 400 47.75 6.24 -48.49
N ASP A 401 49.01 6.16 -48.06
CA ASP A 401 49.90 5.07 -48.46
C ASP A 401 49.77 3.91 -47.48
N ILE A 402 48.69 3.13 -47.62
CA ILE A 402 48.42 2.02 -46.74
C ILE A 402 48.45 0.71 -47.52
N SER A 403 49.11 -0.28 -46.95
CA SER A 403 49.21 -1.61 -47.56
C SER A 403 47.95 -2.42 -47.30
N SER A 404 47.56 -3.21 -48.30
CA SER A 404 46.37 -4.04 -48.20
C SER A 404 46.43 -5.09 -49.30
N SER A 405 45.51 -6.06 -49.23
CA SER A 405 45.45 -7.13 -50.23
C SER A 405 44.00 -7.39 -50.62
N VAL A 406 43.83 -7.81 -51.88
CA VAL A 406 42.53 -8.10 -52.47
C VAL A 406 42.49 -9.54 -52.94
N ILE A 407 41.58 -10.32 -52.38
CA ILE A 407 41.40 -11.71 -52.80
C ILE A 407 40.50 -11.74 -54.02
N THR A 408 40.98 -12.36 -55.10
CA THR A 408 40.23 -12.49 -56.33
C THR A 408 39.53 -13.83 -56.39
N SER A 409 38.93 -14.13 -57.53
CA SER A 409 38.25 -15.41 -57.70
C SER A 409 39.24 -16.56 -57.78
N LEU A 410 40.38 -16.36 -58.44
CA LEU A 410 41.36 -17.41 -58.66
C LEU A 410 42.75 -17.06 -58.09
N GLY A 411 42.83 -16.08 -57.20
CA GLY A 411 44.10 -15.72 -56.62
C GLY A 411 44.01 -14.62 -55.57
N ALA A 412 45.04 -13.78 -55.50
CA ALA A 412 45.04 -12.69 -54.53
C ALA A 412 45.89 -11.55 -55.09
N ILE A 413 45.34 -10.35 -55.02
CA ILE A 413 46.07 -9.12 -55.32
C ILE A 413 46.68 -8.59 -54.02
N VAL A 414 47.93 -8.15 -54.09
CA VAL A 414 48.62 -7.65 -52.91
C VAL A 414 49.17 -6.26 -53.22
N SER A 415 48.70 -5.26 -52.49
CA SER A 415 49.23 -3.90 -52.55
C SER A 415 50.16 -3.75 -51.35
N CYS A 416 51.46 -3.85 -51.58
CA CYS A 416 52.46 -3.86 -50.52
C CYS A 416 53.25 -2.55 -50.59
N TYR A 417 53.21 -1.78 -49.50
CA TYR A 417 53.86 -0.48 -49.47
C TYR A 417 54.51 -0.25 -48.12
N GLY A 418 55.46 0.69 -48.10
CA GLY A 418 56.14 1.05 -46.86
C GLY A 418 57.04 -0.05 -46.33
N LYS A 419 57.09 -0.16 -45.00
CA LYS A 419 57.88 -1.17 -44.32
C LYS A 419 57.07 -2.42 -43.95
N THR A 420 55.89 -2.58 -44.55
CA THR A 420 55.05 -3.73 -44.23
C THR A 420 55.66 -5.02 -44.76
N LYS A 421 55.48 -6.10 -44.00
CA LYS A 421 55.91 -7.43 -44.43
C LYS A 421 54.73 -8.08 -45.14
N CYS A 422 54.93 -8.46 -46.41
CA CYS A 422 53.87 -9.06 -47.21
C CYS A 422 54.34 -10.41 -47.74
N THR A 423 53.55 -11.43 -47.50
CA THR A 423 53.99 -12.79 -47.75
C THR A 423 52.82 -13.66 -48.21
N ALA A 424 53.12 -14.57 -49.15
CA ALA A 424 52.20 -15.61 -49.57
C ALA A 424 52.80 -16.96 -49.20
N SER A 425 51.98 -17.81 -48.57
CA SER A 425 52.49 -19.06 -48.01
C SER A 425 51.63 -20.22 -48.50
N ASN A 426 52.23 -21.40 -48.47
CA ASN A 426 51.54 -22.64 -48.77
C ASN A 426 51.36 -23.42 -47.47
N LYS A 427 50.29 -24.22 -47.42
CA LYS A 427 49.99 -24.98 -46.22
C LYS A 427 51.02 -26.05 -45.95
N ASN A 428 51.59 -26.66 -47.00
CA ASN A 428 52.55 -27.73 -46.85
C ASN A 428 53.99 -27.26 -46.91
N ARG A 429 54.23 -26.01 -47.28
CA ARG A 429 55.59 -25.56 -47.52
C ARG A 429 55.94 -24.25 -46.83
N GLY A 430 54.95 -23.52 -46.31
CA GLY A 430 55.24 -22.24 -45.71
C GLY A 430 55.36 -21.14 -46.76
N ILE A 431 56.18 -20.14 -46.45
CA ILE A 431 56.38 -18.99 -47.32
C ILE A 431 57.05 -19.43 -48.62
N ILE A 432 56.49 -18.99 -49.76
CA ILE A 432 57.08 -19.34 -51.06
C ILE A 432 57.53 -18.10 -51.82
N LYS A 433 56.86 -16.97 -51.60
CA LYS A 433 57.24 -15.74 -52.28
C LYS A 433 57.07 -14.55 -51.34
N THR A 434 58.08 -13.68 -51.32
CA THR A 434 58.06 -12.45 -50.54
C THR A 434 57.86 -11.27 -51.48
N PHE A 435 56.80 -10.49 -51.25
CA PHE A 435 56.43 -9.40 -52.14
C PHE A 435 57.26 -8.16 -51.89
N SER A 436 57.79 -7.59 -52.97
CA SER A 436 58.38 -6.27 -52.93
C SER A 436 57.31 -5.19 -52.96
N ASN A 437 57.70 -3.97 -52.59
CA ASN A 437 56.76 -2.87 -52.55
C ASN A 437 56.19 -2.60 -53.95
N GLY A 438 54.89 -2.40 -54.01
CA GLY A 438 54.13 -2.22 -55.22
C GLY A 438 52.92 -3.10 -55.20
N CYS A 439 52.18 -3.12 -56.30
CA CYS A 439 51.02 -3.98 -56.39
C CYS A 439 51.37 -5.18 -57.25
N ASP A 440 51.11 -6.38 -56.72
CA ASP A 440 51.46 -7.63 -57.37
C ASP A 440 50.32 -8.62 -57.21
N TYR A 441 50.48 -9.80 -57.79
CA TYR A 441 49.44 -10.81 -57.84
C TYR A 441 50.05 -12.20 -57.94
N VAL A 442 49.42 -13.18 -57.29
CA VAL A 442 49.88 -14.57 -57.30
C VAL A 442 48.67 -15.47 -57.51
N SER A 443 48.88 -16.57 -58.23
CA SER A 443 47.85 -17.54 -58.54
C SER A 443 47.56 -18.46 -57.35
N ASN A 444 46.34 -19.00 -57.34
CA ASN A 444 45.89 -19.88 -56.27
C ASN A 444 46.42 -21.30 -56.42
N LYS A 445 47.23 -21.56 -57.44
CA LYS A 445 47.70 -22.92 -57.71
C LYS A 445 48.65 -23.41 -56.62
N GLY A 446 49.86 -22.87 -56.59
CA GLY A 446 50.82 -23.25 -55.59
C GLY A 446 50.66 -22.55 -54.26
N VAL A 447 49.70 -21.64 -54.17
CA VAL A 447 49.51 -20.80 -52.99
C VAL A 447 48.22 -21.19 -52.31
N ASP A 448 48.27 -21.27 -50.98
CA ASP A 448 47.08 -21.55 -50.19
C ASP A 448 46.65 -20.37 -49.34
N THR A 449 47.58 -19.57 -48.84
CA THR A 449 47.27 -18.47 -47.95
C THR A 449 48.15 -17.27 -48.28
N VAL A 450 47.65 -16.08 -47.95
CA VAL A 450 48.39 -14.84 -48.13
C VAL A 450 48.20 -14.00 -46.87
N SER A 451 49.30 -13.42 -46.39
CA SER A 451 49.31 -12.62 -45.17
C SER A 451 49.90 -11.24 -45.46
N VAL A 452 49.17 -10.19 -45.06
CA VAL A 452 49.62 -8.81 -45.21
C VAL A 452 49.52 -8.13 -43.86
N GLY A 453 50.66 -7.85 -43.24
CA GLY A 453 50.65 -7.30 -41.91
C GLY A 453 50.07 -8.31 -40.94
N ASN A 454 49.09 -7.89 -40.15
CA ASN A 454 48.45 -8.75 -39.17
C ASN A 454 47.15 -9.33 -39.68
N THR A 455 46.90 -9.23 -40.98
CA THR A 455 45.65 -9.62 -41.61
C THR A 455 45.90 -10.90 -42.40
N LEU A 456 45.18 -11.96 -42.06
CA LEU A 456 45.37 -13.26 -42.70
C LEU A 456 44.23 -13.52 -43.67
N TYR A 457 44.56 -13.63 -44.96
CA TYR A 457 43.59 -13.86 -46.01
C TYR A 457 43.75 -15.28 -46.53
N TYR A 458 42.65 -16.03 -46.59
CA TYR A 458 42.66 -17.32 -47.27
C TYR A 458 42.28 -17.16 -48.72
N VAL A 459 42.95 -17.90 -49.57
CA VAL A 459 42.69 -17.78 -51.00
C VAL A 459 41.67 -18.84 -51.38
N ASN A 460 40.89 -18.55 -52.41
CA ASN A 460 39.96 -19.54 -52.93
C ASN A 460 40.69 -20.69 -53.62
N LYS A 461 40.20 -21.90 -53.40
CA LYS A 461 40.81 -23.10 -53.97
C LYS A 461 40.00 -23.61 -55.15
N LEU A 462 39.85 -22.76 -56.16
CA LEU A 462 39.14 -23.12 -57.37
C LEU A 462 40.17 -23.25 -58.49
N GLU A 463 40.21 -24.42 -59.14
CA GLU A 463 41.09 -24.59 -60.28
C GLU A 463 40.63 -23.71 -61.42
N GLY A 464 41.57 -23.11 -62.11
CA GLY A 464 41.25 -22.21 -63.20
C GLY A 464 42.51 -21.60 -63.74
N LYS A 465 42.40 -21.06 -64.94
CA LYS A 465 43.56 -20.55 -65.66
C LYS A 465 43.84 -19.11 -65.21
N ASN A 466 45.11 -18.82 -64.91
CA ASN A 466 45.54 -17.50 -64.47
C ASN A 466 46.48 -16.89 -65.51
N LEU A 467 46.58 -15.55 -65.47
CA LEU A 467 47.45 -14.84 -66.41
C LEU A 467 48.01 -13.57 -65.78
N TYR A 468 49.33 -13.52 -65.62
CA TYR A 468 50.01 -12.32 -65.14
C TYR A 468 50.39 -11.50 -66.37
N VAL A 469 49.74 -10.35 -66.54
CA VAL A 469 50.00 -9.47 -67.68
C VAL A 469 50.92 -8.35 -67.18
N LYS A 470 52.21 -8.47 -67.50
CA LYS A 470 53.15 -7.43 -67.11
C LYS A 470 52.84 -6.12 -67.81
N GLY A 471 53.23 -5.03 -67.15
CA GLY A 471 53.06 -3.68 -67.65
C GLY A 471 53.62 -2.71 -66.63
N GLU A 472 54.05 -1.54 -67.08
CA GLU A 472 54.58 -0.55 -66.17
C GLU A 472 53.45 0.08 -65.36
N PRO A 473 53.58 0.17 -64.04
CA PRO A 473 52.52 0.76 -63.20
C PRO A 473 52.17 2.17 -63.65
N ILE A 474 50.85 2.43 -63.78
CA ILE A 474 50.38 3.71 -64.30
C ILE A 474 50.75 4.84 -63.34
N ILE A 475 50.91 4.56 -62.05
CA ILE A 475 51.21 5.62 -61.10
C ILE A 475 52.56 6.26 -61.37
N ASN A 476 53.49 5.54 -62.01
CA ASN A 476 54.80 6.08 -62.33
C ASN A 476 54.78 7.07 -63.50
N TYR A 477 53.70 7.12 -64.28
CA TYR A 477 53.67 8.02 -65.41
C TYR A 477 53.41 9.47 -65.00
N TYR A 478 53.18 9.72 -63.72
CA TYR A 478 52.81 11.04 -63.23
C TYR A 478 53.93 11.61 -62.35
N ASP A 479 54.22 12.88 -62.54
CA ASP A 479 55.17 13.59 -61.70
C ASP A 479 54.45 14.25 -60.53
N PRO A 480 54.90 14.01 -59.29
CA PRO A 480 54.28 14.65 -58.13
C PRO A 480 54.37 16.17 -58.17
N LEU A 481 53.79 16.81 -57.15
CA LEU A 481 53.70 18.26 -56.98
C LEU A 481 52.65 18.87 -57.90
N VAL A 482 52.32 18.20 -59.00
CA VAL A 482 51.23 18.62 -59.85
C VAL A 482 50.09 17.58 -59.86
N PHE A 483 50.20 16.56 -59.02
CA PHE A 483 49.20 15.49 -58.96
C PHE A 483 48.02 15.91 -58.09
N PRO A 484 46.79 15.92 -58.62
CA PRO A 484 45.62 16.16 -57.77
C PRO A 484 45.33 14.97 -56.88
N SER A 485 45.61 15.10 -55.58
CA SER A 485 45.66 13.96 -54.68
C SER A 485 44.51 13.90 -53.68
N ASP A 486 43.30 14.32 -54.08
CA ASP A 486 42.13 14.17 -53.22
C ASP A 486 40.88 13.97 -54.06
N GLU A 487 40.98 13.21 -55.13
CA GLU A 487 39.85 12.95 -55.99
C GLU A 487 39.25 11.61 -55.61
N PHE A 488 37.94 11.59 -55.35
CA PHE A 488 37.26 10.39 -54.89
C PHE A 488 36.50 9.67 -55.99
N ASP A 489 35.77 10.37 -56.88
CA ASP A 489 35.13 9.71 -58.01
C ASP A 489 35.46 10.49 -59.28
N ALA A 490 36.75 10.57 -59.57
CA ALA A 490 37.20 11.33 -60.73
C ALA A 490 37.59 10.35 -61.83
N SER A 491 38.16 10.86 -62.91
CA SER A 491 38.42 10.02 -64.06
C SER A 491 39.73 10.41 -64.71
N ILE A 492 40.15 9.57 -65.66
CA ILE A 492 41.39 9.80 -66.40
C ILE A 492 41.39 11.21 -66.98
N SER A 493 40.32 11.56 -67.69
CA SER A 493 40.28 12.87 -68.33
C SER A 493 40.15 14.00 -67.31
N GLN A 494 39.49 13.76 -66.18
CA GLN A 494 39.35 14.81 -65.18
C GLN A 494 40.70 15.16 -64.56
N VAL A 495 41.51 14.15 -64.27
CA VAL A 495 42.83 14.40 -63.70
C VAL A 495 43.72 15.11 -64.69
N ASN A 496 43.66 14.74 -65.98
CA ASN A 496 44.51 15.36 -66.99
C ASN A 496 44.27 16.86 -67.09
N GLU A 497 43.00 17.29 -67.11
CA GLU A 497 42.75 18.72 -67.23
C GLU A 497 43.23 19.48 -66.00
N LYS A 498 43.13 18.86 -64.83
CA LYS A 498 43.60 19.50 -63.60
C LYS A 498 45.12 19.59 -63.56
N ILE A 499 45.82 18.57 -64.08
CA ILE A 499 47.27 18.64 -64.19
C ILE A 499 47.69 19.69 -65.23
N ASN A 500 47.09 19.66 -66.41
CA ASN A 500 47.45 20.60 -67.45
C ASN A 500 47.17 22.04 -67.02
N GLN A 501 46.10 22.25 -66.25
CA GLN A 501 45.80 23.60 -65.77
C GLN A 501 46.81 24.05 -64.71
N SER A 502 47.31 23.12 -63.90
CA SER A 502 48.33 23.46 -62.92
C SER A 502 49.72 23.50 -63.55
N LEU A 503 49.98 22.64 -64.54
CA LEU A 503 51.28 22.65 -65.23
C LEU A 503 51.40 23.82 -66.20
N ALA A 504 50.30 24.26 -66.80
CA ALA A 504 50.35 25.45 -67.66
C ALA A 504 50.59 26.70 -66.83
N PHE A 505 50.08 26.74 -65.61
CA PHE A 505 50.37 27.86 -64.72
C PHE A 505 51.82 27.84 -64.26
N ILE A 506 52.45 26.67 -64.25
CA ILE A 506 53.88 26.58 -63.91
C ILE A 506 54.74 26.88 -65.14
N ARG A 507 54.31 26.43 -66.32
CA ARG A 507 55.04 26.78 -67.55
C ARG A 507 55.07 28.28 -67.78
N ARG A 508 53.91 28.93 -67.69
CA ARG A 508 53.82 30.35 -68.03
C ARG A 508 54.40 31.23 -66.94
N SER A 509 54.41 30.78 -65.69
CA SER A 509 55.01 31.58 -64.65
C SER A 509 56.53 31.47 -64.66
N ASP A 510 57.05 30.27 -64.94
CA ASP A 510 58.50 30.10 -65.00
C ASP A 510 59.10 30.62 -66.31
N GLU A 511 58.34 30.56 -67.41
CA GLU A 511 58.77 31.17 -68.67
C GLU A 511 58.86 32.68 -68.58
N LEU A 512 58.25 33.29 -67.56
CA LEU A 512 58.28 34.72 -67.37
C LEU A 512 59.44 35.16 -66.50
N LEU A 513 60.04 34.24 -65.76
CA LEU A 513 61.17 34.53 -64.89
C LEU A 513 62.44 33.87 -65.42
N GLN B 26 -5.39 9.12 -46.05
CA GLN B 26 -5.67 10.48 -46.47
C GLN B 26 -4.87 10.84 -47.72
N ASN B 27 -5.18 12.00 -48.30
CA ASN B 27 -4.56 12.41 -49.54
C ASN B 27 -3.08 12.72 -49.33
N ILE B 28 -2.27 12.35 -50.32
CA ILE B 28 -0.84 12.62 -50.32
C ILE B 28 -0.54 13.48 -51.53
N THR B 29 0.20 14.56 -51.33
CA THR B 29 0.52 15.49 -52.41
C THR B 29 2.01 15.44 -52.70
N GLU B 30 2.35 15.33 -53.96
CA GLU B 30 3.75 15.33 -54.40
C GLU B 30 3.99 16.53 -55.30
N GLU B 31 5.15 17.15 -55.15
CA GLU B 31 5.56 18.27 -56.00
C GLU B 31 6.88 17.89 -56.66
N PHE B 32 6.95 18.08 -57.97
CA PHE B 32 8.19 17.88 -58.72
C PHE B 32 8.74 19.21 -59.17
N TYR B 33 10.03 19.42 -58.94
CA TYR B 33 10.70 20.66 -59.33
C TYR B 33 11.64 20.34 -60.48
N GLN B 34 11.26 20.77 -61.68
CA GLN B 34 12.11 20.56 -62.85
C GLN B 34 13.40 21.33 -62.73
N SER B 35 13.37 22.46 -62.01
CA SER B 35 14.55 23.31 -61.89
C SER B 35 15.68 22.58 -61.20
N THR B 36 15.37 21.82 -60.15
CA THR B 36 16.39 21.19 -59.32
C THR B 36 16.37 19.67 -59.42
N CYS B 37 15.52 19.10 -60.26
CA CYS B 37 15.42 17.66 -60.44
C CYS B 37 15.29 16.97 -59.07
N SER B 38 14.21 17.32 -58.39
CA SER B 38 13.91 16.79 -57.07
C SER B 38 12.40 16.73 -56.91
N ALA B 39 11.96 15.97 -55.92
CA ALA B 39 10.54 15.79 -55.69
C ALA B 39 10.26 15.75 -54.19
N VAL B 40 9.19 16.40 -53.77
CA VAL B 40 8.80 16.50 -52.37
C VAL B 40 7.41 15.93 -52.21
N SER B 41 7.28 14.90 -51.37
CA SER B 41 6.01 14.25 -51.13
C SER B 41 5.45 14.77 -49.81
N ARG B 42 4.41 15.58 -49.89
CA ARG B 42 3.82 16.22 -48.72
C ARG B 42 2.56 15.50 -48.27
N GLY B 43 2.19 15.75 -47.01
CA GLY B 43 0.96 15.21 -46.46
C GLY B 43 1.17 14.11 -45.44
N TYR B 44 2.37 13.58 -45.31
CA TYR B 44 2.63 12.55 -44.31
C TYR B 44 2.63 13.18 -42.92
N PHE B 45 2.38 12.34 -41.93
CA PHE B 45 2.36 12.76 -40.54
C PHE B 45 3.46 12.04 -39.77
N SER B 46 3.84 12.61 -38.63
CA SER B 46 5.01 12.15 -37.90
C SER B 46 4.64 11.18 -36.78
N ALA B 47 5.61 10.34 -36.41
CA ALA B 47 5.62 9.49 -35.21
C ALA B 47 7.08 9.20 -34.90
N LEU B 48 7.73 10.15 -34.22
CA LEU B 48 9.17 10.13 -33.98
C LEU B 48 9.46 9.51 -32.61
N ARG B 49 10.41 8.57 -32.58
CA ARG B 49 10.84 7.95 -31.32
C ARG B 49 11.84 8.87 -30.64
N THR B 50 11.39 9.59 -29.62
CA THR B 50 12.29 10.51 -28.96
C THR B 50 13.01 9.89 -27.79
N GLY B 51 12.48 8.81 -27.23
CA GLY B 51 13.07 8.23 -26.04
C GLY B 51 12.96 6.71 -25.91
N TRP B 52 13.33 6.21 -24.74
CA TRP B 52 13.24 4.81 -24.41
C TRP B 52 12.53 4.64 -23.08
N TYR B 53 11.65 3.66 -23.01
CA TYR B 53 11.04 3.20 -21.77
C TYR B 53 11.56 1.80 -21.46
N THR B 54 11.89 1.57 -20.20
CA THR B 54 12.48 0.31 -19.78
C THR B 54 11.53 -0.45 -18.88
N SER B 55 11.35 -1.74 -19.18
CA SER B 55 10.52 -2.61 -18.38
C SER B 55 11.28 -3.91 -18.10
N VAL B 56 11.00 -4.50 -16.94
CA VAL B 56 11.67 -5.71 -16.49
C VAL B 56 10.72 -6.88 -16.67
N ILE B 57 11.11 -7.83 -17.53
CA ILE B 57 10.33 -9.02 -17.82
C ILE B 57 10.99 -10.21 -17.11
N THR B 58 10.22 -10.94 -16.30
CA THR B 58 10.74 -12.03 -15.50
C THR B 58 9.99 -13.32 -15.76
N ILE B 59 10.69 -14.43 -15.55
CA ILE B 59 10.11 -15.78 -15.55
C ILE B 59 10.54 -16.46 -14.26
N GLU B 60 9.59 -17.05 -13.55
CA GLU B 60 9.90 -17.71 -12.29
C GLU B 60 10.37 -19.14 -12.56
N LEU B 61 11.53 -19.48 -12.00
CA LEU B 61 12.12 -20.80 -12.17
C LEU B 61 12.19 -21.52 -10.83
N SER B 62 12.32 -22.84 -10.93
CA SER B 62 12.50 -23.71 -9.77
C SER B 62 13.74 -24.58 -10.02
N ASN B 63 14.63 -24.62 -9.05
CA ASN B 63 15.86 -25.38 -9.21
C ASN B 63 15.60 -26.86 -8.92
N ILE B 64 15.69 -27.70 -9.95
CA ILE B 64 15.53 -29.13 -9.77
C ILE B 64 16.90 -29.73 -9.48
N LYS B 65 17.05 -30.31 -8.29
CA LYS B 65 18.33 -30.95 -7.96
C LYS B 65 18.49 -32.25 -8.75
N GLU B 66 17.50 -33.15 -8.65
CA GLU B 66 17.59 -34.45 -9.31
C GLU B 66 16.21 -35.05 -9.46
N THR B 67 16.02 -35.78 -10.57
CA THR B 67 14.85 -36.61 -10.80
C THR B 67 15.24 -38.04 -10.46
N LYS B 68 14.67 -38.57 -9.39
CA LYS B 68 15.06 -39.88 -8.88
C LYS B 68 14.25 -40.97 -9.55
N CYS B 69 13.93 -40.77 -10.84
CA CYS B 69 13.10 -41.67 -11.63
C CYS B 69 13.97 -42.83 -12.08
N ASN B 70 13.82 -43.99 -11.43
CA ASN B 70 14.59 -45.17 -11.78
C ASN B 70 13.95 -46.04 -12.86
N GLY B 71 12.61 -45.94 -13.05
CA GLY B 71 11.93 -46.77 -14.02
C GLY B 71 11.91 -46.08 -15.37
N THR B 72 12.36 -46.79 -16.40
CA THR B 72 12.52 -46.24 -17.74
C THR B 72 11.52 -46.86 -18.70
N ASP B 73 10.82 -46.01 -19.43
CA ASP B 73 9.85 -46.38 -20.47
C ASP B 73 9.77 -45.21 -21.46
N THR B 74 8.91 -45.34 -22.47
CA THR B 74 8.78 -44.30 -23.48
C THR B 74 8.35 -42.96 -22.88
N LYS B 75 7.51 -42.99 -21.85
CA LYS B 75 7.07 -41.76 -21.22
C LYS B 75 8.15 -41.14 -20.32
N VAL B 76 8.84 -41.95 -19.52
CA VAL B 76 9.82 -41.41 -18.60
C VAL B 76 10.97 -40.76 -19.37
N LYS B 77 11.42 -41.39 -20.46
CA LYS B 77 12.52 -40.83 -21.24
C LYS B 77 12.12 -39.53 -21.91
N LEU B 78 10.82 -39.36 -22.18
CA LEU B 78 10.37 -38.15 -22.83
C LEU B 78 10.33 -37.01 -21.83
N ILE B 79 9.81 -37.27 -20.63
CA ILE B 79 9.76 -36.25 -19.59
C ILE B 79 11.18 -35.95 -19.10
N LYS B 80 12.04 -36.97 -19.02
CA LYS B 80 13.41 -36.75 -18.56
C LYS B 80 14.21 -35.92 -19.55
N GLN B 81 14.13 -36.25 -20.84
CA GLN B 81 14.85 -35.45 -21.83
C GLN B 81 14.31 -34.02 -21.89
N GLU B 82 13.01 -33.85 -21.68
CA GLU B 82 12.45 -32.50 -21.60
C GLU B 82 13.02 -31.76 -20.39
N LEU B 83 13.15 -32.46 -19.26
CA LEU B 83 13.76 -31.85 -18.08
C LEU B 83 15.22 -31.50 -18.35
N ASP B 84 15.92 -32.34 -19.10
CA ASP B 84 17.31 -32.04 -19.44
C ASP B 84 17.40 -30.79 -20.29
N LYS B 85 16.45 -30.60 -21.20
CA LYS B 85 16.43 -29.38 -22.00
C LYS B 85 16.19 -28.17 -21.14
N TYR B 86 15.36 -28.30 -20.10
CA TYR B 86 15.13 -27.20 -19.16
C TYR B 86 16.38 -26.87 -18.38
N LYS B 87 16.99 -27.87 -17.74
CA LYS B 87 18.17 -27.61 -16.93
C LYS B 87 19.33 -27.11 -17.79
N ASN B 88 19.33 -27.48 -19.08
CA ASN B 88 20.38 -27.00 -19.97
C ASN B 88 20.16 -25.54 -20.35
N ALA B 89 18.90 -25.14 -20.54
CA ALA B 89 18.59 -23.74 -20.81
C ALA B 89 19.03 -22.85 -19.65
N VAL B 90 18.81 -23.30 -18.42
CA VAL B 90 19.26 -22.56 -17.25
C VAL B 90 20.77 -22.38 -17.27
N THR B 91 21.50 -23.47 -17.54
CA THR B 91 22.96 -23.39 -17.56
C THR B 91 23.46 -22.47 -18.68
N GLU B 92 22.81 -22.54 -19.85
CA GLU B 92 23.20 -21.68 -20.96
C GLU B 92 23.11 -20.21 -20.59
N LEU B 93 22.02 -19.82 -19.92
CA LEU B 93 21.82 -18.42 -19.58
C LEU B 93 22.82 -17.93 -18.54
N GLN B 94 23.18 -18.79 -17.58
CA GLN B 94 24.16 -18.39 -16.57
C GLN B 94 25.51 -18.07 -17.21
N LEU B 95 25.88 -18.81 -18.26
CA LEU B 95 27.07 -18.45 -19.02
C LEU B 95 26.88 -17.11 -19.71
N LEU B 96 25.67 -16.86 -20.21
CA LEU B 96 25.40 -15.64 -20.96
C LEU B 96 25.40 -14.40 -20.06
N THR B 97 25.18 -14.57 -18.76
CA THR B 97 25.01 -13.45 -17.84
C THR B 97 26.32 -12.92 -17.27
N GLN B 98 27.40 -13.72 -17.31
CA GLN B 98 28.68 -13.26 -16.81
C GLN B 98 29.35 -12.30 -17.80
N PHE B 137 22.22 9.94 -50.17
CA PHE B 137 23.41 10.72 -49.84
C PHE B 137 23.35 11.25 -48.41
N LEU B 138 24.49 11.77 -47.94
CA LEU B 138 24.69 12.21 -46.56
C LEU B 138 24.65 10.98 -45.63
N GLY B 139 24.22 11.17 -44.40
CA GLY B 139 24.08 10.08 -43.45
C GLY B 139 25.27 9.89 -42.52
N PHE B 140 26.48 10.07 -43.06
CA PHE B 140 27.70 9.98 -42.25
C PHE B 140 27.83 11.12 -41.26
N LEU B 141 27.07 12.19 -41.42
CA LEU B 141 27.20 13.35 -40.54
C LEU B 141 26.42 13.19 -39.25
N LEU B 142 25.67 12.10 -39.11
CA LEU B 142 24.80 11.91 -37.97
C LEU B 142 25.65 11.59 -36.73
N GLY B 143 25.04 11.80 -35.57
CA GLY B 143 25.73 11.52 -34.32
C GLY B 143 25.53 10.08 -33.90
N VAL B 144 26.54 9.52 -33.24
CA VAL B 144 26.51 8.12 -32.88
C VAL B 144 25.98 7.98 -31.46
N GLY B 145 25.12 6.98 -31.25
CA GLY B 145 24.57 6.69 -29.95
C GLY B 145 24.83 5.28 -29.48
N SER B 146 24.34 5.00 -28.28
CA SER B 146 24.40 3.68 -27.66
C SER B 146 22.94 3.24 -27.50
N ALA B 147 22.50 2.35 -28.40
CA ALA B 147 21.08 2.07 -28.51
C ALA B 147 20.51 1.50 -27.21
N ILE B 148 21.27 0.66 -26.52
CA ILE B 148 20.77 -0.01 -25.33
C ILE B 148 21.45 0.51 -24.06
N ALA B 149 22.02 1.71 -24.11
CA ALA B 149 22.61 2.28 -22.90
C ALA B 149 21.57 2.42 -21.78
N SER B 150 20.32 2.69 -22.15
CA SER B 150 19.26 2.81 -21.15
C SER B 150 18.97 1.46 -20.49
N GLY B 151 18.79 0.42 -21.30
CA GLY B 151 18.50 -0.89 -20.75
C GLY B 151 19.63 -1.43 -19.88
N ILE B 152 20.87 -1.26 -20.33
CA ILE B 152 22.01 -1.73 -19.56
C ILE B 152 22.04 -1.09 -18.18
N ALA B 153 21.67 0.19 -18.10
CA ALA B 153 21.63 0.85 -16.79
C ALA B 153 20.71 0.11 -15.84
N VAL B 154 19.58 -0.37 -16.35
CA VAL B 154 18.68 -1.16 -15.52
C VAL B 154 19.35 -2.46 -15.11
N CYS B 155 20.08 -3.08 -16.04
CA CYS B 155 20.83 -4.29 -15.72
C CYS B 155 21.77 -4.07 -14.55
N LYS B 156 22.47 -2.92 -14.54
CA LYS B 156 23.42 -2.63 -13.47
C LYS B 156 22.72 -2.58 -12.12
N VAL B 157 21.49 -2.04 -12.08
CA VAL B 157 20.74 -2.00 -10.84
C VAL B 157 20.23 -3.38 -10.47
N LEU B 158 19.74 -4.14 -11.46
CA LEU B 158 19.25 -5.48 -11.16
C LEU B 158 20.37 -6.38 -10.68
N HIS B 159 21.60 -6.11 -11.12
CA HIS B 159 22.75 -6.87 -10.65
C HIS B 159 23.16 -6.47 -9.25
N LEU B 160 22.65 -5.36 -8.73
CA LEU B 160 22.98 -4.91 -7.39
C LEU B 160 22.40 -5.87 -6.36
N GLU B 161 23.08 -5.97 -5.22
CA GLU B 161 22.72 -6.96 -4.22
C GLU B 161 21.30 -6.73 -3.69
N GLY B 162 20.52 -7.80 -3.61
CA GLY B 162 19.17 -7.73 -3.10
C GLY B 162 18.18 -6.98 -3.96
N GLU B 163 18.53 -6.66 -5.20
CA GLU B 163 17.61 -5.90 -6.04
C GLU B 163 16.60 -6.81 -6.74
N VAL B 164 17.05 -7.96 -7.24
CA VAL B 164 16.14 -8.92 -7.87
C VAL B 164 15.08 -9.38 -6.88
N ASN B 165 15.49 -9.60 -5.63
CA ASN B 165 14.55 -10.07 -4.61
C ASN B 165 13.44 -9.06 -4.38
N LYS B 166 13.77 -7.77 -4.42
CA LYS B 166 12.74 -6.72 -4.32
C LYS B 166 11.71 -6.86 -5.43
N ILE B 167 12.16 -7.16 -6.65
CA ILE B 167 11.24 -7.38 -7.77
C ILE B 167 10.41 -8.63 -7.53
N LYS B 168 11.07 -9.70 -7.08
CA LYS B 168 10.39 -10.98 -6.85
C LYS B 168 9.24 -10.81 -5.87
N ASN B 169 9.47 -10.08 -4.77
CA ASN B 169 8.45 -9.93 -3.73
C ASN B 169 7.25 -9.15 -4.26
N ALA B 170 7.46 -8.26 -5.22
CA ALA B 170 6.36 -7.49 -5.80
C ALA B 170 5.52 -8.33 -6.74
N LEU B 171 6.15 -9.28 -7.44
CA LEU B 171 5.46 -10.14 -8.40
C LEU B 171 4.99 -11.46 -7.79
N LEU B 172 4.89 -11.56 -6.46
CA LEU B 172 4.47 -12.82 -5.87
C LEU B 172 2.97 -13.06 -5.97
N SER B 173 2.16 -12.02 -5.76
CA SER B 173 0.71 -12.19 -5.77
C SER B 173 0.07 -11.83 -7.11
N THR B 174 0.63 -10.87 -7.84
CA THR B 174 0.12 -10.43 -9.13
C THR B 174 1.22 -10.46 -10.16
N ASN B 175 0.84 -10.23 -11.42
CA ASN B 175 1.76 -10.24 -12.55
C ASN B 175 2.19 -8.86 -12.99
N LYS B 176 1.81 -7.81 -12.27
CA LYS B 176 2.09 -6.44 -12.70
C LYS B 176 2.34 -5.57 -11.48
N ALA B 177 3.50 -4.92 -11.42
CA ALA B 177 3.81 -4.08 -10.29
C ALA B 177 4.81 -3.00 -10.70
N VAL B 178 4.75 -1.87 -10.00
CA VAL B 178 5.76 -0.82 -10.13
C VAL B 178 6.67 -0.90 -8.91
N VAL B 179 7.96 -1.14 -9.14
CA VAL B 179 8.92 -1.29 -8.08
C VAL B 179 9.87 -0.12 -8.10
N SER B 180 10.22 0.38 -6.92
CA SER B 180 11.20 1.45 -6.77
C SER B 180 12.56 0.80 -6.65
N LEU B 181 13.42 1.05 -7.63
CA LEU B 181 14.77 0.51 -7.60
C LEU B 181 15.64 1.31 -6.64
N SER B 182 16.77 0.72 -6.25
CA SER B 182 17.61 1.31 -5.22
C SER B 182 18.15 2.67 -5.63
N ASN B 183 18.32 2.94 -6.93
CA ASN B 183 18.85 4.23 -7.33
C ASN B 183 17.82 5.33 -7.11
N GLY B 184 16.61 5.17 -7.63
CA GLY B 184 15.59 6.18 -7.49
C GLY B 184 14.47 6.05 -8.50
N VAL B 185 14.55 5.05 -9.36
CA VAL B 185 13.68 4.93 -10.53
C VAL B 185 12.59 3.91 -10.27
N SER B 186 11.36 4.25 -10.63
CA SER B 186 10.23 3.35 -10.56
C SER B 186 10.03 2.70 -11.92
N VAL B 187 10.00 1.37 -11.95
CA VAL B 187 9.95 0.61 -13.20
C VAL B 187 8.81 -0.39 -13.15
N LEU B 188 8.14 -0.57 -14.28
CA LEU B 188 7.12 -1.59 -14.42
C LEU B 188 7.77 -2.97 -14.54
N THR B 189 7.30 -3.92 -13.73
CA THR B 189 7.82 -5.28 -13.75
C THR B 189 6.70 -6.27 -14.06
N PHE B 190 7.08 -7.37 -14.71
CA PHE B 190 6.11 -8.23 -15.38
C PHE B 190 6.57 -9.67 -15.24
N LYS B 191 5.76 -10.51 -14.57
CA LYS B 191 5.99 -11.95 -14.55
C LYS B 191 5.19 -12.59 -15.68
N VAL B 192 5.88 -13.07 -16.71
CA VAL B 192 5.19 -13.63 -17.85
C VAL B 192 4.98 -15.11 -17.70
N LEU B 193 6.04 -15.89 -17.52
CA LEU B 193 5.92 -17.32 -17.29
C LEU B 193 6.23 -17.65 -15.85
N ASP B 194 5.37 -18.48 -15.25
CA ASP B 194 5.59 -19.03 -13.91
C ASP B 194 5.91 -20.51 -14.09
N LEU B 195 7.19 -20.79 -14.36
CA LEU B 195 7.61 -22.17 -14.52
C LEU B 195 7.91 -22.82 -13.18
N LYS B 196 8.24 -22.03 -12.16
CA LYS B 196 8.55 -22.57 -10.84
C LYS B 196 7.36 -23.34 -10.28
N SER B 197 6.22 -22.66 -10.10
CA SER B 197 5.07 -23.31 -9.48
C SER B 197 4.53 -24.44 -10.35
N TYR B 198 4.75 -24.39 -11.66
CA TYR B 198 4.35 -25.48 -12.53
C TYR B 198 5.19 -26.73 -12.28
N ILE B 199 6.51 -26.58 -12.28
CA ILE B 199 7.40 -27.71 -12.12
C ILE B 199 7.28 -28.30 -10.72
N ASN B 200 7.06 -27.46 -9.71
CA ASN B 200 7.10 -27.92 -8.33
C ASN B 200 5.82 -28.66 -7.92
N ASN B 201 4.65 -28.14 -8.30
CA ASN B 201 3.40 -28.64 -7.76
C ASN B 201 2.41 -29.20 -8.77
N GLN B 202 2.72 -29.18 -10.07
CA GLN B 202 1.84 -29.79 -11.08
C GLN B 202 2.50 -30.97 -11.76
N LEU B 203 3.81 -30.93 -11.95
CA LEU B 203 4.55 -31.98 -12.63
C LEU B 203 5.07 -32.99 -11.61
N LEU B 204 5.86 -32.52 -10.66
CA LEU B 204 6.45 -33.41 -9.68
C LEU B 204 5.46 -34.27 -8.92
N PRO B 205 4.28 -33.79 -8.48
CA PRO B 205 3.34 -34.69 -7.80
C PRO B 205 2.86 -35.85 -8.65
N ILE B 206 2.51 -35.59 -9.91
CA ILE B 206 2.11 -36.68 -10.80
C ILE B 206 3.23 -37.71 -10.86
N LEU B 207 4.46 -37.22 -10.96
CA LEU B 207 5.62 -38.11 -10.96
C LEU B 207 5.74 -38.81 -9.61
N ASN B 208 5.54 -38.05 -8.52
CA ASN B 208 5.75 -38.59 -7.18
C ASN B 208 4.73 -39.68 -6.85
N GLN B 209 3.50 -39.51 -7.32
CA GLN B 209 2.41 -40.40 -6.90
C GLN B 209 2.59 -41.81 -7.47
N GLN B 210 2.98 -41.92 -8.75
CA GLN B 210 3.07 -43.24 -9.40
C GLN B 210 4.51 -43.69 -9.60
N SER B 211 5.44 -43.21 -8.76
CA SER B 211 6.86 -43.60 -8.80
C SER B 211 7.44 -43.48 -10.20
N CYS B 212 7.14 -42.37 -10.86
CA CYS B 212 7.66 -41.91 -12.15
C CYS B 212 7.10 -42.68 -13.34
N ARG B 213 6.19 -43.63 -13.14
CA ARG B 213 5.49 -44.27 -14.26
C ARG B 213 4.24 -43.42 -14.50
N ILE B 214 4.34 -42.52 -15.46
CA ILE B 214 3.30 -41.55 -15.76
C ILE B 214 2.24 -42.17 -16.65
N SER B 215 1.02 -42.31 -16.10
CA SER B 215 -0.08 -43.00 -16.80
C SER B 215 -0.63 -42.22 -17.99
N ASN B 216 -0.57 -40.89 -17.96
CA ASN B 216 -1.24 -40.06 -18.96
C ASN B 216 -0.23 -39.40 -19.90
N ILE B 217 -0.31 -39.76 -21.20
CA ILE B 217 0.58 -39.19 -22.21
C ILE B 217 0.37 -37.68 -22.34
N GLU B 218 -0.79 -37.19 -21.90
CA GLU B 218 -1.09 -35.76 -22.03
C GLU B 218 -0.11 -34.90 -21.25
N THR B 219 0.38 -35.38 -20.11
CA THR B 219 1.32 -34.59 -19.32
C THR B 219 2.58 -34.32 -20.13
N VAL B 220 3.03 -35.30 -20.90
CA VAL B 220 4.23 -35.13 -21.71
C VAL B 220 4.01 -34.07 -22.79
N ILE B 221 2.83 -34.05 -23.40
CA ILE B 221 2.56 -33.08 -24.47
C ILE B 221 2.48 -31.67 -23.88
N GLU B 222 1.73 -31.52 -22.80
CA GLU B 222 1.58 -30.21 -22.17
C GLU B 222 2.90 -29.70 -21.59
N PHE B 223 3.68 -30.56 -20.93
CA PHE B 223 4.92 -30.12 -20.30
C PHE B 223 5.89 -29.54 -21.32
N GLN B 224 6.05 -30.23 -22.43
CA GLN B 224 6.94 -29.73 -23.47
C GLN B 224 6.42 -28.41 -24.05
N GLN B 225 5.10 -28.19 -24.04
CA GLN B 225 4.57 -26.90 -24.48
C GLN B 225 4.89 -25.79 -23.49
N LYS B 226 4.74 -26.03 -22.19
CA LYS B 226 5.07 -24.99 -21.21
C LYS B 226 6.55 -24.64 -21.23
N ASN B 227 7.40 -25.61 -21.55
CA ASN B 227 8.83 -25.35 -21.61
C ASN B 227 9.25 -24.75 -22.94
N SER B 228 8.38 -24.84 -23.96
CA SER B 228 8.77 -24.42 -25.30
C SER B 228 9.12 -22.93 -25.32
N ARG B 229 8.32 -22.10 -24.63
CA ARG B 229 8.57 -20.67 -24.65
C ARG B 229 9.94 -20.34 -24.08
N LEU B 230 10.36 -21.07 -23.04
CA LEU B 230 11.67 -20.83 -22.45
C LEU B 230 12.80 -21.17 -23.41
N LEU B 231 12.69 -22.30 -24.12
CA LEU B 231 13.78 -22.73 -24.98
C LEU B 231 13.99 -21.76 -26.14
N GLU B 232 12.90 -21.20 -26.69
CA GLU B 232 13.03 -20.26 -27.79
C GLU B 232 13.60 -18.93 -27.33
N ILE B 233 13.19 -18.44 -26.16
CA ILE B 233 13.78 -17.22 -25.62
C ILE B 233 15.28 -17.40 -25.46
N THR B 234 15.70 -18.56 -24.97
CA THR B 234 17.13 -18.85 -24.86
C THR B 234 17.81 -18.78 -26.22
N ARG B 235 17.19 -19.37 -27.25
CA ARG B 235 17.81 -19.41 -28.57
C ARG B 235 18.03 -18.01 -29.13
N GLU B 236 17.03 -17.14 -29.03
CA GLU B 236 17.17 -15.79 -29.57
C GLU B 236 18.29 -15.04 -28.85
N PHE B 237 18.32 -15.09 -27.52
CA PHE B 237 19.42 -14.48 -26.80
C PHE B 237 20.74 -15.17 -27.09
N SER B 238 20.72 -16.49 -27.28
CA SER B 238 21.96 -17.23 -27.47
C SER B 238 22.57 -17.01 -28.85
N VAL B 239 21.80 -16.50 -29.82
CA VAL B 239 22.29 -16.26 -31.16
C VAL B 239 22.50 -14.77 -31.41
N ASN B 240 22.09 -13.92 -30.48
CA ASN B 240 22.20 -12.47 -30.66
C ASN B 240 23.02 -11.84 -29.55
N ALA B 241 23.79 -12.64 -28.82
CA ALA B 241 24.68 -12.16 -27.77
C ALA B 241 23.92 -11.34 -26.73
N GLY B 242 22.76 -11.87 -26.31
CA GLY B 242 21.98 -11.26 -25.27
C GLY B 242 21.19 -10.02 -25.64
N VAL B 243 21.20 -9.61 -26.91
CA VAL B 243 20.47 -8.42 -27.38
C VAL B 243 19.71 -8.80 -28.65
N THR B 244 18.39 -8.84 -28.57
CA THR B 244 17.57 -9.18 -29.73
C THR B 244 16.78 -7.98 -30.19
N THR B 245 16.59 -7.89 -31.50
CA THR B 245 15.70 -6.92 -32.11
C THR B 245 15.31 -7.46 -33.47
N PRO B 246 14.04 -7.34 -33.87
CA PRO B 246 12.90 -6.82 -33.10
C PRO B 246 12.46 -7.73 -31.94
N LEU B 247 11.53 -7.22 -31.13
CA LEU B 247 11.03 -7.94 -29.97
C LEU B 247 10.11 -9.06 -30.44
N SER B 248 10.53 -10.30 -30.23
CA SER B 248 9.80 -11.45 -30.77
C SER B 248 8.50 -11.68 -30.01
N THR B 249 7.66 -12.56 -30.58
CA THR B 249 6.46 -12.97 -29.89
C THR B 249 6.80 -13.93 -28.76
N TYR B 250 7.96 -14.57 -28.82
CA TYR B 250 8.44 -15.37 -27.71
C TYR B 250 8.97 -14.48 -26.60
N MET B 251 9.56 -13.34 -26.97
CA MET B 251 10.05 -12.38 -25.97
C MET B 251 8.90 -11.81 -25.14
N LEU B 252 7.81 -11.42 -25.82
CA LEU B 252 6.68 -10.74 -25.18
C LEU B 252 5.44 -11.05 -25.99
N THR B 253 4.49 -11.77 -25.39
CA THR B 253 3.25 -12.09 -26.08
C THR B 253 2.48 -10.81 -26.36
N ASN B 254 1.55 -10.88 -27.33
CA ASN B 254 0.75 -9.70 -27.67
C ASN B 254 -0.08 -9.20 -26.50
N SER B 255 -0.64 -10.12 -25.71
CA SER B 255 -1.40 -9.72 -24.53
C SER B 255 -0.51 -8.97 -23.54
N GLU B 256 0.71 -9.45 -23.34
CA GLU B 256 1.64 -8.75 -22.46
C GLU B 256 2.05 -7.40 -23.04
N LEU B 257 2.28 -7.34 -24.36
CA LEU B 257 2.74 -6.10 -24.96
C LEU B 257 1.64 -5.04 -24.92
N LEU B 258 0.42 -5.40 -25.31
CA LEU B 258 -0.69 -4.45 -25.25
C LEU B 258 -0.92 -3.94 -23.83
N SER B 259 -0.78 -4.84 -22.84
CA SER B 259 -0.97 -4.43 -21.45
C SER B 259 0.15 -3.52 -20.98
N LEU B 260 1.38 -3.78 -21.44
CA LEU B 260 2.49 -2.89 -21.14
C LEU B 260 2.30 -1.53 -21.80
N ILE B 261 1.74 -1.51 -23.01
CA ILE B 261 1.39 -0.26 -23.67
C ILE B 261 0.37 0.49 -22.82
N ASN B 262 -0.63 -0.22 -22.32
CA ASN B 262 -1.72 0.37 -21.55
C ASN B 262 -1.23 0.93 -20.22
N ASP B 263 -0.13 0.40 -19.69
CA ASP B 263 0.36 0.78 -18.38
C ASP B 263 1.53 1.76 -18.41
N MET B 264 1.95 2.22 -19.60
CA MET B 264 3.07 3.17 -19.65
C MET B 264 2.61 4.60 -19.36
N PRO B 265 3.46 5.40 -18.71
CA PRO B 265 3.11 6.80 -18.37
C PRO B 265 3.17 7.74 -19.57
N ILE B 266 2.20 7.60 -20.47
CA ILE B 266 2.12 8.38 -21.69
C ILE B 266 0.67 8.81 -21.91
N THR B 267 0.48 9.71 -22.87
CA THR B 267 -0.84 10.21 -23.22
C THR B 267 -1.68 9.09 -23.85
N ASN B 268 -3.00 9.23 -23.74
CA ASN B 268 -3.88 8.26 -24.39
C ASN B 268 -3.72 8.32 -25.91
N ASP B 269 -3.39 9.49 -26.45
CA ASP B 269 -3.08 9.59 -27.87
C ASP B 269 -1.91 8.70 -28.22
N GLN B 270 -0.88 8.69 -27.38
CA GLN B 270 0.29 7.84 -27.62
C GLN B 270 -0.01 6.36 -27.39
N LYS B 271 -0.75 6.05 -26.33
CA LYS B 271 -1.14 4.66 -26.08
C LYS B 271 -1.91 4.10 -27.27
N LYS B 272 -2.90 4.85 -27.75
CA LYS B 272 -3.70 4.40 -28.88
C LYS B 272 -2.84 4.22 -30.12
N LEU B 273 -1.90 5.14 -30.35
CA LEU B 273 -0.99 5.03 -31.49
C LEU B 273 -0.17 3.76 -31.43
N MET B 274 0.43 3.48 -30.27
CA MET B 274 1.26 2.29 -30.16
C MET B 274 0.44 1.03 -30.31
N SER B 275 -0.78 1.03 -29.76
CA SER B 275 -1.65 -0.13 -29.86
C SER B 275 -2.16 -0.32 -31.29
N SER B 276 -2.27 0.77 -32.06
CA SER B 276 -2.74 0.65 -33.43
C SER B 276 -1.66 0.17 -34.38
N ASN B 277 -0.40 0.28 -33.98
CA ASN B 277 0.73 -0.11 -34.81
C ASN B 277 1.70 -0.96 -34.00
N VAL B 278 1.16 -1.93 -33.26
CA VAL B 278 2.00 -2.78 -32.41
C VAL B 278 3.11 -3.42 -33.21
N GLN B 279 2.93 -3.54 -34.51
CA GLN B 279 3.95 -4.17 -35.33
C GLN B 279 5.20 -3.31 -35.43
N ILE B 280 5.03 -1.99 -35.58
CA ILE B 280 6.18 -1.11 -35.65
C ILE B 280 6.88 -1.02 -34.30
N VAL B 281 6.10 -0.93 -33.22
CA VAL B 281 6.67 -0.89 -31.87
C VAL B 281 7.63 -2.07 -31.68
N ARG B 282 7.19 -3.26 -32.08
CA ARG B 282 8.04 -4.43 -31.97
C ARG B 282 9.37 -4.23 -32.68
N GLN B 283 9.33 -3.62 -33.86
CA GLN B 283 10.55 -3.51 -34.66
C GLN B 283 11.52 -2.44 -34.14
N GLN B 284 11.06 -1.50 -33.34
CA GLN B 284 11.94 -0.47 -32.79
C GLN B 284 12.30 -0.73 -31.33
N SER B 285 12.10 -1.95 -30.85
CA SER B 285 12.38 -2.31 -29.47
C SER B 285 13.60 -3.23 -29.38
N TYR B 286 14.15 -3.32 -28.17
CA TYR B 286 15.23 -4.24 -27.88
C TYR B 286 14.85 -5.12 -26.71
N SER B 287 15.42 -6.31 -26.70
CA SER B 287 15.34 -7.21 -25.55
C SER B 287 16.76 -7.49 -25.08
N ILE B 288 17.04 -7.17 -23.82
CA ILE B 288 18.36 -7.31 -23.25
C ILE B 288 18.31 -8.31 -22.12
N MET B 289 19.02 -9.42 -22.29
CA MET B 289 19.13 -10.41 -21.24
C MET B 289 19.89 -9.77 -20.09
N CYS B 290 19.47 -10.04 -18.86
CA CYS B 290 20.02 -9.31 -17.71
C CYS B 290 20.54 -10.20 -16.59
N ILE B 291 19.71 -11.01 -15.95
CA ILE B 291 20.16 -11.67 -14.74
C ILE B 291 19.31 -12.92 -14.53
N ILE B 292 19.95 -13.99 -14.11
CA ILE B 292 19.26 -15.19 -13.64
C ILE B 292 19.89 -15.58 -12.32
N LYS B 293 19.29 -15.11 -11.22
CA LYS B 293 19.81 -15.39 -9.89
C LYS B 293 18.66 -15.42 -8.91
N GLU B 294 18.83 -16.24 -7.87
CA GLU B 294 17.83 -16.40 -6.81
C GLU B 294 16.48 -16.79 -7.43
N GLU B 295 16.43 -18.03 -7.92
CA GLU B 295 15.26 -18.68 -8.50
C GLU B 295 14.43 -17.76 -9.43
N VAL B 296 15.04 -16.75 -10.04
CA VAL B 296 14.35 -15.88 -10.99
C VAL B 296 15.31 -15.48 -12.10
N LEU B 297 14.89 -15.64 -13.36
CA LEU B 297 15.61 -15.06 -14.49
C LEU B 297 14.81 -13.88 -15.04
N ALA B 298 15.49 -12.78 -15.31
CA ALA B 298 14.84 -11.58 -15.80
C ALA B 298 15.64 -10.96 -16.94
N TYR B 299 14.91 -10.45 -17.94
CA TYR B 299 15.52 -9.69 -19.02
C TYR B 299 14.78 -8.36 -19.15
N VAL B 300 15.50 -7.34 -19.60
CA VAL B 300 14.95 -5.99 -19.73
C VAL B 300 14.52 -5.77 -21.17
N VAL B 301 13.26 -5.39 -21.35
CA VAL B 301 12.73 -5.01 -22.65
C VAL B 301 12.74 -3.49 -22.74
N GLN B 302 13.32 -2.97 -23.80
CA GLN B 302 13.48 -1.54 -24.02
C GLN B 302 12.56 -1.13 -25.16
N LEU B 303 11.40 -0.43 -24.81
CA LEU B 303 10.39 -0.02 -25.78
C LEU B 303 10.60 1.43 -26.19
N PRO B 304 10.23 1.78 -27.42
CA PRO B 304 10.32 3.19 -27.83
C PRO B 304 9.17 3.97 -27.23
N ILE B 305 9.41 5.27 -27.05
CA ILE B 305 8.36 6.19 -26.66
C ILE B 305 8.34 7.34 -27.66
N TYR B 306 7.19 7.57 -28.26
CA TYR B 306 7.03 8.50 -29.38
C TYR B 306 6.54 9.83 -28.85
N GLY B 307 7.48 10.77 -28.66
CA GLY B 307 7.12 12.08 -28.13
C GLY B 307 6.56 13.03 -29.16
N VAL B 308 6.76 12.76 -30.44
CA VAL B 308 6.31 13.64 -31.51
C VAL B 308 5.35 12.87 -32.42
N ILE B 309 4.09 13.29 -32.41
CA ILE B 309 3.03 12.63 -33.17
C ILE B 309 2.27 13.71 -33.92
N ASP B 310 1.88 13.41 -35.16
CA ASP B 310 0.93 14.23 -35.92
C ASP B 310 1.50 15.60 -36.30
N THR B 311 2.80 15.73 -36.43
CA THR B 311 3.33 16.96 -36.99
C THR B 311 3.51 16.83 -38.50
N PRO B 312 3.46 17.93 -39.25
CA PRO B 312 3.60 17.84 -40.71
C PRO B 312 4.94 17.24 -41.09
N CYS B 313 4.92 16.30 -42.03
CA CYS B 313 6.13 15.62 -42.45
C CYS B 313 6.10 15.31 -43.94
N TRP B 314 7.25 15.44 -44.60
CA TRP B 314 7.36 15.28 -46.04
C TRP B 314 8.67 14.60 -46.41
N LYS B 315 8.68 13.97 -47.59
CA LYS B 315 9.82 13.21 -48.11
C LYS B 315 10.38 13.91 -49.34
N LEU B 316 11.70 14.05 -49.40
CA LEU B 316 12.38 14.67 -50.52
C LEU B 316 13.14 13.62 -51.33
N HIS B 317 12.77 13.46 -52.59
CA HIS B 317 13.49 12.62 -53.54
C HIS B 317 14.28 13.48 -54.51
N THR B 318 15.51 13.08 -54.79
CA THR B 318 16.41 13.79 -55.71
C THR B 318 17.03 12.82 -56.69
N SER B 319 17.49 13.36 -57.81
CA SER B 319 18.08 12.57 -58.89
C SER B 319 19.13 13.40 -59.58
N PRO B 320 20.17 12.78 -60.15
CA PRO B 320 21.25 13.55 -60.77
C PRO B 320 20.77 14.37 -61.96
N LEU B 321 21.27 15.61 -62.04
CA LEU B 321 20.90 16.56 -63.09
C LEU B 321 22.16 16.92 -63.88
N CYS B 322 22.20 16.50 -65.15
CA CYS B 322 23.36 16.73 -66.01
C CYS B 322 23.01 17.49 -67.27
N THR B 323 24.02 18.17 -67.81
CA THR B 323 23.89 18.76 -69.14
C THR B 323 23.91 17.68 -70.20
N THR B 324 23.33 18.00 -71.34
CA THR B 324 23.21 17.10 -72.50
C THR B 324 23.85 17.76 -73.72
N ASN B 325 25.16 17.64 -73.85
CA ASN B 325 25.89 18.20 -74.98
C ASN B 325 26.25 17.11 -75.99
N ILE B 326 26.53 17.55 -77.21
CA ILE B 326 26.78 16.59 -78.29
C ILE B 326 28.06 15.81 -78.02
N LYS B 327 29.04 16.47 -77.39
CA LYS B 327 30.31 15.82 -77.11
C LYS B 327 30.11 14.73 -76.06
N GLU B 328 30.70 13.57 -76.30
CA GLU B 328 30.41 12.38 -75.51
C GLU B 328 30.82 12.57 -74.05
N GLY B 329 32.01 13.12 -73.81
CA GLY B 329 32.55 13.22 -72.48
C GLY B 329 32.42 14.57 -71.81
N SER B 330 31.91 15.58 -72.52
CA SER B 330 31.84 16.94 -71.99
C SER B 330 30.45 17.29 -71.47
N ASN B 331 30.06 16.61 -70.39
CA ASN B 331 28.84 16.96 -69.69
C ASN B 331 29.15 17.18 -68.22
N ILE B 332 28.29 17.96 -67.58
CA ILE B 332 28.47 18.38 -66.20
C ILE B 332 27.19 18.05 -65.43
N CYS B 333 27.36 17.59 -64.19
CA CYS B 333 26.24 17.09 -63.40
C CYS B 333 26.15 17.79 -62.05
N LEU B 334 24.96 17.73 -61.48
CA LEU B 334 24.65 18.39 -60.22
C LEU B 334 23.53 17.59 -59.57
N THR B 335 23.67 17.29 -58.29
CA THR B 335 22.68 16.47 -57.59
C THR B 335 22.47 16.99 -56.19
N ARG B 336 21.21 17.18 -55.81
CA ARG B 336 20.89 17.52 -54.44
C ARG B 336 21.17 16.31 -53.54
N THR B 337 21.95 16.53 -52.48
CA THR B 337 22.28 15.48 -51.54
C THR B 337 21.38 15.49 -50.31
N ASP B 338 20.47 16.45 -50.22
CA ASP B 338 19.60 16.60 -49.06
C ASP B 338 18.36 15.72 -49.16
N ARG B 339 18.49 14.56 -49.79
CA ARG B 339 17.39 13.61 -49.90
C ARG B 339 17.05 13.01 -48.55
N GLY B 340 15.77 12.70 -48.35
CA GLY B 340 15.32 12.04 -47.14
C GLY B 340 14.00 12.60 -46.65
N TRP B 341 13.70 12.28 -45.39
CA TRP B 341 12.47 12.68 -44.71
C TRP B 341 12.71 13.93 -43.89
N TYR B 342 11.71 14.82 -43.86
CA TYR B 342 11.77 16.05 -43.07
C TYR B 342 10.48 16.19 -42.29
N CYS B 343 10.56 16.20 -40.95
CA CYS B 343 9.38 16.43 -40.11
C CYS B 343 9.54 17.70 -39.29
N ASP B 344 8.47 18.48 -39.23
CA ASP B 344 8.40 19.61 -38.32
C ASP B 344 8.49 19.12 -36.88
N ASN B 345 9.17 19.89 -36.04
CA ASN B 345 9.28 19.53 -34.63
C ASN B 345 9.72 20.75 -33.83
N ALA B 346 8.80 21.28 -33.02
CA ALA B 346 9.12 22.30 -32.02
C ALA B 346 9.85 23.49 -32.64
N GLY B 347 9.33 23.95 -33.78
CA GLY B 347 9.93 25.09 -34.43
C GLY B 347 11.16 24.76 -35.26
N SER B 348 11.64 23.53 -35.22
CA SER B 348 12.78 23.10 -36.03
C SER B 348 12.32 22.02 -37.00
N VAL B 349 13.27 21.46 -37.75
CA VAL B 349 13.01 20.37 -38.69
C VAL B 349 13.97 19.22 -38.40
N SER B 350 13.42 18.03 -38.16
CA SER B 350 14.23 16.84 -38.01
C SER B 350 14.47 16.22 -39.38
N PHE B 351 15.73 16.06 -39.75
CA PHE B 351 16.12 15.58 -41.08
C PHE B 351 16.74 14.20 -40.91
N PHE B 352 16.22 13.21 -41.63
CA PHE B 352 16.73 11.85 -41.55
C PHE B 352 17.39 11.48 -42.86
N PRO B 353 18.72 11.58 -42.97
CA PRO B 353 19.37 11.36 -44.27
C PRO B 353 19.29 9.92 -44.71
N GLN B 354 19.44 8.98 -43.79
CA GLN B 354 19.44 7.57 -44.16
C GLN B 354 18.02 7.17 -44.56
N ALA B 355 17.92 6.42 -45.65
CA ALA B 355 16.62 6.23 -46.28
C ALA B 355 15.74 5.28 -45.47
N ASP B 356 16.29 4.15 -45.04
CA ASP B 356 15.51 3.10 -44.41
C ASP B 356 15.39 3.27 -42.91
N THR B 357 15.69 4.45 -42.38
CA THR B 357 15.54 4.70 -40.95
C THR B 357 14.08 4.89 -40.57
N CYS B 358 13.19 5.07 -41.54
CA CYS B 358 11.79 5.26 -41.27
C CYS B 358 10.96 4.19 -41.98
N LYS B 359 9.86 3.81 -41.34
CA LYS B 359 8.88 2.89 -41.90
C LYS B 359 7.55 3.62 -41.97
N VAL B 360 6.87 3.49 -43.11
CA VAL B 360 5.63 4.23 -43.37
C VAL B 360 4.46 3.25 -43.27
N GLN B 361 3.45 3.65 -42.49
CA GLN B 361 2.19 2.91 -42.39
C GLN B 361 1.07 3.91 -42.68
N SER B 362 0.39 3.70 -43.80
CA SER B 362 -0.68 4.58 -44.24
C SER B 362 -0.16 6.01 -44.37
N ASN B 363 -0.51 6.88 -43.42
CA ASN B 363 -0.06 8.27 -43.43
C ASN B 363 0.87 8.61 -42.28
N ARG B 364 1.20 7.64 -41.43
CA ARG B 364 2.07 7.87 -40.29
C ARG B 364 3.47 7.35 -40.60
N VAL B 365 4.47 8.17 -40.30
CA VAL B 365 5.87 7.82 -40.51
C VAL B 365 6.49 7.57 -39.14
N PHE B 366 6.85 6.33 -38.87
CA PHE B 366 7.48 5.95 -37.61
C PHE B 366 8.99 6.05 -37.80
N CYS B 367 9.62 6.98 -37.09
CA CYS B 367 11.04 7.24 -37.24
C CYS B 367 11.75 7.25 -35.89
N ASP B 368 13.08 7.23 -35.98
CA ASP B 368 13.96 7.24 -34.82
C ASP B 368 14.80 8.51 -34.86
N THR B 369 14.65 9.37 -33.84
CA THR B 369 15.39 10.63 -33.80
C THR B 369 16.90 10.40 -33.71
N MET B 370 17.33 9.22 -33.25
CA MET B 370 18.76 8.95 -33.10
C MET B 370 19.52 9.11 -34.40
N ASN B 371 18.86 8.87 -35.53
CA ASN B 371 19.44 9.03 -36.85
C ASN B 371 19.09 10.36 -37.48
N SER B 372 19.00 11.43 -36.69
CA SER B 372 18.51 12.68 -37.22
C SER B 372 19.46 13.82 -36.92
N LEU B 373 19.33 14.86 -37.76
CA LEU B 373 19.92 16.16 -37.53
C LEU B 373 18.81 17.15 -37.25
N THR B 374 19.15 18.22 -36.54
CA THR B 374 18.19 19.28 -36.23
C THR B 374 18.52 20.50 -37.09
N LEU B 375 17.63 20.83 -38.01
CA LEU B 375 17.82 21.89 -38.97
C LEU B 375 16.80 23.00 -38.78
N PRO B 376 17.12 24.22 -39.21
CA PRO B 376 16.15 25.32 -39.17
C PRO B 376 14.98 25.09 -40.11
N SER B 377 13.85 25.75 -39.79
CA SER B 377 12.65 25.64 -40.62
C SER B 377 12.88 26.18 -42.02
N GLU B 378 13.89 27.03 -42.20
CA GLU B 378 14.21 27.62 -43.49
C GLU B 378 14.77 26.61 -44.48
N VAL B 379 15.01 25.36 -44.05
CA VAL B 379 15.51 24.32 -44.94
C VAL B 379 14.55 24.07 -46.09
N SER B 380 13.24 24.22 -45.85
CA SER B 380 12.23 23.95 -46.86
C SER B 380 12.39 24.81 -48.11
N LEU B 381 13.05 25.96 -48.01
CA LEU B 381 13.19 26.85 -49.16
C LEU B 381 14.02 26.20 -50.27
N CYS B 382 14.87 25.23 -49.93
CA CYS B 382 15.66 24.55 -50.95
C CYS B 382 14.78 23.88 -52.00
N ASN B 383 13.53 23.58 -51.65
CA ASN B 383 12.63 22.96 -52.61
C ASN B 383 12.09 23.99 -53.59
N THR B 384 11.71 25.17 -53.12
CA THR B 384 11.15 26.18 -54.00
C THR B 384 12.21 27.12 -54.56
N ASP B 385 13.28 27.38 -53.82
CA ASP B 385 14.34 28.28 -54.27
C ASP B 385 15.64 27.76 -53.69
N ILE B 386 16.36 26.98 -54.49
CA ILE B 386 17.61 26.41 -54.00
C ILE B 386 18.68 27.47 -53.80
N PHE B 387 18.56 28.62 -54.46
CA PHE B 387 19.55 29.68 -54.35
C PHE B 387 19.16 30.73 -53.32
N ASN B 388 18.16 30.45 -52.49
CA ASN B 388 17.69 31.44 -51.53
C ASN B 388 18.84 31.84 -50.60
N SER B 389 18.79 33.07 -50.13
CA SER B 389 19.88 33.66 -49.36
C SER B 389 19.76 33.42 -47.86
N LYS B 390 18.89 32.51 -47.42
CA LYS B 390 18.71 32.27 -46.00
C LYS B 390 19.16 30.90 -45.53
N TYR B 391 19.27 29.93 -46.44
CA TYR B 391 19.81 28.61 -46.10
C TYR B 391 20.66 28.11 -47.26
N ASP B 392 21.83 27.57 -46.93
CA ASP B 392 22.78 27.12 -47.93
C ASP B 392 22.44 25.68 -48.31
N CYS B 393 21.77 25.50 -49.45
CA CYS B 393 21.30 24.19 -49.86
C CYS B 393 22.47 23.28 -50.24
N LYS B 394 22.42 22.05 -49.75
CA LYS B 394 23.51 21.10 -49.94
C LYS B 394 23.33 20.36 -51.26
N ILE B 395 24.42 20.28 -52.03
CA ILE B 395 24.39 19.70 -53.37
C ILE B 395 25.73 19.02 -53.62
N MET B 396 25.73 18.05 -54.53
CA MET B 396 26.97 17.44 -54.98
C MET B 396 27.14 17.65 -56.48
N THR B 397 28.39 17.60 -56.92
CA THR B 397 28.75 17.82 -58.31
C THR B 397 29.50 16.61 -58.83
N SER B 398 29.42 16.40 -60.14
CA SER B 398 30.11 15.31 -60.79
C SER B 398 30.22 15.62 -62.27
N LYS B 399 31.04 14.83 -62.96
CA LYS B 399 31.03 14.79 -64.41
C LYS B 399 30.55 13.44 -64.91
N THR B 400 29.93 12.67 -64.02
CA THR B 400 29.49 11.31 -64.30
C THR B 400 28.05 11.36 -64.79
N ASP B 401 27.85 11.45 -66.11
CA ASP B 401 26.50 11.58 -66.68
C ASP B 401 25.96 10.19 -66.97
N ILE B 402 25.50 9.52 -65.92
CA ILE B 402 25.02 8.15 -66.04
C ILE B 402 23.52 8.18 -65.82
N SER B 403 22.80 7.46 -66.67
CA SER B 403 21.36 7.44 -66.60
C SER B 403 20.89 6.52 -65.48
N SER B 404 19.84 6.94 -64.79
CA SER B 404 19.29 6.21 -63.64
C SER B 404 17.89 6.75 -63.40
N SER B 405 17.17 6.08 -62.49
CA SER B 405 15.80 6.51 -62.19
C SER B 405 15.56 6.51 -60.69
N VAL B 406 14.67 7.42 -60.27
CA VAL B 406 14.26 7.58 -58.89
C VAL B 406 12.75 7.40 -58.81
N ILE B 407 12.31 6.36 -58.12
CA ILE B 407 10.89 6.15 -57.91
C ILE B 407 10.44 6.97 -56.70
N THR B 408 9.44 7.83 -56.92
CA THR B 408 8.94 8.66 -55.85
C THR B 408 7.71 7.98 -55.22
N SER B 409 7.05 8.71 -54.32
CA SER B 409 5.85 8.17 -53.66
C SER B 409 4.67 8.10 -54.63
N LEU B 410 4.54 9.10 -55.50
CA LEU B 410 3.42 9.16 -56.43
C LEU B 410 3.88 9.17 -57.88
N GLY B 411 5.13 8.80 -58.12
CA GLY B 411 5.63 8.77 -59.47
C GLY B 411 7.07 8.30 -59.60
N ALA B 412 7.78 8.86 -60.59
CA ALA B 412 9.16 8.49 -60.85
C ALA B 412 9.89 9.64 -61.53
N ILE B 413 11.09 9.96 -61.03
CA ILE B 413 11.99 10.89 -61.69
C ILE B 413 12.91 10.12 -62.61
N VAL B 414 13.12 10.64 -63.81
CA VAL B 414 13.96 9.99 -64.82
C VAL B 414 15.01 10.98 -65.30
N SER B 415 16.28 10.68 -65.03
CA SER B 415 17.41 11.43 -65.56
C SER B 415 17.98 10.62 -66.73
N CYS B 416 17.71 11.06 -67.94
CA CYS B 416 18.07 10.33 -69.16
C CYS B 416 19.21 11.07 -69.85
N TYR B 417 20.34 10.39 -70.04
CA TYR B 417 21.50 11.01 -70.67
C TYR B 417 22.15 10.03 -71.62
N GLY B 418 22.92 10.59 -72.55
CA GLY B 418 23.60 9.79 -73.55
C GLY B 418 22.61 9.18 -74.53
N LYS B 419 22.91 7.96 -74.97
CA LYS B 419 22.03 7.20 -75.85
C LYS B 419 21.16 6.23 -75.07
N THR B 420 20.97 6.47 -73.78
CA THR B 420 20.20 5.56 -72.94
C THR B 420 18.72 5.58 -73.34
N LYS B 421 18.08 4.42 -73.24
CA LYS B 421 16.66 4.27 -73.53
C LYS B 421 15.87 4.49 -72.25
N CYS B 422 14.95 5.46 -72.26
CA CYS B 422 14.15 5.78 -71.09
C CYS B 422 12.66 5.78 -71.44
N THR B 423 11.86 5.03 -70.68
CA THR B 423 10.48 4.75 -71.06
C THR B 423 9.56 4.64 -69.85
N ALA B 424 8.34 5.14 -70.02
CA ALA B 424 7.23 4.95 -69.08
C ALA B 424 6.11 4.21 -69.78
N SER B 425 5.57 3.18 -69.13
CA SER B 425 4.60 2.30 -69.77
C SER B 425 3.37 2.11 -68.91
N ASN B 426 2.25 1.79 -69.58
CA ASN B 426 1.01 1.38 -68.93
C ASN B 426 0.80 -0.11 -69.20
N LYS B 427 0.17 -0.81 -68.26
CA LYS B 427 0.04 -2.26 -68.39
C LYS B 427 -0.91 -2.62 -69.53
N ASN B 428 -1.93 -1.81 -69.79
CA ASN B 428 -2.87 -2.08 -70.85
C ASN B 428 -2.55 -1.32 -72.12
N ARG B 429 -1.54 -0.46 -72.08
CA ARG B 429 -1.27 0.46 -73.18
C ARG B 429 0.13 0.37 -73.72
N GLY B 430 1.05 -0.25 -72.99
CA GLY B 430 2.43 -0.27 -73.42
C GLY B 430 3.13 1.04 -73.08
N ILE B 431 4.14 1.36 -73.89
CA ILE B 431 4.90 2.59 -73.70
C ILE B 431 4.00 3.78 -73.97
N ILE B 432 3.99 4.76 -73.07
CA ILE B 432 3.17 5.92 -73.30
C ILE B 432 4.02 7.19 -73.40
N LYS B 433 5.20 7.17 -72.77
CA LYS B 433 6.09 8.33 -72.89
C LYS B 433 7.55 7.89 -73.02
N THR B 434 8.24 8.50 -73.97
CA THR B 434 9.67 8.31 -74.18
C THR B 434 10.36 9.61 -73.77
N PHE B 435 11.28 9.53 -72.82
CA PHE B 435 11.92 10.71 -72.26
C PHE B 435 13.05 11.20 -73.14
N SER B 436 13.05 12.49 -73.45
CA SER B 436 14.23 13.08 -74.05
C SER B 436 15.27 13.32 -72.97
N ASN B 437 16.50 13.57 -73.41
CA ASN B 437 17.59 13.75 -72.48
C ASN B 437 17.36 14.99 -71.61
N GLY B 438 17.62 14.82 -70.32
CA GLY B 438 17.38 15.79 -69.27
C GLY B 438 16.69 15.13 -68.11
N CYS B 439 16.29 15.94 -67.13
CA CYS B 439 15.55 15.43 -65.98
C CYS B 439 14.08 15.74 -66.14
N ASP B 440 13.24 14.72 -65.99
CA ASP B 440 11.80 14.81 -66.18
C ASP B 440 11.12 14.05 -65.06
N TYR B 441 9.79 14.05 -65.09
CA TYR B 441 9.00 13.43 -64.03
C TYR B 441 7.66 13.01 -64.60
N VAL B 442 7.15 11.89 -64.09
CA VAL B 442 5.86 11.34 -64.52
C VAL B 442 5.06 10.92 -63.29
N SER B 443 3.75 11.15 -63.35
CA SER B 443 2.82 10.75 -62.31
C SER B 443 2.47 9.28 -62.45
N ASN B 444 2.08 8.68 -61.34
CA ASN B 444 1.75 7.27 -61.31
C ASN B 444 0.34 6.97 -61.78
N LYS B 445 -0.42 7.97 -62.25
CA LYS B 445 -1.83 7.75 -62.59
C LYS B 445 -1.99 6.78 -63.74
N GLY B 446 -1.68 7.20 -64.95
CA GLY B 446 -1.79 6.28 -66.05
C GLY B 446 -0.65 5.32 -66.20
N VAL B 447 0.36 5.42 -65.34
CA VAL B 447 1.62 4.69 -65.49
C VAL B 447 1.76 3.63 -64.41
N ASP B 448 2.20 2.44 -64.83
CA ASP B 448 2.55 1.33 -63.94
C ASP B 448 4.04 1.02 -63.94
N THR B 449 4.73 1.25 -65.04
CA THR B 449 6.10 0.80 -65.20
C THR B 449 6.97 1.90 -65.79
N VAL B 450 8.26 1.85 -65.46
CA VAL B 450 9.26 2.78 -65.98
C VAL B 450 10.50 1.98 -66.35
N SER B 451 11.10 2.30 -67.50
CA SER B 451 12.27 1.57 -67.97
C SER B 451 13.42 2.54 -68.23
N VAL B 452 14.57 2.28 -67.62
CA VAL B 452 15.79 3.07 -67.80
C VAL B 452 16.93 2.12 -68.13
N GLY B 453 17.38 2.15 -69.37
CA GLY B 453 18.42 1.22 -69.78
C GLY B 453 17.89 -0.20 -69.72
N ASN B 454 18.61 -1.07 -69.00
CA ASN B 454 18.22 -2.46 -68.85
C ASN B 454 17.52 -2.73 -67.52
N THR B 455 17.17 -1.68 -66.79
CA THR B 455 16.58 -1.78 -65.46
C THR B 455 15.11 -1.42 -65.51
N LEU B 456 14.26 -2.34 -65.09
CA LEU B 456 12.82 -2.13 -65.14
C LEU B 456 12.33 -1.84 -63.73
N TYR B 457 11.74 -0.67 -63.54
CA TYR B 457 11.26 -0.20 -62.24
C TYR B 457 9.74 -0.28 -62.23
N TYR B 458 9.18 -0.88 -61.18
CA TYR B 458 7.75 -0.78 -60.96
C TYR B 458 7.44 0.46 -60.13
N VAL B 459 6.37 1.15 -60.49
CA VAL B 459 6.01 2.40 -59.84
C VAL B 459 5.02 2.12 -58.72
N ASN B 460 5.04 2.97 -57.69
CA ASN B 460 4.06 2.86 -56.63
C ASN B 460 2.68 3.22 -57.14
N LYS B 461 1.69 2.43 -56.73
CA LYS B 461 0.32 2.65 -57.19
C LYS B 461 -0.56 3.24 -56.10
N LEU B 462 -0.17 4.42 -55.62
CA LEU B 462 -0.92 5.16 -54.62
C LEU B 462 -1.55 6.36 -55.30
N GLU B 463 -2.87 6.46 -55.21
CA GLU B 463 -3.58 7.61 -55.76
C GLU B 463 -3.20 8.86 -55.00
N GLY B 464 -3.02 9.97 -55.71
CA GLY B 464 -2.60 11.19 -55.05
C GLY B 464 -2.35 12.28 -56.06
N LYS B 465 -2.31 13.51 -55.54
CA LYS B 465 -2.22 14.70 -56.37
C LYS B 465 -0.78 14.97 -56.78
N ASN B 466 -0.57 15.28 -58.06
CA ASN B 466 0.75 15.57 -58.61
C ASN B 466 0.80 17.02 -59.10
N LEU B 467 2.00 17.57 -59.16
CA LEU B 467 2.19 18.96 -59.58
C LEU B 467 3.55 19.11 -60.26
N TYR B 468 3.54 19.45 -61.55
CA TYR B 468 4.76 19.66 -62.33
C TYR B 468 5.17 21.13 -62.25
N VAL B 469 6.30 21.41 -61.61
CA VAL B 469 6.82 22.77 -61.46
C VAL B 469 7.86 23.01 -62.54
N LYS B 470 7.47 23.73 -63.59
CA LYS B 470 8.39 24.07 -64.68
C LYS B 470 9.53 24.95 -64.18
N GLY B 471 10.67 24.84 -64.85
CA GLY B 471 11.83 25.65 -64.55
C GLY B 471 13.02 25.27 -65.42
N GLU B 472 13.94 26.21 -65.65
CA GLU B 472 15.15 25.86 -66.40
C GLU B 472 16.10 25.08 -65.49
N PRO B 473 16.63 23.94 -65.95
CA PRO B 473 17.55 23.15 -65.10
C PRO B 473 18.73 23.97 -64.60
N ILE B 474 19.02 23.82 -63.30
CA ILE B 474 20.06 24.63 -62.65
C ILE B 474 21.43 24.34 -63.25
N ILE B 475 21.62 23.14 -63.80
CA ILE B 475 22.93 22.77 -64.33
C ILE B 475 23.32 23.66 -65.50
N ASN B 476 22.34 24.28 -66.18
CA ASN B 476 22.63 25.16 -67.29
C ASN B 476 23.20 26.50 -66.84
N TYR B 477 23.09 26.83 -65.56
CA TYR B 477 23.53 28.11 -65.02
C TYR B 477 25.03 28.20 -64.79
N TYR B 478 25.79 27.14 -65.04
CA TYR B 478 27.23 27.11 -64.78
C TYR B 478 28.00 26.98 -66.08
N ASP B 479 29.11 27.73 -66.20
CA ASP B 479 29.88 27.58 -67.43
C ASP B 479 30.89 26.45 -67.29
N PRO B 480 30.92 25.50 -68.22
CA PRO B 480 31.90 24.41 -68.13
C PRO B 480 33.33 24.92 -68.18
N LEU B 481 34.27 23.99 -68.00
CA LEU B 481 35.69 24.26 -68.01
C LEU B 481 36.13 25.00 -66.75
N VAL B 482 35.19 25.70 -66.11
CA VAL B 482 35.42 26.37 -64.84
C VAL B 482 34.60 25.74 -63.72
N PHE B 483 33.94 24.61 -64.01
CA PHE B 483 33.08 23.95 -63.04
C PHE B 483 33.90 23.09 -62.08
N PRO B 484 33.82 23.33 -60.77
CA PRO B 484 34.48 22.42 -59.82
C PRO B 484 33.78 21.08 -59.75
N SER B 485 34.38 20.04 -60.32
CA SER B 485 33.69 18.79 -60.63
C SER B 485 34.13 17.62 -59.76
N ASP B 486 34.41 17.86 -58.48
CA ASP B 486 34.73 16.76 -57.57
C ASP B 486 34.28 17.07 -56.14
N GLU B 487 33.15 17.76 -55.98
CA GLU B 487 32.64 18.12 -54.67
C GLU B 487 31.55 17.14 -54.26
N PHE B 488 31.68 16.58 -53.06
CA PHE B 488 30.76 15.54 -52.58
C PHE B 488 29.74 16.02 -51.56
N ASP B 489 30.14 16.86 -50.60
CA ASP B 489 29.22 17.38 -49.60
C ASP B 489 29.36 18.90 -49.55
N ALA B 490 29.10 19.52 -50.68
CA ALA B 490 29.23 20.97 -50.79
C ALA B 490 27.84 21.59 -50.85
N SER B 491 27.81 22.91 -51.08
CA SER B 491 26.57 23.66 -51.01
C SER B 491 26.57 24.73 -52.10
N ILE B 492 25.41 25.38 -52.23
CA ILE B 492 25.23 26.42 -53.24
C ILE B 492 26.35 27.46 -53.15
N SER B 493 26.57 28.03 -51.97
CA SER B 493 27.61 29.03 -51.81
C SER B 493 29.01 28.43 -51.85
N GLN B 494 29.17 27.19 -51.38
CA GLN B 494 30.50 26.57 -51.36
C GLN B 494 31.02 26.34 -52.76
N VAL B 495 30.17 25.88 -53.67
CA VAL B 495 30.59 25.72 -55.06
C VAL B 495 30.88 27.08 -55.67
N ASN B 496 30.06 28.08 -55.32
CA ASN B 496 30.24 29.43 -55.86
C ASN B 496 31.60 30.00 -55.54
N GLU B 497 32.05 29.88 -54.27
CA GLU B 497 33.34 30.44 -53.91
C GLU B 497 34.48 29.66 -54.58
N LYS B 498 34.32 28.35 -54.76
CA LYS B 498 35.33 27.58 -55.46
C LYS B 498 35.37 27.98 -56.93
N ILE B 499 34.22 28.37 -57.48
CA ILE B 499 34.19 28.96 -58.82
C ILE B 499 34.90 30.30 -58.82
N ASN B 500 34.62 31.13 -57.80
CA ASN B 500 35.27 32.44 -57.69
C ASN B 500 36.78 32.29 -57.54
N GLN B 501 37.23 31.23 -56.86
CA GLN B 501 38.66 30.97 -56.73
C GLN B 501 39.26 30.45 -58.03
N SER B 502 38.48 29.71 -58.83
CA SER B 502 38.96 29.21 -60.11
C SER B 502 38.99 30.28 -61.18
N LEU B 503 38.05 31.24 -61.12
CA LEU B 503 38.03 32.33 -62.09
C LEU B 503 39.18 33.31 -61.84
N ALA B 504 39.56 33.49 -60.58
CA ALA B 504 40.73 34.32 -60.28
C ALA B 504 42.01 33.61 -60.70
N PHE B 505 42.04 32.28 -60.59
CA PHE B 505 43.20 31.52 -61.05
C PHE B 505 43.31 31.54 -62.58
N ILE B 506 42.20 31.73 -63.27
CA ILE B 506 42.24 31.81 -64.73
C ILE B 506 42.66 33.21 -65.16
N ARG B 507 42.18 34.23 -64.45
CA ARG B 507 42.64 35.59 -64.69
C ARG B 507 44.15 35.68 -64.46
N ARG B 508 44.63 35.00 -63.41
CA ARG B 508 46.02 35.09 -63.03
C ARG B 508 46.92 34.34 -64.01
N SER B 509 46.41 33.28 -64.63
CA SER B 509 47.19 32.55 -65.63
C SER B 509 47.21 33.29 -66.95
N ASP B 510 46.11 33.93 -67.31
CA ASP B 510 46.05 34.73 -68.53
C ASP B 510 46.78 36.05 -68.39
N GLU B 511 46.81 36.58 -67.16
CA GLU B 511 47.63 37.75 -66.89
C GLU B 511 49.12 37.42 -67.01
N LEU B 512 49.47 36.14 -67.00
CA LEU B 512 50.85 35.68 -67.17
C LEU B 512 51.17 35.39 -68.62
N LEU B 513 50.22 34.80 -69.35
CA LEU B 513 50.36 34.70 -70.80
C LEU B 513 50.56 36.07 -71.43
N SER B 514 49.99 37.11 -70.84
CA SER B 514 50.14 38.46 -71.37
C SER B 514 51.59 38.92 -71.41
N ALA B 515 52.45 38.32 -70.59
CA ALA B 515 53.86 38.70 -70.57
C ALA B 515 54.77 37.51 -70.85
N ASN C 27 37.88 -1.31 -15.30
CA ASN C 27 38.88 -0.27 -15.04
C ASN C 27 39.42 0.29 -16.34
N ILE C 28 38.67 1.24 -16.92
CA ILE C 28 39.00 1.84 -18.20
C ILE C 28 39.18 3.35 -18.03
N THR C 29 40.20 3.91 -18.65
CA THR C 29 40.48 5.34 -18.57
C THR C 29 40.18 5.98 -19.92
N GLU C 30 39.46 7.10 -19.89
CA GLU C 30 39.11 7.85 -21.09
C GLU C 30 39.76 9.23 -21.05
N GLU C 31 40.24 9.69 -22.20
CA GLU C 31 40.85 11.00 -22.34
C GLU C 31 40.16 11.77 -23.46
N PHE C 32 39.81 13.02 -23.20
CA PHE C 32 39.23 13.92 -24.18
C PHE C 32 40.23 15.02 -24.53
N TYR C 33 40.42 15.26 -25.83
CA TYR C 33 41.33 16.28 -26.32
C TYR C 33 40.49 17.41 -26.92
N GLN C 34 40.43 18.54 -26.22
CA GLN C 34 39.68 19.68 -26.74
C GLN C 34 40.31 20.24 -28.00
N SER C 35 41.63 20.08 -28.15
CA SER C 35 42.32 20.63 -29.32
C SER C 35 41.82 20.00 -30.60
N THR C 36 41.56 18.69 -30.58
CA THR C 36 41.18 17.99 -31.78
C THR C 36 39.77 17.45 -31.71
N CYS C 37 39.04 17.69 -30.61
CA CYS C 37 37.68 17.21 -30.44
C CYS C 37 37.59 15.71 -30.74
N SER C 38 38.28 14.95 -29.90
CA SER C 38 38.36 13.50 -30.01
C SER C 38 38.50 12.91 -28.62
N ALA C 39 38.29 11.60 -28.51
CA ALA C 39 38.33 10.93 -27.22
C ALA C 39 38.98 9.57 -27.37
N VAL C 40 39.84 9.21 -26.40
CA VAL C 40 40.57 7.96 -26.41
C VAL C 40 40.28 7.22 -25.11
N SER C 41 39.76 6.00 -25.22
CA SER C 41 39.47 5.14 -24.07
C SER C 41 40.53 4.07 -23.98
N ARG C 42 41.40 4.16 -22.97
CA ARG C 42 42.52 3.24 -22.82
C ARG C 42 42.21 2.19 -21.76
N GLY C 43 42.88 1.05 -21.86
CA GLY C 43 42.74 -0.03 -20.90
C GLY C 43 42.07 -1.29 -21.40
N TYR C 44 41.47 -1.30 -22.58
CA TYR C 44 40.86 -2.52 -23.08
C TYR C 44 41.92 -3.55 -23.48
N PHE C 45 41.50 -4.81 -23.52
CA PHE C 45 42.36 -5.93 -23.91
C PHE C 45 41.88 -6.55 -25.21
N SER C 46 42.78 -7.26 -25.88
CA SER C 46 42.54 -7.78 -27.20
C SER C 46 42.10 -9.24 -27.18
N ALA C 47 41.39 -9.61 -28.25
CA ALA C 47 41.12 -11.00 -28.60
C ALA C 47 40.86 -11.04 -30.10
N LEU C 48 41.92 -11.01 -30.90
CA LEU C 48 41.80 -10.82 -32.33
C LEU C 48 41.77 -12.17 -33.04
N ARG C 49 40.83 -12.34 -33.96
CA ARG C 49 40.73 -13.56 -34.75
C ARG C 49 41.76 -13.51 -35.87
N THR C 50 42.86 -14.25 -35.69
CA THR C 50 43.94 -14.23 -36.67
C THR C 50 43.83 -15.37 -37.69
N GLY C 51 43.10 -16.44 -37.37
CA GLY C 51 43.00 -17.58 -38.26
C GLY C 51 41.66 -18.28 -38.21
N TRP C 52 41.54 -19.40 -38.91
CA TRP C 52 40.32 -20.19 -38.95
C TRP C 52 40.64 -21.64 -38.64
N TYR C 53 39.79 -22.28 -37.84
CA TYR C 53 39.83 -23.72 -37.65
C TYR C 53 38.59 -24.34 -38.27
N THR C 54 38.79 -25.44 -38.98
CA THR C 54 37.70 -26.11 -39.67
C THR C 54 37.45 -27.48 -39.03
N SER C 55 36.19 -27.75 -38.71
CA SER C 55 35.78 -29.01 -38.14
C SER C 55 34.58 -29.52 -38.91
N VAL C 56 34.48 -30.84 -39.04
CA VAL C 56 33.42 -31.49 -39.81
C VAL C 56 32.41 -32.09 -38.84
N ILE C 57 31.18 -31.57 -38.87
CA ILE C 57 30.07 -32.07 -38.05
C ILE C 57 29.18 -32.92 -38.94
N THR C 58 28.88 -34.13 -38.49
CA THR C 58 28.15 -35.10 -39.30
C THR C 58 26.89 -35.58 -38.58
N ILE C 59 25.89 -35.93 -39.36
CA ILE C 59 24.71 -36.63 -38.88
C ILE C 59 24.50 -37.85 -39.77
N GLU C 60 24.35 -39.02 -39.16
CA GLU C 60 24.13 -40.24 -39.90
C GLU C 60 22.63 -40.43 -40.12
N LEU C 61 22.22 -40.52 -41.38
CA LEU C 61 20.82 -40.65 -41.75
C LEU C 61 20.60 -41.95 -42.51
N SER C 62 19.35 -42.38 -42.56
CA SER C 62 18.95 -43.51 -43.39
C SER C 62 17.77 -43.06 -44.24
N ASN C 63 17.90 -43.20 -45.55
CA ASN C 63 16.88 -42.78 -46.50
C ASN C 63 15.81 -43.85 -46.69
N ILE C 64 14.56 -43.45 -46.47
CA ILE C 64 13.40 -44.35 -46.55
C ILE C 64 12.97 -44.51 -48.00
N LYS C 65 12.88 -45.76 -48.46
CA LYS C 65 12.58 -46.05 -49.85
C LYS C 65 11.17 -45.61 -50.24
N GLU C 66 10.15 -46.07 -49.51
CA GLU C 66 8.78 -45.74 -49.91
C GLU C 66 7.84 -45.88 -48.72
N THR C 67 6.85 -44.99 -48.70
CA THR C 67 5.77 -45.04 -47.71
C THR C 67 4.55 -45.72 -48.34
N LYS C 68 4.35 -46.99 -48.01
CA LYS C 68 3.24 -47.77 -48.57
C LYS C 68 2.10 -47.96 -47.57
N CYS C 69 1.82 -46.95 -46.74
CA CYS C 69 0.75 -47.12 -45.76
C CYS C 69 -0.58 -47.00 -46.49
N ASN C 70 -1.28 -48.14 -46.65
CA ASN C 70 -2.56 -48.20 -47.35
C ASN C 70 -3.77 -47.90 -46.46
N GLY C 71 -3.67 -48.18 -45.16
CA GLY C 71 -4.80 -47.97 -44.27
C GLY C 71 -4.78 -46.54 -43.76
N THR C 72 -5.92 -45.87 -43.85
CA THR C 72 -6.02 -44.45 -43.53
C THR C 72 -6.75 -44.26 -42.20
N ASP C 73 -6.11 -43.51 -41.31
CA ASP C 73 -6.62 -43.21 -39.98
C ASP C 73 -5.90 -41.93 -39.55
N THR C 74 -6.45 -41.27 -38.52
CA THR C 74 -5.82 -40.06 -38.02
C THR C 74 -4.41 -40.32 -37.51
N LYS C 75 -4.15 -41.51 -36.96
CA LYS C 75 -2.80 -41.84 -36.52
C LYS C 75 -1.87 -42.09 -37.71
N VAL C 76 -2.35 -42.83 -38.71
CA VAL C 76 -1.51 -43.14 -39.87
C VAL C 76 -1.15 -41.86 -40.60
N LYS C 77 -2.12 -40.95 -40.73
CA LYS C 77 -1.88 -39.68 -41.40
C LYS C 77 -0.86 -38.84 -40.65
N LEU C 78 -0.74 -39.07 -39.33
CA LEU C 78 0.18 -38.29 -38.52
C LEU C 78 1.62 -38.75 -38.70
N ILE C 79 1.85 -40.07 -38.64
CA ILE C 79 3.20 -40.60 -38.84
C ILE C 79 3.63 -40.42 -40.29
N LYS C 80 2.70 -40.58 -41.23
CA LYS C 80 3.05 -40.48 -42.64
C LYS C 80 3.52 -39.06 -42.98
N GLN C 81 2.80 -38.04 -42.52
CA GLN C 81 3.26 -36.67 -42.74
C GLN C 81 4.54 -36.39 -41.98
N GLU C 82 4.68 -36.95 -40.77
CA GLU C 82 5.94 -36.78 -40.05
C GLU C 82 7.07 -37.50 -40.77
N LEU C 83 6.80 -38.68 -41.33
CA LEU C 83 7.79 -39.39 -42.12
C LEU C 83 8.11 -38.61 -43.39
N ASP C 84 7.08 -38.02 -44.01
CA ASP C 84 7.27 -37.26 -45.25
C ASP C 84 8.10 -36.00 -45.01
N LYS C 85 7.92 -35.35 -43.86
CA LYS C 85 8.72 -34.16 -43.56
C LYS C 85 10.20 -34.51 -43.45
N TYR C 86 10.50 -35.67 -42.85
CA TYR C 86 11.88 -36.14 -42.80
C TYR C 86 12.36 -36.49 -44.21
N LYS C 87 11.55 -37.26 -44.94
CA LYS C 87 11.91 -37.66 -46.28
C LYS C 87 12.06 -36.44 -47.19
N ASN C 88 11.39 -35.34 -46.85
CA ASN C 88 11.52 -34.09 -47.59
C ASN C 88 12.79 -33.33 -47.25
N ALA C 89 13.15 -33.29 -45.96
CA ALA C 89 14.37 -32.59 -45.56
C ALA C 89 15.61 -33.17 -46.20
N VAL C 90 15.70 -34.50 -46.24
CA VAL C 90 16.86 -35.15 -46.87
C VAL C 90 16.94 -34.74 -48.33
N THR C 91 15.84 -34.86 -49.06
CA THR C 91 15.83 -34.47 -50.46
C THR C 91 16.02 -32.96 -50.61
N GLU C 92 15.40 -32.17 -49.72
CA GLU C 92 15.55 -30.72 -49.80
C GLU C 92 17.01 -30.32 -49.66
N LEU C 93 17.71 -30.87 -48.67
CA LEU C 93 19.12 -30.51 -48.48
C LEU C 93 19.97 -31.09 -49.61
N GLN C 94 19.62 -32.28 -50.09
CA GLN C 94 20.34 -32.89 -51.19
C GLN C 94 20.28 -32.00 -52.43
N LEU C 95 19.17 -31.29 -52.62
CA LEU C 95 19.09 -30.33 -53.71
C LEU C 95 20.09 -29.20 -53.49
N LEU C 96 20.25 -28.76 -52.25
CA LEU C 96 21.15 -27.66 -51.95
C LEU C 96 22.61 -28.02 -52.16
N THR C 97 22.95 -29.31 -52.20
CA THR C 97 24.34 -29.73 -52.23
C THR C 97 24.94 -29.73 -53.64
N GLN C 98 24.13 -29.85 -54.68
CA GLN C 98 24.68 -29.80 -56.03
C GLN C 98 24.85 -28.35 -56.50
N PHE C 137 33.43 6.85 -40.92
CA PHE C 137 34.32 7.28 -42.02
C PHE C 137 35.28 6.17 -42.37
N LEU C 138 36.22 6.50 -43.27
CA LEU C 138 37.28 5.60 -43.71
C LEU C 138 36.73 4.22 -44.10
N GLY C 139 37.56 3.19 -44.02
CA GLY C 139 37.09 1.85 -44.32
C GLY C 139 37.28 1.42 -45.76
N PHE C 140 37.19 2.37 -46.70
CA PHE C 140 37.30 2.08 -48.12
C PHE C 140 38.64 1.49 -48.53
N LEU C 141 39.66 1.63 -47.70
CA LEU C 141 40.98 1.10 -48.05
C LEU C 141 41.16 -0.34 -47.61
N LEU C 142 40.17 -0.90 -46.91
CA LEU C 142 40.31 -2.21 -46.28
C LEU C 142 40.33 -3.31 -47.33
N GLY C 143 41.37 -4.15 -47.29
CA GLY C 143 41.47 -5.23 -48.24
C GLY C 143 40.27 -6.16 -48.14
N VAL C 144 39.91 -6.77 -49.26
CA VAL C 144 38.73 -7.62 -49.34
C VAL C 144 39.18 -9.05 -49.13
N GLY C 145 38.37 -9.83 -48.41
CA GLY C 145 38.66 -11.22 -48.15
C GLY C 145 37.61 -12.20 -48.62
N SER C 146 37.94 -13.48 -48.44
CA SER C 146 37.05 -14.60 -48.72
C SER C 146 36.83 -15.31 -47.38
N ALA C 147 35.67 -15.06 -46.76
CA ALA C 147 35.45 -15.51 -45.40
C ALA C 147 35.47 -17.02 -45.27
N ILE C 148 34.92 -17.72 -46.26
CA ILE C 148 34.74 -19.16 -46.17
C ILE C 148 35.67 -19.90 -47.13
N ALA C 149 36.76 -19.26 -47.57
CA ALA C 149 37.71 -19.97 -48.41
C ALA C 149 38.24 -21.20 -47.69
N SER C 150 38.41 -21.11 -46.37
CA SER C 150 38.86 -22.26 -45.59
C SER C 150 37.81 -23.35 -45.57
N GLY C 151 36.57 -22.99 -45.27
CA GLY C 151 35.51 -23.99 -45.30
C GLY C 151 35.28 -24.55 -46.69
N ILE C 152 35.31 -23.69 -47.71
CA ILE C 152 35.14 -24.16 -49.08
C ILE C 152 36.21 -25.19 -49.43
N ALA C 153 37.45 -24.94 -49.01
CA ALA C 153 38.52 -25.90 -49.26
C ALA C 153 38.26 -27.24 -48.60
N VAL C 154 37.77 -27.22 -47.36
CA VAL C 154 37.48 -28.47 -46.67
C VAL C 154 36.32 -29.19 -47.36
N CYS C 155 35.27 -28.45 -47.72
CA CYS C 155 34.15 -29.06 -48.47
C CYS C 155 34.66 -29.76 -49.72
N LYS C 156 35.55 -29.10 -50.45
CA LYS C 156 36.02 -29.64 -51.73
C LYS C 156 36.71 -30.99 -51.55
N VAL C 157 37.43 -31.18 -50.44
CA VAL C 157 38.11 -32.45 -50.23
C VAL C 157 37.11 -33.56 -49.90
N LEU C 158 36.07 -33.25 -49.12
CA LEU C 158 35.08 -34.26 -48.78
C LEU C 158 34.36 -34.78 -50.02
N HIS C 159 34.29 -33.98 -51.08
CA HIS C 159 33.64 -34.38 -52.32
C HIS C 159 34.47 -35.40 -53.10
N LEU C 160 35.73 -35.60 -52.72
CA LEU C 160 36.62 -36.50 -53.45
C LEU C 160 36.15 -37.95 -53.35
N GLU C 161 36.50 -38.72 -54.38
CA GLU C 161 36.03 -40.10 -54.50
C GLU C 161 36.53 -40.92 -53.32
N GLY C 162 35.64 -41.68 -52.70
CA GLY C 162 36.03 -42.52 -51.58
C GLY C 162 36.46 -41.79 -50.34
N GLU C 163 36.22 -40.48 -50.25
CA GLU C 163 36.66 -39.71 -49.09
C GLU C 163 35.66 -39.80 -47.94
N VAL C 164 34.36 -39.77 -48.26
CA VAL C 164 33.33 -39.87 -47.23
C VAL C 164 33.45 -41.17 -46.44
N ASN C 165 33.82 -42.26 -47.11
CA ASN C 165 33.97 -43.53 -46.42
C ASN C 165 35.01 -43.42 -45.31
N LYS C 166 36.10 -42.71 -45.59
CA LYS C 166 37.11 -42.46 -44.57
C LYS C 166 36.49 -41.74 -43.37
N ILE C 167 35.65 -40.74 -43.63
CA ILE C 167 34.99 -40.02 -42.55
C ILE C 167 34.03 -40.94 -41.81
N LYS C 168 33.18 -41.66 -42.56
CA LYS C 168 32.15 -42.50 -41.95
C LYS C 168 32.76 -43.58 -41.06
N ASN C 169 33.77 -44.28 -41.57
CA ASN C 169 34.33 -45.40 -40.85
C ASN C 169 35.05 -44.98 -39.58
N ALA C 170 35.59 -43.76 -39.54
CA ALA C 170 36.28 -43.32 -38.33
C ALA C 170 35.29 -42.99 -37.22
N LEU C 171 34.13 -42.44 -37.56
CA LEU C 171 33.10 -42.11 -36.59
C LEU C 171 32.09 -43.24 -36.41
N LEU C 172 32.44 -44.46 -36.81
CA LEU C 172 31.49 -45.56 -36.69
C LEU C 172 31.42 -46.08 -35.26
N SER C 173 32.55 -46.13 -34.56
CA SER C 173 32.59 -46.66 -33.20
C SER C 173 32.51 -45.56 -32.13
N THR C 174 33.03 -44.37 -32.40
CA THR C 174 33.01 -43.27 -31.45
C THR C 174 32.41 -42.03 -32.13
N ASN C 175 32.15 -41.02 -31.33
CA ASN C 175 31.55 -39.77 -31.80
C ASN C 175 32.57 -38.65 -31.97
N LYS C 176 33.86 -38.95 -31.85
CA LYS C 176 34.93 -37.96 -31.98
C LYS C 176 36.10 -38.65 -32.64
N ALA C 177 36.57 -38.11 -33.76
CA ALA C 177 37.68 -38.72 -34.46
C ALA C 177 38.45 -37.65 -35.23
N VAL C 178 39.74 -37.90 -35.40
CA VAL C 178 40.58 -37.11 -36.28
C VAL C 178 40.79 -37.91 -37.55
N VAL C 179 40.39 -37.34 -38.69
CA VAL C 179 40.48 -38.03 -39.97
C VAL C 179 41.52 -37.35 -40.83
N SER C 180 42.36 -38.16 -41.46
CA SER C 180 43.35 -37.68 -42.41
C SER C 180 42.73 -37.73 -43.79
N LEU C 181 42.53 -36.56 -44.39
CA LEU C 181 42.00 -36.49 -45.74
C LEU C 181 43.11 -36.81 -46.74
N SER C 182 42.69 -37.10 -47.98
CA SER C 182 43.64 -37.53 -49.00
C SER C 182 44.72 -36.48 -49.27
N ASN C 183 44.41 -35.20 -49.05
CA ASN C 183 45.39 -34.16 -49.32
C ASN C 183 46.52 -34.19 -48.29
N GLY C 184 46.19 -34.11 -47.00
CA GLY C 184 47.19 -34.10 -45.96
C GLY C 184 46.68 -33.56 -44.64
N VAL C 185 45.42 -33.17 -44.60
CA VAL C 185 44.87 -32.38 -43.51
C VAL C 185 44.06 -33.27 -42.58
N SER C 186 44.33 -33.13 -41.28
CA SER C 186 43.58 -33.81 -40.23
C SER C 186 42.52 -32.85 -39.69
N VAL C 187 41.28 -33.32 -39.64
CA VAL C 187 40.16 -32.48 -39.24
C VAL C 187 39.40 -33.20 -38.11
N LEU C 188 38.94 -32.42 -37.15
CA LEU C 188 38.09 -32.97 -36.09
C LEU C 188 36.71 -33.27 -36.64
N THR C 189 36.22 -34.48 -36.39
CA THR C 189 34.92 -34.90 -36.85
C THR C 189 34.04 -35.36 -35.68
N PHE C 190 32.74 -35.17 -35.84
CA PHE C 190 31.78 -35.22 -34.74
C PHE C 190 30.49 -35.80 -35.26
N LYS C 191 30.06 -36.94 -34.73
CA LYS C 191 28.72 -37.45 -35.00
C LYS C 191 27.81 -36.99 -33.85
N VAL C 192 26.89 -36.07 -34.16
CA VAL C 192 26.01 -35.49 -33.14
C VAL C 192 24.71 -36.27 -33.02
N LEU C 193 23.99 -36.43 -34.13
CA LEU C 193 22.76 -37.21 -34.15
C LEU C 193 22.99 -38.50 -34.93
N ASP C 194 22.56 -39.61 -34.36
CA ASP C 194 22.52 -40.89 -35.08
C ASP C 194 21.03 -41.20 -35.26
N LEU C 195 20.46 -40.69 -36.34
CA LEU C 195 19.08 -40.98 -36.65
C LEU C 195 18.92 -42.32 -37.34
N LYS C 196 20.00 -42.79 -37.98
CA LYS C 196 20.01 -44.07 -38.67
C LYS C 196 19.64 -45.20 -37.71
N SER C 197 20.41 -45.34 -36.63
CA SER C 197 20.16 -46.42 -35.68
C SER C 197 18.82 -46.27 -34.98
N TYR C 198 18.29 -45.04 -34.90
CA TYR C 198 16.95 -44.85 -34.36
C TYR C 198 15.88 -45.35 -35.32
N ILE C 199 15.95 -44.96 -36.59
CA ILE C 199 14.91 -45.30 -37.55
C ILE C 199 14.86 -46.80 -37.80
N ASN C 200 16.02 -47.45 -37.88
CA ASN C 200 16.08 -48.84 -38.31
C ASN C 200 15.66 -49.82 -37.21
N ASN C 201 15.98 -49.53 -35.96
CA ASN C 201 15.81 -50.54 -34.91
C ASN C 201 14.73 -50.21 -33.89
N GLN C 202 14.17 -49.02 -33.92
CA GLN C 202 13.09 -48.71 -32.98
C GLN C 202 11.81 -48.23 -33.67
N LEU C 203 11.93 -47.44 -34.74
CA LEU C 203 10.74 -46.85 -35.35
C LEU C 203 10.18 -47.73 -36.48
N LEU C 204 10.99 -48.01 -37.48
CA LEU C 204 10.54 -48.83 -38.60
C LEU C 204 9.97 -50.17 -38.18
N PRO C 205 10.55 -50.90 -37.22
CA PRO C 205 9.88 -52.13 -36.75
C PRO C 205 8.51 -51.88 -36.14
N ILE C 206 8.38 -50.85 -35.29
CA ILE C 206 7.08 -50.54 -34.69
C ILE C 206 6.04 -50.28 -35.77
N LEU C 207 6.42 -49.56 -36.82
CA LEU C 207 5.46 -49.17 -37.85
C LEU C 207 4.93 -50.38 -38.59
N ASN C 208 5.85 -51.27 -38.97
CA ASN C 208 5.50 -52.38 -39.85
C ASN C 208 4.53 -53.36 -39.19
N GLN C 209 4.53 -53.42 -37.86
CA GLN C 209 3.82 -54.50 -37.18
C GLN C 209 2.31 -54.47 -37.43
N GLN C 210 1.68 -53.31 -37.29
CA GLN C 210 0.23 -53.25 -37.46
C GLN C 210 -0.19 -52.46 -38.69
N SER C 211 0.63 -52.46 -39.74
CA SER C 211 0.33 -51.73 -40.98
C SER C 211 0.06 -50.25 -40.68
N CYS C 212 0.99 -49.64 -39.93
CA CYS C 212 1.10 -48.22 -39.62
C CYS C 212 0.17 -47.71 -38.51
N ARG C 213 -0.57 -48.58 -37.83
CA ARG C 213 -1.41 -48.17 -36.71
C ARG C 213 -0.62 -48.22 -35.40
N ILE C 214 -0.14 -47.06 -34.96
CA ILE C 214 0.66 -46.93 -33.74
C ILE C 214 -0.25 -46.84 -32.51
N SER C 215 -0.22 -47.89 -31.66
CA SER C 215 -1.09 -47.91 -30.49
C SER C 215 -0.68 -46.87 -29.45
N ASN C 216 0.60 -46.52 -29.38
CA ASN C 216 1.11 -45.59 -28.37
C ASN C 216 1.46 -44.31 -29.10
N ILE C 217 0.67 -43.26 -28.88
CA ILE C 217 0.92 -41.99 -29.54
C ILE C 217 2.29 -41.44 -29.16
N GLU C 218 2.89 -42.00 -28.11
CA GLU C 218 4.20 -41.56 -27.66
C GLU C 218 5.24 -41.74 -28.76
N THR C 219 5.07 -42.77 -29.59
CA THR C 219 6.05 -43.05 -30.62
C THR C 219 6.13 -41.89 -31.61
N VAL C 220 4.98 -41.36 -32.04
CA VAL C 220 5.00 -40.24 -32.97
C VAL C 220 5.59 -39.00 -32.31
N ILE C 221 5.31 -38.80 -31.02
CA ILE C 221 5.85 -37.65 -30.31
C ILE C 221 7.35 -37.79 -30.16
N GLU C 222 7.82 -38.98 -29.81
CA GLU C 222 9.26 -39.22 -29.74
C GLU C 222 9.90 -39.03 -31.10
N PHE C 223 9.27 -39.53 -32.16
CA PHE C 223 9.85 -39.37 -33.48
C PHE C 223 9.94 -37.91 -33.87
N GLN C 224 8.84 -37.16 -33.67
CA GLN C 224 8.87 -35.75 -34.04
C GLN C 224 9.88 -34.99 -33.19
N GLN C 225 10.07 -35.40 -31.94
CA GLN C 225 11.13 -34.79 -31.12
C GLN C 225 12.51 -35.23 -31.60
N LYS C 226 12.68 -36.53 -31.88
CA LYS C 226 13.94 -37.00 -32.43
C LYS C 226 14.21 -36.38 -33.80
N ASN C 227 13.15 -36.12 -34.56
CA ASN C 227 13.29 -35.55 -35.89
C ASN C 227 13.43 -34.03 -35.88
N SER C 228 13.17 -33.38 -34.75
CA SER C 228 13.11 -31.92 -34.73
C SER C 228 14.45 -31.29 -35.07
N ARG C 229 15.53 -31.78 -34.48
CA ARG C 229 16.83 -31.12 -34.67
C ARG C 229 17.26 -31.15 -36.12
N LEU C 230 16.99 -32.25 -36.83
CA LEU C 230 17.33 -32.31 -38.24
C LEU C 230 16.56 -31.27 -39.05
N LEU C 231 15.25 -31.16 -38.80
CA LEU C 231 14.42 -30.25 -39.57
C LEU C 231 14.80 -28.80 -39.31
N GLU C 232 15.15 -28.46 -38.07
CA GLU C 232 15.47 -27.07 -37.78
C GLU C 232 16.78 -26.67 -38.44
N ILE C 233 17.77 -27.57 -38.41
CA ILE C 233 19.03 -27.33 -39.11
C ILE C 233 18.78 -27.13 -40.60
N THR C 234 17.93 -27.98 -41.18
CA THR C 234 17.60 -27.83 -42.59
C THR C 234 16.99 -26.47 -42.87
N ARG C 235 16.06 -26.03 -42.03
CA ARG C 235 15.36 -24.78 -42.27
C ARG C 235 16.31 -23.59 -42.29
N GLU C 236 17.27 -23.54 -41.35
CA GLU C 236 18.25 -22.46 -41.38
C GLU C 236 19.04 -22.46 -42.67
N PHE C 237 19.53 -23.63 -43.08
CA PHE C 237 20.21 -23.75 -44.36
C PHE C 237 19.29 -23.41 -45.54
N SER C 238 17.99 -23.74 -45.41
CA SER C 238 17.03 -23.53 -46.50
C SER C 238 16.70 -22.08 -46.73
N VAL C 239 16.99 -21.21 -45.76
CA VAL C 239 16.70 -19.79 -45.88
C VAL C 239 17.97 -18.97 -46.01
N ASN C 240 19.15 -19.57 -45.82
CA ASN C 240 20.41 -18.82 -45.78
C ASN C 240 21.43 -19.29 -46.81
N ALA C 241 21.00 -20.02 -47.83
CA ALA C 241 21.88 -20.49 -48.91
C ALA C 241 23.04 -21.32 -48.40
N GLY C 242 22.76 -22.23 -47.49
CA GLY C 242 23.77 -23.17 -47.05
C GLY C 242 24.89 -22.61 -46.21
N VAL C 243 24.86 -21.32 -45.90
CA VAL C 243 25.89 -20.66 -45.09
C VAL C 243 25.18 -19.85 -44.02
N THR C 244 25.30 -20.26 -42.76
CA THR C 244 24.66 -19.55 -41.68
C THR C 244 25.69 -18.85 -40.81
N THR C 245 25.33 -17.66 -40.34
CA THR C 245 26.11 -16.94 -39.35
C THR C 245 25.18 -15.95 -38.69
N PRO C 246 25.22 -15.80 -37.36
CA PRO C 246 26.07 -16.57 -36.45
C PRO C 246 25.71 -18.06 -36.35
N LEU C 247 26.56 -18.80 -35.64
CA LEU C 247 26.40 -20.25 -35.48
C LEU C 247 25.28 -20.54 -34.50
N SER C 248 24.20 -21.15 -35.00
CA SER C 248 23.05 -21.38 -34.15
C SER C 248 23.33 -22.48 -33.13
N THR C 249 22.43 -22.60 -32.15
CA THR C 249 22.52 -23.68 -31.18
C THR C 249 22.03 -25.01 -31.75
N TYR C 250 21.24 -24.98 -32.82
CA TYR C 250 20.85 -26.19 -33.53
C TYR C 250 22.00 -26.72 -34.36
N MET C 251 22.83 -25.82 -34.89
CA MET C 251 24.02 -26.23 -35.60
C MET C 251 24.99 -26.93 -34.67
N LEU C 252 25.23 -26.33 -33.50
CA LEU C 252 26.23 -26.81 -32.55
C LEU C 252 25.78 -26.37 -31.16
N THR C 253 25.39 -27.32 -30.33
CA THR C 253 24.94 -26.99 -28.97
C THR C 253 26.10 -26.43 -28.15
N ASN C 254 25.73 -25.76 -27.05
CA ASN C 254 26.75 -25.20 -26.16
C ASN C 254 27.65 -26.30 -25.59
N SER C 255 27.07 -27.45 -25.26
CA SER C 255 27.86 -28.57 -24.74
C SER C 255 28.88 -29.05 -25.77
N GLU C 256 28.45 -29.20 -27.03
CA GLU C 256 29.36 -29.63 -28.09
C GLU C 256 30.42 -28.58 -28.36
N LEU C 257 30.06 -27.29 -28.28
CA LEU C 257 31.00 -26.23 -28.63
C LEU C 257 32.17 -26.17 -27.64
N LEU C 258 31.88 -26.16 -26.34
CA LEU C 258 32.98 -26.16 -25.36
C LEU C 258 33.86 -27.39 -25.56
N SER C 259 33.25 -28.52 -25.89
CA SER C 259 34.02 -29.73 -26.13
C SER C 259 34.85 -29.59 -27.41
N LEU C 260 34.28 -28.99 -28.45
CA LEU C 260 35.05 -28.73 -29.66
C LEU C 260 36.11 -27.66 -29.39
N ILE C 261 35.77 -26.65 -28.57
CA ILE C 261 36.76 -25.66 -28.16
C ILE C 261 37.90 -26.33 -27.40
N ASN C 262 37.57 -27.24 -26.49
CA ASN C 262 38.59 -27.88 -25.68
C ASN C 262 39.52 -28.73 -26.53
N ASP C 263 39.08 -29.15 -27.71
CA ASP C 263 39.88 -29.99 -28.59
C ASP C 263 40.59 -29.20 -29.67
N MET C 264 40.47 -27.87 -29.70
CA MET C 264 41.16 -27.14 -30.74
C MET C 264 42.63 -26.95 -30.39
N PRO C 265 43.52 -26.95 -31.41
CA PRO C 265 44.97 -26.82 -31.14
C PRO C 265 45.36 -25.41 -30.73
N ILE C 266 45.02 -25.02 -29.51
CA ILE C 266 45.30 -23.67 -29.01
C ILE C 266 45.78 -23.74 -27.56
N THR C 267 46.22 -22.59 -27.05
CA THR C 267 46.65 -22.44 -25.67
C THR C 267 45.47 -22.64 -24.72
N ASN C 268 45.75 -23.01 -23.47
CA ASN C 268 44.68 -23.06 -22.48
C ASN C 268 44.13 -21.68 -22.22
N ASP C 269 44.96 -20.66 -22.40
CA ASP C 269 44.46 -19.29 -22.36
C ASP C 269 43.42 -19.06 -23.45
N GLN C 270 43.65 -19.60 -24.65
CA GLN C 270 42.69 -19.42 -25.74
C GLN C 270 41.41 -20.20 -25.50
N LYS C 271 41.51 -21.45 -25.05
CA LYS C 271 40.33 -22.26 -24.76
C LYS C 271 39.45 -21.62 -23.70
N LYS C 272 40.05 -21.18 -22.59
CA LYS C 272 39.29 -20.60 -21.50
C LYS C 272 38.54 -19.35 -21.94
N LEU C 273 39.22 -18.50 -22.72
CA LEU C 273 38.59 -17.28 -23.22
C LEU C 273 37.37 -17.60 -24.07
N MET C 274 37.53 -18.52 -25.03
CA MET C 274 36.41 -18.86 -25.91
C MET C 274 35.30 -19.55 -25.13
N SER C 275 35.67 -20.41 -24.18
CA SER C 275 34.67 -21.12 -23.41
C SER C 275 33.92 -20.17 -22.48
N SER C 276 34.56 -19.10 -22.04
CA SER C 276 33.89 -18.14 -21.17
C SER C 276 33.02 -17.17 -21.96
N ASN C 277 33.22 -17.05 -23.26
CA ASN C 277 32.48 -16.13 -24.10
C ASN C 277 31.99 -16.84 -25.37
N VAL C 278 31.43 -18.04 -25.19
CA VAL C 278 30.93 -18.83 -26.31
C VAL C 278 29.90 -18.05 -27.12
N GLN C 279 29.27 -17.05 -26.51
CA GLN C 279 28.27 -16.27 -27.21
C GLN C 279 28.89 -15.45 -28.34
N ILE C 280 30.05 -14.85 -28.09
CA ILE C 280 30.73 -14.08 -29.14
C ILE C 280 31.31 -15.01 -30.20
N VAL C 281 31.88 -16.14 -29.77
CA VAL C 281 32.39 -17.13 -30.71
C VAL C 281 31.29 -17.47 -31.71
N ARG C 282 30.08 -17.68 -31.21
CA ARG C 282 28.96 -17.99 -32.08
C ARG C 282 28.79 -16.92 -33.16
N GLN C 283 28.95 -15.65 -32.80
CA GLN C 283 28.69 -14.58 -33.77
C GLN C 283 29.77 -14.46 -34.83
N GLN C 284 30.98 -14.96 -34.58
CA GLN C 284 32.05 -14.91 -35.56
C GLN C 284 32.29 -16.25 -36.26
N SER C 285 31.31 -17.16 -36.20
CA SER C 285 31.43 -18.48 -36.78
C SER C 285 30.54 -18.62 -38.01
N TYR C 286 30.87 -19.62 -38.82
CA TYR C 286 30.11 -19.98 -40.00
C TYR C 286 29.71 -21.44 -39.94
N SER C 287 28.59 -21.76 -40.60
CA SER C 287 28.19 -23.14 -40.83
C SER C 287 28.03 -23.31 -42.33
N ILE C 288 28.80 -24.24 -42.91
CA ILE C 288 28.80 -24.49 -44.35
C ILE C 288 28.34 -25.91 -44.61
N MET C 289 27.20 -26.03 -45.28
CA MET C 289 26.66 -27.29 -45.73
C MET C 289 27.54 -27.86 -46.85
N CYS C 290 27.78 -29.17 -46.85
CA CYS C 290 28.70 -29.75 -47.83
C CYS C 290 28.10 -30.89 -48.64
N ILE C 291 27.65 -31.98 -48.01
CA ILE C 291 27.34 -33.20 -48.73
C ILE C 291 26.36 -34.06 -47.95
N ILE C 292 25.51 -34.76 -48.70
CA ILE C 292 24.72 -35.87 -48.19
C ILE C 292 24.93 -37.00 -49.17
N LYS C 293 25.85 -37.90 -48.85
CA LYS C 293 26.14 -39.01 -49.74
C LYS C 293 26.49 -40.23 -48.88
N GLU C 294 26.09 -41.40 -49.35
CA GLU C 294 26.26 -42.66 -48.63
C GLU C 294 25.69 -42.52 -47.21
N GLU C 295 24.37 -42.35 -47.16
CA GLU C 295 23.58 -42.29 -45.94
C GLU C 295 24.26 -41.54 -44.80
N VAL C 296 25.08 -40.53 -45.11
CA VAL C 296 25.75 -39.74 -44.09
C VAL C 296 25.62 -38.27 -44.48
N LEU C 297 25.15 -37.47 -43.54
CA LEU C 297 25.04 -36.04 -43.72
C LEU C 297 26.12 -35.32 -42.93
N ALA C 298 26.82 -34.41 -43.59
CA ALA C 298 27.91 -33.68 -42.97
C ALA C 298 27.90 -32.22 -43.40
N TYR C 299 28.18 -31.33 -42.45
CA TYR C 299 28.40 -29.91 -42.71
C TYR C 299 29.67 -29.50 -41.99
N VAL C 300 30.35 -28.48 -42.52
CA VAL C 300 31.61 -27.99 -41.96
C VAL C 300 31.34 -26.80 -41.05
N VAL C 301 31.82 -26.88 -39.81
CA VAL C 301 31.76 -25.77 -38.87
C VAL C 301 33.12 -25.08 -38.88
N GLN C 302 33.09 -23.79 -39.15
CA GLN C 302 34.30 -22.97 -39.25
C GLN C 302 34.31 -22.02 -38.05
N LEU C 303 35.12 -22.34 -37.06
CA LEU C 303 35.19 -21.53 -35.85
C LEU C 303 36.38 -20.58 -35.93
N PRO C 304 36.31 -19.42 -35.28
CA PRO C 304 37.46 -18.51 -35.27
C PRO C 304 38.58 -19.01 -34.35
N ILE C 305 39.79 -18.55 -34.65
CA ILE C 305 40.97 -18.84 -33.82
C ILE C 305 41.58 -17.51 -33.41
N TYR C 306 41.74 -17.34 -32.11
CA TYR C 306 42.23 -16.08 -31.55
C TYR C 306 43.71 -16.23 -31.25
N GLY C 307 44.55 -15.81 -32.21
CA GLY C 307 45.99 -15.89 -32.03
C GLY C 307 46.61 -14.75 -31.25
N VAL C 308 45.90 -13.64 -31.11
CA VAL C 308 46.41 -12.46 -30.42
C VAL C 308 45.48 -12.16 -29.25
N ILE C 309 46.00 -12.25 -28.04
CA ILE C 309 45.19 -12.12 -26.83
C ILE C 309 45.84 -11.14 -25.87
N ASP C 310 45.02 -10.32 -25.22
CA ASP C 310 45.40 -9.51 -24.06
C ASP C 310 46.43 -8.44 -24.39
N THR C 311 46.46 -7.98 -25.61
CA THR C 311 47.29 -6.82 -25.89
C THR C 311 46.46 -5.55 -25.73
N PRO C 312 47.11 -4.42 -25.48
CA PRO C 312 46.38 -3.17 -25.26
C PRO C 312 45.50 -2.75 -26.43
N CYS C 313 44.30 -2.25 -26.12
CA CYS C 313 43.33 -1.78 -27.10
C CYS C 313 42.68 -0.51 -26.60
N TRP C 314 42.50 0.46 -27.49
CA TRP C 314 41.94 1.75 -27.12
C TRP C 314 41.06 2.23 -28.26
N LYS C 315 40.12 3.11 -27.94
CA LYS C 315 39.18 3.61 -28.93
C LYS C 315 39.33 5.10 -29.15
N LEU C 316 39.32 5.52 -30.41
CA LEU C 316 39.36 6.92 -30.77
C LEU C 316 38.01 7.31 -31.36
N HIS C 317 37.32 8.25 -30.71
CA HIS C 317 36.08 8.83 -31.22
C HIS C 317 36.37 10.20 -31.79
N THR C 318 35.71 10.53 -32.91
CA THR C 318 35.90 11.82 -33.53
C THR C 318 34.57 12.49 -33.79
N SER C 319 34.60 13.81 -33.81
CA SER C 319 33.42 14.64 -34.01
C SER C 319 33.89 15.91 -34.68
N PRO C 320 33.05 16.53 -35.52
CA PRO C 320 33.51 17.70 -36.26
C PRO C 320 33.88 18.86 -35.35
N LEU C 321 34.98 19.53 -35.67
CA LEU C 321 35.46 20.67 -34.91
C LEU C 321 35.41 21.88 -35.83
N CYS C 322 34.48 22.80 -35.55
CA CYS C 322 34.26 23.97 -36.36
C CYS C 322 34.41 25.23 -35.52
N THR C 323 34.73 26.34 -36.19
CA THR C 323 34.71 27.60 -35.48
C THR C 323 33.27 28.00 -35.17
N THR C 324 33.12 28.86 -34.16
CA THR C 324 31.84 29.35 -33.70
C THR C 324 31.86 30.84 -33.90
N ASN C 325 31.61 31.27 -35.13
CA ASN C 325 31.61 32.68 -35.42
C ASN C 325 30.19 33.20 -35.54
N ILE C 326 30.04 34.49 -35.21
CA ILE C 326 28.74 35.14 -35.21
C ILE C 326 28.24 35.30 -36.63
N LYS C 327 29.17 35.46 -37.59
CA LYS C 327 28.83 35.63 -38.99
C LYS C 327 28.27 34.32 -39.52
N GLU C 328 27.20 34.42 -40.32
CA GLU C 328 26.39 33.25 -40.64
C GLU C 328 27.17 32.18 -41.40
N GLY C 329 27.86 32.58 -42.47
CA GLY C 329 28.46 31.60 -43.35
C GLY C 329 29.94 31.37 -43.22
N SER C 330 30.64 32.13 -42.38
CA SER C 330 32.10 32.07 -42.33
C SER C 330 32.60 31.22 -41.16
N ASN C 331 32.31 29.93 -41.24
CA ASN C 331 32.88 28.95 -40.32
C ASN C 331 33.54 27.85 -41.13
N ILE C 332 34.56 27.22 -40.53
CA ILE C 332 35.38 26.21 -41.17
C ILE C 332 35.43 25.00 -40.24
N CYS C 333 35.42 23.79 -40.81
CA CYS C 333 35.31 22.58 -40.01
C CYS C 333 36.45 21.63 -40.31
N LEU C 334 36.69 20.75 -39.34
CA LEU C 334 37.81 19.81 -39.36
C LEU C 334 37.40 18.60 -38.53
N THR C 335 37.63 17.40 -39.05
CA THR C 335 37.26 16.18 -38.38
C THR C 335 38.32 15.11 -38.60
N ARG C 336 38.76 14.51 -37.50
CA ARG C 336 39.67 13.37 -37.58
C ARG C 336 38.95 12.17 -38.19
N THR C 337 39.56 11.55 -39.19
CA THR C 337 38.97 10.38 -39.85
C THR C 337 39.46 9.07 -39.27
N ASP C 338 40.38 9.10 -38.30
CA ASP C 338 40.96 7.89 -37.75
C ASP C 338 40.13 7.28 -36.63
N ARG C 339 38.80 7.39 -36.70
CA ARG C 339 37.96 6.76 -35.70
C ARG C 339 38.02 5.25 -35.86
N GLY C 340 37.89 4.55 -34.74
CA GLY C 340 37.84 3.11 -34.76
C GLY C 340 38.59 2.50 -33.60
N TRP C 341 38.84 1.20 -33.73
CA TRP C 341 39.50 0.42 -32.70
C TRP C 341 40.99 0.33 -32.99
N TYR C 342 41.79 0.36 -31.93
CA TYR C 342 43.24 0.26 -32.04
C TYR C 342 43.73 -0.77 -31.03
N CYS C 343 44.30 -1.88 -31.52
CA CYS C 343 44.95 -2.84 -30.65
C CYS C 343 46.40 -3.01 -31.06
N ASP C 344 47.29 -3.05 -30.06
CA ASP C 344 48.67 -3.43 -30.30
C ASP C 344 48.72 -4.89 -30.74
N ASN C 345 49.59 -5.19 -31.70
CA ASN C 345 49.73 -6.55 -32.21
C ASN C 345 51.08 -6.63 -32.91
N ALA C 346 51.99 -7.41 -32.34
CA ALA C 346 53.29 -7.69 -32.96
C ALA C 346 54.04 -6.40 -33.27
N GLY C 347 54.06 -5.49 -32.29
CA GLY C 347 54.77 -4.24 -32.41
C GLY C 347 54.08 -3.16 -33.20
N SER C 348 52.96 -3.45 -33.84
CA SER C 348 52.20 -2.49 -34.60
C SER C 348 50.84 -2.28 -33.96
N VAL C 349 49.94 -1.60 -34.67
CA VAL C 349 48.58 -1.38 -34.20
C VAL C 349 47.62 -1.90 -35.26
N SER C 350 46.72 -2.77 -34.83
CA SER C 350 45.63 -3.27 -35.68
C SER C 350 44.46 -2.30 -35.59
N PHE C 351 44.05 -1.76 -36.74
CA PHE C 351 43.06 -0.69 -36.82
C PHE C 351 41.78 -1.22 -37.47
N PHE C 352 40.66 -1.10 -36.76
CA PHE C 352 39.35 -1.52 -37.28
C PHE C 352 38.44 -0.30 -37.40
N PRO C 353 38.21 0.23 -38.61
CA PRO C 353 37.52 1.52 -38.74
C PRO C 353 36.04 1.52 -38.40
N GLN C 354 35.29 0.55 -38.92
CA GLN C 354 33.85 0.55 -38.73
C GLN C 354 33.48 0.04 -37.34
N ALA C 355 32.47 0.69 -36.75
CA ALA C 355 32.17 0.48 -35.34
C ALA C 355 31.62 -0.92 -35.08
N ASP C 356 30.79 -1.42 -35.98
CA ASP C 356 30.09 -2.68 -35.77
C ASP C 356 30.89 -3.90 -36.19
N THR C 357 32.18 -3.73 -36.53
CA THR C 357 33.02 -4.89 -36.82
C THR C 357 33.56 -5.53 -35.56
N CYS C 358 33.48 -4.84 -34.42
CA CYS C 358 33.97 -5.36 -33.15
C CYS C 358 32.87 -5.39 -32.11
N LYS C 359 32.92 -6.39 -31.24
CA LYS C 359 31.99 -6.57 -30.13
C LYS C 359 32.77 -6.61 -28.81
N VAL C 360 32.31 -5.85 -27.82
CA VAL C 360 33.02 -5.67 -26.55
C VAL C 360 32.31 -6.46 -25.46
N GLN C 361 33.09 -7.21 -24.69
CA GLN C 361 32.60 -7.90 -23.50
C GLN C 361 33.48 -7.49 -22.33
N SER C 362 32.91 -6.76 -21.38
CA SER C 362 33.65 -6.27 -20.22
C SER C 362 34.84 -5.41 -20.67
N ASN C 363 36.06 -5.96 -20.62
CA ASN C 363 37.24 -5.23 -21.05
C ASN C 363 37.90 -5.80 -22.30
N ARG C 364 37.35 -6.86 -22.87
CA ARG C 364 37.92 -7.47 -24.07
C ARG C 364 37.17 -7.08 -25.33
N VAL C 365 37.92 -6.80 -26.37
CA VAL C 365 37.41 -6.42 -27.69
C VAL C 365 37.62 -7.57 -28.65
N PHE C 366 36.54 -8.18 -29.12
CA PHE C 366 36.61 -9.27 -30.08
C PHE C 366 36.48 -8.70 -31.49
N CYS C 367 37.56 -8.78 -32.28
CA CYS C 367 37.59 -8.22 -33.61
C CYS C 367 38.07 -9.26 -34.63
N ASP C 368 37.86 -8.94 -35.90
CA ASP C 368 38.30 -9.78 -37.01
C ASP C 368 39.35 -9.01 -37.79
N THR C 369 40.58 -9.55 -37.85
CA THR C 369 41.67 -8.86 -38.52
C THR C 369 41.40 -8.66 -40.00
N MET C 370 40.51 -9.44 -40.61
CA MET C 370 40.24 -9.25 -42.03
C MET C 370 39.71 -7.86 -42.33
N ASN C 371 39.04 -7.22 -41.37
CA ASN C 371 38.53 -5.87 -41.52
C ASN C 371 39.48 -4.83 -40.94
N SER C 372 40.79 -5.07 -40.99
CA SER C 372 41.75 -4.19 -40.35
C SER C 372 42.88 -3.83 -41.30
N LEU C 373 43.52 -2.71 -41.01
CA LEU C 373 44.80 -2.31 -41.58
C LEU C 373 45.85 -2.38 -40.49
N THR C 374 47.11 -2.53 -40.91
CA THR C 374 48.22 -2.64 -39.97
C THR C 374 49.00 -1.32 -39.98
N LEU C 375 48.96 -0.61 -38.86
CA LEU C 375 49.56 0.70 -38.75
C LEU C 375 50.67 0.69 -37.71
N PRO C 376 51.66 1.57 -37.86
CA PRO C 376 52.71 1.69 -36.86
C PRO C 376 52.20 2.22 -35.53
N SER C 377 52.97 1.92 -34.47
CA SER C 377 52.64 2.38 -33.12
C SER C 377 52.62 3.89 -33.02
N GLU C 378 53.28 4.59 -33.95
CA GLU C 378 53.32 6.05 -33.95
C GLU C 378 51.97 6.67 -34.28
N VAL C 379 50.96 5.88 -34.65
CA VAL C 379 49.62 6.42 -34.90
C VAL C 379 49.05 7.11 -33.66
N SER C 380 49.44 6.64 -32.47
CA SER C 380 48.94 7.20 -31.20
C SER C 380 49.30 8.67 -31.02
N LEU C 381 50.31 9.18 -31.73
CA LEU C 381 50.71 10.57 -31.54
C LEU C 381 49.62 11.54 -32.01
N CYS C 382 48.77 11.11 -32.94
CA CYS C 382 47.68 11.97 -33.39
C CYS C 382 46.72 12.32 -32.27
N ASN C 383 46.68 11.51 -31.22
CA ASN C 383 45.82 11.80 -30.08
C ASN C 383 46.43 12.90 -29.21
N THR C 384 47.75 12.83 -28.98
CA THR C 384 48.42 13.80 -28.12
C THR C 384 48.97 14.99 -28.89
N ASP C 385 49.36 14.80 -30.15
CA ASP C 385 49.93 15.90 -30.95
C ASP C 385 49.51 15.67 -32.39
N ILE C 386 48.44 16.34 -32.82
CA ILE C 386 47.96 16.16 -34.17
C ILE C 386 48.94 16.71 -35.20
N PHE C 387 49.84 17.60 -34.78
CA PHE C 387 50.82 18.20 -35.68
C PHE C 387 52.16 17.48 -35.66
N ASN C 388 52.23 16.28 -35.08
CA ASN C 388 53.52 15.61 -34.97
C ASN C 388 54.14 15.34 -36.34
N SER C 389 55.47 15.40 -36.39
CA SER C 389 56.22 15.25 -37.62
C SER C 389 56.62 13.81 -37.90
N LYS C 390 56.04 12.85 -37.17
CA LYS C 390 56.38 11.44 -37.31
C LYS C 390 55.27 10.60 -37.90
N TYR C 391 54.01 11.06 -37.82
CA TYR C 391 52.90 10.41 -38.48
C TYR C 391 51.95 11.48 -38.99
N ASP C 392 51.50 11.29 -40.23
CA ASP C 392 50.65 12.26 -40.90
C ASP C 392 49.21 11.98 -40.51
N CYS C 393 48.67 12.75 -39.58
CA CYS C 393 47.34 12.48 -39.04
C CYS C 393 46.25 12.68 -40.10
N LYS C 394 45.33 11.72 -40.18
CA LYS C 394 44.29 11.71 -41.21
C LYS C 394 43.12 12.58 -40.79
N ILE C 395 42.66 13.43 -41.70
CA ILE C 395 41.63 14.42 -41.40
C ILE C 395 40.74 14.60 -42.61
N MET C 396 39.50 15.01 -42.35
CA MET C 396 38.61 15.46 -43.40
C MET C 396 38.22 16.90 -43.09
N THR C 397 37.88 17.64 -44.13
CA THR C 397 37.51 19.03 -43.98
C THR C 397 36.12 19.24 -44.56
N SER C 398 35.45 20.28 -44.07
CA SER C 398 34.12 20.62 -44.56
C SER C 398 33.87 22.08 -44.22
N LYS C 399 32.82 22.62 -44.85
CA LYS C 399 32.24 23.88 -44.43
C LYS C 399 30.82 23.64 -43.93
N THR C 400 30.53 22.39 -43.59
CA THR C 400 29.21 21.91 -43.18
C THR C 400 29.10 22.11 -41.67
N ASP C 401 28.53 23.23 -41.27
CA ASP C 401 28.49 23.61 -39.85
C ASP C 401 27.25 22.97 -39.24
N ILE C 402 27.35 21.67 -38.96
CA ILE C 402 26.25 20.87 -38.46
C ILE C 402 26.54 20.42 -37.04
N SER C 403 25.55 20.56 -36.17
CA SER C 403 25.67 20.10 -34.80
C SER C 403 25.37 18.61 -34.70
N SER C 404 26.12 17.92 -33.85
CA SER C 404 25.91 16.49 -33.63
C SER C 404 26.66 16.10 -32.35
N SER C 405 26.40 14.88 -31.88
CA SER C 405 27.09 14.37 -30.71
C SER C 405 27.47 12.91 -30.90
N VAL C 406 28.59 12.53 -30.30
CA VAL C 406 29.11 11.18 -30.34
C VAL C 406 29.23 10.68 -28.91
N ILE C 407 28.51 9.62 -28.59
CA ILE C 407 28.58 9.04 -27.26
C ILE C 407 29.84 8.19 -27.14
N THR C 408 30.63 8.47 -26.12
CA THR C 408 31.88 7.74 -25.92
C THR C 408 31.61 6.56 -24.99
N SER C 409 32.67 5.87 -24.61
CA SER C 409 32.53 4.77 -23.66
C SER C 409 32.26 5.30 -22.24
N LEU C 410 32.87 6.44 -21.89
CA LEU C 410 32.73 7.02 -20.55
C LEU C 410 32.15 8.44 -20.59
N GLY C 411 31.56 8.85 -21.70
CA GLY C 411 30.97 10.17 -21.77
C GLY C 411 30.34 10.47 -23.12
N ALA C 412 30.41 11.74 -23.54
CA ALA C 412 29.83 12.16 -24.81
C ALA C 412 30.61 13.36 -25.32
N ILE C 413 30.97 13.34 -26.59
CA ILE C 413 31.48 14.51 -27.27
C ILE C 413 30.29 15.23 -27.89
N VAL C 414 30.24 16.55 -27.74
CA VAL C 414 29.12 17.35 -28.22
C VAL C 414 29.67 18.45 -29.11
N SER C 415 29.29 18.43 -30.39
CA SER C 415 29.64 19.48 -31.34
C SER C 415 28.43 20.40 -31.49
N CYS C 416 28.49 21.57 -30.84
CA CYS C 416 27.37 22.51 -30.81
C CYS C 416 27.71 23.75 -31.62
N TYR C 417 26.94 23.99 -32.68
CA TYR C 417 27.19 25.09 -33.59
C TYR C 417 25.86 25.71 -34.02
N GLY C 418 25.95 26.93 -34.54
CA GLY C 418 24.78 27.62 -35.04
C GLY C 418 23.82 28.02 -33.91
N LYS C 419 22.54 27.97 -34.22
CA LYS C 419 21.50 28.30 -33.26
C LYS C 419 20.93 27.05 -32.59
N THR C 420 21.62 25.91 -32.72
CA THR C 420 21.13 24.66 -32.15
C THR C 420 21.26 24.69 -30.64
N LYS C 421 20.27 24.09 -29.96
CA LYS C 421 20.31 23.95 -28.51
C LYS C 421 20.93 22.60 -28.14
N CYS C 422 21.98 22.63 -27.33
CA CYS C 422 22.73 21.45 -26.90
C CYS C 422 22.79 21.43 -25.38
N THR C 423 22.43 20.30 -24.79
CA THR C 423 22.23 20.23 -23.34
C THR C 423 22.67 18.87 -22.81
N ALA C 424 23.24 18.88 -21.61
CA ALA C 424 23.53 17.65 -20.87
C ALA C 424 22.68 17.65 -19.60
N SER C 425 21.99 16.56 -19.36
CA SER C 425 20.99 16.47 -18.29
C SER C 425 21.22 15.21 -17.46
N ASN C 426 20.75 15.26 -16.22
CA ASN C 426 20.71 14.13 -15.32
C ASN C 426 19.27 13.70 -15.12
N LYS C 427 19.07 12.41 -14.86
CA LYS C 427 17.73 11.85 -14.73
C LYS C 427 17.03 12.32 -13.44
N ASN C 428 17.76 12.55 -12.36
CA ASN C 428 17.16 12.90 -11.08
C ASN C 428 17.09 14.40 -10.83
N ARG C 429 17.72 15.21 -11.67
CA ARG C 429 17.80 16.66 -11.44
C ARG C 429 17.43 17.48 -12.66
N GLY C 430 17.27 16.88 -13.84
CA GLY C 430 17.01 17.65 -15.03
C GLY C 430 18.28 18.18 -15.68
N ILE C 431 18.15 19.32 -16.33
CA ILE C 431 19.27 19.94 -17.03
C ILE C 431 20.36 20.29 -16.05
N ILE C 432 21.60 19.89 -16.35
CA ILE C 432 22.73 20.24 -15.50
C ILE C 432 23.81 21.02 -16.24
N LYS C 433 23.92 20.92 -17.57
CA LYS C 433 24.92 21.70 -18.29
C LYS C 433 24.33 22.24 -19.59
N THR C 434 24.59 23.51 -19.85
CA THR C 434 24.22 24.17 -21.10
C THR C 434 25.49 24.37 -21.91
N PHE C 435 25.53 23.79 -23.11
CA PHE C 435 26.73 23.87 -23.92
C PHE C 435 26.79 25.20 -24.68
N SER C 436 27.93 25.88 -24.55
CA SER C 436 28.25 27.02 -25.40
C SER C 436 28.73 26.51 -26.77
N ASN C 437 28.73 27.41 -27.74
CA ASN C 437 29.11 27.05 -29.09
C ASN C 437 30.55 26.57 -29.14
N GLY C 438 30.79 25.46 -29.82
CA GLY C 438 32.07 24.81 -29.93
C GLY C 438 31.96 23.33 -29.65
N CYS C 439 33.10 22.65 -29.61
CA CYS C 439 33.13 21.24 -29.25
C CYS C 439 33.62 21.10 -27.81
N ASP C 440 32.84 20.38 -27.00
CA ASP C 440 33.07 20.26 -25.57
C ASP C 440 32.81 18.80 -25.18
N TYR C 441 32.96 18.51 -23.89
CA TYR C 441 32.88 17.13 -23.42
C TYR C 441 32.44 17.12 -21.96
N VAL C 442 31.67 16.09 -21.60
CA VAL C 442 31.18 15.92 -20.24
C VAL C 442 31.34 14.46 -19.84
N SER C 443 31.67 14.23 -18.57
CA SER C 443 31.83 12.88 -18.07
C SER C 443 30.47 12.24 -17.76
N ASN C 444 30.43 10.91 -17.82
CA ASN C 444 29.19 10.18 -17.62
C ASN C 444 28.83 9.97 -16.16
N LYS C 445 29.62 10.47 -15.22
CA LYS C 445 29.34 10.24 -13.80
C LYS C 445 28.06 10.94 -13.36
N GLY C 446 28.09 12.26 -13.27
CA GLY C 446 26.91 12.98 -12.88
C GLY C 446 25.88 13.19 -13.97
N VAL C 447 26.17 12.75 -15.19
CA VAL C 447 25.29 12.96 -16.34
C VAL C 447 24.74 11.62 -16.77
N ASP C 448 23.44 11.60 -17.07
CA ASP C 448 22.76 10.41 -17.55
C ASP C 448 22.30 10.52 -18.99
N THR C 449 21.97 11.72 -19.45
CA THR C 449 21.41 11.90 -20.76
C THR C 449 22.06 13.10 -21.43
N VAL C 450 22.09 13.08 -22.75
CA VAL C 450 22.61 14.19 -23.53
C VAL C 450 21.62 14.44 -24.65
N SER C 451 21.31 15.71 -24.88
CA SER C 451 20.34 16.11 -25.90
C SER C 451 20.98 17.13 -26.83
N VAL C 452 20.92 16.85 -28.13
CA VAL C 452 21.43 17.74 -29.15
C VAL C 452 20.29 18.00 -30.11
N GLY C 453 19.69 19.18 -30.04
CA GLY C 453 18.53 19.44 -30.87
C GLY C 453 17.37 18.55 -30.50
N ASN C 454 16.88 17.82 -31.49
CA ASN C 454 15.72 16.93 -31.39
C ASN C 454 16.13 15.48 -31.13
N THR C 455 17.40 15.24 -30.84
CA THR C 455 17.97 13.91 -30.67
C THR C 455 18.27 13.68 -29.20
N LEU C 456 17.70 12.63 -28.61
CA LEU C 456 17.94 12.33 -27.20
C LEU C 456 18.90 11.17 -27.12
N TYR C 457 20.07 11.41 -26.55
CA TYR C 457 21.11 10.40 -26.43
C TYR C 457 21.23 9.96 -24.99
N TYR C 458 21.15 8.65 -24.75
CA TYR C 458 21.47 8.10 -23.45
C TYR C 458 22.97 7.77 -23.40
N VAL C 459 23.59 8.07 -22.27
CA VAL C 459 25.02 7.87 -22.09
C VAL C 459 25.25 6.52 -21.43
N ASN C 460 26.43 5.95 -21.67
CA ASN C 460 26.81 4.71 -21.02
C ASN C 460 27.03 4.92 -19.52
N LYS C 461 26.56 3.95 -18.74
CA LYS C 461 26.66 4.02 -17.28
C LYS C 461 27.76 3.11 -16.76
N LEU C 462 29.00 3.33 -17.21
CA LEU C 462 30.15 2.57 -16.79
C LEU C 462 31.06 3.47 -15.96
N GLU C 463 31.32 3.09 -14.70
CA GLU C 463 32.20 3.87 -13.85
C GLU C 463 33.65 3.78 -14.31
N GLY C 464 34.35 4.91 -14.29
CA GLY C 464 35.73 4.98 -14.75
C GLY C 464 36.28 6.38 -14.76
N LYS C 465 37.61 6.51 -14.83
CA LYS C 465 38.24 7.83 -14.75
C LYS C 465 38.29 8.51 -16.12
N ASN C 466 37.94 9.80 -16.12
CA ASN C 466 37.94 10.65 -17.30
C ASN C 466 38.98 11.75 -17.14
N LEU C 467 39.41 12.31 -18.26
CA LEU C 467 40.42 13.38 -18.21
C LEU C 467 40.14 14.37 -19.33
N TYR C 468 39.80 15.60 -18.95
CA TYR C 468 39.62 16.70 -19.90
C TYR C 468 40.98 17.38 -20.06
N VAL C 469 41.57 17.25 -21.24
CA VAL C 469 42.87 17.84 -21.57
C VAL C 469 42.65 19.14 -22.33
N LYS C 470 42.85 20.26 -21.65
CA LYS C 470 42.69 21.55 -22.31
C LYS C 470 43.69 21.68 -23.47
N GLY C 471 43.27 22.46 -24.46
CA GLY C 471 44.08 22.77 -25.62
C GLY C 471 43.28 23.64 -26.55
N GLU C 472 43.94 24.46 -27.34
CA GLU C 472 43.19 25.30 -28.28
C GLU C 472 42.70 24.46 -29.46
N PRO C 473 41.42 24.56 -29.82
CA PRO C 473 40.91 23.81 -30.98
C PRO C 473 41.74 24.14 -32.23
N ILE C 474 42.15 23.08 -32.94
CA ILE C 474 43.07 23.21 -34.06
C ILE C 474 42.49 24.03 -35.19
N ILE C 475 41.15 24.11 -35.29
CA ILE C 475 40.53 24.81 -36.40
C ILE C 475 40.82 26.31 -36.37
N ASN C 476 41.13 26.87 -35.20
CA ASN C 476 41.41 28.30 -35.09
C ASN C 476 42.76 28.70 -35.67
N TYR C 477 43.65 27.75 -35.92
CA TYR C 477 44.97 28.06 -36.45
C TYR C 477 44.93 28.37 -37.95
N TYR C 478 43.75 28.28 -38.57
CA TYR C 478 43.58 28.43 -40.01
C TYR C 478 42.82 29.70 -40.33
N ASP C 479 43.28 30.43 -41.35
CA ASP C 479 42.55 31.61 -41.83
C ASP C 479 41.59 31.19 -42.94
N PRO C 480 40.31 31.49 -42.84
CA PRO C 480 39.38 31.17 -43.93
C PRO C 480 39.76 31.91 -45.20
N LEU C 481 39.02 31.65 -46.28
CA LEU C 481 39.26 32.20 -47.61
C LEU C 481 40.48 31.55 -48.26
N VAL C 482 41.39 31.01 -47.45
CA VAL C 482 42.52 30.23 -47.94
C VAL C 482 42.44 28.78 -47.47
N PHE C 483 41.36 28.40 -46.81
CA PHE C 483 41.21 27.04 -46.28
C PHE C 483 40.68 26.10 -47.36
N PRO C 484 41.40 25.03 -47.70
CA PRO C 484 40.83 24.01 -48.59
C PRO C 484 39.78 23.18 -47.88
N SER C 485 38.50 23.40 -48.21
CA SER C 485 37.38 22.91 -47.42
C SER C 485 36.60 21.80 -48.13
N ASP C 486 37.30 20.89 -48.82
CA ASP C 486 36.64 19.76 -49.47
C ASP C 486 37.49 18.51 -49.45
N GLU C 487 38.25 18.30 -48.38
CA GLU C 487 39.17 17.17 -48.29
C GLU C 487 38.54 16.06 -47.45
N PHE C 488 38.52 14.84 -47.99
CA PHE C 488 37.90 13.70 -47.32
C PHE C 488 38.90 12.75 -46.68
N ASP C 489 39.96 12.39 -47.39
CA ASP C 489 40.98 11.51 -46.82
C ASP C 489 42.36 12.13 -47.02
N ALA C 490 42.51 13.34 -46.54
CA ALA C 490 43.74 14.09 -46.59
C ALA C 490 44.30 14.12 -45.18
N SER C 491 45.39 14.86 -45.00
CA SER C 491 46.07 14.82 -43.72
C SER C 491 46.58 16.22 -43.38
N ILE C 492 47.06 16.35 -42.14
CA ILE C 492 47.59 17.62 -41.67
C ILE C 492 48.62 18.14 -42.65
N SER C 493 49.58 17.30 -43.03
CA SER C 493 50.61 17.73 -43.97
C SER C 493 50.04 17.92 -45.37
N GLN C 494 49.03 17.12 -45.77
CA GLN C 494 48.45 17.32 -47.08
C GLN C 494 47.73 18.66 -47.17
N VAL C 495 46.99 19.02 -46.11
CA VAL C 495 46.32 20.32 -46.08
C VAL C 495 47.35 21.44 -45.99
N ASN C 496 48.39 21.26 -45.19
CA ASN C 496 49.41 22.29 -45.03
C ASN C 496 50.06 22.63 -46.36
N GLU C 497 50.48 21.61 -47.10
CA GLU C 497 51.15 21.84 -48.37
C GLU C 497 50.18 22.39 -49.40
N LYS C 498 48.89 22.02 -49.31
CA LYS C 498 47.88 22.57 -50.22
C LYS C 498 47.66 24.05 -49.96
N ILE C 499 47.71 24.47 -48.69
CA ILE C 499 47.74 25.90 -48.38
C ILE C 499 49.05 26.50 -48.84
N ASN C 500 50.17 25.83 -48.55
CA ASN C 500 51.49 26.32 -48.94
C ASN C 500 51.59 26.45 -50.46
N GLN C 501 50.93 25.56 -51.20
CA GLN C 501 50.91 25.67 -52.65
C GLN C 501 50.01 26.83 -53.11
N SER C 502 48.95 27.12 -52.35
CA SER C 502 48.09 28.24 -52.68
C SER C 502 48.71 29.56 -52.23
N LEU C 503 49.46 29.55 -51.13
CA LEU C 503 50.15 30.76 -50.69
C LEU C 503 51.35 31.06 -51.58
N ALA C 504 51.97 30.03 -52.16
CA ALA C 504 53.05 30.27 -53.11
C ALA C 504 52.53 30.93 -54.36
N PHE C 505 51.32 30.58 -54.79
CA PHE C 505 50.68 31.29 -55.87
C PHE C 505 50.21 32.67 -55.43
N ILE C 506 50.02 32.85 -54.12
CA ILE C 506 49.64 34.15 -53.59
C ILE C 506 50.86 35.06 -53.47
N ARG C 507 51.98 34.53 -52.99
CA ARG C 507 53.21 35.32 -52.92
C ARG C 507 53.72 35.69 -54.31
N ARG C 508 53.78 34.71 -55.22
CA ARG C 508 54.41 34.88 -56.51
C ARG C 508 53.55 35.65 -57.51
N SER C 509 52.23 35.63 -57.36
CA SER C 509 51.40 36.36 -58.32
C SER C 509 51.49 37.86 -58.08
N ASP C 510 51.55 38.28 -56.81
CA ASP C 510 51.76 39.70 -56.53
C ASP C 510 53.22 40.09 -56.74
N GLU C 511 54.16 39.15 -56.57
CA GLU C 511 55.56 39.43 -56.86
C GLU C 511 55.82 39.67 -58.35
N LEU C 512 54.95 39.19 -59.23
CA LEU C 512 55.04 39.50 -60.67
C LEU C 512 54.03 40.61 -60.97
N LEU C 513 54.43 41.84 -60.63
CA LEU C 513 53.57 43.02 -60.75
C LEU C 513 54.47 44.22 -60.99
N SER C 514 54.67 44.56 -62.26
CA SER C 514 55.48 45.73 -62.64
C SER C 514 55.24 46.12 -64.09
N GLN D 26 -35.72 -50.54 43.45
CA GLN D 26 -35.75 -51.39 44.62
C GLN D 26 -35.42 -52.85 44.26
N ASN D 27 -36.43 -53.72 44.17
CA ASN D 27 -36.21 -55.15 43.92
C ASN D 27 -36.42 -55.45 42.44
N ILE D 28 -35.33 -55.79 41.74
CA ILE D 28 -35.33 -56.09 40.32
C ILE D 28 -34.88 -57.53 40.15
N THR D 29 -35.59 -58.29 39.31
CA THR D 29 -35.25 -59.68 39.04
C THR D 29 -34.79 -59.83 37.59
N GLU D 30 -33.70 -60.55 37.38
CA GLU D 30 -33.18 -60.82 36.05
C GLU D 30 -33.18 -62.32 35.76
N GLU D 31 -33.52 -62.68 34.52
CA GLU D 31 -33.53 -64.07 34.06
C GLU D 31 -32.62 -64.21 32.85
N PHE D 32 -31.74 -65.21 32.90
CA PHE D 32 -30.86 -65.54 31.78
C PHE D 32 -31.25 -66.88 31.18
N TYR D 33 -31.34 -66.92 29.85
CA TYR D 33 -31.71 -68.13 29.13
C TYR D 33 -30.49 -68.64 28.36
N GLN D 34 -29.92 -69.75 28.81
CA GLN D 34 -28.76 -70.34 28.15
C GLN D 34 -29.10 -70.85 26.75
N SER D 35 -30.35 -71.25 26.52
CA SER D 35 -30.72 -71.81 25.22
C SER D 35 -30.53 -70.78 24.12
N THR D 36 -30.87 -69.52 24.41
CA THR D 36 -30.84 -68.47 23.41
C THR D 36 -29.81 -67.40 23.73
N CYS D 37 -29.01 -67.59 24.78
CA CYS D 37 -27.98 -66.64 25.18
C CYS D 37 -28.56 -65.24 25.29
N SER D 38 -29.51 -65.10 26.22
CA SER D 38 -30.20 -63.84 26.41
C SER D 38 -30.59 -63.68 27.88
N ALA D 39 -30.93 -62.45 28.26
CA ALA D 39 -31.26 -62.11 29.64
C ALA D 39 -32.40 -61.10 29.68
N VAL D 40 -33.31 -61.30 30.63
CA VAL D 40 -34.50 -60.46 30.79
C VAL D 40 -34.51 -59.90 32.20
N SER D 41 -34.54 -58.56 32.32
CA SER D 41 -34.59 -57.87 33.60
C SER D 41 -36.02 -57.40 33.83
N ARG D 42 -36.70 -58.02 34.79
CA ARG D 42 -38.10 -57.74 35.08
C ARG D 42 -38.21 -56.84 36.31
N GLY D 43 -39.34 -56.16 36.44
CA GLY D 43 -39.63 -55.35 37.59
C GLY D 43 -39.57 -53.86 37.36
N TYR D 44 -39.00 -53.41 36.26
CA TYR D 44 -39.03 -51.98 35.97
C TYR D 44 -40.45 -51.57 35.57
N PHE D 45 -40.74 -50.28 35.73
CA PHE D 45 -42.05 -49.73 35.37
C PHE D 45 -41.94 -48.75 34.21
N SER D 46 -43.09 -48.50 33.59
CA SER D 46 -43.12 -47.70 32.39
C SER D 46 -43.40 -46.25 32.73
N ALA D 47 -42.89 -45.37 31.87
CA ALA D 47 -43.27 -43.96 31.90
C ALA D 47 -43.00 -43.41 30.50
N LEU D 48 -43.94 -43.64 29.59
CA LEU D 48 -43.73 -43.38 28.18
C LEU D 48 -44.21 -41.98 27.85
N ARG D 49 -43.41 -41.25 27.07
CA ARG D 49 -43.80 -39.90 26.67
C ARG D 49 -44.83 -40.08 25.56
N THR D 50 -46.10 -39.95 25.92
CA THR D 50 -47.17 -40.21 24.98
C THR D 50 -47.69 -38.96 24.29
N GLY D 51 -47.45 -37.77 24.84
CA GLY D 51 -47.98 -36.56 24.24
C GLY D 51 -47.07 -35.36 24.42
N TRP D 52 -47.56 -34.21 23.98
CA TRP D 52 -46.85 -32.95 24.06
C TRP D 52 -47.75 -31.86 24.64
N TYR D 53 -47.18 -31.06 25.53
CA TYR D 53 -47.82 -29.84 26.01
C TYR D 53 -47.02 -28.64 25.53
N THR D 54 -47.71 -27.64 25.03
CA THR D 54 -47.07 -26.45 24.49
C THR D 54 -47.42 -25.25 25.36
N SER D 55 -46.42 -24.48 25.75
CA SER D 55 -46.64 -23.24 26.47
C SER D 55 -45.77 -22.17 25.85
N VAL D 56 -46.26 -20.93 25.88
CA VAL D 56 -45.58 -19.79 25.28
C VAL D 56 -44.98 -18.96 26.41
N ILE D 57 -43.66 -18.82 26.40
CA ILE D 57 -42.94 -18.02 27.38
C ILE D 57 -42.58 -16.69 26.73
N THR D 58 -42.93 -15.59 27.38
CA THR D 58 -42.74 -14.27 26.81
C THR D 58 -41.87 -13.44 27.74
N ILE D 59 -41.12 -12.51 27.16
CA ILE D 59 -40.38 -11.52 27.92
C ILE D 59 -40.70 -10.15 27.32
N GLU D 60 -41.03 -9.19 28.19
CA GLU D 60 -41.35 -7.84 27.74
C GLU D 60 -40.09 -7.00 27.64
N LEU D 61 -39.89 -6.41 26.46
CA LEU D 61 -38.72 -5.61 26.14
C LEU D 61 -39.17 -4.18 25.87
N SER D 62 -38.22 -3.25 25.93
CA SER D 62 -38.45 -1.87 25.50
C SER D 62 -37.33 -1.53 24.54
N ASN D 63 -37.69 -1.04 23.36
CA ASN D 63 -36.71 -0.77 22.32
C ASN D 63 -36.06 0.61 22.55
N ILE D 64 -34.75 0.60 22.73
CA ILE D 64 -33.99 1.83 22.90
C ILE D 64 -33.65 2.33 21.51
N LYS D 65 -34.08 3.54 21.19
CA LYS D 65 -33.83 4.09 19.86
C LYS D 65 -32.34 4.37 19.64
N GLU D 66 -31.73 5.14 20.53
CA GLU D 66 -30.33 5.47 20.36
C GLU D 66 -29.77 5.93 21.69
N THR D 67 -28.55 5.49 21.99
CA THR D 67 -27.79 5.98 23.13
C THR D 67 -26.74 6.94 22.59
N LYS D 68 -27.02 8.24 22.67
CA LYS D 68 -26.13 9.26 22.11
C LYS D 68 -25.31 9.97 23.18
N CYS D 69 -24.89 9.25 24.22
CA CYS D 69 -24.15 9.87 25.32
C CYS D 69 -22.71 10.17 24.92
N ASN D 70 -22.38 11.47 24.92
CA ASN D 70 -21.07 11.95 24.57
C ASN D 70 -20.14 11.88 25.78
N GLY D 71 -18.92 11.45 25.56
CA GLY D 71 -18.01 11.34 26.69
C GLY D 71 -17.75 9.91 27.13
N THR D 72 -16.46 9.59 27.30
CA THR D 72 -15.98 8.27 27.70
C THR D 72 -15.40 8.37 29.10
N ASP D 73 -15.87 7.50 29.99
CA ASP D 73 -15.36 7.45 31.35
C ASP D 73 -15.38 5.99 31.80
N THR D 74 -14.66 5.70 32.90
CA THR D 74 -14.70 4.35 33.44
C THR D 74 -16.14 3.98 33.84
N LYS D 75 -16.90 4.95 34.32
CA LYS D 75 -18.32 4.74 34.63
C LYS D 75 -19.17 4.72 33.37
N VAL D 76 -18.96 5.71 32.49
CA VAL D 76 -19.78 5.86 31.30
C VAL D 76 -19.58 4.70 30.32
N LYS D 77 -18.33 4.26 30.14
CA LYS D 77 -18.03 3.23 29.15
C LYS D 77 -18.66 1.88 29.50
N LEU D 78 -18.95 1.64 30.78
CA LEU D 78 -19.49 0.35 31.18
C LEU D 78 -20.99 0.22 30.88
N ILE D 79 -21.78 1.26 31.16
CA ILE D 79 -23.22 1.16 30.92
C ILE D 79 -23.53 1.07 29.44
N LYS D 80 -22.81 1.80 28.59
CA LYS D 80 -23.05 1.74 27.15
C LYS D 80 -22.76 0.35 26.62
N GLN D 81 -21.63 -0.22 27.05
CA GLN D 81 -21.28 -1.58 26.67
C GLN D 81 -22.32 -2.57 27.17
N GLU D 82 -22.86 -2.34 28.36
CA GLU D 82 -23.93 -3.19 28.88
C GLU D 82 -25.23 -2.99 28.11
N LEU D 83 -25.59 -1.74 27.81
CA LEU D 83 -26.81 -1.46 27.06
C LEU D 83 -26.73 -2.00 25.64
N ASP D 84 -25.57 -1.92 25.02
CA ASP D 84 -25.42 -2.40 23.65
C ASP D 84 -25.63 -3.91 23.58
N LYS D 85 -25.20 -4.64 24.62
CA LYS D 85 -25.41 -6.09 24.66
C LYS D 85 -26.90 -6.44 24.69
N TYR D 86 -27.70 -5.62 25.36
CA TYR D 86 -29.15 -5.82 25.36
C TYR D 86 -29.74 -5.61 23.96
N LYS D 87 -29.41 -4.47 23.34
CA LYS D 87 -29.92 -4.15 22.01
C LYS D 87 -29.40 -5.12 20.94
N ASN D 88 -28.20 -5.68 21.14
CA ASN D 88 -27.66 -6.58 20.13
C ASN D 88 -28.33 -7.95 20.20
N ALA D 89 -28.64 -8.43 21.40
CA ALA D 89 -29.40 -9.67 21.51
C ALA D 89 -30.74 -9.54 20.81
N VAL D 90 -31.38 -8.37 20.96
CA VAL D 90 -32.63 -8.08 20.27
C VAL D 90 -32.42 -8.19 18.76
N THR D 91 -31.37 -7.55 18.25
CA THR D 91 -31.08 -7.63 16.81
C THR D 91 -30.70 -9.05 16.40
N GLU D 92 -29.94 -9.76 17.22
CA GLU D 92 -29.58 -11.15 16.90
C GLU D 92 -30.83 -11.99 16.72
N LEU D 93 -31.79 -11.84 17.65
CA LEU D 93 -33.02 -12.63 17.62
C LEU D 93 -33.92 -12.22 16.47
N GLN D 94 -33.94 -10.93 16.11
CA GLN D 94 -34.73 -10.47 14.98
C GLN D 94 -34.33 -11.15 13.68
N LEU D 95 -33.04 -11.45 13.52
CA LEU D 95 -32.60 -12.25 12.39
C LEU D 95 -33.16 -13.68 12.46
N LEU D 96 -33.17 -14.27 13.65
CA LEU D 96 -33.66 -15.64 13.81
C LEU D 96 -35.15 -15.76 13.61
N THR D 97 -35.88 -14.68 13.81
CA THR D 97 -37.34 -14.75 13.81
C THR D 97 -37.96 -14.56 12.43
N GLN D 98 -37.25 -13.89 11.51
CA GLN D 98 -37.82 -13.56 10.21
C GLN D 98 -37.84 -14.76 9.27
N ASN D 99 -36.91 -15.71 9.43
CA ASN D 99 -36.83 -16.85 8.53
C ASN D 99 -37.96 -17.84 8.79
N THR D 100 -38.34 -18.01 10.08
CA THR D 100 -39.37 -18.82 10.77
C THR D 100 -38.90 -20.26 10.93
N PRO D 101 -39.21 -20.92 12.06
CA PRO D 101 -38.75 -22.29 12.24
C PRO D 101 -39.66 -23.28 11.53
N ALA D 102 -39.06 -24.39 11.11
CA ALA D 102 -39.80 -25.43 10.40
C ALA D 102 -39.09 -26.77 10.58
N ALA D 103 -39.87 -27.84 10.46
CA ALA D 103 -39.36 -29.21 10.52
C ALA D 103 -38.48 -29.45 11.75
N PHE D 137 -29.95 -53.94 17.44
CA PHE D 137 -30.59 -54.47 16.24
C PHE D 137 -31.99 -53.90 16.06
N LEU D 138 -32.57 -54.14 14.88
CA LEU D 138 -33.84 -53.53 14.47
C LEU D 138 -33.65 -52.01 14.52
N GLY D 139 -34.73 -51.26 14.73
CA GLY D 139 -34.64 -49.82 14.86
C GLY D 139 -34.91 -49.07 13.57
N PHE D 140 -34.44 -49.61 12.45
CA PHE D 140 -34.70 -48.98 11.17
C PHE D 140 -36.17 -49.02 10.82
N LEU D 141 -36.95 -49.83 11.52
CA LEU D 141 -38.37 -50.05 11.29
C LEU D 141 -39.24 -49.00 11.97
N LEU D 142 -38.65 -48.07 12.73
CA LEU D 142 -39.44 -47.21 13.61
C LEU D 142 -40.31 -46.20 12.87
N GLY D 143 -39.87 -45.71 11.72
CA GLY D 143 -40.65 -44.69 11.06
C GLY D 143 -40.38 -43.33 11.65
N VAL D 144 -40.49 -42.31 10.85
CA VAL D 144 -40.06 -40.99 11.28
C VAL D 144 -41.25 -40.24 11.84
N GLY D 145 -40.97 -39.43 12.87
CA GLY D 145 -41.92 -38.50 13.43
C GLY D 145 -41.38 -37.10 13.32
N SER D 146 -42.20 -36.14 13.75
CA SER D 146 -41.81 -34.74 13.75
C SER D 146 -41.83 -34.28 15.20
N ALA D 147 -40.64 -34.17 15.80
CA ALA D 147 -40.55 -33.95 17.24
C ALA D 147 -41.15 -32.61 17.65
N ILE D 148 -40.94 -31.56 16.85
CA ILE D 148 -41.36 -30.23 17.23
C ILE D 148 -42.50 -29.72 16.34
N ALA D 149 -43.20 -30.62 15.66
CA ALA D 149 -44.34 -30.18 14.85
C ALA D 149 -45.39 -29.51 15.71
N SER D 150 -45.58 -30.00 16.93
CA SER D 150 -46.58 -29.40 17.81
C SER D 150 -46.18 -27.98 18.19
N GLY D 151 -44.94 -27.79 18.64
CA GLY D 151 -44.51 -26.46 19.03
C GLY D 151 -44.51 -25.49 17.85
N ILE D 152 -44.00 -25.94 16.71
CA ILE D 152 -43.98 -25.09 15.53
C ILE D 152 -45.39 -24.69 15.15
N ALA D 153 -46.34 -25.61 15.30
CA ALA D 153 -47.73 -25.31 14.97
C ALA D 153 -48.26 -24.11 15.76
N VAL D 154 -47.97 -24.06 17.06
CA VAL D 154 -48.42 -22.92 17.85
C VAL D 154 -47.63 -21.68 17.48
N CYS D 155 -46.33 -21.83 17.29
CA CYS D 155 -45.45 -20.71 16.98
C CYS D 155 -45.88 -19.92 15.75
N LYS D 156 -46.25 -20.62 14.68
CA LYS D 156 -46.60 -19.94 13.43
C LYS D 156 -47.76 -18.99 13.64
N VAL D 157 -48.66 -19.30 14.58
CA VAL D 157 -49.81 -18.45 14.83
C VAL D 157 -49.39 -17.10 15.40
N LEU D 158 -48.39 -17.10 16.29
CA LEU D 158 -47.92 -15.85 16.88
C LEU D 158 -47.34 -14.90 15.85
N HIS D 159 -46.85 -15.42 14.71
CA HIS D 159 -46.34 -14.56 13.65
C HIS D 159 -47.43 -13.80 12.91
N LEU D 160 -48.69 -14.19 13.08
CA LEU D 160 -49.77 -13.51 12.39
C LEU D 160 -49.95 -12.09 12.93
N GLU D 161 -50.42 -11.20 12.06
CA GLU D 161 -50.49 -9.78 12.38
C GLU D 161 -51.41 -9.55 13.57
N GLY D 162 -50.96 -8.72 14.52
CA GLY D 162 -51.78 -8.42 15.68
C GLY D 162 -52.05 -9.58 16.60
N GLU D 163 -51.35 -10.70 16.42
CA GLU D 163 -51.60 -11.88 17.25
C GLU D 163 -50.87 -11.78 18.57
N VAL D 164 -49.64 -11.26 18.55
CA VAL D 164 -48.89 -11.02 19.78
C VAL D 164 -49.66 -10.07 20.68
N ASN D 165 -50.39 -9.12 20.09
CA ASN D 165 -51.18 -8.18 20.88
C ASN D 165 -52.17 -8.90 21.77
N LYS D 166 -52.78 -9.98 21.25
CA LYS D 166 -53.67 -10.80 22.07
C LYS D 166 -52.92 -11.35 23.27
N ILE D 167 -51.68 -11.81 23.07
CA ILE D 167 -50.86 -12.27 24.18
C ILE D 167 -50.53 -11.11 25.11
N LYS D 168 -50.08 -9.99 24.53
CA LYS D 168 -49.66 -8.84 25.33
C LYS D 168 -50.78 -8.35 26.24
N ASN D 169 -52.00 -8.24 25.70
CA ASN D 169 -53.13 -7.70 26.46
C ASN D 169 -53.56 -8.61 27.61
N ALA D 170 -53.42 -9.93 27.44
CA ALA D 170 -53.81 -10.83 28.52
C ALA D 170 -52.77 -10.86 29.64
N LEU D 171 -51.49 -10.70 29.29
CA LEU D 171 -50.40 -10.69 30.25
C LEU D 171 -50.06 -9.29 30.74
N LEU D 172 -50.98 -8.34 30.61
CA LEU D 172 -50.67 -7.01 31.10
C LEU D 172 -50.76 -6.92 32.61
N SER D 173 -51.73 -7.62 33.21
CA SER D 173 -51.93 -7.55 34.66
C SER D 173 -51.28 -8.69 35.43
N THR D 174 -51.21 -9.89 34.86
CA THR D 174 -50.62 -11.04 35.52
C THR D 174 -49.58 -11.68 34.62
N ASN D 175 -48.85 -12.65 35.18
CA ASN D 175 -47.78 -13.34 34.48
C ASN D 175 -48.18 -14.70 33.93
N LYS D 176 -49.46 -15.07 34.01
CA LYS D 176 -49.93 -16.38 33.59
C LYS D 176 -51.34 -16.21 33.02
N ALA D 177 -51.55 -16.65 31.78
CA ALA D 177 -52.85 -16.48 31.15
C ALA D 177 -53.07 -17.56 30.10
N VAL D 178 -54.33 -17.86 29.85
CA VAL D 178 -54.72 -18.68 28.70
C VAL D 178 -55.27 -17.75 27.63
N VAL D 179 -54.63 -17.75 26.47
CA VAL D 179 -54.97 -16.86 25.37
C VAL D 179 -55.53 -17.68 24.22
N SER D 180 -56.57 -17.14 23.58
CA SER D 180 -57.16 -17.77 22.40
C SER D 180 -56.42 -17.27 21.18
N LEU D 181 -55.64 -18.16 20.56
CA LEU D 181 -54.98 -17.83 19.32
C LEU D 181 -55.93 -18.02 18.14
N SER D 182 -55.58 -17.40 17.02
CA SER D 182 -56.41 -17.49 15.82
C SER D 182 -56.53 -18.93 15.35
N ASN D 183 -55.59 -19.78 15.74
CA ASN D 183 -55.63 -21.17 15.30
C ASN D 183 -56.81 -21.90 15.91
N GLY D 184 -56.85 -21.96 17.24
CA GLY D 184 -57.96 -22.59 17.91
C GLY D 184 -57.50 -23.08 19.27
N VAL D 185 -56.22 -22.91 19.54
CA VAL D 185 -55.57 -23.61 20.63
C VAL D 185 -55.41 -22.65 21.80
N SER D 186 -55.77 -23.14 22.98
CA SER D 186 -55.57 -22.39 24.20
C SER D 186 -54.22 -22.80 24.78
N VAL D 187 -53.37 -21.81 25.00
CA VAL D 187 -52.01 -22.06 25.44
C VAL D 187 -51.72 -21.22 26.68
N LEU D 188 -51.02 -21.81 27.65
CA LEU D 188 -50.57 -21.05 28.80
C LEU D 188 -49.40 -20.15 28.40
N THR D 189 -49.49 -18.88 28.78
CA THR D 189 -48.46 -17.91 28.44
C THR D 189 -47.87 -17.31 29.71
N PHE D 190 -46.60 -16.95 29.62
CA PHE D 190 -45.77 -16.68 30.80
C PHE D 190 -44.82 -15.54 30.48
N LYS D 191 -44.97 -14.43 31.19
CA LYS D 191 -43.94 -13.39 31.18
C LYS D 191 -43.04 -13.62 32.39
N VAL D 192 -41.80 -14.02 32.13
CA VAL D 192 -40.88 -14.38 33.21
C VAL D 192 -40.08 -13.18 33.67
N LEU D 193 -39.37 -12.51 32.76
CA LEU D 193 -38.61 -11.31 33.09
C LEU D 193 -39.29 -10.07 32.52
N ASP D 194 -39.36 -9.02 33.35
CA ASP D 194 -39.91 -7.73 32.98
C ASP D 194 -38.77 -6.75 32.76
N LEU D 195 -38.25 -6.71 31.54
CA LEU D 195 -37.19 -5.76 31.23
C LEU D 195 -37.75 -4.38 30.91
N LYS D 196 -38.99 -4.29 30.41
CA LYS D 196 -39.56 -2.99 30.05
C LYS D 196 -39.64 -2.04 31.24
N SER D 197 -40.39 -2.42 32.28
CA SER D 197 -40.61 -1.52 33.41
C SER D 197 -39.34 -1.19 34.19
N TYR D 198 -38.33 -2.07 34.15
CA TYR D 198 -37.03 -1.73 34.73
C TYR D 198 -36.29 -0.70 33.88
N ILE D 199 -36.18 -0.96 32.58
CA ILE D 199 -35.41 -0.10 31.68
C ILE D 199 -36.07 1.27 31.54
N ASN D 200 -37.40 1.31 31.46
CA ASN D 200 -38.09 2.56 31.17
C ASN D 200 -38.21 3.46 32.41
N ASN D 201 -38.48 2.89 33.58
CA ASN D 201 -38.80 3.68 34.76
C ASN D 201 -37.80 3.58 35.91
N GLN D 202 -36.80 2.71 35.81
CA GLN D 202 -35.80 2.59 36.86
C GLN D 202 -34.38 2.89 36.41
N LEU D 203 -34.01 2.49 35.20
CA LEU D 203 -32.63 2.65 34.71
C LEU D 203 -32.48 3.95 33.94
N LEU D 204 -33.26 4.11 32.88
CA LEU D 204 -33.19 5.32 32.06
C LEU D 204 -33.35 6.60 32.85
N PRO D 205 -34.27 6.72 33.82
CA PRO D 205 -34.29 7.94 34.63
C PRO D 205 -33.03 8.13 35.46
N ILE D 206 -32.56 7.09 36.14
CA ILE D 206 -31.32 7.20 36.91
C ILE D 206 -30.17 7.57 35.99
N LEU D 207 -30.12 6.96 34.82
CA LEU D 207 -29.04 7.24 33.88
C LEU D 207 -29.10 8.67 33.36
N ASN D 208 -30.29 9.11 32.95
CA ASN D 208 -30.40 10.38 32.24
C ASN D 208 -30.08 11.56 33.14
N GLN D 209 -30.34 11.45 34.45
CA GLN D 209 -30.23 12.60 35.34
C GLN D 209 -28.81 13.14 35.40
N GLN D 210 -27.81 12.26 35.39
CA GLN D 210 -26.43 12.71 35.50
C GLN D 210 -25.72 12.67 34.14
N SER D 211 -26.47 12.72 33.04
CA SER D 211 -25.92 12.76 31.68
C SER D 211 -24.90 11.62 31.45
N CYS D 212 -25.32 10.41 31.82
CA CYS D 212 -24.66 9.11 31.63
C CYS D 212 -23.50 8.82 32.57
N ARG D 213 -23.14 9.71 33.49
CA ARG D 213 -22.17 9.35 34.52
C ARG D 213 -22.96 8.79 35.70
N ILE D 214 -23.05 7.47 35.78
CA ILE D 214 -23.81 6.85 36.86
C ILE D 214 -22.92 6.78 38.10
N SER D 215 -23.21 7.63 39.09
CA SER D 215 -22.41 7.64 40.30
C SER D 215 -22.63 6.39 41.15
N ASN D 216 -23.77 5.72 40.97
CA ASN D 216 -24.17 4.60 41.81
C ASN D 216 -23.89 3.32 41.03
N ILE D 217 -22.84 2.61 41.41
CA ILE D 217 -22.47 1.38 40.73
C ILE D 217 -23.54 0.31 40.89
N GLU D 218 -24.42 0.44 41.89
CA GLU D 218 -25.39 -0.62 42.15
C GLU D 218 -26.34 -0.79 40.98
N THR D 219 -26.70 0.30 40.33
CA THR D 219 -27.68 0.24 39.26
C THR D 219 -27.16 -0.58 38.08
N VAL D 220 -25.90 -0.38 37.70
CA VAL D 220 -25.35 -1.10 36.54
C VAL D 220 -25.24 -2.60 36.82
N ILE D 221 -24.85 -2.98 38.04
CA ILE D 221 -24.75 -4.40 38.35
C ILE D 221 -26.13 -5.04 38.39
N GLU D 222 -27.11 -4.33 38.97
CA GLU D 222 -28.48 -4.82 38.95
C GLU D 222 -28.95 -5.01 37.52
N PHE D 223 -28.62 -4.08 36.64
CA PHE D 223 -28.99 -4.21 35.23
C PHE D 223 -28.32 -5.42 34.59
N GLN D 224 -27.03 -5.61 34.81
CA GLN D 224 -26.32 -6.70 34.16
C GLN D 224 -26.87 -8.05 34.59
N GLN D 225 -27.28 -8.17 35.86
CA GLN D 225 -27.91 -9.40 36.31
C GLN D 225 -29.32 -9.52 35.72
N LYS D 226 -30.08 -8.42 35.74
CA LYS D 226 -31.40 -8.41 35.14
C LYS D 226 -31.31 -8.67 33.64
N ASN D 227 -30.24 -8.18 33.01
CA ASN D 227 -30.01 -8.36 31.59
C ASN D 227 -29.34 -9.68 31.25
N SER D 228 -28.76 -10.35 32.25
CA SER D 228 -27.96 -11.54 31.97
C SER D 228 -28.82 -12.65 31.36
N ARG D 229 -30.01 -12.86 31.92
CA ARG D 229 -30.84 -13.98 31.47
C ARG D 229 -31.21 -13.85 30.01
N LEU D 230 -31.45 -12.62 29.54
CA LEU D 230 -31.70 -12.42 28.12
C LEU D 230 -30.51 -12.85 27.29
N LEU D 231 -29.31 -12.52 27.74
CA LEU D 231 -28.10 -12.88 27.01
C LEU D 231 -27.90 -14.39 26.98
N GLU D 232 -28.23 -15.08 28.08
CA GLU D 232 -28.09 -16.53 28.10
C GLU D 232 -29.14 -17.20 27.22
N ILE D 233 -30.38 -16.72 27.27
CA ILE D 233 -31.38 -17.23 26.35
C ILE D 233 -30.98 -16.94 24.92
N THR D 234 -30.48 -15.72 24.67
CA THR D 234 -30.05 -15.35 23.32
C THR D 234 -28.95 -16.27 22.81
N ARG D 235 -27.93 -16.51 23.63
CA ARG D 235 -26.79 -17.32 23.19
C ARG D 235 -27.19 -18.77 22.90
N GLU D 236 -27.99 -19.39 23.76
CA GLU D 236 -28.44 -20.75 23.50
C GLU D 236 -29.20 -20.82 22.18
N PHE D 237 -30.15 -19.91 21.98
CA PHE D 237 -30.85 -19.85 20.71
C PHE D 237 -29.89 -19.51 19.57
N SER D 238 -28.86 -18.71 19.85
CA SER D 238 -27.92 -18.30 18.81
C SER D 238 -26.98 -19.44 18.41
N VAL D 239 -26.89 -20.49 19.22
CA VAL D 239 -25.97 -21.59 18.92
C VAL D 239 -26.71 -22.86 18.50
N ASN D 240 -28.03 -22.93 18.63
CA ASN D 240 -28.77 -24.16 18.34
C ASN D 240 -29.85 -23.97 17.29
N ALA D 241 -29.75 -22.94 16.45
CA ALA D 241 -30.71 -22.68 15.38
C ALA D 241 -32.12 -22.52 15.92
N GLY D 242 -32.26 -21.76 17.00
CA GLY D 242 -33.55 -21.42 17.56
C GLY D 242 -34.28 -22.57 18.23
N VAL D 243 -33.68 -23.77 18.29
CA VAL D 243 -34.30 -24.94 18.90
C VAL D 243 -33.27 -25.57 19.82
N THR D 244 -33.54 -25.54 21.13
CA THR D 244 -32.62 -26.08 22.11
C THR D 244 -33.17 -27.36 22.74
N THR D 245 -32.25 -28.27 23.06
CA THR D 245 -32.53 -29.48 23.83
C THR D 245 -31.25 -29.95 24.49
N PRO D 246 -31.29 -30.38 25.76
CA PRO D 246 -32.45 -30.34 26.66
C PRO D 246 -32.83 -28.93 27.13
N LEU D 247 -33.95 -28.83 27.83
CA LEU D 247 -34.45 -27.54 28.29
C LEU D 247 -33.61 -27.05 29.47
N SER D 248 -32.87 -25.96 29.25
CA SER D 248 -31.96 -25.41 30.24
C SER D 248 -32.70 -24.68 31.37
N THR D 249 -31.95 -24.37 32.43
CA THR D 249 -32.50 -23.57 33.52
C THR D 249 -32.57 -22.09 33.18
N TYR D 250 -31.83 -21.63 32.18
CA TYR D 250 -31.96 -20.26 31.71
C TYR D 250 -33.26 -20.09 30.93
N MET D 251 -33.65 -21.14 30.19
CA MET D 251 -34.91 -21.15 29.47
C MET D 251 -36.08 -21.11 30.44
N LEU D 252 -36.01 -21.95 31.48
CA LEU D 252 -37.09 -22.15 32.43
C LEU D 252 -36.46 -22.57 33.76
N THR D 253 -36.53 -21.72 34.77
CA THR D 253 -36.00 -22.10 36.07
C THR D 253 -36.83 -23.24 36.65
N ASN D 254 -36.23 -23.96 37.61
CA ASN D 254 -36.92 -25.09 38.22
C ASN D 254 -38.22 -24.66 38.90
N SER D 255 -38.23 -23.49 39.53
CA SER D 255 -39.47 -22.98 40.11
C SER D 255 -40.52 -22.79 39.03
N GLU D 256 -40.11 -22.27 37.87
CA GLU D 256 -41.03 -22.06 36.76
C GLU D 256 -41.54 -23.39 36.22
N LEU D 257 -40.67 -24.39 36.12
CA LEU D 257 -41.06 -25.68 35.56
C LEU D 257 -42.07 -26.39 36.46
N LEU D 258 -41.77 -26.45 37.76
CA LEU D 258 -42.69 -27.12 38.70
C LEU D 258 -44.08 -26.49 38.67
N SER D 259 -44.15 -25.16 38.54
CA SER D 259 -45.44 -24.50 38.51
C SER D 259 -46.17 -24.76 37.19
N LEU D 260 -45.44 -24.82 36.09
CA LEU D 260 -46.07 -25.14 34.80
C LEU D 260 -46.55 -26.59 34.78
N ILE D 261 -45.79 -27.49 35.40
CA ILE D 261 -46.21 -28.89 35.48
C ILE D 261 -47.57 -29.00 36.15
N ASN D 262 -47.79 -28.23 37.22
CA ASN D 262 -49.00 -28.36 38.00
C ASN D 262 -50.26 -27.96 37.22
N ASP D 263 -50.13 -27.15 36.17
CA ASP D 263 -51.29 -26.70 35.41
C ASP D 263 -51.54 -27.53 34.16
N MET D 264 -50.76 -28.59 33.93
CA MET D 264 -50.99 -29.44 32.78
C MET D 264 -52.12 -30.41 33.06
N PRO D 265 -52.90 -30.75 32.04
CA PRO D 265 -54.07 -31.65 32.23
C PRO D 265 -53.68 -33.11 32.39
N ILE D 266 -53.09 -33.44 33.55
CA ILE D 266 -52.67 -34.80 33.86
C ILE D 266 -53.02 -35.13 35.31
N THR D 267 -52.89 -36.40 35.65
CA THR D 267 -53.18 -36.92 36.98
C THR D 267 -52.17 -36.38 38.00
N ASN D 268 -52.56 -36.43 39.28
CA ASN D 268 -51.59 -36.07 40.33
C ASN D 268 -50.44 -37.05 40.36
N ASP D 269 -50.69 -38.32 40.02
CA ASP D 269 -49.60 -39.27 39.88
C ASP D 269 -48.65 -38.84 38.78
N GLN D 270 -49.19 -38.36 37.67
CA GLN D 270 -48.34 -37.90 36.57
C GLN D 270 -47.62 -36.61 36.96
N LYS D 271 -48.33 -35.69 37.61
CA LYS D 271 -47.70 -34.46 38.09
C LYS D 271 -46.57 -34.77 39.06
N LYS D 272 -46.83 -35.63 40.03
CA LYS D 272 -45.83 -35.96 41.04
C LYS D 272 -44.59 -36.60 40.41
N LEU D 273 -44.80 -37.50 39.46
CA LEU D 273 -43.68 -38.14 38.78
C LEU D 273 -42.79 -37.10 38.10
N MET D 274 -43.40 -36.18 37.35
CA MET D 274 -42.62 -35.15 36.68
C MET D 274 -41.96 -34.22 37.69
N SER D 275 -42.65 -33.93 38.79
CA SER D 275 -42.08 -33.03 39.79
C SER D 275 -40.93 -33.68 40.56
N SER D 276 -40.97 -35.00 40.75
CA SER D 276 -39.90 -35.70 41.46
C SER D 276 -38.70 -36.00 40.59
N ASN D 277 -38.84 -35.91 39.27
CA ASN D 277 -37.78 -36.21 38.32
C ASN D 277 -37.66 -35.09 37.31
N VAL D 278 -37.59 -33.84 37.81
CA VAL D 278 -37.52 -32.63 36.99
C VAL D 278 -36.35 -32.72 36.02
N GLN D 279 -35.35 -33.53 36.36
CA GLN D 279 -34.19 -33.66 35.51
C GLN D 279 -34.51 -34.41 34.21
N ILE D 280 -35.30 -35.47 34.31
CA ILE D 280 -35.63 -36.25 33.11
C ILE D 280 -36.55 -35.47 32.19
N VAL D 281 -37.53 -34.76 32.76
CA VAL D 281 -38.47 -33.97 31.97
C VAL D 281 -37.72 -33.00 31.05
N ARG D 282 -36.75 -32.28 31.60
CA ARG D 282 -35.99 -31.32 30.83
C ARG D 282 -35.35 -31.97 29.60
N GLN D 283 -34.89 -33.21 29.75
CA GLN D 283 -34.19 -33.86 28.66
C GLN D 283 -35.09 -34.26 27.52
N GLN D 284 -36.39 -34.38 27.76
CA GLN D 284 -37.31 -34.73 26.69
C GLN D 284 -38.11 -33.54 26.19
N SER D 285 -37.70 -32.31 26.53
CA SER D 285 -38.40 -31.10 26.14
C SER D 285 -37.58 -30.29 25.13
N TYR D 286 -38.26 -29.42 24.41
CA TYR D 286 -37.64 -28.54 23.44
C TYR D 286 -38.00 -27.09 23.75
N SER D 287 -37.12 -26.19 23.34
CA SER D 287 -37.38 -24.76 23.37
C SER D 287 -37.22 -24.20 21.97
N ILE D 288 -38.25 -23.56 21.45
CA ILE D 288 -38.22 -22.96 20.12
C ILE D 288 -38.41 -21.45 20.22
N MET D 289 -37.39 -20.70 19.83
CA MET D 289 -37.49 -19.25 19.76
C MET D 289 -38.44 -18.91 18.61
N CYS D 290 -39.30 -17.90 18.80
CA CYS D 290 -40.36 -17.69 17.82
C CYS D 290 -40.47 -16.29 17.25
N ILE D 291 -40.62 -15.26 18.07
CA ILE D 291 -41.02 -13.98 17.52
C ILE D 291 -40.51 -12.88 18.42
N ILE D 292 -40.04 -11.80 17.82
CA ILE D 292 -39.70 -10.57 18.52
C ILE D 292 -40.34 -9.44 17.72
N LYS D 293 -41.57 -9.08 18.10
CA LYS D 293 -42.35 -8.02 17.46
C LYS D 293 -43.20 -7.41 18.56
N GLU D 294 -43.63 -6.17 18.33
CA GLU D 294 -44.32 -5.42 19.39
C GLU D 294 -43.32 -5.27 20.53
N GLU D 295 -43.81 -5.09 21.75
CA GLU D 295 -42.95 -4.99 22.92
C GLU D 295 -42.74 -6.33 23.61
N VAL D 296 -42.84 -7.44 22.87
CA VAL D 296 -42.69 -8.76 23.45
C VAL D 296 -41.90 -9.66 22.51
N LEU D 297 -40.91 -10.35 23.04
CA LEU D 297 -40.29 -11.47 22.36
C LEU D 297 -40.76 -12.73 23.08
N ALA D 298 -41.14 -13.75 22.31
CA ALA D 298 -41.72 -14.95 22.91
C ALA D 298 -41.16 -16.20 22.26
N TYR D 299 -40.95 -17.23 23.10
CA TYR D 299 -40.56 -18.55 22.65
C TYR D 299 -41.51 -19.59 23.26
N VAL D 300 -41.72 -20.68 22.53
CA VAL D 300 -42.61 -21.75 22.94
C VAL D 300 -41.81 -22.88 23.57
N VAL D 301 -42.21 -23.30 24.77
CA VAL D 301 -41.63 -24.45 25.44
C VAL D 301 -42.54 -25.66 25.26
N GLN D 302 -41.96 -26.75 24.78
CA GLN D 302 -42.68 -27.99 24.50
C GLN D 302 -42.24 -29.07 25.49
N LEU D 303 -43.11 -29.39 26.51
CA LEU D 303 -42.85 -30.34 27.58
C LEU D 303 -43.47 -31.70 27.26
N PRO D 304 -42.91 -32.78 27.80
CA PRO D 304 -43.49 -34.10 27.58
C PRO D 304 -44.76 -34.30 28.37
N ILE D 305 -45.59 -35.23 27.89
CA ILE D 305 -46.79 -35.65 28.59
C ILE D 305 -46.72 -37.15 28.80
N TYR D 306 -46.75 -37.58 30.05
CA TYR D 306 -46.62 -38.99 30.37
C TYR D 306 -48.01 -39.54 30.67
N GLY D 307 -48.67 -40.01 29.61
CA GLY D 307 -50.01 -40.57 29.74
C GLY D 307 -50.01 -42.02 30.16
N VAL D 308 -48.89 -42.71 29.97
CA VAL D 308 -48.77 -44.13 30.28
C VAL D 308 -47.70 -44.26 31.35
N ILE D 309 -48.11 -44.63 32.55
CA ILE D 309 -47.23 -44.72 33.70
C ILE D 309 -47.53 -46.02 34.43
N ASP D 310 -46.48 -46.64 34.96
CA ASP D 310 -46.59 -47.76 35.90
C ASP D 310 -47.10 -49.03 35.23
N THR D 311 -46.88 -49.17 33.97
CA THR D 311 -47.16 -50.54 33.59
C THR D 311 -45.88 -51.35 33.66
N PRO D 312 -45.96 -52.67 33.86
CA PRO D 312 -44.75 -53.47 33.94
C PRO D 312 -43.93 -53.36 32.66
N CYS D 313 -42.62 -53.25 32.83
CA CYS D 313 -41.69 -53.05 31.73
C CYS D 313 -40.43 -53.87 31.96
N TRP D 314 -39.88 -54.44 30.87
CA TRP D 314 -38.72 -55.32 30.99
C TRP D 314 -37.75 -55.08 29.84
N LYS D 315 -36.48 -55.41 30.10
CA LYS D 315 -35.38 -55.24 29.16
C LYS D 315 -34.82 -56.61 28.78
N LEU D 316 -34.59 -56.80 27.48
CA LEU D 316 -34.03 -58.05 26.96
C LEU D 316 -32.60 -57.79 26.49
N HIS D 317 -31.64 -58.47 27.11
CA HIS D 317 -30.25 -58.44 26.67
C HIS D 317 -29.94 -59.73 25.93
N THR D 318 -29.24 -59.60 24.80
CA THR D 318 -28.87 -60.75 23.97
C THR D 318 -27.40 -60.67 23.61
N SER D 319 -26.81 -61.83 23.30
CA SER D 319 -25.39 -61.96 22.98
C SER D 319 -25.24 -63.08 21.97
N PRO D 320 -24.22 -63.03 21.10
CA PRO D 320 -24.10 -64.02 20.02
C PRO D 320 -23.91 -65.43 20.55
N LEU D 321 -24.61 -66.38 19.93
CA LEU D 321 -24.60 -67.79 20.30
C LEU D 321 -24.03 -68.61 19.15
N CYS D 322 -22.84 -69.16 19.34
CA CYS D 322 -22.15 -69.92 18.31
C CYS D 322 -21.87 -71.35 18.78
N THR D 323 -21.69 -72.24 17.82
CA THR D 323 -21.30 -73.60 18.11
C THR D 323 -19.88 -73.65 18.67
N THR D 324 -19.60 -74.71 19.43
CA THR D 324 -18.29 -74.96 20.01
C THR D 324 -17.80 -76.29 19.48
N ASN D 325 -17.34 -76.29 18.23
CA ASN D 325 -16.73 -77.44 17.59
C ASN D 325 -15.23 -77.19 17.43
N ILE D 326 -14.48 -78.28 17.21
CA ILE D 326 -13.02 -78.20 17.24
C ILE D 326 -12.48 -77.34 16.10
N LYS D 327 -13.16 -77.31 14.95
CA LYS D 327 -12.69 -76.50 13.83
C LYS D 327 -12.86 -75.02 14.11
N GLU D 328 -11.79 -74.25 13.87
CA GLU D 328 -11.77 -72.83 14.24
C GLU D 328 -12.73 -72.02 13.38
N GLY D 329 -12.70 -72.23 12.06
CA GLY D 329 -13.44 -71.36 11.16
C GLY D 329 -14.76 -71.92 10.69
N SER D 330 -15.03 -73.17 11.03
CA SER D 330 -16.29 -73.81 10.63
C SER D 330 -17.26 -73.84 11.81
N ASN D 331 -17.68 -72.65 12.22
CA ASN D 331 -18.64 -72.48 13.30
C ASN D 331 -19.85 -71.74 12.78
N ILE D 332 -20.97 -71.92 13.47
CA ILE D 332 -22.25 -71.36 13.05
C ILE D 332 -22.76 -70.49 14.19
N CYS D 333 -23.29 -69.32 13.85
CA CYS D 333 -23.71 -68.36 14.86
C CYS D 333 -25.16 -67.92 14.63
N LEU D 334 -25.76 -67.47 15.72
CA LEU D 334 -27.17 -67.12 15.80
C LEU D 334 -27.30 -66.06 16.89
N THR D 335 -28.05 -65.00 16.61
CA THR D 335 -28.18 -63.92 17.58
C THR D 335 -29.61 -63.45 17.62
N ARG D 336 -30.18 -63.36 18.81
CA ARG D 336 -31.51 -62.77 18.94
C ARG D 336 -31.44 -61.30 18.61
N THR D 337 -32.27 -60.85 17.68
CA THR D 337 -32.27 -59.44 17.27
C THR D 337 -33.34 -58.62 17.96
N ASP D 338 -34.21 -59.25 18.77
CA ASP D 338 -35.27 -58.52 19.45
C ASP D 338 -34.81 -57.92 20.78
N ARG D 339 -33.54 -57.53 20.86
CA ARG D 339 -33.00 -56.90 22.05
C ARG D 339 -33.57 -55.49 22.22
N GLY D 340 -33.76 -55.08 23.47
CA GLY D 340 -34.23 -53.76 23.78
C GLY D 340 -35.21 -53.78 24.94
N TRP D 341 -35.94 -52.68 25.09
CA TRP D 341 -36.91 -52.53 26.16
C TRP D 341 -38.30 -52.91 25.68
N TYR D 342 -39.09 -53.52 26.57
CA TYR D 342 -40.48 -53.90 26.30
C TYR D 342 -41.34 -53.45 27.47
N CYS D 343 -42.28 -52.53 27.22
CA CYS D 343 -43.24 -52.11 28.23
C CYS D 343 -44.64 -52.46 27.75
N ASP D 344 -45.47 -52.94 28.67
CA ASP D 344 -46.88 -53.13 28.37
C ASP D 344 -47.54 -51.79 28.08
N ASN D 345 -48.42 -51.76 27.07
CA ASN D 345 -49.09 -50.52 26.68
C ASN D 345 -50.32 -50.88 25.84
N ALA D 346 -51.50 -50.59 26.38
CA ALA D 346 -52.75 -50.71 25.62
C ALA D 346 -52.94 -52.12 25.08
N GLY D 347 -52.71 -53.12 25.93
CA GLY D 347 -52.92 -54.49 25.53
C GLY D 347 -51.83 -55.05 24.64
N SER D 348 -50.90 -54.20 24.21
CA SER D 348 -49.74 -54.56 23.38
C SER D 348 -48.47 -54.25 24.18
N VAL D 349 -47.32 -54.32 23.50
CA VAL D 349 -46.03 -54.04 24.11
C VAL D 349 -45.36 -52.93 23.32
N SER D 350 -44.93 -51.88 24.01
CA SER D 350 -44.15 -50.83 23.36
C SER D 350 -42.69 -51.21 23.36
N PHE D 351 -42.11 -51.34 22.17
CA PHE D 351 -40.76 -51.86 21.97
C PHE D 351 -39.86 -50.73 21.51
N PHE D 352 -38.78 -50.50 22.24
CA PHE D 352 -37.82 -49.45 21.90
C PHE D 352 -36.50 -50.15 21.57
N PRO D 353 -36.20 -50.35 20.28
CA PRO D 353 -35.03 -51.18 19.94
C PRO D 353 -33.71 -50.50 20.21
N GLN D 354 -33.58 -49.22 19.89
CA GLN D 354 -32.30 -48.54 20.06
C GLN D 354 -32.08 -48.22 21.54
N ALA D 355 -30.85 -48.44 22.01
CA ALA D 355 -30.59 -48.51 23.45
C ALA D 355 -30.71 -47.15 24.13
N ASP D 356 -30.21 -46.10 23.50
CA ASP D 356 -30.13 -44.80 24.16
C ASP D 356 -31.40 -43.97 23.96
N THR D 357 -32.47 -44.55 23.45
CA THR D 357 -33.71 -43.81 23.34
C THR D 357 -34.48 -43.77 24.66
N CYS D 358 -34.09 -44.59 25.64
CA CYS D 358 -34.73 -44.63 26.94
C CYS D 358 -33.70 -44.35 28.03
N LYS D 359 -34.17 -43.71 29.10
CA LYS D 359 -33.36 -43.40 30.27
C LYS D 359 -33.98 -44.08 31.48
N VAL D 360 -33.15 -44.75 32.28
CA VAL D 360 -33.60 -45.58 33.39
C VAL D 360 -33.32 -44.85 34.69
N GLN D 361 -34.32 -44.73 35.54
CA GLN D 361 -34.14 -44.18 36.88
C GLN D 361 -34.78 -45.11 37.91
N SER D 362 -33.96 -45.72 38.77
CA SER D 362 -34.43 -46.65 39.80
C SER D 362 -35.24 -47.79 39.19
N ASN D 363 -36.58 -47.72 39.29
CA ASN D 363 -37.46 -48.72 38.71
C ASN D 363 -38.29 -48.17 37.57
N ARG D 364 -38.13 -46.91 37.23
CA ARG D 364 -38.90 -46.25 36.19
C ARG D 364 -38.08 -46.10 34.92
N VAL D 365 -38.68 -46.45 33.79
CA VAL D 365 -38.06 -46.34 32.47
C VAL D 365 -38.75 -45.22 31.71
N PHE D 366 -38.04 -44.12 31.46
CA PHE D 366 -38.59 -42.98 30.73
C PHE D 366 -38.28 -43.14 29.26
N CYS D 367 -39.32 -43.32 28.44
CA CYS D 367 -39.17 -43.55 27.01
C CYS D 367 -40.07 -42.59 26.23
N ASP D 368 -39.78 -42.51 24.93
CA ASP D 368 -40.56 -41.71 23.99
C ASP D 368 -41.18 -42.69 22.99
N THR D 369 -42.51 -42.75 22.97
CA THR D 369 -43.16 -43.72 22.10
C THR D 369 -42.86 -43.47 20.63
N MET D 370 -42.50 -42.23 20.25
CA MET D 370 -42.21 -41.96 18.85
C MET D 370 -41.06 -42.81 18.33
N ASN D 371 -40.13 -43.20 19.20
CA ASN D 371 -39.06 -44.13 18.85
C ASN D 371 -39.40 -45.56 19.25
N SER D 372 -40.67 -45.95 19.16
CA SER D 372 -41.10 -47.25 19.62
C SER D 372 -41.88 -47.96 18.53
N LEU D 373 -41.94 -49.28 18.66
CA LEU D 373 -42.82 -50.11 17.87
C LEU D 373 -43.91 -50.72 18.75
N THR D 374 -45.02 -51.06 18.11
CA THR D 374 -46.15 -51.69 18.78
C THR D 374 -46.16 -53.16 18.35
N LEU D 375 -45.94 -54.05 19.31
CA LEU D 375 -45.81 -55.49 19.07
C LEU D 375 -46.94 -56.25 19.75
N PRO D 376 -47.27 -57.44 19.26
CA PRO D 376 -48.26 -58.27 19.95
C PRO D 376 -47.75 -58.72 21.30
N SER D 377 -48.69 -59.02 22.20
CA SER D 377 -48.33 -59.47 23.54
C SER D 377 -47.57 -60.79 23.52
N GLU D 378 -47.71 -61.56 22.44
CA GLU D 378 -47.06 -62.84 22.30
C GLU D 378 -45.55 -62.72 22.16
N VAL D 379 -45.01 -61.50 22.02
CA VAL D 379 -43.58 -61.33 21.89
C VAL D 379 -42.85 -61.88 23.12
N SER D 380 -43.47 -61.78 24.29
CA SER D 380 -42.83 -62.24 25.52
C SER D 380 -42.49 -63.73 25.48
N LEU D 381 -43.16 -64.51 24.65
CA LEU D 381 -42.86 -65.93 24.57
C LEU D 381 -41.48 -66.19 23.97
N CYS D 382 -40.93 -65.24 23.20
CA CYS D 382 -39.59 -65.43 22.64
C CYS D 382 -38.51 -65.59 23.69
N ASN D 383 -38.74 -65.12 24.91
CA ASN D 383 -37.74 -65.31 25.95
C ASN D 383 -37.77 -66.73 26.50
N THR D 384 -38.97 -67.28 26.71
CA THR D 384 -39.13 -68.61 27.29
C THR D 384 -39.18 -69.73 26.25
N ASP D 385 -39.71 -69.45 25.06
CA ASP D 385 -39.86 -70.50 24.05
C ASP D 385 -39.66 -69.84 22.69
N ILE D 386 -38.42 -69.88 22.19
CA ILE D 386 -38.12 -69.24 20.92
C ILE D 386 -38.77 -69.95 19.75
N PHE D 387 -39.15 -71.22 19.91
CA PHE D 387 -39.77 -71.98 18.83
C PHE D 387 -41.30 -71.96 18.88
N ASN D 388 -41.88 -71.09 19.69
CA ASN D 388 -43.33 -71.05 19.78
C ASN D 388 -43.94 -70.71 18.42
N SER D 389 -45.12 -71.26 18.16
CA SER D 389 -45.79 -71.10 16.88
C SER D 389 -46.72 -69.89 16.84
N LYS D 390 -46.62 -68.99 17.83
CA LYS D 390 -47.55 -67.88 17.92
C LYS D 390 -46.91 -66.53 17.65
N TYR D 391 -45.59 -66.39 17.78
CA TYR D 391 -44.90 -65.19 17.35
C TYR D 391 -43.55 -65.58 16.76
N ASP D 392 -43.22 -64.96 15.63
CA ASP D 392 -42.00 -65.29 14.88
C ASP D 392 -40.83 -64.51 15.45
N CYS D 393 -40.03 -65.17 16.29
CA CYS D 393 -38.95 -64.51 17.00
C CYS D 393 -37.86 -64.11 16.01
N LYS D 394 -37.40 -62.86 16.10
CA LYS D 394 -36.43 -62.33 15.15
C LYS D 394 -35.00 -62.66 15.55
N ILE D 395 -34.22 -63.09 14.57
CA ILE D 395 -32.86 -63.61 14.79
C ILE D 395 -32.00 -63.23 13.59
N MET D 396 -30.69 -63.17 13.82
CA MET D 396 -29.70 -63.01 12.77
C MET D 396 -28.73 -64.19 12.77
N THR D 397 -28.14 -64.45 11.61
CA THR D 397 -27.19 -65.53 11.45
C THR D 397 -25.85 -65.00 10.94
N SER D 398 -24.79 -65.70 11.32
CA SER D 398 -23.44 -65.34 10.88
C SER D 398 -22.55 -66.56 11.07
N LYS D 399 -21.33 -66.44 10.53
CA LYS D 399 -20.26 -67.37 10.82
C LYS D 399 -19.13 -66.70 11.59
N THR D 400 -19.39 -65.53 12.16
CA THR D 400 -18.36 -64.74 12.85
C THR D 400 -18.34 -65.14 14.33
N ASP D 401 -17.51 -66.12 14.67
CA ASP D 401 -17.46 -66.65 16.04
C ASP D 401 -16.45 -65.83 16.83
N ILE D 402 -16.87 -64.64 17.24
CA ILE D 402 -16.01 -63.69 17.92
C ILE D 402 -16.50 -63.52 19.34
N SER D 403 -15.57 -63.55 20.29
CA SER D 403 -15.91 -63.45 21.71
C SER D 403 -16.17 -62.00 22.11
N SER D 404 -17.17 -61.84 22.98
CA SER D 404 -17.58 -60.53 23.47
C SER D 404 -18.44 -60.79 24.70
N SER D 405 -18.78 -59.72 25.41
CA SER D 405 -19.62 -59.84 26.59
C SER D 405 -20.67 -58.74 26.60
N VAL D 406 -21.82 -59.07 27.20
CA VAL D 406 -22.98 -58.18 27.30
C VAL D 406 -23.26 -57.96 28.77
N ILE D 407 -23.13 -56.72 29.22
CA ILE D 407 -23.40 -56.38 30.61
C ILE D 407 -24.90 -56.16 30.78
N THR D 408 -25.50 -56.90 31.70
CA THR D 408 -26.91 -56.80 31.99
C THR D 408 -27.14 -55.89 33.20
N SER D 409 -28.40 -55.83 33.66
CA SER D 409 -28.72 -55.02 34.82
C SER D 409 -28.17 -55.64 36.11
N LEU D 410 -28.20 -56.97 36.21
CA LEU D 410 -27.80 -57.66 37.44
C LEU D 410 -26.69 -58.67 37.21
N GLY D 411 -26.00 -58.60 36.08
CA GLY D 411 -24.90 -59.52 35.84
C GLY D 411 -24.19 -59.29 34.53
N ALA D 412 -23.72 -60.37 33.90
CA ALA D 412 -23.00 -60.25 32.65
C ALA D 412 -23.18 -61.53 31.84
N ILE D 413 -23.52 -61.37 30.58
CA ILE D 413 -23.52 -62.46 29.62
C ILE D 413 -22.16 -62.47 28.92
N VAL D 414 -21.59 -63.65 28.73
CA VAL D 414 -20.28 -63.77 28.10
C VAL D 414 -20.37 -64.78 26.95
N SER D 415 -20.09 -64.33 25.74
CA SER D 415 -19.98 -65.17 24.56
C SER D 415 -18.50 -65.43 24.32
N CYS D 416 -18.03 -66.61 24.71
CA CYS D 416 -16.62 -66.95 24.66
C CYS D 416 -16.40 -68.00 23.59
N TYR D 417 -15.57 -67.70 22.59
CA TYR D 417 -15.30 -68.62 21.49
C TYR D 417 -13.83 -68.57 21.12
N GLY D 418 -13.37 -69.62 20.46
CA GLY D 418 -12.00 -69.68 20.00
C GLY D 418 -11.01 -69.80 21.15
N LYS D 419 -9.86 -69.18 20.96
CA LYS D 419 -8.79 -69.15 21.97
C LYS D 419 -8.81 -67.89 22.82
N THR D 420 -9.91 -67.14 22.78
CA THR D 420 -10.01 -65.90 23.53
C THR D 420 -10.07 -66.19 25.04
N LYS D 421 -9.49 -65.30 25.82
CA LYS D 421 -9.47 -65.43 27.27
C LYS D 421 -10.68 -64.72 27.86
N CYS D 422 -11.53 -65.46 28.59
CA CYS D 422 -12.74 -64.91 29.18
C CYS D 422 -12.77 -65.21 30.67
N THR D 423 -12.95 -64.17 31.48
CA THR D 423 -12.78 -64.29 32.92
C THR D 423 -13.72 -63.36 33.67
N ALA D 424 -14.20 -63.82 34.82
CA ALA D 424 -14.93 -63.00 35.78
C ALA D 424 -14.13 -62.95 37.07
N SER D 425 -13.96 -61.74 37.61
CA SER D 425 -13.06 -61.52 38.73
C SER D 425 -13.74 -60.75 39.86
N ASN D 426 -13.21 -60.93 41.07
CA ASN D 426 -13.62 -60.18 42.25
C ASN D 426 -12.50 -59.24 42.67
N LYS D 427 -12.87 -58.11 43.30
CA LYS D 427 -11.90 -57.10 43.70
C LYS D 427 -10.99 -57.57 44.83
N ASN D 428 -11.51 -58.40 45.73
CA ASN D 428 -10.75 -58.90 46.88
C ASN D 428 -10.16 -60.29 46.66
N ARG D 429 -10.51 -60.95 45.55
CA ARG D 429 -10.14 -62.33 45.34
C ARG D 429 -9.46 -62.59 44.00
N GLY D 430 -9.50 -61.65 43.07
CA GLY D 430 -8.93 -61.89 41.76
C GLY D 430 -9.88 -62.70 40.90
N ILE D 431 -9.31 -63.46 39.98
CA ILE D 431 -10.12 -64.29 39.10
C ILE D 431 -10.83 -65.36 39.93
N ILE D 432 -12.16 -65.47 39.74
CA ILE D 432 -12.95 -66.44 40.48
C ILE D 432 -13.63 -67.46 39.56
N LYS D 433 -13.90 -67.08 38.31
CA LYS D 433 -14.51 -68.02 37.37
C LYS D 433 -13.93 -67.85 35.98
N THR D 434 -13.56 -68.96 35.36
CA THR D 434 -13.10 -69.00 33.98
C THR D 434 -14.21 -69.64 33.14
N PHE D 435 -14.69 -68.92 32.14
CA PHE D 435 -15.81 -69.39 31.36
C PHE D 435 -15.37 -70.41 30.32
N SER D 436 -16.13 -71.48 30.21
CA SER D 436 -15.94 -72.38 29.08
C SER D 436 -16.48 -71.70 27.82
N ASN D 437 -16.02 -72.17 26.66
CA ASN D 437 -16.45 -71.57 25.40
C ASN D 437 -17.94 -71.80 25.21
N GLY D 438 -18.65 -70.74 24.83
CA GLY D 438 -20.08 -70.81 24.75
C GLY D 438 -20.69 -69.62 25.46
N CYS D 439 -22.00 -69.67 25.65
CA CYS D 439 -22.71 -68.60 26.33
C CYS D 439 -22.98 -68.99 27.77
N ASP D 440 -22.58 -68.11 28.69
CA ASP D 440 -22.72 -68.35 30.11
C ASP D 440 -23.15 -67.04 30.75
N TYR D 441 -23.40 -67.06 32.06
CA TYR D 441 -23.93 -65.89 32.74
C TYR D 441 -23.55 -65.93 34.20
N VAL D 442 -23.25 -64.76 34.76
CA VAL D 442 -22.83 -64.64 36.15
C VAL D 442 -23.55 -63.49 36.81
N SER D 443 -23.89 -63.66 38.08
CA SER D 443 -24.55 -62.65 38.89
C SER D 443 -23.54 -61.60 39.37
N ASN D 444 -24.06 -60.41 39.66
CA ASN D 444 -23.22 -59.29 40.10
C ASN D 444 -22.89 -59.33 41.59
N LYS D 445 -23.37 -60.33 42.33
CA LYS D 445 -23.16 -60.36 43.78
C LYS D 445 -21.71 -60.63 44.15
N GLY D 446 -21.24 -61.86 43.92
CA GLY D 446 -19.85 -62.17 44.24
C GLY D 446 -18.84 -61.73 43.22
N VAL D 447 -19.28 -61.16 42.10
CA VAL D 447 -18.40 -60.75 41.01
C VAL D 447 -18.47 -59.24 40.89
N ASP D 448 -17.30 -58.61 40.70
CA ASP D 448 -17.24 -57.17 40.56
C ASP D 448 -16.85 -56.72 39.16
N THR D 449 -16.03 -57.48 38.46
CA THR D 449 -15.52 -57.12 37.15
C THR D 449 -15.52 -58.35 36.26
N VAL D 450 -15.58 -58.13 34.96
CA VAL D 450 -15.54 -59.21 33.98
C VAL D 450 -14.57 -58.82 32.88
N SER D 451 -13.75 -59.78 32.45
CA SER D 451 -12.71 -59.56 31.45
C SER D 451 -12.90 -60.53 30.30
N VAL D 452 -12.92 -59.98 29.06
CA VAL D 452 -13.01 -60.78 27.83
C VAL D 452 -11.87 -60.37 26.92
N GLY D 453 -10.84 -61.21 26.82
CA GLY D 453 -9.68 -60.84 26.03
C GLY D 453 -8.98 -59.65 26.66
N ASN D 454 -8.81 -58.59 25.86
CA ASN D 454 -8.21 -57.34 26.29
C ASN D 454 -9.27 -56.30 26.62
N THR D 455 -10.53 -56.70 26.71
CA THR D 455 -11.65 -55.79 26.89
C THR D 455 -12.13 -55.93 28.33
N LEU D 456 -12.08 -54.83 29.08
CA LEU D 456 -12.46 -54.85 30.49
C LEU D 456 -13.81 -54.20 30.68
N TYR D 457 -14.77 -54.98 31.16
CA TYR D 457 -16.13 -54.53 31.39
C TYR D 457 -16.36 -54.45 32.89
N TYR D 458 -16.89 -53.32 33.36
CA TYR D 458 -17.37 -53.22 34.73
C TYR D 458 -18.84 -53.61 34.82
N VAL D 459 -19.19 -54.33 35.88
CA VAL D 459 -20.55 -54.82 36.06
C VAL D 459 -21.33 -53.83 36.91
N ASN D 460 -22.64 -53.76 36.70
CA ASN D 460 -23.49 -52.94 37.55
C ASN D 460 -23.55 -53.53 38.95
N LYS D 461 -23.45 -52.67 39.95
CA LYS D 461 -23.39 -53.13 41.33
C LYS D 461 -24.69 -52.90 42.06
N LEU D 462 -25.78 -53.44 41.52
CA LEU D 462 -27.10 -53.30 42.11
C LEU D 462 -27.54 -54.65 42.66
N GLU D 463 -27.90 -54.66 43.95
CA GLU D 463 -28.39 -55.89 44.56
C GLU D 463 -29.72 -56.28 43.92
N GLY D 464 -29.90 -57.58 43.71
CA GLY D 464 -31.09 -58.03 43.05
C GLY D 464 -31.07 -59.53 42.82
N LYS D 465 -32.24 -60.07 42.53
CA LYS D 465 -32.45 -61.51 42.38
C LYS D 465 -32.12 -61.97 40.97
N ASN D 466 -31.37 -63.05 40.85
CA ASN D 466 -30.99 -63.67 39.59
C ASN D 466 -31.53 -65.09 39.48
N LEU D 467 -31.62 -65.58 38.25
CA LEU D 467 -32.08 -66.94 37.97
C LEU D 467 -31.38 -67.45 36.72
N TYR D 468 -30.58 -68.50 36.89
CA TYR D 468 -29.92 -69.15 35.77
C TYR D 468 -30.88 -70.21 35.24
N VAL D 469 -31.37 -70.01 34.03
CA VAL D 469 -32.35 -70.91 33.40
C VAL D 469 -31.55 -71.86 32.51
N LYS D 470 -31.35 -73.08 32.99
CA LYS D 470 -30.60 -74.09 32.26
C LYS D 470 -31.29 -74.42 30.93
N GLY D 471 -30.47 -74.78 29.95
CA GLY D 471 -31.00 -75.16 28.66
C GLY D 471 -29.95 -75.49 27.63
N GLU D 472 -30.31 -76.33 26.65
CA GLU D 472 -29.39 -76.64 25.58
C GLU D 472 -29.31 -75.46 24.61
N PRO D 473 -28.11 -75.00 24.25
CA PRO D 473 -27.99 -73.91 23.27
C PRO D 473 -28.66 -74.27 21.96
N ILE D 474 -29.48 -73.36 21.44
CA ILE D 474 -30.28 -73.64 20.25
C ILE D 474 -29.42 -73.89 19.03
N ILE D 475 -28.20 -73.34 19.00
CA ILE D 475 -27.39 -73.46 17.80
C ILE D 475 -27.01 -74.91 17.50
N ASN D 476 -27.00 -75.77 18.53
CA ASN D 476 -26.66 -77.17 18.32
C ASN D 476 -27.75 -77.98 17.64
N TYR D 477 -28.97 -77.44 17.53
CA TYR D 477 -30.05 -78.15 16.86
C TYR D 477 -29.93 -78.09 15.34
N TYR D 478 -28.95 -77.38 14.81
CA TYR D 478 -28.80 -77.19 13.37
C TYR D 478 -27.57 -77.91 12.86
N ASP D 479 -27.71 -78.57 11.72
CA ASP D 479 -26.57 -79.20 11.06
C ASP D 479 -25.94 -78.21 10.10
N PRO D 480 -24.64 -77.94 10.20
CA PRO D 480 -23.99 -77.02 9.26
C PRO D 480 -24.04 -77.49 7.82
N LEU D 481 -23.48 -76.66 6.92
CA LEU D 481 -23.44 -76.87 5.46
C LEU D 481 -24.81 -76.63 4.83
N VAL D 482 -25.86 -76.74 5.63
CA VAL D 482 -27.21 -76.41 5.19
C VAL D 482 -27.74 -75.18 5.89
N PHE D 483 -26.91 -74.53 6.69
CA PHE D 483 -27.30 -73.36 7.46
C PHE D 483 -27.20 -72.10 6.60
N PRO D 484 -28.31 -71.39 6.34
CA PRO D 484 -28.19 -70.08 5.68
C PRO D 484 -27.64 -69.05 6.65
N SER D 485 -26.39 -68.64 6.45
CA SER D 485 -25.63 -67.90 7.44
C SER D 485 -25.39 -66.45 7.07
N ASP D 486 -26.38 -65.79 6.46
CA ASP D 486 -26.28 -64.37 6.14
C ASP D 486 -27.63 -63.69 6.27
N GLU D 487 -28.38 -64.06 7.29
CA GLU D 487 -29.69 -63.49 7.52
C GLU D 487 -29.53 -62.32 8.49
N PHE D 488 -30.08 -61.17 8.11
CA PHE D 488 -29.84 -59.95 8.88
C PHE D 488 -30.95 -59.66 9.87
N ASP D 489 -32.20 -59.81 9.46
CA ASP D 489 -33.34 -59.64 10.36
C ASP D 489 -34.32 -60.79 10.21
N ALA D 490 -33.84 -61.96 9.81
CA ALA D 490 -34.70 -63.11 9.57
C ALA D 490 -35.24 -63.64 10.90
N SER D 491 -35.94 -64.77 10.84
CA SER D 491 -36.64 -65.29 12.00
C SER D 491 -36.59 -66.80 12.00
N ILE D 492 -37.07 -67.37 13.12
CA ILE D 492 -37.11 -68.83 13.29
C ILE D 492 -37.83 -69.47 12.11
N SER D 493 -39.03 -68.98 11.79
CA SER D 493 -39.77 -69.56 10.69
C SER D 493 -39.13 -69.25 9.34
N GLN D 494 -38.48 -68.09 9.20
CA GLN D 494 -37.82 -67.77 7.95
C GLN D 494 -36.61 -68.67 7.70
N VAL D 495 -35.81 -68.93 8.74
CA VAL D 495 -34.67 -69.82 8.59
C VAL D 495 -35.13 -71.23 8.27
N ASN D 496 -36.21 -71.67 8.92
CA ASN D 496 -36.74 -73.02 8.67
C ASN D 496 -37.06 -73.20 7.19
N GLU D 497 -37.70 -72.20 6.58
CA GLU D 497 -38.08 -72.29 5.18
C GLU D 497 -36.86 -72.34 4.28
N LYS D 498 -35.79 -71.62 4.64
CA LYS D 498 -34.57 -71.68 3.85
C LYS D 498 -33.85 -73.01 4.07
N ILE D 499 -33.89 -73.54 5.28
CA ILE D 499 -33.32 -74.86 5.53
C ILE D 499 -34.15 -75.95 4.86
N ASN D 500 -35.48 -75.91 5.05
CA ASN D 500 -36.33 -76.96 4.50
C ASN D 500 -36.27 -77.03 2.99
N GLN D 501 -36.16 -75.87 2.31
CA GLN D 501 -36.05 -75.91 0.86
C GLN D 501 -34.68 -76.38 0.41
N SER D 502 -33.63 -76.05 1.17
CA SER D 502 -32.30 -76.54 0.82
C SER D 502 -32.12 -77.99 1.22
N LEU D 503 -32.76 -78.43 2.31
CA LEU D 503 -32.70 -79.83 2.69
C LEU D 503 -33.54 -80.70 1.76
N ALA D 504 -34.61 -80.15 1.19
CA ALA D 504 -35.42 -80.90 0.23
C ALA D 504 -34.68 -81.13 -1.07
N PHE D 505 -33.86 -80.17 -1.51
CA PHE D 505 -33.05 -80.38 -2.71
C PHE D 505 -31.88 -81.34 -2.45
N ILE D 506 -31.39 -81.41 -1.21
CA ILE D 506 -30.32 -82.36 -0.89
C ILE D 506 -30.89 -83.75 -0.63
N ARG D 507 -32.03 -83.83 0.05
CA ARG D 507 -32.68 -85.13 0.28
C ARG D 507 -33.07 -85.78 -1.03
N ARG D 508 -33.71 -85.02 -1.93
CA ARG D 508 -34.24 -85.57 -3.17
C ARG D 508 -33.15 -85.86 -4.20
N SER D 509 -32.01 -85.18 -4.13
CA SER D 509 -30.94 -85.41 -5.07
C SER D 509 -30.11 -86.65 -4.74
N ASP D 510 -29.87 -86.92 -3.46
CA ASP D 510 -29.07 -88.08 -3.11
C ASP D 510 -29.84 -89.39 -3.21
N GLU D 511 -31.14 -89.37 -2.91
CA GLU D 511 -31.99 -90.55 -3.10
C GLU D 511 -32.22 -90.87 -4.57
N LEU D 512 -31.89 -89.95 -5.47
CA LEU D 512 -32.09 -90.17 -6.90
C LEU D 512 -30.88 -90.80 -7.57
N LEU D 513 -29.71 -90.70 -6.94
CA LEU D 513 -28.51 -91.35 -7.46
C LEU D 513 -28.31 -92.72 -6.80
N GLN E 26 -44.15 -19.00 -1.19
CA GLN E 26 -43.36 -19.83 -0.28
C GLN E 26 -44.07 -21.16 -0.02
N ASN E 27 -44.63 -21.73 -1.08
CA ASN E 27 -45.48 -22.89 -1.00
C ASN E 27 -44.81 -24.11 -1.62
N ILE E 28 -45.09 -25.26 -1.02
CA ILE E 28 -44.55 -26.54 -1.43
C ILE E 28 -45.70 -27.46 -1.78
N THR E 29 -45.52 -28.23 -2.85
CA THR E 29 -46.50 -29.22 -3.29
C THR E 29 -45.94 -30.59 -2.98
N GLU E 30 -46.76 -31.46 -2.40
CA GLU E 30 -46.34 -32.78 -1.99
C GLU E 30 -47.06 -33.82 -2.83
N GLU E 31 -46.35 -34.88 -3.18
CA GLU E 31 -46.88 -35.95 -4.01
C GLU E 31 -46.76 -37.27 -3.27
N PHE E 32 -47.86 -38.02 -3.20
CA PHE E 32 -47.85 -39.36 -2.62
C PHE E 32 -48.11 -40.38 -3.71
N TYR E 33 -47.30 -41.44 -3.73
CA TYR E 33 -47.44 -42.52 -4.70
C TYR E 33 -47.91 -43.77 -3.95
N GLN E 34 -49.18 -44.14 -4.15
CA GLN E 34 -49.72 -45.32 -3.49
C GLN E 34 -49.03 -46.60 -3.95
N SER E 35 -48.56 -46.64 -5.20
CA SER E 35 -47.96 -47.86 -5.71
C SER E 35 -46.73 -48.24 -4.91
N THR E 36 -45.91 -47.26 -4.56
CA THR E 36 -44.64 -47.51 -3.91
C THR E 36 -44.62 -47.00 -2.48
N CYS E 37 -45.72 -46.47 -1.99
CA CYS E 37 -45.80 -45.97 -0.61
C CYS E 37 -44.64 -45.02 -0.31
N SER E 38 -44.63 -43.90 -1.04
CA SER E 38 -43.59 -42.91 -0.89
C SER E 38 -44.19 -41.54 -1.18
N ALA E 39 -43.46 -40.48 -0.80
CA ALA E 39 -43.94 -39.11 -0.95
C ALA E 39 -42.79 -38.17 -1.32
N VAL E 40 -43.09 -37.23 -2.21
CA VAL E 40 -42.11 -36.26 -2.71
C VAL E 40 -42.65 -34.86 -2.46
N SER E 41 -41.89 -34.06 -1.69
CA SER E 41 -42.25 -32.68 -1.39
C SER E 41 -41.43 -31.77 -2.28
N ARG E 42 -42.09 -31.14 -3.24
CA ARG E 42 -41.41 -30.34 -4.26
C ARG E 42 -41.54 -28.85 -3.94
N GLY E 43 -40.66 -28.07 -4.55
CA GLY E 43 -40.70 -26.63 -4.42
C GLY E 43 -39.61 -26.05 -3.56
N TYR E 44 -38.90 -26.89 -2.81
CA TYR E 44 -37.80 -26.40 -2.00
C TYR E 44 -36.65 -25.98 -2.90
N PHE E 45 -35.79 -25.11 -2.38
CA PHE E 45 -34.62 -24.62 -3.10
C PHE E 45 -33.34 -25.03 -2.37
N SER E 46 -32.24 -24.99 -3.10
CA SER E 46 -30.98 -25.55 -2.63
C SER E 46 -30.07 -24.51 -1.98
N ALA E 47 -29.21 -24.99 -1.08
CA ALA E 47 -28.11 -24.23 -0.53
C ALA E 47 -27.01 -25.18 -0.06
N LEU E 48 -26.18 -25.64 -0.98
CA LEU E 48 -25.22 -26.71 -0.71
C LEU E 48 -23.85 -26.13 -0.34
N ARG E 49 -23.27 -26.63 0.76
CA ARG E 49 -21.91 -26.23 1.14
C ARG E 49 -20.92 -27.04 0.32
N THR E 50 -20.37 -26.45 -0.73
CA THR E 50 -19.48 -27.19 -1.61
C THR E 50 -18.02 -27.03 -1.23
N GLY E 51 -17.66 -25.97 -0.49
CA GLY E 51 -16.28 -25.71 -0.16
C GLY E 51 -16.15 -25.09 1.22
N TRP E 52 -14.91 -24.74 1.55
CA TRP E 52 -14.58 -24.15 2.84
C TRP E 52 -13.76 -22.89 2.64
N TYR E 53 -14.06 -21.87 3.43
CA TYR E 53 -13.20 -20.70 3.56
C TYR E 53 -12.64 -20.65 4.97
N THR E 54 -11.35 -20.36 5.07
CA THR E 54 -10.63 -20.37 6.34
C THR E 54 -10.25 -18.95 6.71
N SER E 55 -10.47 -18.60 7.97
CA SER E 55 -10.12 -17.28 8.48
C SER E 55 -9.31 -17.43 9.76
N VAL E 56 -8.40 -16.48 9.96
CA VAL E 56 -7.52 -16.47 11.14
C VAL E 56 -8.04 -15.41 12.08
N ILE E 57 -8.49 -15.84 13.26
CA ILE E 57 -8.98 -14.93 14.30
C ILE E 57 -7.93 -14.83 15.39
N THR E 58 -7.51 -13.61 15.70
CA THR E 58 -6.41 -13.37 16.63
C THR E 58 -6.86 -12.47 17.77
N ILE E 59 -6.22 -12.63 18.92
CA ILE E 59 -6.37 -11.74 20.07
C ILE E 59 -4.99 -11.33 20.55
N GLU E 60 -4.79 -10.04 20.76
CA GLU E 60 -3.50 -9.52 21.22
C GLU E 60 -3.43 -9.61 22.74
N LEU E 61 -2.35 -10.21 23.24
CA LEU E 61 -2.15 -10.44 24.66
C LEU E 61 -0.95 -9.67 25.19
N SER E 62 -0.88 -9.56 26.52
CA SER E 62 0.21 -8.91 27.23
C SER E 62 0.81 -9.88 28.24
N ASN E 63 2.13 -10.02 28.19
CA ASN E 63 2.87 -10.97 29.02
C ASN E 63 3.15 -10.38 30.41
N ILE E 64 2.08 -10.16 31.17
CA ILE E 64 2.25 -9.68 32.55
C ILE E 64 2.39 -10.94 33.39
N LYS E 65 3.62 -11.22 33.82
CA LYS E 65 3.87 -12.39 34.64
C LYS E 65 3.33 -12.19 36.05
N GLU E 66 3.71 -11.08 36.68
CA GLU E 66 3.35 -10.82 38.07
C GLU E 66 3.42 -9.33 38.35
N THR E 67 2.51 -8.85 39.19
CA THR E 67 2.56 -7.51 39.75
C THR E 67 3.08 -7.58 41.19
N LYS E 68 3.69 -6.48 41.66
CA LYS E 68 4.44 -6.47 42.91
C LYS E 68 3.72 -5.92 44.14
N CYS E 69 2.53 -5.36 44.03
CA CYS E 69 1.95 -4.70 45.20
C CYS E 69 1.36 -5.72 46.18
N ASN E 70 2.00 -5.86 47.34
CA ASN E 70 1.57 -6.74 48.41
C ASN E 70 0.61 -6.05 49.40
N GLY E 71 0.01 -4.92 49.02
CA GLY E 71 -0.87 -4.20 49.93
C GLY E 71 -2.25 -4.78 49.75
N THR E 72 -2.89 -5.16 50.87
CA THR E 72 -4.12 -5.93 50.82
C THR E 72 -5.33 -5.09 51.22
N ASP E 73 -6.21 -4.87 50.25
CA ASP E 73 -7.52 -4.27 50.42
C ASP E 73 -8.46 -5.16 49.63
N THR E 74 -9.77 -5.07 49.91
CA THR E 74 -10.72 -5.90 49.20
C THR E 74 -10.72 -5.63 47.69
N LYS E 75 -10.38 -4.40 47.28
CA LYS E 75 -10.36 -4.05 45.86
C LYS E 75 -9.17 -4.70 45.13
N VAL E 76 -7.98 -4.60 45.71
CA VAL E 76 -6.78 -5.11 45.05
C VAL E 76 -6.83 -6.63 44.92
N LYS E 77 -7.40 -7.32 45.92
CA LYS E 77 -7.46 -8.77 45.87
C LYS E 77 -8.28 -9.26 44.69
N LEU E 78 -9.22 -8.45 44.20
CA LEU E 78 -10.04 -8.90 43.10
C LEU E 78 -9.28 -8.79 41.78
N ILE E 79 -8.59 -7.66 41.55
CA ILE E 79 -7.80 -7.52 40.34
C ILE E 79 -6.66 -8.53 40.37
N LYS E 80 -6.12 -8.79 41.56
CA LYS E 80 -5.00 -9.72 41.68
C LYS E 80 -5.41 -11.12 41.25
N GLN E 81 -6.52 -11.63 41.80
CA GLN E 81 -6.99 -12.96 41.44
C GLN E 81 -7.49 -13.03 40.00
N GLU E 82 -8.10 -11.96 39.49
CA GLU E 82 -8.50 -11.94 38.09
C GLU E 82 -7.28 -11.98 37.18
N LEU E 83 -6.21 -11.30 37.55
CA LEU E 83 -4.98 -11.42 36.78
C LEU E 83 -4.47 -12.85 36.84
N ASP E 84 -4.60 -13.50 38.02
CA ASP E 84 -4.21 -14.90 38.14
C ASP E 84 -5.10 -15.80 37.30
N LYS E 85 -6.39 -15.49 37.21
CA LYS E 85 -7.26 -16.25 36.33
C LYS E 85 -6.82 -16.10 34.88
N TYR E 86 -6.38 -14.90 34.51
CA TYR E 86 -5.86 -14.67 33.16
C TYR E 86 -4.56 -15.41 32.93
N LYS E 87 -3.58 -15.24 33.83
CA LYS E 87 -2.26 -15.85 33.65
C LYS E 87 -2.34 -17.37 33.63
N ASN E 88 -3.31 -17.95 34.33
CA ASN E 88 -3.49 -19.40 34.30
C ASN E 88 -4.20 -19.83 33.02
N ALA E 89 -5.15 -19.02 32.55
CA ALA E 89 -5.81 -19.30 31.28
C ALA E 89 -4.82 -19.32 30.13
N VAL E 90 -3.86 -18.38 30.13
CA VAL E 90 -2.81 -18.36 29.11
C VAL E 90 -2.03 -19.67 29.11
N THR E 91 -1.62 -20.12 30.29
CA THR E 91 -0.87 -21.36 30.40
C THR E 91 -1.71 -22.54 29.94
N GLU E 92 -3.00 -22.53 30.25
CA GLU E 92 -3.88 -23.61 29.82
C GLU E 92 -3.82 -23.78 28.31
N LEU E 93 -3.83 -22.68 27.57
CA LEU E 93 -3.83 -22.75 26.11
C LEU E 93 -2.52 -23.30 25.58
N GLN E 94 -1.41 -22.95 26.24
CA GLN E 94 -0.11 -23.45 25.82
C GLN E 94 -0.03 -24.98 25.93
N LEU E 95 -0.67 -25.54 26.96
CA LEU E 95 -0.74 -27.00 27.07
C LEU E 95 -1.58 -27.59 25.94
N LEU E 96 -2.69 -26.93 25.59
CA LEU E 96 -3.61 -27.42 24.55
C LEU E 96 -3.02 -27.38 23.15
N THR E 97 -1.98 -26.57 22.92
CA THR E 97 -1.50 -26.40 21.55
C THR E 97 -0.58 -27.54 21.15
N GLN E 98 0.36 -27.90 22.03
CA GLN E 98 1.31 -28.95 21.74
C GLN E 98 0.62 -30.31 21.65
N PHE E 137 -32.66 -44.77 5.94
CA PHE E 137 -31.94 -45.84 5.26
C PHE E 137 -30.70 -45.32 4.54
N LEU E 138 -29.94 -46.24 3.96
CA LEU E 138 -28.72 -45.92 3.21
C LEU E 138 -27.77 -45.18 4.17
N GLY E 139 -26.90 -44.31 3.63
CA GLY E 139 -26.00 -43.55 4.45
C GLY E 139 -24.64 -44.20 4.61
N PHE E 140 -24.61 -45.53 4.68
CA PHE E 140 -23.36 -46.26 4.77
C PHE E 140 -22.52 -46.11 3.52
N LEU E 141 -23.10 -45.63 2.43
CA LEU E 141 -22.40 -45.48 1.16
C LEU E 141 -21.66 -44.17 1.04
N LEU E 142 -21.72 -43.31 2.08
CA LEU E 142 -21.26 -41.94 1.95
C LEU E 142 -19.75 -41.82 1.76
N GLY E 143 -18.97 -42.70 2.40
CA GLY E 143 -17.54 -42.56 2.35
C GLY E 143 -17.09 -41.49 3.31
N VAL E 144 -15.90 -41.62 3.87
CA VAL E 144 -15.48 -40.73 4.94
C VAL E 144 -14.69 -39.57 4.37
N GLY E 145 -14.92 -38.38 4.94
CA GLY E 145 -14.15 -37.19 4.64
C GLY E 145 -13.53 -36.61 5.90
N SER E 146 -12.74 -35.57 5.71
CA SER E 146 -12.11 -34.85 6.82
C SER E 146 -12.60 -33.40 6.76
N ALA E 147 -13.55 -33.08 7.65
CA ALA E 147 -14.24 -31.80 7.57
C ALA E 147 -13.30 -30.62 7.78
N ILE E 148 -12.29 -30.76 8.64
CA ILE E 148 -11.44 -29.65 9.03
C ILE E 148 -10.04 -29.79 8.47
N ALA E 149 -9.87 -30.55 7.39
CA ALA E 149 -8.54 -30.65 6.76
C ALA E 149 -8.04 -29.29 6.31
N SER E 150 -8.94 -28.42 5.83
CA SER E 150 -8.53 -27.10 5.37
C SER E 150 -8.02 -26.23 6.51
N GLY E 151 -8.77 -26.16 7.60
CA GLY E 151 -8.34 -25.36 8.74
C GLY E 151 -7.03 -25.83 9.33
N ILE E 152 -6.86 -27.16 9.44
CA ILE E 152 -5.63 -27.70 9.98
C ILE E 152 -4.43 -27.24 9.16
N ALA E 153 -4.60 -27.16 7.84
CA ALA E 153 -3.51 -26.70 6.98
C ALA E 153 -3.09 -25.28 7.34
N VAL E 154 -4.06 -24.40 7.62
CA VAL E 154 -3.74 -23.03 7.99
C VAL E 154 -2.99 -23.01 9.32
N CYS E 155 -3.45 -23.82 10.27
CA CYS E 155 -2.76 -23.97 11.55
C CYS E 155 -1.31 -24.37 11.35
N LYS E 156 -1.08 -25.36 10.48
CA LYS E 156 0.27 -25.86 10.24
C LYS E 156 1.13 -24.76 9.63
N VAL E 157 0.54 -23.91 8.79
CA VAL E 157 1.25 -22.77 8.21
C VAL E 157 1.55 -21.74 9.28
N LEU E 158 0.61 -21.51 10.19
CA LEU E 158 0.83 -20.57 11.27
C LEU E 158 1.99 -21.01 12.15
N HIS E 159 2.30 -22.31 12.16
CA HIS E 159 3.40 -22.85 12.93
C HIS E 159 4.76 -22.54 12.32
N LEU E 160 4.80 -22.08 11.07
CA LEU E 160 6.08 -21.77 10.41
C LEU E 160 6.72 -20.54 11.06
N GLU E 161 8.06 -20.54 11.09
CA GLU E 161 8.80 -19.49 11.79
C GLU E 161 8.55 -18.13 11.16
N GLY E 162 8.29 -17.14 12.01
CA GLY E 162 8.03 -15.80 11.54
C GLY E 162 6.71 -15.63 10.80
N GLU E 163 5.83 -16.62 10.85
CA GLU E 163 4.57 -16.51 10.13
C GLU E 163 3.55 -15.72 10.95
N VAL E 164 3.48 -15.97 12.26
CA VAL E 164 2.65 -15.17 13.14
C VAL E 164 3.12 -13.73 13.12
N ASN E 165 4.44 -13.53 13.02
CA ASN E 165 5.02 -12.19 12.99
C ASN E 165 4.49 -11.39 11.80
N LYS E 166 4.35 -12.05 10.64
CA LYS E 166 3.76 -11.39 9.47
C LYS E 166 2.34 -10.91 9.75
N ILE E 167 1.53 -11.73 10.42
CA ILE E 167 0.16 -11.35 10.74
C ILE E 167 0.16 -10.18 11.72
N LYS E 168 0.98 -10.27 12.78
CA LYS E 168 0.99 -9.24 13.81
C LYS E 168 1.29 -7.86 13.22
N ASN E 169 2.28 -7.77 12.32
CA ASN E 169 2.66 -6.49 11.75
C ASN E 169 1.55 -5.91 10.87
N ALA E 170 0.71 -6.77 10.28
CA ALA E 170 -0.40 -6.28 9.47
C ALA E 170 -1.51 -5.71 10.34
N LEU E 171 -1.72 -6.27 11.55
CA LEU E 171 -2.75 -5.82 12.49
C LEU E 171 -2.23 -4.78 13.49
N LEU E 172 -1.12 -4.11 13.20
CA LEU E 172 -0.62 -3.12 14.15
C LEU E 172 -1.42 -1.83 14.11
N SER E 173 -1.83 -1.38 12.92
CA SER E 173 -2.56 -0.14 12.79
C SER E 173 -4.08 -0.33 12.68
N THR E 174 -4.53 -1.43 12.09
CA THR E 174 -5.95 -1.72 11.90
C THR E 174 -6.28 -3.12 12.41
N ASN E 175 -7.58 -3.42 12.44
CA ASN E 175 -8.09 -4.69 12.93
C ASN E 175 -8.50 -5.66 11.81
N LYS E 176 -8.21 -5.34 10.55
CA LYS E 176 -8.62 -6.16 9.41
C LYS E 176 -7.56 -6.08 8.32
N ALA E 177 -7.07 -7.24 7.88
CA ALA E 177 -6.06 -7.24 6.84
C ALA E 177 -6.14 -8.53 6.04
N VAL E 178 -5.73 -8.44 4.78
CA VAL E 178 -5.54 -9.62 3.93
C VAL E 178 -4.03 -9.86 3.84
N VAL E 179 -3.60 -11.02 4.31
CA VAL E 179 -2.18 -11.37 4.36
C VAL E 179 -1.90 -12.50 3.39
N SER E 180 -0.80 -12.38 2.66
CA SER E 180 -0.32 -13.46 1.82
C SER E 180 0.64 -14.30 2.66
N LEU E 181 0.25 -15.52 2.94
CA LEU E 181 1.09 -16.43 3.71
C LEU E 181 2.21 -16.98 2.83
N SER E 182 3.20 -17.59 3.49
CA SER E 182 4.40 -18.03 2.80
C SER E 182 4.07 -19.05 1.69
N ASN E 183 2.99 -19.81 1.83
CA ASN E 183 2.69 -20.79 0.79
C ASN E 183 2.20 -20.11 -0.49
N GLY E 184 1.15 -19.29 -0.39
CA GLY E 184 0.62 -18.62 -1.56
C GLY E 184 -0.80 -18.10 -1.39
N VAL E 185 -1.37 -18.31 -0.22
CA VAL E 185 -2.80 -18.10 0.01
C VAL E 185 -3.04 -16.82 0.79
N SER E 186 -4.04 -16.06 0.35
CA SER E 186 -4.49 -14.84 1.04
C SER E 186 -5.67 -15.19 1.95
N VAL E 187 -5.57 -14.81 3.22
CA VAL E 187 -6.55 -15.16 4.25
C VAL E 187 -6.99 -13.89 4.98
N LEU E 188 -8.27 -13.82 5.30
CA LEU E 188 -8.80 -12.72 6.12
C LEU E 188 -8.35 -12.90 7.57
N THR E 189 -7.82 -11.82 8.17
CA THR E 189 -7.35 -11.84 9.54
C THR E 189 -8.08 -10.79 10.39
N PHE E 190 -8.20 -11.09 11.69
CA PHE E 190 -9.10 -10.38 12.59
C PHE E 190 -8.49 -10.29 13.98
N LYS E 191 -8.23 -9.07 14.43
CA LYS E 191 -7.87 -8.81 15.82
C LYS E 191 -9.15 -8.45 16.57
N VAL E 192 -9.62 -9.34 17.44
CA VAL E 192 -10.90 -9.14 18.10
C VAL E 192 -10.73 -8.39 19.41
N LEU E 193 -10.35 -9.10 20.47
CA LEU E 193 -10.10 -8.43 21.74
C LEU E 193 -8.68 -7.90 21.73
N ASP E 194 -8.53 -6.65 22.15
CA ASP E 194 -7.20 -6.05 22.28
C ASP E 194 -6.91 -6.01 23.77
N LEU E 195 -6.41 -7.14 24.28
CA LEU E 195 -6.08 -7.23 25.70
C LEU E 195 -4.70 -6.67 25.99
N LYS E 196 -3.79 -6.71 25.02
CA LYS E 196 -2.43 -6.22 25.22
C LYS E 196 -2.44 -4.73 25.57
N SER E 197 -2.96 -3.91 24.66
CA SER E 197 -2.99 -2.47 24.91
C SER E 197 -3.92 -2.11 26.06
N TYR E 198 -4.91 -2.98 26.37
CA TYR E 198 -5.74 -2.74 27.55
C TYR E 198 -4.93 -2.90 28.83
N ILE E 199 -4.28 -4.05 28.99
CA ILE E 199 -3.55 -4.32 30.22
C ILE E 199 -2.35 -3.39 30.33
N ASN E 200 -1.68 -3.13 29.21
CA ASN E 200 -0.44 -2.35 29.21
C ASN E 200 -0.69 -0.85 29.32
N ASN E 201 -1.77 -0.35 28.72
CA ASN E 201 -1.96 1.08 28.60
C ASN E 201 -3.18 1.61 29.36
N GLN E 202 -4.00 0.75 29.95
CA GLN E 202 -5.13 1.22 30.76
C GLN E 202 -5.10 0.73 32.20
N LEU E 203 -4.71 -0.53 32.43
CA LEU E 203 -4.81 -1.11 33.77
C LEU E 203 -3.52 -0.87 34.55
N LEU E 204 -2.40 -1.34 34.01
CA LEU E 204 -1.11 -1.15 34.66
C LEU E 204 -0.82 0.32 35.00
N PRO E 205 -1.12 1.31 34.15
CA PRO E 205 -0.93 2.70 34.59
C PRO E 205 -1.76 3.09 35.79
N ILE E 206 -3.04 2.69 35.84
CA ILE E 206 -3.89 3.03 36.98
C ILE E 206 -3.28 2.53 38.28
N LEU E 207 -2.75 1.31 38.27
CA LEU E 207 -2.16 0.75 39.49
C LEU E 207 -0.90 1.51 39.89
N ASN E 208 -0.01 1.77 38.93
CA ASN E 208 1.31 2.27 39.28
C ASN E 208 1.29 3.67 39.86
N GLN E 209 0.42 4.55 39.34
CA GLN E 209 0.45 5.94 39.79
C GLN E 209 0.02 6.08 41.25
N GLN E 210 -0.96 5.28 41.68
CA GLN E 210 -1.49 5.35 43.04
C GLN E 210 -0.90 4.24 43.91
N SER E 211 0.29 3.75 43.56
CA SER E 211 0.99 2.71 44.31
C SER E 211 0.09 1.51 44.58
N CYS E 212 -0.69 1.12 43.57
CA CYS E 212 -1.50 -0.09 43.51
C CYS E 212 -2.75 -0.08 44.39
N ARG E 213 -3.07 1.01 45.09
CA ARG E 213 -4.32 1.09 45.83
C ARG E 213 -5.39 1.58 44.86
N ILE E 214 -6.17 0.66 44.32
CA ILE E 214 -7.18 0.99 43.32
C ILE E 214 -8.45 1.49 44.02
N SER E 215 -8.70 2.80 43.90
CA SER E 215 -9.85 3.41 44.56
C SER E 215 -11.18 3.05 43.90
N ASN E 216 -11.19 2.70 42.62
CA ASN E 216 -12.41 2.61 41.83
C ASN E 216 -12.82 1.17 41.54
N ILE E 217 -13.96 0.75 42.12
CA ILE E 217 -14.51 -0.57 41.83
C ILE E 217 -14.88 -0.69 40.36
N GLU E 218 -15.08 0.43 39.69
CA GLU E 218 -15.47 0.42 38.29
C GLU E 218 -14.39 -0.18 37.42
N THR E 219 -13.13 0.04 37.80
CA THR E 219 -12.01 -0.46 37.02
C THR E 219 -11.97 -1.99 37.01
N VAL E 220 -12.24 -2.61 38.16
CA VAL E 220 -12.20 -4.07 38.23
C VAL E 220 -13.30 -4.70 37.38
N ILE E 221 -14.48 -4.07 37.33
CA ILE E 221 -15.59 -4.65 36.57
C ILE E 221 -15.28 -4.61 35.08
N GLU E 222 -14.74 -3.49 34.59
CA GLU E 222 -14.34 -3.42 33.19
C GLU E 222 -13.29 -4.48 32.88
N PHE E 223 -12.35 -4.68 33.80
CA PHE E 223 -11.31 -5.68 33.58
C PHE E 223 -11.89 -7.08 33.47
N GLN E 224 -12.76 -7.46 34.39
CA GLN E 224 -13.34 -8.79 34.34
C GLN E 224 -14.26 -8.97 33.14
N GLN E 225 -14.94 -7.90 32.70
CA GLN E 225 -15.76 -8.01 31.50
C GLN E 225 -14.91 -8.09 30.23
N LYS E 226 -13.87 -7.25 30.12
CA LYS E 226 -13.00 -7.32 28.95
C LYS E 226 -12.27 -8.66 28.89
N ASN E 227 -11.96 -9.25 30.04
CA ASN E 227 -11.28 -10.54 30.09
C ASN E 227 -12.25 -11.72 29.99
N SER E 228 -13.55 -11.49 30.12
CA SER E 228 -14.50 -12.60 30.22
C SER E 228 -14.49 -13.45 28.95
N ARG E 229 -14.48 -12.81 27.78
CA ARG E 229 -14.55 -13.56 26.54
C ARG E 229 -13.37 -14.52 26.39
N LEU E 230 -12.20 -14.10 26.88
CA LEU E 230 -11.03 -14.99 26.83
C LEU E 230 -11.27 -16.26 27.64
N LEU E 231 -11.88 -16.14 28.81
CA LEU E 231 -12.11 -17.32 29.65
C LEU E 231 -13.07 -18.28 28.98
N GLU E 232 -14.08 -17.76 28.28
CA GLU E 232 -15.03 -18.62 27.58
C GLU E 232 -14.40 -19.27 26.37
N ILE E 233 -13.59 -18.52 25.61
CA ILE E 233 -12.86 -19.09 24.50
C ILE E 233 -11.95 -20.20 25.02
N THR E 234 -11.25 -19.92 26.10
CA THR E 234 -10.38 -20.92 26.72
C THR E 234 -11.19 -22.12 27.14
N ARG E 235 -12.30 -21.87 27.83
CA ARG E 235 -13.14 -22.95 28.36
C ARG E 235 -13.72 -23.80 27.24
N GLU E 236 -14.19 -23.16 26.15
CA GLU E 236 -14.73 -23.93 25.04
C GLU E 236 -13.69 -24.86 24.46
N PHE E 237 -12.51 -24.33 24.18
CA PHE E 237 -11.44 -25.15 23.61
C PHE E 237 -10.99 -26.23 24.57
N SER E 238 -11.02 -25.97 25.88
CA SER E 238 -10.52 -26.94 26.84
C SER E 238 -11.42 -28.16 26.99
N VAL E 239 -12.67 -28.06 26.56
CA VAL E 239 -13.62 -29.17 26.68
C VAL E 239 -13.90 -29.82 25.33
N ASN E 240 -13.41 -29.23 24.24
CA ASN E 240 -13.66 -29.74 22.89
C ASN E 240 -12.35 -30.03 22.16
N ALA E 241 -11.24 -30.12 22.89
CA ALA E 241 -9.94 -30.45 22.32
C ALA E 241 -9.57 -29.50 21.18
N GLY E 242 -9.78 -28.20 21.42
CA GLY E 242 -9.39 -27.17 20.49
C GLY E 242 -10.24 -27.03 19.23
N VAL E 243 -11.31 -27.79 19.08
CA VAL E 243 -12.19 -27.74 17.92
C VAL E 243 -13.62 -27.63 18.42
N THR E 244 -14.27 -26.50 18.18
CA THR E 244 -15.63 -26.28 18.64
C THR E 244 -16.59 -26.26 17.46
N THR E 245 -17.78 -26.77 17.70
CA THR E 245 -18.87 -26.69 16.76
C THR E 245 -20.20 -26.82 17.47
N PRO E 246 -21.19 -25.98 17.14
CA PRO E 246 -21.09 -24.84 16.22
C PRO E 246 -20.26 -23.67 16.76
N LEU E 247 -20.06 -22.67 15.91
CA LEU E 247 -19.28 -21.49 16.24
C LEU E 247 -20.11 -20.57 17.15
N SER E 248 -19.72 -20.47 18.41
CA SER E 248 -20.49 -19.71 19.40
C SER E 248 -20.28 -18.21 19.20
N THR E 249 -21.07 -17.41 19.94
CA THR E 249 -20.88 -15.97 19.94
C THR E 249 -19.65 -15.55 20.73
N TYR E 250 -19.12 -16.43 21.59
CA TYR E 250 -17.84 -16.14 22.23
C TYR E 250 -16.69 -16.33 21.24
N MET E 251 -16.81 -17.33 20.36
CA MET E 251 -15.81 -17.52 19.33
C MET E 251 -15.86 -16.39 18.32
N LEU E 252 -17.07 -16.04 17.87
CA LEU E 252 -17.26 -15.03 16.83
C LEU E 252 -18.64 -14.40 17.03
N THR E 253 -18.67 -13.14 17.45
CA THR E 253 -19.92 -12.42 17.64
C THR E 253 -20.63 -12.18 16.31
N ASN E 254 -21.93 -11.86 16.41
CA ASN E 254 -22.71 -11.59 15.20
C ASN E 254 -22.13 -10.44 14.41
N SER E 255 -21.69 -9.37 15.08
CA SER E 255 -21.08 -8.26 14.39
C SER E 255 -19.81 -8.70 13.68
N GLU E 256 -18.99 -9.50 14.36
CA GLU E 256 -17.74 -9.98 13.76
C GLU E 256 -18.00 -10.91 12.59
N LEU E 257 -18.99 -11.80 12.70
CA LEU E 257 -19.26 -12.75 11.62
C LEU E 257 -19.82 -12.03 10.39
N LEU E 258 -20.78 -11.12 10.58
CA LEU E 258 -21.36 -10.38 9.47
C LEU E 258 -20.31 -9.60 8.70
N SER E 259 -19.34 -9.01 9.40
CA SER E 259 -18.28 -8.26 8.72
C SER E 259 -17.33 -9.20 7.99
N LEU E 260 -17.04 -10.36 8.58
CA LEU E 260 -16.23 -11.37 7.90
C LEU E 260 -16.94 -11.90 6.65
N ILE E 261 -18.26 -12.05 6.74
CA ILE E 261 -19.06 -12.49 5.58
C ILE E 261 -18.92 -11.48 4.44
N ASN E 262 -18.98 -10.19 4.75
CA ASN E 262 -19.01 -9.16 3.70
C ASN E 262 -17.72 -9.09 2.90
N ASP E 263 -16.59 -9.50 3.48
CA ASP E 263 -15.32 -9.41 2.78
C ASP E 263 -14.87 -10.72 2.15
N MET E 264 -15.69 -11.76 2.24
CA MET E 264 -15.26 -13.02 1.64
C MET E 264 -15.42 -12.96 0.12
N PRO E 265 -14.55 -13.63 -0.62
CA PRO E 265 -14.64 -13.59 -2.08
C PRO E 265 -15.80 -14.43 -2.61
N ILE E 266 -17.03 -13.93 -2.44
CA ILE E 266 -18.23 -14.65 -2.85
C ILE E 266 -19.18 -13.67 -3.54
N THR E 267 -20.23 -14.22 -4.14
CA THR E 267 -21.24 -13.41 -4.82
C THR E 267 -22.04 -12.58 -3.80
N ASN E 268 -22.64 -11.51 -4.29
CA ASN E 268 -23.50 -10.70 -3.43
C ASN E 268 -24.74 -11.48 -3.00
N ASP E 269 -25.22 -12.40 -3.84
CA ASP E 269 -26.27 -13.32 -3.41
C ASP E 269 -25.82 -14.17 -2.24
N GLN E 270 -24.57 -14.63 -2.28
CA GLN E 270 -24.04 -15.43 -1.18
C GLN E 270 -23.87 -14.59 0.08
N LYS E 271 -23.39 -13.36 -0.05
CA LYS E 271 -23.27 -12.47 1.10
C LYS E 271 -24.64 -12.26 1.76
N LYS E 272 -25.67 -11.97 0.95
CA LYS E 272 -27.01 -11.82 1.50
C LYS E 272 -27.53 -13.13 2.08
N LEU E 273 -27.29 -14.25 1.38
CA LEU E 273 -27.78 -15.54 1.87
C LEU E 273 -27.18 -15.88 3.22
N MET E 274 -25.86 -15.76 3.36
CA MET E 274 -25.24 -16.08 4.63
C MET E 274 -25.66 -15.09 5.71
N SER E 275 -25.79 -13.81 5.33
CA SER E 275 -26.19 -12.79 6.29
C SER E 275 -27.64 -12.94 6.75
N SER E 276 -28.51 -13.46 5.89
CA SER E 276 -29.90 -13.65 6.28
C SER E 276 -30.08 -14.92 7.10
N ASN E 277 -29.11 -15.82 7.05
CA ASN E 277 -29.16 -17.09 7.76
C ASN E 277 -27.86 -17.31 8.50
N VAL E 278 -27.42 -16.27 9.21
CA VAL E 278 -26.17 -16.29 9.96
C VAL E 278 -26.19 -17.47 10.94
N GLN E 279 -27.39 -17.90 11.31
CA GLN E 279 -27.52 -18.97 12.27
C GLN E 279 -27.05 -20.30 11.68
N ILE E 280 -27.40 -20.56 10.42
CA ILE E 280 -27.00 -21.82 9.81
C ILE E 280 -25.49 -21.85 9.59
N VAL E 281 -24.92 -20.72 9.19
CA VAL E 281 -23.46 -20.63 9.00
C VAL E 281 -22.75 -21.10 10.25
N ARG E 282 -23.19 -20.62 11.41
CA ARG E 282 -22.56 -21.00 12.68
C ARG E 282 -22.56 -22.51 12.86
N GLN E 283 -23.67 -23.17 12.52
CA GLN E 283 -23.76 -24.60 12.78
C GLN E 283 -22.94 -25.44 11.81
N GLN E 284 -22.59 -24.90 10.64
CA GLN E 284 -21.75 -25.61 9.70
C GLN E 284 -20.30 -25.14 9.75
N SER E 285 -19.91 -24.41 10.78
CA SER E 285 -18.57 -23.86 10.88
C SER E 285 -17.79 -24.56 12.00
N TYR E 286 -16.46 -24.42 11.92
CA TYR E 286 -15.56 -24.90 12.95
C TYR E 286 -14.65 -23.78 13.42
N SER E 287 -14.20 -23.87 14.65
CA SER E 287 -13.15 -23.02 15.17
C SER E 287 -12.02 -23.91 15.68
N ILE E 288 -10.82 -23.73 15.14
CA ILE E 288 -9.67 -24.54 15.52
C ILE E 288 -8.61 -23.64 16.15
N MET E 289 -8.46 -23.74 17.46
CA MET E 289 -7.38 -23.09 18.20
C MET E 289 -6.09 -23.86 18.04
N CYS E 290 -4.97 -23.16 17.85
CA CYS E 290 -3.73 -23.92 17.62
C CYS E 290 -2.39 -23.22 17.81
N ILE E 291 -2.36 -21.99 18.32
CA ILE E 291 -1.09 -21.27 18.31
C ILE E 291 -1.03 -20.34 19.51
N ILE E 292 0.10 -20.38 20.21
CA ILE E 292 0.46 -19.42 21.24
C ILE E 292 1.93 -19.06 20.99
N LYS E 293 2.15 -17.98 20.24
CA LYS E 293 3.50 -17.54 19.95
C LYS E 293 3.46 -16.02 19.85
N GLU E 294 4.58 -15.39 20.17
CA GLU E 294 4.64 -13.93 20.25
C GLU E 294 3.60 -13.48 21.27
N GLU E 295 3.05 -12.28 21.09
CA GLU E 295 1.98 -11.78 21.95
C GLU E 295 0.62 -11.87 21.28
N VAL E 296 0.42 -12.87 20.44
CA VAL E 296 -0.86 -13.07 19.77
C VAL E 296 -1.21 -14.56 19.85
N LEU E 297 -2.42 -14.85 20.30
CA LEU E 297 -2.97 -16.19 20.22
C LEU E 297 -4.01 -16.17 19.12
N ALA E 298 -3.99 -17.19 18.27
CA ALA E 298 -4.87 -17.21 17.13
C ALA E 298 -5.52 -18.57 16.99
N TYR E 299 -6.79 -18.54 16.61
CA TYR E 299 -7.55 -19.72 16.27
C TYR E 299 -8.15 -19.52 14.88
N VAL E 300 -8.29 -20.62 14.15
CA VAL E 300 -8.77 -20.57 12.78
C VAL E 300 -10.25 -20.88 12.78
N VAL E 301 -11.05 -20.00 12.19
CA VAL E 301 -12.47 -20.22 11.97
C VAL E 301 -12.65 -20.67 10.54
N GLN E 302 -13.31 -21.79 10.34
CA GLN E 302 -13.48 -22.42 9.05
C GLN E 302 -14.93 -22.23 8.64
N LEU E 303 -15.17 -21.32 7.69
CA LEU E 303 -16.53 -21.01 7.29
C LEU E 303 -16.95 -21.78 6.05
N PRO E 304 -18.24 -22.09 5.93
CA PRO E 304 -18.73 -22.76 4.73
C PRO E 304 -18.85 -21.79 3.56
N ILE E 305 -18.80 -22.35 2.36
CA ILE E 305 -19.06 -21.60 1.13
C ILE E 305 -20.15 -22.34 0.37
N TYR E 306 -21.21 -21.62 0.02
CA TYR E 306 -22.40 -22.20 -0.58
C TYR E 306 -22.33 -21.98 -2.10
N GLY E 307 -21.81 -23.00 -2.81
CA GLY E 307 -21.64 -22.89 -4.24
C GLY E 307 -22.89 -23.18 -5.07
N VAL E 308 -23.87 -23.85 -4.49
CA VAL E 308 -25.12 -24.19 -5.18
C VAL E 308 -26.28 -23.58 -4.42
N ILE E 309 -26.97 -22.63 -5.05
CA ILE E 309 -28.04 -21.88 -4.40
C ILE E 309 -29.25 -21.86 -5.31
N ASP E 310 -30.43 -22.04 -4.72
CA ASP E 310 -31.70 -21.77 -5.37
C ASP E 310 -31.99 -22.70 -6.55
N THR E 311 -31.41 -23.91 -6.55
CA THR E 311 -31.82 -24.89 -7.56
C THR E 311 -32.93 -25.78 -7.01
N PRO E 312 -33.74 -26.39 -7.87
CA PRO E 312 -34.86 -27.20 -7.38
C PRO E 312 -34.40 -28.33 -6.48
N CYS E 313 -35.11 -28.51 -5.38
CA CYS E 313 -34.79 -29.52 -4.39
C CYS E 313 -36.05 -30.11 -3.78
N TRP E 314 -36.04 -31.42 -3.54
CA TRP E 314 -37.20 -32.14 -3.04
C TRP E 314 -36.79 -33.22 -2.04
N LYS E 315 -37.75 -33.60 -1.21
CA LYS E 315 -37.58 -34.57 -0.15
C LYS E 315 -38.41 -35.81 -0.45
N LEU E 316 -37.81 -36.99 -0.31
CA LEU E 316 -38.49 -38.26 -0.52
C LEU E 316 -38.66 -38.98 0.81
N HIS E 317 -39.91 -39.23 1.19
CA HIS E 317 -40.25 -40.05 2.34
C HIS E 317 -40.72 -41.41 1.88
N THR E 318 -40.30 -42.46 2.59
CA THR E 318 -40.69 -43.83 2.26
C THR E 318 -41.16 -44.55 3.51
N SER E 319 -41.99 -45.57 3.32
CA SER E 319 -42.55 -46.36 4.41
C SER E 319 -42.76 -47.78 3.92
N PRO E 320 -42.65 -48.78 4.80
CA PRO E 320 -42.75 -50.18 4.34
C PRO E 320 -44.12 -50.51 3.78
N LEU E 321 -44.12 -51.27 2.67
CA LEU E 321 -45.34 -51.69 1.99
C LEU E 321 -45.43 -53.21 2.02
N CYS E 322 -46.42 -53.73 2.75
CA CYS E 322 -46.58 -55.16 2.93
C CYS E 322 -47.95 -55.61 2.43
N THR E 323 -48.04 -56.90 2.11
CA THR E 323 -49.32 -57.50 1.78
C THR E 323 -50.17 -57.63 3.05
N THR E 324 -51.49 -57.64 2.86
CA THR E 324 -52.44 -57.76 3.98
C THR E 324 -53.33 -58.98 3.73
N ASN E 325 -52.80 -60.17 4.01
CA ASN E 325 -53.56 -61.40 3.91
C ASN E 325 -53.87 -61.90 5.33
N ILE E 326 -54.86 -62.80 5.41
CA ILE E 326 -55.43 -63.19 6.71
C ILE E 326 -54.42 -63.89 7.60
N LYS E 327 -53.44 -64.59 7.01
CA LYS E 327 -52.45 -65.33 7.77
C LYS E 327 -51.57 -64.35 8.55
N GLU E 328 -51.32 -64.63 9.83
CA GLU E 328 -50.64 -63.67 10.69
C GLU E 328 -49.20 -63.45 10.24
N GLY E 329 -48.47 -64.54 9.98
CA GLY E 329 -47.05 -64.45 9.70
C GLY E 329 -46.60 -64.57 8.26
N SER E 330 -47.50 -64.89 7.34
CA SER E 330 -47.11 -65.11 5.94
C SER E 330 -47.47 -63.92 5.06
N ASN E 331 -46.77 -62.80 5.31
CA ASN E 331 -46.88 -61.61 4.47
C ASN E 331 -45.49 -61.18 4.02
N ILE E 332 -45.46 -60.41 2.93
CA ILE E 332 -44.22 -60.01 2.28
C ILE E 332 -44.17 -58.49 2.23
N CYS E 333 -42.99 -57.92 2.47
CA CYS E 333 -42.84 -56.47 2.60
C CYS E 333 -41.78 -55.96 1.64
N LEU E 334 -41.87 -54.66 1.36
CA LEU E 334 -41.02 -53.97 0.40
C LEU E 334 -40.94 -52.51 0.81
N THR E 335 -39.73 -51.95 0.80
CA THR E 335 -39.53 -50.58 1.24
C THR E 335 -38.47 -49.90 0.38
N ARG E 336 -38.78 -48.71 -0.14
CA ARG E 336 -37.78 -47.90 -0.83
C ARG E 336 -36.73 -47.39 0.15
N THR E 337 -35.45 -47.61 -0.16
CA THR E 337 -34.36 -47.16 0.70
C THR E 337 -33.77 -45.83 0.26
N ASP E 338 -34.24 -45.25 -0.84
CA ASP E 338 -33.70 -43.99 -1.34
C ASP E 338 -34.33 -42.77 -0.69
N ARG E 339 -34.72 -42.86 0.57
CA ARG E 339 -35.29 -41.73 1.28
C ARG E 339 -34.23 -40.66 1.52
N GLY E 340 -34.66 -39.41 1.52
CA GLY E 340 -33.76 -38.32 1.81
C GLY E 340 -34.05 -37.11 0.93
N TRP E 341 -33.06 -36.21 0.88
CA TRP E 341 -33.13 -34.97 0.12
C TRP E 341 -32.43 -35.13 -1.23
N TYR E 342 -33.00 -34.52 -2.27
CA TYR E 342 -32.43 -34.54 -3.62
C TYR E 342 -32.44 -33.12 -4.18
N CYS E 343 -31.26 -32.55 -4.44
CA CYS E 343 -31.19 -31.24 -5.09
C CYS E 343 -30.47 -31.37 -6.43
N ASP E 344 -31.05 -30.74 -7.46
CA ASP E 344 -30.36 -30.59 -8.74
C ASP E 344 -29.17 -29.65 -8.62
N ASN E 345 -28.07 -30.00 -9.31
CA ASN E 345 -26.91 -29.12 -9.35
C ASN E 345 -25.99 -29.59 -10.48
N ALA E 346 -25.79 -28.72 -11.48
CA ALA E 346 -24.81 -28.95 -12.53
C ALA E 346 -25.08 -30.24 -13.31
N GLY E 347 -26.34 -30.44 -13.67
CA GLY E 347 -26.73 -31.57 -14.48
C GLY E 347 -26.84 -32.88 -13.74
N SER E 348 -26.43 -32.93 -12.48
CA SER E 348 -26.56 -34.14 -11.67
C SER E 348 -27.47 -33.86 -10.48
N VAL E 349 -27.59 -34.85 -9.59
CA VAL E 349 -28.39 -34.73 -8.37
C VAL E 349 -27.53 -35.14 -7.18
N SER E 350 -27.41 -34.24 -6.21
CA SER E 350 -26.77 -34.56 -4.94
C SER E 350 -27.81 -35.15 -4.00
N PHE E 351 -27.53 -36.34 -3.49
CA PHE E 351 -28.46 -37.10 -2.67
C PHE E 351 -27.93 -37.14 -1.25
N PHE E 352 -28.74 -36.70 -0.29
CA PHE E 352 -28.33 -36.66 1.11
C PHE E 352 -29.13 -37.68 1.90
N PRO E 353 -28.57 -38.86 2.17
CA PRO E 353 -29.39 -39.93 2.78
C PRO E 353 -29.72 -39.72 4.24
N GLN E 354 -28.76 -39.26 5.04
CA GLN E 354 -28.98 -39.18 6.48
C GLN E 354 -29.91 -38.01 6.82
N ALA E 355 -30.84 -38.27 7.75
CA ALA E 355 -31.98 -37.38 7.92
C ALA E 355 -31.58 -36.04 8.53
N ASP E 356 -30.75 -36.06 9.57
CA ASP E 356 -30.47 -34.84 10.30
C ASP E 356 -29.27 -34.09 9.73
N THR E 357 -28.80 -34.48 8.54
CA THR E 357 -27.70 -33.74 7.93
C THR E 357 -28.15 -32.46 7.25
N CYS E 358 -29.45 -32.27 7.05
CA CYS E 358 -29.98 -31.05 6.43
C CYS E 358 -30.97 -30.38 7.38
N LYS E 359 -30.96 -29.05 7.39
CA LYS E 359 -31.87 -28.22 8.18
C LYS E 359 -32.60 -27.27 7.25
N VAL E 360 -33.91 -27.09 7.48
CA VAL E 360 -34.74 -26.29 6.59
C VAL E 360 -35.01 -24.92 7.21
N GLN E 361 -34.76 -23.87 6.42
CA GLN E 361 -35.13 -22.51 6.74
C GLN E 361 -35.85 -21.92 5.53
N SER E 362 -37.14 -21.59 5.72
CA SER E 362 -38.01 -21.11 4.66
C SER E 362 -38.13 -22.18 3.57
N ASN E 363 -37.58 -21.91 2.38
CA ASN E 363 -37.56 -22.88 1.28
C ASN E 363 -36.16 -23.32 0.90
N ARG E 364 -35.13 -22.86 1.61
CA ARG E 364 -33.76 -23.23 1.29
C ARG E 364 -33.34 -24.35 2.23
N VAL E 365 -32.78 -25.40 1.66
CA VAL E 365 -32.33 -26.56 2.43
C VAL E 365 -30.81 -26.51 2.46
N PHE E 366 -30.25 -26.33 3.64
CA PHE E 366 -28.81 -26.21 3.81
C PHE E 366 -28.24 -27.60 4.09
N CYS E 367 -27.45 -28.10 3.15
CA CYS E 367 -26.87 -29.42 3.24
C CYS E 367 -25.37 -29.32 2.99
N ASP E 368 -24.66 -30.40 3.31
CA ASP E 368 -23.22 -30.48 3.13
C ASP E 368 -22.92 -31.55 2.09
N THR E 369 -22.32 -31.12 0.97
CA THR E 369 -22.04 -32.08 -0.10
C THR E 369 -21.12 -33.20 0.35
N MET E 370 -20.32 -32.98 1.39
CA MET E 370 -19.45 -34.05 1.88
C MET E 370 -20.27 -35.26 2.32
N ASN E 371 -21.51 -35.02 2.76
CA ASN E 371 -22.43 -36.09 3.15
C ASN E 371 -23.41 -36.44 2.04
N SER E 372 -23.00 -36.34 0.78
CA SER E 372 -23.91 -36.58 -0.34
C SER E 372 -23.31 -37.54 -1.35
N LEU E 373 -24.20 -38.16 -2.12
CA LEU E 373 -23.83 -38.93 -3.30
C LEU E 373 -24.31 -38.19 -4.54
N THR E 374 -23.63 -38.42 -5.66
CA THR E 374 -24.00 -37.83 -6.94
C THR E 374 -24.59 -38.92 -7.82
N LEU E 375 -25.87 -38.78 -8.15
CA LEU E 375 -26.64 -39.77 -8.88
C LEU E 375 -27.07 -39.23 -10.23
N PRO E 376 -27.37 -40.10 -11.20
CA PRO E 376 -27.89 -39.61 -12.48
C PRO E 376 -29.22 -38.90 -12.30
N SER E 377 -29.52 -37.99 -13.23
CA SER E 377 -30.75 -37.22 -13.14
C SER E 377 -31.99 -38.11 -13.26
N GLU E 378 -31.84 -39.30 -13.84
CA GLU E 378 -32.94 -40.23 -14.02
C GLU E 378 -33.44 -40.83 -12.72
N VAL E 379 -32.77 -40.55 -11.60
CA VAL E 379 -33.21 -41.08 -10.30
C VAL E 379 -34.63 -40.65 -9.98
N SER E 380 -35.03 -39.46 -10.42
CA SER E 380 -36.37 -38.97 -10.13
C SER E 380 -37.45 -39.86 -10.71
N LEU E 381 -37.12 -40.67 -11.72
CA LEU E 381 -38.09 -41.57 -12.33
C LEU E 381 -38.55 -42.65 -11.36
N CYS E 382 -37.74 -42.99 -10.35
CA CYS E 382 -38.15 -43.95 -9.33
C CYS E 382 -39.38 -43.49 -8.57
N ASN E 383 -39.64 -42.19 -8.57
CA ASN E 383 -40.82 -41.66 -7.91
C ASN E 383 -42.05 -41.89 -8.78
N THR E 384 -41.93 -41.66 -10.09
CA THR E 384 -43.06 -41.79 -11.01
C THR E 384 -43.15 -43.17 -11.65
N ASP E 385 -42.02 -43.84 -11.89
CA ASP E 385 -42.01 -45.16 -12.53
C ASP E 385 -40.85 -45.93 -11.90
N ILE E 386 -41.17 -46.72 -10.87
CA ILE E 386 -40.14 -47.46 -10.15
C ILE E 386 -39.57 -48.59 -10.99
N PHE E 387 -40.30 -49.06 -12.00
CA PHE E 387 -39.85 -50.13 -12.87
C PHE E 387 -39.26 -49.59 -14.18
N ASN E 388 -38.95 -48.30 -14.21
CA ASN E 388 -38.42 -47.68 -15.42
C ASN E 388 -37.13 -48.38 -15.85
N SER E 389 -36.91 -48.40 -17.16
CA SER E 389 -35.78 -49.11 -17.75
C SER E 389 -34.53 -48.24 -17.87
N LYS E 390 -34.52 -47.09 -17.21
CA LYS E 390 -33.39 -46.19 -17.33
C LYS E 390 -32.63 -46.01 -16.02
N TYR E 391 -33.24 -46.29 -14.87
CA TYR E 391 -32.55 -46.30 -13.60
C TYR E 391 -33.08 -47.42 -12.72
N ASP E 392 -32.16 -48.14 -12.08
CA ASP E 392 -32.47 -49.30 -11.25
C ASP E 392 -32.78 -48.81 -9.84
N CYS E 393 -34.06 -48.71 -9.51
CA CYS E 393 -34.48 -48.14 -8.24
C CYS E 393 -34.11 -49.04 -7.07
N LYS E 394 -33.53 -48.44 -6.03
CA LYS E 394 -33.02 -49.17 -4.88
C LYS E 394 -34.10 -49.39 -3.82
N ILE E 395 -34.17 -50.63 -3.30
CA ILE E 395 -35.23 -51.07 -2.40
C ILE E 395 -34.68 -52.09 -1.42
N MET E 396 -35.38 -52.26 -0.30
CA MET E 396 -35.14 -53.33 0.65
C MET E 396 -36.38 -54.22 0.76
N THR E 397 -36.17 -55.46 1.18
CA THR E 397 -37.23 -56.43 1.37
C THR E 397 -37.20 -56.99 2.78
N SER E 398 -38.36 -57.44 3.24
CA SER E 398 -38.46 -58.04 4.57
C SER E 398 -39.71 -58.90 4.64
N LYS E 399 -39.79 -59.70 5.69
CA LYS E 399 -41.02 -60.34 6.11
C LYS E 399 -41.49 -59.73 7.43
N THR E 400 -40.98 -58.54 7.74
CA THR E 400 -41.20 -57.87 9.01
C THR E 400 -42.49 -57.07 8.90
N ASP E 401 -43.59 -57.69 9.34
CA ASP E 401 -44.92 -57.11 9.18
C ASP E 401 -45.23 -56.25 10.39
N ILE E 402 -44.64 -55.06 10.42
CA ILE E 402 -44.75 -54.13 11.54
C ILE E 402 -45.45 -52.86 11.10
N SER E 403 -46.41 -52.39 11.91
CA SER E 403 -47.12 -51.16 11.62
C SER E 403 -46.28 -49.95 12.05
N SER E 404 -46.30 -48.89 11.24
CA SER E 404 -45.51 -47.71 11.51
C SER E 404 -46.03 -46.55 10.69
N SER E 405 -45.54 -45.35 10.99
CA SER E 405 -45.95 -44.15 10.26
C SER E 405 -44.77 -43.24 9.98
N VAL E 406 -44.89 -42.53 8.85
CA VAL E 406 -43.90 -41.56 8.37
C VAL E 406 -44.59 -40.22 8.18
N ILE E 407 -44.18 -39.22 8.95
CA ILE E 407 -44.68 -37.85 8.79
C ILE E 407 -43.85 -37.14 7.72
N THR E 408 -44.53 -36.62 6.70
CA THR E 408 -43.88 -35.90 5.63
C THR E 408 -43.94 -34.39 5.90
N SER E 409 -43.54 -33.59 4.91
CA SER E 409 -43.56 -32.14 5.07
C SER E 409 -44.99 -31.60 5.10
N LEU E 410 -45.90 -32.18 4.32
CA LEU E 410 -47.27 -31.71 4.25
C LEU E 410 -48.29 -32.77 4.62
N GLY E 411 -47.87 -33.83 5.29
CA GLY E 411 -48.84 -34.84 5.66
C GLY E 411 -48.26 -36.00 6.44
N ALA E 412 -48.83 -37.19 6.25
CA ALA E 412 -48.37 -38.37 6.96
C ALA E 412 -48.67 -39.60 6.13
N ILE E 413 -47.66 -40.45 5.97
CA ILE E 413 -47.80 -41.78 5.40
C ILE E 413 -48.03 -42.75 6.54
N VAL E 414 -48.99 -43.66 6.37
CA VAL E 414 -49.31 -44.63 7.41
C VAL E 414 -49.27 -46.03 6.80
N SER E 415 -48.36 -46.86 7.29
CA SER E 415 -48.30 -48.27 6.94
C SER E 415 -48.97 -49.03 8.07
N CYS E 416 -50.21 -49.47 7.83
CA CYS E 416 -51.02 -50.09 8.86
C CYS E 416 -51.15 -51.57 8.56
N TYR E 417 -50.66 -52.41 9.47
CA TYR E 417 -50.65 -53.85 9.28
C TYR E 417 -50.96 -54.56 10.58
N GLY E 418 -51.36 -55.82 10.45
CA GLY E 418 -51.73 -56.63 11.58
C GLY E 418 -53.06 -56.13 12.15
N LYS E 419 -53.19 -56.24 13.47
CA LYS E 419 -54.37 -55.79 14.17
C LYS E 419 -54.19 -54.39 14.76
N THR E 420 -53.19 -53.66 14.29
CA THR E 420 -52.88 -52.34 14.84
C THR E 420 -53.98 -51.34 14.51
N LYS E 421 -54.23 -50.42 15.44
CA LYS E 421 -55.20 -49.35 15.24
C LYS E 421 -54.48 -48.12 14.68
N CYS E 422 -54.93 -47.64 13.52
CA CYS E 422 -54.31 -46.48 12.85
C CYS E 422 -55.36 -45.43 12.57
N THR E 423 -55.11 -44.21 13.01
CA THR E 423 -56.11 -43.15 13.05
C THR E 423 -55.50 -41.78 12.80
N ALA E 424 -56.26 -40.93 12.10
CA ALA E 424 -55.94 -39.52 11.95
C ALA E 424 -57.06 -38.71 12.61
N SER E 425 -56.69 -37.70 13.40
CA SER E 425 -57.67 -36.97 14.20
C SER E 425 -57.56 -35.46 14.01
N ASN E 426 -58.69 -34.78 14.24
CA ASN E 426 -58.77 -33.32 14.30
C ASN E 426 -59.09 -32.93 15.74
N LYS E 427 -58.62 -31.75 16.15
CA LYS E 427 -58.79 -31.33 17.54
C LYS E 427 -60.25 -31.02 17.86
N ASN E 428 -61.00 -30.49 16.90
CA ASN E 428 -62.40 -30.13 17.09
C ASN E 428 -63.36 -31.21 16.63
N ARG E 429 -62.83 -32.26 16.01
CA ARG E 429 -63.66 -33.24 15.33
C ARG E 429 -63.42 -34.64 15.83
N GLY E 430 -62.33 -34.87 16.56
CA GLY E 430 -61.99 -36.21 16.99
C GLY E 430 -61.36 -36.98 15.84
N ILE E 431 -61.53 -38.30 15.90
CA ILE E 431 -61.05 -39.16 14.84
C ILE E 431 -61.84 -38.87 13.58
N ILE E 432 -61.14 -38.71 12.46
CA ILE E 432 -61.82 -38.43 11.20
C ILE E 432 -61.60 -39.50 10.16
N LYS E 433 -60.51 -40.27 10.21
CA LYS E 433 -60.33 -41.33 9.23
C LYS E 433 -59.72 -42.54 9.91
N THR E 434 -60.27 -43.71 9.61
CA THR E 434 -59.78 -45.00 10.07
C THR E 434 -59.12 -45.73 8.91
N PHE E 435 -57.84 -46.04 9.06
CA PHE E 435 -57.08 -46.67 7.98
C PHE E 435 -57.34 -48.16 7.94
N SER E 436 -57.68 -48.65 6.75
CA SER E 436 -57.69 -50.07 6.48
C SER E 436 -56.25 -50.53 6.27
N ASN E 437 -56.04 -51.83 6.36
CA ASN E 437 -54.69 -52.36 6.23
C ASN E 437 -54.11 -52.08 4.85
N GLY E 438 -52.85 -51.65 4.84
CA GLY E 438 -52.14 -51.23 3.65
C GLY E 438 -51.42 -49.92 3.91
N CYS E 439 -50.80 -49.40 2.86
CA CYS E 439 -50.10 -48.14 2.98
C CYS E 439 -50.89 -47.03 2.30
N ASP E 440 -51.10 -45.93 3.04
CA ASP E 440 -51.95 -44.83 2.63
C ASP E 440 -51.29 -43.51 3.03
N TYR E 441 -51.99 -42.40 2.75
CA TYR E 441 -51.46 -41.06 2.98
C TYR E 441 -52.62 -40.11 3.24
N VAL E 442 -52.40 -39.13 4.13
CA VAL E 442 -53.41 -38.16 4.50
C VAL E 442 -52.77 -36.77 4.53
N SER E 443 -53.54 -35.77 4.08
CA SER E 443 -53.09 -34.38 4.07
C SER E 443 -53.22 -33.74 5.45
N ASN E 444 -52.37 -32.74 5.67
CA ASN E 444 -52.30 -32.07 6.96
C ASN E 444 -53.36 -31.00 7.15
N LYS E 445 -54.24 -30.77 6.18
CA LYS E 445 -55.19 -29.67 6.29
C LYS E 445 -56.20 -29.91 7.40
N GLY E 446 -57.11 -30.84 7.20
CA GLY E 446 -58.09 -31.11 8.23
C GLY E 446 -57.61 -31.94 9.39
N VAL E 447 -56.36 -32.40 9.37
CA VAL E 447 -55.84 -33.33 10.37
C VAL E 447 -54.81 -32.62 11.23
N ASP E 448 -54.88 -32.87 12.54
CA ASP E 448 -53.90 -32.35 13.48
C ASP E 448 -53.00 -33.42 14.06
N THR E 449 -53.52 -34.64 14.22
CA THR E 449 -52.77 -35.71 14.87
C THR E 449 -53.02 -37.02 14.14
N VAL E 450 -52.05 -37.92 14.23
CA VAL E 450 -52.15 -39.25 13.63
C VAL E 450 -51.66 -40.27 14.64
N SER E 451 -52.39 -41.38 14.77
CA SER E 451 -52.07 -42.41 15.76
C SER E 451 -51.93 -43.77 15.11
N VAL E 452 -50.80 -44.44 15.35
CA VAL E 452 -50.54 -45.79 14.86
C VAL E 452 -50.10 -46.64 16.04
N GLY E 453 -50.95 -47.58 16.45
CA GLY E 453 -50.64 -48.37 17.64
C GLY E 453 -50.66 -47.49 18.87
N ASN E 454 -49.60 -47.54 19.66
CA ASN E 454 -49.53 -46.70 20.86
C ASN E 454 -48.68 -45.45 20.64
N THR E 455 -48.35 -45.13 19.38
CA THR E 455 -47.47 -44.02 19.03
C THR E 455 -48.30 -42.90 18.44
N LEU E 456 -48.28 -41.73 19.08
CA LEU E 456 -49.09 -40.60 18.66
C LEU E 456 -48.21 -39.56 17.97
N TYR E 457 -48.48 -39.29 16.70
CA TYR E 457 -47.70 -38.38 15.88
C TYR E 457 -48.47 -37.08 15.64
N TYR E 458 -47.81 -35.94 15.88
CA TYR E 458 -48.37 -34.65 15.51
C TYR E 458 -47.92 -34.31 14.09
N VAL E 459 -48.84 -33.69 13.32
CA VAL E 459 -48.58 -33.40 11.91
C VAL E 459 -48.05 -31.98 11.76
N ASN E 460 -47.24 -31.77 10.71
CA ASN E 460 -46.76 -30.43 10.38
C ASN E 460 -47.93 -29.57 9.92
N LYS E 461 -47.94 -28.31 10.37
CA LYS E 461 -49.05 -27.43 10.05
C LYS E 461 -48.63 -26.38 9.02
N LEU E 462 -48.15 -26.84 7.86
CA LEU E 462 -47.72 -25.97 6.77
C LEU E 462 -48.72 -26.10 5.63
N GLU E 463 -49.30 -24.98 5.21
CA GLU E 463 -50.24 -24.98 4.10
C GLU E 463 -49.52 -25.31 2.79
N GLY E 464 -50.19 -26.09 1.95
CA GLY E 464 -49.55 -26.51 0.71
C GLY E 464 -50.44 -27.47 -0.04
N LYS E 465 -50.10 -27.66 -1.32
CA LYS E 465 -50.88 -28.45 -2.24
C LYS E 465 -50.54 -29.93 -2.11
N ASN E 466 -51.57 -30.78 -2.08
CA ASN E 466 -51.41 -32.22 -1.97
C ASN E 466 -51.92 -32.91 -3.24
N LEU E 467 -51.38 -34.11 -3.52
CA LEU E 467 -51.79 -34.86 -4.70
C LEU E 467 -51.64 -36.35 -4.44
N TYR E 468 -52.75 -37.08 -4.44
CA TYR E 468 -52.75 -38.53 -4.27
C TYR E 468 -52.64 -39.22 -5.63
N VAL E 469 -51.53 -39.93 -5.85
CA VAL E 469 -51.29 -40.64 -7.11
C VAL E 469 -51.73 -42.08 -6.91
N LYS E 470 -52.91 -42.41 -7.43
CA LYS E 470 -53.43 -43.77 -7.31
C LYS E 470 -52.52 -44.77 -8.01
N GLY E 471 -52.56 -46.01 -7.50
CA GLY E 471 -51.81 -47.11 -8.06
C GLY E 471 -51.97 -48.40 -7.27
N GLU E 472 -51.80 -49.55 -7.94
CA GLU E 472 -51.84 -50.83 -7.26
C GLU E 472 -50.54 -51.03 -6.48
N PRO E 473 -50.59 -51.46 -5.23
CA PRO E 473 -49.35 -51.65 -4.46
C PRO E 473 -48.38 -52.59 -5.16
N ILE E 474 -47.13 -52.15 -5.25
CA ILE E 474 -46.10 -52.89 -5.98
C ILE E 474 -45.85 -54.25 -5.35
N ILE E 475 -46.12 -54.40 -4.05
CA ILE E 475 -45.85 -55.65 -3.36
C ILE E 475 -46.69 -56.78 -3.93
N ASN E 476 -47.82 -56.47 -4.57
CA ASN E 476 -48.66 -57.49 -5.16
C ASN E 476 -48.03 -58.10 -6.41
N TYR E 477 -47.02 -57.45 -6.97
CA TYR E 477 -46.43 -57.91 -8.22
C TYR E 477 -45.49 -59.09 -8.06
N TYR E 478 -45.26 -59.57 -6.84
CA TYR E 478 -44.36 -60.68 -6.60
C TYR E 478 -45.14 -61.86 -6.05
N ASP E 479 -44.82 -63.08 -6.53
CA ASP E 479 -45.52 -64.24 -5.99
C ASP E 479 -44.79 -64.77 -4.76
N PRO E 480 -45.49 -64.93 -3.64
CA PRO E 480 -44.86 -65.41 -2.41
C PRO E 480 -44.25 -66.79 -2.57
N LEU E 481 -43.57 -67.21 -1.51
CA LEU E 481 -42.85 -68.48 -1.38
C LEU E 481 -41.59 -68.46 -2.24
N VAL E 482 -41.57 -67.62 -3.27
CA VAL E 482 -40.40 -67.41 -4.11
C VAL E 482 -39.86 -66.00 -3.95
N PHE E 483 -40.40 -65.23 -3.02
CA PHE E 483 -39.97 -63.86 -2.81
C PHE E 483 -38.69 -63.82 -1.98
N PRO E 484 -37.61 -63.24 -2.48
CA PRO E 484 -36.43 -63.07 -1.64
C PRO E 484 -36.68 -61.99 -0.59
N SER E 485 -36.87 -62.42 0.65
CA SER E 485 -37.40 -61.57 1.71
C SER E 485 -36.36 -61.26 2.79
N ASP E 486 -35.09 -61.10 2.40
CA ASP E 486 -34.05 -60.76 3.36
C ASP E 486 -33.00 -59.86 2.72
N GLU E 487 -33.43 -58.94 1.88
CA GLU E 487 -32.52 -58.01 1.22
C GLU E 487 -32.51 -56.71 1.99
N PHE E 488 -31.31 -56.23 2.34
CA PHE E 488 -31.14 -55.00 3.10
C PHE E 488 -30.79 -53.82 2.20
N ASP E 489 -29.89 -54.03 1.24
CA ASP E 489 -29.58 -53.04 0.22
C ASP E 489 -29.58 -53.75 -1.12
N ALA E 490 -30.51 -53.40 -2.00
CA ALA E 490 -30.63 -54.07 -3.29
C ALA E 490 -31.51 -53.22 -4.20
N SER E 491 -31.86 -53.77 -5.37
CA SER E 491 -32.60 -53.05 -6.39
C SER E 491 -33.60 -53.98 -7.07
N ILE E 492 -34.45 -53.37 -7.90
CA ILE E 492 -35.50 -54.09 -8.63
C ILE E 492 -34.92 -55.28 -9.40
N SER E 493 -33.86 -55.03 -10.20
CA SER E 493 -33.31 -56.08 -11.05
C SER E 493 -32.60 -57.15 -10.24
N GLN E 494 -32.01 -56.80 -9.09
CA GLN E 494 -31.38 -57.82 -8.26
C GLN E 494 -32.41 -58.77 -7.69
N VAL E 495 -33.56 -58.23 -7.27
CA VAL E 495 -34.64 -59.08 -6.77
C VAL E 495 -35.19 -59.95 -7.89
N ASN E 496 -35.33 -59.38 -9.09
CA ASN E 496 -35.82 -60.13 -10.23
C ASN E 496 -34.91 -61.31 -10.57
N GLU E 497 -33.59 -61.07 -10.63
CA GLU E 497 -32.67 -62.15 -11.00
C GLU E 497 -32.62 -63.23 -9.92
N LYS E 498 -32.73 -62.84 -8.65
CA LYS E 498 -32.75 -63.84 -7.60
C LYS E 498 -34.04 -64.64 -7.64
N ILE E 499 -35.16 -64.01 -8.04
CA ILE E 499 -36.37 -64.77 -8.32
C ILE E 499 -36.16 -65.66 -9.54
N ASN E 500 -35.57 -65.11 -10.61
CA ASN E 500 -35.28 -65.91 -11.80
C ASN E 500 -34.33 -67.04 -11.44
N GLN E 501 -33.38 -66.78 -10.53
CA GLN E 501 -32.49 -67.82 -10.05
C GLN E 501 -33.18 -68.78 -9.10
N SER E 502 -34.17 -68.31 -8.34
CA SER E 502 -34.89 -69.17 -7.41
C SER E 502 -35.91 -70.05 -8.11
N LEU E 503 -36.52 -69.57 -9.21
CA LEU E 503 -37.49 -70.40 -9.92
C LEU E 503 -36.80 -71.53 -10.67
N ALA E 504 -35.56 -71.31 -11.13
CA ALA E 504 -34.81 -72.39 -11.74
C ALA E 504 -34.40 -73.43 -10.72
N PHE E 505 -34.14 -73.00 -9.47
CA PHE E 505 -33.83 -73.93 -8.40
C PHE E 505 -35.08 -74.73 -8.02
N ILE E 506 -36.27 -74.18 -8.26
CA ILE E 506 -37.50 -74.92 -8.06
C ILE E 506 -37.76 -75.82 -9.26
N ARG E 507 -37.48 -75.32 -10.46
CA ARG E 507 -37.56 -76.14 -11.66
C ARG E 507 -36.57 -77.30 -11.56
N ARG E 508 -35.37 -77.03 -11.04
CA ARG E 508 -34.34 -78.06 -10.95
C ARG E 508 -34.66 -79.07 -9.86
N SER E 509 -35.37 -78.66 -8.81
CA SER E 509 -35.77 -79.60 -7.77
C SER E 509 -36.98 -80.41 -8.22
N ASP E 510 -37.88 -79.78 -8.98
CA ASP E 510 -39.03 -80.49 -9.52
C ASP E 510 -38.65 -81.37 -10.71
N GLU E 511 -37.62 -80.99 -11.46
CA GLU E 511 -37.06 -81.87 -12.49
C GLU E 511 -36.44 -83.12 -11.89
N LEU E 512 -36.24 -83.15 -10.58
CA LEU E 512 -35.63 -84.27 -9.86
C LEU E 512 -36.64 -85.31 -9.40
N LEU E 513 -37.88 -84.91 -9.16
CA LEU E 513 -38.90 -85.89 -8.83
C LEU E 513 -39.20 -86.80 -10.01
N SER E 514 -39.10 -86.29 -11.23
CA SER E 514 -39.31 -87.10 -12.43
C SER E 514 -38.10 -87.99 -12.68
N GLN F 26 6.80 -39.10 14.41
CA GLN F 26 5.69 -38.44 13.73
C GLN F 26 5.51 -38.97 12.31
N ASN F 27 6.62 -39.24 11.62
CA ASN F 27 6.55 -39.71 10.24
C ASN F 27 5.81 -41.04 10.17
N ILE F 28 4.69 -41.03 9.47
CA ILE F 28 3.81 -42.18 9.34
C ILE F 28 3.87 -42.63 7.89
N THR F 29 3.92 -43.94 7.69
CA THR F 29 3.98 -44.54 6.37
C THR F 29 2.64 -45.20 6.08
N GLU F 30 2.09 -44.94 4.90
CA GLU F 30 0.81 -45.48 4.49
C GLU F 30 0.99 -46.39 3.28
N GLU F 31 0.23 -47.47 3.26
CA GLU F 31 0.22 -48.39 2.14
C GLU F 31 -1.19 -48.50 1.58
N PHE F 32 -1.30 -48.38 0.27
CA PHE F 32 -2.54 -48.60 -0.45
C PHE F 32 -2.41 -49.89 -1.24
N TYR F 33 -3.45 -50.70 -1.18
CA TYR F 33 -3.46 -51.99 -1.86
C TYR F 33 -4.43 -51.93 -3.03
N GLN F 34 -3.88 -51.92 -4.25
CA GLN F 34 -4.74 -51.89 -5.44
C GLN F 34 -5.58 -53.16 -5.53
N SER F 35 -5.08 -54.27 -5.02
CA SER F 35 -5.81 -55.52 -5.13
C SER F 35 -7.15 -55.46 -4.39
N THR F 36 -7.16 -54.86 -3.21
CA THR F 36 -8.34 -54.89 -2.37
C THR F 36 -8.97 -53.53 -2.14
N CYS F 37 -8.46 -52.47 -2.77
CA CYS F 37 -8.99 -51.13 -2.58
C CYS F 37 -9.11 -50.77 -1.10
N SER F 38 -7.95 -50.73 -0.45
CA SER F 38 -7.83 -50.43 0.96
C SER F 38 -6.50 -49.73 1.21
N ALA F 39 -6.37 -49.12 2.39
CA ALA F 39 -5.18 -48.37 2.77
C ALA F 39 -4.87 -48.58 4.24
N VAL F 40 -3.59 -48.74 4.55
CA VAL F 40 -3.13 -49.02 5.92
C VAL F 40 -2.13 -47.94 6.31
N SER F 41 -2.41 -47.27 7.43
CA SER F 41 -1.52 -46.24 7.95
C SER F 41 -0.75 -46.81 9.13
N ARG F 42 0.53 -47.08 8.93
CA ARG F 42 1.38 -47.68 9.95
C ARG F 42 2.24 -46.62 10.62
N GLY F 43 2.73 -46.96 11.80
CA GLY F 43 3.63 -46.10 12.55
C GLY F 43 2.99 -45.44 13.74
N TYR F 44 1.66 -45.47 13.84
CA TYR F 44 0.98 -44.88 14.97
C TYR F 44 1.22 -45.70 16.23
N PHE F 45 1.10 -45.04 17.37
CA PHE F 45 1.25 -45.70 18.66
C PHE F 45 -0.06 -45.63 19.42
N SER F 46 -0.19 -46.52 20.39
CA SER F 46 -1.44 -46.75 21.10
C SER F 46 -1.49 -45.96 22.40
N ALA F 47 -2.71 -45.74 22.87
CA ALA F 47 -3.01 -45.24 24.22
C ALA F 47 -4.41 -45.74 24.54
N LEU F 48 -4.48 -47.01 24.98
CA LEU F 48 -5.75 -47.71 25.14
C LEU F 48 -6.26 -47.57 26.57
N ARG F 49 -7.54 -47.21 26.70
CA ARG F 49 -8.17 -47.11 28.01
C ARG F 49 -8.58 -48.50 28.46
N THR F 50 -7.80 -49.10 29.36
CA THR F 50 -8.09 -50.45 29.81
C THR F 50 -8.93 -50.50 31.07
N GLY F 51 -8.93 -49.44 31.86
CA GLY F 51 -9.65 -49.42 33.12
C GLY F 51 -10.20 -48.07 33.50
N TRP F 52 -10.72 -47.98 34.73
CA TRP F 52 -11.27 -46.75 35.28
C TRP F 52 -10.66 -46.51 36.66
N TYR F 53 -10.30 -45.26 36.94
CA TYR F 53 -9.91 -44.82 38.27
C TYR F 53 -10.94 -43.85 38.80
N THR F 54 -11.27 -43.99 40.08
CA THR F 54 -12.32 -43.19 40.70
C THR F 54 -11.74 -42.25 41.75
N SER F 55 -12.16 -40.99 41.68
CA SER F 55 -11.80 -39.99 42.68
C SER F 55 -13.06 -39.23 43.09
N VAL F 56 -13.08 -38.82 44.35
CA VAL F 56 -14.21 -38.12 44.96
C VAL F 56 -13.85 -36.64 45.09
N ILE F 57 -14.62 -35.78 44.42
CA ILE F 57 -14.41 -34.34 44.48
C ILE F 57 -15.48 -33.73 45.39
N THR F 58 -15.04 -32.95 46.37
CA THR F 58 -15.92 -32.41 47.39
C THR F 58 -15.82 -30.89 47.46
N ILE F 59 -16.94 -30.26 47.83
CA ILE F 59 -17.00 -28.84 48.14
C ILE F 59 -17.73 -28.68 49.47
N GLU F 60 -17.19 -27.86 50.36
CA GLU F 60 -17.80 -27.64 51.67
C GLU F 60 -18.86 -26.55 51.56
N LEU F 61 -20.07 -26.87 52.02
CA LEU F 61 -21.23 -25.99 51.93
C LEU F 61 -21.68 -25.55 53.32
N SER F 62 -22.49 -24.50 53.34
CA SER F 62 -23.12 -24.03 54.57
C SER F 62 -24.62 -23.91 54.33
N ASN F 63 -25.41 -24.53 55.22
CA ASN F 63 -26.86 -24.51 55.09
C ASN F 63 -27.40 -23.23 55.72
N ILE F 64 -28.02 -22.38 54.90
CA ILE F 64 -28.60 -21.14 55.40
C ILE F 64 -30.03 -21.42 55.86
N LYS F 65 -30.29 -21.13 57.14
CA LYS F 65 -31.60 -21.42 57.72
C LYS F 65 -32.70 -20.52 57.16
N GLU F 66 -32.53 -19.19 57.28
CA GLU F 66 -33.57 -18.28 56.80
C GLU F 66 -33.01 -16.88 56.62
N THR F 67 -33.47 -16.20 55.55
CA THR F 67 -33.17 -14.80 55.28
C THR F 67 -34.39 -13.93 55.58
N LYS F 68 -34.36 -13.22 56.70
CA LYS F 68 -35.50 -12.45 57.19
C LYS F 68 -35.38 -10.94 56.99
N CYS F 69 -34.69 -10.47 55.96
CA CYS F 69 -34.49 -9.03 55.78
C CYS F 69 -35.67 -8.31 55.13
N ASN F 70 -36.25 -7.36 55.89
CA ASN F 70 -37.38 -6.56 55.44
C ASN F 70 -37.00 -5.31 54.66
N GLY F 71 -35.83 -4.72 54.91
CA GLY F 71 -35.55 -3.45 54.27
C GLY F 71 -34.96 -3.59 52.89
N THR F 72 -35.74 -3.19 51.88
CA THR F 72 -35.37 -3.41 50.50
C THR F 72 -34.63 -2.20 49.95
N ASP F 73 -33.38 -2.43 49.56
CA ASP F 73 -32.50 -1.45 48.98
C ASP F 73 -31.86 -2.11 47.76
N THR F 74 -31.28 -1.29 46.87
CA THR F 74 -30.65 -1.86 45.69
C THR F 74 -29.52 -2.81 46.08
N LYS F 75 -28.84 -2.53 47.19
CA LYS F 75 -27.81 -3.45 47.68
C LYS F 75 -28.45 -4.68 48.30
N VAL F 76 -29.47 -4.49 49.12
CA VAL F 76 -30.10 -5.61 49.83
C VAL F 76 -30.73 -6.58 48.84
N LYS F 77 -31.39 -6.06 47.81
CA LYS F 77 -32.02 -6.93 46.85
C LYS F 77 -30.97 -7.69 46.03
N LEU F 78 -29.76 -7.12 45.91
CA LEU F 78 -28.73 -7.75 45.10
C LEU F 78 -28.11 -8.94 45.83
N ILE F 79 -27.77 -8.76 47.11
CA ILE F 79 -27.20 -9.86 47.89
C ILE F 79 -28.25 -10.93 48.14
N LYS F 80 -29.50 -10.52 48.40
CA LYS F 80 -30.55 -11.50 48.64
C LYS F 80 -30.81 -12.33 47.40
N GLN F 81 -30.86 -11.67 46.23
CA GLN F 81 -31.03 -12.39 44.98
C GLN F 81 -29.82 -13.29 44.72
N GLU F 82 -28.62 -12.81 45.04
CA GLU F 82 -27.44 -13.65 44.89
C GLU F 82 -27.45 -14.78 45.90
N LEU F 83 -27.86 -14.50 47.14
CA LEU F 83 -27.96 -15.56 48.14
C LEU F 83 -29.00 -16.58 47.74
N ASP F 84 -30.09 -16.12 47.14
CA ASP F 84 -31.16 -17.02 46.74
C ASP F 84 -30.68 -18.00 45.68
N LYS F 85 -29.82 -17.54 44.78
CA LYS F 85 -29.27 -18.43 43.75
C LYS F 85 -28.43 -19.55 44.35
N TYR F 86 -27.68 -19.24 45.42
CA TYR F 86 -26.92 -20.27 46.13
C TYR F 86 -27.84 -21.27 46.81
N LYS F 87 -28.81 -20.77 47.59
CA LYS F 87 -29.70 -21.65 48.32
C LYS F 87 -30.56 -22.49 47.38
N ASN F 88 -30.84 -21.98 46.18
CA ASN F 88 -31.60 -22.74 45.21
C ASN F 88 -30.76 -23.80 44.52
N ALA F 89 -29.51 -23.48 44.20
CA ALA F 89 -28.61 -24.47 43.59
C ALA F 89 -28.41 -25.65 44.52
N VAL F 90 -28.22 -25.38 45.82
CA VAL F 90 -28.12 -26.45 46.81
C VAL F 90 -29.40 -27.27 46.80
N THR F 91 -30.55 -26.58 46.85
CA THR F 91 -31.84 -27.27 46.83
C THR F 91 -32.07 -28.02 45.52
N GLU F 92 -31.68 -27.41 44.38
CA GLU F 92 -31.82 -28.10 43.09
C GLU F 92 -31.04 -29.41 43.09
N LEU F 93 -29.81 -29.39 43.59
CA LEU F 93 -28.98 -30.60 43.60
C LEU F 93 -29.49 -31.62 44.59
N GLN F 94 -30.03 -31.17 45.72
CA GLN F 94 -30.57 -32.09 46.72
C GLN F 94 -31.69 -32.95 46.14
N LEU F 95 -32.49 -32.40 45.23
CA LEU F 95 -33.46 -33.21 44.51
C LEU F 95 -32.76 -34.22 43.59
N LEU F 96 -31.69 -33.79 42.92
CA LEU F 96 -31.01 -34.67 41.98
C LEU F 96 -30.22 -35.78 42.67
N THR F 97 -29.86 -35.61 43.94
CA THR F 97 -28.99 -36.55 44.63
C THR F 97 -29.74 -37.70 45.28
N GLN F 98 -30.90 -38.08 44.74
CA GLN F 98 -31.65 -39.21 45.26
C GLN F 98 -31.71 -40.40 44.31
N ASN F 99 -31.55 -40.17 43.01
CA ASN F 99 -31.57 -41.23 42.01
C ASN F 99 -30.16 -41.39 41.43
N THR F 100 -29.55 -42.55 41.69
CA THR F 100 -28.25 -42.89 41.14
C THR F 100 -28.17 -44.39 40.88
N PHE F 137 -18.30 -49.61 9.17
CA PHE F 137 -19.01 -50.89 9.21
C PHE F 137 -18.78 -51.63 10.51
N LEU F 138 -19.47 -52.76 10.65
CA LEU F 138 -19.45 -53.56 11.87
C LEU F 138 -19.85 -52.67 13.04
N GLY F 139 -19.36 -52.95 14.24
CA GLY F 139 -19.72 -52.17 15.40
C GLY F 139 -20.82 -52.83 16.18
N PHE F 140 -21.76 -53.47 15.46
CA PHE F 140 -22.83 -54.20 16.14
C PHE F 140 -22.30 -55.38 16.90
N LEU F 141 -21.07 -55.80 16.60
CA LEU F 141 -20.45 -56.96 17.22
C LEU F 141 -19.76 -56.62 18.53
N LEU F 142 -19.74 -55.35 18.92
CA LEU F 142 -18.88 -54.92 20.02
C LEU F 142 -19.37 -55.40 21.39
N GLY F 143 -20.68 -55.59 21.57
CA GLY F 143 -21.13 -55.96 22.90
C GLY F 143 -21.20 -54.74 23.79
N VAL F 144 -22.10 -54.76 24.76
CA VAL F 144 -22.38 -53.56 25.55
C VAL F 144 -21.55 -53.57 26.82
N GLY F 145 -21.13 -52.37 27.23
CA GLY F 145 -20.47 -52.16 28.50
C GLY F 145 -21.25 -51.19 29.37
N SER F 146 -20.76 -50.99 30.58
CA SER F 146 -21.36 -50.04 31.52
C SER F 146 -20.30 -48.99 31.87
N ALA F 147 -20.43 -47.80 31.27
CA ALA F 147 -19.36 -46.81 31.33
C ALA F 147 -19.12 -46.31 32.76
N ILE F 148 -20.16 -46.12 33.53
CA ILE F 148 -20.02 -45.54 34.86
C ILE F 148 -20.34 -46.55 35.95
N ALA F 149 -20.28 -47.85 35.65
CA ALA F 149 -20.51 -48.84 36.68
C ALA F 149 -19.52 -48.67 37.82
N SER F 150 -18.29 -48.28 37.48
CA SER F 150 -17.28 -48.03 38.50
C SER F 150 -17.64 -46.79 39.33
N GLY F 151 -17.96 -45.69 38.66
CA GLY F 151 -18.28 -44.47 39.38
C GLY F 151 -19.51 -44.60 40.25
N ILE F 152 -20.58 -45.20 39.71
CA ILE F 152 -21.79 -45.40 40.50
C ILE F 152 -21.50 -46.29 41.70
N ALA F 153 -20.62 -47.28 41.53
CA ALA F 153 -20.24 -48.15 42.64
C ALA F 153 -19.67 -47.32 43.78
N VAL F 154 -18.85 -46.33 43.47
CA VAL F 154 -18.31 -45.45 44.50
C VAL F 154 -19.44 -44.62 45.12
N CYS F 155 -20.34 -44.10 44.28
CA CYS F 155 -21.51 -43.36 44.78
C CYS F 155 -22.26 -44.16 45.82
N LYS F 156 -22.47 -45.43 45.55
CA LYS F 156 -23.22 -46.27 46.48
C LYS F 156 -22.50 -46.37 47.82
N VAL F 157 -21.16 -46.34 47.80
CA VAL F 157 -20.40 -46.44 49.04
C VAL F 157 -20.54 -45.18 49.88
N LEU F 158 -20.45 -44.00 49.25
CA LEU F 158 -20.57 -42.76 50.00
C LEU F 158 -21.95 -42.58 50.63
N HIS F 159 -22.97 -43.21 50.06
CA HIS F 159 -24.31 -43.09 50.61
C HIS F 159 -24.48 -43.85 51.92
N LEU F 160 -23.55 -44.73 52.29
CA LEU F 160 -23.68 -45.49 53.53
C LEU F 160 -23.60 -44.59 54.75
N GLU F 161 -24.26 -45.03 55.82
CA GLU F 161 -24.38 -44.25 57.04
C GLU F 161 -23.00 -44.01 57.65
N GLY F 162 -22.74 -42.76 58.02
CA GLY F 162 -21.45 -42.41 58.58
C GLY F 162 -20.29 -42.47 57.62
N GLU F 163 -20.55 -42.64 56.32
CA GLU F 163 -19.48 -42.70 55.33
C GLU F 163 -19.06 -41.32 54.86
N VAL F 164 -20.02 -40.42 54.65
CA VAL F 164 -19.69 -39.04 54.28
C VAL F 164 -18.85 -38.40 55.38
N ASN F 165 -19.18 -38.70 56.64
CA ASN F 165 -18.42 -38.14 57.75
C ASN F 165 -16.97 -38.58 57.72
N LYS F 166 -16.72 -39.85 57.36
CA LYS F 166 -15.35 -40.34 57.24
C LYS F 166 -14.56 -39.51 56.24
N ILE F 167 -15.17 -39.19 55.10
CA ILE F 167 -14.53 -38.33 54.11
C ILE F 167 -14.34 -36.93 54.68
N LYS F 168 -15.39 -36.40 55.30
CA LYS F 168 -15.39 -35.03 55.79
C LYS F 168 -14.24 -34.78 56.77
N ASN F 169 -14.05 -35.71 57.71
CA ASN F 169 -13.02 -35.50 58.73
C ASN F 169 -11.61 -35.54 58.15
N ALA F 170 -11.40 -36.30 57.06
CA ALA F 170 -10.06 -36.41 56.49
C ALA F 170 -9.65 -35.15 55.75
N LEU F 171 -10.58 -34.47 55.09
CA LEU F 171 -10.26 -33.23 54.39
C LEU F 171 -10.43 -32.01 55.29
N LEU F 172 -10.50 -32.21 56.60
CA LEU F 172 -10.71 -31.09 57.51
C LEU F 172 -9.43 -30.31 57.72
N SER F 173 -8.28 -30.99 57.78
CA SER F 173 -7.00 -30.33 58.00
C SER F 173 -6.27 -30.00 56.70
N THR F 174 -6.42 -30.83 55.68
CA THR F 174 -5.81 -30.61 54.37
C THR F 174 -6.88 -30.74 53.30
N ASN F 175 -6.52 -30.38 52.08
CA ASN F 175 -7.43 -30.48 50.95
C ASN F 175 -7.16 -31.73 50.11
N LYS F 176 -6.32 -32.64 50.60
CA LYS F 176 -5.99 -33.86 49.89
C LYS F 176 -5.77 -34.96 50.92
N ALA F 177 -6.50 -36.05 50.77
CA ALA F 177 -6.37 -37.16 51.70
C ALA F 177 -6.77 -38.45 50.99
N VAL F 178 -6.20 -39.56 51.44
CA VAL F 178 -6.63 -40.87 51.01
C VAL F 178 -7.48 -41.46 52.13
N VAL F 179 -8.73 -41.79 51.81
CA VAL F 179 -9.68 -42.30 52.78
C VAL F 179 -9.98 -43.76 52.47
N SER F 180 -10.06 -44.57 53.52
CA SER F 180 -10.47 -45.95 53.42
C SER F 180 -11.98 -45.99 53.59
N LEU F 181 -12.68 -46.36 52.53
CA LEU F 181 -14.12 -46.48 52.58
C LEU F 181 -14.51 -47.78 53.29
N SER F 182 -15.77 -47.84 53.70
CA SER F 182 -16.24 -48.99 54.46
C SER F 182 -16.05 -50.29 53.70
N ASN F 183 -16.02 -50.23 52.37
CA ASN F 183 -15.91 -51.45 51.58
C ASN F 183 -14.51 -52.07 51.73
N GLY F 184 -13.46 -51.30 51.41
CA GLY F 184 -12.11 -51.80 51.51
C GLY F 184 -11.19 -51.00 50.62
N VAL F 185 -11.75 -50.01 49.95
CA VAL F 185 -11.10 -49.32 48.84
C VAL F 185 -10.60 -47.95 49.31
N SER F 186 -9.36 -47.64 48.93
CA SER F 186 -8.78 -46.32 49.18
C SER F 186 -9.02 -45.45 47.95
N VAL F 187 -9.61 -44.28 48.16
CA VAL F 187 -9.98 -43.39 47.07
C VAL F 187 -9.39 -42.02 47.35
N LEU F 188 -8.90 -41.37 46.29
CA LEU F 188 -8.41 -40.01 46.42
C LEU F 188 -9.57 -39.04 46.58
N THR F 189 -9.49 -38.18 47.59
CA THR F 189 -10.52 -37.21 47.86
C THR F 189 -9.94 -35.81 47.83
N PHE F 190 -10.77 -34.85 47.44
CA PHE F 190 -10.33 -33.54 47.01
C PHE F 190 -11.35 -32.51 47.47
N LYS F 191 -10.96 -31.60 48.36
CA LYS F 191 -11.79 -30.45 48.68
C LYS F 191 -11.33 -29.28 47.81
N VAL F 192 -12.18 -28.90 46.85
CA VAL F 192 -11.80 -27.88 45.87
C VAL F 192 -12.22 -26.50 46.33
N LEU F 193 -13.51 -26.29 46.60
CA LEU F 193 -14.00 -25.01 47.10
C LEU F 193 -14.40 -25.14 48.57
N ASP F 194 -13.98 -24.18 49.38
CA ASP F 194 -14.40 -24.06 50.77
C ASP F 194 -15.32 -22.86 50.87
N LEU F 195 -16.61 -23.10 50.61
CA LEU F 195 -17.58 -22.02 50.71
C LEU F 195 -18.09 -21.82 52.12
N LYS F 196 -18.04 -22.86 52.96
CA LYS F 196 -18.53 -22.76 54.33
C LYS F 196 -17.82 -21.65 55.09
N SER F 197 -16.50 -21.75 55.23
CA SER F 197 -15.75 -20.76 56.00
C SER F 197 -15.81 -19.37 55.41
N TYR F 198 -16.10 -19.26 54.10
CA TYR F 198 -16.34 -17.94 53.52
C TYR F 198 -17.69 -17.37 53.94
N ILE F 199 -18.76 -18.16 53.80
CA ILE F 199 -20.09 -17.68 54.09
C ILE F 199 -20.28 -17.41 55.58
N ASN F 200 -19.72 -18.25 56.44
CA ASN F 200 -20.01 -18.14 57.88
C ASN F 200 -19.25 -17.01 58.55
N ASN F 201 -18.01 -16.74 58.15
CA ASN F 201 -17.16 -15.80 58.89
C ASN F 201 -16.81 -14.55 58.11
N GLN F 202 -17.21 -14.43 56.85
CA GLN F 202 -16.90 -13.25 56.06
C GLN F 202 -18.12 -12.53 55.50
N LEU F 203 -19.16 -13.25 55.07
CA LEU F 203 -20.31 -12.61 54.43
C LEU F 203 -21.41 -12.30 55.44
N LEU F 204 -21.95 -13.34 56.08
CA LEU F 204 -23.04 -13.19 57.02
C LEU F 204 -22.74 -12.19 58.14
N PRO F 205 -21.54 -12.12 58.72
CA PRO F 205 -21.28 -11.03 59.68
C PRO F 205 -21.41 -9.65 59.05
N ILE F 206 -20.87 -9.46 57.84
CA ILE F 206 -21.03 -8.19 57.14
C ILE F 206 -22.50 -7.89 56.92
N LEU F 207 -23.28 -8.91 56.55
CA LEU F 207 -24.68 -8.72 56.21
C LEU F 207 -25.50 -8.30 57.41
N ASN F 208 -25.35 -9.01 58.53
CA ASN F 208 -26.24 -8.81 59.67
C ASN F 208 -26.05 -7.42 60.28
N GLN F 209 -24.85 -6.84 60.15
CA GLN F 209 -24.54 -5.61 60.89
C GLN F 209 -25.44 -4.45 60.50
N GLN F 210 -25.71 -4.30 59.20
CA GLN F 210 -26.52 -3.18 58.74
C GLN F 210 -27.93 -3.63 58.34
N SER F 211 -28.41 -4.74 58.89
CA SER F 211 -29.74 -5.26 58.57
C SER F 211 -29.89 -5.39 57.05
N CYS F 212 -28.87 -5.99 56.44
CA CYS F 212 -28.73 -6.33 55.02
C CYS F 212 -28.37 -5.20 54.07
N ARG F 213 -28.14 -3.97 54.52
CA ARG F 213 -27.65 -2.96 53.58
C ARG F 213 -26.12 -3.05 53.53
N ILE F 214 -25.62 -3.72 52.51
CA ILE F 214 -24.19 -3.94 52.33
C ILE F 214 -23.58 -2.69 51.70
N SER F 215 -22.82 -1.94 52.50
CA SER F 215 -22.25 -0.68 52.04
C SER F 215 -21.19 -0.87 50.96
N ASN F 216 -20.54 -2.02 50.93
CA ASN F 216 -19.40 -2.25 50.05
C ASN F 216 -19.88 -3.14 48.92
N ILE F 217 -19.98 -2.57 47.72
CA ILE F 217 -20.40 -3.36 46.57
C ILE F 217 -19.38 -4.45 46.28
N GLU F 218 -18.15 -4.31 46.78
CA GLU F 218 -17.10 -5.27 46.49
C GLU F 218 -17.45 -6.64 47.07
N THR F 219 -18.11 -6.67 48.21
CA THR F 219 -18.45 -7.95 48.83
C THR F 219 -19.41 -8.74 47.96
N VAL F 220 -20.41 -8.07 47.36
CA VAL F 220 -21.34 -8.78 46.50
C VAL F 220 -20.64 -9.26 45.23
N ILE F 221 -19.72 -8.46 44.69
CA ILE F 221 -18.97 -8.88 43.52
C ILE F 221 -18.00 -9.99 43.92
N GLU F 222 -17.35 -9.84 45.07
CA GLU F 222 -16.50 -10.90 45.59
C GLU F 222 -17.31 -12.18 45.79
N PHE F 223 -18.53 -12.04 46.31
CA PHE F 223 -19.38 -13.21 46.48
C PHE F 223 -19.72 -13.81 45.11
N GLN F 224 -20.00 -12.94 44.13
CA GLN F 224 -20.40 -13.42 42.81
C GLN F 224 -19.29 -14.25 42.16
N GLN F 225 -18.03 -13.89 42.39
CA GLN F 225 -16.94 -14.70 41.86
C GLN F 225 -16.77 -15.99 42.64
N LYS F 226 -16.85 -15.92 43.98
CA LYS F 226 -16.75 -17.12 44.81
C LYS F 226 -17.90 -18.07 44.54
N ASN F 227 -19.09 -17.55 44.22
CA ASN F 227 -20.27 -18.35 44.01
C ASN F 227 -20.38 -18.92 42.59
N SER F 228 -19.58 -18.43 41.64
CA SER F 228 -19.78 -18.75 40.23
C SER F 228 -19.59 -20.24 39.94
N ARG F 229 -18.52 -20.84 40.46
CA ARG F 229 -18.20 -22.21 40.09
C ARG F 229 -19.29 -23.18 40.54
N LEU F 230 -19.89 -22.94 41.71
CA LEU F 230 -20.95 -23.80 42.20
C LEU F 230 -22.16 -23.78 41.27
N LEU F 231 -22.54 -22.58 40.80
CA LEU F 231 -23.74 -22.46 39.97
C LEU F 231 -23.58 -23.15 38.63
N GLU F 232 -22.38 -23.09 38.05
CA GLU F 232 -22.15 -23.73 36.75
C GLU F 232 -22.11 -25.25 36.86
N ILE F 233 -21.49 -25.79 37.90
CA ILE F 233 -21.53 -27.24 38.12
C ILE F 233 -22.97 -27.70 38.29
N THR F 234 -23.77 -26.96 39.08
CA THR F 234 -25.18 -27.28 39.24
C THR F 234 -25.88 -27.24 37.88
N ARG F 235 -25.58 -26.21 37.08
CA ARG F 235 -26.19 -26.09 35.76
C ARG F 235 -25.83 -27.27 34.88
N GLU F 236 -24.56 -27.69 34.90
CA GLU F 236 -24.14 -28.86 34.12
C GLU F 236 -24.87 -30.11 34.57
N PHE F 237 -24.92 -30.35 35.87
CA PHE F 237 -25.65 -31.50 36.39
C PHE F 237 -27.14 -31.40 36.05
N SER F 238 -27.68 -30.18 36.03
CA SER F 238 -29.09 -29.98 35.75
C SER F 238 -29.45 -30.22 34.29
N VAL F 239 -28.46 -30.23 33.40
CA VAL F 239 -28.72 -30.44 31.98
C VAL F 239 -28.23 -31.80 31.49
N ASN F 240 -27.49 -32.55 32.30
CA ASN F 240 -26.93 -33.82 31.87
C ASN F 240 -27.31 -34.99 32.79
N ALA F 241 -28.35 -34.82 33.62
CA ALA F 241 -28.82 -35.87 34.54
C ALA F 241 -27.72 -36.30 35.51
N GLY F 242 -27.00 -35.32 36.06
CA GLY F 242 -26.01 -35.60 37.08
C GLY F 242 -24.75 -36.26 36.59
N VAL F 243 -24.62 -36.51 35.29
CA VAL F 243 -23.45 -37.16 34.71
C VAL F 243 -23.02 -36.35 33.50
N THR F 244 -21.86 -35.72 33.58
CA THR F 244 -21.35 -34.89 32.50
C THR F 244 -20.16 -35.56 31.84
N THR F 245 -20.05 -35.38 30.52
CA THR F 245 -18.88 -35.78 29.76
C THR F 245 -18.89 -34.97 28.46
N PRO F 246 -17.75 -34.43 28.02
CA PRO F 246 -16.47 -34.49 28.73
C PRO F 246 -16.41 -33.67 30.03
N LEU F 247 -15.32 -33.86 30.78
CA LEU F 247 -15.15 -33.22 32.09
C LEU F 247 -14.78 -31.76 31.89
N SER F 248 -15.69 -30.87 32.29
CA SER F 248 -15.51 -29.45 32.08
C SER F 248 -14.46 -28.90 33.04
N THR F 249 -14.05 -27.66 32.79
CA THR F 249 -13.13 -26.95 33.67
C THR F 249 -13.80 -26.46 34.95
N TYR F 250 -15.13 -26.36 34.97
CA TYR F 250 -15.80 -26.07 36.23
C TYR F 250 -15.78 -27.28 37.14
N MET F 251 -15.85 -28.48 36.56
CA MET F 251 -15.79 -29.70 37.35
C MET F 251 -14.42 -29.87 37.99
N LEU F 252 -13.36 -29.64 37.21
CA LEU F 252 -11.99 -29.87 37.66
C LEU F 252 -11.09 -28.94 36.85
N THR F 253 -10.52 -27.92 37.51
CA THR F 253 -9.64 -27.00 36.81
C THR F 253 -8.38 -27.71 36.35
N ASN F 254 -7.68 -27.10 35.39
CA ASN F 254 -6.46 -27.68 34.88
C ASN F 254 -5.44 -27.88 35.99
N SER F 255 -5.34 -26.92 36.91
CA SER F 255 -4.42 -27.07 38.05
C SER F 255 -4.81 -28.27 38.92
N GLU F 256 -6.11 -28.41 39.21
CA GLU F 256 -6.56 -29.54 40.00
C GLU F 256 -6.39 -30.86 39.27
N LEU F 257 -6.69 -30.86 37.96
CA LEU F 257 -6.61 -32.11 37.21
C LEU F 257 -5.17 -32.60 37.12
N LEU F 258 -4.24 -31.70 36.80
CA LEU F 258 -2.83 -32.06 36.76
C LEU F 258 -2.38 -32.62 38.09
N SER F 259 -2.90 -32.06 39.20
CA SER F 259 -2.55 -32.56 40.52
C SER F 259 -3.13 -33.95 40.78
N LEU F 260 -4.36 -34.19 40.32
CA LEU F 260 -4.95 -35.52 40.50
C LEU F 260 -4.20 -36.58 39.71
N ILE F 261 -3.71 -36.22 38.52
CA ILE F 261 -2.94 -37.16 37.71
C ILE F 261 -1.68 -37.61 38.46
N ASN F 262 -0.97 -36.67 39.09
CA ASN F 262 0.28 -36.99 39.75
C ASN F 262 0.11 -37.89 40.95
N ASP F 263 -1.08 -37.93 41.54
CA ASP F 263 -1.31 -38.71 42.74
C ASP F 263 -1.94 -40.08 42.46
N MET F 264 -2.16 -40.43 41.18
CA MET F 264 -2.72 -41.74 40.87
C MET F 264 -1.64 -42.81 40.90
N PRO F 265 -1.99 -44.03 41.32
CA PRO F 265 -1.00 -45.13 41.38
C PRO F 265 -0.68 -45.71 40.02
N ILE F 266 0.04 -44.93 39.21
CA ILE F 266 0.46 -45.32 37.87
C ILE F 266 1.91 -44.85 37.67
N THR F 267 2.53 -45.32 36.58
CA THR F 267 3.89 -44.92 36.26
C THR F 267 3.92 -43.45 35.85
N ASN F 268 5.08 -42.81 36.03
CA ASN F 268 5.23 -41.44 35.54
C ASN F 268 5.19 -41.39 34.02
N ASP F 269 5.58 -42.47 33.35
CA ASP F 269 5.35 -42.56 31.92
C ASP F 269 3.87 -42.42 31.61
N GLN F 270 3.03 -43.07 32.41
CA GLN F 270 1.60 -42.92 32.27
C GLN F 270 1.15 -41.53 32.72
N LYS F 271 1.71 -41.04 33.84
CA LYS F 271 1.39 -39.71 34.33
C LYS F 271 1.76 -38.62 33.32
N LYS F 272 2.97 -38.70 32.76
CA LYS F 272 3.40 -37.67 31.81
C LYS F 272 2.48 -37.64 30.59
N LEU F 273 2.09 -38.81 30.09
CA LEU F 273 1.16 -38.85 28.97
C LEU F 273 -0.15 -38.15 29.31
N MET F 274 -0.74 -38.53 30.43
CA MET F 274 -2.02 -37.95 30.80
C MET F 274 -1.89 -36.47 31.11
N SER F 275 -0.79 -36.07 31.74
CA SER F 275 -0.60 -34.65 32.05
C SER F 275 -0.36 -33.84 30.78
N SER F 276 0.23 -34.46 29.76
CA SER F 276 0.49 -33.77 28.50
C SER F 276 -0.72 -33.66 27.59
N ASN F 277 -1.77 -34.46 27.82
CA ASN F 277 -2.96 -34.49 26.97
C ASN F 277 -4.23 -34.42 27.81
N VAL F 278 -4.26 -33.45 28.72
CA VAL F 278 -5.36 -33.33 29.67
C VAL F 278 -6.73 -33.24 28.99
N GLN F 279 -6.78 -32.71 27.76
CA GLN F 279 -8.09 -32.56 27.10
C GLN F 279 -8.69 -33.91 26.72
N ILE F 280 -7.85 -34.84 26.26
CA ILE F 280 -8.39 -36.14 25.90
C ILE F 280 -8.86 -36.87 27.15
N VAL F 281 -8.08 -36.78 28.23
CA VAL F 281 -8.52 -37.34 29.50
C VAL F 281 -9.88 -36.76 29.86
N ARG F 282 -10.03 -35.44 29.71
CA ARG F 282 -11.31 -34.80 29.95
C ARG F 282 -12.40 -35.45 29.10
N GLN F 283 -12.08 -35.77 27.85
CA GLN F 283 -13.08 -36.31 26.94
C GLN F 283 -13.43 -37.76 27.22
N GLN F 284 -12.54 -38.51 27.89
CA GLN F 284 -12.83 -39.89 28.26
C GLN F 284 -13.18 -40.02 29.73
N SER F 285 -13.47 -38.91 30.39
CA SER F 285 -13.78 -38.91 31.81
C SER F 285 -15.25 -38.58 32.03
N TYR F 286 -15.75 -38.95 33.20
CA TYR F 286 -17.11 -38.64 33.58
C TYR F 286 -17.13 -37.99 34.95
N SER F 287 -18.14 -37.17 35.19
CA SER F 287 -18.43 -36.60 36.50
C SER F 287 -19.81 -37.05 36.90
N ILE F 288 -19.90 -37.76 38.02
CA ILE F 288 -21.17 -38.31 38.49
C ILE F 288 -21.50 -37.71 39.83
N MET F 289 -22.62 -37.00 39.90
CA MET F 289 -23.12 -36.47 41.14
C MET F 289 -23.57 -37.62 42.03
N CYS F 290 -23.28 -37.51 43.34
CA CYS F 290 -23.53 -38.61 44.28
C CYS F 290 -24.43 -38.18 45.42
N ILE F 291 -24.00 -37.24 46.24
CA ILE F 291 -24.68 -37.00 47.50
C ILE F 291 -24.36 -35.57 47.94
N ILE F 292 -25.35 -34.91 48.53
CA ILE F 292 -25.15 -33.66 49.23
C ILE F 292 -25.80 -33.87 50.60
N LYS F 293 -24.97 -34.21 51.58
CA LYS F 293 -25.40 -34.57 52.93
C LYS F 293 -24.34 -34.04 53.88
N GLU F 294 -24.74 -33.85 55.14
CA GLU F 294 -23.87 -33.18 56.12
C GLU F 294 -23.65 -31.76 55.61
N GLU F 295 -22.45 -31.21 55.73
CA GLU F 295 -22.12 -29.90 55.18
C GLU F 295 -21.23 -30.02 53.95
N VAL F 296 -21.36 -31.12 53.21
CA VAL F 296 -20.51 -31.38 52.06
C VAL F 296 -21.35 -31.97 50.92
N LEU F 297 -21.19 -31.42 49.73
CA LEU F 297 -21.71 -32.05 48.51
C LEU F 297 -20.52 -32.61 47.74
N ALA F 298 -20.64 -33.85 47.28
CA ALA F 298 -19.53 -34.52 46.64
C ALA F 298 -19.99 -35.24 45.40
N TYR F 299 -19.16 -35.20 44.37
CA TYR F 299 -19.36 -35.94 43.13
C TYR F 299 -18.12 -36.75 42.79
N VAL F 300 -18.33 -37.86 42.08
CA VAL F 300 -17.25 -38.77 41.72
C VAL F 300 -16.79 -38.45 40.31
N VAL F 301 -15.49 -38.23 40.15
CA VAL F 301 -14.88 -38.08 38.84
C VAL F 301 -14.28 -39.43 38.49
N GLN F 302 -14.64 -39.95 37.32
CA GLN F 302 -14.20 -41.26 36.85
C GLN F 302 -13.25 -41.02 35.69
N LEU F 303 -11.91 -41.16 35.97
CA LEU F 303 -10.89 -40.92 34.97
C LEU F 303 -10.46 -42.24 34.34
N PRO F 304 -10.04 -42.22 33.08
CA PRO F 304 -9.52 -43.45 32.48
C PRO F 304 -8.11 -43.73 32.98
N ILE F 305 -7.73 -45.01 32.93
CA ILE F 305 -6.37 -45.43 33.20
C ILE F 305 -5.90 -46.25 32.01
N TYR F 306 -4.77 -45.84 31.44
CA TYR F 306 -4.26 -46.37 30.18
C TYR F 306 -3.21 -47.43 30.48
N GLY F 307 -3.63 -48.70 30.50
CA GLY F 307 -2.72 -49.78 30.81
C GLY F 307 -1.85 -50.23 29.66
N VAL F 308 -2.22 -49.88 28.43
CA VAL F 308 -1.49 -50.24 27.22
C VAL F 308 -1.06 -48.94 26.54
N ILE F 309 0.25 -48.71 26.46
CA ILE F 309 0.77 -47.46 25.93
C ILE F 309 1.87 -47.77 24.91
N ASP F 310 1.83 -47.04 23.79
CA ASP F 310 2.94 -46.99 22.84
C ASP F 310 3.20 -48.34 22.17
N THR F 311 2.18 -49.17 22.01
CA THR F 311 2.32 -50.37 21.20
C THR F 311 1.96 -50.06 19.75
N PRO F 312 2.47 -50.84 18.81
CA PRO F 312 2.20 -50.55 17.39
C PRO F 312 0.70 -50.54 17.10
N CYS F 313 0.27 -49.53 16.36
CA CYS F 313 -1.13 -49.35 16.03
C CYS F 313 -1.27 -48.74 14.64
N TRP F 314 -2.26 -49.20 13.87
CA TRP F 314 -2.45 -48.76 12.50
C TRP F 314 -3.95 -48.66 12.19
N LYS F 315 -4.30 -47.83 11.22
CA LYS F 315 -5.68 -47.65 10.80
C LYS F 315 -5.84 -48.16 9.37
N LEU F 316 -6.90 -48.91 9.13
CA LEU F 316 -7.22 -49.46 7.82
C LEU F 316 -8.43 -48.74 7.26
N HIS F 317 -8.26 -48.11 6.10
CA HIS F 317 -9.35 -47.50 5.35
C HIS F 317 -9.71 -48.40 4.18
N THR F 318 -11.00 -48.56 3.94
CA THR F 318 -11.49 -49.42 2.88
C THR F 318 -12.50 -48.66 2.02
N SER F 319 -12.60 -49.09 0.76
CA SER F 319 -13.47 -48.43 -0.19
C SER F 319 -13.97 -49.47 -1.17
N PRO F 320 -15.16 -49.28 -1.74
CA PRO F 320 -15.73 -50.28 -2.63
C PRO F 320 -14.89 -50.47 -3.89
N LEU F 321 -14.73 -51.73 -4.29
CA LEU F 321 -14.00 -52.10 -5.49
C LEU F 321 -14.97 -52.83 -6.41
N CYS F 322 -15.31 -52.22 -7.54
CA CYS F 322 -16.26 -52.76 -8.49
C CYS F 322 -15.61 -52.94 -9.85
N THR F 323 -16.20 -53.80 -10.66
CA THR F 323 -15.71 -53.94 -12.02
C THR F 323 -15.99 -52.67 -12.81
N THR F 324 -15.19 -52.44 -13.83
CA THR F 324 -15.31 -51.27 -14.70
C THR F 324 -15.57 -51.76 -16.11
N ASN F 325 -16.79 -52.21 -16.36
CA ASN F 325 -17.16 -52.66 -17.68
C ASN F 325 -18.14 -51.68 -18.32
N ILE F 326 -18.24 -51.80 -19.64
CA ILE F 326 -18.98 -50.85 -20.45
C ILE F 326 -20.49 -50.93 -20.18
N LYS F 327 -20.99 -52.12 -19.86
CA LYS F 327 -22.41 -52.33 -19.63
C LYS F 327 -22.86 -51.66 -18.34
N GLU F 328 -24.01 -50.97 -18.38
CA GLU F 328 -24.43 -50.14 -17.26
C GLU F 328 -24.73 -50.97 -16.01
N GLY F 329 -25.47 -52.06 -16.16
CA GLY F 329 -25.98 -52.82 -15.05
C GLY F 329 -25.22 -54.08 -14.71
N SER F 330 -24.23 -54.45 -15.51
CA SER F 330 -23.49 -55.70 -15.28
C SER F 330 -22.17 -55.39 -14.60
N ASN F 331 -22.26 -54.86 -13.39
CA ASN F 331 -21.11 -54.64 -12.54
C ASN F 331 -21.33 -55.32 -11.20
N ILE F 332 -20.24 -55.73 -10.57
CA ILE F 332 -20.28 -56.45 -9.31
C ILE F 332 -19.28 -55.79 -8.36
N CYS F 333 -19.64 -55.69 -7.08
CA CYS F 333 -18.84 -54.95 -6.11
C CYS F 333 -18.51 -55.81 -4.90
N LEU F 334 -17.42 -55.41 -4.24
CA LEU F 334 -16.87 -56.13 -3.10
C LEU F 334 -16.12 -55.11 -2.26
N THR F 335 -16.35 -55.13 -0.94
CA THR F 335 -15.74 -54.13 -0.06
C THR F 335 -15.31 -54.76 1.25
N ARG F 336 -14.08 -54.51 1.67
CA ARG F 336 -13.65 -54.94 2.99
C ARG F 336 -14.40 -54.15 4.05
N THR F 337 -15.04 -54.87 4.97
CA THR F 337 -15.82 -54.28 6.04
C THR F 337 -15.04 -54.15 7.35
N ASP F 338 -13.79 -54.61 7.37
CA ASP F 338 -12.96 -54.60 8.56
C ASP F 338 -12.23 -53.27 8.77
N ARG F 339 -12.87 -52.17 8.39
CA ARG F 339 -12.29 -50.83 8.55
C ARG F 339 -12.21 -50.43 10.02
N GLY F 340 -11.19 -49.65 10.36
CA GLY F 340 -11.04 -49.13 11.69
C GLY F 340 -9.58 -49.14 12.13
N TRP F 341 -9.38 -49.00 13.45
CA TRP F 341 -8.06 -48.99 14.08
C TRP F 341 -7.70 -50.37 14.62
N TYR F 342 -6.41 -50.72 14.53
CA TYR F 342 -5.89 -51.99 15.04
C TYR F 342 -4.62 -51.74 15.84
N CYS F 343 -4.64 -52.06 17.14
CA CYS F 343 -3.43 -51.93 17.96
C CYS F 343 -3.03 -53.30 18.49
N ASP F 344 -1.72 -53.59 18.44
CA ASP F 344 -1.19 -54.77 19.11
C ASP F 344 -1.34 -54.65 20.61
N ASN F 345 -1.66 -55.77 21.25
CA ASN F 345 -1.79 -55.82 22.71
C ASN F 345 -1.75 -57.29 23.15
N ALA F 346 -0.71 -57.65 23.91
CA ALA F 346 -0.63 -58.95 24.57
C ALA F 346 -0.78 -60.10 23.57
N GLY F 347 -0.08 -60.00 22.44
CA GLY F 347 -0.10 -61.04 21.44
C GLY F 347 -1.31 -61.02 20.54
N SER F 348 -2.29 -60.16 20.82
CA SER F 348 -3.49 -60.04 19.99
C SER F 348 -3.56 -58.63 19.40
N VAL F 349 -4.69 -58.34 18.76
CA VAL F 349 -4.96 -57.03 18.18
C VAL F 349 -6.31 -56.55 18.69
N SER F 350 -6.34 -55.35 19.27
CA SER F 350 -7.59 -54.71 19.68
C SER F 350 -8.16 -53.94 18.49
N PHE F 351 -9.39 -54.28 18.10
CA PHE F 351 -10.02 -53.76 16.89
C PHE F 351 -11.18 -52.84 17.25
N PHE F 352 -11.16 -51.61 16.74
CA PHE F 352 -12.21 -50.63 16.96
C PHE F 352 -12.90 -50.34 15.64
N PRO F 353 -14.10 -50.87 15.39
CA PRO F 353 -14.68 -50.77 14.05
C PRO F 353 -15.11 -49.36 13.67
N GLN F 354 -15.80 -48.66 14.57
CA GLN F 354 -16.25 -47.32 14.25
C GLN F 354 -15.11 -46.34 14.43
N ALA F 355 -14.96 -45.43 13.47
CA ALA F 355 -13.78 -44.59 13.40
C ALA F 355 -13.76 -43.55 14.51
N ASP F 356 -14.92 -43.01 14.84
CA ASP F 356 -15.04 -41.86 15.72
C ASP F 356 -15.05 -42.23 17.20
N THR F 357 -14.78 -43.49 17.53
CA THR F 357 -14.61 -43.90 18.92
C THR F 357 -13.23 -43.56 19.45
N CYS F 358 -12.33 -43.19 18.55
CA CYS F 358 -10.95 -42.89 18.88
C CYS F 358 -10.63 -41.46 18.51
N LYS F 359 -9.78 -40.81 19.32
CA LYS F 359 -9.28 -39.46 19.07
C LYS F 359 -7.76 -39.49 19.03
N VAL F 360 -7.19 -38.84 18.00
CA VAL F 360 -5.75 -38.88 17.74
C VAL F 360 -5.11 -37.55 18.11
N GLN F 361 -4.00 -37.61 18.84
CA GLN F 361 -3.16 -36.46 19.14
C GLN F 361 -1.74 -36.78 18.68
N SER F 362 -1.27 -36.05 17.68
CA SER F 362 0.05 -36.27 17.10
C SER F 362 0.19 -37.70 16.58
N ASN F 363 0.90 -38.55 17.32
CA ASN F 363 1.15 -39.92 16.88
C ASN F 363 0.44 -40.96 17.74
N ARG F 364 -0.28 -40.54 18.77
CA ARG F 364 -0.95 -41.46 19.67
C ARG F 364 -2.45 -41.53 19.38
N VAL F 365 -2.98 -42.75 19.38
CA VAL F 365 -4.38 -43.00 19.11
C VAL F 365 -5.05 -43.41 20.42
N PHE F 366 -5.94 -42.57 20.93
CA PHE F 366 -6.65 -42.85 22.17
C PHE F 366 -7.96 -43.57 21.87
N CYS F 367 -8.07 -44.81 22.33
CA CYS F 367 -9.27 -45.60 22.08
C CYS F 367 -9.78 -46.16 23.39
N ASP F 368 -11.00 -46.69 23.35
CA ASP F 368 -11.65 -47.27 24.50
C ASP F 368 -11.83 -48.77 24.26
N THR F 369 -11.17 -49.58 25.08
CA THR F 369 -11.21 -51.02 24.90
C THR F 369 -12.61 -51.58 25.08
N MET F 370 -13.50 -50.88 25.79
CA MET F 370 -14.86 -51.39 25.93
C MET F 370 -15.55 -51.50 24.58
N ASN F 371 -15.16 -50.67 23.61
CA ASN F 371 -15.68 -50.71 22.25
C ASN F 371 -14.79 -51.47 21.29
N SER F 372 -14.10 -52.53 21.76
CA SER F 372 -13.16 -53.25 20.93
C SER F 372 -13.42 -54.75 20.98
N LEU F 373 -12.96 -55.44 19.95
CA LEU F 373 -12.88 -56.88 19.92
C LEU F 373 -11.42 -57.30 19.92
N THR F 374 -11.18 -58.51 20.39
CA THR F 374 -9.84 -59.06 20.47
C THR F 374 -9.66 -60.12 19.39
N LEU F 375 -8.78 -59.83 18.42
CA LEU F 375 -8.52 -60.68 17.27
C LEU F 375 -7.07 -61.16 17.26
N PRO F 376 -6.79 -62.31 16.64
CA PRO F 376 -5.40 -62.76 16.48
C PRO F 376 -4.58 -61.82 15.60
N SER F 377 -3.26 -61.89 15.78
CA SER F 377 -2.33 -61.04 15.03
C SER F 377 -2.39 -61.29 13.52
N GLU F 378 -2.90 -62.44 13.10
CA GLU F 378 -2.97 -62.80 11.69
C GLU F 378 -3.94 -61.93 10.91
N VAL F 379 -4.69 -61.05 11.58
CA VAL F 379 -5.61 -60.15 10.90
C VAL F 379 -4.87 -59.29 9.88
N SER F 380 -3.61 -58.95 10.17
CA SER F 380 -2.83 -58.09 9.28
C SER F 380 -2.61 -58.70 7.89
N LEU F 381 -2.76 -60.02 7.74
CA LEU F 381 -2.54 -60.65 6.44
C LEU F 381 -3.61 -60.22 5.42
N CYS F 382 -4.80 -59.83 5.88
CA CYS F 382 -5.84 -59.37 4.97
C CYS F 382 -5.44 -58.14 4.18
N ASN F 383 -4.45 -57.39 4.67
CA ASN F 383 -4.01 -56.21 3.94
C ASN F 383 -3.14 -56.58 2.74
N THR F 384 -2.22 -57.53 2.92
CA THR F 384 -1.30 -57.93 1.86
C THR F 384 -1.81 -59.10 1.01
N ASP F 385 -2.61 -59.99 1.59
CA ASP F 385 -3.10 -61.16 0.86
C ASP F 385 -4.51 -61.47 1.36
N ILE F 386 -5.53 -61.00 0.63
CA ILE F 386 -6.91 -61.23 1.05
C ILE F 386 -7.31 -62.69 0.92
N PHE F 387 -6.61 -63.48 0.10
CA PHE F 387 -6.93 -64.90 -0.09
C PHE F 387 -6.13 -65.82 0.80
N ASN F 388 -5.46 -65.31 1.83
CA ASN F 388 -4.64 -66.14 2.70
C ASN F 388 -5.49 -67.22 3.36
N SER F 389 -4.88 -68.37 3.60
CA SER F 389 -5.57 -69.51 4.17
C SER F 389 -5.49 -69.52 5.70
N LYS F 390 -5.09 -68.42 6.31
CA LYS F 390 -4.89 -68.36 7.75
C LYS F 390 -5.87 -67.45 8.47
N TYR F 391 -6.49 -66.49 7.79
CA TYR F 391 -7.53 -65.66 8.39
C TYR F 391 -8.60 -65.36 7.34
N ASP F 392 -9.86 -65.50 7.75
CA ASP F 392 -10.99 -65.32 6.84
C ASP F 392 -11.37 -63.85 6.84
N CYS F 393 -10.93 -63.11 5.82
CA CYS F 393 -11.11 -61.67 5.77
C CYS F 393 -12.58 -61.32 5.59
N LYS F 394 -13.09 -60.39 6.40
CA LYS F 394 -14.50 -60.04 6.34
C LYS F 394 -14.74 -59.03 5.23
N ILE F 395 -15.80 -59.27 4.45
CA ILE F 395 -16.08 -58.50 3.24
C ILE F 395 -17.58 -58.39 3.07
N MET F 396 -18.01 -57.34 2.35
CA MET F 396 -19.39 -57.24 1.89
C MET F 396 -19.38 -57.13 0.37
N THR F 397 -20.48 -57.57 -0.23
CA THR F 397 -20.63 -57.54 -1.67
C THR F 397 -21.89 -56.77 -2.03
N SER F 398 -21.89 -56.20 -3.23
CA SER F 398 -23.05 -55.45 -3.68
C SER F 398 -23.03 -55.37 -5.20
N LYS F 399 -24.15 -54.91 -5.73
CA LYS F 399 -24.24 -54.46 -7.12
C LYS F 399 -24.46 -52.96 -7.17
N THR F 400 -24.13 -52.27 -6.07
CA THR F 400 -24.37 -50.84 -5.89
C THR F 400 -23.17 -50.11 -6.47
N ASP F 401 -23.28 -49.73 -7.75
CA ASP F 401 -22.16 -49.16 -8.48
C ASP F 401 -22.19 -47.64 -8.29
N ILE F 402 -21.77 -47.20 -7.10
CA ILE F 402 -21.84 -45.80 -6.71
C ILE F 402 -20.42 -45.29 -6.49
N SER F 403 -20.13 -44.10 -7.00
CA SER F 403 -18.83 -43.48 -6.83
C SER F 403 -18.76 -42.76 -5.48
N SER F 404 -17.59 -42.83 -4.84
CA SER F 404 -17.35 -42.20 -3.55
C SER F 404 -15.84 -42.12 -3.32
N SER F 405 -15.45 -41.37 -2.29
CA SER F 405 -14.04 -41.24 -1.97
C SER F 405 -13.83 -41.32 -0.47
N VAL F 406 -12.67 -41.88 -0.10
CA VAL F 406 -12.25 -42.07 1.29
C VAL F 406 -10.92 -41.36 1.48
N ILE F 407 -10.89 -40.38 2.38
CA ILE F 407 -9.66 -39.67 2.71
C ILE F 407 -8.89 -40.49 3.75
N THR F 408 -7.64 -40.83 3.44
CA THR F 408 -6.83 -41.59 4.37
C THR F 408 -5.95 -40.65 5.19
N SER F 409 -5.03 -41.23 5.96
CA SER F 409 -4.14 -40.41 6.78
C SER F 409 -3.15 -39.65 5.92
N LEU F 410 -2.67 -40.26 4.82
CA LEU F 410 -1.71 -39.62 3.94
C LEU F 410 -2.22 -39.50 2.51
N GLY F 411 -3.52 -39.65 2.31
CA GLY F 411 -4.03 -39.52 0.96
C GLY F 411 -5.53 -39.67 0.86
N ALA F 412 -5.97 -40.25 -0.25
CA ALA F 412 -7.38 -40.47 -0.49
C ALA F 412 -7.53 -41.68 -1.41
N ILE F 413 -8.43 -42.57 -1.05
CA ILE F 413 -8.85 -43.64 -1.93
C ILE F 413 -10.03 -43.12 -2.73
N VAL F 414 -10.04 -43.38 -4.03
CA VAL F 414 -11.10 -42.90 -4.91
C VAL F 414 -11.67 -44.09 -5.66
N SER F 415 -12.94 -44.39 -5.41
CA SER F 415 -13.68 -45.42 -6.14
C SER F 415 -14.54 -44.70 -7.17
N CYS F 416 -14.12 -44.72 -8.43
CA CYS F 416 -14.78 -43.98 -9.50
C CYS F 416 -15.51 -44.95 -10.40
N TYR F 417 -16.83 -44.78 -10.52
CA TYR F 417 -17.65 -45.69 -11.29
C TYR F 417 -18.70 -44.92 -12.07
N GLY F 418 -19.23 -45.57 -13.09
CA GLY F 418 -20.28 -44.96 -13.89
C GLY F 418 -19.78 -43.80 -14.72
N LYS F 419 -20.64 -42.80 -14.87
CA LYS F 419 -20.34 -41.58 -15.61
C LYS F 419 -19.85 -40.46 -14.71
N THR F 420 -19.50 -40.78 -13.46
CA THR F 420 -19.09 -39.75 -12.52
C THR F 420 -17.73 -39.19 -12.89
N LYS F 421 -17.55 -37.90 -12.67
CA LYS F 421 -16.27 -37.24 -12.88
C LYS F 421 -15.50 -37.28 -11.57
N CYS F 422 -14.29 -37.85 -11.62
CA CYS F 422 -13.44 -37.99 -10.44
C CYS F 422 -12.09 -37.37 -10.75
N THR F 423 -11.64 -36.47 -9.87
CA THR F 423 -10.50 -35.64 -10.17
C THR F 423 -9.71 -35.35 -8.89
N ALA F 424 -8.38 -35.27 -9.06
CA ALA F 424 -7.48 -34.83 -8.00
C ALA F 424 -6.85 -33.51 -8.42
N SER F 425 -6.86 -32.54 -7.51
CA SER F 425 -6.49 -31.17 -7.82
C SER F 425 -5.44 -30.66 -6.83
N ASN F 426 -4.72 -29.65 -7.26
CA ASN F 426 -3.77 -28.93 -6.42
C ASN F 426 -4.34 -27.55 -6.12
N LYS F 427 -3.94 -27.00 -4.98
CA LYS F 427 -4.49 -25.73 -4.51
C LYS F 427 -4.11 -24.55 -5.41
N ASN F 428 -2.91 -24.56 -6.01
CA ASN F 428 -2.45 -23.41 -6.77
C ASN F 428 -2.67 -23.53 -8.28
N ARG F 429 -3.05 -24.72 -8.78
CA ARG F 429 -3.13 -24.95 -10.22
C ARG F 429 -4.37 -25.69 -10.70
N GLY F 430 -5.18 -26.26 -9.82
CA GLY F 430 -6.35 -26.99 -10.25
C GLY F 430 -6.18 -28.44 -10.61
N ILE F 431 -6.99 -28.91 -11.56
CA ILE F 431 -7.01 -30.31 -11.93
C ILE F 431 -5.65 -30.74 -12.46
N ILE F 432 -5.12 -31.83 -11.91
CA ILE F 432 -3.85 -32.37 -12.36
C ILE F 432 -4.00 -33.81 -12.85
N LYS F 433 -5.00 -34.52 -12.33
CA LYS F 433 -5.23 -35.90 -12.75
C LYS F 433 -6.71 -36.19 -12.87
N THR F 434 -7.08 -36.86 -13.96
CA THR F 434 -8.44 -37.35 -14.15
C THR F 434 -8.42 -38.85 -13.98
N PHE F 435 -9.22 -39.34 -13.02
CA PHE F 435 -9.23 -40.77 -12.68
C PHE F 435 -10.05 -41.56 -13.67
N SER F 436 -9.48 -42.68 -14.13
CA SER F 436 -10.23 -43.66 -14.89
C SER F 436 -11.12 -44.45 -13.93
N ASN F 437 -12.12 -45.13 -14.50
CA ASN F 437 -13.06 -45.89 -13.70
C ASN F 437 -12.35 -47.02 -12.98
N GLY F 438 -12.67 -47.19 -11.70
CA GLY F 438 -12.02 -48.14 -10.83
C GLY F 438 -11.64 -47.50 -9.52
N CYS F 439 -10.96 -48.27 -8.68
CA CYS F 439 -10.54 -47.77 -7.39
C CYS F 439 -9.04 -47.47 -7.44
N ASP F 440 -8.67 -46.26 -7.02
CA ASP F 440 -7.31 -45.74 -7.15
C ASP F 440 -6.92 -45.00 -5.87
N TYR F 441 -5.69 -44.46 -5.86
CA TYR F 441 -5.13 -43.82 -4.69
C TYR F 441 -4.11 -42.78 -5.12
N VAL F 442 -4.03 -41.68 -4.36
CA VAL F 442 -3.13 -40.57 -4.65
C VAL F 442 -2.44 -40.14 -3.36
N SER F 443 -1.16 -39.74 -3.49
CA SER F 443 -0.40 -39.27 -2.35
C SER F 443 -0.78 -37.83 -2.01
N ASN F 444 -0.64 -37.49 -0.74
CA ASN F 444 -1.03 -36.17 -0.25
C ASN F 444 0.02 -35.09 -0.44
N LYS F 445 1.18 -35.40 -1.03
CA LYS F 445 2.22 -34.37 -1.11
C LYS F 445 1.85 -33.23 -2.04
N GLY F 446 1.85 -33.48 -3.34
CA GLY F 446 1.51 -32.46 -4.31
C GLY F 446 0.03 -32.22 -4.52
N VAL F 447 -0.82 -32.98 -3.83
CA VAL F 447 -2.26 -32.91 -4.01
C VAL F 447 -2.87 -32.33 -2.75
N ASP F 448 -3.83 -31.42 -2.91
CA ASP F 448 -4.48 -30.79 -1.78
C ASP F 448 -5.95 -31.14 -1.63
N THR F 449 -6.66 -31.33 -2.75
CA THR F 449 -8.09 -31.55 -2.73
C THR F 449 -8.42 -32.64 -3.74
N VAL F 450 -9.54 -33.33 -3.52
CA VAL F 450 -10.01 -34.38 -4.41
C VAL F 450 -11.50 -34.16 -4.67
N SER F 451 -11.91 -34.32 -5.92
CA SER F 451 -13.28 -34.07 -6.34
C SER F 451 -13.88 -35.33 -6.95
N VAL F 452 -15.03 -35.75 -6.43
CA VAL F 452 -15.78 -36.89 -6.93
C VAL F 452 -17.20 -36.39 -7.18
N GLY F 453 -17.55 -36.22 -8.44
CA GLY F 453 -18.85 -35.65 -8.76
C GLY F 453 -18.92 -34.22 -8.23
N ASN F 454 -19.98 -33.92 -7.49
CA ASN F 454 -20.21 -32.61 -6.92
C ASN F 454 -19.83 -32.51 -5.46
N THR F 455 -19.11 -33.51 -4.95
CA THR F 455 -18.76 -33.60 -3.53
C THR F 455 -17.27 -33.29 -3.41
N LEU F 456 -16.93 -32.26 -2.65
CA LEU F 456 -15.55 -31.81 -2.56
C LEU F 456 -14.94 -32.23 -1.22
N TYR F 457 -13.90 -33.06 -1.30
CA TYR F 457 -13.17 -33.56 -0.14
C TYR F 457 -11.80 -32.89 -0.09
N TYR F 458 -11.45 -32.32 1.06
CA TYR F 458 -10.08 -31.85 1.27
C TYR F 458 -9.21 -32.99 1.80
N VAL F 459 -7.99 -33.06 1.30
CA VAL F 459 -7.08 -34.13 1.67
C VAL F 459 -6.24 -33.66 2.84
N ASN F 460 -5.78 -34.61 3.64
CA ASN F 460 -4.87 -34.28 4.73
C ASN F 460 -3.52 -33.84 4.18
N LYS F 461 -2.97 -32.79 4.78
CA LYS F 461 -1.70 -32.21 4.33
C LYS F 461 -0.63 -32.61 5.32
N LEU F 462 -0.43 -33.91 5.52
CA LEU F 462 0.53 -34.44 6.48
C LEU F 462 1.69 -35.08 5.74
N GLU F 463 2.90 -34.61 6.02
CA GLU F 463 4.09 -35.19 5.40
C GLU F 463 4.33 -36.61 5.92
N GLY F 464 4.66 -37.50 5.01
CA GLY F 464 4.92 -38.89 5.32
C GLY F 464 5.07 -39.68 4.04
N LYS F 465 5.71 -40.83 4.10
CA LYS F 465 6.00 -41.59 2.88
C LYS F 465 4.83 -42.52 2.53
N ASN F 466 4.52 -42.57 1.23
CA ASN F 466 3.44 -43.38 0.69
C ASN F 466 3.99 -44.46 -0.23
N LEU F 467 3.17 -45.49 -0.44
CA LEU F 467 3.56 -46.58 -1.31
C LEU F 467 2.34 -47.15 -2.02
N TYR F 468 2.33 -47.05 -3.34
CA TYR F 468 1.28 -47.64 -4.16
C TYR F 468 1.68 -49.07 -4.47
N VAL F 469 0.92 -50.03 -3.96
CA VAL F 469 1.17 -51.45 -4.17
C VAL F 469 0.28 -51.91 -5.31
N LYS F 470 0.84 -52.03 -6.52
CA LYS F 470 0.06 -52.50 -7.65
C LYS F 470 -0.40 -53.94 -7.41
N GLY F 471 -1.54 -54.28 -8.02
CA GLY F 471 -2.13 -55.60 -7.94
C GLY F 471 -3.44 -55.66 -8.69
N GLU F 472 -3.86 -56.84 -9.13
CA GLU F 472 -5.13 -56.94 -9.84
C GLU F 472 -6.28 -56.77 -8.85
N PRO F 473 -7.26 -55.92 -9.14
CA PRO F 473 -8.43 -55.80 -8.25
C PRO F 473 -9.11 -57.15 -8.05
N ILE F 474 -9.34 -57.49 -6.78
CA ILE F 474 -9.86 -58.82 -6.43
C ILE F 474 -11.25 -59.07 -7.00
N ILE F 475 -12.01 -58.02 -7.28
CA ILE F 475 -13.37 -58.19 -7.76
C ILE F 475 -13.43 -58.87 -9.12
N ASN F 476 -12.34 -58.78 -9.90
CA ASN F 476 -12.31 -59.37 -11.22
C ASN F 476 -12.20 -60.89 -11.20
N TYR F 477 -11.87 -61.50 -10.06
CA TYR F 477 -11.71 -62.95 -10.00
C TYR F 477 -13.05 -63.68 -10.00
N TYR F 478 -14.16 -62.95 -9.99
CA TYR F 478 -15.48 -63.54 -9.88
C TYR F 478 -16.25 -63.30 -11.17
N ASP F 479 -16.95 -64.32 -11.62
CA ASP F 479 -17.80 -64.10 -12.78
C ASP F 479 -19.18 -63.63 -12.34
N PRO F 480 -19.69 -62.52 -12.87
CA PRO F 480 -21.06 -62.12 -12.53
C PRO F 480 -22.03 -63.21 -12.93
N LEU F 481 -23.30 -63.00 -12.57
CA LEU F 481 -24.40 -63.94 -12.82
C LEU F 481 -24.28 -65.16 -11.90
N VAL F 482 -23.06 -65.46 -11.44
CA VAL F 482 -22.82 -66.50 -10.44
C VAL F 482 -22.32 -65.91 -9.14
N PHE F 483 -22.24 -64.58 -9.05
CA PHE F 483 -21.74 -63.89 -7.87
C PHE F 483 -22.87 -63.68 -6.87
N PRO F 484 -22.76 -64.16 -5.64
CA PRO F 484 -23.73 -63.77 -4.61
C PRO F 484 -23.52 -62.33 -4.17
N SER F 485 -24.40 -61.43 -4.59
CA SER F 485 -24.18 -59.99 -4.50
C SER F 485 -25.08 -59.31 -3.47
N ASP F 486 -25.33 -59.97 -2.33
CA ASP F 486 -26.12 -59.34 -1.28
C ASP F 486 -25.64 -59.77 0.10
N GLU F 487 -24.34 -59.95 0.25
CA GLU F 487 -23.74 -60.39 1.50
C GLU F 487 -23.17 -59.17 2.24
N PHE F 488 -23.54 -59.02 3.51
CA PHE F 488 -23.10 -57.86 4.30
C PHE F 488 -21.94 -58.13 5.23
N ASP F 489 -21.94 -59.25 5.95
CA ASP F 489 -20.83 -59.58 6.84
C ASP F 489 -20.36 -61.01 6.55
N ALA F 490 -19.96 -61.22 5.32
CA ALA F 490 -19.46 -62.50 4.86
C ALA F 490 -17.95 -62.38 4.65
N SER F 491 -17.35 -63.44 4.12
CA SER F 491 -15.89 -63.49 4.00
C SER F 491 -15.50 -64.18 2.70
N ILE F 492 -14.20 -64.08 2.39
CA ILE F 492 -13.66 -64.67 1.16
C ILE F 492 -14.01 -66.14 1.08
N SER F 493 -13.72 -66.90 2.14
CA SER F 493 -14.02 -68.33 2.12
C SER F 493 -15.52 -68.58 2.15
N GLN F 494 -16.29 -67.70 2.82
CA GLN F 494 -17.73 -67.87 2.85
C GLN F 494 -18.33 -67.66 1.47
N VAL F 495 -17.84 -66.67 0.74
CA VAL F 495 -18.31 -66.44 -0.63
C VAL F 495 -17.90 -67.61 -1.51
N ASN F 496 -16.69 -68.13 -1.31
CA ASN F 496 -16.22 -69.24 -2.13
C ASN F 496 -17.13 -70.45 -2.01
N GLU F 497 -17.52 -70.83 -0.78
CA GLU F 497 -18.35 -72.02 -0.64
C GLU F 497 -19.76 -71.78 -1.19
N LYS F 498 -20.27 -70.55 -1.08
CA LYS F 498 -21.60 -70.28 -1.64
C LYS F 498 -21.56 -70.37 -3.17
N ILE F 499 -20.46 -69.95 -3.79
CA ILE F 499 -20.27 -70.20 -5.21
C ILE F 499 -20.03 -71.68 -5.46
N ASN F 500 -19.15 -72.30 -4.65
CA ASN F 500 -18.84 -73.73 -4.81
C ASN F 500 -20.09 -74.57 -4.59
N GLN F 501 -20.95 -74.17 -3.65
CA GLN F 501 -22.20 -74.89 -3.45
C GLN F 501 -23.17 -74.60 -4.58
N SER F 502 -23.10 -73.40 -5.15
CA SER F 502 -23.91 -73.06 -6.31
C SER F 502 -23.31 -73.65 -7.58
N LEU F 503 -21.99 -73.74 -7.66
CA LEU F 503 -21.36 -74.37 -8.80
C LEU F 503 -21.56 -75.89 -8.78
N ALA F 504 -21.68 -76.46 -7.58
CA ALA F 504 -21.94 -77.89 -7.46
C ALA F 504 -23.36 -78.25 -7.89
N PHE F 505 -24.33 -77.37 -7.64
CA PHE F 505 -25.70 -77.66 -8.07
C PHE F 505 -25.88 -77.58 -9.58
N ILE F 506 -25.04 -76.80 -10.27
CA ILE F 506 -25.11 -76.77 -11.72
C ILE F 506 -24.37 -77.96 -12.32
N ARG F 507 -23.22 -78.32 -11.73
CA ARG F 507 -22.49 -79.51 -12.17
C ARG F 507 -23.31 -80.78 -12.01
N ARG F 508 -23.92 -80.95 -10.83
CA ARG F 508 -24.62 -82.19 -10.52
C ARG F 508 -25.99 -82.30 -11.19
N SER F 509 -26.64 -81.17 -11.46
CA SER F 509 -27.94 -81.23 -12.13
C SER F 509 -27.81 -81.43 -13.63
N ASP F 510 -26.81 -80.78 -14.25
CA ASP F 510 -26.59 -80.97 -15.68
C ASP F 510 -25.91 -82.30 -15.96
N GLU F 511 -25.09 -82.80 -15.03
CA GLU F 511 -24.55 -84.14 -15.13
C GLU F 511 -25.65 -85.19 -15.00
N LEU F 512 -26.84 -84.80 -14.56
CA LEU F 512 -27.99 -85.69 -14.40
C LEU F 512 -28.85 -85.72 -15.66
N LEU F 513 -28.28 -85.39 -16.81
CA LEU F 513 -29.01 -85.22 -18.06
C LEU F 513 -28.67 -86.32 -19.06
N ASN G 27 25.22 65.23 33.20
CA ASN G 27 25.43 65.58 34.61
C ASN G 27 24.14 65.46 35.42
N ILE G 28 24.04 64.37 36.19
CA ILE G 28 22.87 64.03 36.99
C ILE G 28 23.26 63.78 38.44
N THR G 29 22.41 64.23 39.36
CA THR G 29 22.60 64.08 40.80
C THR G 29 21.56 63.12 41.40
N GLU G 30 22.02 62.23 42.29
CA GLU G 30 21.16 61.26 42.96
C GLU G 30 21.11 61.49 44.47
N GLU G 31 19.95 61.26 45.07
CA GLU G 31 19.75 61.37 46.51
C GLU G 31 19.21 60.06 47.07
N PHE G 32 19.80 59.60 48.17
CA PHE G 32 19.34 58.43 48.89
C PHE G 32 18.72 58.85 50.22
N TYR G 33 17.54 58.32 50.52
CA TYR G 33 16.80 58.62 51.74
C TYR G 33 16.81 57.39 52.64
N GLN G 34 17.59 57.45 53.73
CA GLN G 34 17.64 56.33 54.66
C GLN G 34 16.30 56.12 55.35
N SER G 35 15.53 57.20 55.53
CA SER G 35 14.27 57.09 56.25
C SER G 35 13.30 56.17 55.53
N THR G 36 13.24 56.27 54.21
CA THR G 36 12.27 55.53 53.42
C THR G 36 12.92 54.51 52.50
N CYS G 37 14.25 54.39 52.53
CA CYS G 37 14.98 53.46 51.70
C CYS G 37 14.60 53.62 50.22
N SER G 38 14.88 54.82 49.70
CA SER G 38 14.53 55.16 48.33
C SER G 38 15.58 56.10 47.75
N ALA G 39 15.55 56.25 46.43
CA ALA G 39 16.54 57.07 45.73
C ALA G 39 15.89 57.83 44.57
N VAL G 40 16.28 59.08 44.39
CA VAL G 40 15.71 59.98 43.38
C VAL G 40 16.83 60.45 42.48
N SER G 41 16.68 60.22 41.18
CA SER G 41 17.66 60.61 40.18
C SER G 41 17.21 61.87 39.45
N ARG G 42 17.89 62.98 39.70
CA ARG G 42 17.52 64.27 39.12
C ARG G 42 18.40 64.55 37.91
N GLY G 43 17.92 65.44 37.04
CA GLY G 43 18.69 65.89 35.91
C GLY G 43 18.24 65.35 34.57
N TYR G 44 17.39 64.34 34.55
CA TYR G 44 16.89 63.81 33.29
C TYR G 44 15.84 64.74 32.67
N PHE G 45 15.73 64.67 31.35
CA PHE G 45 14.76 65.44 30.57
C PHE G 45 13.79 64.51 29.86
N SER G 46 12.68 65.08 29.44
CA SER G 46 11.56 64.32 28.88
C SER G 46 11.60 64.24 27.37
N ALA G 47 10.98 63.18 26.84
CA ALA G 47 10.63 63.01 25.43
C ALA G 47 9.46 62.00 25.42
N LEU G 48 8.28 62.53 25.71
CA LEU G 48 7.09 61.71 25.91
C LEU G 48 6.32 61.61 24.59
N ARG G 49 5.97 60.38 24.22
CA ARG G 49 5.16 60.17 23.02
C ARG G 49 3.70 60.38 23.39
N THR G 50 3.16 61.55 23.08
CA THR G 50 1.78 61.86 23.45
C THR G 50 0.77 61.58 22.35
N GLY G 51 1.20 61.48 21.09
CA GLY G 51 0.28 61.33 19.98
C GLY G 51 0.81 60.44 18.88
N TRP G 52 0.10 60.39 17.75
CA TRP G 52 0.47 59.54 16.63
C TRP G 52 0.50 60.30 15.31
N TYR G 53 1.48 59.99 14.47
CA TYR G 53 1.49 60.41 13.07
C TYR G 53 1.34 59.19 12.17
N THR G 54 0.45 59.28 11.19
CA THR G 54 0.14 58.18 10.30
C THR G 54 0.54 58.53 8.86
N SER G 55 1.26 57.64 8.21
CA SER G 55 1.65 57.80 6.82
C SER G 55 1.40 56.50 6.05
N VAL G 56 1.07 56.63 4.77
CA VAL G 56 0.79 55.49 3.89
C VAL G 56 1.94 55.30 2.92
N ILE G 57 2.60 54.14 2.98
CA ILE G 57 3.70 53.77 2.11
C ILE G 57 3.18 52.79 1.07
N THR G 58 3.46 53.06 -0.21
CA THR G 58 2.95 52.25 -1.30
C THR G 58 4.11 51.69 -2.14
N ILE G 59 3.87 50.52 -2.73
CA ILE G 59 4.76 49.93 -3.71
C ILE G 59 3.93 49.57 -4.92
N GLU G 60 4.36 50.01 -6.10
CA GLU G 60 3.63 49.75 -7.32
C GLU G 60 4.06 48.42 -7.91
N LEU G 61 3.09 47.52 -8.12
CA LEU G 61 3.34 46.18 -8.61
C LEU G 61 2.67 45.95 -9.95
N SER G 62 3.15 44.93 -10.66
CA SER G 62 2.49 44.45 -11.88
C SER G 62 2.31 42.96 -11.73
N ASN G 63 1.06 42.51 -11.84
CA ASN G 63 0.72 41.09 -11.70
C ASN G 63 0.92 40.39 -13.04
N ILE G 64 1.79 39.40 -13.06
CA ILE G 64 2.05 38.65 -14.29
C ILE G 64 0.99 37.58 -14.44
N LYS G 65 0.35 37.55 -15.61
CA LYS G 65 -0.69 36.55 -15.86
C LYS G 65 -0.13 35.14 -15.81
N GLU G 66 0.97 34.89 -16.53
CA GLU G 66 1.53 33.55 -16.58
C GLU G 66 2.99 33.63 -16.98
N THR G 67 3.81 32.75 -16.39
CA THR G 67 5.19 32.55 -16.81
C THR G 67 5.17 31.34 -17.72
N LYS G 68 5.21 31.57 -19.03
CA LYS G 68 5.08 30.50 -20.01
C LYS G 68 6.44 30.06 -20.55
N CYS G 69 7.49 30.20 -19.77
CA CYS G 69 8.82 29.80 -20.24
C CYS G 69 8.92 28.29 -20.04
N ASN G 70 8.85 27.55 -21.16
CA ASN G 70 8.92 26.10 -21.14
C ASN G 70 10.35 25.58 -21.21
N GLY G 71 11.27 26.38 -21.76
CA GLY G 71 12.65 25.92 -21.90
C GLY G 71 13.42 26.25 -20.64
N THR G 72 14.07 25.23 -20.08
CA THR G 72 14.77 25.33 -18.81
C THR G 72 16.27 25.28 -19.09
N ASP G 73 16.95 26.35 -18.73
CA ASP G 73 18.39 26.47 -18.91
C ASP G 73 18.96 26.92 -17.57
N THR G 74 20.27 26.80 -17.45
CA THR G 74 20.93 27.23 -16.22
C THR G 74 20.62 28.69 -15.94
N LYS G 75 20.50 29.50 -16.99
CA LYS G 75 20.11 30.89 -16.84
C LYS G 75 18.60 31.03 -16.60
N VAL G 76 17.78 30.32 -17.39
CA VAL G 76 16.34 30.48 -17.31
C VAL G 76 15.78 30.08 -15.96
N LYS G 77 16.32 29.02 -15.35
CA LYS G 77 15.75 28.54 -14.09
C LYS G 77 15.87 29.56 -12.97
N LEU G 78 16.82 30.49 -13.07
CA LEU G 78 17.01 31.47 -12.00
C LEU G 78 15.92 32.53 -12.04
N ILE G 79 15.63 33.06 -13.22
CA ILE G 79 14.57 34.06 -13.33
C ILE G 79 13.20 33.44 -13.07
N LYS G 80 12.98 32.20 -13.53
CA LYS G 80 11.66 31.58 -13.37
C LYS G 80 11.32 31.35 -11.90
N GLN G 81 12.24 30.77 -11.15
CA GLN G 81 12.01 30.60 -9.72
C GLN G 81 11.95 31.95 -9.02
N GLU G 82 12.72 32.93 -9.50
CA GLU G 82 12.64 34.27 -8.94
C GLU G 82 11.29 34.91 -9.21
N LEU G 83 10.75 34.69 -10.42
CA LEU G 83 9.42 35.24 -10.74
C LEU G 83 8.35 34.66 -9.84
N ASP G 84 8.44 33.36 -9.56
CA ASP G 84 7.44 32.74 -8.69
C ASP G 84 7.53 33.28 -7.27
N LYS G 85 8.74 33.56 -6.79
CA LYS G 85 8.87 34.16 -5.46
C LYS G 85 8.19 35.53 -5.40
N TYR G 86 8.31 36.30 -6.48
CA TYR G 86 7.56 37.56 -6.56
C TYR G 86 6.07 37.28 -6.67
N LYS G 87 5.70 36.36 -7.58
CA LYS G 87 4.29 36.08 -7.83
C LYS G 87 3.59 35.51 -6.61
N ASN G 88 4.32 34.76 -5.77
CA ASN G 88 3.74 34.25 -4.53
C ASN G 88 3.73 35.29 -3.41
N ALA G 89 4.77 36.13 -3.33
CA ALA G 89 4.81 37.17 -2.30
C ALA G 89 3.60 38.09 -2.43
N VAL G 90 3.23 38.43 -3.67
CA VAL G 90 2.01 39.18 -3.90
C VAL G 90 0.82 38.39 -3.36
N THR G 91 0.77 37.09 -3.70
CA THR G 91 -0.33 36.24 -3.27
C THR G 91 -0.36 36.07 -1.75
N GLU G 92 0.81 35.90 -1.12
CA GLU G 92 0.81 35.77 0.33
C GLU G 92 0.19 37.00 0.98
N LEU G 93 0.58 38.19 0.53
CA LEU G 93 0.05 39.41 1.13
C LEU G 93 -1.42 39.57 0.85
N GLN G 94 -1.88 39.17 -0.34
CA GLN G 94 -3.31 39.23 -0.64
C GLN G 94 -4.12 38.38 0.32
N LEU G 95 -3.55 37.28 0.82
CA LEU G 95 -4.26 36.48 1.82
C LEU G 95 -4.48 37.27 3.11
N LEU G 96 -3.44 37.98 3.60
CA LEU G 96 -3.59 38.73 4.84
C LEU G 96 -4.43 39.99 4.69
N THR G 97 -4.53 40.53 3.48
CA THR G 97 -5.13 41.86 3.31
C THR G 97 -6.64 41.84 3.17
N GLN G 98 -7.23 40.73 2.73
CA GLN G 98 -8.67 40.67 2.53
C GLN G 98 -9.45 40.44 3.81
N ASN G 99 -8.80 40.59 4.96
CA ASN G 99 -9.45 40.42 6.26
C ASN G 99 -9.53 41.69 7.09
N THR G 100 -8.77 42.75 6.74
CA THR G 100 -8.70 43.99 7.51
C THR G 100 -8.24 43.72 8.94
N PRO G 101 -7.00 43.24 9.12
CA PRO G 101 -6.61 42.62 10.41
C PRO G 101 -6.48 43.56 11.59
N ALA G 102 -6.16 42.99 12.75
CA ALA G 102 -5.91 43.71 14.01
C ALA G 102 -6.92 44.83 14.28
N PHE G 137 6.45 48.20 40.86
CA PHE G 137 5.16 47.83 41.41
C PHE G 137 4.08 48.66 40.72
N LEU G 138 2.81 48.37 41.05
CA LEU G 138 1.67 48.98 40.36
C LEU G 138 1.63 48.58 38.89
N GLY G 139 1.13 49.47 38.04
CA GLY G 139 1.03 49.16 36.62
C GLY G 139 -0.35 48.69 36.22
N PHE G 140 -1.01 47.98 37.14
CA PHE G 140 -2.39 47.55 36.90
C PHE G 140 -3.35 48.72 36.82
N LEU G 141 -2.93 49.91 37.26
CA LEU G 141 -3.78 51.08 37.28
C LEU G 141 -3.81 51.83 35.96
N LEU G 142 -3.03 51.39 34.97
CA LEU G 142 -2.80 52.19 33.76
C LEU G 142 -4.01 52.26 32.85
N GLY G 143 -4.79 51.19 32.76
CA GLY G 143 -5.89 51.15 31.83
C GLY G 143 -5.36 50.83 30.44
N VAL G 144 -6.16 50.14 29.64
CA VAL G 144 -5.71 49.62 28.37
C VAL G 144 -6.08 50.57 27.24
N GLY G 145 -5.19 50.68 26.26
CA GLY G 145 -5.45 51.40 25.03
C GLY G 145 -5.30 50.51 23.82
N SER G 146 -5.59 51.08 22.65
CA SER G 146 -5.42 50.38 21.38
C SER G 146 -4.37 51.15 20.59
N ALA G 147 -3.15 50.61 20.58
CA ALA G 147 -2.03 51.37 20.06
C ALA G 147 -2.19 51.66 18.57
N ILE G 148 -2.75 50.73 17.81
CA ILE G 148 -2.78 50.83 16.36
C ILE G 148 -4.18 51.15 15.85
N ALA G 149 -5.06 51.67 16.71
CA ALA G 149 -6.39 52.08 16.25
C ALA G 149 -6.28 53.20 15.22
N SER G 150 -5.29 54.08 15.39
CA SER G 150 -5.11 55.17 14.44
C SER G 150 -4.66 54.65 13.08
N GLY G 151 -3.66 53.77 13.06
CA GLY G 151 -3.22 53.21 11.80
C GLY G 151 -4.28 52.35 11.13
N ILE G 152 -4.95 51.50 11.91
CA ILE G 152 -6.01 50.66 11.37
C ILE G 152 -7.13 51.52 10.78
N ALA G 153 -7.44 52.63 11.44
CA ALA G 153 -8.46 53.53 10.91
C ALA G 153 -8.08 54.00 9.51
N VAL G 154 -6.80 54.31 9.30
CA VAL G 154 -6.35 54.71 7.97
C VAL G 154 -6.50 53.55 7.00
N CYS G 155 -6.19 52.32 7.45
CA CYS G 155 -6.40 51.13 6.63
C CYS G 155 -7.83 51.02 6.13
N LYS G 156 -8.80 51.30 7.00
CA LYS G 156 -10.21 51.15 6.66
C LYS G 156 -10.59 52.00 5.46
N VAL G 157 -9.98 53.17 5.31
CA VAL G 157 -10.31 54.02 4.17
C VAL G 157 -9.81 53.41 2.88
N LEU G 158 -8.61 52.82 2.92
CA LEU G 158 -8.02 52.27 1.69
C LEU G 158 -8.84 51.13 1.11
N HIS G 159 -9.60 50.41 1.95
CA HIS G 159 -10.43 49.33 1.47
C HIS G 159 -11.69 49.80 0.74
N LEU G 160 -12.03 51.08 0.83
CA LEU G 160 -13.23 51.58 0.19
C LEU G 160 -13.09 51.53 -1.34
N GLU G 161 -14.21 51.33 -2.02
CA GLU G 161 -14.19 51.16 -3.47
C GLU G 161 -13.72 52.46 -4.14
N GLY G 162 -12.81 52.32 -5.11
CA GLY G 162 -12.32 53.47 -5.82
C GLY G 162 -11.47 54.40 -4.99
N GLU G 163 -11.06 53.99 -3.80
CA GLU G 163 -10.28 54.85 -2.92
C GLU G 163 -8.78 54.76 -3.19
N VAL G 164 -8.27 53.56 -3.47
CA VAL G 164 -6.86 53.41 -3.81
C VAL G 164 -6.51 54.25 -5.02
N ASN G 165 -7.45 54.41 -5.97
CA ASN G 165 -7.20 55.19 -7.17
C ASN G 165 -6.82 56.63 -6.83
N LYS G 166 -7.48 57.22 -5.83
CA LYS G 166 -7.14 58.58 -5.43
C LYS G 166 -5.67 58.68 -5.02
N ILE G 167 -5.16 57.66 -4.32
CA ILE G 167 -3.73 57.61 -3.97
C ILE G 167 -2.89 57.46 -5.23
N LYS G 168 -3.30 56.55 -6.11
CA LYS G 168 -2.54 56.24 -7.30
C LYS G 168 -2.32 57.48 -8.16
N ASN G 169 -3.37 58.31 -8.32
CA ASN G 169 -3.26 59.48 -9.18
C ASN G 169 -2.30 60.53 -8.63
N ALA G 170 -2.18 60.63 -7.31
CA ALA G 170 -1.30 61.65 -6.72
C ALA G 170 0.17 61.28 -6.83
N LEU G 171 0.49 59.99 -6.72
CA LEU G 171 1.86 59.52 -6.85
C LEU G 171 2.20 59.14 -8.29
N LEU G 172 1.39 59.59 -9.25
CA LEU G 172 1.67 59.27 -10.64
C LEU G 172 2.80 60.14 -11.19
N SER G 173 2.84 61.41 -10.78
CA SER G 173 3.85 62.34 -11.27
C SER G 173 5.04 62.49 -10.34
N THR G 174 4.83 62.39 -9.03
CA THR G 174 5.90 62.52 -8.05
C THR G 174 5.85 61.36 -7.06
N ASN G 175 6.88 61.28 -6.20
CA ASN G 175 7.00 60.24 -5.19
C ASN G 175 6.57 60.70 -3.82
N LYS G 176 5.98 61.89 -3.73
CA LYS G 176 5.59 62.47 -2.44
C LYS G 176 4.30 63.24 -2.65
N ALA G 177 3.25 62.89 -1.92
CA ALA G 177 1.97 63.57 -2.10
C ALA G 177 1.13 63.51 -0.82
N VAL G 178 0.30 64.53 -0.65
CA VAL G 178 -0.74 64.54 0.37
C VAL G 178 -2.06 64.27 -0.36
N VAL G 179 -2.75 63.19 0.03
CA VAL G 179 -3.97 62.76 -0.64
C VAL G 179 -5.15 62.95 0.30
N SER G 180 -6.27 63.40 -0.27
CA SER G 180 -7.53 63.52 0.46
C SER G 180 -8.30 62.21 0.35
N LEU G 181 -8.44 61.51 1.46
CA LEU G 181 -9.22 60.29 1.48
C LEU G 181 -10.72 60.60 1.61
N SER G 182 -11.53 59.61 1.21
CA SER G 182 -12.99 59.79 1.23
C SER G 182 -13.50 59.98 2.65
N ASN G 183 -12.78 59.44 3.63
CA ASN G 183 -13.25 59.57 5.01
C ASN G 183 -13.09 60.99 5.51
N GLY G 184 -11.87 61.52 5.47
CA GLY G 184 -11.66 62.86 5.94
C GLY G 184 -10.22 63.11 6.30
N VAL G 185 -9.38 62.09 6.18
CA VAL G 185 -8.04 62.13 6.76
C VAL G 185 -7.03 62.42 5.66
N SER G 186 -6.15 63.39 5.93
CA SER G 186 -5.05 63.74 5.03
C SER G 186 -3.81 63.00 5.50
N VAL G 187 -3.22 62.22 4.59
CA VAL G 187 -2.08 61.37 4.94
C VAL G 187 -0.96 61.58 3.93
N LEU G 188 0.28 61.58 4.41
CA LEU G 188 1.42 61.58 3.50
C LEU G 188 1.55 60.21 2.86
N THR G 189 1.68 60.20 1.54
CA THR G 189 1.80 58.95 0.82
C THR G 189 3.10 58.92 0.04
N PHE G 190 3.64 57.72 -0.12
CA PHE G 190 5.02 57.55 -0.58
C PHE G 190 5.07 56.33 -1.46
N LYS G 191 5.44 56.54 -2.72
CA LYS G 191 5.74 55.44 -3.62
C LYS G 191 7.24 55.19 -3.54
N VAL G 192 7.65 54.09 -2.92
CA VAL G 192 9.05 53.82 -2.68
C VAL G 192 9.66 53.03 -3.84
N LEU G 193 9.12 51.85 -4.11
CA LEU G 193 9.57 51.01 -5.20
C LEU G 193 8.53 51.03 -6.33
N ASP G 194 8.99 51.23 -7.55
CA ASP G 194 8.16 51.09 -8.75
C ASP G 194 8.61 49.81 -9.44
N LEU G 195 8.02 48.69 -9.04
CA LEU G 195 8.35 47.44 -9.68
C LEU G 195 7.59 47.26 -10.99
N LYS G 196 6.41 47.87 -11.13
CA LYS G 196 5.64 47.74 -12.37
C LYS G 196 6.41 48.26 -13.58
N SER G 197 6.78 49.54 -13.57
CA SER G 197 7.42 50.13 -14.74
C SER G 197 8.75 49.46 -15.06
N TYR G 198 9.39 48.85 -14.05
CA TYR G 198 10.56 48.00 -14.32
C TYR G 198 10.14 46.70 -14.98
N ILE G 199 9.14 46.02 -14.40
CA ILE G 199 8.70 44.74 -14.93
C ILE G 199 8.07 44.92 -16.31
N ASN G 200 7.31 46.00 -16.50
CA ASN G 200 6.53 46.14 -17.73
C ASN G 200 7.41 46.56 -18.90
N ASN G 201 8.36 47.46 -18.70
CA ASN G 201 9.10 48.04 -19.80
C ASN G 201 10.61 47.77 -19.78
N GLN G 202 11.14 47.13 -18.75
CA GLN G 202 12.57 46.84 -18.73
C GLN G 202 12.92 45.36 -18.61
N LEU G 203 12.18 44.58 -17.83
CA LEU G 203 12.59 43.21 -17.59
C LEU G 203 11.96 42.26 -18.61
N LEU G 204 10.62 42.18 -18.61
CA LEU G 204 9.94 41.29 -19.52
C LEU G 204 10.30 41.51 -20.98
N PRO G 205 10.45 42.74 -21.49
CA PRO G 205 10.95 42.88 -22.86
C PRO G 205 12.33 42.29 -23.04
N ILE G 206 13.26 42.54 -22.10
CA ILE G 206 14.58 41.91 -22.17
C ILE G 206 14.45 40.40 -22.17
N LEU G 207 13.55 39.88 -21.34
CA LEU G 207 13.36 38.44 -21.24
C LEU G 207 12.77 37.85 -22.52
N ASN G 208 11.73 38.50 -23.05
CA ASN G 208 10.91 37.90 -24.10
C ASN G 208 11.63 37.78 -25.43
N GLN G 209 12.50 38.73 -25.78
CA GLN G 209 13.04 38.78 -27.15
C GLN G 209 13.86 37.55 -27.49
N GLN G 210 14.56 36.96 -26.52
CA GLN G 210 15.42 35.81 -26.76
C GLN G 210 14.75 34.51 -26.36
N SER G 211 13.42 34.48 -26.39
CA SER G 211 12.65 33.28 -26.09
C SER G 211 13.08 32.68 -24.76
N CYS G 212 13.23 33.55 -23.78
CA CYS G 212 13.48 33.27 -22.37
C CYS G 212 14.91 32.83 -22.02
N ARG G 213 15.85 32.73 -22.95
CA ARG G 213 17.25 32.48 -22.57
C ARG G 213 17.92 33.82 -22.30
N ILE G 214 17.98 34.22 -21.03
CA ILE G 214 18.70 35.45 -20.70
C ILE G 214 20.18 35.09 -20.55
N SER G 215 20.97 35.39 -21.57
CA SER G 215 22.40 35.10 -21.53
C SER G 215 23.12 36.02 -20.56
N ASN G 216 22.49 37.14 -20.20
CA ASN G 216 23.14 38.21 -19.45
C ASN G 216 22.69 38.04 -18.00
N ILE G 217 23.59 37.52 -17.16
CA ILE G 217 23.26 37.25 -15.76
C ILE G 217 22.97 38.53 -15.00
N GLU G 218 23.38 39.69 -15.52
CA GLU G 218 23.19 40.93 -14.79
C GLU G 218 21.72 41.21 -14.55
N THR G 219 20.88 40.79 -15.49
CA THR G 219 19.45 41.08 -15.41
C THR G 219 18.81 40.43 -14.18
N VAL G 220 19.15 39.18 -13.89
CA VAL G 220 18.56 38.49 -12.74
C VAL G 220 19.02 39.12 -11.42
N ILE G 221 20.28 39.55 -11.34
CA ILE G 221 20.78 40.15 -10.11
C ILE G 221 20.11 41.50 -9.88
N GLU G 222 20.01 42.31 -10.95
CA GLU G 222 19.33 43.59 -10.84
C GLU G 222 17.88 43.41 -10.40
N PHE G 223 17.20 42.40 -10.96
CA PHE G 223 15.82 42.12 -10.57
C PHE G 223 15.74 41.67 -9.12
N GLN G 224 16.59 40.74 -8.71
CA GLN G 224 16.49 40.19 -7.36
C GLN G 224 16.75 41.26 -6.30
N GLN G 225 17.66 42.20 -6.57
CA GLN G 225 17.81 43.31 -5.64
C GLN G 225 16.62 44.25 -5.70
N LYS G 226 16.12 44.52 -6.91
CA LYS G 226 14.87 45.28 -7.03
C LYS G 226 13.71 44.53 -6.39
N ASN G 227 13.73 43.20 -6.47
CA ASN G 227 12.65 42.39 -5.92
C ASN G 227 12.85 42.08 -4.44
N SER G 228 14.05 42.31 -3.91
CA SER G 228 14.35 41.87 -2.55
C SER G 228 13.48 42.59 -1.53
N ARG G 229 13.34 43.91 -1.66
CA ARG G 229 12.63 44.66 -0.62
C ARG G 229 11.19 44.21 -0.50
N LEU G 230 10.56 43.87 -1.63
CA LEU G 230 9.22 43.30 -1.57
C LEU G 230 9.23 41.99 -0.79
N LEU G 231 10.23 41.15 -1.04
CA LEU G 231 10.29 39.84 -0.41
C LEU G 231 10.49 39.97 1.10
N GLU G 232 11.30 40.95 1.52
CA GLU G 232 11.52 41.14 2.95
C GLU G 232 10.29 41.74 3.62
N ILE G 233 9.65 42.72 2.98
CA ILE G 233 8.42 43.29 3.53
C ILE G 233 7.35 42.21 3.65
N THR G 234 7.22 41.36 2.62
CA THR G 234 6.25 40.27 2.67
C THR G 234 6.54 39.33 3.84
N ARG G 235 7.81 38.95 3.99
CA ARG G 235 8.19 37.98 5.01
C ARG G 235 7.95 38.51 6.43
N GLU G 236 8.31 39.76 6.70
CA GLU G 236 8.06 40.34 8.01
C GLU G 236 6.57 40.35 8.32
N PHE G 237 5.77 40.85 7.38
CA PHE G 237 4.33 40.82 7.55
C PHE G 237 3.81 39.40 7.62
N SER G 238 4.46 38.46 6.92
CA SER G 238 3.98 37.09 6.91
C SER G 238 4.24 36.37 8.23
N VAL G 239 5.11 36.92 9.09
CA VAL G 239 5.41 36.30 10.37
C VAL G 239 4.83 37.07 11.55
N ASN G 240 4.30 38.29 11.33
CA ASN G 240 3.84 39.14 12.42
C ASN G 240 2.37 39.56 12.28
N ALA G 241 1.59 38.85 11.47
CA ALA G 241 0.15 39.13 11.29
C ALA G 241 -0.11 40.56 10.81
N GLY G 242 0.67 41.00 9.84
CA GLY G 242 0.44 42.29 9.21
C GLY G 242 0.77 43.48 10.07
N VAL G 243 1.26 43.27 11.29
CA VAL G 243 1.62 44.35 12.21
C VAL G 243 3.01 44.04 12.74
N THR G 244 3.99 44.83 12.34
CA THR G 244 5.37 44.62 12.74
C THR G 244 5.82 45.71 13.70
N THR G 245 6.67 45.32 14.63
CA THR G 245 7.34 46.25 15.53
C THR G 245 8.61 45.58 16.04
N PRO G 246 9.74 46.30 16.11
CA PRO G 246 9.95 47.67 15.65
C PRO G 246 9.99 47.84 14.12
N LEU G 247 10.02 49.09 13.67
CA LEU G 247 10.03 49.42 12.24
C LEU G 247 11.42 49.15 11.66
N SER G 248 11.53 48.16 10.79
CA SER G 248 12.81 47.77 10.23
C SER G 248 13.28 48.80 9.22
N THR G 249 14.54 48.65 8.80
CA THR G 249 15.05 49.49 7.73
C THR G 249 14.54 49.07 6.36
N TYR G 250 14.01 47.86 6.23
CA TYR G 250 13.34 47.45 4.99
C TYR G 250 11.95 48.06 4.85
N MET G 251 11.21 48.21 5.95
CA MET G 251 9.94 48.92 5.90
C MET G 251 10.16 50.40 5.59
N LEU G 252 11.17 51.00 6.22
CA LEU G 252 11.45 52.43 6.10
C LEU G 252 12.95 52.64 6.28
N THR G 253 13.64 52.97 5.19
CA THR G 253 15.08 53.22 5.27
C THR G 253 15.34 54.50 6.06
N ASN G 254 16.60 54.65 6.49
CA ASN G 254 16.97 55.85 7.22
C ASN G 254 16.72 57.10 6.38
N SER G 255 16.99 57.03 5.08
CA SER G 255 16.70 58.15 4.19
C SER G 255 15.22 58.47 4.18
N GLU G 256 14.39 57.43 4.11
CA GLU G 256 12.94 57.60 4.10
C GLU G 256 12.43 58.16 5.43
N LEU G 257 12.97 57.65 6.54
CA LEU G 257 12.50 58.04 7.86
C LEU G 257 12.85 59.50 8.16
N LEU G 258 14.10 59.89 7.92
CA LEU G 258 14.49 61.28 8.12
C LEU G 258 13.66 62.22 7.27
N SER G 259 13.32 61.79 6.05
CA SER G 259 12.53 62.63 5.16
C SER G 259 11.10 62.80 5.65
N LEU G 260 10.51 61.75 6.23
CA LEU G 260 9.16 61.87 6.79
C LEU G 260 9.13 62.78 8.01
N ILE G 261 10.18 62.75 8.83
CA ILE G 261 10.23 63.60 10.02
C ILE G 261 10.13 65.08 9.65
N ASN G 262 10.84 65.49 8.61
CA ASN G 262 10.87 66.91 8.28
C ASN G 262 9.51 67.42 7.82
N ASP G 263 8.64 66.53 7.35
CA ASP G 263 7.31 66.90 6.90
C ASP G 263 6.25 66.70 7.98
N MET G 264 6.66 66.25 9.19
CA MET G 264 5.71 66.04 10.27
C MET G 264 5.38 67.38 10.92
N PRO G 265 4.15 67.55 11.36
CA PRO G 265 3.75 68.83 11.96
C PRO G 265 4.30 69.01 13.37
N ILE G 266 5.61 69.22 13.49
CA ILE G 266 6.25 69.40 14.79
C ILE G 266 7.29 70.52 14.69
N THR G 267 7.76 70.94 15.86
CA THR G 267 8.77 71.98 15.98
C THR G 267 10.11 71.49 15.45
N ASN G 268 10.97 72.44 15.04
CA ASN G 268 12.31 72.06 14.63
C ASN G 268 13.09 71.47 15.78
N ASP G 269 12.82 71.93 17.00
CA ASP G 269 13.39 71.28 18.17
C ASP G 269 12.87 69.85 18.28
N GLN G 270 11.59 69.62 18.00
CA GLN G 270 11.08 68.26 18.02
C GLN G 270 11.69 67.43 16.89
N LYS G 271 11.81 68.02 15.70
CA LYS G 271 12.45 67.34 14.58
C LYS G 271 13.88 66.95 14.93
N LYS G 272 14.63 67.87 15.53
CA LYS G 272 16.03 67.61 15.86
C LYS G 272 16.19 66.42 16.78
N LEU G 273 15.34 66.32 17.81
CA LEU G 273 15.43 65.20 18.74
C LEU G 273 15.27 63.87 18.00
N MET G 274 14.24 63.77 17.16
CA MET G 274 13.99 62.53 16.42
C MET G 274 15.13 62.24 15.45
N SER G 275 15.69 63.26 14.83
CA SER G 275 16.79 63.02 13.89
C SER G 275 18.03 62.56 14.64
N SER G 276 18.21 63.01 15.88
CA SER G 276 19.36 62.60 16.69
C SER G 276 19.16 61.23 17.32
N ASN G 277 17.93 60.77 17.43
CA ASN G 277 17.65 59.47 18.03
C ASN G 277 16.70 58.67 17.16
N VAL G 278 16.95 58.63 15.85
CA VAL G 278 16.09 57.87 14.95
C VAL G 278 16.01 56.41 15.38
N GLN G 279 17.02 55.96 16.14
CA GLN G 279 17.06 54.56 16.56
C GLN G 279 15.96 54.23 17.55
N ILE G 280 15.72 55.12 18.51
CA ILE G 280 14.67 54.86 19.49
C ILE G 280 13.29 54.97 18.84
N VAL G 281 13.13 55.94 17.93
CA VAL G 281 11.88 56.13 17.22
C VAL G 281 11.42 54.83 16.57
N ARG G 282 12.34 54.13 15.89
CA ARG G 282 11.98 52.86 15.26
C ARG G 282 11.35 51.89 16.26
N GLN G 283 11.85 51.88 17.49
CA GLN G 283 11.30 50.96 18.48
C GLN G 283 9.91 51.40 18.96
N GLN G 284 9.56 52.67 18.74
CA GLN G 284 8.24 53.19 19.09
C GLN G 284 7.32 53.34 17.88
N SER G 285 7.66 52.71 16.75
CA SER G 285 6.84 52.82 15.56
C SER G 285 6.18 51.47 15.23
N TYR G 286 5.12 51.55 14.45
CA TYR G 286 4.43 50.36 13.96
C TYR G 286 4.31 50.43 12.45
N SER G 287 4.28 49.25 11.82
CA SER G 287 3.99 49.11 10.40
C SER G 287 2.77 48.22 10.26
N ILE G 288 1.71 48.73 9.64
CA ILE G 288 0.47 47.99 9.47
C ILE G 288 0.19 47.81 8.00
N MET G 289 0.20 46.55 7.56
CA MET G 289 -0.16 46.21 6.19
C MET G 289 -1.66 46.40 6.00
N CYS G 290 -2.05 46.90 4.81
CA CYS G 290 -3.44 47.27 4.54
C CYS G 290 -4.01 46.47 3.38
N ILE G 291 -3.69 46.83 2.14
CA ILE G 291 -4.38 46.28 0.97
C ILE G 291 -3.41 46.29 -0.20
N ILE G 292 -3.57 45.28 -1.05
CA ILE G 292 -2.90 45.22 -2.33
C ILE G 292 -3.97 44.89 -3.38
N LYS G 293 -4.49 45.93 -4.04
CA LYS G 293 -5.51 45.77 -5.07
C LYS G 293 -5.26 46.85 -6.11
N GLU G 294 -5.57 46.54 -7.35
CA GLU G 294 -5.29 47.41 -8.49
C GLU G 294 -3.81 47.81 -8.51
N GLU G 295 -2.97 46.80 -8.78
CA GLU G 295 -1.53 46.96 -8.99
C GLU G 295 -0.85 47.94 -8.03
N VAL G 296 -1.40 48.11 -6.84
CA VAL G 296 -0.80 48.99 -5.84
C VAL G 296 -0.89 48.26 -4.52
N LEU G 297 0.26 48.11 -3.86
CA LEU G 297 0.32 47.58 -2.51
C LEU G 297 0.66 48.72 -1.58
N ALA G 298 -0.07 48.84 -0.48
CA ALA G 298 0.17 49.94 0.42
C ALA G 298 0.14 49.44 1.85
N TYR G 299 1.07 49.95 2.66
CA TYR G 299 1.05 49.70 4.09
C TYR G 299 1.17 51.02 4.82
N VAL G 300 0.57 51.07 6.01
CA VAL G 300 0.55 52.27 6.84
C VAL G 300 1.66 52.18 7.88
N VAL G 301 2.52 53.18 7.92
CA VAL G 301 3.56 53.30 8.93
C VAL G 301 3.07 54.29 9.98
N GLN G 302 3.12 53.87 11.23
CA GLN G 302 2.62 54.67 12.35
C GLN G 302 3.82 55.16 13.17
N LEU G 303 4.18 56.47 13.01
CA LEU G 303 5.31 57.04 13.71
C LEU G 303 4.86 57.77 14.97
N PRO G 304 5.69 57.81 16.00
CA PRO G 304 5.35 58.57 17.19
C PRO G 304 5.56 60.06 16.99
N ILE G 305 4.80 60.86 17.74
CA ILE G 305 4.98 62.30 17.79
C ILE G 305 5.15 62.69 19.26
N TYR G 306 6.24 63.39 19.56
CA TYR G 306 6.59 63.68 20.94
C TYR G 306 6.10 65.10 21.21
N GLY G 307 4.89 65.20 21.76
CA GLY G 307 4.32 66.52 22.01
C GLY G 307 4.83 67.19 23.26
N VAL G 308 5.37 66.41 24.20
CA VAL G 308 5.86 66.95 25.46
C VAL G 308 7.35 66.63 25.52
N ILE G 309 8.19 67.66 25.46
CA ILE G 309 9.63 67.50 25.39
C ILE G 309 10.28 68.43 26.42
N ASP G 310 11.39 67.98 26.99
CA ASP G 310 12.26 68.83 27.80
C ASP G 310 11.62 69.20 29.13
N THR G 311 10.74 68.37 29.62
CA THR G 311 10.34 68.73 30.96
C THR G 311 11.22 68.02 31.98
N PRO G 312 11.35 68.57 33.20
CA PRO G 312 12.18 67.89 34.20
C PRO G 312 11.64 66.50 34.46
N CYS G 313 12.53 65.54 34.59
CA CYS G 313 12.13 64.17 34.79
C CYS G 313 13.07 63.47 35.77
N TRP G 314 12.51 62.63 36.63
CA TRP G 314 13.29 61.97 37.68
C TRP G 314 12.82 60.53 37.87
N LYS G 315 13.73 59.71 38.39
CA LYS G 315 13.51 58.29 38.63
C LYS G 315 13.57 57.99 40.13
N LEU G 316 12.61 57.23 40.63
CA LEU G 316 12.57 56.81 42.02
C LEU G 316 12.84 55.32 42.13
N HIS G 317 13.89 54.95 42.85
CA HIS G 317 14.14 53.56 43.21
C HIS G 317 13.71 53.35 44.66
N THR G 318 13.07 52.22 44.93
CA THR G 318 12.62 51.85 46.26
C THR G 318 13.08 50.44 46.57
N SER G 319 13.26 50.14 47.86
CA SER G 319 13.77 48.84 48.29
C SER G 319 13.16 48.50 49.63
N PRO G 320 12.99 47.21 49.95
CA PRO G 320 12.31 46.84 51.20
C PRO G 320 13.07 47.31 52.43
N LEU G 321 12.32 47.85 53.40
CA LEU G 321 12.85 48.39 54.64
C LEU G 321 12.30 47.59 55.81
N CYS G 322 13.15 46.82 56.48
CA CYS G 322 12.74 45.99 57.59
C CYS G 322 13.51 46.36 58.85
N THR G 323 12.90 46.03 59.99
CA THR G 323 13.60 46.18 61.25
C THR G 323 14.72 45.16 61.35
N THR G 324 15.71 45.47 62.17
CA THR G 324 16.82 44.57 62.41
C THR G 324 16.80 44.23 63.89
N ASN G 325 15.83 43.40 64.26
CA ASN G 325 15.66 42.93 65.62
C ASN G 325 16.07 41.45 65.69
N ILE G 326 16.36 41.01 66.91
CA ILE G 326 16.98 39.71 67.11
C ILE G 326 16.05 38.56 66.74
N LYS G 327 14.75 38.72 66.95
CA LYS G 327 13.82 37.63 66.66
C LYS G 327 13.69 37.45 65.14
N GLU G 328 13.90 36.22 64.67
CA GLU G 328 13.97 35.99 63.22
C GLU G 328 12.61 36.12 62.55
N GLY G 329 11.57 35.51 63.10
CA GLY G 329 10.34 35.45 62.36
C GLY G 329 9.36 36.53 62.76
N SER G 330 9.70 37.27 63.80
CA SER G 330 8.86 38.38 64.25
C SER G 330 9.57 39.67 63.84
N ASN G 331 9.66 39.91 62.54
CA ASN G 331 10.29 41.11 62.02
C ASN G 331 9.26 41.85 61.17
N ILE G 332 9.45 43.16 61.02
CA ILE G 332 8.46 43.99 60.33
C ILE G 332 9.14 44.75 59.19
N CYS G 333 8.46 44.81 58.03
CA CYS G 333 9.00 45.38 56.80
C CYS G 333 8.05 46.41 56.20
N LEU G 334 8.63 47.28 55.37
CA LEU G 334 7.92 48.40 54.77
C LEU G 334 8.60 48.77 53.46
N THR G 335 7.81 48.97 52.39
CA THR G 335 8.38 49.26 51.08
C THR G 335 7.53 50.28 50.32
N ARG G 336 8.17 51.33 49.82
CA ARG G 336 7.49 52.27 48.94
C ARG G 336 7.19 51.63 47.59
N THR G 337 5.94 51.73 47.13
CA THR G 337 5.51 51.15 45.86
C THR G 337 5.49 52.15 44.71
N ASP G 338 5.80 53.44 44.95
CA ASP G 338 5.75 54.45 43.91
C ASP G 338 7.03 54.54 43.09
N ARG G 339 7.70 53.41 42.88
CA ARG G 339 8.90 53.36 42.07
C ARG G 339 8.58 53.58 40.60
N GLY G 340 9.50 54.21 39.89
CA GLY G 340 9.35 54.42 38.47
C GLY G 340 9.84 55.81 38.06
N TRP G 341 9.44 56.21 36.86
CA TRP G 341 9.81 57.50 36.28
C TRP G 341 8.71 58.53 36.49
N TYR G 342 9.11 59.77 36.75
CA TYR G 342 8.17 60.89 36.89
C TYR G 342 8.68 62.06 36.05
N CYS G 343 7.90 62.45 35.04
CA CYS G 343 8.23 63.65 34.25
C CYS G 343 7.13 64.67 34.45
N ASP G 344 7.53 65.92 34.58
CA ASP G 344 6.55 67.01 34.58
C ASP G 344 5.81 67.01 33.26
N ASN G 345 4.51 67.28 33.32
CA ASN G 345 3.71 67.27 32.10
C ASN G 345 2.43 68.03 32.40
N ALA G 346 2.26 69.18 31.74
CA ALA G 346 1.02 69.94 31.78
C ALA G 346 0.65 70.30 33.22
N GLY G 347 1.64 70.74 34.00
CA GLY G 347 1.38 71.13 35.36
C GLY G 347 1.23 69.97 36.31
N SER G 348 1.20 68.74 35.81
CA SER G 348 1.08 67.53 36.60
C SER G 348 2.35 66.69 36.38
N VAL G 349 2.33 65.46 36.88
CA VAL G 349 3.43 64.53 36.70
C VAL G 349 2.88 63.26 36.08
N SER G 350 3.43 62.87 34.93
CA SER G 350 3.10 61.60 34.30
C SER G 350 4.03 60.53 34.86
N PHE G 351 3.43 59.50 35.46
CA PHE G 351 4.14 58.47 36.19
C PHE G 351 4.06 57.16 35.41
N PHE G 352 5.21 56.55 35.17
CA PHE G 352 5.28 55.31 34.41
C PHE G 352 5.72 54.19 35.33
N PRO G 353 4.80 53.35 35.83
CA PRO G 353 5.19 52.37 36.87
C PRO G 353 6.06 51.24 36.36
N GLN G 354 5.75 50.66 35.20
CA GLN G 354 6.51 49.52 34.73
C GLN G 354 7.86 50.00 34.19
N ALA G 355 8.91 49.25 34.52
CA ALA G 355 10.27 49.79 34.42
C ALA G 355 10.74 49.96 32.99
N ASP G 356 10.52 48.98 32.13
CA ASP G 356 11.10 49.02 30.79
C ASP G 356 10.19 49.72 29.78
N THR G 357 9.15 50.41 30.24
CA THR G 357 8.30 51.16 29.34
C THR G 357 8.95 52.44 28.87
N CYS G 358 10.06 52.83 29.50
CA CYS G 358 10.82 54.01 29.10
C CYS G 358 12.23 53.59 28.72
N LYS G 359 12.78 54.27 27.73
CA LYS G 359 14.14 54.04 27.27
C LYS G 359 14.95 55.31 27.45
N VAL G 360 16.12 55.18 28.08
CA VAL G 360 16.95 56.31 28.47
C VAL G 360 18.15 56.40 27.54
N GLN G 361 18.38 57.60 27.00
CA GLN G 361 19.58 57.89 26.21
C GLN G 361 20.22 59.14 26.79
N SER G 362 21.40 58.98 27.40
CA SER G 362 22.10 60.06 28.09
C SER G 362 21.19 60.63 29.18
N ASN G 363 20.62 61.82 28.98
CA ASN G 363 19.71 62.42 29.94
C ASN G 363 18.30 62.54 29.38
N ARG G 364 18.02 61.98 28.22
CA ARG G 364 16.71 62.03 27.60
C ARG G 364 15.96 60.76 27.97
N VAL G 365 14.73 60.91 28.45
CA VAL G 365 13.90 59.79 28.86
C VAL G 365 12.78 59.64 27.85
N PHE G 366 12.81 58.56 27.06
CA PHE G 366 11.82 58.29 26.03
C PHE G 366 10.73 57.43 26.63
N CYS G 367 9.53 57.98 26.76
CA CYS G 367 8.41 57.26 27.35
C CYS G 367 7.19 57.34 26.46
N ASP G 368 6.22 56.47 26.74
CA ASP G 368 4.94 56.45 26.05
C ASP G 368 3.86 56.80 27.07
N THR G 369 3.18 57.91 26.84
CA THR G 369 2.20 58.36 27.82
C THR G 369 1.06 57.37 28.02
N MET G 370 0.78 56.52 27.03
CA MET G 370 -0.30 55.54 27.22
C MET G 370 -0.02 54.59 28.38
N ASN G 371 1.25 54.33 28.69
CA ASN G 371 1.61 53.51 29.84
C ASN G 371 1.87 54.35 31.08
N SER G 372 1.16 55.48 31.22
CA SER G 372 1.39 56.41 32.30
C SER G 372 0.07 56.74 32.97
N LEU G 373 0.18 57.21 34.21
CA LEU G 373 -0.91 57.84 34.94
C LEU G 373 -0.61 59.31 35.10
N THR G 374 -1.65 60.13 35.28
CA THR G 374 -1.47 61.56 35.49
C THR G 374 -1.75 61.84 36.95
N LEU G 375 -0.71 62.21 37.70
CA LEU G 375 -0.74 62.40 39.14
C LEU G 375 -0.46 63.85 39.51
N PRO G 376 -0.94 64.29 40.67
CA PRO G 376 -0.61 65.65 41.14
C PRO G 376 0.87 65.81 41.44
N SER G 377 1.33 67.06 41.38
CA SER G 377 2.73 67.39 41.64
C SER G 377 3.15 67.05 43.07
N GLU G 378 2.18 66.93 43.98
CA GLU G 378 2.48 66.65 45.38
C GLU G 378 3.04 65.25 45.59
N VAL G 379 3.05 64.40 44.57
CA VAL G 379 3.67 63.09 44.72
C VAL G 379 5.13 63.26 45.09
N SER G 380 5.76 64.32 44.59
CA SER G 380 7.16 64.57 44.84
C SER G 380 7.47 64.73 46.32
N LEU G 381 6.49 65.11 47.13
CA LEU G 381 6.74 65.26 48.56
C LEU G 381 7.04 63.93 49.24
N CYS G 382 6.56 62.82 48.68
CA CYS G 382 6.82 61.50 49.26
C CYS G 382 8.29 61.16 49.32
N ASN G 383 9.12 61.78 48.49
CA ASN G 383 10.54 61.50 48.55
C ASN G 383 11.19 62.24 49.70
N THR G 384 10.78 63.49 49.92
CA THR G 384 11.39 64.32 50.96
C THR G 384 10.70 64.20 52.31
N ASP G 385 9.39 63.96 52.33
CA ASP G 385 8.65 63.84 53.59
C ASP G 385 7.53 62.84 53.37
N ILE G 386 7.76 61.58 53.75
CA ILE G 386 6.76 60.55 53.51
C ILE G 386 5.52 60.77 54.37
N PHE G 387 5.62 61.53 55.45
CA PHE G 387 4.47 61.79 56.32
C PHE G 387 3.75 63.10 55.98
N ASN G 388 4.01 63.70 54.83
CA ASN G 388 3.37 64.95 54.48
C ASN G 388 1.85 64.77 54.45
N SER G 389 1.12 65.82 54.81
CA SER G 389 -0.33 65.76 54.91
C SER G 389 -1.03 66.16 53.62
N LYS G 390 -0.32 66.24 52.49
CA LYS G 390 -0.92 66.71 51.26
C LYS G 390 -1.04 65.65 50.17
N TYR G 391 -0.27 64.57 50.24
CA TYR G 391 -0.42 63.45 49.33
C TYR G 391 -0.21 62.17 50.12
N ASP G 392 -1.07 61.20 49.88
CA ASP G 392 -1.05 59.94 50.63
C ASP G 392 -0.04 59.02 49.95
N CYS G 393 1.16 58.94 50.51
CA CYS G 393 2.25 58.21 49.86
C CYS G 393 1.96 56.72 49.83
N LYS G 394 2.19 56.10 48.69
CA LYS G 394 1.89 54.68 48.54
C LYS G 394 3.05 53.86 49.07
N ILE G 395 2.71 52.84 49.86
CA ILE G 395 3.68 51.97 50.52
C ILE G 395 3.08 50.59 50.56
N MET G 396 3.94 49.58 50.63
CA MET G 396 3.49 48.22 50.88
C MET G 396 4.15 47.71 52.16
N THR G 397 3.48 46.77 52.79
CA THR G 397 3.97 46.18 54.03
C THR G 397 4.08 44.68 53.83
N SER G 398 4.98 44.08 54.60
CA SER G 398 5.17 42.63 54.55
C SER G 398 5.84 42.21 55.85
N LYS G 399 5.87 40.91 56.08
CA LYS G 399 6.68 40.34 57.14
C LYS G 399 7.81 39.49 56.55
N THR G 400 8.06 39.66 55.26
CA THR G 400 9.06 38.91 54.51
C THR G 400 10.36 39.71 54.47
N ASP G 401 11.24 39.45 55.45
CA ASP G 401 12.49 40.22 55.56
C ASP G 401 13.56 39.52 54.72
N ILE G 402 13.52 39.79 53.42
CA ILE G 402 14.39 39.14 52.44
C ILE G 402 15.39 40.13 51.90
N SER G 403 16.64 39.69 51.82
CA SER G 403 17.72 40.54 51.33
C SER G 403 17.69 40.60 49.81
N SER G 404 17.97 41.79 49.29
CA SER G 404 17.99 42.06 47.87
C SER G 404 18.72 43.38 47.67
N SER G 405 19.00 43.70 46.43
CA SER G 405 19.65 44.96 46.14
C SER G 405 18.97 45.62 44.96
N VAL G 406 18.98 46.95 44.99
CA VAL G 406 18.39 47.75 43.93
C VAL G 406 19.51 48.59 43.37
N ILE G 407 19.85 48.36 42.12
CA ILE G 407 20.88 49.18 41.47
C ILE G 407 20.21 50.44 40.94
N THR G 408 20.71 51.59 41.37
CA THR G 408 20.15 52.86 40.93
C THR G 408 20.96 53.38 39.74
N SER G 409 20.64 54.60 39.31
CA SER G 409 21.35 55.20 38.19
C SER G 409 22.78 55.58 38.56
N LEU G 410 23.00 56.01 39.81
CA LEU G 410 24.33 56.44 40.23
C LEU G 410 24.85 55.65 41.43
N GLY G 411 24.25 54.49 41.74
CA GLY G 411 24.74 53.68 42.84
C GLY G 411 23.98 52.39 43.05
N ALA G 412 23.89 51.94 44.29
CA ALA G 412 23.18 50.70 44.62
C ALA G 412 22.67 50.78 46.05
N ILE G 413 21.38 50.46 46.22
CA ILE G 413 20.76 50.30 47.52
C ILE G 413 20.81 48.82 47.91
N VAL G 414 21.13 48.58 49.17
CA VAL G 414 21.27 47.22 49.68
C VAL G 414 20.37 47.08 50.90
N SER G 415 19.40 46.18 50.81
CA SER G 415 18.55 45.79 51.93
C SER G 415 19.14 44.50 52.48
N CYS G 416 19.86 44.61 53.58
CA CYS G 416 20.60 43.48 54.15
C CYS G 416 19.93 43.07 55.46
N TYR G 417 19.46 41.82 55.51
CA TYR G 417 18.74 41.32 56.68
C TYR G 417 19.17 39.89 56.98
N GLY G 418 18.92 39.47 58.22
CA GLY G 418 19.28 38.13 58.63
C GLY G 418 20.79 37.95 58.74
N LYS G 419 21.25 36.74 58.42
CA LYS G 419 22.67 36.40 58.41
C LYS G 419 23.30 36.54 57.02
N THR G 420 22.67 37.28 56.12
CA THR G 420 23.18 37.41 54.76
C THR G 420 24.48 38.19 54.76
N LYS G 421 25.40 37.81 53.88
CA LYS G 421 26.65 38.54 53.69
C LYS G 421 26.42 39.58 52.61
N CYS G 422 26.61 40.85 52.93
CA CYS G 422 26.39 41.92 51.95
C CYS G 422 27.66 42.76 51.85
N THR G 423 28.15 42.92 50.64
CA THR G 423 29.46 43.52 50.42
C THR G 423 29.47 44.32 49.13
N ALA G 424 30.16 45.45 49.15
CA ALA G 424 30.44 46.26 47.97
C ALA G 424 31.94 46.23 47.75
N SER G 425 32.36 45.98 46.52
CA SER G 425 33.76 45.73 46.22
C SER G 425 34.24 46.62 45.08
N ASN G 426 35.55 46.81 45.04
CA ASN G 426 36.24 47.48 43.96
C ASN G 426 37.06 46.46 43.17
N LYS G 427 37.22 46.71 41.88
CA LYS G 427 37.94 45.78 41.02
C LYS G 427 39.43 45.76 41.36
N ASN G 428 39.97 46.89 41.78
CA ASN G 428 41.37 47.03 42.09
C ASN G 428 41.65 46.88 43.57
N ARG G 429 40.61 46.76 44.39
CA ARG G 429 40.77 46.75 45.83
C ARG G 429 40.07 45.59 46.53
N GLY G 430 39.14 44.89 45.87
CA GLY G 430 38.41 43.85 46.55
C GLY G 430 37.30 44.44 47.40
N ILE G 431 36.98 43.73 48.49
CA ILE G 431 35.93 44.18 49.40
C ILE G 431 36.32 45.49 50.03
N ILE G 432 35.43 46.49 50.00
CA ILE G 432 35.75 47.76 50.62
C ILE G 432 34.75 48.12 51.73
N LYS G 433 33.53 47.62 51.64
CA LYS G 433 32.56 47.88 52.70
C LYS G 433 31.66 46.67 52.94
N THR G 434 31.47 46.33 54.21
CA THR G 434 30.53 45.30 54.65
C THR G 434 29.37 46.00 55.34
N PHE G 435 28.16 45.79 54.83
CA PHE G 435 26.97 46.50 55.30
C PHE G 435 26.38 45.86 56.55
N SER G 436 26.05 46.69 57.53
CA SER G 436 25.25 46.21 58.64
C SER G 436 23.78 46.07 58.20
N ASN G 437 23.02 45.33 59.00
CA ASN G 437 21.62 45.07 58.64
C ASN G 437 20.82 46.36 58.60
N GLY G 438 19.99 46.49 57.57
CA GLY G 438 19.23 47.69 57.30
C GLY G 438 19.32 48.09 55.84
N CYS G 439 18.82 49.28 55.54
CA CYS G 439 18.88 49.84 54.20
C CYS G 439 20.07 50.79 54.11
N ASP G 440 20.91 50.59 53.10
CA ASP G 440 22.11 51.39 52.95
C ASP G 440 22.26 51.71 51.46
N TYR G 441 23.28 52.50 51.13
CA TYR G 441 23.45 52.98 49.76
C TYR G 441 24.92 53.29 49.55
N VAL G 442 25.42 53.04 48.33
CA VAL G 442 26.83 53.25 48.03
C VAL G 442 26.99 53.97 46.69
N SER G 443 27.99 54.84 46.64
CA SER G 443 28.31 55.59 45.44
C SER G 443 29.09 54.73 44.45
N ASN G 444 28.96 55.08 43.17
CA ASN G 444 29.63 54.34 42.11
C ASN G 444 31.07 54.77 41.88
N LYS G 445 31.60 55.74 42.64
CA LYS G 445 32.98 56.16 42.41
C LYS G 445 33.97 55.07 42.80
N GLY G 446 34.13 54.81 44.09
CA GLY G 446 35.07 53.80 44.51
C GLY G 446 34.59 52.37 44.41
N VAL G 447 33.34 52.15 44.03
CA VAL G 447 32.76 50.81 43.99
C VAL G 447 32.49 50.43 42.54
N ASP G 448 32.81 49.19 42.19
CA ASP G 448 32.56 48.67 40.86
C ASP G 448 31.50 47.59 40.84
N THR G 449 31.40 46.81 41.91
CA THR G 449 30.49 45.67 41.97
C THR G 449 29.87 45.62 43.36
N VAL G 450 28.68 45.03 43.45
CA VAL G 450 27.99 44.85 44.71
C VAL G 450 27.48 43.43 44.80
N SER G 451 27.67 42.81 45.96
CA SER G 451 27.31 41.43 46.18
C SER G 451 26.37 41.34 47.37
N VAL G 452 25.22 40.69 47.18
CA VAL G 452 24.22 40.49 48.23
C VAL G 452 23.90 39.01 48.26
N GLY G 453 24.34 38.32 49.30
CA GLY G 453 24.16 36.88 49.34
C GLY G 453 24.99 36.25 48.25
N ASN G 454 24.37 35.40 47.43
CA ASN G 454 25.08 34.75 46.35
C ASN G 454 24.83 35.42 45.00
N THR G 455 24.23 36.62 45.00
CA THR G 455 23.83 37.32 43.80
C THR G 455 24.79 38.49 43.58
N LEU G 456 25.47 38.50 42.44
CA LEU G 456 26.46 39.52 42.14
C LEU G 456 25.89 40.51 41.13
N TYR G 457 25.79 41.77 41.55
CA TYR G 457 25.23 42.85 40.74
C TYR G 457 26.36 43.76 40.30
N TYR G 458 26.41 44.09 39.00
CA TYR G 458 27.30 45.15 38.55
C TYR G 458 26.60 46.49 38.62
N VAL G 459 27.32 47.50 39.04
CA VAL G 459 26.77 48.83 39.23
C VAL G 459 26.99 49.65 37.97
N ASN G 460 26.11 50.63 37.73
CA ASN G 460 26.31 51.54 36.60
C ASN G 460 27.52 52.43 36.86
N LYS G 461 28.31 52.63 35.83
CA LYS G 461 29.57 53.36 35.92
C LYS G 461 29.45 54.74 35.29
N LEU G 462 28.52 55.54 35.83
CA LEU G 462 28.28 56.90 35.37
C LEU G 462 28.75 57.87 36.44
N GLU G 463 29.70 58.73 36.08
CA GLU G 463 30.16 59.75 37.02
C GLU G 463 29.04 60.74 37.30
N GLY G 464 28.90 61.10 38.57
CA GLY G 464 27.82 61.98 38.96
C GLY G 464 27.76 62.18 40.46
N LYS G 465 27.05 63.22 40.90
CA LYS G 465 27.01 63.60 42.29
C LYS G 465 25.94 62.84 43.06
N ASN G 466 26.30 62.34 44.24
CA ASN G 466 25.41 61.63 45.14
C ASN G 466 25.23 62.41 46.42
N LEU G 467 24.17 62.10 47.16
CA LEU G 467 23.89 62.76 48.43
C LEU G 467 23.25 61.73 49.36
N TYR G 468 23.94 61.40 50.44
CA TYR G 468 23.42 60.49 51.46
C TYR G 468 22.69 61.35 52.48
N VAL G 469 21.37 61.27 52.50
CA VAL G 469 20.53 62.03 53.42
C VAL G 469 20.16 61.10 54.56
N LYS G 470 20.84 61.26 55.70
CA LYS G 470 20.58 60.43 56.86
C LYS G 470 19.14 60.63 57.36
N GLY G 471 18.62 59.59 58.00
CA GLY G 471 17.30 59.62 58.60
C GLY G 471 16.98 58.29 59.24
N GLU G 472 16.13 58.29 60.27
CA GLU G 472 15.77 57.05 60.93
C GLU G 472 14.81 56.25 60.05
N PRO G 473 15.05 54.95 59.87
CA PRO G 473 14.13 54.14 59.07
C PRO G 473 12.71 54.22 59.61
N ILE G 474 11.75 54.46 58.71
CA ILE G 474 10.37 54.68 59.11
C ILE G 474 9.79 53.45 59.78
N ILE G 475 10.34 52.27 59.47
CA ILE G 475 9.80 51.03 60.01
C ILE G 475 9.94 50.94 61.52
N ASN G 476 10.90 51.65 62.12
CA ASN G 476 11.08 51.60 63.58
C ASN G 476 10.02 52.37 64.34
N TYR G 477 9.22 53.22 63.68
CA TYR G 477 8.20 53.97 64.39
C TYR G 477 6.98 53.13 64.73
N TYR G 478 6.96 51.85 64.33
CA TYR G 478 5.80 51.00 64.49
C TYR G 478 6.08 49.88 65.49
N ASP G 479 5.09 49.57 66.34
CA ASP G 479 5.21 48.43 67.25
C ASP G 479 4.69 47.17 66.58
N PRO G 480 5.47 46.09 66.56
CA PRO G 480 4.99 44.84 65.95
C PRO G 480 3.74 44.31 66.66
N LEU G 481 3.18 43.25 66.07
CA LEU G 481 1.98 42.58 66.56
C LEU G 481 0.73 43.42 66.29
N VAL G 482 0.92 44.74 66.12
CA VAL G 482 -0.15 45.65 65.75
C VAL G 482 0.06 46.21 64.34
N PHE G 483 1.10 45.77 63.65
CA PHE G 483 1.42 46.23 62.31
C PHE G 483 0.64 45.42 61.27
N PRO G 484 -0.19 46.04 60.45
CA PRO G 484 -0.79 45.29 59.33
C PRO G 484 0.22 45.02 58.22
N SER G 485 0.67 43.77 58.10
CA SER G 485 1.85 43.43 57.30
C SER G 485 1.54 42.59 56.06
N ASP G 486 0.42 42.85 55.36
CA ASP G 486 0.18 42.13 54.11
C ASP G 486 -0.54 43.03 53.11
N GLU G 487 -0.20 44.31 53.10
CA GLU G 487 -0.82 45.30 52.23
C GLU G 487 0.08 45.56 51.02
N PHE G 488 -0.49 45.51 49.82
CA PHE G 488 0.30 45.71 48.61
C PHE G 488 0.18 47.11 48.02
N ASP G 489 -1.02 47.68 47.97
CA ASP G 489 -1.19 49.04 47.46
C ASP G 489 -1.97 49.85 48.49
N ALA G 490 -1.40 49.92 49.67
CA ALA G 490 -1.98 50.68 50.76
C ALA G 490 -1.15 51.94 50.93
N SER G 491 -1.49 52.74 51.93
CA SER G 491 -0.87 54.04 52.05
C SER G 491 -0.65 54.40 53.51
N ILE G 492 0.05 55.52 53.69
CA ILE G 492 0.32 56.06 55.02
C ILE G 492 -0.96 56.18 55.81
N SER G 493 -1.98 56.81 55.22
CA SER G 493 -3.25 57.00 55.91
C SER G 493 -3.99 55.67 56.08
N GLN G 494 -3.83 54.73 55.14
CA GLN G 494 -4.53 53.46 55.27
C GLN G 494 -4.00 52.63 56.44
N VAL G 495 -2.67 52.58 56.58
CA VAL G 495 -2.06 51.84 57.69
C VAL G 495 -2.39 52.49 59.02
N ASN G 496 -2.36 53.84 59.07
CA ASN G 496 -2.70 54.53 60.31
C ASN G 496 -4.10 54.17 60.77
N GLU G 497 -5.06 54.15 59.84
CA GLU G 497 -6.44 53.84 60.19
C GLU G 497 -6.58 52.38 60.63
N LYS G 498 -5.81 51.46 60.05
CA LYS G 498 -5.83 50.07 60.51
C LYS G 498 -5.15 49.94 61.87
N ILE G 499 -4.07 50.71 62.11
CA ILE G 499 -3.44 50.71 63.42
C ILE G 499 -4.36 51.33 64.46
N ASN G 500 -5.02 52.43 64.12
CA ASN G 500 -5.88 53.10 65.09
C ASN G 500 -7.00 52.18 65.57
N GLN G 501 -7.51 51.31 64.69
CA GLN G 501 -8.56 50.39 65.12
C GLN G 501 -8.00 49.27 65.99
N SER G 502 -6.77 48.81 65.71
CA SER G 502 -6.22 47.74 66.50
C SER G 502 -5.68 48.23 67.84
N LEU G 503 -5.11 49.44 67.85
CA LEU G 503 -4.63 49.98 69.12
C LEU G 503 -5.78 50.47 69.98
N ALA G 504 -6.89 50.92 69.36
CA ALA G 504 -8.05 51.33 70.13
C ALA G 504 -8.72 50.15 70.81
N PHE G 505 -8.70 48.97 70.20
CA PHE G 505 -9.27 47.81 70.87
C PHE G 505 -8.42 47.42 72.08
N ILE G 506 -7.14 47.78 72.10
CA ILE G 506 -6.32 47.57 73.28
C ILE G 506 -6.55 48.70 74.30
N ARG G 507 -6.66 49.93 73.82
CA ARG G 507 -6.97 51.06 74.71
C ARG G 507 -8.34 50.91 75.36
N ARG G 508 -9.36 50.57 74.57
CA ARG G 508 -10.73 50.55 75.08
C ARG G 508 -11.00 49.35 75.96
N SER G 509 -10.32 48.23 75.73
CA SER G 509 -10.52 47.05 76.56
C SER G 509 -9.72 47.10 77.86
N ASP G 510 -8.48 47.60 77.80
CA ASP G 510 -7.65 47.66 78.99
C ASP G 510 -8.03 48.82 79.92
N GLU G 511 -8.56 49.90 79.36
CA GLU G 511 -9.03 51.03 80.15
C GLU G 511 -10.23 50.68 81.01
N LEU G 512 -10.97 49.61 80.67
CA LEU G 512 -12.12 49.15 81.47
C LEU G 512 -11.90 47.67 81.74
N LEU G 513 -11.03 47.38 82.71
CA LEU G 513 -10.66 46.03 83.08
C LEU G 513 -10.69 45.85 84.60
N ASN H 27 -20.41 43.50 11.97
CA ASN H 27 -21.62 43.84 12.71
C ASN H 27 -21.61 43.24 14.12
N ILE H 28 -20.95 43.95 15.03
CA ILE H 28 -20.81 43.55 16.42
C ILE H 28 -21.42 44.62 17.31
N THR H 29 -22.15 44.19 18.34
CA THR H 29 -22.83 45.09 19.26
C THR H 29 -22.15 45.08 20.63
N GLU H 30 -21.96 46.27 21.19
CA GLU H 30 -21.33 46.43 22.49
C GLU H 30 -22.34 47.00 23.48
N GLU H 31 -22.29 46.52 24.71
CA GLU H 31 -23.17 46.99 25.78
C GLU H 31 -22.31 47.46 26.93
N PHE H 32 -22.61 48.66 27.44
CA PHE H 32 -21.94 49.26 28.58
C PHE H 32 -22.87 49.30 29.78
N TYR H 33 -22.35 48.87 30.94
CA TYR H 33 -23.10 48.85 32.18
C TYR H 33 -22.53 49.92 33.11
N GLN H 34 -23.31 50.99 33.29
CA GLN H 34 -22.89 52.09 34.16
C GLN H 34 -22.78 51.65 35.62
N SER H 35 -23.56 50.65 36.02
CA SER H 35 -23.56 50.22 37.41
C SER H 35 -22.20 49.68 37.82
N THR H 36 -21.56 48.91 36.95
CA THR H 36 -20.32 48.23 37.27
C THR H 36 -19.14 48.76 36.47
N CYS H 37 -19.35 49.78 35.64
CA CYS H 37 -18.28 50.36 34.85
C CYS H 37 -17.52 49.28 34.08
N SER H 38 -18.24 48.62 33.19
CA SER H 38 -17.71 47.54 32.37
C SER H 38 -18.43 47.55 31.03
N ALA H 39 -17.86 46.84 30.05
CA ALA H 39 -18.41 46.81 28.70
C ALA H 39 -18.28 45.42 28.12
N VAL H 40 -19.31 44.99 27.39
CA VAL H 40 -19.34 43.67 26.78
C VAL H 40 -19.55 43.86 25.27
N SER H 41 -18.63 43.33 24.48
CA SER H 41 -18.69 43.41 23.03
C SER H 41 -19.14 42.06 22.49
N ARG H 42 -20.37 42.00 21.99
CA ARG H 42 -20.98 40.75 21.55
C ARG H 42 -20.92 40.64 20.03
N GLY H 43 -21.05 39.40 19.55
CA GLY H 43 -21.12 39.12 18.12
C GLY H 43 -19.88 38.47 17.55
N TYR H 44 -18.77 38.44 18.28
CA TYR H 44 -17.58 37.79 17.78
C TYR H 44 -17.79 36.28 17.78
N PHE H 45 -17.01 35.59 16.95
CA PHE H 45 -17.09 34.15 16.86
C PHE H 45 -15.77 33.54 17.33
N SER H 46 -15.81 32.26 17.67
CA SER H 46 -14.67 31.61 18.29
C SER H 46 -13.79 30.90 17.28
N ALA H 47 -12.50 30.74 17.64
CA ALA H 47 -11.56 29.87 16.94
C ALA H 47 -10.50 29.46 17.96
N LEU H 48 -10.84 28.47 18.76
CA LEU H 48 -10.02 28.06 19.90
C LEU H 48 -9.11 26.90 19.50
N ARG H 49 -7.82 27.03 19.79
CA ARG H 49 -6.88 25.95 19.56
C ARG H 49 -6.97 24.97 20.73
N THR H 50 -7.67 23.85 20.53
CA THR H 50 -7.87 22.88 21.59
C THR H 50 -6.84 21.76 21.57
N GLY H 51 -6.14 21.56 20.45
CA GLY H 51 -5.17 20.48 20.37
C GLY H 51 -3.96 20.87 19.54
N TRP H 52 -3.07 19.90 19.36
CA TRP H 52 -1.83 20.07 18.63
C TRP H 52 -1.68 18.92 17.63
N TYR H 53 -1.26 19.25 16.42
CA TYR H 53 -0.86 18.28 15.43
C TYR H 53 0.63 18.40 15.17
N THR H 54 1.31 17.26 15.07
CA THR H 54 2.75 17.21 14.88
C THR H 54 3.05 16.63 13.51
N SER H 55 3.91 17.31 12.76
CA SER H 55 4.39 16.83 11.48
C SER H 55 5.91 16.96 11.45
N VAL H 56 6.54 16.03 10.74
CA VAL H 56 8.00 15.96 10.67
C VAL H 56 8.44 16.52 9.33
N ILE H 57 9.22 17.60 9.38
CA ILE H 57 9.74 18.24 8.19
C ILE H 57 11.19 17.80 8.02
N THR H 58 11.52 17.29 6.84
CA THR H 58 12.83 16.73 6.59
C THR H 58 13.48 17.47 5.42
N ILE H 59 14.81 17.52 5.46
CA ILE H 59 15.61 17.99 4.33
C ILE H 59 16.69 16.94 4.11
N GLU H 60 16.84 16.51 2.86
CA GLU H 60 17.81 15.47 2.53
C GLU H 60 19.17 16.10 2.28
N LEU H 61 20.18 15.61 2.99
CA LEU H 61 21.53 16.17 2.92
C LEU H 61 22.50 15.17 2.29
N SER H 62 23.64 15.70 1.85
CA SER H 62 24.71 14.91 1.29
C SER H 62 26.02 15.24 2.01
N ASN H 63 26.74 14.19 2.40
CA ASN H 63 28.01 14.36 3.09
C ASN H 63 29.09 14.66 2.05
N ILE H 64 29.68 15.84 2.16
CA ILE H 64 30.72 16.25 1.21
C ILE H 64 32.03 15.65 1.68
N LYS H 65 32.63 14.81 0.83
CA LYS H 65 33.88 14.16 1.21
C LYS H 65 35.01 15.17 1.33
N GLU H 66 35.26 15.92 0.25
CA GLU H 66 36.35 16.89 0.28
C GLU H 66 36.19 17.85 -0.90
N THR H 67 36.78 19.03 -0.75
CA THR H 67 36.89 19.99 -1.84
C THR H 67 38.26 19.73 -2.47
N LYS H 68 38.24 19.13 -3.66
CA LYS H 68 39.45 18.62 -4.31
C LYS H 68 40.04 19.62 -5.29
N CYS H 69 39.87 20.92 -5.03
CA CYS H 69 40.35 21.97 -5.92
C CYS H 69 41.39 22.80 -5.20
N ASN H 70 42.65 22.67 -5.63
CA ASN H 70 43.73 23.49 -5.12
C ASN H 70 43.87 24.79 -5.89
N GLY H 71 43.07 24.98 -6.93
CA GLY H 71 43.17 26.15 -7.80
C GLY H 71 42.33 27.30 -7.29
N THR H 72 42.95 28.48 -7.27
CA THR H 72 42.32 29.69 -6.74
C THR H 72 41.92 30.60 -7.88
N ASP H 73 40.62 30.63 -8.16
CA ASP H 73 40.03 31.48 -9.18
C ASP H 73 38.83 32.17 -8.53
N THR H 74 38.38 33.26 -9.15
CA THR H 74 37.29 34.03 -8.57
C THR H 74 36.00 33.22 -8.46
N LYS H 75 35.72 32.34 -9.43
CA LYS H 75 34.52 31.51 -9.31
C LYS H 75 34.70 30.42 -8.26
N VAL H 76 35.86 29.74 -8.30
CA VAL H 76 36.12 28.65 -7.38
C VAL H 76 36.13 29.17 -5.94
N LYS H 77 36.63 30.38 -5.75
CA LYS H 77 36.69 30.98 -4.42
C LYS H 77 35.30 31.15 -3.82
N LEU H 78 34.28 31.31 -4.66
CA LEU H 78 32.92 31.48 -4.17
C LEU H 78 32.27 30.16 -3.79
N ILE H 79 32.39 29.13 -4.63
CA ILE H 79 31.79 27.85 -4.31
C ILE H 79 32.47 27.22 -3.10
N LYS H 80 33.79 27.37 -3.00
CA LYS H 80 34.50 26.79 -1.87
C LYS H 80 34.07 27.45 -0.56
N GLN H 81 33.99 28.79 -0.55
CA GLN H 81 33.49 29.47 0.64
C GLN H 81 32.02 29.14 0.90
N GLU H 82 31.22 29.00 -0.16
CA GLU H 82 29.83 28.59 0.03
C GLU H 82 29.73 27.17 0.56
N LEU H 83 30.56 26.26 0.05
CA LEU H 83 30.54 24.89 0.55
C LEU H 83 30.92 24.87 2.03
N ASP H 84 31.88 25.71 2.42
CA ASP H 84 32.27 25.75 3.83
C ASP H 84 31.11 26.20 4.71
N LYS H 85 30.30 27.13 4.22
CA LYS H 85 29.14 27.55 4.98
C LYS H 85 28.15 26.40 5.18
N TYR H 86 28.04 25.52 4.17
CA TYR H 86 27.18 24.34 4.32
C TYR H 86 27.72 23.40 5.37
N LYS H 87 29.02 23.05 5.29
CA LYS H 87 29.60 22.15 6.27
C LYS H 87 29.57 22.77 7.66
N ASN H 88 29.61 24.09 7.74
CA ASN H 88 29.56 24.76 9.03
C ASN H 88 28.15 24.72 9.60
N ALA H 89 27.14 24.85 8.73
CA ALA H 89 25.75 24.70 9.15
C ALA H 89 25.50 23.30 9.70
N VAL H 90 26.07 22.28 9.07
CA VAL H 90 25.94 20.92 9.56
C VAL H 90 26.52 20.80 10.97
N THR H 91 27.72 21.35 11.18
CA THR H 91 28.34 21.29 12.50
C THR H 91 27.51 22.02 13.54
N GLU H 92 26.94 23.17 13.17
CA GLU H 92 26.10 23.90 14.11
C GLU H 92 24.96 23.03 14.61
N LEU H 93 24.30 22.31 13.70
CA LEU H 93 23.17 21.47 14.08
C LEU H 93 23.60 20.27 14.90
N GLN H 94 24.79 19.74 14.63
CA GLN H 94 25.30 18.64 15.45
C GLN H 94 25.48 19.09 16.90
N LEU H 95 25.91 20.34 17.10
CA LEU H 95 25.96 20.91 18.44
C LEU H 95 24.55 21.06 19.02
N LEU H 96 23.59 21.46 18.18
CA LEU H 96 22.22 21.75 18.61
C LEU H 96 21.46 20.51 19.07
N THR H 97 21.91 19.31 18.70
CA THR H 97 21.15 18.12 19.01
C THR H 97 21.50 17.69 20.44
N GLN H 98 21.04 16.50 20.85
CA GLN H 98 21.18 16.00 22.23
C GLN H 98 20.29 16.81 23.19
N PHE H 137 -5.71 41.59 34.57
CA PHE H 137 -5.92 41.11 35.93
C PHE H 137 -6.11 39.59 35.92
N LEU H 138 -6.10 38.98 37.10
CA LEU H 138 -6.12 37.52 37.21
C LEU H 138 -4.91 36.97 36.46
N GLY H 139 -5.02 35.78 35.90
CA GLY H 139 -3.97 35.15 35.16
C GLY H 139 -3.17 34.19 36.01
N PHE H 140 -2.99 34.54 37.28
CA PHE H 140 -2.27 33.67 38.20
C PHE H 140 -3.00 32.36 38.45
N LEU H 141 -4.28 32.28 38.10
CA LEU H 141 -5.06 31.08 38.32
C LEU H 141 -4.97 30.08 37.17
N LEU H 142 -4.26 30.41 36.10
CA LEU H 142 -4.36 29.64 34.86
C LEU H 142 -3.76 28.25 34.97
N GLY H 143 -2.73 28.08 35.79
CA GLY H 143 -2.04 26.80 35.82
C GLY H 143 -1.10 26.72 34.62
N VAL H 144 0.02 26.04 34.77
CA VAL H 144 1.06 26.05 33.75
C VAL H 144 0.89 24.86 32.83
N GLY H 145 1.17 25.06 31.54
CA GLY H 145 1.20 23.99 30.57
C GLY H 145 2.57 23.91 29.91
N SER H 146 2.73 22.88 29.09
CA SER H 146 3.95 22.66 28.31
C SER H 146 3.56 22.69 26.83
N ALA H 147 3.86 23.79 26.16
CA ALA H 147 3.36 23.99 24.81
C ALA H 147 3.87 22.93 23.85
N ILE H 148 5.12 22.50 24.01
CA ILE H 148 5.77 21.62 23.06
C ILE H 148 5.98 20.22 23.64
N ALA H 149 5.21 19.84 24.67
CA ALA H 149 5.33 18.50 25.20
C ALA H 149 4.99 17.44 24.16
N SER H 150 4.02 17.73 23.29
CA SER H 150 3.65 16.80 22.23
C SER H 150 4.77 16.65 21.22
N GLY H 151 5.30 17.78 20.74
CA GLY H 151 6.39 17.71 19.78
C GLY H 151 7.64 17.06 20.35
N ILE H 152 7.97 17.37 21.60
CA ILE H 152 9.16 16.82 22.22
C ILE H 152 9.12 15.30 22.21
N ALA H 153 7.94 14.72 22.45
CA ALA H 153 7.82 13.27 22.43
C ALA H 153 8.21 12.71 21.06
N VAL H 154 7.82 13.39 19.98
CA VAL H 154 8.13 12.92 18.64
C VAL H 154 9.64 12.96 18.39
N CYS H 155 10.32 14.03 18.83
CA CYS H 155 11.79 14.08 18.69
C CYS H 155 12.45 12.85 19.28
N LYS H 156 12.05 12.47 20.49
CA LYS H 156 12.66 11.34 21.15
C LYS H 156 12.40 10.07 20.37
N VAL H 157 11.23 9.96 19.75
CA VAL H 157 10.88 8.77 18.97
C VAL H 157 11.72 8.69 17.71
N LEU H 158 11.97 9.83 17.06
CA LEU H 158 12.81 9.83 15.87
C LEU H 158 14.23 9.40 16.19
N HIS H 159 14.67 9.57 17.44
CA HIS H 159 16.00 9.17 17.88
C HIS H 159 16.14 7.66 18.09
N LEU H 160 15.03 6.91 18.12
CA LEU H 160 15.07 5.47 18.31
C LEU H 160 15.72 4.75 17.14
N GLU H 161 16.29 3.58 17.43
CA GLU H 161 17.08 2.85 16.46
C GLU H 161 16.23 2.50 15.24
N GLY H 162 16.79 2.75 14.05
CA GLY H 162 16.13 2.48 12.80
C GLY H 162 14.93 3.33 12.49
N GLU H 163 14.69 4.41 13.24
CA GLU H 163 13.51 5.25 12.98
C GLU H 163 13.78 6.28 11.88
N VAL H 164 14.96 6.91 11.90
CA VAL H 164 15.30 7.83 10.82
C VAL H 164 15.30 7.09 9.49
N ASN H 165 15.77 5.84 9.51
CA ASN H 165 15.80 5.03 8.30
C ASN H 165 14.40 4.82 7.75
N LYS H 166 13.42 4.61 8.63
CA LYS H 166 12.04 4.44 8.19
C LYS H 166 11.54 5.66 7.41
N ILE H 167 11.82 6.86 7.92
CA ILE H 167 11.36 8.09 7.26
C ILE H 167 12.05 8.27 5.92
N LYS H 168 13.38 8.09 5.89
CA LYS H 168 14.14 8.32 4.66
C LYS H 168 13.64 7.42 3.53
N ASN H 169 13.38 6.14 3.82
CA ASN H 169 12.93 5.23 2.78
C ASN H 169 11.55 5.61 2.26
N ALA H 170 10.70 6.21 3.10
CA ALA H 170 9.36 6.60 2.65
C ALA H 170 9.38 7.83 1.74
N LEU H 171 10.29 8.76 1.99
CA LEU H 171 10.43 9.96 1.18
C LEU H 171 11.43 9.80 0.04
N LEU H 172 11.78 8.56 -0.32
CA LEU H 172 12.74 8.35 -1.40
C LEU H 172 12.10 8.55 -2.77
N SER H 173 10.84 8.13 -2.93
CA SER H 173 10.16 8.23 -4.22
C SER H 173 9.28 9.46 -4.34
N THR H 174 8.64 9.89 -3.27
CA THR H 174 7.79 11.08 -3.27
C THR H 174 8.21 11.98 -2.12
N ASN H 175 7.65 13.19 -2.08
CA ASN H 175 8.02 14.18 -1.07
C ASN H 175 7.02 14.29 0.08
N LYS H 176 6.03 13.39 0.15
CA LYS H 176 5.02 13.43 1.20
C LYS H 176 4.58 12.00 1.50
N ALA H 177 4.65 11.60 2.78
CA ALA H 177 4.28 10.24 3.15
C ALA H 177 3.79 10.19 4.59
N VAL H 178 2.96 9.19 4.87
CA VAL H 178 2.53 8.88 6.22
C VAL H 178 3.27 7.64 6.70
N VAL H 179 4.01 7.77 7.80
CA VAL H 179 4.79 6.68 8.37
C VAL H 179 4.21 6.28 9.71
N SER H 180 4.14 4.97 9.96
CA SER H 180 3.71 4.42 11.24
C SER H 180 4.94 4.28 12.12
N LEU H 181 4.97 5.04 13.22
CA LEU H 181 6.09 4.96 14.13
C LEU H 181 5.99 3.70 14.98
N SER H 182 7.13 3.34 15.60
CA SER H 182 7.18 2.11 16.38
C SER H 182 6.20 2.13 17.55
N ASN H 183 5.87 3.33 18.05
CA ASN H 183 4.95 3.41 19.19
C ASN H 183 3.53 3.06 18.78
N GLY H 184 2.99 3.73 17.76
CA GLY H 184 1.65 3.45 17.30
C GLY H 184 1.01 4.54 16.46
N VAL H 185 1.73 5.64 16.24
CA VAL H 185 1.16 6.83 15.62
C VAL H 185 1.63 6.96 14.19
N SER H 186 0.69 7.27 13.29
CA SER H 186 1.02 7.58 11.90
C SER H 186 1.14 9.08 11.78
N VAL H 187 2.28 9.55 11.24
CA VAL H 187 2.57 10.98 11.17
C VAL H 187 2.94 11.36 9.75
N LEU H 188 2.48 12.54 9.33
CA LEU H 188 2.84 13.08 8.03
C LEU H 188 4.28 13.58 8.02
N THR H 189 5.03 13.19 6.99
CA THR H 189 6.42 13.58 6.82
C THR H 189 6.60 14.30 5.50
N PHE H 190 7.60 15.19 5.46
CA PHE H 190 7.73 16.21 4.42
C PHE H 190 9.19 16.39 4.06
N LYS H 191 9.55 16.09 2.82
CA LYS H 191 10.85 16.46 2.30
C LYS H 191 10.65 17.78 1.55
N VAL H 192 11.18 18.87 2.11
CA VAL H 192 10.96 20.21 1.57
C VAL H 192 12.06 20.61 0.60
N LEU H 193 13.30 20.62 1.05
CA LEU H 193 14.45 20.91 0.21
C LEU H 193 15.18 19.60 -0.04
N ASP H 194 15.54 19.33 -1.29
CA ASP H 194 16.36 18.17 -1.62
C ASP H 194 17.75 18.70 -1.96
N LEU H 195 18.57 18.87 -0.92
CA LEU H 195 19.93 19.32 -1.13
C LEU H 195 20.87 18.19 -1.50
N LYS H 196 20.57 16.96 -1.05
CA LYS H 196 21.41 15.82 -1.39
C LYS H 196 21.46 15.65 -2.90
N SER H 197 20.30 15.43 -3.53
CA SER H 197 20.26 15.23 -4.96
C SER H 197 20.72 16.47 -5.71
N TYR H 198 20.63 17.66 -5.09
CA TYR H 198 21.19 18.85 -5.72
C TYR H 198 22.71 18.84 -5.68
N ILE H 199 23.30 18.69 -4.49
CA ILE H 199 24.75 18.74 -4.37
C ILE H 199 25.38 17.53 -5.04
N ASN H 200 24.76 16.37 -4.89
CA ASN H 200 25.36 15.13 -5.39
C ASN H 200 25.17 15.00 -6.90
N ASN H 201 24.03 15.44 -7.44
CA ASN H 201 23.69 15.19 -8.82
C ASN H 201 23.66 16.45 -9.68
N GLN H 202 23.85 17.63 -9.09
CA GLN H 202 23.91 18.82 -9.92
C GLN H 202 25.19 19.63 -9.77
N LEU H 203 25.76 19.75 -8.57
CA LEU H 203 26.91 20.63 -8.40
C LEU H 203 28.23 19.89 -8.57
N LEU H 204 28.49 18.91 -7.71
CA LEU H 204 29.74 18.16 -7.78
C LEU H 204 30.04 17.54 -9.15
N PRO H 205 29.06 17.03 -9.92
CA PRO H 205 29.41 16.52 -11.25
C PRO H 205 30.00 17.57 -12.17
N ILE H 206 29.44 18.79 -12.20
CA ILE H 206 29.96 19.83 -13.07
C ILE H 206 31.44 20.07 -12.82
N LEU H 207 31.84 20.08 -11.56
CA LEU H 207 33.23 20.33 -11.22
C LEU H 207 34.13 19.19 -11.69
N ASN H 208 33.69 17.94 -11.53
CA ASN H 208 34.60 16.81 -11.69
C ASN H 208 35.10 16.66 -13.14
N GLN H 209 34.22 16.81 -14.14
CA GLN H 209 34.66 16.58 -15.51
C GLN H 209 35.59 17.69 -16.00
N GLN H 210 35.38 18.93 -15.53
CA GLN H 210 36.11 20.11 -15.96
C GLN H 210 37.22 20.48 -14.98
N SER H 211 37.68 19.52 -14.18
CA SER H 211 38.77 19.69 -13.21
C SER H 211 38.54 20.92 -12.33
N CYS H 212 37.30 21.11 -11.90
CA CYS H 212 36.87 22.11 -10.91
C CYS H 212 36.95 23.55 -11.42
N ARG H 213 37.29 23.77 -12.69
CA ARG H 213 37.33 25.13 -13.24
C ARG H 213 35.94 25.47 -13.76
N ILE H 214 35.15 26.15 -12.93
CA ILE H 214 33.78 26.54 -13.29
C ILE H 214 33.81 27.88 -14.04
N SER H 215 33.59 27.82 -15.35
CA SER H 215 33.58 28.99 -16.23
C SER H 215 32.32 29.84 -16.09
N ASN H 216 31.19 29.25 -15.68
CA ASN H 216 29.87 29.88 -15.74
C ASN H 216 29.44 30.32 -14.35
N ILE H 217 29.34 31.64 -14.15
CA ILE H 217 28.98 32.23 -12.87
C ILE H 217 27.57 31.84 -12.40
N GLU H 218 26.71 31.37 -13.30
CA GLU H 218 25.34 31.03 -12.91
C GLU H 218 25.31 29.88 -11.91
N THR H 219 26.25 28.94 -12.03
CA THR H 219 26.23 27.78 -11.14
C THR H 219 26.38 28.21 -9.69
N VAL H 220 27.25 29.18 -9.42
CA VAL H 220 27.47 29.64 -8.05
C VAL H 220 26.23 30.33 -7.50
N ILE H 221 25.50 31.08 -8.32
CA ILE H 221 24.36 31.83 -7.83
C ILE H 221 23.23 30.89 -7.43
N GLU H 222 22.93 29.90 -8.29
CA GLU H 222 21.88 28.94 -7.98
C GLU H 222 22.21 28.13 -6.72
N PHE H 223 23.47 27.73 -6.57
CA PHE H 223 23.87 26.95 -5.40
C PHE H 223 23.67 27.75 -4.13
N GLN H 224 24.10 29.01 -4.13
CA GLN H 224 23.96 29.85 -2.95
C GLN H 224 22.49 30.10 -2.60
N GLN H 225 21.61 30.15 -3.58
CA GLN H 225 20.18 30.29 -3.27
C GLN H 225 19.59 29.02 -2.68
N LYS H 226 19.91 27.86 -3.26
CA LYS H 226 19.42 26.60 -2.69
C LYS H 226 19.98 26.37 -1.30
N ASN H 227 21.22 26.81 -1.05
CA ASN H 227 21.84 26.61 0.26
C ASN H 227 21.45 27.69 1.25
N SER H 228 20.89 28.81 0.78
CA SER H 228 20.61 29.93 1.68
C SER H 228 19.59 29.52 2.74
N ARG H 229 18.54 28.79 2.32
CA ARG H 229 17.47 28.42 3.25
C ARG H 229 18.01 27.59 4.41
N LEU H 230 18.99 26.73 4.13
CA LEU H 230 19.61 25.96 5.22
C LEU H 230 20.29 26.89 6.20
N LEU H 231 20.99 27.92 5.70
CA LEU H 231 21.68 28.86 6.59
C LEU H 231 20.69 29.68 7.41
N GLU H 232 19.54 30.02 6.83
CA GLU H 232 18.53 30.76 7.58
C GLU H 232 17.85 29.87 8.61
N ILE H 233 17.53 28.62 8.24
CA ILE H 233 16.95 27.68 9.20
C ILE H 233 17.91 27.46 10.36
N THR H 234 19.19 27.20 10.05
CA THR H 234 20.18 27.03 11.11
C THR H 234 20.29 28.29 11.95
N ARG H 235 20.28 29.46 11.31
CA ARG H 235 20.41 30.71 12.04
C ARG H 235 19.25 30.90 13.01
N GLU H 236 18.03 30.62 12.56
CA GLU H 236 16.88 30.75 13.45
C GLU H 236 16.95 29.76 14.61
N PHE H 237 17.26 28.49 14.32
CA PHE H 237 17.40 27.50 15.39
C PHE H 237 18.56 27.85 16.32
N SER H 238 19.64 28.41 15.79
CA SER H 238 20.81 28.71 16.61
C SER H 238 20.57 29.88 17.55
N VAL H 239 19.54 30.69 17.31
CA VAL H 239 19.24 31.84 18.15
C VAL H 239 18.02 31.62 19.02
N ASN H 240 17.29 30.52 18.83
CA ASN H 240 16.05 30.24 19.54
C ASN H 240 16.09 28.95 20.32
N ALA H 241 17.29 28.41 20.57
CA ALA H 241 17.46 27.17 21.33
C ALA H 241 16.68 26.02 20.70
N GLY H 242 16.74 25.94 19.37
CA GLY H 242 16.13 24.86 18.62
C GLY H 242 14.62 24.90 18.53
N VAL H 243 13.98 25.91 19.09
CA VAL H 243 12.52 26.05 19.08
C VAL H 243 12.17 27.47 18.68
N THR H 244 11.57 27.63 17.50
CA THR H 244 11.18 28.94 17.00
C THR H 244 9.66 29.06 17.01
N THR H 245 9.17 30.27 17.30
CA THR H 245 7.78 30.65 17.18
C THR H 245 7.75 32.16 17.04
N PRO H 246 6.92 32.71 16.15
CA PRO H 246 6.10 31.96 15.19
C PRO H 246 6.89 31.24 14.11
N LEU H 247 6.18 30.40 13.35
CA LEU H 247 6.78 29.60 12.29
C LEU H 247 7.04 30.48 11.08
N SER H 248 8.32 30.72 10.79
CA SER H 248 8.70 31.61 9.70
C SER H 248 8.46 30.95 8.35
N THR H 249 8.60 31.74 7.29
CA THR H 249 8.53 31.19 5.94
C THR H 249 9.79 30.42 5.55
N TYR H 250 10.91 30.64 6.24
CA TYR H 250 12.08 29.80 5.98
C TYR H 250 11.89 28.42 6.60
N MET H 251 11.19 28.37 7.74
CA MET H 251 10.84 27.10 8.35
C MET H 251 9.87 26.33 7.47
N LEU H 252 8.84 27.00 6.96
CA LEU H 252 7.76 26.39 6.18
C LEU H 252 7.18 27.45 5.27
N THR H 253 7.39 27.31 3.96
CA THR H 253 6.84 28.26 3.01
C THR H 253 5.31 28.16 2.99
N ASN H 254 4.68 29.22 2.46
CA ASN H 254 3.23 29.21 2.35
C ASN H 254 2.75 28.03 1.52
N SER H 255 3.51 27.69 0.47
CA SER H 255 3.15 26.55 -0.36
C SER H 255 3.15 25.25 0.45
N GLU H 256 4.17 25.08 1.29
CA GLU H 256 4.28 23.86 2.09
C GLU H 256 3.16 23.77 3.13
N LEU H 257 2.85 24.88 3.79
CA LEU H 257 1.87 24.84 4.87
C LEU H 257 0.48 24.56 4.33
N LEU H 258 0.09 25.25 3.25
CA LEU H 258 -1.23 25.04 2.67
C LEU H 258 -1.47 23.59 2.29
N SER H 259 -0.45 22.90 1.78
CA SER H 259 -0.60 21.50 1.44
C SER H 259 -0.69 20.64 2.70
N LEU H 260 0.06 20.98 3.75
CA LEU H 260 -0.01 20.24 5.00
C LEU H 260 -1.38 20.37 5.66
N ILE H 261 -2.00 21.54 5.54
CA ILE H 261 -3.34 21.75 6.08
C ILE H 261 -4.32 20.76 5.46
N ASN H 262 -4.17 20.53 4.16
CA ASN H 262 -5.12 19.71 3.41
C ASN H 262 -5.12 18.25 3.89
N ASP H 263 -4.01 17.77 4.44
CA ASP H 263 -3.90 16.37 4.83
C ASP H 263 -4.13 16.12 6.31
N MET H 264 -4.44 17.14 7.07
CA MET H 264 -4.66 16.94 8.50
C MET H 264 -6.06 16.40 8.76
N PRO H 265 -6.22 15.58 9.81
CA PRO H 265 -7.53 14.96 10.13
C PRO H 265 -8.52 15.95 10.76
N ILE H 266 -9.04 16.86 9.94
CA ILE H 266 -10.00 17.87 10.39
C ILE H 266 -11.09 18.04 9.34
N THR H 267 -12.13 18.77 9.74
CA THR H 267 -13.28 19.09 8.90
C THR H 267 -12.87 20.05 7.79
N ASN H 268 -13.65 20.06 6.71
CA ASN H 268 -13.40 21.02 5.64
C ASN H 268 -13.60 22.45 6.12
N ASP H 269 -14.50 22.65 7.09
CA ASP H 269 -14.62 23.94 7.75
C ASP H 269 -13.32 24.31 8.45
N GLN H 270 -12.70 23.34 9.13
CA GLN H 270 -11.43 23.62 9.80
C GLN H 270 -10.32 23.84 8.78
N LYS H 271 -10.31 23.04 7.71
CA LYS H 271 -9.34 23.24 6.64
C LYS H 271 -9.48 24.64 6.05
N LYS H 272 -10.72 25.05 5.74
CA LYS H 272 -10.95 26.36 5.16
C LYS H 272 -10.53 27.46 6.13
N LEU H 273 -10.85 27.30 7.41
CA LEU H 273 -10.47 28.30 8.42
C LEU H 273 -8.96 28.45 8.47
N MET H 274 -8.24 27.34 8.53
CA MET H 274 -6.79 27.44 8.62
C MET H 274 -6.20 28.04 7.35
N SER H 275 -6.73 27.67 6.20
CA SER H 275 -6.19 28.19 4.94
C SER H 275 -6.48 29.67 4.76
N SER H 276 -7.62 30.15 5.24
CA SER H 276 -7.94 31.57 5.11
C SER H 276 -7.22 32.43 6.13
N ASN H 277 -6.73 31.82 7.20
CA ASN H 277 -6.04 32.56 8.25
C ASN H 277 -4.73 31.88 8.56
N VAL H 278 -3.98 31.53 7.52
CA VAL H 278 -2.70 30.86 7.68
C VAL H 278 -1.77 31.66 8.57
N GLN H 279 -2.02 32.97 8.67
CA GLN H 279 -1.15 33.83 9.45
C GLN H 279 -1.26 33.57 10.95
N ILE H 280 -2.47 33.38 11.44
CA ILE H 280 -2.63 33.10 12.86
C ILE H 280 -2.08 31.72 13.18
N VAL H 281 -2.34 30.75 12.30
CA VAL H 281 -1.79 29.41 12.44
C VAL H 281 -0.28 29.47 12.62
N ARG H 282 0.38 30.24 11.76
CA ARG H 282 1.83 30.38 11.85
C ARG H 282 2.25 30.88 13.22
N GLN H 283 1.50 31.83 13.79
CA GLN H 283 1.88 32.38 15.09
C GLN H 283 1.57 31.43 16.23
N GLN H 284 0.69 30.44 16.01
CA GLN H 284 0.38 29.45 17.04
C GLN H 284 1.11 28.14 16.82
N SER H 285 2.15 28.13 15.98
CA SER H 285 2.93 26.95 15.67
C SER H 285 4.32 27.04 16.27
N TYR H 286 4.98 25.88 16.37
CA TYR H 286 6.36 25.78 16.82
C TYR H 286 7.16 24.98 15.80
N SER H 287 8.46 25.26 15.77
CA SER H 287 9.44 24.46 15.03
C SER H 287 10.44 23.91 16.03
N ILE H 288 10.53 22.60 16.10
CA ILE H 288 11.41 21.93 17.05
C ILE H 288 12.43 21.11 16.26
N MET H 289 13.69 21.51 16.36
CA MET H 289 14.77 20.77 15.74
C MET H 289 14.98 19.45 16.49
N CYS H 290 15.26 18.38 15.76
CA CYS H 290 15.32 17.05 16.36
C CYS H 290 16.63 16.30 16.14
N ILE H 291 17.02 16.06 14.89
CA ILE H 291 18.04 15.06 14.65
C ILE H 291 18.76 15.36 13.34
N ILE H 292 20.05 15.06 13.32
CA ILE H 292 20.87 15.05 12.12
C ILE H 292 21.57 13.69 12.12
N LYS H 293 21.00 12.72 11.41
CA LYS H 293 21.50 11.35 11.41
C LYS H 293 21.34 10.74 10.04
N GLU H 294 22.21 9.77 9.75
CA GLU H 294 22.30 9.12 8.43
C GLU H 294 22.56 10.24 7.43
N GLU H 295 21.66 10.51 6.48
CA GLU H 295 21.83 11.60 5.54
C GLU H 295 20.59 12.48 5.49
N VAL H 296 19.86 12.56 6.59
CA VAL H 296 18.64 13.35 6.67
C VAL H 296 18.62 14.08 8.00
N LEU H 297 18.38 15.39 7.95
CA LEU H 297 18.09 16.17 9.14
C LEU H 297 16.60 16.50 9.14
N ALA H 298 15.96 16.33 10.29
CA ALA H 298 14.53 16.52 10.39
C ALA H 298 14.18 17.32 11.63
N TYR H 299 13.19 18.20 11.50
CA TYR H 299 12.65 18.93 12.62
C TYR H 299 11.14 18.75 12.66
N VAL H 300 10.57 18.83 13.85
CA VAL H 300 9.14 18.63 14.05
C VAL H 300 8.45 19.98 14.08
N VAL H 301 7.45 20.15 13.22
CA VAL H 301 6.59 21.34 13.22
C VAL H 301 5.30 20.98 13.94
N GLN H 302 4.96 21.78 14.92
CA GLN H 302 3.80 21.55 15.77
C GLN H 302 2.77 22.62 15.43
N LEU H 303 1.67 22.20 14.74
CA LEU H 303 0.60 23.05 14.23
C LEU H 303 -0.57 23.08 15.21
N PRO H 304 -1.34 24.17 15.24
CA PRO H 304 -2.51 24.22 16.11
C PRO H 304 -3.65 23.40 15.56
N ILE H 305 -4.53 22.96 16.46
CA ILE H 305 -5.76 22.27 16.10
C ILE H 305 -6.93 23.02 16.71
N TYR H 306 -7.85 23.47 15.85
CA TYR H 306 -8.98 24.29 16.27
C TYR H 306 -10.22 23.40 16.34
N GLY H 307 -10.49 22.87 17.54
CA GLY H 307 -11.64 22.00 17.73
C GLY H 307 -12.97 22.69 17.96
N VAL H 308 -12.92 23.96 18.35
CA VAL H 308 -14.13 24.76 18.63
C VAL H 308 -14.13 25.96 17.70
N ILE H 309 -15.11 26.01 16.80
CA ILE H 309 -15.20 27.03 15.77
C ILE H 309 -16.61 27.62 15.81
N ASP H 310 -16.70 28.92 15.62
CA ASP H 310 -17.98 29.62 15.40
C ASP H 310 -18.87 29.61 16.64
N THR H 311 -18.27 29.57 17.82
CA THR H 311 -19.29 29.81 18.84
C THR H 311 -19.37 31.30 19.17
N PRO H 312 -20.54 31.79 19.62
CA PRO H 312 -20.64 33.23 19.92
C PRO H 312 -19.65 33.58 21.01
N CYS H 313 -18.97 34.71 20.85
CA CYS H 313 -17.95 35.03 21.83
C CYS H 313 -17.91 36.52 22.07
N TRP H 314 -17.64 36.91 23.31
CA TRP H 314 -17.71 38.31 23.70
C TRP H 314 -16.55 38.71 24.60
N LYS H 315 -16.23 39.99 24.60
CA LYS H 315 -15.13 40.55 25.36
C LYS H 315 -15.66 41.47 26.44
N LEU H 316 -15.12 41.33 27.66
CA LEU H 316 -15.49 42.16 28.79
C LEU H 316 -14.35 43.11 29.14
N HIS H 317 -14.61 44.41 29.05
CA HIS H 317 -13.69 45.45 29.49
C HIS H 317 -14.17 46.02 30.81
N THR H 318 -13.23 46.25 31.74
CA THR H 318 -13.54 46.76 33.07
C THR H 318 -12.63 47.94 33.39
N SER H 319 -13.11 48.81 34.28
CA SER H 319 -12.38 50.01 34.67
C SER H 319 -12.73 50.36 36.11
N PRO H 320 -11.80 50.99 36.84
CA PRO H 320 -12.05 51.28 38.26
C PRO H 320 -13.20 52.27 38.47
N LEU H 321 -14.00 51.98 39.49
CA LEU H 321 -15.18 52.78 39.87
C LEU H 321 -14.97 53.33 41.27
N CYS H 322 -14.82 54.64 41.39
CA CYS H 322 -14.58 55.29 42.68
C CYS H 322 -15.65 56.33 42.98
N THR H 323 -15.81 56.62 44.27
CA THR H 323 -16.67 57.70 44.72
C THR H 323 -16.05 59.05 44.37
N THR H 324 -16.91 60.06 44.26
CA THR H 324 -16.49 61.42 43.93
C THR H 324 -16.95 62.36 45.04
N ASN H 325 -16.27 62.33 46.18
CA ASN H 325 -16.56 63.26 47.27
C ASN H 325 -15.40 64.24 47.39
N ILE H 326 -15.67 65.35 48.09
CA ILE H 326 -14.76 66.49 48.12
C ILE H 326 -13.43 66.18 48.81
N LYS H 327 -13.44 65.34 49.85
CA LYS H 327 -12.20 65.04 50.57
C LYS H 327 -11.27 64.18 49.73
N GLU H 328 -9.99 64.55 49.70
CA GLU H 328 -9.04 63.93 48.79
C GLU H 328 -8.84 62.45 49.10
N GLY H 329 -8.66 62.10 50.38
CA GLY H 329 -8.25 60.77 50.74
C GLY H 329 -9.36 59.83 51.14
N SER H 330 -10.60 60.30 51.22
CA SER H 330 -11.72 59.47 51.65
C SER H 330 -12.57 59.06 50.44
N ASN H 331 -11.96 58.29 49.55
CA ASN H 331 -12.62 57.69 48.41
C ASN H 331 -12.42 56.19 48.44
N ILE H 332 -13.38 55.47 47.84
CA ILE H 332 -13.38 54.02 47.81
C ILE H 332 -13.53 53.61 46.36
N CYS H 333 -12.78 52.60 45.94
CA CYS H 333 -12.75 52.21 44.55
C CYS H 333 -13.07 50.72 44.42
N LEU H 334 -13.50 50.35 43.22
CA LEU H 334 -13.96 49.00 42.95
C LEU H 334 -13.71 48.70 41.48
N THR H 335 -13.14 47.53 41.22
CA THR H 335 -12.80 47.14 39.86
C THR H 335 -13.09 45.66 39.65
N ARG H 336 -13.84 45.35 38.60
CA ARG H 336 -14.05 43.95 38.23
C ARG H 336 -12.75 43.35 37.72
N THR H 337 -12.38 42.20 38.27
CA THR H 337 -11.17 41.50 37.89
C THR H 337 -11.41 40.41 36.85
N ASP H 338 -12.67 40.17 36.47
CA ASP H 338 -13.00 39.13 35.50
C ASP H 338 -12.93 39.63 34.05
N ARG H 339 -12.03 40.56 33.75
CA ARG H 339 -11.85 41.07 32.40
C ARG H 339 -11.24 40.02 31.49
N GLY H 340 -11.59 40.08 30.22
CA GLY H 340 -11.01 39.19 29.24
C GLY H 340 -12.06 38.71 28.24
N TRP H 341 -11.71 37.65 27.52
CA TRP H 341 -12.56 37.04 26.52
C TRP H 341 -13.33 35.88 27.14
N TYR H 342 -14.58 35.72 26.74
CA TYR H 342 -15.41 34.60 27.19
C TYR H 342 -16.04 33.95 25.97
N CYS H 343 -15.66 32.71 25.67
CA CYS H 343 -16.28 31.94 24.59
C CYS H 343 -16.98 30.71 25.15
N ASP H 344 -18.20 30.47 24.64
CA ASP H 344 -18.90 29.24 24.94
C ASP H 344 -18.11 28.07 24.38
N ASN H 345 -18.09 26.99 25.15
CA ASN H 345 -17.34 25.80 24.77
C ASN H 345 -17.90 24.65 25.58
N ALA H 346 -18.57 23.71 24.90
CA ALA H 346 -19.04 22.47 25.52
C ALA H 346 -19.95 22.74 26.71
N GLY H 347 -20.89 23.68 26.54
CA GLY H 347 -21.83 23.98 27.59
C GLY H 347 -21.28 24.86 28.69
N SER H 348 -19.97 25.13 28.68
CA SER H 348 -19.31 26.02 29.63
C SER H 348 -18.71 27.19 28.88
N VAL H 349 -17.91 28.00 29.57
CA VAL H 349 -17.24 29.15 28.98
C VAL H 349 -15.75 29.06 29.25
N SER H 350 -14.94 29.09 28.20
CA SER H 350 -13.49 29.20 28.34
C SER H 350 -13.15 30.67 28.48
N PHE H 351 -12.50 31.03 29.59
CA PHE H 351 -12.23 32.41 29.96
C PHE H 351 -10.74 32.66 29.86
N PHE H 352 -10.34 33.68 29.09
CA PHE H 352 -8.92 33.99 28.90
C PHE H 352 -8.61 35.32 29.57
N PRO H 353 -8.01 35.30 30.77
CA PRO H 353 -7.88 36.55 31.54
C PRO H 353 -6.87 37.52 30.97
N GLN H 354 -5.70 37.05 30.57
CA GLN H 354 -4.67 37.97 30.11
C GLN H 354 -5.01 38.50 28.73
N ALA H 355 -4.80 39.80 28.55
CA ALA H 355 -5.38 40.50 27.41
C ALA H 355 -4.73 40.08 26.09
N ASP H 356 -3.41 39.94 26.07
CA ASP H 356 -2.69 39.73 24.82
C ASP H 356 -2.58 38.27 24.41
N THR H 357 -3.33 37.37 25.06
CA THR H 357 -3.31 35.97 24.69
C THR H 357 -4.17 35.64 23.47
N CYS H 358 -5.02 36.57 23.01
CA CYS H 358 -5.89 36.32 21.88
C CYS H 358 -5.61 37.32 20.76
N LYS H 359 -5.74 36.84 19.52
CA LYS H 359 -5.57 37.66 18.32
C LYS H 359 -6.86 37.61 17.50
N VAL H 360 -7.29 38.78 17.02
CA VAL H 360 -8.57 38.93 16.33
C VAL H 360 -8.34 39.15 14.84
N GLN H 361 -9.08 38.40 14.01
CA GLN H 361 -9.15 38.59 12.56
C GLN H 361 -10.62 38.73 12.18
N SER H 362 -11.00 39.93 11.73
CA SER H 362 -12.38 40.23 11.33
C SER H 362 -13.35 39.92 12.46
N ASN H 363 -14.06 38.80 12.37
CA ASN H 363 -15.00 38.37 13.40
C ASN H 363 -14.53 37.13 14.13
N ARG H 364 -13.34 36.63 13.82
CA ARG H 364 -12.81 35.41 14.40
C ARG H 364 -11.89 35.76 15.55
N VAL H 365 -12.06 35.10 16.68
CA VAL H 365 -11.20 35.29 17.85
C VAL H 365 -10.39 34.02 18.01
N PHE H 366 -9.09 34.11 17.75
CA PHE H 366 -8.19 32.98 17.89
C PHE H 366 -7.56 33.02 19.26
N CYS H 367 -7.88 32.03 20.09
CA CYS H 367 -7.34 31.95 21.44
C CYS H 367 -6.76 30.56 21.66
N ASP H 368 -5.97 30.42 22.71
CA ASP H 368 -5.36 29.15 23.09
C ASP H 368 -5.94 28.75 24.43
N THR H 369 -6.62 27.60 24.48
CA THR H 369 -7.25 27.19 25.72
C THR H 369 -6.22 27.00 26.83
N MET H 370 -4.94 26.79 26.48
CA MET H 370 -3.91 26.58 27.48
C MET H 370 -3.77 27.78 28.41
N ASN H 371 -4.10 28.99 27.93
CA ASN H 371 -4.08 30.19 28.76
C ASN H 371 -5.47 30.54 29.28
N SER H 372 -6.32 29.56 29.54
CA SER H 372 -7.71 29.84 29.89
C SER H 372 -8.14 29.12 31.16
N LEU H 373 -9.19 29.65 31.76
CA LEU H 373 -9.95 28.98 32.82
C LEU H 373 -11.33 28.62 32.29
N THR H 374 -11.91 27.58 32.87
CA THR H 374 -13.22 27.09 32.49
C THR H 374 -14.23 27.45 33.57
N LEU H 375 -15.18 28.29 33.22
CA LEU H 375 -16.17 28.81 34.14
C LEU H 375 -17.55 28.34 33.71
N PRO H 376 -18.50 28.27 34.63
CA PRO H 376 -19.89 27.94 34.26
C PRO H 376 -20.51 29.02 33.38
N SER H 377 -21.53 28.60 32.62
CA SER H 377 -22.23 29.55 31.74
C SER H 377 -22.90 30.66 32.53
N GLU H 378 -23.14 30.44 33.82
CA GLU H 378 -23.77 31.44 34.67
C GLU H 378 -22.86 32.65 34.91
N VAL H 379 -21.61 32.58 34.47
CA VAL H 379 -20.69 33.70 34.62
C VAL H 379 -21.22 34.94 33.91
N SER H 380 -21.92 34.75 32.79
CA SER H 380 -22.40 35.88 32.02
C SER H 380 -23.32 36.79 32.82
N LEU H 381 -23.91 36.29 33.91
CA LEU H 381 -24.81 37.11 34.71
C LEU H 381 -24.09 38.26 35.41
N CYS H 382 -22.79 38.15 35.67
CA CYS H 382 -22.05 39.25 36.28
C CYS H 382 -22.09 40.52 35.44
N ASN H 383 -22.36 40.40 34.14
CA ASN H 383 -22.46 41.57 33.28
C ASN H 383 -23.80 42.26 33.45
N THR H 384 -24.89 41.49 33.51
CA THR H 384 -26.22 42.07 33.63
C THR H 384 -26.67 42.23 35.08
N ASP H 385 -26.24 41.33 35.96
CA ASP H 385 -26.64 41.38 37.36
C ASP H 385 -25.44 40.89 38.18
N ILE H 386 -24.62 41.85 38.61
CA ILE H 386 -23.41 41.49 39.34
C ILE H 386 -23.73 40.94 40.72
N PHE H 387 -24.92 41.23 41.25
CA PHE H 387 -25.33 40.77 42.56
C PHE H 387 -26.15 39.49 42.48
N ASN H 388 -26.10 38.81 41.34
CA ASN H 388 -26.87 37.59 41.12
C ASN H 388 -26.53 36.56 42.19
N SER H 389 -27.51 35.72 42.50
CA SER H 389 -27.37 34.73 43.56
C SER H 389 -26.83 33.40 43.06
N LYS H 390 -26.34 33.32 41.82
CA LYS H 390 -25.86 32.06 41.29
C LYS H 390 -24.37 32.03 41.01
N TYR H 391 -23.72 33.18 40.84
CA TYR H 391 -22.28 33.20 40.65
C TYR H 391 -21.69 34.41 41.37
N ASP H 392 -20.59 34.17 42.06
CA ASP H 392 -19.93 35.18 42.88
C ASP H 392 -18.99 35.98 42.00
N CYS H 393 -19.42 37.18 41.60
CA CYS H 393 -18.66 37.99 40.65
C CYS H 393 -17.37 38.50 41.26
N LYS H 394 -16.28 38.41 40.50
CA LYS H 394 -14.95 38.76 40.99
C LYS H 394 -14.67 40.24 40.86
N ILE H 395 -14.11 40.83 41.93
CA ILE H 395 -13.86 42.26 42.01
C ILE H 395 -12.60 42.50 42.83
N MET H 396 -11.97 43.65 42.61
CA MET H 396 -10.91 44.13 43.47
C MET H 396 -11.36 45.46 44.09
N THR H 397 -10.81 45.76 45.26
CA THR H 397 -11.14 46.98 45.97
C THR H 397 -9.87 47.77 46.26
N SER H 398 -10.01 49.08 46.40
CA SER H 398 -8.87 49.93 46.70
C SER H 398 -9.38 51.23 47.31
N LYS H 399 -8.44 51.99 47.84
CA LYS H 399 -8.62 53.38 48.22
C LYS H 399 -7.78 54.27 47.32
N THR H 400 -7.34 53.71 46.19
CA THR H 400 -6.40 54.32 45.26
C THR H 400 -7.19 55.13 44.24
N ASP H 401 -7.29 56.43 44.49
CA ASP H 401 -8.13 57.33 43.68
C ASP H 401 -7.33 57.89 42.50
N ILE H 402 -7.14 57.05 41.49
CA ILE H 402 -6.36 57.40 40.31
C ILE H 402 -7.25 57.38 39.07
N SER H 403 -7.15 58.41 38.24
CA SER H 403 -7.91 58.49 37.01
C SER H 403 -7.24 57.68 35.90
N SER H 404 -8.05 57.02 35.07
CA SER H 404 -7.55 56.21 33.97
C SER H 404 -8.70 55.95 32.99
N SER H 405 -8.37 55.40 31.83
CA SER H 405 -9.37 55.10 30.80
C SER H 405 -9.13 53.74 30.16
N VAL H 406 -10.22 53.11 29.72
CA VAL H 406 -10.19 51.81 29.04
C VAL H 406 -10.83 51.96 27.67
N ILE H 407 -10.05 51.71 26.62
CA ILE H 407 -10.58 51.71 25.25
C ILE H 407 -11.19 50.35 24.96
N THR H 408 -12.46 50.33 24.57
CA THR H 408 -13.14 49.10 24.23
C THR H 408 -13.06 48.88 22.73
N SER H 409 -13.76 47.87 22.23
CA SER H 409 -13.74 47.58 20.80
C SER H 409 -14.51 48.64 20.00
N LEU H 410 -15.59 49.17 20.56
CA LEU H 410 -16.44 50.11 19.83
C LEU H 410 -16.53 51.46 20.53
N GLY H 411 -15.62 51.72 21.47
CA GLY H 411 -15.63 52.98 22.17
C GLY H 411 -14.51 53.07 23.19
N ALA H 412 -14.80 53.76 24.29
CA ALA H 412 -13.82 53.93 25.36
C ALA H 412 -14.58 54.14 26.66
N ILE H 413 -14.18 53.42 27.70
CA ILE H 413 -14.65 53.67 29.05
C ILE H 413 -13.68 54.64 29.71
N VAL H 414 -14.21 55.65 30.42
CA VAL H 414 -13.37 56.68 31.03
C VAL H 414 -13.73 56.79 32.51
N SER H 415 -12.75 56.51 33.37
CA SER H 415 -12.85 56.69 34.82
C SER H 415 -12.17 57.99 35.19
N CYS H 416 -12.97 59.03 35.46
CA CYS H 416 -12.47 60.38 35.71
C CYS H 416 -12.65 60.74 37.17
N TYR H 417 -11.54 61.05 37.86
CA TYR H 417 -11.58 61.35 39.27
C TYR H 417 -10.61 62.48 39.63
N GLY H 418 -10.85 63.08 40.79
CA GLY H 418 -10.00 64.14 41.28
C GLY H 418 -10.15 65.40 40.46
N LYS H 419 -9.03 66.10 40.29
CA LYS H 419 -9.00 67.31 39.49
C LYS H 419 -8.59 67.04 38.06
N THR H 420 -8.59 65.78 37.65
CA THR H 420 -8.11 65.42 36.32
C THR H 420 -9.09 65.88 35.25
N LYS H 421 -8.55 66.31 34.11
CA LYS H 421 -9.34 66.71 32.95
C LYS H 421 -9.52 65.49 32.05
N CYS H 422 -10.77 65.15 31.74
CA CYS H 422 -11.09 64.00 30.92
C CYS H 422 -11.98 64.43 29.77
N THR H 423 -11.60 64.07 28.55
CA THR H 423 -12.20 64.65 27.36
C THR H 423 -12.27 63.63 26.22
N ALA H 424 -13.36 63.70 25.46
CA ALA H 424 -13.52 62.96 24.21
C ALA H 424 -13.64 63.97 23.08
N SER H 425 -12.90 63.76 21.99
CA SER H 425 -12.79 64.76 20.95
C SER H 425 -13.13 64.19 19.58
N ASN H 426 -13.56 65.08 18.69
CA ASN H 426 -13.76 64.79 17.29
C ASN H 426 -12.71 65.56 16.49
N LYS H 427 -12.30 65.01 15.35
CA LYS H 427 -11.22 65.66 14.59
C LYS H 427 -11.69 66.96 13.95
N ASN H 428 -12.94 67.05 13.53
CA ASN H 428 -13.47 68.27 12.91
C ASN H 428 -14.20 69.14 13.90
N ARG H 429 -14.37 68.67 15.14
CA ARG H 429 -15.24 69.33 16.08
C ARG H 429 -14.55 69.69 17.38
N GLY H 430 -13.38 69.12 17.65
CA GLY H 430 -12.70 69.39 18.90
C GLY H 430 -13.34 68.59 20.02
N ILE H 431 -13.25 69.15 21.23
CA ILE H 431 -13.84 68.54 22.40
C ILE H 431 -15.35 68.54 22.22
N ILE H 432 -15.99 67.40 22.47
CA ILE H 432 -17.44 67.33 22.32
C ILE H 432 -18.12 67.00 23.64
N LYS H 433 -17.42 66.30 24.53
CA LYS H 433 -17.99 66.00 25.84
C LYS H 433 -16.90 66.06 26.89
N THR H 434 -17.20 66.73 27.99
CA THR H 434 -16.31 66.78 29.15
C THR H 434 -16.94 65.95 30.25
N PHE H 435 -16.21 64.94 30.73
CA PHE H 435 -16.74 64.01 31.71
C PHE H 435 -16.71 64.61 33.10
N SER H 436 -17.84 64.55 33.78
CA SER H 436 -17.81 64.83 35.20
C SER H 436 -17.22 63.60 35.90
N ASN H 437 -16.82 63.78 37.14
CA ASN H 437 -16.18 62.70 37.86
C ASN H 437 -17.14 61.53 38.04
N GLY H 438 -16.64 60.32 37.83
CA GLY H 438 -17.43 59.11 37.84
C GLY H 438 -17.05 58.28 36.64
N CYS H 439 -17.66 57.12 36.41
CA CYS H 439 -17.27 56.30 35.27
C CYS H 439 -18.32 56.35 34.17
N ASP H 440 -17.86 56.57 32.93
CA ASP H 440 -18.75 56.76 31.78
C ASP H 440 -18.22 56.01 30.56
N TYR H 441 -18.98 56.13 29.47
CA TYR H 441 -18.70 55.43 28.22
C TYR H 441 -19.23 56.25 27.06
N VAL H 442 -18.48 56.23 25.96
CA VAL H 442 -18.86 56.97 24.76
C VAL H 442 -18.64 56.07 23.55
N SER H 443 -19.54 56.18 22.58
CA SER H 443 -19.45 55.43 21.35
C SER H 443 -18.47 56.08 20.39
N ASN H 444 -17.92 55.27 19.49
CA ASN H 444 -16.91 55.72 18.55
C ASN H 444 -17.50 56.43 17.34
N LYS H 445 -18.82 56.61 17.27
CA LYS H 445 -19.43 57.21 16.09
C LYS H 445 -19.00 58.67 15.95
N GLY H 446 -19.49 59.53 16.82
CA GLY H 446 -19.07 60.91 16.73
C GLY H 446 -17.70 61.20 17.30
N VAL H 447 -17.02 60.20 17.86
CA VAL H 447 -15.76 60.40 18.57
C VAL H 447 -14.61 59.78 17.79
N ASP H 448 -13.49 60.50 17.75
CA ASP H 448 -12.26 60.04 17.12
C ASP H 448 -11.14 59.81 18.11
N THR H 449 -11.05 60.64 19.16
CA THR H 449 -9.96 60.61 20.12
C THR H 449 -10.52 60.84 21.51
N VAL H 450 -9.82 60.32 22.52
CA VAL H 450 -10.21 60.46 23.91
C VAL H 450 -8.98 60.88 24.71
N SER H 451 -9.16 61.85 25.60
CA SER H 451 -8.05 62.39 26.39
C SER H 451 -8.39 62.31 27.88
N VAL H 452 -7.49 61.72 28.65
CA VAL H 452 -7.64 61.62 30.10
C VAL H 452 -6.36 62.18 30.71
N GLY H 453 -6.46 63.34 31.33
CA GLY H 453 -5.26 63.95 31.88
C GLY H 453 -4.29 64.31 30.77
N ASN H 454 -3.07 63.82 30.89
CA ASN H 454 -2.03 64.08 29.90
C ASN H 454 -1.81 62.92 28.93
N THR H 455 -2.68 61.91 28.96
CA THR H 455 -2.53 60.72 28.14
C THR H 455 -3.62 60.69 27.07
N LEU H 456 -3.23 60.64 25.80
CA LEU H 456 -4.16 60.72 24.69
C LEU H 456 -4.34 59.35 24.04
N TYR H 457 -5.57 58.84 24.06
CA TYR H 457 -5.94 57.54 23.51
C TYR H 457 -6.75 57.71 22.23
N TYR H 458 -6.38 56.97 21.18
CA TYR H 458 -7.21 56.90 19.97
C TYR H 458 -8.21 55.74 20.08
N VAL H 459 -9.44 55.96 19.57
CA VAL H 459 -10.54 55.00 19.64
C VAL H 459 -10.59 54.16 18.38
N ASN H 460 -11.12 52.93 18.52
CA ASN H 460 -11.35 52.07 17.36
C ASN H 460 -12.47 52.61 16.50
N LYS H 461 -12.30 52.51 15.18
CA LYS H 461 -13.27 53.06 14.25
C LYS H 461 -14.09 51.97 13.55
N LEU H 462 -14.77 51.13 14.31
CA LEU H 462 -15.60 50.06 13.75
C LEU H 462 -17.07 50.37 14.02
N GLU H 463 -17.88 50.40 12.96
CA GLU H 463 -19.30 50.66 13.13
C GLU H 463 -19.97 49.51 13.87
N GLY H 464 -20.91 49.85 14.72
CA GLY H 464 -21.56 48.86 15.53
C GLY H 464 -22.55 49.50 16.48
N LYS H 465 -23.42 48.65 17.00
CA LYS H 465 -24.53 49.10 17.83
C LYS H 465 -24.05 49.25 19.26
N ASN H 466 -24.38 50.38 19.89
CA ASN H 466 -24.00 50.66 21.26
C ASN H 466 -25.24 50.75 22.14
N LEU H 467 -25.05 50.50 23.43
CA LEU H 467 -26.18 50.56 24.36
C LEU H 467 -25.67 50.98 25.73
N TYR H 468 -26.14 52.15 26.20
CA TYR H 468 -25.80 52.65 27.53
C TYR H 468 -26.82 52.10 28.52
N VAL H 469 -26.36 51.25 29.43
CA VAL H 469 -27.22 50.64 30.45
C VAL H 469 -27.09 51.50 31.70
N LYS H 470 -28.09 52.37 31.92
CA LYS H 470 -28.08 53.24 33.09
C LYS H 470 -28.14 52.44 34.37
N GLY H 471 -27.57 53.02 35.42
CA GLY H 471 -27.59 52.43 36.73
C GLY H 471 -26.80 53.29 37.71
N GLU H 472 -27.16 53.22 38.98
CA GLU H 472 -26.41 53.94 39.99
C GLU H 472 -25.10 53.19 40.23
N PRO H 473 -23.95 53.88 40.22
CA PRO H 473 -22.67 53.20 40.44
C PRO H 473 -22.65 52.42 41.74
N ILE H 474 -22.19 51.17 41.64
CA ILE H 474 -22.24 50.23 42.75
C ILE H 474 -21.41 50.72 43.94
N ILE H 475 -20.42 51.58 43.69
CA ILE H 475 -19.55 52.01 44.77
C ILE H 475 -20.32 52.78 45.82
N ASN H 476 -21.47 53.37 45.46
CA ASN H 476 -22.27 54.10 46.43
C ASN H 476 -23.01 53.18 47.39
N TYR H 477 -23.09 51.89 47.09
CA TYR H 477 -23.84 50.96 47.92
C TYR H 477 -23.08 50.50 49.16
N TYR H 478 -21.82 50.94 49.33
CA TYR H 478 -21.00 50.55 50.47
C TYR H 478 -20.67 51.79 51.29
N ASP H 479 -20.71 51.67 52.63
CA ASP H 479 -20.36 52.81 53.48
C ASP H 479 -18.85 52.82 53.76
N PRO H 480 -18.15 53.92 53.48
CA PRO H 480 -16.71 53.97 53.81
C PRO H 480 -16.45 53.82 55.30
N LEU H 481 -15.17 53.80 55.67
CA LEU H 481 -14.70 53.63 57.05
C LEU H 481 -14.91 52.20 57.53
N VAL H 482 -15.87 51.49 56.95
CA VAL H 482 -16.07 50.07 57.18
C VAL H 482 -15.79 49.26 55.92
N PHE H 483 -15.30 49.93 54.89
CA PHE H 483 -15.03 49.29 53.61
C PHE H 483 -13.69 48.58 53.61
N PRO H 484 -13.64 47.30 53.33
CA PRO H 484 -12.34 46.63 53.18
C PRO H 484 -11.62 47.05 51.92
N SER H 485 -10.54 47.84 52.04
CA SER H 485 -9.93 48.53 50.93
C SER H 485 -8.55 47.97 50.57
N ASP H 486 -8.37 46.65 50.65
CA ASP H 486 -7.11 46.04 50.22
C ASP H 486 -7.34 44.65 49.64
N GLU H 487 -8.44 44.47 48.92
CA GLU H 487 -8.77 43.19 48.29
C GLU H 487 -8.39 43.22 46.81
N PHE H 488 -7.59 42.24 46.38
CA PHE H 488 -7.10 42.16 45.01
C PHE H 488 -7.84 41.16 44.14
N ASP H 489 -8.12 39.97 44.68
CA ASP H 489 -8.85 38.94 43.95
C ASP H 489 -10.01 38.44 44.83
N ALA H 490 -10.89 39.37 45.17
CA ALA H 490 -12.02 39.06 46.01
C ALA H 490 -13.30 39.09 45.16
N SER H 491 -14.43 38.96 45.83
CA SER H 491 -15.70 38.83 45.13
C SER H 491 -16.77 39.60 45.89
N ILE H 492 -17.93 39.71 45.25
CA ILE H 492 -19.06 40.43 45.84
C ILE H 492 -19.34 39.89 47.24
N SER H 493 -19.45 38.56 47.37
CA SER H 493 -19.75 37.96 48.67
C SER H 493 -18.57 38.06 49.63
N GLN H 494 -17.34 38.01 49.12
CA GLN H 494 -16.18 38.09 50.01
C GLN H 494 -16.07 39.47 50.66
N VAL H 495 -16.35 40.52 49.89
CA VAL H 495 -16.31 41.87 50.45
C VAL H 495 -17.36 42.03 51.53
N ASN H 496 -18.56 41.50 51.30
CA ASN H 496 -19.62 41.58 52.30
C ASN H 496 -19.20 40.93 53.61
N GLU H 497 -18.56 39.75 53.53
CA GLU H 497 -18.23 39.01 54.75
C GLU H 497 -17.18 39.74 55.59
N LYS H 498 -16.23 40.41 54.97
CA LYS H 498 -15.29 41.22 55.75
C LYS H 498 -15.97 42.44 56.35
N ILE H 499 -16.97 43.00 55.65
CA ILE H 499 -17.73 44.09 56.23
C ILE H 499 -18.51 43.61 57.46
N ASN H 500 -19.19 42.46 57.33
CA ASN H 500 -19.92 41.91 58.48
C ASN H 500 -18.96 41.55 59.60
N GLN H 501 -17.75 41.11 59.24
CA GLN H 501 -16.73 40.82 60.25
C GLN H 501 -16.14 42.10 60.82
N SER H 502 -16.06 43.18 60.02
CA SER H 502 -15.49 44.44 60.48
C SER H 502 -16.44 45.28 61.33
N LEU H 503 -17.75 45.22 61.06
CA LEU H 503 -18.67 46.01 61.86
C LEU H 503 -18.84 45.45 63.26
N ALA H 504 -18.67 44.13 63.43
CA ALA H 504 -18.78 43.53 64.75
C ALA H 504 -17.63 43.95 65.65
N PHE H 505 -16.42 44.12 65.10
CA PHE H 505 -15.31 44.59 65.92
C PHE H 505 -15.46 46.04 66.32
N ILE H 506 -16.20 46.84 65.53
CA ILE H 506 -16.49 48.21 65.93
C ILE H 506 -17.63 48.23 66.93
N ARG H 507 -18.62 47.36 66.73
CA ARG H 507 -19.65 47.17 67.73
C ARG H 507 -19.02 46.71 69.05
N ARG H 508 -18.03 45.84 68.94
CA ARG H 508 -17.39 45.28 70.14
C ARG H 508 -16.53 46.33 70.82
N SER H 509 -15.97 47.27 70.05
CA SER H 509 -15.15 48.32 70.64
C SER H 509 -16.02 49.44 71.23
N ASP H 510 -17.12 49.79 70.56
CA ASP H 510 -17.97 50.85 71.07
C ASP H 510 -18.85 50.40 72.24
N GLU H 511 -19.27 49.13 72.26
CA GLU H 511 -19.99 48.62 73.42
C GLU H 511 -19.06 48.48 74.63
N LEU H 512 -17.75 48.45 74.41
CA LEU H 512 -16.79 48.42 75.51
C LEU H 512 -16.35 49.81 75.93
N LEU H 513 -16.43 50.79 75.02
CA LEU H 513 -16.31 52.18 75.43
C LEU H 513 -17.48 52.57 76.32
N SER H 514 -18.70 52.14 75.96
CA SER H 514 -19.86 52.39 76.82
C SER H 514 -19.80 51.60 78.12
N ALA H 515 -18.95 50.58 78.19
CA ALA H 515 -18.83 49.75 79.38
C ALA H 515 -18.01 50.46 80.47
N GLN I 26 20.25 9.58 33.60
CA GLN I 26 19.67 10.88 33.97
C GLN I 26 18.36 10.69 34.75
N ASN I 27 18.22 9.54 35.40
CA ASN I 27 17.08 9.23 36.25
C ASN I 27 16.79 10.40 37.18
N ILE I 28 15.64 11.05 37.01
CA ILE I 28 15.23 12.19 37.83
C ILE I 28 13.99 11.75 38.59
N THR I 29 13.93 12.10 39.87
CA THR I 29 12.87 11.64 40.75
C THR I 29 11.92 12.80 41.08
N GLU I 30 10.62 12.53 40.98
CA GLU I 30 9.59 13.51 41.30
C GLU I 30 8.81 13.00 42.50
N GLU I 31 8.49 13.92 43.40
CA GLU I 31 7.73 13.60 44.59
C GLU I 31 6.51 14.52 44.65
N PHE I 32 5.33 13.93 44.85
CA PHE I 32 4.11 14.70 45.03
C PHE I 32 3.65 14.56 46.47
N TYR I 33 3.30 15.68 47.07
CA TYR I 33 2.82 15.75 48.44
C TYR I 33 1.34 16.08 48.40
N GLN I 34 0.51 15.08 48.71
CA GLN I 34 -0.94 15.28 48.73
C GLN I 34 -1.33 16.27 49.81
N SER I 35 -0.54 16.35 50.88
CA SER I 35 -0.87 17.24 51.98
C SER I 35 -0.87 18.69 51.54
N THR I 36 0.11 19.08 50.72
CA THR I 36 0.27 20.47 50.34
C THR I 36 0.05 20.71 48.86
N CYS I 37 -0.30 19.68 48.08
CA CYS I 37 -0.53 19.83 46.65
C CYS I 37 0.65 20.51 45.96
N SER I 38 1.79 19.82 45.98
CA SER I 38 3.02 20.33 45.40
C SER I 38 3.83 19.16 44.86
N ALA I 39 4.83 19.48 44.03
CA ALA I 39 5.65 18.48 43.39
C ALA I 39 7.09 18.94 43.35
N VAL I 40 8.02 18.03 43.61
CA VAL I 40 9.45 18.33 43.65
C VAL I 40 10.15 17.38 42.68
N SER I 41 10.85 17.95 41.70
CA SER I 41 11.58 17.19 40.70
C SER I 41 13.07 17.23 41.02
N ARG I 42 13.62 16.11 41.48
CA ARG I 42 15.01 16.04 41.90
C ARG I 42 15.88 15.37 40.84
N GLY I 43 17.19 15.60 40.94
CA GLY I 43 18.16 15.01 40.05
C GLY I 43 18.77 16.01 39.09
N TYR I 44 18.21 17.21 39.02
CA TYR I 44 18.77 18.23 38.14
C TYR I 44 20.07 18.78 38.73
N PHE I 45 20.90 19.33 37.84
CA PHE I 45 22.18 19.91 38.19
C PHE I 45 22.19 21.41 37.86
N SER I 46 23.12 22.13 38.45
CA SER I 46 23.14 23.58 38.35
C SER I 46 24.04 24.08 37.24
N ALA I 47 23.73 25.27 36.76
CA ALA I 47 24.62 26.05 35.92
C ALA I 47 24.19 27.51 36.05
N LEU I 48 24.63 28.17 37.12
CA LEU I 48 24.16 29.51 37.47
C LEU I 48 25.09 30.58 36.90
N ARG I 49 24.50 31.59 36.27
CA ARG I 49 25.30 32.69 35.75
C ARG I 49 25.63 33.61 36.91
N THR I 50 26.84 33.50 37.43
CA THR I 50 27.21 34.30 38.58
C THR I 50 27.92 35.58 38.22
N GLY I 51 28.54 35.64 37.03
CA GLY I 51 29.31 36.80 36.63
C GLY I 51 29.25 37.08 35.16
N TRP I 52 30.04 38.04 34.71
CA TRP I 52 30.10 38.45 33.32
C TRP I 52 31.55 38.48 32.86
N TYR I 53 31.79 38.04 31.62
CA TYR I 53 33.06 38.23 30.96
C TYR I 53 32.89 39.22 29.80
N THR I 54 33.83 40.14 29.68
CA THR I 54 33.76 41.19 28.68
C THR I 54 34.86 41.00 27.65
N SER I 55 34.49 40.98 26.37
CA SER I 55 35.44 40.90 25.28
C SER I 55 35.06 41.92 24.22
N VAL I 56 36.08 42.46 23.55
CA VAL I 56 35.89 43.49 22.53
C VAL I 56 36.10 42.83 21.17
N ILE I 57 35.05 42.84 20.34
CA ILE I 57 35.08 42.29 19.00
C ILE I 57 35.21 43.43 18.01
N THR I 58 36.19 43.33 17.11
CA THR I 58 36.53 44.40 16.19
C THR I 58 36.48 43.91 14.74
N ILE I 59 36.15 44.83 13.84
CA ILE I 59 36.25 44.62 12.40
C ILE I 59 36.98 45.81 11.78
N GLU I 60 37.95 45.54 10.90
CA GLU I 60 38.71 46.61 10.26
C GLU I 60 37.93 47.13 9.05
N LEU I 61 37.68 48.43 9.04
CA LEU I 61 36.94 49.10 7.98
C LEU I 61 37.80 50.14 7.27
N SER I 62 37.35 50.52 6.07
CA SER I 62 37.94 51.63 5.33
C SER I 62 36.80 52.56 4.92
N ASN I 63 36.93 53.83 5.29
CA ASN I 63 35.88 54.81 5.02
C ASN I 63 36.02 55.40 3.63
N ILE I 64 34.94 55.32 2.85
CA ILE I 64 34.88 55.83 1.48
C ILE I 64 34.51 57.31 1.47
N LYS I 65 35.36 58.11 0.81
CA LYS I 65 35.10 59.55 0.68
C LYS I 65 33.85 59.84 -0.14
N GLU I 66 33.77 59.27 -1.34
CA GLU I 66 32.64 59.48 -2.24
C GLU I 66 32.55 58.33 -3.22
N THR I 67 31.32 57.92 -3.53
CA THR I 67 31.07 56.91 -4.56
C THR I 67 30.62 57.60 -5.84
N LYS I 68 31.57 58.30 -6.45
CA LYS I 68 31.27 59.19 -7.58
C LYS I 68 31.59 58.51 -8.92
N CYS I 69 30.76 57.53 -9.28
CA CYS I 69 30.92 56.81 -10.54
C CYS I 69 30.31 57.57 -11.74
N ASN I 70 31.00 57.47 -12.87
CA ASN I 70 30.59 58.12 -14.10
C ASN I 70 29.59 57.27 -14.87
N GLY I 71 28.56 57.95 -15.41
CA GLY I 71 27.52 57.33 -16.23
C GLY I 71 26.72 56.17 -15.64
N THR I 72 25.63 55.84 -16.31
CA THR I 72 24.72 54.78 -15.87
C THR I 72 24.74 53.63 -16.87
N ASP I 73 25.09 52.45 -16.39
CA ASP I 73 25.06 51.21 -17.14
C ASP I 73 24.40 50.20 -16.21
N THR I 74 23.90 49.10 -16.76
CA THR I 74 23.25 48.11 -15.90
C THR I 74 24.22 47.52 -14.87
N LYS I 75 25.50 47.38 -15.24
CA LYS I 75 26.51 46.87 -14.31
C LYS I 75 26.95 47.92 -13.28
N VAL I 76 27.22 49.14 -13.73
CA VAL I 76 27.65 50.20 -12.81
C VAL I 76 26.56 50.45 -11.79
N LYS I 77 25.30 50.35 -12.23
CA LYS I 77 24.15 50.53 -11.37
C LYS I 77 24.13 49.50 -10.25
N LEU I 78 24.75 48.35 -10.48
CA LEU I 78 24.77 47.28 -9.48
C LEU I 78 25.82 47.54 -8.40
N ILE I 79 27.05 47.85 -8.80
CA ILE I 79 28.11 48.12 -7.83
C ILE I 79 27.87 49.44 -7.10
N LYS I 80 27.30 50.44 -7.80
CA LYS I 80 27.12 51.74 -7.19
C LYS I 80 26.18 51.68 -5.99
N GLN I 81 25.04 51.00 -6.14
CA GLN I 81 24.17 50.82 -4.98
C GLN I 81 24.80 49.93 -3.93
N GLU I 82 25.57 48.92 -4.34
CA GLU I 82 26.24 48.07 -3.37
C GLU I 82 27.27 48.85 -2.58
N LEU I 83 28.02 49.72 -3.24
CA LEU I 83 28.93 50.59 -2.51
C LEU I 83 28.16 51.49 -1.57
N ASP I 84 27.00 51.96 -2.03
CA ASP I 84 26.17 52.84 -1.22
C ASP I 84 25.62 52.12 0.01
N LYS I 85 25.28 50.83 -0.12
CA LYS I 85 24.79 50.08 1.05
C LYS I 85 25.88 49.91 2.11
N TYR I 86 27.12 49.68 1.68
CA TYR I 86 28.23 49.64 2.62
C TYR I 86 28.48 51.02 3.22
N LYS I 87 28.56 52.03 2.37
CA LYS I 87 28.82 53.40 2.82
C LYS I 87 27.71 53.90 3.74
N ASN I 88 26.48 53.40 3.57
CA ASN I 88 25.37 53.78 4.43
C ASN I 88 25.45 53.09 5.78
N ALA I 89 25.89 51.84 5.79
CA ALA I 89 26.07 51.11 7.04
C ALA I 89 27.04 51.82 7.97
N VAL I 90 28.14 52.33 7.42
CA VAL I 90 29.09 53.09 8.23
C VAL I 90 28.41 54.31 8.84
N THR I 91 27.66 55.07 8.04
CA THR I 91 26.98 56.24 8.57
C THR I 91 25.93 55.84 9.61
N GLU I 92 25.20 54.75 9.39
CA GLU I 92 24.21 54.31 10.38
C GLU I 92 24.86 54.03 11.72
N LEU I 93 25.99 53.33 11.73
CA LEU I 93 26.64 53.04 13.00
C LEU I 93 27.24 54.30 13.61
N GLN I 94 27.79 55.19 12.79
CA GLN I 94 28.27 56.47 13.29
C GLN I 94 27.14 57.26 13.93
N LEU I 95 25.93 57.12 13.38
CA LEU I 95 24.76 57.74 13.99
C LEU I 95 24.49 57.17 15.38
N LEU I 96 24.72 55.86 15.56
CA LEU I 96 24.41 55.21 16.83
C LEU I 96 25.34 55.64 17.96
N THR I 97 26.54 56.10 17.66
CA THR I 97 27.50 56.43 18.71
C THR I 97 27.37 57.90 19.13
N PHE I 137 4.60 32.58 41.51
CA PHE I 137 4.43 33.80 42.30
C PHE I 137 5.78 34.38 42.72
N LEU I 138 5.73 35.27 43.71
CA LEU I 138 6.91 36.00 44.17
C LEU I 138 7.48 36.77 42.96
N GLY I 139 8.79 37.01 42.97
CA GLY I 139 9.44 37.69 41.87
C GLY I 139 9.56 39.18 42.16
N PHE I 140 8.52 39.75 42.78
CA PHE I 140 8.56 41.15 43.14
C PHE I 140 9.62 41.43 44.20
N LEU I 141 10.10 40.39 44.87
CA LEU I 141 11.09 40.51 45.93
C LEU I 141 12.52 40.50 45.42
N LEU I 142 12.73 40.32 44.12
CA LEU I 142 14.08 40.05 43.60
C LEU I 142 14.99 41.26 43.68
N GLY I 143 14.47 42.44 43.41
CA GLY I 143 15.39 43.56 43.33
C GLY I 143 15.98 43.70 41.95
N VAL I 144 16.28 44.94 41.57
CA VAL I 144 16.66 45.22 40.20
C VAL I 144 18.16 45.17 40.05
N GLY I 145 18.60 44.67 38.90
CA GLY I 145 19.99 44.70 38.51
C GLY I 145 20.15 45.45 37.20
N SER I 146 21.41 45.61 36.81
CA SER I 146 21.76 46.24 35.54
C SER I 146 22.52 45.20 34.74
N ALA I 147 21.83 44.59 33.76
CA ALA I 147 22.39 43.42 33.09
C ALA I 147 23.65 43.77 32.31
N ILE I 148 23.68 44.95 31.69
CA ILE I 148 24.78 45.33 30.81
C ILE I 148 25.62 46.45 31.41
N ALA I 149 25.57 46.65 32.72
CA ALA I 149 26.43 47.65 33.34
C ALA I 149 27.90 47.32 33.08
N SER I 150 28.23 46.03 33.06
CA SER I 150 29.60 45.63 32.79
C SER I 150 29.99 45.95 31.36
N GLY I 151 29.14 45.56 30.40
CA GLY I 151 29.45 45.85 29.01
C GLY I 151 29.51 47.33 28.71
N ILE I 152 28.55 48.10 29.23
CA ILE I 152 28.54 49.54 29.02
C ILE I 152 29.80 50.18 29.59
N ALA I 153 30.26 49.69 30.75
CA ALA I 153 31.47 50.23 31.34
C ALA I 153 32.69 50.04 30.43
N VAL I 154 32.82 48.87 29.81
CA VAL I 154 33.95 48.64 28.91
C VAL I 154 33.83 49.56 27.70
N CYS I 155 32.60 49.73 27.19
CA CYS I 155 32.37 50.69 26.12
C CYS I 155 32.90 52.06 26.47
N LYS I 156 32.64 52.49 27.72
CA LYS I 156 33.05 53.80 28.17
C LYS I 156 34.56 53.96 28.14
N VAL I 157 35.30 52.89 28.42
CA VAL I 157 36.75 52.96 28.40
C VAL I 157 37.26 53.12 26.96
N LEU I 158 36.63 52.43 26.02
CA LEU I 158 37.07 52.54 24.63
C LEU I 158 36.94 53.96 24.09
N HIS I 159 36.05 54.78 24.67
CA HIS I 159 35.92 56.15 24.22
C HIS I 159 37.04 57.06 24.70
N LEU I 160 37.87 56.63 25.64
CA LEU I 160 38.96 57.49 26.09
C LEU I 160 39.96 57.69 24.97
N GLU I 161 40.56 58.88 24.95
CA GLU I 161 41.41 59.26 23.82
C GLU I 161 42.62 58.34 23.68
N GLY I 162 42.90 57.97 22.43
CA GLY I 162 44.02 57.10 22.08
C GLY I 162 43.85 55.67 22.52
N GLU I 163 42.66 55.28 22.95
CA GLU I 163 42.46 53.91 23.40
C GLU I 163 42.16 52.98 22.23
N VAL I 164 41.35 53.44 21.27
CA VAL I 164 41.08 52.64 20.07
C VAL I 164 42.36 52.37 19.30
N ASN I 165 43.23 53.37 19.20
CA ASN I 165 44.49 53.20 18.48
C ASN I 165 45.34 52.11 19.10
N LYS I 166 45.37 52.06 20.44
CA LYS I 166 46.07 51.01 21.16
C LYS I 166 45.52 49.63 20.80
N ILE I 167 44.19 49.51 20.70
CA ILE I 167 43.59 48.22 20.34
C ILE I 167 44.00 47.83 18.93
N LYS I 168 43.86 48.77 17.98
CA LYS I 168 44.14 48.48 16.58
C LYS I 168 45.58 48.01 16.39
N ASN I 169 46.53 48.68 17.03
CA ASN I 169 47.92 48.32 16.84
C ASN I 169 48.22 46.93 17.40
N ALA I 170 47.49 46.51 18.42
CA ALA I 170 47.72 45.18 18.99
C ALA I 170 47.18 44.10 18.06
N LEU I 171 46.09 44.38 17.35
CA LEU I 171 45.51 43.46 16.39
C LEU I 171 46.05 43.69 14.98
N LEU I 172 47.18 44.38 14.83
CA LEU I 172 47.69 44.64 13.50
C LEU I 172 48.34 43.39 12.90
N SER I 173 49.02 42.61 13.73
CA SER I 173 49.70 41.40 13.26
C SER I 173 48.88 40.13 13.44
N THR I 174 48.04 40.07 14.47
CA THR I 174 47.24 38.88 14.76
C THR I 174 45.77 39.26 14.94
N ASN I 175 44.93 38.23 15.03
CA ASN I 175 43.50 38.38 15.24
C ASN I 175 43.09 38.13 16.70
N LYS I 176 44.08 37.97 17.59
CA LYS I 176 43.83 37.72 19.01
C LYS I 176 44.90 38.47 19.77
N ALA I 177 44.49 39.37 20.66
CA ALA I 177 45.45 40.12 21.43
C ALA I 177 44.83 40.50 22.75
N VAL I 178 45.69 40.62 23.76
CA VAL I 178 45.31 41.14 25.06
C VAL I 178 45.86 42.56 25.15
N VAL I 179 44.96 43.53 25.32
CA VAL I 179 45.35 44.94 25.36
C VAL I 179 45.16 45.44 26.78
N SER I 180 46.12 46.23 27.24
CA SER I 180 46.03 46.88 28.54
C SER I 180 45.33 48.21 28.32
N LEU I 181 44.15 48.36 28.87
CA LEU I 181 43.45 49.62 28.76
C LEU I 181 44.09 50.60 29.74
N SER I 182 43.83 51.90 29.52
CA SER I 182 44.47 52.93 30.33
C SER I 182 44.13 52.77 31.82
N ASN I 183 42.98 52.17 32.12
CA ASN I 183 42.58 52.03 33.52
C ASN I 183 43.45 51.01 34.24
N GLY I 184 43.49 49.77 33.75
CA GLY I 184 44.28 48.73 34.39
C GLY I 184 43.80 47.35 33.99
N VAL I 185 42.81 47.32 33.09
CA VAL I 185 42.03 46.12 32.81
C VAL I 185 42.52 45.48 31.52
N SER I 186 42.69 44.16 31.54
CA SER I 186 43.06 43.38 30.37
C SER I 186 41.79 42.81 29.74
N VAL I 187 41.60 43.07 28.45
CA VAL I 187 40.41 42.66 27.73
C VAL I 187 40.85 41.91 26.49
N LEU I 188 40.14 40.83 26.18
CA LEU I 188 40.40 40.11 24.94
C LEU I 188 39.84 40.89 23.75
N THR I 189 40.67 41.08 22.73
CA THR I 189 40.26 41.77 21.51
C THR I 189 40.48 40.85 20.32
N PHE I 190 39.61 41.00 19.31
CA PHE I 190 39.43 39.99 18.28
C PHE I 190 39.18 40.70 16.97
N LYS I 191 40.05 40.53 15.97
CA LYS I 191 39.78 41.01 14.63
C LYS I 191 39.17 39.89 13.81
N VAL I 192 37.87 40.00 13.51
CA VAL I 192 37.16 38.95 12.78
C VAL I 192 37.16 39.20 11.27
N LEU I 193 36.70 40.37 10.85
CA LEU I 193 36.66 40.75 9.43
C LEU I 193 37.70 41.82 9.12
N ASP I 194 38.46 41.62 8.04
CA ASP I 194 39.36 42.64 7.50
C ASP I 194 38.78 43.08 6.16
N LEU I 195 37.87 44.06 6.22
CA LEU I 195 37.28 44.61 5.01
C LEU I 195 38.14 45.70 4.38
N LYS I 196 39.00 46.35 5.16
CA LYS I 196 39.85 47.41 4.61
C LYS I 196 40.69 46.90 3.44
N SER I 197 41.54 45.89 3.69
CA SER I 197 42.48 45.46 2.67
C SER I 197 41.79 44.89 1.45
N TYR I 198 40.55 44.38 1.60
CA TYR I 198 39.79 43.98 0.43
C TYR I 198 39.32 45.20 -0.36
N ILE I 199 38.71 46.16 0.32
CA ILE I 199 38.16 47.33 -0.35
C ILE I 199 39.27 48.20 -0.96
N ASN I 200 40.37 48.37 -0.23
CA ASN I 200 41.40 49.30 -0.68
C ASN I 200 42.28 48.71 -1.78
N ASN I 201 42.58 47.42 -1.72
CA ASN I 201 43.61 46.86 -2.57
C ASN I 201 43.10 45.85 -3.60
N GLN I 202 41.83 45.48 -3.56
CA GLN I 202 41.26 44.56 -4.54
C GLN I 202 40.08 45.12 -5.30
N LEU I 203 39.20 45.90 -4.65
CA LEU I 203 37.99 46.36 -5.29
C LEU I 203 38.19 47.73 -5.93
N LEU I 204 38.55 48.71 -5.12
CA LEU I 204 38.73 50.07 -5.62
C LEU I 204 39.69 50.20 -6.78
N PRO I 205 40.82 49.51 -6.84
CA PRO I 205 41.64 49.57 -8.06
C PRO I 205 40.96 49.03 -9.29
N ILE I 206 40.28 47.88 -9.19
CA ILE I 206 39.59 47.29 -10.34
C ILE I 206 38.54 48.24 -10.87
N LEU I 207 37.75 48.80 -9.96
CA LEU I 207 36.66 49.68 -10.37
C LEU I 207 37.19 50.98 -10.97
N ASN I 208 38.21 51.56 -10.34
CA ASN I 208 38.63 52.91 -10.69
C ASN I 208 39.18 53.00 -12.11
N GLN I 209 39.97 52.00 -12.52
CA GLN I 209 40.66 52.14 -13.81
C GLN I 209 39.73 52.06 -15.00
N GLN I 210 38.71 51.21 -14.94
CA GLN I 210 37.89 50.95 -16.12
C GLN I 210 36.58 51.74 -16.10
N SER I 211 36.60 52.91 -15.47
CA SER I 211 35.48 53.85 -15.42
C SER I 211 34.20 53.22 -14.91
N CYS I 212 34.31 52.46 -13.82
CA CYS I 212 33.21 51.90 -13.05
C CYS I 212 32.50 50.77 -13.78
N ARG I 213 32.95 50.41 -14.98
CA ARG I 213 32.39 49.29 -15.71
C ARG I 213 33.04 48.01 -15.21
N ILE I 214 32.22 47.12 -14.63
CA ILE I 214 32.76 45.93 -13.99
C ILE I 214 33.15 44.90 -15.04
N SER I 215 34.46 44.60 -15.10
CA SER I 215 35.01 43.65 -16.06
C SER I 215 34.12 42.41 -16.11
N ASN I 216 34.19 41.57 -15.08
CA ASN I 216 33.39 40.36 -15.01
C ASN I 216 32.37 40.53 -13.89
N ILE I 217 31.20 39.93 -14.09
CA ILE I 217 30.11 40.03 -13.13
C ILE I 217 30.48 39.47 -11.76
N GLU I 218 31.53 38.65 -11.69
CA GLU I 218 31.87 37.97 -10.45
C GLU I 218 32.22 38.94 -9.33
N THR I 219 32.80 40.10 -9.66
CA THR I 219 33.30 41.01 -8.63
C THR I 219 32.19 41.49 -7.71
N VAL I 220 31.02 41.80 -8.26
CA VAL I 220 29.95 42.27 -7.40
C VAL I 220 29.51 41.15 -6.46
N ILE I 221 29.52 39.90 -6.92
CA ILE I 221 29.11 38.79 -6.08
C ILE I 221 30.10 38.61 -4.93
N GLU I 222 31.39 38.65 -5.23
CA GLU I 222 32.39 38.55 -4.18
C GLU I 222 32.26 39.71 -3.20
N PHE I 223 32.05 40.92 -3.73
CA PHE I 223 31.85 42.08 -2.86
C PHE I 223 30.58 41.93 -2.04
N GLN I 224 29.50 41.49 -2.69
CA GLN I 224 28.22 41.35 -2.00
C GLN I 224 28.28 40.31 -0.89
N GLN I 225 29.02 39.22 -1.10
CA GLN I 225 29.18 38.21 -0.05
C GLN I 225 30.10 38.70 1.05
N LYS I 226 31.22 39.34 0.68
CA LYS I 226 32.14 39.88 1.67
C LYS I 226 31.47 40.94 2.53
N ASN I 227 30.53 41.67 1.93
CA ASN I 227 29.79 42.76 2.57
C ASN I 227 28.61 42.28 3.40
N SER I 228 28.20 41.02 3.25
CA SER I 228 26.94 40.57 3.86
C SER I 228 26.98 40.63 5.38
N ARG I 229 28.06 40.12 5.99
CA ARG I 229 28.09 40.01 7.45
C ARG I 229 28.01 41.38 8.12
N LEU I 230 28.62 42.40 7.52
CA LEU I 230 28.54 43.74 8.08
C LEU I 230 27.10 44.24 8.10
N LEU I 231 26.37 43.99 7.03
CA LEU I 231 25.00 44.48 6.94
C LEU I 231 24.09 43.81 7.97
N GLU I 232 24.33 42.53 8.27
CA GLU I 232 23.49 41.85 9.26
C GLU I 232 23.77 42.37 10.66
N ILE I 233 25.04 42.57 11.00
CA ILE I 233 25.38 43.14 12.30
C ILE I 233 24.79 44.54 12.43
N THR I 234 24.94 45.34 11.38
CA THR I 234 24.41 46.70 11.39
C THR I 234 22.90 46.71 11.57
N ARG I 235 22.18 45.88 10.80
CA ARG I 235 20.73 45.87 10.88
C ARG I 235 20.26 45.42 12.26
N GLU I 236 20.93 44.42 12.84
CA GLU I 236 20.57 43.99 14.20
C GLU I 236 20.72 45.15 15.17
N PHE I 237 21.85 45.86 15.10
CA PHE I 237 22.02 47.04 15.93
C PHE I 237 21.01 48.13 15.58
N SER I 238 20.65 48.25 14.31
CA SER I 238 19.74 49.31 13.86
C SER I 238 18.30 49.08 14.30
N VAL I 239 17.95 47.87 14.69
CA VAL I 239 16.59 47.56 15.10
C VAL I 239 16.48 47.29 16.60
N ASN I 240 17.59 47.19 17.31
CA ASN I 240 17.57 46.85 18.73
C ASN I 240 18.29 47.88 19.59
N ALA I 241 18.51 49.09 19.07
CA ALA I 241 19.15 50.19 19.81
C ALA I 241 20.55 49.82 20.31
N GLY I 242 21.34 49.20 19.44
CA GLY I 242 22.72 48.91 19.75
C GLY I 242 22.94 47.77 20.71
N VAL I 243 21.89 47.08 21.15
CA VAL I 243 21.99 45.99 22.11
C VAL I 243 21.18 44.81 21.59
N THR I 244 21.85 43.71 21.28
CA THR I 244 21.17 42.52 20.78
C THR I 244 21.21 41.44 21.85
N THR I 245 20.12 40.68 21.94
CA THR I 245 20.06 39.47 22.75
C THR I 245 18.93 38.61 22.22
N PRO I 246 19.14 37.30 22.07
CA PRO I 246 20.41 36.59 22.26
C PRO I 246 21.51 36.92 21.25
N LEU I 247 22.71 36.37 21.49
CA LEU I 247 23.88 36.61 20.65
C LEU I 247 23.76 35.86 19.33
N SER I 248 23.62 36.59 18.23
CA SER I 248 23.39 35.97 16.93
C SER I 248 24.67 35.32 16.42
N THR I 249 24.51 34.52 15.35
CA THR I 249 25.66 33.93 14.68
C THR I 249 26.38 34.94 13.79
N TYR I 250 25.72 36.05 13.42
CA TYR I 250 26.42 37.11 12.71
C TYR I 250 27.31 37.89 13.67
N MET I 251 26.89 37.98 14.93
CA MET I 251 27.73 38.62 15.93
C MET I 251 29.01 37.84 16.15
N LEU I 252 28.89 36.52 16.35
CA LEU I 252 30.02 35.65 16.69
C LEU I 252 29.66 34.24 16.24
N THR I 253 30.35 33.73 15.22
CA THR I 253 30.09 32.36 14.79
C THR I 253 30.49 31.39 15.91
N ASN I 254 30.01 30.16 15.81
CA ASN I 254 30.33 29.17 16.84
C ASN I 254 31.84 28.99 16.96
N SER I 255 32.57 29.01 15.83
CA SER I 255 34.01 28.87 15.88
C SER I 255 34.66 29.99 16.67
N GLU I 256 34.22 31.24 16.43
CA GLU I 256 34.78 32.37 17.17
C GLU I 256 34.40 32.31 18.64
N LEU I 257 33.15 31.92 18.93
CA LEU I 257 32.71 31.85 20.32
C LEU I 257 33.45 30.75 21.07
N LEU I 258 33.56 29.57 20.45
CA LEU I 258 34.29 28.47 21.08
C LEU I 258 35.71 28.86 21.43
N SER I 259 36.36 29.64 20.57
CA SER I 259 37.71 30.08 20.88
C SER I 259 37.71 31.11 22.00
N LEU I 260 36.72 32.01 22.00
CA LEU I 260 36.62 32.98 23.09
C LEU I 260 36.26 32.32 24.40
N ILE I 261 35.40 31.29 24.36
CA ILE I 261 35.09 30.52 25.57
C ILE I 261 36.36 29.87 26.11
N ASN I 262 37.17 29.32 25.22
CA ASN I 262 38.37 28.60 25.62
C ASN I 262 39.38 29.53 26.29
N ASP I 263 39.34 30.83 25.98
CA ASP I 263 40.30 31.79 26.52
C ASP I 263 39.78 32.52 27.75
N MET I 264 38.59 32.17 28.25
CA MET I 264 38.05 32.87 29.40
C MET I 264 38.70 32.39 30.71
N PRO I 265 38.87 33.30 31.68
CA PRO I 265 39.48 32.93 32.97
C PRO I 265 38.52 32.14 33.84
N ILE I 266 38.28 30.88 33.43
CA ILE I 266 37.35 29.99 34.11
C ILE I 266 37.97 28.61 34.18
N THR I 267 37.31 27.73 34.93
CA THR I 267 37.76 26.35 35.04
C THR I 267 37.60 25.64 33.69
N ASN I 268 38.40 24.59 33.51
CA ASN I 268 38.24 23.79 32.31
C ASN I 268 36.89 23.11 32.28
N ASP I 269 36.34 22.80 33.45
CA ASP I 269 34.97 22.31 33.53
C ASP I 269 33.97 23.35 33.03
N GLN I 270 34.22 24.62 33.34
CA GLN I 270 33.32 25.68 32.85
C GLN I 270 33.44 25.81 31.34
N LYS I 271 34.67 25.74 30.83
CA LYS I 271 34.90 25.78 29.39
C LYS I 271 34.16 24.64 28.70
N LYS I 272 34.30 23.43 29.25
CA LYS I 272 33.66 22.24 28.68
C LYS I 272 32.15 22.36 28.70
N LEU I 273 31.59 22.86 29.80
CA LEU I 273 30.15 23.07 29.89
C LEU I 273 29.66 24.06 28.83
N MET I 274 30.32 25.22 28.74
CA MET I 274 29.88 26.24 27.79
C MET I 274 30.10 25.79 26.35
N SER I 275 31.21 25.09 26.08
CA SER I 275 31.46 24.66 24.72
C SER I 275 30.47 23.59 24.27
N SER I 276 29.97 22.78 25.21
CA SER I 276 29.01 21.74 24.89
C SER I 276 27.59 22.27 24.76
N ASN I 277 27.33 23.48 25.26
CA ASN I 277 26.00 24.08 25.26
C ASN I 277 26.06 25.49 24.72
N VAL I 278 26.75 25.64 23.59
CA VAL I 278 26.93 26.93 22.93
C VAL I 278 25.58 27.58 22.69
N GLN I 279 24.53 26.76 22.62
CA GLN I 279 23.21 27.30 22.33
C GLN I 279 22.66 28.11 23.49
N ILE I 280 22.80 27.60 24.72
CA ILE I 280 22.30 28.35 25.88
C ILE I 280 23.15 29.58 26.14
N VAL I 281 24.48 29.43 25.99
CA VAL I 281 25.39 30.55 26.15
C VAL I 281 24.94 31.73 25.31
N ARG I 282 24.58 31.46 24.06
CA ARG I 282 24.11 32.51 23.18
C ARG I 282 22.91 33.25 23.77
N GLN I 283 21.99 32.53 24.39
CA GLN I 283 20.76 33.17 24.86
C GLN I 283 20.95 34.03 26.10
N GLN I 284 22.01 33.80 26.88
CA GLN I 284 22.27 34.63 28.04
C GLN I 284 23.39 35.64 27.80
N SER I 285 23.72 35.90 26.54
CA SER I 285 24.79 36.82 26.18
C SER I 285 24.23 38.09 25.57
N TYR I 286 25.06 39.13 25.57
CA TYR I 286 24.70 40.40 24.97
C TYR I 286 25.78 40.86 23.99
N SER I 287 25.35 41.64 23.01
CA SER I 287 26.24 42.37 22.10
C SER I 287 25.92 43.84 22.19
N ILE I 288 26.91 44.64 22.59
CA ILE I 288 26.73 46.08 22.74
C ILE I 288 27.69 46.77 21.79
N MET I 289 27.13 47.52 20.84
CA MET I 289 27.92 48.34 19.94
C MET I 289 28.53 49.49 20.76
N CYS I 290 29.79 49.82 20.47
CA CYS I 290 30.52 50.79 21.29
C CYS I 290 30.99 52.00 20.51
N ILE I 291 31.76 51.79 19.44
CA ILE I 291 32.43 52.90 18.78
C ILE I 291 32.72 52.48 17.36
N ILE I 292 32.56 53.42 16.43
CA ILE I 292 33.02 53.26 15.06
C ILE I 292 33.81 54.53 14.78
N LYS I 293 35.13 54.44 14.97
CA LYS I 293 36.03 55.57 14.89
C LYS I 293 37.36 55.08 14.35
N GLU I 294 38.13 56.01 13.81
CA GLU I 294 39.40 55.70 13.13
C GLU I 294 39.04 54.82 11.94
N GLU I 295 39.63 53.64 11.79
CA GLU I 295 39.29 52.72 10.72
C GLU I 295 38.88 51.37 11.27
N VAL I 296 38.37 51.36 12.50
CA VAL I 296 37.95 50.14 13.15
C VAL I 296 36.66 50.40 13.91
N LEU I 297 35.67 49.54 13.73
CA LEU I 297 34.48 49.53 14.55
C LEU I 297 34.56 48.33 15.48
N ALA I 298 34.22 48.54 16.74
CA ALA I 298 34.33 47.52 17.75
C ALA I 298 33.07 47.51 18.61
N TYR I 299 32.62 46.30 18.95
CA TYR I 299 31.52 46.11 19.88
C TYR I 299 31.96 45.14 20.97
N VAL I 300 31.37 45.30 22.15
CA VAL I 300 31.70 44.50 23.31
C VAL I 300 30.72 43.36 23.43
N VAL I 301 31.23 42.14 23.52
CA VAL I 301 30.44 40.94 23.77
C VAL I 301 30.54 40.61 25.25
N GLN I 302 29.39 40.46 25.89
CA GLN I 302 29.30 40.19 27.32
C GLN I 302 28.82 38.75 27.49
N LEU I 303 29.72 37.88 27.82
CA LEU I 303 29.42 36.48 27.98
C LEU I 303 29.19 36.14 29.44
N PRO I 304 28.38 35.14 29.73
CA PRO I 304 28.21 34.71 31.12
C PRO I 304 29.42 33.91 31.61
N ILE I 305 29.65 33.97 32.92
CA ILE I 305 30.65 33.14 33.59
C ILE I 305 29.93 32.40 34.71
N TYR I 306 30.04 31.09 34.70
CA TYR I 306 29.26 30.22 35.59
C TYR I 306 30.13 29.83 36.77
N GLY I 307 30.00 30.59 37.87
CA GLY I 307 30.81 30.30 39.04
C GLY I 307 30.29 29.17 39.90
N VAL I 308 29.02 28.82 39.74
CA VAL I 308 28.40 27.74 40.50
C VAL I 308 27.92 26.73 39.48
N ILE I 309 28.53 25.56 39.46
CA ILE I 309 28.24 24.53 38.48
C ILE I 309 28.05 23.21 39.20
N ASP I 310 27.10 22.42 38.71
CA ASP I 310 26.94 21.02 39.09
C ASP I 310 26.50 20.86 40.54
N THR I 311 25.77 21.83 41.08
CA THR I 311 25.15 21.60 42.38
C THR I 311 23.74 21.07 42.19
N PRO I 312 23.21 20.34 43.18
CA PRO I 312 21.85 19.80 43.05
C PRO I 312 20.80 20.90 42.90
N CYS I 313 19.83 20.66 42.01
CA CYS I 313 18.75 21.61 41.74
C CYS I 313 17.45 20.85 41.57
N TRP I 314 16.38 21.45 42.07
CA TRP I 314 15.06 20.82 42.02
C TRP I 314 14.02 21.91 41.78
N LYS I 315 12.89 21.50 41.20
CA LYS I 315 11.80 22.41 40.88
C LYS I 315 10.60 22.10 41.75
N LEU I 316 9.96 23.13 42.28
CA LEU I 316 8.76 22.99 43.09
C LEU I 316 7.59 23.49 42.27
N HIS I 317 6.65 22.60 41.97
CA HIS I 317 5.41 22.96 41.31
C HIS I 317 4.29 22.96 42.34
N THR I 318 3.42 23.97 42.25
CA THR I 318 2.32 24.12 43.18
C THR I 318 1.02 24.37 42.44
N SER I 319 -0.08 24.03 43.11
CA SER I 319 -1.40 24.16 42.54
C SER I 319 -2.36 24.45 43.70
N PRO I 320 -3.43 25.19 43.46
CA PRO I 320 -4.31 25.57 44.58
C PRO I 320 -4.95 24.34 45.22
N LEU I 321 -4.96 24.34 46.54
CA LEU I 321 -5.54 23.25 47.32
C LEU I 321 -6.71 23.82 48.11
N CYS I 322 -7.92 23.43 47.74
CA CYS I 322 -9.14 23.95 48.34
C CYS I 322 -9.97 22.83 48.94
N THR I 323 -10.81 23.20 49.89
CA THR I 323 -11.74 22.25 50.48
C THR I 323 -12.80 21.83 49.46
N THR I 324 -13.33 20.63 49.70
CA THR I 324 -14.38 20.03 48.88
C THR I 324 -15.56 19.77 49.80
N ASN I 325 -16.31 20.81 50.12
CA ASN I 325 -17.51 20.68 50.95
C ASN I 325 -18.75 20.84 50.09
N ILE I 326 -19.88 20.38 50.64
CA ILE I 326 -21.11 20.24 49.87
C ILE I 326 -21.69 21.60 49.46
N LYS I 327 -21.53 22.63 50.29
CA LYS I 327 -22.07 23.95 49.99
C LYS I 327 -21.29 24.62 48.85
N GLU I 328 -22.02 25.25 47.94
CA GLU I 328 -21.40 25.75 46.70
C GLU I 328 -20.37 26.85 46.97
N GLY I 329 -20.71 27.84 47.79
CA GLY I 329 -19.85 29.00 47.90
C GLY I 329 -18.95 29.10 49.13
N SER I 330 -19.09 28.18 50.06
CA SER I 330 -18.38 28.23 51.34
C SER I 330 -17.19 27.26 51.34
N ASN I 331 -16.18 27.60 50.54
CA ASN I 331 -14.93 26.86 50.49
C ASN I 331 -13.75 27.78 50.78
N ILE I 332 -12.66 27.17 51.24
CA ILE I 332 -11.45 27.89 51.63
C ILE I 332 -10.26 27.29 50.88
N CYS I 333 -9.35 28.15 50.42
CA CYS I 333 -8.23 27.74 49.58
C CYS I 333 -6.91 28.18 50.19
N LEU I 334 -5.87 27.48 49.75
CA LEU I 334 -4.51 27.65 50.23
C LEU I 334 -3.59 27.21 49.10
N THR I 335 -2.57 28.00 48.80
CA THR I 335 -1.66 27.66 47.72
C THR I 335 -0.24 28.00 48.11
N ARG I 336 0.67 27.06 47.90
CA ARG I 336 2.08 27.31 48.14
C ARG I 336 2.56 28.37 47.17
N THR I 337 3.15 29.45 47.69
CA THR I 337 3.58 30.55 46.83
C THR I 337 5.06 30.50 46.47
N ASP I 338 5.82 29.55 47.02
CA ASP I 338 7.26 29.45 46.77
C ASP I 338 7.59 28.61 45.53
N ARG I 339 6.79 28.66 44.48
CA ARG I 339 7.08 27.90 43.27
C ARG I 339 8.32 28.45 42.56
N GLY I 340 9.07 27.55 41.94
CA GLY I 340 10.24 27.92 41.18
C GLY I 340 11.37 26.94 41.36
N TRP I 341 12.57 27.36 40.98
CA TRP I 341 13.77 26.53 41.03
C TRP I 341 14.57 26.80 42.30
N TYR I 342 15.17 25.74 42.84
CA TYR I 342 16.01 25.82 44.02
C TYR I 342 17.33 25.11 43.74
N CYS I 343 18.43 25.87 43.78
CA CYS I 343 19.77 25.31 43.66
C CYS I 343 20.61 25.61 44.89
N ASP I 344 21.28 24.59 45.40
CA ASP I 344 22.31 24.77 46.41
C ASP I 344 23.54 25.47 45.85
N ASN I 345 24.13 26.35 46.64
CA ASN I 345 25.39 27.00 46.27
C ASN I 345 25.97 27.62 47.53
N ALA I 346 27.13 27.12 47.97
CA ALA I 346 27.88 27.68 49.10
C ALA I 346 27.06 27.65 50.39
N GLY I 347 26.44 26.50 50.67
CA GLY I 347 25.72 26.28 51.91
C GLY I 347 24.33 26.87 52.00
N SER I 348 23.92 27.69 51.04
CA SER I 348 22.59 28.25 51.01
C SER I 348 21.87 27.74 49.76
N VAL I 349 20.68 28.29 49.49
CA VAL I 349 19.92 27.92 48.30
C VAL I 349 19.55 29.17 47.54
N SER I 350 19.89 29.21 46.25
CA SER I 350 19.45 30.26 45.36
C SER I 350 18.10 29.88 44.78
N PHE I 351 17.10 30.76 44.98
CA PHE I 351 15.71 30.49 44.64
C PHE I 351 15.27 31.37 43.49
N PHE I 352 14.75 30.75 42.42
CA PHE I 352 14.28 31.50 41.25
C PHE I 352 12.77 31.35 41.12
N PRO I 353 11.98 32.36 41.50
CA PRO I 353 10.53 32.18 41.50
C PRO I 353 9.94 32.11 40.11
N GLN I 354 10.39 32.96 39.20
CA GLN I 354 9.80 33.03 37.86
C GLN I 354 10.26 31.86 36.99
N ALA I 355 9.30 31.27 36.26
CA ALA I 355 9.53 30.00 35.59
C ALA I 355 10.42 30.16 34.35
N ASP I 356 10.15 31.16 33.52
CA ASP I 356 10.82 31.27 32.23
C ASP I 356 12.13 32.05 32.30
N THR I 357 12.60 32.37 33.50
CA THR I 357 13.91 32.97 33.64
C THR I 357 15.02 31.94 33.57
N CYS I 358 14.65 30.65 33.61
CA CYS I 358 15.60 29.54 33.56
C CYS I 358 15.32 28.68 32.33
N LYS I 359 16.38 28.15 31.74
CA LYS I 359 16.30 27.23 30.62
C LYS I 359 16.98 25.92 30.99
N VAL I 360 16.31 24.81 30.71
CA VAL I 360 16.74 23.48 31.11
C VAL I 360 17.27 22.76 29.87
N GLN I 361 18.47 22.19 29.98
CA GLN I 361 19.03 21.32 28.95
C GLN I 361 19.49 20.03 29.61
N SER I 362 18.83 18.93 29.25
CA SER I 362 19.05 17.61 29.83
C SER I 362 18.79 17.64 31.34
N ASN I 363 19.85 17.57 32.15
CA ASN I 363 19.70 17.60 33.59
C ASN I 363 20.27 18.85 34.24
N ARG I 364 20.79 19.80 33.46
CA ARG I 364 21.34 21.03 34.00
C ARG I 364 20.33 22.16 33.84
N VAL I 365 20.15 22.93 34.90
CA VAL I 365 19.22 24.05 34.92
C VAL I 365 20.04 25.33 34.85
N PHE I 366 19.91 26.04 33.74
CA PHE I 366 20.67 27.27 33.50
C PHE I 366 19.83 28.45 33.97
N CYS I 367 20.28 29.11 35.04
CA CYS I 367 19.56 30.24 35.59
C CYS I 367 20.51 31.42 35.76
N ASP I 368 19.92 32.60 35.99
CA ASP I 368 20.68 33.82 36.21
C ASP I 368 20.41 34.27 37.63
N THR I 369 21.44 34.29 38.46
CA THR I 369 21.26 34.60 39.88
C THR I 369 20.72 35.99 40.11
N MET I 370 20.91 36.92 39.17
CA MET I 370 20.39 38.27 39.34
C MET I 370 18.87 38.28 39.48
N ASN I 371 18.20 37.26 38.96
CA ASN I 371 16.77 37.09 39.14
C ASN I 371 16.44 36.12 40.27
N SER I 372 17.30 36.04 41.29
CA SER I 372 17.16 35.06 42.36
C SER I 372 17.28 35.71 43.72
N LEU I 373 16.72 35.01 44.72
CA LEU I 373 16.96 35.30 46.13
C LEU I 373 17.77 34.16 46.73
N THR I 374 18.49 34.46 47.80
CA THR I 374 19.31 33.47 48.50
C THR I 374 18.63 33.13 49.82
N LEU I 375 18.24 31.88 49.98
CA LEU I 375 17.47 31.41 51.12
C LEU I 375 18.26 30.44 51.97
N PRO I 376 17.92 30.32 53.24
CA PRO I 376 18.59 29.31 54.09
C PRO I 376 18.28 27.90 53.58
N SER I 377 19.20 26.98 53.89
CA SER I 377 19.05 25.61 53.43
C SER I 377 17.81 24.92 54.01
N GLU I 378 17.29 25.41 55.12
CA GLU I 378 16.13 24.82 55.75
C GLU I 378 14.81 25.04 55.00
N VAL I 379 14.80 25.89 53.96
CA VAL I 379 13.57 26.12 53.21
C VAL I 379 13.02 24.84 52.60
N SER I 380 13.90 23.90 52.26
CA SER I 380 13.45 22.65 51.63
C SER I 380 12.50 21.85 52.52
N LEU I 381 12.51 22.12 53.84
CA LEU I 381 11.62 21.40 54.74
C LEU I 381 10.16 21.72 54.44
N CYS I 382 9.88 22.86 53.80
CA CYS I 382 8.52 23.21 53.43
C CYS I 382 7.87 22.21 52.49
N ASN I 383 8.66 21.42 51.77
CA ASN I 383 8.05 20.43 50.88
C ASN I 383 7.54 19.23 51.66
N THR I 384 8.31 18.74 52.62
CA THR I 384 7.90 17.55 53.36
C THR I 384 7.06 17.89 54.59
N ASP I 385 7.25 19.06 55.19
CA ASP I 385 6.51 19.44 56.39
C ASP I 385 6.25 20.94 56.33
N ILE I 386 5.06 21.31 55.87
CA ILE I 386 4.71 22.72 55.77
C ILE I 386 4.57 23.35 57.14
N PHE I 387 4.36 22.56 58.18
CA PHE I 387 4.20 23.07 59.53
C PHE I 387 5.50 23.07 60.33
N ASN I 388 6.64 22.86 59.68
CA ASN I 388 7.89 22.78 60.43
C ASN I 388 8.15 24.07 61.18
N SER I 389 8.76 23.93 62.36
CA SER I 389 9.01 25.06 63.26
C SER I 389 10.35 25.72 62.99
N LYS I 390 10.98 25.44 61.85
CA LYS I 390 12.30 25.96 61.55
C LYS I 390 12.31 26.96 60.41
N TYR I 391 11.31 26.93 59.53
CA TYR I 391 11.16 27.93 58.49
C TYR I 391 9.67 28.17 58.27
N ASP I 392 9.27 29.44 58.17
CA ASP I 392 7.85 29.77 58.00
C ASP I 392 7.56 29.70 56.50
N CYS I 393 6.92 28.62 56.09
CA CYS I 393 6.72 28.37 54.67
C CYS I 393 5.79 29.41 54.07
N LYS I 394 6.19 29.95 52.92
CA LYS I 394 5.43 31.03 52.31
C LYS I 394 4.25 30.43 51.55
N ILE I 395 3.08 31.06 51.73
CA ILE I 395 1.82 30.54 51.24
C ILE I 395 0.94 31.68 50.78
N MET I 396 0.01 31.35 49.89
CA MET I 396 -1.06 32.25 49.50
C MET I 396 -2.42 31.63 49.83
N THR I 397 -3.39 32.49 50.10
CA THR I 397 -4.73 32.07 50.44
C THR I 397 -5.74 32.75 49.53
N SER I 398 -6.89 32.10 49.36
CA SER I 398 -7.97 32.63 48.56
C SER I 398 -9.26 31.94 48.96
N LYS I 399 -10.37 32.50 48.47
CA LYS I 399 -11.65 31.81 48.48
C LYS I 399 -12.10 31.49 47.05
N THR I 400 -11.17 31.58 46.10
CA THR I 400 -11.45 31.41 44.69
C THR I 400 -11.29 29.95 44.31
N ASP I 401 -12.41 29.21 44.31
CA ASP I 401 -12.37 27.76 44.09
C ASP I 401 -12.48 27.47 42.60
N ILE I 402 -11.36 27.63 41.90
CA ILE I 402 -11.30 27.47 40.45
C ILE I 402 -10.43 26.28 40.10
N SER I 403 -10.91 25.47 39.17
CA SER I 403 -10.18 24.29 38.73
C SER I 403 -9.09 24.64 37.72
N SER I 404 -7.94 23.98 37.87
CA SER I 404 -6.79 24.18 36.99
C SER I 404 -5.84 23.01 37.21
N SER I 405 -4.83 22.91 36.35
CA SER I 405 -3.84 21.85 36.46
C SER I 405 -2.44 22.39 36.21
N VAL I 406 -1.46 21.75 36.85
CA VAL I 406 -0.05 22.13 36.77
C VAL I 406 0.74 20.95 36.23
N ILE I 407 1.38 21.16 35.08
CA ILE I 407 2.22 20.12 34.49
C ILE I 407 3.60 20.15 35.15
N THR I 408 4.01 19.02 35.70
CA THR I 408 5.30 18.89 36.33
C THR I 408 6.29 18.29 35.34
N SER I 409 7.49 17.95 35.82
CA SER I 409 8.48 17.36 34.95
C SER I 409 8.12 15.93 34.58
N LEU I 410 7.54 15.17 35.52
CA LEU I 410 7.23 13.76 35.31
C LEU I 410 5.75 13.45 35.47
N GLY I 411 4.89 14.46 35.46
CA GLY I 411 3.48 14.16 35.60
C GLY I 411 2.61 15.40 35.55
N ALA I 412 1.50 15.38 36.29
CA ALA I 412 0.59 16.50 36.31
C ALA I 412 -0.15 16.52 37.64
N ILE I 413 -0.19 17.68 38.25
CA ILE I 413 -1.03 17.94 39.40
C ILE I 413 -2.34 18.53 38.90
N VAL I 414 -3.45 18.05 39.43
CA VAL I 414 -4.77 18.46 38.98
C VAL I 414 -5.56 18.98 40.17
N SER I 415 -5.95 20.26 40.10
CA SER I 415 -6.82 20.87 41.10
C SER I 415 -8.23 20.85 40.53
N CYS I 416 -9.05 19.90 40.97
CA CYS I 416 -10.40 19.70 40.44
C CYS I 416 -11.42 20.10 41.49
N TYR I 417 -12.24 21.10 41.18
CA TYR I 417 -13.22 21.60 42.11
C TYR I 417 -14.50 21.96 41.36
N GLY I 418 -15.59 22.04 42.12
CA GLY I 418 -16.90 22.37 41.59
C GLY I 418 -17.49 21.23 40.75
N LYS I 419 -18.23 21.61 39.71
CA LYS I 419 -18.83 20.65 38.81
C LYS I 419 -18.02 20.46 37.53
N THR I 420 -16.77 20.92 37.53
CA THR I 420 -15.91 20.78 36.35
C THR I 420 -15.51 19.34 36.16
N LYS I 421 -15.39 18.92 34.90
CA LYS I 421 -14.92 17.59 34.58
C LYS I 421 -13.40 17.60 34.41
N CYS I 422 -12.71 16.76 35.18
CA CYS I 422 -11.26 16.66 35.17
C CYS I 422 -10.88 15.21 34.92
N THR I 423 -10.01 15.00 33.93
CA THR I 423 -9.75 13.66 33.45
C THR I 423 -8.30 13.53 33.02
N ALA I 424 -7.75 12.33 33.24
CA ALA I 424 -6.43 11.97 32.73
C ALA I 424 -6.63 10.89 31.67
N SER I 425 -5.99 11.07 30.52
CA SER I 425 -6.24 10.26 29.34
C SER I 425 -4.93 9.74 28.77
N ASN I 426 -5.02 8.63 28.06
CA ASN I 426 -3.89 8.10 27.30
C ASN I 426 -4.21 8.28 25.82
N LYS I 427 -3.18 8.56 25.02
CA LYS I 427 -3.40 8.79 23.60
C LYS I 427 -3.74 7.50 22.87
N ASN I 428 -3.26 6.36 23.35
CA ASN I 428 -3.47 5.10 22.65
C ASN I 428 -4.74 4.39 23.08
N ARG I 429 -5.36 4.81 24.18
CA ARG I 429 -6.62 4.22 24.63
C ARG I 429 -7.66 5.23 25.07
N GLY I 430 -7.33 6.50 25.19
CA GLY I 430 -8.26 7.49 25.68
C GLY I 430 -8.30 7.65 27.18
N ILE I 431 -9.47 8.05 27.70
CA ILE I 431 -9.60 8.36 29.12
C ILE I 431 -9.41 7.12 29.97
N ILE I 432 -8.56 7.24 30.99
CA ILE I 432 -8.29 6.13 31.90
C ILE I 432 -8.63 6.49 33.35
N LYS I 433 -8.55 7.77 33.70
CA LYS I 433 -8.89 8.19 35.06
C LYS I 433 -9.60 9.53 35.06
N THR I 434 -10.66 9.60 35.86
CA THR I 434 -11.40 10.82 36.13
C THR I 434 -11.08 11.27 37.54
N PHE I 435 -10.59 12.50 37.69
CA PHE I 435 -10.17 12.99 38.99
C PHE I 435 -11.38 13.33 39.83
N SER I 436 -11.36 12.87 41.07
CA SER I 436 -12.32 13.33 42.06
C SER I 436 -11.94 14.74 42.51
N ASN I 437 -12.91 15.43 43.10
CA ASN I 437 -12.68 16.81 43.52
C ASN I 437 -11.62 16.84 44.62
N GLY I 438 -10.69 17.77 44.49
CA GLY I 438 -9.53 17.92 45.35
C GLY I 438 -8.30 18.05 44.49
N CYS I 439 -7.13 18.09 45.13
CA CYS I 439 -5.89 18.18 44.37
C CYS I 439 -5.21 16.82 44.35
N ASP I 440 -4.83 16.36 43.15
CA ASP I 440 -4.29 15.03 42.95
C ASP I 440 -3.12 15.09 41.96
N TYR I 441 -2.54 13.93 41.67
CA TYR I 441 -1.33 13.84 40.87
C TYR I 441 -1.32 12.52 40.10
N VAL I 442 -0.75 12.54 38.90
CA VAL I 442 -0.73 11.39 38.02
C VAL I 442 0.66 11.17 37.45
N SER I 443 1.06 9.91 37.32
CA SER I 443 2.35 9.58 36.73
C SER I 443 2.27 9.65 35.21
N ASN I 444 3.39 10.04 34.60
CA ASN I 444 3.42 10.22 33.15
C ASN I 444 3.68 8.93 32.38
N LYS I 445 3.84 7.79 33.04
CA LYS I 445 4.19 6.57 32.34
C LYS I 445 3.08 6.10 31.41
N GLY I 446 2.00 5.58 31.97
CA GLY I 446 0.89 5.12 31.18
C GLY I 446 -0.05 6.20 30.71
N VAL I 447 0.21 7.44 31.11
CA VAL I 447 -0.66 8.57 30.81
C VAL I 447 0.06 9.51 29.85
N ASP I 448 -0.66 9.98 28.84
CA ASP I 448 -0.15 10.93 27.87
C ASP I 448 -0.80 12.30 27.96
N THR I 449 -2.07 12.35 28.35
CA THR I 449 -2.80 13.61 28.34
C THR I 449 -3.64 13.73 29.60
N VAL I 450 -3.88 14.96 30.01
CA VAL I 450 -4.73 15.25 31.16
C VAL I 450 -5.65 16.38 30.75
N SER I 451 -6.94 16.26 31.10
CA SER I 451 -7.95 17.21 30.67
C SER I 451 -8.67 17.79 31.89
N VAL I 452 -8.71 19.12 31.97
CA VAL I 452 -9.42 19.83 33.02
C VAL I 452 -10.37 20.81 32.32
N GLY I 453 -11.66 20.50 32.34
CA GLY I 453 -12.61 21.32 31.62
C GLY I 453 -12.37 21.28 30.12
N ASN I 454 -12.26 22.46 29.51
CA ASN I 454 -12.06 22.62 28.08
C ASN I 454 -10.61 22.85 27.73
N THR I 455 -9.72 22.66 28.69
CA THR I 455 -8.31 22.92 28.54
C THR I 455 -7.59 21.58 28.52
N LEU I 456 -6.88 21.30 27.43
CA LEU I 456 -6.21 20.02 27.25
C LEU I 456 -4.72 20.18 27.44
N TYR I 457 -4.17 19.50 28.42
CA TYR I 457 -2.75 19.57 28.73
C TYR I 457 -2.05 18.30 28.27
N TYR I 458 -0.96 18.45 27.52
CA TYR I 458 -0.10 17.33 27.18
C TYR I 458 0.93 17.13 28.28
N VAL I 459 1.23 15.88 28.60
CA VAL I 459 2.13 15.57 29.70
C VAL I 459 3.55 15.42 29.16
N ASN I 460 4.52 15.74 30.00
CA ASN I 460 5.90 15.53 29.62
C ASN I 460 6.19 14.04 29.55
N LYS I 461 6.91 13.64 28.52
CA LYS I 461 7.23 12.23 28.33
C LYS I 461 8.68 11.88 28.59
N LEU I 462 9.16 12.14 29.80
CA LEU I 462 10.52 11.77 30.21
C LEU I 462 10.40 10.64 31.22
N GLU I 463 11.06 9.53 30.94
CA GLU I 463 11.06 8.40 31.86
C GLU I 463 11.77 8.76 33.16
N GLY I 464 11.16 8.33 34.28
CA GLY I 464 11.68 8.62 35.61
C GLY I 464 10.75 8.14 36.70
N LYS I 465 11.26 7.98 37.93
CA LYS I 465 10.46 7.40 39.01
C LYS I 465 9.68 8.48 39.76
N ASN I 466 8.41 8.19 40.03
CA ASN I 466 7.49 9.06 40.74
C ASN I 466 7.12 8.42 42.07
N LEU I 467 6.63 9.24 42.99
CA LEU I 467 6.25 8.72 44.30
C LEU I 467 5.09 9.55 44.83
N TYR I 468 3.96 8.89 45.03
CA TYR I 468 2.77 9.51 45.61
C TYR I 468 2.87 9.39 47.13
N VAL I 469 3.05 10.53 47.80
CA VAL I 469 3.17 10.61 49.25
C VAL I 469 1.80 11.00 49.82
N LYS I 470 1.11 10.03 50.40
CA LYS I 470 -0.21 10.29 50.96
C LYS I 470 -0.14 11.34 52.05
N GLY I 471 -1.23 12.07 52.23
CA GLY I 471 -1.31 13.07 53.27
C GLY I 471 -2.60 13.86 53.29
N GLU I 472 -2.99 14.34 54.46
CA GLU I 472 -4.20 15.15 54.57
C GLU I 472 -3.96 16.55 54.01
N PRO I 473 -4.83 17.03 53.13
CA PRO I 473 -4.67 18.41 52.63
C PRO I 473 -4.67 19.40 53.77
N ILE I 474 -3.68 20.30 53.74
CA ILE I 474 -3.46 21.23 54.85
C ILE I 474 -4.66 22.13 55.08
N ILE I 475 -5.46 22.35 54.03
CA ILE I 475 -6.60 23.25 54.14
C ILE I 475 -7.66 22.74 55.11
N ASN I 476 -7.68 21.44 55.39
CA ASN I 476 -8.68 20.87 56.30
C ASN I 476 -8.41 21.25 57.76
N TYR I 477 -7.22 21.75 58.07
CA TYR I 477 -6.84 22.11 59.43
C TYR I 477 -7.37 23.47 59.88
N TYR I 478 -8.09 24.18 59.01
CA TYR I 478 -8.55 25.54 59.28
C TYR I 478 -10.07 25.56 59.42
N ASP I 479 -10.57 26.34 60.40
CA ASP I 479 -12.00 26.50 60.59
C ASP I 479 -12.54 27.64 59.74
N PRO I 480 -13.56 27.43 58.92
CA PRO I 480 -14.13 28.54 58.15
C PRO I 480 -14.73 29.59 59.07
N LEU I 481 -15.15 30.71 58.44
CA LEU I 481 -15.73 31.87 59.10
C LEU I 481 -14.70 32.67 59.88
N VAL I 482 -13.63 32.00 60.29
CA VAL I 482 -12.50 32.65 60.95
C VAL I 482 -11.25 32.57 60.10
N PHE I 483 -11.36 32.05 58.88
CA PHE I 483 -10.19 31.93 58.03
C PHE I 483 -9.94 33.24 57.29
N PRO I 484 -8.78 33.86 57.48
CA PRO I 484 -8.41 35.02 56.65
C PRO I 484 -8.03 34.60 55.24
N SER I 485 -8.88 34.89 54.26
CA SER I 485 -8.76 34.27 52.94
C SER I 485 -8.32 35.25 51.84
N ASP I 486 -7.40 36.16 52.15
CA ASP I 486 -6.87 37.05 51.11
C ASP I 486 -5.41 37.41 51.35
N GLU I 487 -4.62 36.45 51.82
CA GLU I 487 -3.20 36.69 52.07
C GLU I 487 -2.40 36.13 50.90
N PHE I 488 -1.51 36.95 50.35
CA PHE I 488 -0.78 36.57 49.15
C PHE I 488 0.66 36.11 49.40
N ASP I 489 1.42 36.80 50.25
CA ASP I 489 2.80 36.40 50.54
C ASP I 489 3.00 36.31 52.05
N ALA I 490 2.18 35.49 52.67
CA ALA I 490 2.22 35.23 54.09
C ALA I 490 2.78 33.83 54.29
N SER I 491 2.76 33.34 55.53
CA SER I 491 3.35 32.06 55.84
C SER I 491 2.46 31.31 56.82
N ILE I 492 2.74 30.02 56.96
CA ILE I 492 1.97 29.17 57.86
C ILE I 492 1.94 29.78 59.25
N SER I 493 3.12 30.13 59.77
CA SER I 493 3.18 30.72 61.09
C SER I 493 2.57 32.12 61.10
N GLN I 494 2.68 32.84 59.99
CA GLN I 494 2.09 34.18 59.91
C GLN I 494 0.56 34.11 59.90
N VAL I 495 -0.01 33.16 59.14
CA VAL I 495 -1.46 33.00 59.12
C VAL I 495 -1.98 32.53 60.47
N ASN I 496 -1.25 31.63 61.13
CA ASN I 496 -1.70 31.12 62.42
C ASN I 496 -1.94 32.26 63.41
N GLU I 497 -1.02 33.23 63.44
CA GLU I 497 -1.16 34.34 64.39
C GLU I 497 -2.38 35.20 64.08
N LYS I 498 -2.75 35.32 62.80
CA LYS I 498 -3.92 36.11 62.44
C LYS I 498 -5.22 35.45 62.91
N ILE I 499 -5.29 34.12 62.86
CA ILE I 499 -6.41 33.42 63.45
C ILE I 499 -6.36 33.54 64.98
N ASN I 500 -5.18 33.33 65.56
CA ASN I 500 -5.00 33.39 67.00
C ASN I 500 -5.31 34.77 67.56
N GLN I 501 -4.96 35.83 66.82
CA GLN I 501 -5.19 37.18 67.31
C GLN I 501 -6.66 37.61 67.27
N SER I 502 -7.42 37.18 66.25
CA SER I 502 -8.81 37.57 66.17
C SER I 502 -9.70 36.75 67.10
N LEU I 503 -9.35 35.48 67.31
CA LEU I 503 -10.15 34.64 68.19
C LEU I 503 -9.93 35.01 69.66
N ALA I 504 -8.72 35.44 70.03
CA ALA I 504 -8.48 35.87 71.40
C ALA I 504 -9.16 37.20 71.70
N PHE I 505 -9.21 38.11 70.71
CA PHE I 505 -9.92 39.37 70.89
C PHE I 505 -11.42 39.18 70.93
N ILE I 506 -11.91 38.08 70.34
CA ILE I 506 -13.32 37.76 70.44
C ILE I 506 -13.62 37.06 71.78
N ARG I 507 -12.70 36.20 72.23
CA ARG I 507 -12.84 35.56 73.53
C ARG I 507 -12.84 36.59 74.66
N ARG I 508 -11.94 37.57 74.59
CA ARG I 508 -11.78 38.50 75.70
C ARG I 508 -12.95 39.47 75.81
N SER I 509 -13.64 39.72 74.69
CA SER I 509 -14.82 40.59 74.74
C SER I 509 -16.01 39.88 75.36
N ASP I 510 -16.14 38.56 75.11
CA ASP I 510 -17.22 37.80 75.72
C ASP I 510 -16.94 37.58 77.20
N GLU I 511 -15.67 37.54 77.59
CA GLU I 511 -15.32 37.43 79.00
C GLU I 511 -15.77 38.65 79.79
N LEU I 512 -16.03 39.78 79.13
CA LEU I 512 -16.56 40.97 79.79
C LEU I 512 -18.09 41.01 79.68
N GLN J 1 -27.57 -37.19 -20.45
CA GLN J 1 -28.33 -36.99 -19.23
C GLN J 1 -29.43 -35.94 -19.40
N VAL J 2 -29.48 -35.32 -20.58
CA VAL J 2 -30.55 -34.38 -20.94
C VAL J 2 -31.57 -35.13 -21.77
N GLN J 3 -32.83 -35.05 -21.35
CA GLN J 3 -33.91 -35.78 -22.00
C GLN J 3 -34.76 -34.82 -22.83
N LEU J 4 -35.05 -35.21 -24.07
CA LEU J 4 -35.83 -34.42 -25.00
C LEU J 4 -37.25 -34.95 -25.05
N VAL J 5 -38.22 -34.11 -24.66
CA VAL J 5 -39.62 -34.51 -24.53
C VAL J 5 -40.42 -33.76 -25.59
N GLN J 6 -40.93 -34.50 -26.57
CA GLN J 6 -41.71 -33.97 -27.67
C GLN J 6 -43.19 -33.98 -27.33
N SER J 7 -43.98 -33.27 -28.14
CA SER J 7 -45.43 -33.29 -27.96
C SER J 7 -45.98 -34.67 -28.34
N GLY J 8 -47.22 -34.92 -27.93
CA GLY J 8 -47.81 -36.22 -28.11
C GLY J 8 -48.24 -36.50 -29.54
N ALA J 9 -48.37 -37.78 -29.85
CA ALA J 9 -48.86 -38.20 -31.15
C ALA J 9 -50.30 -37.74 -31.35
N GLU J 10 -50.66 -37.49 -32.61
CA GLU J 10 -52.00 -37.03 -32.93
C GLU J 10 -52.30 -37.28 -34.40
N VAL J 11 -53.59 -37.23 -34.73
CA VAL J 11 -54.09 -37.34 -36.10
C VAL J 11 -54.56 -35.97 -36.58
N LYS J 12 -54.03 -35.52 -37.71
CA LYS J 12 -54.44 -34.26 -38.32
C LYS J 12 -55.04 -34.47 -39.70
N LYS J 13 -56.00 -33.61 -40.05
CA LYS J 13 -56.70 -33.72 -41.32
C LYS J 13 -55.80 -33.32 -42.49
N PRO J 14 -56.01 -33.92 -43.66
CA PRO J 14 -55.21 -33.55 -44.84
C PRO J 14 -55.41 -32.10 -45.23
N GLY J 15 -54.32 -31.44 -45.60
CA GLY J 15 -54.35 -30.06 -45.96
C GLY J 15 -54.16 -29.10 -44.81
N SER J 16 -54.39 -29.54 -43.58
CA SER J 16 -54.23 -28.70 -42.41
C SER J 16 -52.75 -28.59 -42.07
N SER J 17 -52.45 -27.97 -40.93
CA SER J 17 -51.09 -27.80 -40.45
C SER J 17 -50.96 -28.37 -39.05
N VAL J 18 -49.77 -28.89 -38.75
CA VAL J 18 -49.50 -29.51 -37.46
C VAL J 18 -48.34 -28.78 -36.79
N MET J 19 -48.39 -28.70 -35.47
CA MET J 19 -47.32 -28.13 -34.66
C MET J 19 -46.86 -29.18 -33.66
N VAL J 20 -45.56 -29.48 -33.69
CA VAL J 20 -44.94 -30.41 -32.76
C VAL J 20 -43.96 -29.63 -31.89
N SER J 21 -44.00 -29.88 -30.58
CA SER J 21 -43.12 -29.23 -29.63
C SER J 21 -42.08 -30.23 -29.14
N CYS J 22 -40.97 -29.70 -28.63
CA CYS J 22 -39.87 -30.53 -28.15
C CYS J 22 -39.25 -29.83 -26.95
N GLN J 23 -39.38 -30.45 -25.78
CA GLN J 23 -39.01 -29.84 -24.51
C GLN J 23 -37.64 -30.37 -24.04
N ALA J 24 -36.72 -29.45 -23.78
CA ALA J 24 -35.40 -29.79 -23.25
C ALA J 24 -35.39 -29.62 -21.74
N SER J 25 -34.86 -30.62 -21.03
CA SER J 25 -34.71 -30.57 -19.58
C SER J 25 -33.25 -30.81 -19.22
N GLY J 26 -32.67 -29.90 -18.43
CA GLY J 26 -31.29 -30.04 -18.01
C GLY J 26 -30.30 -29.13 -18.70
N GLY J 27 -30.74 -28.39 -19.72
CA GLY J 27 -29.84 -27.46 -20.40
C GLY J 27 -30.65 -26.45 -21.18
N LEU J 28 -29.95 -25.43 -21.67
CA LEU J 28 -30.59 -24.37 -22.42
C LEU J 28 -30.58 -24.69 -23.92
N LEU J 29 -31.61 -24.23 -24.63
CA LEU J 29 -31.67 -24.46 -26.07
C LEU J 29 -30.53 -23.80 -26.81
N GLU J 30 -30.05 -22.65 -26.33
CA GLU J 30 -28.96 -21.98 -27.01
C GLU J 30 -27.71 -22.85 -27.08
N ASP J 31 -27.55 -23.75 -26.11
CA ASP J 31 -26.38 -24.62 -25.98
C ASP J 31 -26.43 -25.85 -26.89
N TYR J 32 -27.35 -25.92 -27.83
CA TYR J 32 -27.48 -27.10 -28.68
C TYR J 32 -27.79 -26.67 -30.10
N ILE J 33 -27.52 -27.58 -31.03
CA ILE J 33 -28.15 -27.55 -32.34
C ILE J 33 -29.36 -28.47 -32.27
N ILE J 34 -30.55 -27.93 -32.53
CA ILE J 34 -31.79 -28.70 -32.41
C ILE J 34 -32.24 -29.09 -33.81
N ASN J 35 -32.27 -30.39 -34.07
CA ASN J 35 -32.64 -30.93 -35.36
C ASN J 35 -33.97 -31.65 -35.28
N TRP J 36 -34.63 -31.75 -36.43
CA TRP J 36 -35.87 -32.48 -36.60
C TRP J 36 -35.69 -33.52 -37.70
N VAL J 37 -35.86 -34.79 -37.35
CA VAL J 37 -35.72 -35.89 -38.29
C VAL J 37 -37.04 -36.65 -38.32
N ARG J 38 -37.44 -37.08 -39.50
CA ARG J 38 -38.64 -37.89 -39.62
C ARG J 38 -38.30 -39.23 -40.26
N GLN J 39 -39.14 -40.22 -39.98
CA GLN J 39 -38.95 -41.57 -40.48
C GLN J 39 -40.31 -42.13 -40.89
N ALA J 40 -40.50 -42.30 -42.19
CA ALA J 40 -41.69 -42.96 -42.67
C ALA J 40 -41.56 -44.47 -42.46
N PRO J 41 -42.68 -45.17 -42.31
CA PRO J 41 -42.60 -46.64 -42.16
C PRO J 41 -41.91 -47.27 -43.37
N GLY J 42 -40.93 -48.12 -43.09
CA GLY J 42 -40.18 -48.81 -44.13
C GLY J 42 -39.13 -47.99 -44.84
N GLN J 43 -38.78 -46.81 -44.32
CA GLN J 43 -37.73 -45.97 -44.89
C GLN J 43 -36.70 -45.66 -43.83
N GLY J 44 -35.59 -45.10 -44.27
CA GLY J 44 -34.64 -44.54 -43.35
C GLY J 44 -35.11 -43.20 -42.86
N PRO J 45 -34.33 -42.62 -41.94
CA PRO J 45 -34.65 -41.27 -41.46
C PRO J 45 -34.32 -40.23 -42.52
N GLU J 46 -35.01 -39.10 -42.44
CA GLU J 46 -34.79 -37.98 -43.33
C GLU J 46 -34.67 -36.73 -42.48
N TRP J 47 -33.60 -35.96 -42.70
CA TRP J 47 -33.37 -34.74 -41.94
C TRP J 47 -34.23 -33.62 -42.49
N MET J 48 -35.02 -32.97 -41.62
CA MET J 48 -35.88 -31.89 -42.07
C MET J 48 -35.23 -30.53 -41.92
N GLY J 49 -34.55 -30.28 -40.81
CA GLY J 49 -33.92 -29.00 -40.61
C GLY J 49 -33.40 -28.88 -39.19
N GLY J 50 -32.74 -27.77 -38.94
CA GLY J 50 -32.17 -27.53 -37.64
C GLY J 50 -31.94 -26.05 -37.42
N ILE J 51 -31.97 -25.65 -36.16
CA ILE J 51 -31.84 -24.26 -35.78
C ILE J 51 -30.70 -24.16 -34.77
N ILE J 52 -29.91 -23.10 -34.87
CA ILE J 52 -28.78 -22.91 -33.96
C ILE J 52 -28.95 -21.58 -33.23
N PRO J 53 -29.69 -21.57 -32.12
CA PRO J 53 -30.01 -20.29 -31.46
C PRO J 53 -28.80 -19.50 -31.02
N VAL J 54 -27.69 -20.17 -30.69
CA VAL J 54 -26.51 -19.43 -30.26
C VAL J 54 -26.00 -18.56 -31.40
N LEU J 55 -26.26 -18.98 -32.64
CA LEU J 55 -25.92 -18.18 -33.82
C LEU J 55 -27.14 -17.53 -34.44
N GLY J 56 -28.34 -17.90 -34.01
CA GLY J 56 -29.55 -17.35 -34.62
C GLY J 56 -29.76 -17.71 -36.07
N THR J 57 -29.51 -18.96 -36.42
CA THR J 57 -29.60 -19.43 -37.80
C THR J 57 -30.56 -20.62 -37.87
N VAL J 58 -31.42 -20.62 -38.88
CA VAL J 58 -32.34 -21.72 -39.13
C VAL J 58 -32.02 -22.29 -40.51
N HIS J 59 -32.03 -23.61 -40.61
CA HIS J 59 -31.75 -24.30 -41.87
C HIS J 59 -32.85 -25.30 -42.17
N TYR J 60 -33.29 -25.32 -43.43
CA TYR J 60 -34.36 -26.21 -43.88
C TYR J 60 -33.83 -27.08 -45.00
N GLY J 61 -34.21 -28.36 -44.97
CA GLY J 61 -33.98 -29.25 -46.08
C GLY J 61 -34.70 -28.74 -47.30
N PRO J 62 -34.09 -28.89 -48.48
CA PRO J 62 -34.71 -28.37 -49.71
C PRO J 62 -36.13 -28.84 -49.95
N LYS J 63 -36.44 -30.11 -49.65
CA LYS J 63 -37.79 -30.62 -49.89
C LYS J 63 -38.83 -29.95 -48.99
N PHE J 64 -38.41 -29.44 -47.84
CA PHE J 64 -39.33 -28.98 -46.80
C PHE J 64 -39.33 -27.47 -46.64
N GLN J 65 -38.37 -26.77 -47.23
CA GLN J 65 -38.32 -25.32 -47.12
C GLN J 65 -39.56 -24.71 -47.75
N GLY J 66 -40.13 -23.70 -47.09
CA GLY J 66 -41.34 -23.06 -47.55
C GLY J 66 -42.63 -23.66 -47.02
N ARG J 67 -42.58 -24.82 -46.38
CA ARG J 67 -43.74 -25.36 -45.69
C ARG J 67 -43.40 -25.90 -44.31
N VAL J 68 -42.18 -25.68 -43.82
CA VAL J 68 -41.78 -26.06 -42.48
C VAL J 68 -41.23 -24.84 -41.77
N THR J 69 -41.63 -24.65 -40.52
CA THR J 69 -41.11 -23.57 -39.68
C THR J 69 -40.64 -24.16 -38.36
N ILE J 70 -39.36 -23.96 -38.04
CA ILE J 70 -38.77 -24.43 -36.79
C ILE J 70 -38.37 -23.20 -35.98
N THR J 71 -38.80 -23.16 -34.73
CA THR J 71 -38.51 -22.05 -33.84
C THR J 71 -37.92 -22.58 -32.54
N ALA J 72 -37.24 -21.69 -31.83
CA ALA J 72 -36.59 -22.02 -30.57
C ALA J 72 -37.02 -21.01 -29.52
N ASP J 73 -37.88 -21.44 -28.60
CA ASP J 73 -38.38 -20.60 -27.51
C ASP J 73 -37.39 -20.72 -26.37
N GLU J 74 -36.49 -19.74 -26.23
CA GLU J 74 -35.51 -19.81 -25.17
C GLU J 74 -36.10 -19.51 -23.81
N SER J 75 -37.31 -18.94 -23.76
CA SER J 75 -37.95 -18.66 -22.48
C SER J 75 -38.45 -19.93 -21.79
N THR J 76 -38.68 -21.00 -22.55
CA THR J 76 -39.14 -22.26 -21.99
C THR J 76 -38.26 -23.43 -22.37
N ASP J 77 -37.19 -23.21 -23.14
CA ASP J 77 -36.32 -24.28 -23.63
C ASP J 77 -37.08 -25.31 -24.45
N THR J 78 -38.05 -24.84 -25.24
CA THR J 78 -38.87 -25.68 -26.10
C THR J 78 -38.62 -25.34 -27.56
N ALA J 79 -38.30 -26.36 -28.35
CA ALA J 79 -38.19 -26.24 -29.80
C ALA J 79 -39.47 -26.73 -30.45
N TYR J 80 -39.76 -26.20 -31.63
CA TYR J 80 -41.00 -26.53 -32.32
C TYR J 80 -40.72 -26.82 -33.78
N MET J 81 -41.67 -27.54 -34.40
CA MET J 81 -41.64 -27.81 -35.83
C MET J 81 -43.07 -27.75 -36.34
N GLU J 82 -43.34 -26.85 -37.27
CA GLU J 82 -44.66 -26.68 -37.86
C GLU J 82 -44.57 -27.03 -39.34
N LEU J 83 -45.31 -28.07 -39.74
CA LEU J 83 -45.40 -28.49 -41.13
C LEU J 83 -46.83 -28.25 -41.60
N SER J 84 -46.97 -27.48 -42.68
CA SER J 84 -48.28 -27.08 -43.19
C SER J 84 -48.59 -27.82 -44.48
N SER J 85 -49.88 -27.86 -44.81
CA SER J 85 -50.42 -28.60 -45.95
C SER J 85 -50.02 -30.08 -45.86
N LEU J 86 -50.63 -30.74 -44.87
CA LEU J 86 -50.34 -32.14 -44.59
C LEU J 86 -51.06 -33.06 -45.58
N ARG J 87 -50.37 -34.10 -46.01
CA ARG J 87 -50.93 -35.10 -46.91
C ARG J 87 -50.43 -36.47 -46.51
N SER J 88 -50.85 -37.47 -47.28
CA SER J 88 -50.63 -38.87 -46.90
C SER J 88 -49.14 -39.20 -46.77
N GLU J 89 -48.30 -38.63 -47.65
CA GLU J 89 -46.88 -38.94 -47.61
C GLU J 89 -46.24 -38.56 -46.26
N ASP J 90 -46.88 -37.69 -45.49
CA ASP J 90 -46.29 -37.20 -44.26
C ASP J 90 -46.52 -38.14 -43.08
N THR J 91 -47.35 -39.18 -43.24
CA THR J 91 -47.54 -40.14 -42.15
C THR J 91 -46.22 -40.81 -41.82
N ALA J 92 -45.65 -40.45 -40.67
CA ALA J 92 -44.31 -40.86 -40.26
C ALA J 92 -44.11 -40.51 -38.80
N MET J 93 -43.12 -41.15 -38.19
CA MET J 93 -42.69 -40.79 -36.85
C MET J 93 -41.69 -39.65 -36.96
N TYR J 94 -41.97 -38.56 -36.27
CA TYR J 94 -41.13 -37.37 -36.33
C TYR J 94 -40.28 -37.30 -35.06
N TYR J 95 -38.96 -37.15 -35.23
CA TYR J 95 -38.03 -37.16 -34.13
C TYR J 95 -37.38 -35.79 -33.96
N CYS J 96 -37.19 -35.39 -32.71
CA CYS J 96 -36.47 -34.19 -32.34
C CYS J 96 -35.11 -34.61 -31.80
N ALA J 97 -34.03 -34.16 -32.45
CA ALA J 97 -32.68 -34.61 -32.15
C ALA J 97 -31.74 -33.42 -32.02
N THR J 98 -30.81 -33.49 -31.07
CA THR J 98 -29.92 -32.38 -30.77
C THR J 98 -28.46 -32.75 -31.00
N GLU J 99 -27.66 -31.71 -31.26
CA GLU J 99 -26.20 -31.78 -31.27
C GLU J 99 -25.70 -30.65 -30.37
N THR J 100 -24.76 -30.97 -29.49
CA THR J 100 -24.27 -29.98 -28.54
C THR J 100 -23.54 -28.87 -29.29
N ALA J 101 -23.84 -27.62 -28.93
CA ALA J 101 -23.27 -26.46 -29.60
C ALA J 101 -22.61 -25.56 -28.57
N LEU J 102 -21.74 -26.14 -27.74
CA LEU J 102 -21.10 -25.36 -26.69
C LEU J 102 -20.10 -24.36 -27.27
N VAL J 103 -19.11 -24.85 -28.02
CA VAL J 103 -18.10 -24.01 -28.64
C VAL J 103 -18.32 -24.02 -30.15
N VAL J 104 -18.91 -22.96 -30.68
CA VAL J 104 -19.27 -22.89 -32.10
C VAL J 104 -18.70 -21.62 -32.72
N SER J 105 -18.17 -21.74 -33.93
CA SER J 105 -17.79 -20.61 -34.77
C SER J 105 -18.99 -20.26 -35.66
N GLU J 106 -18.90 -19.18 -36.43
CA GLU J 106 -19.95 -18.87 -37.37
C GLU J 106 -19.99 -19.88 -38.53
N THR J 107 -21.11 -19.91 -39.24
CA THR J 107 -21.38 -20.88 -40.31
C THR J 107 -21.22 -22.31 -39.82
N TYR J 108 -21.50 -22.53 -38.54
CA TYR J 108 -21.48 -23.88 -37.98
C TYR J 108 -22.74 -24.59 -38.47
N LEU J 109 -22.60 -25.87 -38.82
CA LEU J 109 -23.68 -26.65 -39.38
C LEU J 109 -24.01 -27.86 -38.51
N PRO J 110 -25.22 -28.40 -38.59
CA PRO J 110 -25.51 -29.66 -37.91
C PRO J 110 -24.73 -30.81 -38.54
N HIS J 111 -24.24 -31.69 -37.69
CA HIS J 111 -23.39 -32.79 -38.17
C HIS J 111 -23.89 -34.15 -37.76
N TYR J 112 -24.41 -34.30 -36.54
CA TYR J 112 -24.83 -35.59 -36.02
C TYR J 112 -25.93 -35.37 -35.00
N PHE J 113 -26.48 -36.47 -34.48
CA PHE J 113 -27.57 -36.44 -33.51
C PHE J 113 -27.23 -37.42 -32.39
N ASP J 114 -26.77 -36.90 -31.26
CA ASP J 114 -26.38 -37.73 -30.13
C ASP J 114 -27.46 -37.84 -29.07
N ASN J 115 -28.42 -36.91 -29.06
CA ASN J 115 -29.48 -36.91 -28.07
C ASN J 115 -30.80 -36.75 -28.82
N TRP J 116 -31.74 -37.67 -28.58
CA TRP J 116 -32.96 -37.76 -29.36
C TRP J 116 -34.18 -37.61 -28.46
N GLY J 117 -35.25 -37.06 -29.04
CA GLY J 117 -36.54 -37.13 -28.41
C GLY J 117 -37.13 -38.53 -28.57
N GLN J 118 -38.29 -38.73 -27.96
CA GLN J 118 -38.93 -40.04 -28.04
C GLN J 118 -39.61 -40.27 -29.38
N GLY J 119 -39.84 -39.22 -30.15
CA GLY J 119 -40.54 -39.36 -31.40
C GLY J 119 -42.02 -39.07 -31.27
N THR J 120 -42.59 -38.47 -32.32
CA THR J 120 -44.00 -38.12 -32.36
C THR J 120 -44.60 -38.71 -33.62
N LEU J 121 -45.55 -39.61 -33.47
CA LEU J 121 -46.20 -40.24 -34.62
C LEU J 121 -47.36 -39.35 -35.05
N VAL J 122 -47.19 -38.68 -36.19
CA VAL J 122 -48.24 -37.86 -36.76
C VAL J 122 -48.88 -38.67 -37.88
N THR J 123 -50.18 -38.92 -37.75
CA THR J 123 -50.94 -39.67 -38.74
C THR J 123 -51.93 -38.72 -39.41
N VAL J 124 -51.81 -38.57 -40.72
CA VAL J 124 -52.70 -37.72 -41.49
C VAL J 124 -53.80 -38.60 -42.07
N SER J 125 -55.03 -38.38 -41.65
CA SER J 125 -56.14 -39.21 -42.10
C SER J 125 -57.46 -38.51 -41.82
N SER J 126 -58.50 -38.96 -42.51
CA SER J 126 -59.84 -38.43 -42.33
C SER J 126 -60.57 -39.06 -41.15
N ALA J 127 -60.11 -40.19 -40.64
CA ALA J 127 -60.84 -40.89 -39.60
C ALA J 127 -60.77 -40.13 -38.27
N SER J 128 -61.76 -40.40 -37.42
CA SER J 128 -61.84 -39.76 -36.12
C SER J 128 -60.96 -40.49 -35.10
N THR J 129 -60.61 -39.77 -34.05
CA THR J 129 -59.92 -40.39 -32.94
C THR J 129 -60.86 -41.35 -32.24
N LYS J 130 -60.36 -42.53 -31.90
CA LYS J 130 -61.19 -43.53 -31.22
C LYS J 130 -60.33 -44.34 -30.28
N GLY J 131 -60.81 -44.52 -29.06
CA GLY J 131 -60.10 -45.28 -28.07
C GLY J 131 -60.36 -46.77 -28.20
N PRO J 132 -59.44 -47.58 -27.73
CA PRO J 132 -59.55 -49.02 -27.91
C PRO J 132 -60.31 -49.68 -26.77
N SER J 133 -60.77 -50.90 -27.05
CA SER J 133 -61.35 -51.76 -26.04
C SER J 133 -60.36 -52.86 -25.68
N VAL J 134 -60.28 -53.18 -24.40
CA VAL J 134 -59.33 -54.17 -23.91
C VAL J 134 -60.08 -55.38 -23.41
N PHE J 135 -59.69 -56.56 -23.88
CA PHE J 135 -60.37 -57.79 -23.50
C PHE J 135 -59.36 -58.83 -23.02
N PRO J 136 -59.65 -59.52 -21.92
CA PRO J 136 -58.70 -60.50 -21.38
C PRO J 136 -58.55 -61.70 -22.29
N LEU J 137 -57.37 -62.32 -22.22
CA LEU J 137 -57.11 -63.61 -22.85
C LEU J 137 -56.72 -64.58 -21.72
N ALA J 138 -57.75 -65.14 -21.08
CA ALA J 138 -57.55 -65.91 -19.84
C ALA J 138 -56.80 -67.21 -20.11
N PRO J 139 -55.91 -67.62 -19.22
CA PRO J 139 -55.24 -68.91 -19.35
C PRO J 139 -56.11 -70.05 -18.83
N SER J 140 -55.63 -71.27 -19.04
CA SER J 140 -56.29 -72.47 -18.53
C SER J 140 -55.26 -73.60 -18.55
N SER J 141 -55.74 -74.83 -18.49
CA SER J 141 -54.84 -75.96 -18.51
C SER J 141 -54.64 -76.49 -19.93
N GLY J 146 -47.14 -77.89 -20.42
CA GLY J 146 -46.33 -78.37 -19.31
C GLY J 146 -46.40 -77.49 -18.07
N GLY J 147 -45.28 -76.86 -17.72
CA GLY J 147 -45.17 -76.07 -16.52
C GLY J 147 -45.23 -74.58 -16.70
N THR J 148 -45.65 -74.09 -17.86
CA THR J 148 -45.79 -72.65 -18.08
C THR J 148 -47.07 -72.38 -18.85
N ALA J 149 -47.88 -71.46 -18.33
CA ALA J 149 -49.12 -71.02 -18.94
C ALA J 149 -48.93 -69.61 -19.51
N ALA J 150 -49.85 -69.24 -20.42
CA ALA J 150 -49.80 -67.92 -21.04
C ALA J 150 -51.14 -67.23 -20.88
N LEU J 151 -51.07 -65.90 -20.72
CA LEU J 151 -52.25 -65.06 -20.64
C LEU J 151 -51.93 -63.71 -21.27
N GLY J 152 -52.96 -62.89 -21.44
CA GLY J 152 -52.75 -61.58 -22.01
C GLY J 152 -54.05 -60.80 -22.10
N CYS J 153 -53.97 -59.65 -22.77
CA CYS J 153 -55.14 -58.84 -23.03
C CYS J 153 -55.05 -58.34 -24.47
N LEU J 154 -56.22 -58.09 -25.06
CA LEU J 154 -56.34 -57.68 -26.45
C LEU J 154 -56.78 -56.23 -26.52
N VAL J 155 -56.03 -55.40 -27.23
CA VAL J 155 -56.32 -53.99 -27.39
C VAL J 155 -56.84 -53.79 -28.80
N LYS J 156 -58.15 -53.55 -28.93
CA LYS J 156 -58.83 -53.61 -30.22
C LYS J 156 -59.53 -52.29 -30.55
N ASP J 157 -59.47 -51.92 -31.83
CA ASP J 157 -60.28 -50.85 -32.43
C ASP J 157 -59.92 -49.47 -31.92
N TYR J 158 -58.74 -48.99 -32.29
CA TYR J 158 -58.31 -47.65 -31.95
C TYR J 158 -57.76 -46.97 -33.18
N PHE J 159 -57.68 -45.63 -33.11
CA PHE J 159 -57.12 -44.88 -34.21
C PHE J 159 -56.69 -43.52 -33.71
N PRO J 160 -55.50 -43.03 -34.07
CA PRO J 160 -54.47 -43.71 -34.85
C PRO J 160 -53.47 -44.42 -33.95
N GLU J 161 -52.41 -45.01 -34.51
CA GLU J 161 -51.34 -45.50 -33.67
C GLU J 161 -50.60 -44.34 -33.01
N PRO J 162 -49.90 -44.58 -31.89
CA PRO J 162 -49.72 -45.88 -31.24
C PRO J 162 -50.53 -46.07 -29.97
N VAL J 163 -50.62 -47.33 -29.55
CA VAL J 163 -51.13 -47.71 -28.24
C VAL J 163 -49.97 -48.29 -27.45
N THR J 164 -49.89 -47.94 -26.18
CA THR J 164 -48.84 -48.47 -25.32
C THR J 164 -49.44 -49.44 -24.31
N VAL J 165 -48.59 -50.34 -23.82
CA VAL J 165 -49.03 -51.36 -22.89
C VAL J 165 -47.85 -51.74 -22.00
N SER J 166 -48.11 -51.85 -20.71
CA SER J 166 -47.12 -52.28 -19.74
C SER J 166 -47.76 -53.29 -18.80
N TRP J 167 -46.97 -54.24 -18.34
CA TRP J 167 -47.46 -55.29 -17.45
C TRP J 167 -47.04 -55.00 -16.02
N ASN J 168 -48.01 -55.01 -15.11
CA ASN J 168 -47.78 -54.75 -13.69
C ASN J 168 -47.06 -53.42 -13.49
N SER J 169 -47.58 -52.39 -14.15
CA SER J 169 -46.99 -51.04 -14.12
C SER J 169 -45.54 -51.05 -14.59
N GLY J 170 -45.22 -51.95 -15.52
CA GLY J 170 -43.87 -52.09 -16.03
C GLY J 170 -43.00 -53.08 -15.27
N ALA J 171 -43.55 -53.75 -14.25
CA ALA J 171 -42.76 -54.69 -13.45
C ALA J 171 -42.46 -55.97 -14.20
N LEU J 172 -43.42 -56.47 -14.97
CA LEU J 172 -43.29 -57.74 -15.66
C LEU J 172 -42.83 -57.47 -17.08
N THR J 173 -41.55 -57.76 -17.36
CA THR J 173 -40.95 -57.51 -18.67
C THR J 173 -40.27 -58.71 -19.28
N SER J 174 -39.65 -59.57 -18.47
CA SER J 174 -39.04 -60.78 -19.02
C SER J 174 -40.15 -61.72 -19.47
N GLY J 175 -40.26 -61.90 -20.78
CA GLY J 175 -41.25 -62.79 -21.35
C GLY J 175 -42.46 -62.12 -21.97
N VAL J 176 -42.53 -60.79 -21.95
CA VAL J 176 -43.66 -60.11 -22.58
C VAL J 176 -43.40 -60.03 -24.07
N HIS J 177 -44.46 -60.18 -24.85
CA HIS J 177 -44.40 -59.97 -26.29
C HIS J 177 -45.60 -59.14 -26.69
N THR J 178 -45.36 -57.88 -27.01
CA THR J 178 -46.40 -56.98 -27.49
C THR J 178 -46.22 -56.88 -29.00
N PHE J 179 -47.19 -57.40 -29.72
CA PHE J 179 -47.06 -57.53 -31.16
C PHE J 179 -47.35 -56.21 -31.84
N PRO J 180 -46.75 -55.97 -33.00
CA PRO J 180 -47.08 -54.76 -33.78
C PRO J 180 -48.55 -54.74 -34.14
N ALA J 181 -49.10 -53.53 -34.19
CA ALA J 181 -50.51 -53.37 -34.51
C ALA J 181 -50.80 -53.86 -35.92
N VAL J 182 -51.99 -54.41 -36.11
CA VAL J 182 -52.47 -54.82 -37.42
C VAL J 182 -53.70 -53.98 -37.78
N LEU J 183 -53.70 -53.46 -39.00
CA LEU J 183 -54.87 -52.73 -39.48
C LEU J 183 -55.87 -53.76 -39.98
N GLN J 184 -57.04 -53.82 -39.37
CA GLN J 184 -58.01 -54.81 -39.79
C GLN J 184 -58.74 -54.34 -41.05
N SER J 185 -59.48 -55.27 -41.66
CA SER J 185 -60.22 -54.95 -42.86
C SER J 185 -61.29 -53.89 -42.58
N SER J 186 -61.86 -53.92 -41.39
CA SER J 186 -62.84 -52.91 -41.00
C SER J 186 -62.21 -51.54 -40.84
N GLY J 187 -60.89 -51.46 -40.77
CA GLY J 187 -60.22 -50.22 -40.42
C GLY J 187 -59.84 -50.24 -38.95
N LEU J 188 -59.18 -49.16 -38.54
CA LEU J 188 -58.73 -48.98 -37.16
C LEU J 188 -57.68 -50.02 -36.80
N TYR J 189 -56.83 -49.72 -35.84
CA TYR J 189 -55.78 -50.66 -35.49
C TYR J 189 -56.21 -51.56 -34.33
N SER J 190 -55.58 -52.75 -34.26
CA SER J 190 -55.78 -53.68 -33.17
C SER J 190 -54.44 -54.32 -32.83
N LEU J 191 -54.29 -54.74 -31.58
CA LEU J 191 -53.00 -55.18 -31.09
C LEU J 191 -53.18 -56.14 -29.93
N SER J 192 -52.21 -57.03 -29.76
CA SER J 192 -52.26 -58.05 -28.73
C SER J 192 -50.98 -57.97 -27.90
N SER J 193 -51.11 -58.32 -26.63
CA SER J 193 -49.98 -58.37 -25.72
C SER J 193 -50.12 -59.61 -24.86
N VAL J 194 -49.17 -60.53 -25.00
CA VAL J 194 -49.18 -61.79 -24.27
C VAL J 194 -47.89 -61.91 -23.48
N VAL J 195 -47.95 -62.63 -22.37
CA VAL J 195 -46.78 -62.92 -21.54
C VAL J 195 -46.91 -64.33 -20.98
N THR J 196 -45.81 -65.07 -20.99
CA THR J 196 -45.76 -66.40 -20.41
C THR J 196 -45.35 -66.33 -18.95
N VAL J 197 -45.92 -67.21 -18.13
CA VAL J 197 -45.66 -67.16 -16.70
C VAL J 197 -45.76 -68.58 -16.13
N PRO J 198 -44.98 -68.92 -15.10
CA PRO J 198 -45.09 -70.25 -14.48
C PRO J 198 -46.52 -70.57 -14.05
N SER J 199 -46.92 -71.82 -14.25
CA SER J 199 -48.29 -72.25 -13.97
C SER J 199 -48.63 -72.23 -12.48
N SER J 200 -47.62 -72.20 -11.61
CA SER J 200 -47.90 -72.23 -10.17
C SER J 200 -48.31 -70.86 -9.62
N SER J 201 -48.07 -69.78 -10.36
CA SER J 201 -48.43 -68.43 -9.94
C SER J 201 -49.74 -67.95 -10.55
N LEU J 202 -50.50 -68.84 -11.19
CA LEU J 202 -51.75 -68.43 -11.82
C LEU J 202 -52.78 -67.97 -10.80
N GLY J 203 -52.69 -68.46 -9.57
CA GLY J 203 -53.66 -68.12 -8.55
C GLY J 203 -53.14 -67.15 -7.50
N THR J 204 -51.82 -67.10 -7.32
CA THR J 204 -51.19 -66.32 -6.27
C THR J 204 -50.71 -64.95 -6.75
N GLN J 205 -50.67 -64.72 -8.05
CA GLN J 205 -50.10 -63.51 -8.62
C GLN J 205 -51.16 -62.74 -9.41
N THR J 206 -51.08 -61.41 -9.33
CA THR J 206 -51.97 -60.53 -10.08
C THR J 206 -51.23 -59.98 -11.29
N TYR J 207 -51.88 -60.01 -12.44
CA TYR J 207 -51.29 -59.57 -13.69
C TYR J 207 -52.19 -58.52 -14.31
N ILE J 208 -51.68 -57.30 -14.45
CA ILE J 208 -52.45 -56.18 -14.95
C ILE J 208 -51.71 -55.61 -16.16
N CYS J 209 -52.43 -55.38 -17.24
CA CYS J 209 -51.87 -54.72 -18.40
C CYS J 209 -52.36 -53.28 -18.44
N ASN J 210 -51.42 -52.33 -18.44
CA ASN J 210 -51.72 -50.90 -18.42
C ASN J 210 -51.65 -50.40 -19.85
N VAL J 211 -52.81 -50.25 -20.48
CA VAL J 211 -52.90 -49.84 -21.87
C VAL J 211 -53.17 -48.34 -21.92
N ASN J 212 -52.35 -47.61 -22.67
CA ASN J 212 -52.56 -46.19 -22.91
C ASN J 212 -52.55 -45.89 -24.40
N HIS J 213 -53.60 -45.21 -24.85
CA HIS J 213 -53.71 -44.63 -26.19
C HIS J 213 -53.81 -43.13 -25.94
N LYS J 214 -52.66 -42.49 -25.85
CA LYS J 214 -52.61 -41.06 -25.54
C LYS J 214 -53.39 -40.20 -26.54
N PRO J 215 -53.37 -40.45 -27.85
CA PRO J 215 -54.15 -39.61 -28.76
C PRO J 215 -55.63 -39.49 -28.38
N SER J 216 -56.21 -40.54 -27.80
CA SER J 216 -57.62 -40.55 -27.44
C SER J 216 -57.90 -40.29 -25.96
N ASN J 217 -56.86 -39.99 -25.17
CA ASN J 217 -57.03 -39.75 -23.74
C ASN J 217 -57.63 -40.98 -23.04
N THR J 218 -57.14 -42.17 -23.41
CA THR J 218 -57.62 -43.44 -22.87
C THR J 218 -56.55 -44.09 -22.01
N LYS J 219 -56.83 -44.22 -20.71
CA LYS J 219 -56.01 -44.96 -19.77
C LYS J 219 -56.82 -46.11 -19.22
N VAL J 220 -56.34 -47.34 -19.44
CA VAL J 220 -57.06 -48.55 -19.05
C VAL J 220 -56.11 -49.50 -18.31
N ASP J 221 -56.55 -50.00 -17.15
CA ASP J 221 -55.83 -50.97 -16.34
C ASP J 221 -56.68 -52.24 -16.27
N LYS J 222 -56.35 -53.24 -17.08
CA LYS J 222 -57.14 -54.46 -17.19
C LYS J 222 -56.52 -55.61 -16.40
N ARG J 223 -57.29 -56.16 -15.46
CA ARG J 223 -56.87 -57.35 -14.71
C ARG J 223 -57.14 -58.62 -15.49
N VAL J 224 -56.19 -59.56 -15.45
CA VAL J 224 -56.34 -60.84 -16.13
C VAL J 224 -56.20 -61.96 -15.11
N GLU J 225 -57.14 -62.89 -15.14
CA GLU J 225 -57.13 -64.09 -14.29
C GLU J 225 -58.20 -65.06 -14.82
N PRO J 226 -58.06 -66.36 -14.55
CA PRO J 226 -59.07 -67.33 -14.99
C PRO J 226 -60.45 -67.05 -14.41
N LYS J 227 -61.47 -67.55 -15.10
CA LYS J 227 -62.85 -67.36 -14.66
C LYS J 227 -63.38 -68.65 -14.04
N SER J 228 -64.64 -68.63 -13.66
CA SER J 228 -65.31 -69.83 -13.14
C SER J 228 -66.83 -69.73 -13.33
N GLN K 1 -2.49 -61.78 -40.67
CA GLN K 1 -3.64 -62.18 -41.47
C GLN K 1 -3.20 -62.95 -42.71
N VAL K 2 -1.89 -63.05 -42.90
CA VAL K 2 -1.29 -63.84 -43.98
C VAL K 2 -0.85 -65.18 -43.40
N GLN K 3 -1.18 -66.26 -44.09
CA GLN K 3 -0.89 -67.60 -43.61
C GLN K 3 0.36 -68.12 -44.31
N LEU K 4 1.30 -68.62 -43.51
CA LEU K 4 2.56 -69.16 -44.01
C LEU K 4 2.47 -70.67 -43.97
N VAL K 5 2.61 -71.30 -45.14
CA VAL K 5 2.43 -72.74 -45.31
C VAL K 5 3.79 -73.36 -45.65
N GLN K 6 4.32 -74.16 -44.74
CA GLN K 6 5.59 -74.83 -44.99
C GLN K 6 5.36 -76.21 -45.60
N SER K 7 6.41 -76.76 -46.19
CA SER K 7 6.33 -78.10 -46.74
C SER K 7 6.20 -79.14 -45.63
N GLY K 8 5.79 -80.35 -46.02
CA GLY K 8 5.54 -81.37 -45.03
C GLY K 8 6.82 -81.95 -44.44
N ALA K 9 6.68 -82.55 -43.28
CA ALA K 9 7.81 -83.22 -42.64
C ALA K 9 8.28 -84.40 -43.47
N GLU K 10 9.57 -84.72 -43.35
CA GLU K 10 10.16 -85.83 -44.08
C GLU K 10 11.43 -86.28 -43.38
N VAL K 11 11.89 -87.48 -43.74
CA VAL K 11 13.16 -88.01 -43.28
C VAL K 11 14.14 -87.94 -44.44
N LYS K 12 15.28 -87.29 -44.20
CA LYS K 12 16.35 -87.17 -45.19
C LYS K 12 17.59 -87.94 -44.72
N LYS K 13 18.30 -88.52 -45.68
CA LYS K 13 19.48 -89.29 -45.35
C LYS K 13 20.61 -88.38 -44.89
N PRO K 14 21.46 -88.85 -43.97
CA PRO K 14 22.56 -88.02 -43.49
C PRO K 14 23.53 -87.67 -44.62
N GLY K 15 23.96 -86.41 -44.62
CA GLY K 15 24.86 -85.91 -45.62
C GLY K 15 24.21 -85.36 -46.87
N SER K 16 22.95 -85.72 -47.13
CA SER K 16 22.25 -85.23 -48.31
C SER K 16 21.81 -83.79 -48.04
N SER K 17 20.99 -83.23 -48.93
CA SER K 17 20.50 -81.87 -48.77
C SER K 17 18.97 -81.88 -48.77
N VAL K 18 18.40 -81.00 -47.95
CA VAL K 18 16.95 -80.88 -47.81
C VAL K 18 16.55 -79.44 -48.13
N MET K 19 15.38 -79.29 -48.72
CA MET K 19 14.80 -77.98 -49.00
C MET K 19 13.42 -77.86 -48.37
N VAL K 20 13.21 -76.79 -47.61
CA VAL K 20 11.92 -76.49 -47.00
C VAL K 20 11.37 -75.25 -47.67
N SER K 21 10.10 -75.32 -48.07
CA SER K 21 9.41 -74.23 -48.74
C SER K 21 8.42 -73.57 -47.78
N CYS K 22 8.06 -72.33 -48.10
CA CYS K 22 7.12 -71.58 -47.25
C CYS K 22 6.26 -70.69 -48.15
N GLN K 23 4.97 -71.00 -48.22
CA GLN K 23 4.04 -70.32 -49.14
C GLN K 23 3.23 -69.28 -48.38
N ALA K 24 3.27 -68.05 -48.87
CA ALA K 24 2.51 -66.94 -48.31
C ALA K 24 1.21 -66.77 -49.07
N SER K 25 0.12 -66.62 -48.33
CA SER K 25 -1.20 -66.38 -48.91
C SER K 25 -1.73 -65.08 -48.33
N GLY K 26 -2.10 -64.15 -49.22
CA GLY K 26 -2.59 -62.84 -48.81
C GLY K 26 -1.61 -61.71 -48.99
N GLY K 27 -0.36 -62.01 -49.38
CA GLY K 27 0.62 -60.97 -49.63
C GLY K 27 1.78 -61.51 -50.44
N LEU K 28 2.63 -60.59 -50.89
CA LEU K 28 3.79 -60.93 -51.68
C LEU K 28 5.00 -61.14 -50.77
N LEU K 29 5.94 -61.97 -51.24
CA LEU K 29 7.16 -62.20 -50.48
C LEU K 29 7.93 -60.91 -50.27
N GLU K 30 7.85 -59.98 -51.23
CA GLU K 30 8.53 -58.70 -51.11
C GLU K 30 8.00 -57.89 -49.92
N ASP K 31 6.75 -58.13 -49.55
CA ASP K 31 6.12 -57.35 -48.48
C ASP K 31 6.55 -57.78 -47.09
N TYR K 32 7.55 -58.66 -46.98
CA TYR K 32 7.96 -59.20 -45.69
C TYR K 32 9.47 -59.38 -45.64
N ILE K 33 9.97 -59.47 -44.42
CA ILE K 33 11.29 -60.03 -44.14
C ILE K 33 11.05 -61.51 -43.84
N ILE K 34 11.68 -62.39 -44.60
CA ILE K 34 11.47 -63.83 -44.46
C ILE K 34 12.66 -64.41 -43.70
N ASN K 35 12.40 -65.00 -42.54
CA ASN K 35 13.42 -65.61 -41.71
C ASN K 35 13.22 -67.11 -41.65
N TRP K 36 14.30 -67.82 -41.36
CA TRP K 36 14.27 -69.27 -41.13
C TRP K 36 14.84 -69.56 -39.76
N VAL K 37 14.03 -70.18 -38.90
CA VAL K 37 14.42 -70.53 -37.55
C VAL K 37 14.24 -72.03 -37.37
N ARG K 38 15.20 -72.65 -36.68
CA ARG K 38 15.10 -74.05 -36.33
C ARG K 38 15.21 -74.23 -34.82
N GLN K 39 14.63 -75.32 -34.33
CA GLN K 39 14.62 -75.62 -32.90
C GLN K 39 14.80 -77.13 -32.75
N ALA K 40 15.96 -77.53 -32.24
CA ALA K 40 16.17 -78.94 -31.97
C ALA K 40 15.37 -79.37 -30.74
N PRO K 41 15.00 -80.64 -30.65
CA PRO K 41 14.25 -81.09 -29.46
C PRO K 41 15.04 -80.80 -28.20
N GLY K 42 14.38 -80.15 -27.25
CA GLY K 42 15.03 -79.78 -26.01
C GLY K 42 15.94 -78.57 -26.08
N GLN K 43 15.88 -77.80 -27.16
CA GLN K 43 16.68 -76.59 -27.31
C GLN K 43 15.77 -75.42 -27.59
N GLY K 44 16.33 -74.22 -27.45
CA GLY K 44 15.63 -73.02 -27.87
C GLY K 44 15.74 -72.80 -29.36
N PRO K 45 15.08 -71.74 -29.84
CA PRO K 45 15.21 -71.37 -31.25
C PRO K 45 16.58 -70.76 -31.54
N GLU K 46 17.02 -70.94 -32.78
CA GLU K 46 18.30 -70.43 -33.24
C GLU K 46 18.12 -69.74 -34.58
N TRP K 47 18.63 -68.52 -34.70
CA TRP K 47 18.48 -67.78 -35.95
C TRP K 47 19.50 -68.31 -36.96
N MET K 48 19.00 -68.76 -38.11
CA MET K 48 19.84 -69.26 -39.19
C MET K 48 20.11 -68.23 -40.25
N GLY K 49 19.10 -67.46 -40.62
CA GLY K 49 19.25 -66.45 -41.65
C GLY K 49 17.91 -65.88 -42.03
N GLY K 50 17.97 -64.88 -42.92
CA GLY K 50 16.78 -64.20 -43.38
C GLY K 50 17.05 -63.52 -44.69
N ILE K 51 15.98 -63.29 -45.45
CA ILE K 51 16.06 -62.69 -46.77
C ILE K 51 15.17 -61.46 -46.81
N ILE K 52 15.65 -60.43 -47.51
CA ILE K 52 14.95 -59.16 -47.64
C ILE K 52 14.71 -58.91 -49.13
N PRO K 53 13.61 -59.42 -49.70
CA PRO K 53 13.45 -59.34 -51.16
C PRO K 53 13.43 -57.92 -51.71
N VAL K 54 12.97 -56.93 -50.93
CA VAL K 54 12.90 -55.58 -51.47
C VAL K 54 14.28 -55.04 -51.79
N LEU K 55 15.29 -55.47 -51.05
CA LEU K 55 16.67 -55.05 -51.27
C LEU K 55 17.52 -56.13 -51.94
N GLY K 56 17.01 -57.35 -52.08
CA GLY K 56 17.80 -58.43 -52.65
C GLY K 56 19.02 -58.81 -51.82
N THR K 57 18.88 -58.81 -50.50
CA THR K 57 20.00 -59.06 -49.59
C THR K 57 19.64 -60.18 -48.63
N VAL K 58 20.60 -61.08 -48.42
CA VAL K 58 20.46 -62.20 -47.49
C VAL K 58 21.53 -62.08 -46.43
N HIS K 59 21.17 -62.43 -45.19
CA HIS K 59 22.09 -62.41 -44.06
C HIS K 59 22.03 -63.76 -43.35
N TYR K 60 23.20 -64.30 -42.98
CA TYR K 60 23.29 -65.61 -42.37
C TYR K 60 23.93 -65.53 -40.99
N GLY K 61 23.40 -66.34 -40.06
CA GLY K 61 24.07 -66.60 -38.82
C GLY K 61 25.38 -67.29 -39.11
N PRO K 62 26.42 -66.97 -38.34
CA PRO K 62 27.76 -67.52 -38.63
C PRO K 62 27.80 -69.04 -38.69
N LYS K 63 27.05 -69.74 -37.82
CA LYS K 63 27.11 -71.20 -37.78
C LYS K 63 26.61 -71.84 -39.07
N PHE K 64 25.76 -71.15 -39.83
CA PHE K 64 25.09 -71.74 -40.96
C PHE K 64 25.59 -71.22 -42.31
N GLN K 65 26.43 -70.19 -42.31
CA GLN K 65 26.97 -69.67 -43.56
C GLN K 65 27.82 -70.73 -44.25
N GLY K 66 27.63 -70.86 -45.57
CA GLY K 66 28.35 -71.83 -46.38
C GLY K 66 27.71 -73.20 -46.51
N ARG K 67 26.68 -73.51 -45.72
CA ARG K 67 25.94 -74.76 -45.95
C ARG K 67 24.43 -74.57 -45.87
N VAL K 68 23.95 -73.32 -45.81
CA VAL K 68 22.53 -73.02 -45.85
C VAL K 68 22.27 -72.06 -47.00
N THR K 69 21.22 -72.32 -47.78
CA THR K 69 20.83 -71.47 -48.90
C THR K 69 19.36 -71.10 -48.72
N ILE K 70 19.08 -69.80 -48.67
CA ILE K 70 17.72 -69.28 -48.56
C ILE K 70 17.41 -68.49 -49.82
N THR K 71 16.29 -68.81 -50.46
CA THR K 71 15.87 -68.13 -51.67
C THR K 71 14.41 -67.70 -51.54
N ALA K 72 14.03 -66.68 -52.32
CA ALA K 72 12.67 -66.16 -52.33
C ALA K 72 12.20 -66.04 -53.78
N ASP K 73 11.32 -66.93 -54.19
CA ASP K 73 10.78 -66.92 -55.55
C ASP K 73 9.54 -66.02 -55.54
N GLU K 74 9.72 -64.76 -55.95
CA GLU K 74 8.61 -63.82 -55.94
C GLU K 74 7.62 -64.06 -57.07
N SER K 75 8.02 -64.81 -58.10
CA SER K 75 7.10 -65.09 -59.20
C SER K 75 5.98 -66.02 -58.75
N THR K 76 6.20 -66.75 -57.65
CA THR K 76 5.21 -67.66 -57.11
C THR K 76 4.87 -67.35 -55.65
N ASP K 77 5.51 -66.34 -55.07
CA ASP K 77 5.38 -66.01 -53.65
C ASP K 77 5.78 -67.17 -52.74
N THR K 78 6.81 -67.91 -53.17
CA THR K 78 7.33 -69.07 -52.43
C THR K 78 8.75 -68.79 -51.97
N ALA K 79 8.99 -68.94 -50.66
CA ALA K 79 10.33 -68.90 -50.10
C ALA K 79 10.86 -70.31 -49.90
N TYR K 80 12.18 -70.44 -49.98
CA TYR K 80 12.83 -71.74 -49.89
C TYR K 80 14.02 -71.65 -48.94
N MET K 81 14.43 -72.80 -48.42
CA MET K 81 15.61 -72.91 -47.57
C MET K 81 16.31 -74.21 -47.90
N GLU K 82 17.58 -74.13 -48.30
CA GLU K 82 18.37 -75.29 -48.67
C GLU K 82 19.49 -75.48 -47.66
N LEU K 83 19.47 -76.60 -46.95
CA LEU K 83 20.51 -76.97 -46.00
C LEU K 83 21.24 -78.21 -46.53
N SER K 84 22.55 -78.10 -46.68
CA SER K 84 23.39 -79.16 -47.22
C SER K 84 24.27 -79.74 -46.12
N SER K 85 24.79 -80.95 -46.38
CA SER K 85 25.65 -81.68 -45.44
C SER K 85 24.94 -81.92 -44.10
N LEU K 86 23.97 -82.82 -44.14
CA LEU K 86 23.17 -83.16 -42.96
C LEU K 86 23.96 -84.08 -42.02
N ARG K 87 23.84 -83.81 -40.73
CA ARG K 87 24.46 -84.62 -39.68
C ARG K 87 23.50 -84.70 -38.50
N SER K 88 23.97 -85.33 -37.42
CA SER K 88 23.10 -85.61 -36.27
C SER K 88 22.53 -84.33 -35.68
N GLU K 89 23.31 -83.25 -35.69
CA GLU K 89 22.86 -81.99 -35.12
C GLU K 89 21.63 -81.39 -35.77
N ASP K 90 21.30 -81.76 -37.01
CA ASP K 90 20.25 -81.05 -37.73
C ASP K 90 18.83 -81.54 -37.44
N THR K 91 18.65 -82.64 -36.72
CA THR K 91 17.29 -83.08 -36.39
C THR K 91 16.60 -82.00 -35.56
N ALA K 92 15.60 -81.35 -36.15
CA ALA K 92 15.01 -80.18 -35.50
C ALA K 92 13.72 -79.82 -36.20
N MET K 93 12.90 -79.04 -35.51
CA MET K 93 11.72 -78.42 -36.09
C MET K 93 12.12 -77.10 -36.73
N TYR K 94 11.87 -76.97 -38.03
CA TYR K 94 12.26 -75.79 -38.79
C TYR K 94 11.06 -74.90 -39.00
N TYR K 95 11.20 -73.62 -38.66
CA TYR K 95 10.11 -72.66 -38.73
C TYR K 95 10.37 -71.60 -39.79
N CYS K 96 9.30 -71.21 -40.48
CA CYS K 96 9.33 -70.08 -41.41
C CYS K 96 8.59 -68.93 -40.73
N ALA K 97 9.29 -67.83 -40.48
CA ALA K 97 8.77 -66.72 -39.71
C ALA K 97 9.07 -65.42 -40.43
N THR K 98 8.11 -64.49 -40.38
CA THR K 98 8.22 -63.26 -41.14
C THR K 98 8.26 -62.04 -40.25
N GLU K 99 8.83 -60.98 -40.81
CA GLU K 99 8.78 -59.63 -40.27
C GLU K 99 8.25 -58.75 -41.39
N THR K 100 7.25 -57.94 -41.09
CA THR K 100 6.60 -57.17 -42.13
C THR K 100 7.53 -56.07 -42.61
N ALA K 101 7.58 -55.88 -43.94
CA ALA K 101 8.52 -54.94 -44.51
C ALA K 101 7.88 -53.85 -45.37
N LEU K 102 6.88 -53.14 -44.82
CA LEU K 102 6.24 -52.09 -45.61
C LEU K 102 7.17 -50.91 -45.86
N VAL K 103 7.66 -50.29 -44.79
CA VAL K 103 8.52 -49.13 -44.91
C VAL K 103 9.93 -49.64 -44.66
N VAL K 104 10.68 -49.78 -45.74
CA VAL K 104 12.00 -50.39 -45.69
C VAL K 104 12.99 -49.33 -46.14
N SER K 105 13.99 -49.10 -45.31
CA SER K 105 15.10 -48.25 -45.66
C SER K 105 16.23 -49.10 -46.21
N GLU K 106 17.26 -48.44 -46.69
CA GLU K 106 18.46 -49.18 -47.04
C GLU K 106 19.12 -49.64 -45.76
N THR K 107 19.98 -50.64 -45.88
CA THR K 107 20.63 -51.29 -44.72
C THR K 107 19.61 -51.79 -43.69
N TYR K 108 18.43 -52.20 -44.15
CA TYR K 108 17.43 -52.75 -43.24
C TYR K 108 17.84 -54.15 -42.82
N LEU K 109 17.62 -54.47 -41.55
CA LEU K 109 18.00 -55.74 -40.96
C LEU K 109 16.78 -56.47 -40.40
N PRO K 110 16.83 -57.79 -40.28
CA PRO K 110 15.74 -58.50 -39.60
C PRO K 110 15.72 -58.18 -38.12
N HIS K 111 14.52 -58.04 -37.56
CA HIS K 111 14.43 -57.66 -36.16
C HIS K 111 13.62 -58.61 -35.31
N TYR K 112 12.49 -59.10 -35.81
CA TYR K 112 11.59 -59.93 -35.01
C TYR K 112 10.77 -60.80 -35.94
N PHE K 113 9.92 -61.64 -35.35
CA PHE K 113 9.09 -62.59 -36.09
C PHE K 113 7.66 -62.48 -35.57
N ASP K 114 6.79 -61.82 -36.33
CA ASP K 114 5.41 -61.65 -35.90
C ASP K 114 4.48 -62.69 -36.50
N ASN K 115 4.87 -63.34 -37.58
CA ASN K 115 4.05 -64.33 -38.26
C ASN K 115 4.89 -65.57 -38.52
N TRP K 116 4.39 -66.72 -38.11
CA TRP K 116 5.13 -67.97 -38.12
C TRP K 116 4.41 -68.98 -39.00
N GLY K 117 5.20 -69.85 -39.61
CA GLY K 117 4.68 -71.05 -40.22
C GLY K 117 4.35 -72.08 -39.15
N GLN K 118 3.78 -73.18 -39.59
CA GLN K 118 3.41 -74.25 -38.67
C GLN K 118 4.61 -75.05 -38.20
N GLY K 119 5.76 -74.92 -38.86
CA GLY K 119 6.93 -75.67 -38.48
C GLY K 119 7.09 -76.94 -39.31
N THR K 120 8.33 -77.31 -39.62
CA THR K 120 8.63 -78.50 -40.41
C THR K 120 9.65 -79.34 -39.65
N LEU K 121 9.27 -80.55 -39.25
CA LEU K 121 10.16 -81.43 -38.51
C LEU K 121 10.98 -82.25 -39.49
N VAL K 122 12.27 -81.95 -39.56
CA VAL K 122 13.19 -82.70 -40.41
C VAL K 122 13.93 -83.67 -39.49
N THR K 123 13.80 -84.96 -39.80
CA THR K 123 14.48 -86.01 -39.07
C THR K 123 15.54 -86.60 -39.99
N VAL K 124 16.80 -86.50 -39.58
CA VAL K 124 17.89 -87.04 -40.37
C VAL K 124 18.24 -88.40 -39.78
N SER K 125 17.96 -89.44 -40.56
CA SER K 125 18.20 -90.83 -40.17
C SER K 125 18.07 -91.69 -41.40
N SER K 126 18.69 -92.87 -41.35
CA SER K 126 18.58 -93.83 -42.43
C SER K 126 17.36 -94.73 -42.33
N ALA K 127 16.66 -94.73 -41.19
CA ALA K 127 15.53 -95.63 -41.00
C ALA K 127 14.41 -95.26 -41.96
N SER K 128 13.88 -96.27 -42.66
CA SER K 128 12.86 -96.04 -43.68
C SER K 128 11.60 -95.47 -43.06
N THR K 129 10.89 -94.66 -43.85
CA THR K 129 9.61 -94.15 -43.43
C THR K 129 8.65 -95.32 -43.23
N LYS K 130 7.85 -95.26 -42.16
CA LYS K 130 6.94 -96.35 -41.85
C LYS K 130 5.65 -95.83 -41.24
N GLY K 131 4.52 -96.31 -41.76
CA GLY K 131 3.21 -95.94 -41.29
C GLY K 131 2.75 -96.76 -40.10
N PRO K 132 1.87 -96.20 -39.29
CA PRO K 132 1.46 -96.87 -38.05
C PRO K 132 0.25 -97.77 -38.21
N SER K 133 0.06 -98.65 -37.22
CA SER K 133 -1.15 -99.43 -37.05
C SER K 133 -1.92 -98.89 -35.87
N VAL K 134 -3.25 -98.83 -36.02
CA VAL K 134 -4.13 -98.25 -35.01
C VAL K 134 -5.03 -99.34 -34.45
N PHE K 135 -5.11 -99.40 -33.12
CA PHE K 135 -5.88 -100.43 -32.44
C PHE K 135 -6.88 -99.81 -31.47
N PRO K 136 -8.12 -100.30 -31.44
CA PRO K 136 -9.15 -99.69 -30.59
C PRO K 136 -8.88 -99.88 -29.10
N LEU K 137 -9.34 -98.90 -28.31
CA LEU K 137 -9.37 -98.95 -26.85
C LEU K 137 -10.83 -98.82 -26.40
N ALA K 138 -11.57 -99.92 -26.43
CA ALA K 138 -13.02 -99.87 -26.23
C ALA K 138 -13.38 -99.49 -24.80
N PRO K 139 -14.42 -98.67 -24.61
CA PRO K 139 -14.90 -98.37 -23.26
C PRO K 139 -15.81 -99.48 -22.73
N SER K 140 -15.88 -99.56 -21.41
CA SER K 140 -16.69 -100.57 -20.75
C SER K 140 -17.03 -100.07 -19.34
N SER K 141 -17.52 -100.98 -18.50
CA SER K 141 -17.86 -100.66 -17.13
C SER K 141 -16.65 -100.57 -16.24
N THR K 148 -18.63 -91.34 -15.91
CA THR K 148 -17.90 -91.02 -17.13
C THR K 148 -17.01 -92.18 -17.55
N ALA K 149 -17.11 -92.57 -18.82
CA ALA K 149 -16.30 -93.63 -19.40
C ALA K 149 -15.24 -93.03 -20.29
N ALA K 150 -14.22 -93.84 -20.59
CA ALA K 150 -13.13 -93.40 -21.45
C ALA K 150 -12.92 -94.39 -22.59
N LEU K 151 -12.54 -93.86 -23.74
CA LEU K 151 -12.22 -94.67 -24.91
C LEU K 151 -11.09 -94.00 -25.68
N GLY K 152 -10.54 -94.72 -26.64
CA GLY K 152 -9.45 -94.18 -27.42
C GLY K 152 -9.00 -95.19 -28.45
N CYS K 153 -7.87 -94.87 -29.09
CA CYS K 153 -7.23 -95.78 -30.04
C CYS K 153 -5.73 -95.76 -29.82
N LEU K 154 -5.07 -96.86 -30.18
CA LEU K 154 -3.64 -97.02 -29.99
C LEU K 154 -2.95 -96.97 -31.35
N VAL K 155 -2.03 -96.01 -31.51
CA VAL K 155 -1.29 -95.81 -32.76
C VAL K 155 0.13 -96.28 -32.52
N LYS K 156 0.51 -97.40 -33.12
CA LYS K 156 1.73 -98.11 -32.77
C LYS K 156 2.64 -98.24 -33.98
N ASP K 157 3.94 -98.11 -33.75
CA ASP K 157 4.97 -98.46 -34.71
C ASP K 157 5.01 -97.55 -35.93
N TYR K 158 5.42 -96.29 -35.75
CA TYR K 158 5.59 -95.40 -36.88
C TYR K 158 6.95 -94.71 -36.81
N PHE K 159 7.41 -94.26 -37.97
CA PHE K 159 8.67 -93.51 -38.07
C PHE K 159 8.72 -92.74 -39.38
N PRO K 160 9.13 -91.46 -39.38
CA PRO K 160 9.43 -90.73 -38.15
C PRO K 160 8.21 -89.99 -37.61
N GLU K 161 8.41 -89.19 -36.55
CA GLU K 161 7.38 -88.30 -36.05
C GLU K 161 7.11 -87.19 -37.06
N PRO K 162 5.94 -86.54 -36.98
CA PRO K 162 4.85 -86.78 -36.05
C PRO K 162 3.62 -87.45 -36.68
N VAL K 163 2.73 -87.97 -35.82
CA VAL K 163 1.41 -88.45 -36.21
C VAL K 163 0.37 -87.56 -35.55
N THR K 164 -0.68 -87.24 -36.29
CA THR K 164 -1.76 -86.41 -35.78
C THR K 164 -3.02 -87.25 -35.60
N VAL K 165 -3.93 -86.75 -34.78
CA VAL K 165 -5.16 -87.44 -34.46
C VAL K 165 -6.24 -86.41 -34.15
N SER K 166 -7.42 -86.62 -34.71
CA SER K 166 -8.59 -85.79 -34.45
C SER K 166 -9.78 -86.69 -34.20
N TRP K 167 -10.68 -86.23 -33.34
CA TRP K 167 -11.85 -87.00 -32.93
C TRP K 167 -13.09 -86.50 -33.67
N ASN K 168 -13.78 -87.43 -34.34
CA ASN K 168 -14.97 -87.12 -35.13
C ASN K 168 -14.67 -86.03 -36.15
N SER K 169 -13.53 -86.17 -36.83
CA SER K 169 -13.06 -85.21 -37.82
C SER K 169 -12.98 -83.80 -37.24
N GLY K 170 -12.66 -83.71 -35.94
CA GLY K 170 -12.60 -82.44 -35.24
C GLY K 170 -13.88 -82.01 -34.56
N ALA K 171 -14.95 -82.80 -34.66
CA ALA K 171 -16.22 -82.42 -34.01
C ALA K 171 -16.14 -82.59 -32.50
N LEU K 172 -15.48 -83.65 -32.03
CA LEU K 172 -15.35 -83.92 -30.61
C LEU K 172 -13.98 -83.41 -30.15
N THR K 173 -13.98 -82.34 -29.38
CA THR K 173 -12.75 -81.70 -28.92
C THR K 173 -12.67 -81.56 -27.40
N SER K 174 -13.79 -81.36 -26.74
CA SER K 174 -13.83 -81.25 -25.28
C SER K 174 -13.49 -82.61 -24.65
N GLY K 175 -12.36 -82.69 -23.97
CA GLY K 175 -11.98 -83.90 -23.28
C GLY K 175 -10.93 -84.75 -23.94
N VAL K 176 -10.38 -84.32 -25.07
CA VAL K 176 -9.36 -85.12 -25.75
C VAL K 176 -8.03 -84.93 -25.05
N HIS K 177 -7.25 -86.02 -24.94
CA HIS K 177 -5.91 -85.98 -24.39
C HIS K 177 -4.99 -86.81 -25.29
N THR K 178 -4.14 -86.14 -26.06
CA THR K 178 -3.17 -86.82 -26.91
C THR K 178 -1.79 -86.70 -26.25
N PHE K 179 -1.25 -87.83 -25.82
CA PHE K 179 -0.01 -87.87 -25.05
C PHE K 179 1.20 -87.74 -25.97
N PRO K 180 2.30 -87.18 -25.46
CA PRO K 180 3.52 -87.15 -26.27
C PRO K 180 3.99 -88.55 -26.63
N ALA K 181 4.57 -88.67 -27.83
CA ALA K 181 5.07 -89.95 -28.29
C ALA K 181 6.23 -90.43 -27.42
N VAL K 182 6.33 -91.74 -27.26
CA VAL K 182 7.45 -92.37 -26.58
C VAL K 182 8.19 -93.25 -27.57
N LEU K 183 9.52 -93.17 -27.57
CA LEU K 183 10.35 -93.95 -28.48
C LEU K 183 10.54 -95.36 -27.94
N GLN K 184 10.09 -96.36 -28.70
CA GLN K 184 10.20 -97.75 -28.30
C GLN K 184 11.59 -98.30 -28.58
N SER K 185 11.85 -99.50 -28.07
CA SER K 185 13.13 -100.17 -28.28
C SER K 185 13.34 -100.53 -29.75
N SER K 186 12.26 -100.80 -30.49
CA SER K 186 12.35 -101.11 -31.91
C SER K 186 12.87 -99.96 -32.74
N GLY K 187 12.90 -98.74 -32.20
CA GLY K 187 13.23 -97.55 -32.96
C GLY K 187 12.01 -96.77 -33.40
N LEU K 188 10.94 -97.46 -33.74
CA LEU K 188 9.67 -96.86 -34.12
C LEU K 188 9.06 -96.13 -32.93
N TYR K 189 8.22 -95.14 -33.23
CA TYR K 189 7.48 -94.37 -32.24
C TYR K 189 6.06 -94.92 -32.04
N SER K 190 5.50 -94.63 -30.86
CA SER K 190 4.11 -94.95 -30.56
C SER K 190 3.51 -93.82 -29.71
N LEU K 191 2.20 -93.64 -29.84
CA LEU K 191 1.51 -92.52 -29.21
C LEU K 191 0.04 -92.87 -29.05
N SER K 192 -0.60 -92.29 -28.04
CA SER K 192 -1.98 -92.62 -27.70
C SER K 192 -2.84 -91.36 -27.61
N SER K 193 -4.13 -91.54 -27.88
CA SER K 193 -5.12 -90.46 -27.77
C SER K 193 -6.37 -91.02 -27.10
N VAL K 194 -6.71 -90.50 -25.94
CA VAL K 194 -7.86 -90.94 -25.15
C VAL K 194 -8.78 -89.75 -24.93
N VAL K 195 -10.08 -90.03 -24.78
CA VAL K 195 -11.07 -89.00 -24.52
C VAL K 195 -12.11 -89.54 -23.54
N THR K 196 -12.45 -88.72 -22.54
CA THR K 196 -13.53 -89.05 -21.61
C THR K 196 -14.83 -88.45 -22.12
N VAL K 197 -15.91 -89.19 -21.91
CA VAL K 197 -17.22 -88.79 -22.42
C VAL K 197 -18.25 -89.40 -21.48
N PRO K 198 -19.44 -88.78 -21.31
CA PRO K 198 -20.46 -89.40 -20.46
C PRO K 198 -20.73 -90.84 -20.87
N SER K 199 -20.88 -91.70 -19.87
CA SER K 199 -21.06 -93.13 -20.13
C SER K 199 -22.38 -93.44 -20.80
N SER K 200 -23.34 -92.52 -20.78
CA SER K 200 -24.65 -92.74 -21.39
C SER K 200 -24.62 -92.60 -22.90
N SER K 201 -23.56 -92.04 -23.47
CA SER K 201 -23.42 -91.88 -24.91
C SER K 201 -22.61 -92.99 -25.55
N LEU K 202 -22.29 -94.05 -24.80
CA LEU K 202 -21.53 -95.17 -25.36
C LEU K 202 -22.31 -95.91 -26.44
N GLY K 203 -23.64 -95.85 -26.40
CA GLY K 203 -24.47 -96.55 -27.36
C GLY K 203 -25.12 -95.65 -28.39
N THR K 204 -25.28 -94.37 -28.06
CA THR K 204 -25.98 -93.44 -28.93
C THR K 204 -25.05 -92.56 -29.77
N GLN K 205 -23.76 -92.52 -29.45
CA GLN K 205 -22.81 -91.63 -30.10
C GLN K 205 -21.71 -92.48 -30.74
N THR K 206 -21.24 -92.08 -31.92
CA THR K 206 -20.16 -92.75 -32.61
C THR K 206 -18.87 -91.97 -32.41
N TYR K 207 -17.78 -92.68 -32.11
CA TYR K 207 -16.48 -92.07 -31.84
C TYR K 207 -15.45 -92.68 -32.77
N ILE K 208 -14.89 -91.88 -33.67
CA ILE K 208 -13.89 -92.32 -34.63
C ILE K 208 -12.68 -91.40 -34.52
N CYS K 209 -11.48 -91.99 -34.47
CA CYS K 209 -10.23 -91.23 -34.45
C CYS K 209 -9.56 -91.27 -35.82
N ASN K 210 -9.27 -90.09 -36.36
CA ASN K 210 -8.69 -89.92 -37.68
C ASN K 210 -7.18 -89.78 -37.52
N VAL K 211 -6.45 -90.84 -37.83
CA VAL K 211 -5.00 -90.86 -37.71
C VAL K 211 -4.39 -90.57 -39.08
N ASN K 212 -3.52 -89.56 -39.14
CA ASN K 212 -2.81 -89.20 -40.36
C ASN K 212 -1.31 -89.13 -40.12
N HIS K 213 -0.56 -89.84 -40.96
CA HIS K 213 0.90 -89.69 -41.03
C HIS K 213 1.27 -89.27 -42.45
N LYS K 214 1.25 -87.96 -42.72
CA LYS K 214 1.60 -87.47 -44.05
C LYS K 214 3.00 -87.84 -44.52
N PRO K 215 4.05 -87.85 -43.68
CA PRO K 215 5.38 -88.22 -44.19
C PRO K 215 5.41 -89.54 -44.95
N SER K 216 4.57 -90.51 -44.58
CA SER K 216 4.46 -91.76 -45.30
C SER K 216 3.25 -91.82 -46.23
N ASN K 217 2.47 -90.74 -46.28
CA ASN K 217 1.25 -90.67 -47.09
C ASN K 217 0.28 -91.79 -46.72
N THR K 218 0.21 -92.10 -45.42
CA THR K 218 -0.68 -93.12 -44.90
C THR K 218 -1.73 -92.43 -44.05
N LYS K 219 -2.98 -92.46 -44.51
CA LYS K 219 -4.13 -91.96 -43.76
C LYS K 219 -5.05 -93.14 -43.46
N VAL K 220 -5.24 -93.43 -42.18
CA VAL K 220 -6.02 -94.57 -41.75
C VAL K 220 -7.02 -94.12 -40.69
N ASP K 221 -8.29 -94.48 -40.89
CA ASP K 221 -9.38 -94.15 -39.98
C ASP K 221 -9.98 -95.45 -39.44
N LYS K 222 -9.64 -95.81 -38.21
CA LYS K 222 -10.09 -97.05 -37.60
C LYS K 222 -11.28 -96.74 -36.69
N ARG K 223 -12.42 -97.40 -36.95
CA ARG K 223 -13.62 -97.20 -36.14
C ARG K 223 -13.57 -97.95 -34.82
N VAL K 224 -13.95 -97.27 -33.75
CA VAL K 224 -13.96 -97.80 -32.39
C VAL K 224 -15.35 -97.61 -31.80
N GLU K 225 -15.83 -98.60 -31.05
CA GLU K 225 -17.09 -98.51 -30.33
C GLU K 225 -17.10 -99.58 -29.25
N PRO K 226 -17.92 -99.42 -28.19
CA PRO K 226 -17.97 -100.39 -27.08
C PRO K 226 -18.32 -101.81 -27.50
N GLN L 1 -27.45 23.12 34.23
CA GLN L 1 -26.66 24.22 33.68
C GLN L 1 -27.41 24.98 32.59
N VAL L 2 -28.59 24.47 32.21
CA VAL L 2 -29.48 25.14 31.27
C VAL L 2 -30.55 25.84 32.09
N GLN L 3 -30.78 27.12 31.80
CA GLN L 3 -31.69 27.94 32.58
C GLN L 3 -33.01 28.06 31.84
N LEU L 4 -34.11 27.84 32.56
CA LEU L 4 -35.45 27.88 31.98
C LEU L 4 -36.13 29.20 32.33
N VAL L 5 -36.46 29.98 31.30
CA VAL L 5 -37.02 31.32 31.44
C VAL L 5 -38.43 31.33 30.87
N GLN L 6 -39.42 31.53 31.75
CA GLN L 6 -40.81 31.59 31.32
C GLN L 6 -41.21 33.03 31.01
N SER L 7 -42.34 33.16 30.32
CA SER L 7 -42.90 34.47 30.03
C SER L 7 -43.42 35.12 31.32
N GLY L 8 -43.70 36.43 31.23
CA GLY L 8 -44.10 37.16 32.42
C GLY L 8 -45.51 36.84 32.86
N ALA L 9 -45.77 37.10 34.14
CA ALA L 9 -47.10 36.92 34.72
C ALA L 9 -48.10 37.87 34.09
N GLU L 10 -49.37 37.46 34.09
CA GLU L 10 -50.42 38.30 33.52
C GLU L 10 -51.77 37.92 34.13
N VAL L 11 -52.74 38.81 33.94
CA VAL L 11 -54.12 38.59 34.37
C VAL L 11 -54.96 38.31 33.13
N LYS L 12 -55.69 37.19 33.14
CA LYS L 12 -56.57 36.82 32.06
C LYS L 12 -58.03 36.81 32.50
N LYS L 13 -58.90 37.20 31.57
CA LYS L 13 -60.32 37.29 31.83
C LYS L 13 -60.94 35.89 31.91
N PRO L 14 -62.02 35.73 32.68
CA PRO L 14 -62.66 34.41 32.77
C PRO L 14 -63.20 33.97 31.42
N GLY L 15 -62.98 32.68 31.10
CA GLY L 15 -63.44 32.09 29.86
C GLY L 15 -62.48 32.19 28.69
N SER L 16 -61.50 33.10 28.75
CA SER L 16 -60.56 33.28 27.66
C SER L 16 -59.50 32.20 27.70
N SER L 17 -58.47 32.34 26.85
CA SER L 17 -57.37 31.39 26.78
C SER L 17 -56.04 32.12 26.99
N VAL L 18 -55.10 31.42 27.63
CA VAL L 18 -53.79 31.97 27.95
C VAL L 18 -52.71 31.09 27.35
N MET L 19 -51.59 31.71 26.96
CA MET L 19 -50.41 31.02 26.48
C MET L 19 -49.19 31.42 27.31
N VAL L 20 -48.49 30.44 27.86
CA VAL L 20 -47.26 30.65 28.60
C VAL L 20 -46.11 30.01 27.84
N SER L 21 -45.00 30.73 27.72
CA SER L 21 -43.80 30.26 27.03
C SER L 21 -42.72 29.94 28.05
N CYS L 22 -41.77 29.10 27.63
CA CYS L 22 -40.67 28.68 28.51
C CYS L 22 -39.44 28.53 27.64
N GLN L 23 -38.43 29.37 27.86
CA GLN L 23 -37.27 29.44 27.00
C GLN L 23 -36.07 28.71 27.61
N ALA L 24 -35.52 27.76 26.86
CA ALA L 24 -34.31 27.05 27.25
C ALA L 24 -33.09 27.65 26.55
N SER L 25 -32.05 27.93 27.31
CA SER L 25 -30.80 28.45 26.77
C SER L 25 -29.66 27.55 27.20
N GLY L 26 -28.86 27.12 26.24
CA GLY L 26 -27.76 26.22 26.51
C GLY L 26 -27.99 24.79 26.09
N GLY L 27 -29.17 24.47 25.58
CA GLY L 27 -29.45 23.12 25.11
C GLY L 27 -30.65 23.13 24.19
N LEU L 28 -30.84 21.99 23.54
CA LEU L 28 -31.94 21.84 22.60
C LEU L 28 -33.18 21.30 23.30
N LEU L 29 -34.36 21.74 22.84
CA LEU L 29 -35.58 21.18 23.40
C LEU L 29 -35.66 19.69 23.14
N GLU L 30 -35.06 19.23 22.04
CA GLU L 30 -35.08 17.81 21.72
C GLU L 30 -34.42 17.00 22.83
N ASP L 31 -33.43 17.57 23.50
CA ASP L 31 -32.70 16.84 24.52
C ASP L 31 -33.45 16.78 25.86
N TYR L 32 -34.72 17.18 25.91
CA TYR L 32 -35.44 17.25 27.17
C TYR L 32 -36.88 16.75 26.98
N ILE L 33 -37.47 16.34 28.12
CA ILE L 33 -38.92 16.25 28.28
C ILE L 33 -39.38 17.55 28.95
N ILE L 34 -40.30 18.25 28.31
CA ILE L 34 -40.79 19.52 28.85
C ILE L 34 -42.15 19.26 29.50
N ASN L 35 -42.22 19.47 30.81
CA ASN L 35 -43.45 19.27 31.56
C ASN L 35 -43.98 20.61 32.06
N TRP L 36 -45.28 20.63 32.33
CA TRP L 36 -45.94 21.79 32.90
C TRP L 36 -46.64 21.39 34.19
N VAL L 37 -46.27 22.04 35.29
CA VAL L 37 -46.84 21.80 36.60
C VAL L 37 -47.41 23.13 37.10
N ARG L 38 -48.56 23.06 37.76
CA ARG L 38 -49.14 24.25 38.37
C ARG L 38 -49.31 24.02 39.87
N GLN L 39 -49.34 25.14 40.60
CA GLN L 39 -49.42 25.10 42.06
C GLN L 39 -50.36 26.20 42.52
N ALA L 40 -51.51 25.82 43.02
CA ALA L 40 -52.47 26.77 43.58
C ALA L 40 -51.98 27.26 44.94
N PRO L 41 -52.40 28.45 45.35
CA PRO L 41 -52.01 28.95 46.66
C PRO L 41 -52.48 28.03 47.78
N GLY L 42 -51.55 27.64 48.66
CA GLY L 42 -51.87 26.77 49.76
C GLY L 42 -52.05 25.30 49.39
N GLN L 43 -51.66 24.91 48.18
CA GLN L 43 -51.79 23.53 47.73
C GLN L 43 -50.44 23.01 47.26
N GLY L 44 -50.38 21.70 47.06
CA GLY L 44 -49.22 21.10 46.46
C GLY L 44 -49.21 21.30 44.96
N PRO L 45 -48.15 20.80 44.33
CA PRO L 45 -48.08 20.87 42.86
C PRO L 45 -49.05 19.89 42.22
N GLU L 46 -49.47 20.23 40.99
CA GLU L 46 -50.38 19.40 40.22
C GLU L 46 -49.81 19.26 38.81
N TRP L 47 -49.68 18.02 38.36
CA TRP L 47 -49.08 17.75 37.05
C TRP L 47 -50.12 17.96 35.96
N MET L 48 -49.77 18.79 34.97
CA MET L 48 -50.66 19.09 33.84
C MET L 48 -50.36 18.26 32.60
N GLY L 49 -49.09 18.10 32.23
CA GLY L 49 -48.76 17.35 31.03
C GLY L 49 -47.30 17.51 30.68
N GLY L 50 -46.90 16.81 29.61
CA GLY L 50 -45.54 16.85 29.14
C GLY L 50 -45.42 16.46 27.68
N ILE L 51 -44.34 16.94 27.06
CA ILE L 51 -44.07 16.71 25.65
C ILE L 51 -42.66 16.12 25.49
N ILE L 52 -42.52 15.18 24.56
CA ILE L 52 -41.25 14.49 24.31
C ILE L 52 -40.81 14.69 22.86
N PRO L 53 -40.07 15.76 22.56
CA PRO L 53 -39.78 16.08 21.16
C PRO L 53 -39.03 15.00 20.39
N VAL L 54 -38.18 14.19 21.02
CA VAL L 54 -37.47 13.16 20.27
C VAL L 54 -38.43 12.12 19.74
N LEU L 55 -39.53 11.91 20.45
CA LEU L 55 -40.51 10.93 20.03
C LEU L 55 -41.74 11.57 19.40
N GLY L 56 -41.85 12.89 19.44
CA GLY L 56 -43.03 13.54 18.91
C GLY L 56 -44.28 13.15 19.65
N THR L 57 -44.19 13.05 20.97
CA THR L 57 -45.30 12.57 21.80
C THR L 57 -45.61 13.60 22.88
N VAL L 58 -46.89 13.89 23.05
CA VAL L 58 -47.38 14.79 24.08
C VAL L 58 -48.33 14.01 24.97
N HIS L 59 -48.26 14.26 26.28
CA HIS L 59 -49.12 13.60 27.24
C HIS L 59 -49.80 14.64 28.10
N TYR L 60 -51.11 14.49 28.31
CA TYR L 60 -51.90 15.42 29.08
C TYR L 60 -52.55 14.69 30.26
N GLY L 61 -52.55 15.34 31.41
CA GLY L 61 -53.31 14.88 32.54
C GLY L 61 -54.79 14.85 32.20
N PRO L 62 -55.49 13.84 32.71
CA PRO L 62 -56.92 13.72 32.39
C PRO L 62 -57.74 14.96 32.70
N LYS L 63 -57.42 15.66 33.79
CA LYS L 63 -58.18 16.86 34.16
C LYS L 63 -58.01 17.98 33.16
N PHE L 64 -56.89 17.99 32.43
CA PHE L 64 -56.55 19.10 31.55
C PHE L 64 -56.61 18.75 30.07
N GLN L 65 -56.65 17.47 29.72
CA GLN L 65 -56.67 17.08 28.32
C GLN L 65 -57.94 17.57 27.65
N GLY L 66 -57.78 18.09 26.44
CA GLY L 66 -58.86 18.69 25.70
C GLY L 66 -59.06 20.16 25.95
N ARG L 67 -58.40 20.74 26.96
CA ARG L 67 -58.40 22.19 27.14
C ARG L 67 -57.01 22.73 27.46
N VAL L 68 -55.97 21.89 27.36
CA VAL L 68 -54.58 22.32 27.49
C VAL L 68 -53.84 21.90 26.23
N THR L 69 -53.02 22.81 25.70
CA THR L 69 -52.23 22.55 24.50
C THR L 69 -50.77 22.85 24.80
N ILE L 70 -49.92 21.85 24.62
CA ILE L 70 -48.48 22.00 24.79
C ILE L 70 -47.82 21.77 23.46
N THR L 71 -46.97 22.71 23.05
CA THR L 71 -46.25 22.61 21.80
C THR L 71 -44.77 22.84 22.08
N ALA L 72 -43.93 22.37 21.16
CA ALA L 72 -42.49 22.54 21.28
C ALA L 72 -41.99 23.12 19.96
N ASP L 73 -41.65 24.40 19.96
CA ASP L 73 -41.15 25.07 18.76
C ASP L 73 -39.62 24.91 18.75
N GLU L 74 -39.14 23.94 17.97
CA GLU L 74 -37.70 23.69 17.93
C GLU L 74 -36.94 24.79 17.21
N SER L 75 -37.64 25.65 16.46
CA SER L 75 -36.97 26.73 15.76
C SER L 75 -36.47 27.82 16.71
N THR L 76 -37.03 27.91 17.91
CA THR L 76 -36.61 28.90 18.88
C THR L 76 -36.24 28.32 20.25
N ASP L 77 -36.33 27.00 20.44
CA ASP L 77 -36.10 26.37 21.74
C ASP L 77 -37.05 26.92 22.79
N THR L 78 -38.28 27.20 22.39
CA THR L 78 -39.33 27.70 23.28
C THR L 78 -40.43 26.65 23.40
N ALA L 79 -40.75 26.28 24.62
CA ALA L 79 -41.91 25.44 24.89
C ALA L 79 -43.08 26.33 25.26
N TYR L 80 -44.29 25.86 25.00
CA TYR L 80 -45.48 26.66 25.21
C TYR L 80 -46.52 25.85 25.96
N MET L 81 -47.45 26.57 26.57
CA MET L 81 -48.58 25.97 27.26
C MET L 81 -49.79 26.83 27.00
N GLU L 82 -50.80 26.25 26.36
CA GLU L 82 -52.03 26.96 26.03
C GLU L 82 -53.18 26.33 26.81
N LEU L 83 -53.77 27.09 27.72
CA LEU L 83 -54.91 26.65 28.52
C LEU L 83 -56.15 27.47 28.16
N SER L 84 -57.22 26.78 27.79
CA SER L 84 -58.44 27.43 27.33
C SER L 84 -59.54 27.30 28.38
N SER L 85 -60.53 28.18 28.27
CA SER L 85 -61.68 28.25 29.18
C SER L 85 -61.20 28.40 30.63
N LEU L 86 -60.65 29.59 30.90
CA LEU L 86 -60.07 29.90 32.21
C LEU L 86 -61.15 30.23 33.23
N ARG L 87 -60.97 29.73 34.46
CA ARG L 87 -61.89 30.02 35.55
C ARG L 87 -61.10 30.20 36.84
N SER L 88 -61.85 30.43 37.93
CA SER L 88 -61.26 30.76 39.22
C SER L 88 -60.36 29.65 39.73
N GLU L 89 -60.73 28.40 39.47
CA GLU L 89 -59.95 27.26 39.93
C GLU L 89 -58.51 27.30 39.40
N ASP L 90 -58.27 28.08 38.34
CA ASP L 90 -56.99 28.12 37.68
C ASP L 90 -56.01 29.11 38.32
N THR L 91 -56.45 29.95 39.26
CA THR L 91 -55.52 30.87 39.91
C THR L 91 -54.46 30.07 40.64
N ALA L 92 -53.23 30.10 40.12
CA ALA L 92 -52.17 29.22 40.58
C ALA L 92 -50.85 29.71 40.03
N MET L 93 -49.78 29.25 40.65
CA MET L 93 -48.44 29.48 40.14
C MET L 93 -48.11 28.38 39.13
N TYR L 94 -47.78 28.77 37.90
CA TYR L 94 -47.54 27.83 36.83
C TYR L 94 -46.04 27.66 36.57
N TYR L 95 -45.58 26.41 36.57
CA TYR L 95 -44.18 26.08 36.45
C TYR L 95 -43.90 25.30 35.17
N CYS L 96 -42.75 25.58 34.58
CA CYS L 96 -42.22 24.83 33.45
C CYS L 96 -41.08 23.95 33.95
N ALA L 97 -41.22 22.63 33.79
CA ALA L 97 -40.28 21.67 34.39
C ALA L 97 -39.81 20.65 33.36
N THR L 98 -38.53 20.30 33.44
CA THR L 98 -37.90 19.42 32.46
C THR L 98 -37.35 18.14 33.09
N GLU L 99 -37.21 17.12 32.24
CA GLU L 99 -36.47 15.89 32.54
C GLU L 99 -35.48 15.62 31.43
N THR L 100 -34.25 15.29 31.79
CA THR L 100 -33.22 15.09 30.79
C THR L 100 -33.58 13.88 29.93
N ALA L 101 -33.43 14.02 28.62
CA ALA L 101 -33.83 12.99 27.65
C ALA L 101 -32.68 12.62 26.73
N LEU L 102 -31.51 12.31 27.29
CA LEU L 102 -30.36 11.94 26.47
C LEU L 102 -30.54 10.56 25.85
N VAL L 103 -30.75 9.54 26.68
CA VAL L 103 -30.95 8.17 26.21
C VAL L 103 -32.44 7.89 26.32
N VAL L 104 -33.12 7.87 25.18
CA VAL L 104 -34.58 7.79 25.14
C VAL L 104 -34.97 6.53 24.40
N SER L 105 -35.87 5.75 25.01
CA SER L 105 -36.55 4.65 24.33
C SER L 105 -37.93 5.10 23.91
N GLU L 106 -38.59 4.27 23.11
CA GLU L 106 -39.99 4.53 22.83
C GLU L 106 -40.83 4.21 24.06
N THR L 107 -42.07 4.70 24.06
CA THR L 107 -42.99 4.57 25.18
C THR L 107 -42.38 5.13 26.47
N TYR L 108 -41.51 6.11 26.33
CA TYR L 108 -40.92 6.77 27.48
C TYR L 108 -41.94 7.76 28.06
N LEU L 109 -42.01 7.85 29.38
CA LEU L 109 -42.98 8.67 30.08
C LEU L 109 -42.26 9.72 30.92
N PRO L 110 -42.91 10.84 31.22
CA PRO L 110 -42.33 11.79 32.19
C PRO L 110 -42.30 11.17 33.58
N HIS L 111 -41.21 11.40 34.29
CA HIS L 111 -41.06 10.80 35.60
C HIS L 111 -40.74 11.78 36.70
N TYR L 112 -39.89 12.78 36.43
CA TYR L 112 -39.46 13.69 37.47
C TYR L 112 -39.09 15.03 36.84
N PHE L 113 -38.75 15.98 37.70
CA PHE L 113 -38.44 17.35 37.28
C PHE L 113 -37.15 17.78 37.98
N ASP L 114 -36.04 17.79 37.23
CA ASP L 114 -34.74 18.17 37.78
C ASP L 114 -34.38 19.62 37.49
N ASN L 115 -34.99 20.23 36.48
CA ASN L 115 -34.70 21.60 36.10
C ASN L 115 -36.02 22.34 35.91
N TRP L 116 -36.15 23.48 36.58
CA TRP L 116 -37.40 24.21 36.69
C TRP L 116 -37.27 25.62 36.13
N GLY L 117 -38.39 26.14 35.62
CA GLY L 117 -38.52 27.55 35.34
C GLY L 117 -38.72 28.32 36.63
N GLN L 118 -38.76 29.64 36.49
CA GLN L 118 -38.93 30.51 37.64
C GLN L 118 -40.37 30.58 38.13
N GLY L 119 -41.33 30.16 37.31
CA GLY L 119 -42.73 30.22 37.69
C GLY L 119 -43.44 31.46 37.19
N THR L 120 -44.71 31.29 36.81
CA THR L 120 -45.54 32.37 36.31
C THR L 120 -46.87 32.36 37.06
N LEU L 121 -47.16 33.42 37.79
CA LEU L 121 -48.40 33.53 38.56
C LEU L 121 -49.47 34.10 37.65
N VAL L 122 -50.42 33.26 37.27
CA VAL L 122 -51.56 33.69 36.46
C VAL L 122 -52.74 33.86 37.39
N THR L 123 -53.29 35.07 37.42
CA THR L 123 -54.47 35.39 38.20
C THR L 123 -55.60 35.67 37.22
N VAL L 124 -56.68 34.90 37.31
CA VAL L 124 -57.83 35.04 36.43
C VAL L 124 -58.87 35.90 37.11
N SER L 125 -59.20 37.03 36.48
CA SER L 125 -60.18 37.95 37.06
C SER L 125 -60.70 38.88 35.98
N SER L 126 -61.85 39.47 36.26
CA SER L 126 -62.45 40.43 35.34
C SER L 126 -61.85 41.82 35.48
N ALA L 127 -60.98 42.03 36.48
CA ALA L 127 -60.31 43.30 36.65
C ALA L 127 -59.04 43.36 35.81
N SER L 128 -58.70 44.56 35.36
CA SER L 128 -57.51 44.79 34.56
C SER L 128 -56.33 45.11 35.48
N THR L 129 -55.28 45.66 34.91
CA THR L 129 -54.00 45.81 35.58
C THR L 129 -53.79 47.25 35.99
N LYS L 130 -53.22 47.44 37.19
CA LYS L 130 -52.94 48.78 37.71
C LYS L 130 -51.63 48.73 38.47
N GLY L 131 -50.75 49.69 38.20
CA GLY L 131 -49.46 49.74 38.82
C GLY L 131 -49.46 50.38 40.19
N PRO L 132 -48.49 50.00 41.01
CA PRO L 132 -48.43 50.48 42.40
C PRO L 132 -47.64 51.77 42.55
N SER L 133 -47.86 52.43 43.69
CA SER L 133 -47.06 53.57 44.11
C SER L 133 -46.15 53.14 45.26
N VAL L 134 -44.93 53.67 45.26
CA VAL L 134 -43.92 53.30 46.25
C VAL L 134 -43.67 54.50 47.15
N PHE L 135 -43.73 54.28 48.46
CA PHE L 135 -43.55 55.36 49.41
C PHE L 135 -42.52 55.02 50.47
N PRO L 136 -41.63 55.95 50.79
CA PRO L 136 -40.56 55.68 51.76
C PRO L 136 -41.07 55.46 53.17
N LEU L 137 -40.31 54.65 53.92
CA LEU L 137 -40.49 54.43 55.35
C LEU L 137 -39.20 54.89 56.02
N ALA L 138 -39.08 56.20 56.22
CA ALA L 138 -37.81 56.77 56.63
C ALA L 138 -37.46 56.39 58.07
N PRO L 139 -36.19 56.11 58.37
CA PRO L 139 -35.77 55.89 59.75
C PRO L 139 -35.54 57.22 60.46
N SER L 140 -35.39 57.16 61.77
CA SER L 140 -35.16 58.37 62.56
C SER L 140 -34.48 57.99 63.86
N SER L 141 -34.55 58.88 64.85
CA SER L 141 -33.98 58.62 66.16
C SER L 141 -34.97 57.84 67.02
N GLY L 147 -28.52 51.14 68.54
CA GLY L 147 -28.00 49.84 68.17
C GLY L 147 -28.03 49.54 66.68
N THR L 148 -29.23 49.46 66.12
CA THR L 148 -29.42 49.19 64.71
C THR L 148 -30.76 49.74 64.29
N ALA L 149 -30.78 50.47 63.18
CA ALA L 149 -32.01 51.05 62.66
C ALA L 149 -32.51 50.25 61.47
N ALA L 150 -33.79 50.45 61.15
CA ALA L 150 -34.42 49.76 60.05
C ALA L 150 -35.09 50.78 59.14
N LEU L 151 -35.13 50.46 57.84
CA LEU L 151 -35.81 51.30 56.86
C LEU L 151 -36.45 50.39 55.83
N GLY L 152 -37.26 50.99 54.97
CA GLY L 152 -37.92 50.24 53.92
C GLY L 152 -38.76 51.15 53.06
N CYS L 153 -39.52 50.54 52.16
CA CYS L 153 -40.46 51.27 51.33
C CYS L 153 -41.73 50.43 51.21
N LEU L 154 -42.85 51.12 50.98
CA LEU L 154 -44.16 50.49 50.91
C LEU L 154 -44.67 50.49 49.48
N VAL L 155 -45.02 49.31 48.98
CA VAL L 155 -45.54 49.13 47.62
C VAL L 155 -47.02 48.87 47.75
N LYS L 156 -47.84 49.86 47.37
CA LYS L 156 -49.26 49.86 47.67
C LYS L 156 -50.07 49.98 46.38
N ASP L 157 -51.20 49.28 46.35
CA ASP L 157 -52.24 49.42 45.32
C ASP L 157 -51.80 48.91 43.95
N TYR L 158 -51.61 47.59 43.83
CA TYR L 158 -51.30 46.99 42.55
C TYR L 158 -52.17 45.76 42.33
N PHE L 159 -52.30 45.37 41.05
CA PHE L 159 -53.02 44.18 40.65
C PHE L 159 -52.56 43.78 39.26
N PRO L 160 -52.33 42.48 39.00
CA PRO L 160 -52.41 41.42 40.00
C PRO L 160 -51.07 41.21 40.63
N GLU L 161 -50.95 40.22 41.51
CA GLU L 161 -49.63 39.86 41.96
C GLU L 161 -48.84 39.24 40.81
N PRO L 162 -47.50 39.26 40.89
CA PRO L 162 -46.70 39.77 41.99
C PRO L 162 -45.99 41.09 41.76
N VAL L 163 -45.53 41.69 42.84
CA VAL L 163 -44.57 42.80 42.81
C VAL L 163 -43.28 42.30 43.44
N THR L 164 -42.15 42.63 42.81
CA THR L 164 -40.85 42.27 43.33
C THR L 164 -40.10 43.53 43.74
N VAL L 165 -39.13 43.35 44.64
CA VAL L 165 -38.38 44.48 45.20
C VAL L 165 -36.98 44.01 45.53
N SER L 166 -36.00 44.82 45.16
CA SER L 166 -34.60 44.56 45.48
C SER L 166 -33.99 45.84 46.03
N TRP L 167 -33.07 45.67 46.97
CA TRP L 167 -32.43 46.79 47.65
C TRP L 167 -31.02 47.00 47.11
N ASN L 168 -30.73 48.23 46.67
CA ASN L 168 -29.43 48.59 46.08
C ASN L 168 -29.10 47.65 44.93
N SER L 169 -30.07 47.46 44.04
CA SER L 169 -29.93 46.62 42.85
C SER L 169 -29.55 45.17 43.23
N GLY L 170 -30.04 44.70 44.37
CA GLY L 170 -29.75 43.35 44.81
C GLY L 170 -28.51 43.21 45.67
N ALA L 171 -27.82 44.30 45.97
CA ALA L 171 -26.60 44.24 46.78
C ALA L 171 -26.90 43.95 48.25
N LEU L 172 -27.98 44.52 48.77
CA LEU L 172 -28.34 44.38 50.17
C LEU L 172 -29.35 43.25 50.29
N THR L 173 -28.90 42.11 50.84
CA THR L 173 -29.77 40.95 50.98
C THR L 173 -29.76 40.45 52.42
N SER L 174 -28.62 40.58 53.10
CA SER L 174 -28.54 40.17 54.50
C SER L 174 -29.37 41.14 55.35
N GLY L 175 -30.47 40.64 55.89
CA GLY L 175 -31.32 41.43 56.75
C GLY L 175 -32.59 41.95 56.11
N VAL L 176 -32.84 41.63 54.84
CA VAL L 176 -34.06 42.09 54.18
C VAL L 176 -35.21 41.18 54.58
N HIS L 177 -36.37 41.78 54.79
CA HIS L 177 -37.60 41.05 55.04
C HIS L 177 -38.67 41.67 54.17
N THR L 178 -39.05 40.97 53.11
CA THR L 178 -40.14 41.40 52.24
C THR L 178 -41.37 40.58 52.60
N PHE L 179 -42.36 41.24 53.16
CA PHE L 179 -43.50 40.56 53.72
C PHE L 179 -44.47 40.20 52.61
N PRO L 180 -45.23 39.12 52.79
CA PRO L 180 -46.24 38.76 51.79
C PRO L 180 -47.27 39.87 51.58
N ALA L 181 -47.76 39.94 50.35
CA ALA L 181 -48.76 40.93 50.01
C ALA L 181 -50.04 40.69 50.79
N VAL L 182 -50.76 41.77 51.10
CA VAL L 182 -52.07 41.70 51.73
C VAL L 182 -53.10 42.28 50.77
N LEU L 183 -54.23 41.59 50.64
CA LEU L 183 -55.30 42.05 49.78
C LEU L 183 -56.10 43.12 50.51
N GLN L 184 -56.09 44.34 49.96
CA GLN L 184 -56.84 45.40 50.58
C GLN L 184 -58.31 45.33 50.18
N SER L 185 -59.13 46.12 50.89
CA SER L 185 -60.56 46.18 50.58
C SER L 185 -60.79 46.78 49.20
N SER L 186 -59.89 47.65 48.74
CA SER L 186 -59.99 48.25 47.41
C SER L 186 -59.88 47.23 46.29
N GLY L 187 -59.43 46.02 46.57
CA GLY L 187 -59.14 45.04 45.54
C GLY L 187 -57.68 44.93 45.20
N LEU L 188 -57.02 46.06 45.04
CA LEU L 188 -55.59 46.06 44.79
C LEU L 188 -54.84 45.49 46.00
N TYR L 189 -53.65 44.98 45.75
CA TYR L 189 -52.74 44.44 46.75
C TYR L 189 -51.75 45.50 47.24
N SER L 190 -51.23 45.26 48.45
CA SER L 190 -50.20 46.10 49.03
C SER L 190 -49.19 45.24 49.77
N LEU L 191 -47.96 45.73 49.88
CA LEU L 191 -46.87 44.92 50.39
C LEU L 191 -45.77 45.82 50.93
N SER L 192 -45.02 45.29 51.88
CA SER L 192 -43.94 46.01 52.53
C SER L 192 -42.65 45.23 52.40
N SER L 193 -41.54 45.96 52.35
CA SER L 193 -40.21 45.37 52.31
C SER L 193 -39.34 46.15 53.26
N VAL L 194 -38.85 45.49 54.31
CA VAL L 194 -38.05 46.14 55.32
C VAL L 194 -36.69 45.46 55.39
N VAL L 195 -35.67 46.24 55.72
CA VAL L 195 -34.32 45.75 55.93
C VAL L 195 -33.69 46.58 57.04
N THR L 196 -33.00 45.91 57.95
CA THR L 196 -32.28 46.57 59.03
C THR L 196 -30.86 46.86 58.60
N VAL L 197 -30.31 47.98 59.06
CA VAL L 197 -28.96 48.39 58.66
C VAL L 197 -28.34 49.16 59.81
N PRO L 198 -27.02 49.09 60.00
CA PRO L 198 -26.39 49.86 61.09
C PRO L 198 -26.72 51.34 61.06
N SER L 199 -26.97 51.89 62.26
CA SER L 199 -27.38 53.28 62.40
C SER L 199 -26.27 54.28 62.06
N SER L 200 -25.02 53.84 62.00
CA SER L 200 -23.93 54.77 61.72
C SER L 200 -23.81 55.13 60.24
N SER L 201 -24.44 54.37 59.35
CA SER L 201 -24.42 54.64 57.93
C SER L 201 -25.67 55.36 57.45
N LEU L 202 -26.50 55.86 58.36
CA LEU L 202 -27.73 56.53 57.95
C LEU L 202 -27.47 57.79 57.14
N GLY L 203 -26.29 58.42 57.31
CA GLY L 203 -26.01 59.62 56.56
C GLY L 203 -25.03 59.41 55.42
N THR L 204 -24.21 58.37 55.53
CA THR L 204 -23.13 58.13 54.58
C THR L 204 -23.51 57.15 53.48
N GLN L 205 -24.63 56.45 53.62
CA GLN L 205 -24.98 55.37 52.70
C GLN L 205 -26.29 55.67 51.98
N THR L 206 -26.34 55.27 50.71
CA THR L 206 -27.54 55.41 49.89
C THR L 206 -28.25 54.06 49.81
N TYR L 207 -29.56 54.08 50.07
CA TYR L 207 -30.38 52.87 50.07
C TYR L 207 -31.53 53.10 49.11
N ILE L 208 -31.59 52.29 48.06
CA ILE L 208 -32.61 52.40 47.02
C ILE L 208 -33.29 51.05 46.87
N CYS L 209 -34.62 51.06 46.86
CA CYS L 209 -35.40 49.85 46.65
C CYS L 209 -35.91 49.82 45.21
N ASN L 210 -35.59 48.74 44.51
CA ASN L 210 -35.91 48.57 43.09
C ASN L 210 -37.20 47.75 43.01
N VAL L 211 -38.32 48.43 42.77
CA VAL L 211 -39.63 47.79 42.69
C VAL L 211 -39.97 47.52 41.24
N ASN L 212 -40.32 46.29 40.93
CA ASN L 212 -40.74 45.91 39.58
C ASN L 212 -42.11 45.26 39.63
N HIS L 213 -43.05 45.80 38.87
CA HIS L 213 -44.34 45.17 38.63
C HIS L 213 -44.50 44.98 37.13
N LYS L 214 -43.99 43.86 36.62
CA LYS L 214 -44.08 43.61 35.19
C LYS L 214 -45.51 43.59 34.66
N PRO L 215 -46.53 43.08 35.37
CA PRO L 215 -47.88 43.09 34.80
C PRO L 215 -48.36 44.45 34.32
N SER L 216 -47.97 45.54 34.97
CA SER L 216 -48.36 46.88 34.55
C SER L 216 -47.26 47.61 33.80
N ASN L 217 -46.13 46.93 33.55
CA ASN L 217 -44.98 47.52 32.86
C ASN L 217 -44.48 48.75 33.62
N THR L 218 -44.49 48.67 34.94
CA THR L 218 -44.07 49.76 35.82
C THR L 218 -42.80 49.34 36.56
N LYS L 219 -41.70 50.03 36.27
CA LYS L 219 -40.45 49.87 37.00
C LYS L 219 -40.13 51.18 37.69
N VAL L 220 -40.10 51.16 39.02
CA VAL L 220 -39.87 52.36 39.82
C VAL L 220 -38.78 52.07 40.83
N ASP L 221 -37.77 52.95 40.88
CA ASP L 221 -36.64 52.82 41.80
C ASP L 221 -36.67 54.05 42.71
N LYS L 222 -37.22 53.91 43.92
CA LYS L 222 -37.36 55.04 44.83
C LYS L 222 -36.30 54.96 45.93
N ARG L 223 -35.48 56.01 46.02
CA ARG L 223 -34.46 56.15 47.05
C ARG L 223 -35.05 56.66 48.35
N VAL L 224 -34.57 56.13 49.47
CA VAL L 224 -35.09 56.46 50.79
C VAL L 224 -34.00 57.13 51.60
N GLU L 225 -34.38 58.16 52.36
CA GLU L 225 -33.49 58.92 53.24
C GLU L 225 -34.35 59.62 54.28
N PRO L 226 -33.78 59.94 55.46
CA PRO L 226 -34.52 60.65 56.52
C PRO L 226 -35.05 62.02 56.08
N GLN M 1 -31.09 -0.24 67.79
CA GLN M 1 -32.39 0.37 68.08
C GLN M 1 -33.09 -0.43 69.17
N VAL M 2 -32.46 -1.54 69.54
CA VAL M 2 -32.93 -2.38 70.63
C VAL M 2 -32.10 -2.05 71.87
N GLN M 3 -32.77 -1.83 72.99
CA GLN M 3 -32.10 -1.43 74.21
C GLN M 3 -31.94 -2.65 75.09
N LEU M 4 -30.71 -2.86 75.56
CA LEU M 4 -30.36 -3.99 76.41
C LEU M 4 -30.29 -3.50 77.85
N VAL M 5 -31.14 -4.06 78.71
CA VAL M 5 -31.28 -3.60 80.08
C VAL M 5 -30.74 -4.70 80.98
N GLN M 6 -29.60 -4.43 81.61
CA GLN M 6 -28.98 -5.38 82.51
C GLN M 6 -29.45 -5.13 83.94
N SER M 7 -29.26 -6.13 84.79
CA SER M 7 -29.59 -5.97 86.20
C SER M 7 -28.64 -4.96 86.83
N GLY M 8 -29.03 -4.46 88.00
CA GLY M 8 -28.24 -3.45 88.65
C GLY M 8 -26.96 -4.02 89.25
N ALA M 9 -25.99 -3.13 89.46
CA ALA M 9 -24.76 -3.56 90.11
C ALA M 9 -25.04 -4.04 91.53
N GLU M 10 -24.21 -4.95 92.02
CA GLU M 10 -24.39 -5.47 93.36
C GLU M 10 -23.09 -6.05 93.89
N VAL M 11 -23.03 -6.20 95.21
CA VAL M 11 -21.90 -6.81 95.91
C VAL M 11 -22.32 -8.21 96.36
N LYS M 12 -21.55 -9.22 95.95
CA LYS M 12 -21.79 -10.59 96.37
C LYS M 12 -20.63 -11.11 97.20
N LYS M 13 -20.96 -11.96 98.17
CA LYS M 13 -19.94 -12.49 99.06
C LYS M 13 -19.04 -13.45 98.30
N PRO M 14 -17.76 -13.54 98.70
CA PRO M 14 -16.86 -14.50 98.07
C PRO M 14 -17.37 -15.91 98.27
N GLY M 15 -17.27 -16.72 97.23
CA GLY M 15 -17.75 -18.08 97.26
C GLY M 15 -19.19 -18.24 96.82
N SER M 16 -19.98 -17.17 96.84
CA SER M 16 -21.37 -17.22 96.43
C SER M 16 -21.43 -17.19 94.90
N SER M 17 -22.63 -17.07 94.36
CA SER M 17 -22.84 -16.99 92.93
C SER M 17 -23.61 -15.71 92.61
N VAL M 18 -23.29 -15.13 91.46
CA VAL M 18 -23.94 -13.90 91.02
C VAL M 18 -24.60 -14.19 89.69
N MET M 19 -25.74 -13.55 89.45
CA MET M 19 -26.44 -13.64 88.19
C MET M 19 -26.65 -12.24 87.64
N VAL M 20 -26.25 -12.04 86.39
CA VAL M 20 -26.47 -10.79 85.70
C VAL M 20 -27.50 -11.07 84.62
N SER M 21 -28.52 -10.23 84.53
CA SER M 21 -29.58 -10.41 83.56
C SER M 21 -29.39 -9.40 82.44
N CYS M 22 -29.98 -9.71 81.29
CA CYS M 22 -29.85 -8.82 80.15
C CYS M 22 -31.15 -8.88 79.37
N GLN M 23 -31.89 -7.77 79.39
CA GLN M 23 -33.23 -7.68 78.82
C GLN M 23 -33.21 -6.96 77.49
N ALA M 24 -33.79 -7.59 76.47
CA ALA M 24 -33.94 -6.96 75.17
C ALA M 24 -35.31 -6.31 75.08
N SER M 25 -35.34 -5.05 74.65
CA SER M 25 -36.59 -4.32 74.44
C SER M 25 -36.61 -3.84 72.99
N GLY M 26 -37.66 -4.20 72.27
CA GLY M 26 -37.79 -3.81 70.88
C GLY M 26 -37.49 -4.93 69.89
N GLY M 27 -37.04 -6.09 70.37
CA GLY M 27 -36.77 -7.20 69.48
C GLY M 27 -36.72 -8.49 70.27
N LEU M 28 -36.73 -9.60 69.54
CA LEU M 28 -36.71 -10.91 70.16
C LEU M 28 -35.29 -11.43 70.31
N LEU M 29 -35.07 -12.20 71.39
CA LEU M 29 -33.74 -12.79 71.62
C LEU M 29 -33.35 -13.77 70.52
N GLU M 30 -34.33 -14.43 69.91
CA GLU M 30 -34.03 -15.40 68.86
C GLU M 30 -33.27 -14.75 67.71
N ASP M 31 -33.47 -13.46 67.50
CA ASP M 31 -32.85 -12.72 66.42
C ASP M 31 -31.43 -12.27 66.72
N TYR M 32 -30.81 -12.75 67.80
CA TYR M 32 -29.48 -12.28 68.18
C TYR M 32 -28.62 -13.43 68.67
N ILE M 33 -27.32 -13.22 68.61
CA ILE M 33 -26.36 -13.95 69.43
C ILE M 33 -26.08 -13.13 70.66
N ILE M 34 -26.33 -13.70 71.84
CA ILE M 34 -26.17 -13.00 73.10
C ILE M 34 -24.86 -13.46 73.73
N ASN M 35 -23.94 -12.53 73.89
CA ASN M 35 -22.62 -12.79 74.48
C ASN M 35 -22.50 -12.09 75.83
N TRP M 36 -21.60 -12.62 76.66
CA TRP M 36 -21.28 -12.02 77.94
C TRP M 36 -19.79 -11.71 78.02
N VAL M 37 -19.47 -10.44 78.23
CA VAL M 37 -18.09 -9.97 78.33
C VAL M 37 -17.92 -9.27 79.68
N ARG M 38 -16.79 -9.52 80.34
CA ARG M 38 -16.45 -8.85 81.58
C ARG M 38 -15.13 -8.13 81.41
N GLN M 39 -14.90 -7.14 82.25
CA GLN M 39 -13.67 -6.33 82.19
C GLN M 39 -13.23 -6.06 83.62
N ALA M 40 -12.11 -6.64 84.02
CA ALA M 40 -11.59 -6.35 85.34
C ALA M 40 -11.00 -4.94 85.36
N PRO M 41 -10.97 -4.29 86.52
CA PRO M 41 -10.38 -2.95 86.61
C PRO M 41 -8.93 -2.98 86.16
N GLY M 42 -8.59 -2.05 85.27
CA GLY M 42 -7.24 -1.96 84.74
C GLY M 42 -6.93 -2.98 83.66
N GLN M 43 -7.93 -3.67 83.11
CA GLN M 43 -7.74 -4.64 82.04
C GLN M 43 -8.66 -4.34 80.87
N GLY M 44 -8.37 -5.01 79.76
CA GLY M 44 -9.23 -5.05 78.61
C GLY M 44 -10.39 -6.00 78.79
N PRO M 45 -11.23 -6.10 77.76
CA PRO M 45 -12.34 -7.05 77.81
C PRO M 45 -11.90 -8.49 77.68
N GLU M 46 -12.70 -9.38 78.24
CA GLU M 46 -12.46 -10.82 78.25
C GLU M 46 -13.75 -11.53 77.85
N TRP M 47 -13.67 -12.40 76.85
CA TRP M 47 -14.87 -13.10 76.39
C TRP M 47 -15.18 -14.27 77.31
N MET M 48 -16.41 -14.29 77.84
CA MET M 48 -16.86 -15.35 78.73
C MET M 48 -17.63 -16.44 78.00
N GLY M 49 -18.51 -16.06 77.09
CA GLY M 49 -19.30 -17.05 76.38
C GLY M 49 -20.39 -16.36 75.58
N GLY M 50 -21.14 -17.18 74.86
CA GLY M 50 -22.22 -16.68 74.05
C GLY M 50 -23.23 -17.76 73.75
N ILE M 51 -24.47 -17.33 73.50
CA ILE M 51 -25.58 -18.23 73.23
C ILE M 51 -26.24 -17.82 71.94
N ILE M 52 -26.67 -18.81 71.15
CA ILE M 52 -27.32 -18.57 69.87
C ILE M 52 -28.71 -19.17 69.94
N PRO M 53 -29.72 -18.45 70.41
CA PRO M 53 -31.04 -19.07 70.64
C PRO M 53 -31.64 -19.67 69.39
N VAL M 54 -31.33 -19.12 68.21
CA VAL M 54 -31.89 -19.65 66.98
C VAL M 54 -31.36 -21.05 66.68
N LEU M 55 -30.16 -21.39 67.16
CA LEU M 55 -29.54 -22.69 66.92
C LEU M 55 -29.61 -23.64 68.12
N GLY M 56 -30.05 -23.15 69.28
CA GLY M 56 -30.02 -23.97 70.48
C GLY M 56 -28.62 -24.33 70.89
N THR M 57 -27.69 -23.39 70.75
CA THR M 57 -26.27 -23.62 71.02
C THR M 57 -25.72 -22.59 71.98
N VAL M 58 -24.92 -23.04 72.93
CA VAL M 58 -24.22 -22.20 73.88
C VAL M 58 -22.73 -22.44 73.71
N HIS M 59 -21.95 -21.37 73.80
CA HIS M 59 -20.50 -21.44 73.67
C HIS M 59 -19.86 -20.78 74.88
N TYR M 60 -18.85 -21.44 75.46
CA TYR M 60 -18.17 -20.92 76.64
C TYR M 60 -16.68 -20.76 76.36
N GLY M 61 -16.13 -19.68 76.88
CA GLY M 61 -14.69 -19.52 76.94
C GLY M 61 -14.09 -20.59 77.83
N PRO M 62 -12.93 -21.12 77.43
CA PRO M 62 -12.34 -22.22 78.20
C PRO M 62 -12.08 -21.86 79.65
N LYS M 63 -11.66 -20.64 79.93
CA LYS M 63 -11.32 -20.26 81.29
C LYS M 63 -12.53 -20.30 82.21
N PHE M 64 -13.74 -20.21 81.65
CA PHE M 64 -14.96 -20.05 82.42
C PHE M 64 -15.89 -21.25 82.41
N GLN M 65 -15.66 -22.25 81.55
CA GLN M 65 -16.54 -23.41 81.50
C GLN M 65 -16.54 -24.16 82.82
N GLY M 66 -17.75 -24.60 83.23
CA GLY M 66 -17.95 -25.29 84.49
C GLY M 66 -18.29 -24.41 85.66
N ARG M 67 -18.12 -23.08 85.54
CA ARG M 67 -18.62 -22.18 86.57
C ARG M 67 -19.33 -20.95 86.00
N VAL M 68 -19.60 -20.92 84.69
CA VAL M 68 -20.40 -19.87 84.08
C VAL M 68 -21.57 -20.53 83.36
N THR M 69 -22.77 -19.99 83.55
CA THR M 69 -23.98 -20.52 82.92
C THR M 69 -24.69 -19.39 82.20
N ILE M 70 -24.92 -19.57 80.89
CA ILE M 70 -25.63 -18.60 80.06
C ILE M 70 -26.91 -19.25 79.55
N THR M 71 -28.05 -18.58 79.76
CA THR M 71 -29.34 -19.05 79.29
C THR M 71 -30.07 -17.91 78.60
N ALA M 72 -31.04 -18.27 77.76
CA ALA M 72 -31.84 -17.30 77.02
C ALA M 72 -33.31 -17.63 77.22
N ASP M 73 -34.01 -16.83 78.02
CA ASP M 73 -35.44 -17.05 78.28
C ASP M 73 -36.24 -16.30 77.22
N GLU M 74 -36.71 -17.03 76.21
CA GLU M 74 -37.44 -16.42 75.10
C GLU M 74 -38.86 -16.00 75.47
N SER M 75 -39.40 -16.48 76.59
CA SER M 75 -40.75 -16.10 76.97
C SER M 75 -40.82 -14.63 77.41
N THR M 76 -39.69 -14.05 77.83
CA THR M 76 -39.64 -12.66 78.25
C THR M 76 -38.58 -11.87 77.50
N ASP M 77 -37.86 -12.50 76.56
CA ASP M 77 -36.74 -11.89 75.84
C ASP M 77 -35.65 -11.40 76.79
N THR M 78 -35.43 -12.15 77.88
CA THR M 78 -34.40 -11.83 78.85
C THR M 78 -33.34 -12.92 78.84
N ALA M 79 -32.08 -12.53 78.66
CA ALA M 79 -30.95 -13.43 78.78
C ALA M 79 -30.33 -13.30 80.17
N TYR M 80 -29.74 -14.38 80.65
CA TYR M 80 -29.18 -14.42 81.99
C TYR M 80 -27.79 -15.05 81.92
N MET M 81 -27.00 -14.75 82.95
CA MET M 81 -25.64 -15.29 83.07
C MET M 81 -25.35 -15.58 84.54
N GLU M 82 -25.02 -16.84 84.83
CA GLU M 82 -24.74 -17.26 86.20
C GLU M 82 -23.27 -17.65 86.34
N LEU M 83 -22.57 -16.94 87.23
CA LEU M 83 -21.20 -17.24 87.60
C LEU M 83 -21.19 -17.70 89.05
N SER M 84 -20.70 -18.91 89.28
CA SER M 84 -20.68 -19.50 90.61
C SER M 84 -19.24 -19.55 91.11
N SER M 85 -19.10 -19.67 92.43
CA SER M 85 -17.80 -19.68 93.10
C SER M 85 -17.01 -18.41 92.75
N LEU M 86 -17.49 -17.30 93.31
CA LEU M 86 -16.87 -16.00 93.08
C LEU M 86 -15.60 -15.83 93.89
N ARG M 87 -14.60 -15.20 93.30
CA ARG M 87 -13.36 -14.89 93.99
C ARG M 87 -12.93 -13.49 93.61
N SER M 88 -11.80 -13.06 94.17
CA SER M 88 -11.38 -11.67 94.03
C SER M 88 -11.11 -11.33 92.57
N GLU M 89 -10.52 -12.25 91.80
CA GLU M 89 -10.22 -11.98 90.41
C GLU M 89 -11.46 -11.66 89.59
N ASP M 90 -12.65 -12.04 90.07
CA ASP M 90 -13.87 -11.87 89.30
C ASP M 90 -14.48 -10.47 89.44
N THR M 91 -13.95 -9.65 90.34
CA THR M 91 -14.43 -8.28 90.47
C THR M 91 -14.25 -7.56 89.14
N ALA M 92 -15.35 -7.24 88.48
CA ALA M 92 -15.24 -6.71 87.12
C ALA M 92 -16.56 -6.11 86.71
N MET M 93 -16.49 -5.26 85.68
CA MET M 93 -17.67 -4.72 85.02
C MET M 93 -18.11 -5.73 83.98
N TYR M 94 -19.34 -6.20 84.09
CA TYR M 94 -19.85 -7.22 83.20
C TYR M 94 -20.75 -6.58 82.14
N TYR M 95 -20.47 -6.85 80.87
CA TYR M 95 -21.20 -6.27 79.76
C TYR M 95 -21.95 -7.36 79.02
N CYS M 96 -23.16 -7.04 78.58
CA CYS M 96 -23.97 -7.89 77.73
C CYS M 96 -23.94 -7.31 76.33
N ALA M 97 -23.45 -8.08 75.36
CA ALA M 97 -23.26 -7.60 74.00
C ALA M 97 -23.83 -8.62 73.02
N THR M 98 -24.45 -8.12 71.97
CA THR M 98 -25.18 -8.95 71.02
C THR M 98 -24.57 -8.84 69.64
N GLU M 99 -24.85 -9.86 68.83
CA GLU M 99 -24.58 -9.84 67.41
C GLU M 99 -25.89 -10.18 66.70
N THR M 100 -26.23 -9.40 65.68
CA THR M 100 -27.52 -9.60 65.00
C THR M 100 -27.55 -10.94 64.29
N ALA M 101 -28.65 -11.65 64.46
CA ALA M 101 -28.75 -13.00 63.89
C ALA M 101 -29.98 -13.13 63.01
N LEU M 102 -30.17 -12.20 62.08
CA LEU M 102 -31.33 -12.29 61.19
C LEU M 102 -31.16 -13.45 60.21
N VAL M 103 -30.07 -13.44 59.46
CA VAL M 103 -29.77 -14.49 58.49
C VAL M 103 -28.68 -15.34 59.11
N VAL M 104 -29.05 -16.53 59.56
CA VAL M 104 -28.16 -17.40 60.32
C VAL M 104 -27.95 -18.69 59.53
N SER M 105 -26.70 -19.10 59.40
CA SER M 105 -26.39 -20.40 58.84
C SER M 105 -26.23 -21.42 59.95
N GLU M 106 -26.14 -22.68 59.58
CA GLU M 106 -25.82 -23.71 60.53
C GLU M 106 -24.35 -23.62 60.90
N THR M 107 -23.99 -24.18 62.06
CA THR M 107 -22.64 -24.08 62.61
C THR M 107 -22.17 -22.62 62.68
N TYR M 108 -23.11 -21.72 62.92
CA TYR M 108 -22.80 -20.30 63.04
C TYR M 108 -22.11 -20.01 64.36
N LEU M 109 -21.13 -19.11 64.32
CA LEU M 109 -20.30 -18.77 65.48
C LEU M 109 -20.48 -17.31 65.84
N PRO M 110 -20.23 -16.94 67.10
CA PRO M 110 -20.21 -15.51 67.45
C PRO M 110 -19.01 -14.83 66.81
N HIS M 111 -19.22 -13.61 66.33
CA HIS M 111 -18.14 -12.95 65.62
C HIS M 111 -17.78 -11.58 66.18
N TYR M 112 -18.76 -10.76 66.54
CA TYR M 112 -18.48 -9.40 66.99
C TYR M 112 -19.61 -8.95 67.91
N PHE M 113 -19.46 -7.73 68.43
CA PHE M 113 -20.41 -7.14 69.38
C PHE M 113 -20.72 -5.72 68.93
N ASP M 114 -21.88 -5.55 68.29
CA ASP M 114 -22.28 -4.26 67.76
C ASP M 114 -23.21 -3.49 68.68
N ASN M 115 -23.88 -4.18 69.61
CA ASN M 115 -24.84 -3.55 70.49
C ASN M 115 -24.52 -4.00 71.91
N TRP M 116 -24.36 -3.06 72.81
CA TRP M 116 -23.88 -3.33 74.15
C TRP M 116 -24.89 -2.88 75.19
N GLY M 117 -24.91 -3.61 76.31
CA GLY M 117 -25.61 -3.14 77.48
C GLY M 117 -24.81 -2.06 78.19
N GLN M 118 -25.41 -1.50 79.23
CA GLN M 118 -24.73 -0.45 79.98
C GLN M 118 -23.66 -1.01 80.91
N GLY M 119 -23.66 -2.30 81.16
CA GLY M 119 -22.68 -2.89 82.04
C GLY M 119 -23.21 -3.09 83.46
N THR M 120 -22.75 -4.17 84.10
CA THR M 120 -23.15 -4.53 85.45
C THR M 120 -21.88 -4.71 86.29
N LEU M 121 -21.71 -3.87 87.30
CA LEU M 121 -20.53 -3.90 88.15
C LEU M 121 -20.74 -4.85 89.32
N VAL M 122 -20.03 -5.97 89.32
CA VAL M 122 -20.08 -6.92 90.42
C VAL M 122 -18.82 -6.72 91.27
N THR M 123 -19.02 -6.44 92.55
CA THR M 123 -17.94 -6.30 93.52
C THR M 123 -18.05 -7.46 94.51
N VAL M 124 -17.01 -8.27 94.63
CA VAL M 124 -17.03 -9.41 95.54
C VAL M 124 -16.33 -9.03 96.84
N SER M 125 -17.09 -9.02 97.93
CA SER M 125 -16.57 -8.69 99.25
C SER M 125 -17.57 -9.12 100.31
N SER M 126 -17.06 -9.29 101.54
CA SER M 126 -17.91 -9.61 102.68
C SER M 126 -18.54 -8.37 103.32
N ALA M 127 -18.11 -7.18 102.93
CA ALA M 127 -18.62 -5.96 103.55
C ALA M 127 -20.06 -5.69 103.14
N SER M 128 -20.80 -5.02 104.01
CA SER M 128 -22.21 -4.75 103.80
C SER M 128 -22.41 -3.57 102.85
N THR M 129 -23.54 -3.61 102.14
CA THR M 129 -23.91 -2.51 101.26
C THR M 129 -24.26 -1.27 102.09
N LYS M 130 -23.80 -0.10 101.64
CA LYS M 130 -24.05 1.11 102.41
C LYS M 130 -24.24 2.31 101.48
N GLY M 131 -25.28 3.09 101.74
CA GLY M 131 -25.58 4.28 100.96
C GLY M 131 -24.82 5.50 101.45
N PRO M 132 -24.57 6.45 100.56
CA PRO M 132 -23.72 7.60 100.88
C PRO M 132 -24.50 8.79 101.43
N SER M 133 -23.74 9.69 102.05
CA SER M 133 -24.22 11.00 102.47
C SER M 133 -23.63 12.08 101.57
N VAL M 134 -24.44 13.09 101.25
CA VAL M 134 -24.03 14.17 100.35
C VAL M 134 -23.98 15.46 101.14
N PHE M 135 -22.88 16.20 100.98
CA PHE M 135 -22.69 17.45 101.71
C PHE M 135 -22.37 18.58 100.74
N PRO M 136 -22.99 19.75 100.94
CA PRO M 136 -22.78 20.85 100.01
C PRO M 136 -21.36 21.40 100.02
N LEU M 137 -20.93 21.90 98.87
CA LEU M 137 -19.68 22.63 98.71
C LEU M 137 -20.04 24.01 98.18
N ALA M 138 -20.43 24.90 99.10
CA ALA M 138 -21.02 26.16 98.70
C ALA M 138 -19.98 27.06 98.04
N PRO M 139 -20.34 27.78 96.99
CA PRO M 139 -19.44 28.79 96.41
C PRO M 139 -19.52 30.08 97.21
N SER M 140 -18.57 30.98 96.92
CA SER M 140 -18.59 32.30 97.55
C SER M 140 -17.81 33.26 96.66
N SER M 141 -17.16 34.25 97.27
CA SER M 141 -16.35 35.20 96.54
C SER M 141 -14.91 34.71 96.44
N GLY M 147 -14.68 36.09 87.42
CA GLY M 147 -15.22 35.79 86.10
C GLY M 147 -16.13 34.58 86.08
N THR M 148 -15.80 33.58 86.90
CA THR M 148 -16.55 32.34 86.93
C THR M 148 -16.40 31.69 88.30
N ALA M 149 -17.52 31.27 88.87
CA ALA M 149 -17.53 30.58 90.16
C ALA M 149 -17.80 29.10 89.94
N ALA M 150 -17.43 28.31 90.94
CA ALA M 150 -17.60 26.86 90.91
C ALA M 150 -18.34 26.41 92.16
N LEU M 151 -19.16 25.37 91.99
CA LEU M 151 -19.91 24.80 93.10
C LEU M 151 -20.01 23.29 92.90
N GLY M 152 -20.47 22.60 93.94
CA GLY M 152 -20.61 21.16 93.84
C GLY M 152 -21.15 20.58 95.12
N CYS M 153 -21.14 19.25 95.19
CA CYS M 153 -21.55 18.51 96.37
C CYS M 153 -20.56 17.38 96.62
N LEU M 154 -20.44 16.97 97.88
CA LEU M 154 -19.51 15.93 98.31
C LEU M 154 -20.27 14.66 98.68
N VAL M 155 -19.90 13.56 98.03
CA VAL M 155 -20.52 12.26 98.23
C VAL M 155 -19.54 11.40 99.01
N LYS M 156 -19.87 11.09 100.26
CA LYS M 156 -18.94 10.49 101.20
C LYS M 156 -19.48 9.16 101.72
N ASP M 157 -18.59 8.17 101.82
CA ASP M 157 -18.84 6.93 102.56
C ASP M 157 -19.90 6.03 101.94
N TYR M 158 -19.62 5.40 100.80
CA TYR M 158 -20.55 4.43 100.24
C TYR M 158 -19.82 3.15 99.87
N PHE M 159 -20.60 2.07 99.74
CA PHE M 159 -20.10 0.75 99.33
C PHE M 159 -21.26 -0.09 98.84
N PRO M 160 -21.11 -0.80 97.70
CA PRO M 160 -19.94 -0.75 96.84
C PRO M 160 -20.06 0.30 95.74
N GLU M 161 -19.10 0.34 94.82
CA GLU M 161 -19.22 1.18 93.65
C GLU M 161 -20.32 0.63 92.74
N PRO M 162 -20.89 1.48 91.86
CA PRO M 162 -20.63 2.90 91.64
C PRO M 162 -21.74 3.80 92.14
N VAL M 163 -21.45 5.09 92.28
CA VAL M 163 -22.45 6.12 92.51
C VAL M 163 -22.44 7.07 91.32
N THR M 164 -23.63 7.45 90.87
CA THR M 164 -23.79 8.41 89.79
C THR M 164 -24.42 9.70 90.30
N VAL M 165 -24.23 10.77 89.53
CA VAL M 165 -24.73 12.08 89.91
C VAL M 165 -25.05 12.86 88.65
N SER M 166 -26.20 13.53 88.67
CA SER M 166 -26.64 14.40 87.59
C SER M 166 -27.11 15.72 88.19
N TRP M 167 -26.93 16.80 87.45
CA TRP M 167 -27.23 18.13 87.94
C TRP M 167 -28.57 18.60 87.40
N ASN M 168 -29.46 19.00 88.32
CA ASN M 168 -30.81 19.47 87.99
C ASN M 168 -31.57 18.42 87.17
N SER M 169 -31.51 17.17 87.62
CA SER M 169 -32.17 16.04 86.96
C SER M 169 -31.71 15.87 85.51
N GLY M 170 -30.44 16.18 85.24
CA GLY M 170 -29.88 16.05 83.91
C GLY M 170 -29.98 17.28 83.02
N ALA M 171 -30.54 18.39 83.52
CA ALA M 171 -30.65 19.59 82.70
C ALA M 171 -29.29 20.28 82.57
N LEU M 172 -28.49 20.31 83.63
CA LEU M 172 -27.19 20.97 83.64
C LEU M 172 -26.11 19.92 83.39
N THR M 173 -25.51 19.96 82.19
CA THR M 173 -24.48 19.00 81.83
C THR M 173 -23.22 19.69 81.32
N SER M 174 -23.38 20.82 80.65
CA SER M 174 -22.23 21.56 80.13
C SER M 174 -21.42 22.12 81.29
N GLY M 175 -20.20 21.60 81.47
CA GLY M 175 -19.33 22.08 82.51
C GLY M 175 -19.18 21.19 83.73
N VAL M 176 -19.81 20.01 83.74
CA VAL M 176 -19.73 19.12 84.89
C VAL M 176 -18.42 18.34 84.86
N HIS M 177 -17.87 18.11 86.05
CA HIS M 177 -16.68 17.28 86.25
C HIS M 177 -17.00 16.34 87.41
N THR M 178 -17.21 15.06 87.11
CA THR M 178 -17.43 14.05 88.13
C THR M 178 -16.18 13.18 88.26
N PHE M 179 -15.52 13.25 89.44
CA PHE M 179 -14.24 12.59 89.65
C PHE M 179 -14.42 11.10 89.96
N PRO M 180 -13.44 10.28 89.60
CA PRO M 180 -13.49 8.87 89.97
C PRO M 180 -13.52 8.70 91.49
N ALA M 181 -14.17 7.63 91.93
CA ALA M 181 -14.27 7.35 93.36
C ALA M 181 -12.89 7.10 93.95
N VAL M 182 -12.71 7.51 95.20
CA VAL M 182 -11.49 7.24 95.94
C VAL M 182 -11.83 6.38 97.16
N LEU M 183 -11.00 5.37 97.40
CA LEU M 183 -11.17 4.49 98.56
C LEU M 183 -10.58 5.15 99.80
N GLN M 184 -11.43 5.40 100.79
CA GLN M 184 -10.99 6.04 102.02
C GLN M 184 -10.34 5.02 102.96
N SER M 185 -9.73 5.55 104.02
CA SER M 185 -9.10 4.67 105.02
C SER M 185 -10.14 3.81 105.72
N SER M 186 -11.37 4.30 105.85
CA SER M 186 -12.44 3.53 106.48
C SER M 186 -12.84 2.30 105.67
N GLY M 187 -12.45 2.23 104.40
CA GLY M 187 -12.93 1.20 103.50
C GLY M 187 -14.08 1.62 102.62
N LEU M 188 -14.72 2.74 102.93
CA LEU M 188 -15.82 3.26 102.14
C LEU M 188 -15.31 4.26 101.10
N TYR M 189 -16.08 4.43 100.04
CA TYR M 189 -15.70 5.32 98.95
C TYR M 189 -16.27 6.72 99.16
N SER M 190 -15.60 7.69 98.55
CA SER M 190 -16.05 9.07 98.53
C SER M 190 -15.75 9.64 97.15
N LEU M 191 -16.55 10.62 96.75
CA LEU M 191 -16.48 11.12 95.39
C LEU M 191 -17.02 12.52 95.36
N SER M 192 -16.52 13.32 94.42
CA SER M 192 -16.90 14.72 94.29
C SER M 192 -17.33 15.01 92.86
N SER M 193 -18.26 15.96 92.72
CA SER M 193 -18.74 16.41 91.42
C SER M 193 -18.88 17.92 91.43
N VAL M 194 -18.14 18.59 90.56
CA VAL M 194 -18.13 20.04 90.48
C VAL M 194 -18.60 20.48 89.10
N VAL M 195 -19.17 21.68 89.05
CA VAL M 195 -19.59 22.29 87.79
C VAL M 195 -19.34 23.80 87.87
N THR M 196 -18.80 24.36 86.79
CA THR M 196 -18.58 25.79 86.72
C THR M 196 -19.80 26.45 86.12
N VAL M 197 -20.13 27.63 86.61
CA VAL M 197 -21.35 28.32 86.18
C VAL M 197 -21.09 29.82 86.30
N PRO M 198 -21.71 30.65 85.46
CA PRO M 198 -21.54 32.10 85.60
C PRO M 198 -21.89 32.59 87.01
N SER M 199 -21.05 33.48 87.53
CA SER M 199 -21.22 33.98 88.88
C SER M 199 -22.44 34.88 89.03
N SER M 200 -22.99 35.39 87.93
CA SER M 200 -24.15 36.27 87.99
C SER M 200 -25.45 35.51 88.18
N SER M 201 -25.44 34.20 88.00
CA SER M 201 -26.62 33.36 88.19
C SER M 201 -26.66 32.72 89.57
N LEU M 202 -25.79 33.16 90.48
CA LEU M 202 -25.74 32.59 91.83
C LEU M 202 -26.99 32.89 92.65
N GLY M 203 -27.73 33.96 92.34
CA GLY M 203 -28.89 34.32 93.13
C GLY M 203 -30.24 34.01 92.51
N THR M 204 -30.29 33.93 91.18
CA THR M 204 -31.54 33.71 90.50
C THR M 204 -31.74 32.25 90.10
N GLN M 205 -30.71 31.43 90.17
CA GLN M 205 -30.76 30.04 89.73
C GLN M 205 -30.44 29.12 90.89
N THR M 206 -31.16 28.00 90.97
CA THR M 206 -30.93 26.97 91.96
C THR M 206 -30.26 25.77 91.32
N TYR M 207 -29.28 25.20 92.03
CA TYR M 207 -28.52 24.08 91.51
C TYR M 207 -28.60 22.93 92.51
N ILE M 208 -29.18 21.82 92.08
CA ILE M 208 -29.38 20.62 92.90
C ILE M 208 -28.71 19.45 92.20
N CYS M 209 -27.96 18.66 92.96
CA CYS M 209 -27.31 17.46 92.44
C CYS M 209 -28.09 16.23 92.87
N ASN M 210 -28.51 15.43 91.89
CA ASN M 210 -29.32 14.23 92.10
C ASN M 210 -28.39 13.03 92.13
N VAL M 211 -28.13 12.51 93.33
CA VAL M 211 -27.23 11.37 93.52
C VAL M 211 -28.06 10.10 93.62
N ASN M 212 -27.69 9.09 92.84
CA ASN M 212 -28.34 7.79 92.86
C ASN M 212 -27.29 6.70 93.10
N HIS M 213 -27.54 5.86 94.10
CA HIS M 213 -26.74 4.66 94.34
C HIS M 213 -27.66 3.44 94.26
N LYS M 214 -27.78 2.89 93.05
CA LYS M 214 -28.66 1.74 92.84
C LYS M 214 -28.31 0.52 93.68
N PRO M 215 -27.03 0.14 93.89
CA PRO M 215 -26.76 -1.06 94.70
C PRO M 215 -27.40 -1.06 96.07
N SER M 216 -27.52 0.11 96.70
CA SER M 216 -28.18 0.22 97.99
C SER M 216 -29.60 0.78 97.88
N ASN M 217 -30.08 1.05 96.66
CA ASN M 217 -31.40 1.63 96.45
C ASN M 217 -31.53 2.99 97.14
N THR M 218 -30.47 3.78 97.08
CA THR M 218 -30.42 5.11 97.70
C THR M 218 -30.37 6.19 96.63
N LYS M 219 -31.42 6.99 96.56
CA LYS M 219 -31.46 8.20 95.74
C LYS M 219 -31.62 9.37 96.68
N VAL M 220 -30.64 10.27 96.72
CA VAL M 220 -30.65 11.38 97.66
C VAL M 220 -30.42 12.67 96.88
N ASP M 221 -31.30 13.64 97.10
CA ASP M 221 -31.22 14.96 96.47
C ASP M 221 -31.04 15.96 97.60
N LYS M 222 -29.81 16.38 97.84
CA LYS M 222 -29.55 17.34 98.90
C LYS M 222 -29.44 18.71 98.24
N ARG M 223 -30.28 19.63 98.70
CA ARG M 223 -30.31 20.96 98.09
C ARG M 223 -29.11 21.76 98.60
N VAL M 224 -28.41 22.39 97.67
CA VAL M 224 -27.18 23.13 97.97
C VAL M 224 -27.32 24.55 97.46
N GLU M 225 -26.81 25.51 98.22
CA GLU M 225 -26.80 26.91 97.80
C GLU M 225 -25.75 27.65 98.61
N PRO M 226 -25.24 28.79 98.11
CA PRO M 226 -24.23 29.59 98.80
C PRO M 226 -24.65 30.06 100.20
N GLN N 1 12.65 32.69 -35.51
CA GLN N 1 12.56 31.54 -36.41
C GLN N 1 11.18 31.41 -37.04
N VAL N 2 10.27 32.29 -36.64
CA VAL N 2 8.93 32.37 -37.23
C VAL N 2 8.94 33.48 -38.27
N GLN N 3 8.45 33.18 -39.47
CA GLN N 3 8.52 34.08 -40.59
C GLN N 3 7.18 34.75 -40.84
N LEU N 4 7.19 36.06 -41.02
CA LEU N 4 5.99 36.86 -41.24
C LEU N 4 5.87 37.20 -42.73
N VAL N 5 4.79 36.74 -43.35
CA VAL N 5 4.56 36.90 -44.78
C VAL N 5 3.36 37.81 -44.95
N GLN N 6 3.58 39.00 -45.52
CA GLN N 6 2.49 39.94 -45.74
C GLN N 6 1.87 39.75 -47.11
N SER N 7 0.68 40.33 -47.29
CA SER N 7 0.00 40.29 -48.59
C SER N 7 0.74 41.15 -49.61
N GLY N 8 0.40 40.94 -50.88
CA GLY N 8 1.11 41.60 -51.95
C GLY N 8 0.78 43.07 -52.07
N ALA N 9 1.72 43.79 -52.69
CA ALA N 9 1.54 45.21 -52.96
C ALA N 9 0.38 45.41 -53.92
N GLU N 10 -0.26 46.58 -53.82
CA GLU N 10 -1.39 46.88 -54.70
C GLU N 10 -1.62 48.39 -54.74
N VAL N 11 -2.36 48.82 -55.77
CA VAL N 11 -2.77 50.20 -55.97
C VAL N 11 -4.25 50.36 -55.65
N LYS N 12 -4.56 51.32 -54.78
CA LYS N 12 -5.94 51.65 -54.43
C LYS N 12 -6.27 53.07 -54.86
N LYS N 13 -7.52 53.29 -55.24
CA LYS N 13 -7.96 54.61 -55.66
C LYS N 13 -8.04 55.55 -54.45
N PRO N 14 -7.82 56.85 -54.66
CA PRO N 14 -7.89 57.78 -53.53
C PRO N 14 -9.28 57.80 -52.90
N GLY N 15 -9.32 57.82 -51.57
CA GLY N 15 -10.55 57.82 -50.83
C GLY N 15 -11.10 56.45 -50.45
N SER N 16 -10.67 55.39 -51.13
CA SER N 16 -11.16 54.05 -50.82
C SER N 16 -10.47 53.51 -49.56
N SER N 17 -10.69 52.23 -49.25
CA SER N 17 -10.09 51.59 -48.09
C SER N 17 -9.32 50.34 -48.50
N VAL N 18 -8.21 50.08 -47.80
CA VAL N 18 -7.32 48.96 -48.09
C VAL N 18 -7.19 48.08 -46.85
N MET N 19 -7.01 46.78 -47.08
CA MET N 19 -6.72 45.82 -46.01
C MET N 19 -5.42 45.09 -46.35
N VAL N 20 -4.48 45.08 -45.40
CA VAL N 20 -3.22 44.37 -45.55
C VAL N 20 -3.17 43.24 -44.53
N SER N 21 -2.78 42.05 -44.98
CA SER N 21 -2.71 40.86 -44.16
C SER N 21 -1.27 40.51 -43.82
N CYS N 22 -1.11 39.73 -42.76
CA CYS N 22 0.22 39.33 -42.30
C CYS N 22 0.12 37.93 -41.72
N GLN N 23 0.75 36.96 -42.37
CA GLN N 23 0.64 35.55 -42.01
C GLN N 23 1.85 35.08 -41.23
N ALA N 24 1.59 34.49 -40.06
CA ALA N 24 2.62 33.88 -39.23
C ALA N 24 2.66 32.38 -39.48
N SER N 25 3.86 31.85 -39.72
CA SER N 25 4.08 30.42 -39.89
C SER N 25 5.13 29.98 -38.88
N GLY N 26 4.80 28.96 -38.11
CA GLY N 26 5.70 28.44 -37.10
C GLY N 26 5.33 28.83 -35.68
N GLY N 27 4.32 29.66 -35.49
CA GLY N 27 3.91 30.02 -34.14
C GLY N 27 2.51 30.61 -34.17
N LEU N 28 1.95 30.75 -32.97
CA LEU N 28 0.61 31.29 -32.80
C LEU N 28 0.64 32.79 -32.54
N LEU N 29 -0.42 33.47 -33.00
CA LEU N 29 -0.54 34.90 -32.75
C LEU N 29 -0.64 35.20 -31.27
N GLU N 30 -1.14 34.25 -30.47
CA GLU N 30 -1.20 34.46 -29.03
C GLU N 30 0.18 34.76 -28.47
N ASP N 31 1.21 34.23 -29.12
CA ASP N 31 2.59 34.34 -28.67
C ASP N 31 3.25 35.66 -29.06
N TYR N 32 2.52 36.65 -29.56
CA TYR N 32 3.16 37.87 -30.04
C TYR N 32 2.35 39.12 -29.72
N ILE N 33 3.06 40.24 -29.71
CA ILE N 33 2.48 41.56 -29.95
C ILE N 33 2.67 41.85 -31.43
N ILE N 34 1.57 42.05 -32.16
CA ILE N 34 1.66 42.28 -33.60
C ILE N 34 1.49 43.76 -33.85
N ASN N 35 2.52 44.38 -34.41
CA ASN N 35 2.53 45.80 -34.70
C ASN N 35 2.50 46.04 -36.21
N TRP N 36 2.04 47.23 -36.58
CA TRP N 36 2.05 47.68 -37.96
C TRP N 36 2.80 49.01 -38.05
N VAL N 37 3.89 49.01 -38.83
CA VAL N 37 4.70 50.20 -39.05
C VAL N 37 4.75 50.45 -40.54
N ARG N 38 4.67 51.72 -40.94
CA ARG N 38 4.77 52.09 -42.34
C ARG N 38 5.92 53.06 -42.53
N GLN N 39 6.42 53.11 -43.76
CA GLN N 39 7.55 53.98 -44.09
C GLN N 39 7.33 54.58 -45.47
N ALA N 40 7.10 55.88 -45.52
CA ALA N 40 7.04 56.54 -46.80
C ALA N 40 8.44 56.71 -47.37
N PRO N 41 8.58 56.79 -48.68
CA PRO N 41 9.91 57.01 -49.27
C PRO N 41 10.54 58.29 -48.76
N GLY N 42 11.79 58.18 -48.31
CA GLY N 42 12.52 59.34 -47.84
C GLY N 42 12.17 59.81 -46.45
N GLN N 43 11.43 59.03 -45.68
CA GLN N 43 11.05 59.38 -44.32
C GLN N 43 11.46 58.25 -43.38
N GLY N 44 11.41 58.53 -42.09
CA GLY N 44 11.63 57.48 -41.12
C GLY N 44 10.42 56.59 -40.99
N PRO N 45 10.57 55.56 -40.17
CA PRO N 45 9.44 54.67 -39.90
C PRO N 45 8.43 55.36 -38.99
N GLU N 46 7.17 54.95 -39.13
CA GLU N 46 6.08 55.53 -38.37
C GLU N 46 5.22 54.42 -37.80
N TRP N 47 5.02 54.45 -36.48
CA TRP N 47 4.25 53.42 -35.80
C TRP N 47 2.76 53.70 -35.92
N MET N 48 2.00 52.72 -36.42
CA MET N 48 0.56 52.85 -36.55
C MET N 48 -0.22 52.23 -35.40
N GLY N 49 0.18 51.05 -34.94
CA GLY N 49 -0.57 50.40 -33.88
C GLY N 49 -0.06 49.00 -33.64
N GLY N 50 -0.68 48.36 -32.64
CA GLY N 50 -0.30 47.02 -32.25
C GLY N 50 -1.43 46.34 -31.53
N ILE N 51 -1.43 45.01 -31.59
CA ILE N 51 -2.49 44.21 -31.01
C ILE N 51 -1.88 43.20 -30.06
N ILE N 52 -2.57 42.93 -28.94
CA ILE N 52 -2.05 42.02 -27.93
C ILE N 52 -3.02 40.85 -27.81
N PRO N 53 -2.94 39.83 -28.66
CA PRO N 53 -3.96 38.78 -28.64
C PRO N 53 -4.05 38.01 -27.33
N VAL N 54 -2.94 37.87 -26.61
CA VAL N 54 -2.98 37.14 -25.35
C VAL N 54 -3.80 37.89 -24.31
N LEU N 55 -3.81 39.22 -24.38
CA LEU N 55 -4.57 40.04 -23.44
C LEU N 55 -5.87 40.58 -24.02
N GLY N 56 -6.10 40.42 -25.32
CA GLY N 56 -7.28 41.00 -25.94
C GLY N 56 -7.29 42.51 -25.93
N THR N 57 -6.13 43.13 -26.19
CA THR N 57 -6.00 44.58 -26.17
C THR N 57 -5.38 45.05 -27.47
N VAL N 58 -5.93 46.12 -28.02
CA VAL N 58 -5.40 46.74 -29.23
C VAL N 58 -5.08 48.19 -28.91
N HIS N 59 -3.95 48.68 -29.44
CA HIS N 59 -3.52 50.06 -29.22
C HIS N 59 -3.23 50.69 -30.57
N TYR N 60 -3.69 51.93 -30.75
CA TYR N 60 -3.50 52.66 -32.00
C TYR N 60 -2.79 53.98 -31.74
N GLY N 61 -1.88 54.33 -32.64
CA GLY N 61 -1.28 55.65 -32.65
C GLY N 61 -2.32 56.72 -32.82
N PRO N 62 -2.13 57.86 -32.14
CA PRO N 62 -3.15 58.91 -32.18
C PRO N 62 -3.50 59.38 -33.58
N LYS N 63 -2.52 59.49 -34.49
CA LYS N 63 -2.85 60.00 -35.82
C LYS N 63 -3.75 59.06 -36.60
N PHE N 64 -3.71 57.76 -36.29
CA PHE N 64 -4.40 56.76 -37.11
C PHE N 64 -5.61 56.14 -36.44
N GLN N 65 -5.78 56.30 -35.12
CA GLN N 65 -6.95 55.71 -34.47
C GLN N 65 -8.22 56.36 -34.98
N GLY N 66 -9.25 55.54 -35.18
CA GLY N 66 -10.50 55.99 -35.75
C GLY N 66 -10.56 55.89 -37.25
N ARG N 67 -9.44 55.66 -37.93
CA ARG N 67 -9.48 55.35 -39.35
C ARG N 67 -8.57 54.18 -39.67
N VAL N 68 -8.00 53.52 -38.67
CA VAL N 68 -7.21 52.30 -38.86
C VAL N 68 -7.79 51.22 -37.97
N THR N 69 -7.91 50.02 -38.53
CA THR N 69 -8.39 48.85 -37.79
C THR N 69 -7.36 47.74 -37.94
N ILE N 70 -6.85 47.25 -36.82
CA ILE N 70 -5.90 46.15 -36.79
C ILE N 70 -6.57 44.98 -36.07
N THR N 71 -6.55 43.82 -36.71
CA THR N 71 -7.18 42.63 -36.14
C THR N 71 -6.20 41.47 -36.16
N ALA N 72 -6.49 40.47 -35.32
CA ALA N 72 -5.69 39.26 -35.22
C ALA N 72 -6.61 38.06 -35.32
N ASP N 73 -6.58 37.37 -36.45
CA ASP N 73 -7.41 36.18 -36.66
C ASP N 73 -6.61 34.97 -36.16
N GLU N 74 -6.93 34.49 -34.96
CA GLU N 74 -6.16 33.39 -34.39
C GLU N 74 -6.46 32.06 -35.07
N SER N 75 -7.56 31.96 -35.81
CA SER N 75 -7.89 30.71 -36.48
C SER N 75 -6.95 30.41 -37.65
N THR N 76 -6.30 31.43 -38.21
CA THR N 76 -5.37 31.24 -39.31
C THR N 76 -4.00 31.83 -39.00
N ASP N 77 -3.81 32.39 -37.80
CA ASP N 77 -2.56 33.03 -37.40
C ASP N 77 -2.19 34.18 -38.34
N THR N 78 -3.21 34.89 -38.82
CA THR N 78 -3.05 36.03 -39.72
C THR N 78 -3.51 37.30 -39.03
N ALA N 79 -2.66 38.30 -39.01
CA ALA N 79 -3.03 39.63 -38.55
C ALA N 79 -3.39 40.50 -39.75
N TYR N 80 -4.25 41.49 -39.50
CA TYR N 80 -4.76 42.35 -40.55
C TYR N 80 -4.68 43.80 -40.13
N MET N 81 -4.69 44.68 -41.12
CA MET N 81 -4.69 46.12 -40.91
C MET N 81 -5.56 46.75 -41.98
N GLU N 82 -6.60 47.48 -41.56
CA GLU N 82 -7.51 48.16 -42.47
C GLU N 82 -7.34 49.67 -42.28
N LEU N 83 -6.91 50.34 -43.35
CA LEU N 83 -6.79 51.79 -43.37
C LEU N 83 -7.82 52.34 -44.35
N SER N 84 -8.69 53.23 -43.87
CA SER N 84 -9.79 53.75 -44.66
C SER N 84 -9.54 55.20 -45.07
N SER N 85 -10.24 55.62 -46.12
CA SER N 85 -10.10 56.94 -46.71
C SER N 85 -8.63 57.20 -47.05
N LEU N 86 -8.17 56.47 -48.06
CA LEU N 86 -6.77 56.53 -48.48
C LEU N 86 -6.52 57.79 -49.28
N ARG N 87 -5.37 58.42 -49.04
CA ARG N 87 -5.01 59.64 -49.74
C ARG N 87 -3.52 59.64 -50.04
N SER N 88 -3.06 60.73 -50.65
CA SER N 88 -1.70 60.79 -51.18
C SER N 88 -0.66 60.61 -50.08
N GLU N 89 -0.91 61.18 -48.90
CA GLU N 89 0.03 61.07 -47.78
C GLU N 89 0.26 59.62 -47.35
N ASP N 90 -0.65 58.71 -47.71
CA ASP N 90 -0.57 57.33 -47.25
C ASP N 90 0.35 56.45 -48.10
N THR N 91 0.85 56.95 -49.23
CA THR N 91 1.77 56.16 -50.04
C THR N 91 3.04 55.85 -49.26
N ALA N 92 3.23 54.58 -48.93
CA ALA N 92 4.31 54.15 -48.05
C ALA N 92 4.43 52.64 -48.12
N MET N 93 5.57 52.15 -47.68
CA MET N 93 5.79 50.72 -47.52
C MET N 93 5.26 50.34 -46.14
N TYR N 94 4.33 49.39 -46.08
CA TYR N 94 3.68 49.00 -44.84
C TYR N 94 4.29 47.70 -44.32
N TYR N 95 4.73 47.71 -43.06
CA TYR N 95 5.43 46.61 -42.44
C TYR N 95 4.61 46.02 -41.30
N CYS N 96 4.67 44.69 -41.19
CA CYS N 96 4.06 43.95 -40.09
C CYS N 96 5.17 43.42 -39.18
N ALA N 97 5.15 43.84 -37.92
CA ALA N 97 6.25 43.55 -36.99
C ALA N 97 5.71 43.01 -35.68
N THR N 98 6.41 42.02 -35.12
CA THR N 98 5.95 41.36 -33.91
C THR N 98 6.96 41.52 -32.77
N GLU N 99 6.44 41.39 -31.55
CA GLU N 99 7.25 41.29 -30.34
C GLU N 99 6.76 40.08 -29.56
N THR N 100 7.70 39.27 -29.07
CA THR N 100 7.35 38.02 -28.40
C THR N 100 6.57 38.29 -27.12
N ALA N 101 5.54 37.48 -26.90
CA ALA N 101 4.64 37.61 -25.75
C ALA N 101 4.56 36.29 -24.97
N LEU N 102 5.71 35.73 -24.59
CA LEU N 102 5.72 34.48 -23.85
C LEU N 102 5.19 34.68 -22.43
N VAL N 103 5.86 35.51 -21.66
CA VAL N 103 5.47 35.84 -20.30
C VAL N 103 4.95 37.25 -20.33
N VAL N 104 3.63 37.41 -20.23
CA VAL N 104 2.98 38.70 -20.40
C VAL N 104 2.25 39.07 -19.13
N SER N 105 2.47 40.30 -18.66
CA SER N 105 1.66 40.84 -17.61
C SER N 105 0.51 41.63 -18.23
N GLU N 106 -0.43 42.02 -17.38
CA GLU N 106 -1.46 42.93 -17.86
C GLU N 106 -0.85 44.31 -18.03
N THR N 107 -1.56 45.16 -18.79
CA THR N 107 -1.07 46.49 -19.18
C THR N 107 0.27 46.41 -19.88
N TYR N 108 0.52 45.30 -20.56
CA TYR N 108 1.74 45.15 -21.33
C TYR N 108 1.61 45.97 -22.62
N LEU N 109 2.67 46.65 -23.00
CA LEU N 109 2.67 47.53 -24.15
C LEU N 109 3.69 47.08 -25.17
N PRO N 110 3.53 47.46 -26.43
CA PRO N 110 4.58 47.17 -27.42
C PRO N 110 5.85 47.95 -27.10
N HIS N 111 6.98 47.30 -27.27
CA HIS N 111 8.26 47.91 -26.93
C HIS N 111 9.25 47.91 -28.09
N TYR N 112 9.31 46.82 -28.85
CA TYR N 112 10.30 46.70 -29.91
C TYR N 112 9.76 45.77 -31.00
N PHE N 113 10.53 45.65 -32.08
CA PHE N 113 10.17 44.82 -33.22
C PHE N 113 11.43 44.03 -33.57
N ASP N 114 11.46 42.77 -33.15
CA ASP N 114 12.62 41.92 -33.37
C ASP N 114 12.46 41.02 -34.57
N ASN N 115 11.23 40.82 -35.04
CA ASN N 115 10.93 39.96 -36.17
C ASN N 115 10.00 40.73 -37.10
N TRP N 116 10.37 40.81 -38.39
CA TRP N 116 9.71 41.69 -39.33
C TRP N 116 9.12 40.87 -40.49
N GLY N 117 8.00 41.37 -41.00
CA GLY N 117 7.47 40.91 -42.26
C GLY N 117 8.25 41.45 -43.44
N GLN N 118 7.83 41.00 -44.63
CA GLN N 118 8.51 41.42 -45.84
C GLN N 118 8.12 42.83 -46.29
N GLY N 119 6.99 43.36 -45.83
CA GLY N 119 6.55 44.68 -46.25
C GLY N 119 5.57 44.68 -47.41
N THR N 120 4.63 45.62 -47.40
CA THR N 120 3.62 45.75 -48.45
C THR N 120 3.60 47.20 -48.91
N LEU N 121 3.93 47.43 -50.17
CA LEU N 121 3.96 48.78 -50.74
C LEU N 121 2.60 49.13 -51.30
N VAL N 122 1.89 50.05 -50.65
CA VAL N 122 0.60 50.54 -51.12
C VAL N 122 0.82 51.87 -51.80
N THR N 123 0.49 51.95 -53.08
CA THR N 123 0.58 53.18 -53.85
C THR N 123 -0.84 53.64 -54.17
N VAL N 124 -1.21 54.81 -53.67
CA VAL N 124 -2.53 55.38 -53.88
C VAL N 124 -2.45 56.41 -55.00
N SER N 125 -3.20 56.17 -56.06
CA SER N 125 -3.18 57.06 -57.21
C SER N 125 -4.43 56.82 -58.04
N SER N 126 -4.75 57.80 -58.88
CA SER N 126 -5.88 57.67 -59.76
C SER N 126 -5.57 56.83 -60.99
N ALA N 127 -4.29 56.57 -61.26
CA ALA N 127 -3.92 55.71 -62.36
C ALA N 127 -4.38 54.27 -62.09
N SER N 128 -4.31 53.45 -63.14
CA SER N 128 -4.76 52.06 -63.10
C SER N 128 -3.56 51.12 -63.13
N THR N 129 -3.86 49.82 -63.07
CA THR N 129 -2.82 48.79 -63.01
C THR N 129 -2.33 48.46 -64.42
N LYS N 130 -1.02 48.32 -64.56
CA LYS N 130 -0.44 48.00 -65.87
C LYS N 130 0.82 47.17 -65.69
N GLY N 131 0.93 46.08 -66.46
CA GLY N 131 2.09 45.21 -66.41
C GLY N 131 3.22 45.71 -67.27
N PRO N 132 4.45 45.35 -66.91
CA PRO N 132 5.63 45.87 -67.61
C PRO N 132 6.06 45.01 -68.78
N SER N 133 6.85 45.62 -69.66
CA SER N 133 7.53 44.93 -70.74
C SER N 133 9.03 44.87 -70.44
N VAL N 134 9.65 43.73 -70.78
CA VAL N 134 11.05 43.47 -70.50
C VAL N 134 11.80 43.39 -71.83
N PHE N 135 12.92 44.10 -71.93
CA PHE N 135 13.67 44.12 -73.17
C PHE N 135 15.13 43.77 -72.90
N PRO N 136 15.74 42.91 -73.71
CA PRO N 136 17.13 42.51 -73.44
C PRO N 136 18.12 43.65 -73.66
N LEU N 137 19.22 43.58 -72.92
CA LEU N 137 20.37 44.48 -73.11
C LEU N 137 21.56 43.60 -73.47
N ALA N 138 21.66 43.24 -74.75
CA ALA N 138 22.61 42.22 -75.19
C ALA N 138 24.05 42.72 -75.08
N PRO N 139 24.98 41.86 -74.68
CA PRO N 139 26.40 42.23 -74.67
C PRO N 139 27.04 42.10 -76.05
N SER N 140 28.20 42.74 -76.19
CA SER N 140 28.95 42.72 -77.44
C SER N 140 30.41 43.04 -77.15
N SER N 141 31.17 43.34 -78.20
CA SER N 141 32.58 43.66 -78.06
C SER N 141 32.78 45.13 -77.67
N GLY N 147 38.17 41.78 -71.47
CA GLY N 147 38.22 41.49 -70.05
C GLY N 147 36.89 41.03 -69.46
N THR N 148 35.97 41.96 -69.28
CA THR N 148 34.68 41.69 -68.64
C THR N 148 33.56 42.31 -69.46
N ALA N 149 32.54 41.52 -69.75
CA ALA N 149 31.37 41.99 -70.48
C ALA N 149 30.18 42.12 -69.53
N ALA N 150 29.20 42.93 -69.95
CA ALA N 150 28.01 43.18 -69.16
C ALA N 150 26.75 42.98 -70.00
N LEU N 151 25.69 42.52 -69.35
CA LEU N 151 24.39 42.38 -69.98
C LEU N 151 23.31 42.66 -68.95
N GLY N 152 22.07 42.73 -69.43
CA GLY N 152 20.95 42.98 -68.54
C GLY N 152 19.65 43.01 -69.31
N CYS N 153 18.59 43.39 -68.60
CA CYS N 153 17.29 43.61 -69.22
C CYS N 153 16.66 44.85 -68.62
N LEU N 154 15.79 45.49 -69.42
CA LEU N 154 15.13 46.74 -69.06
C LEU N 154 13.66 46.47 -68.82
N VAL N 155 13.17 46.87 -67.65
CA VAL N 155 11.76 46.71 -67.28
C VAL N 155 11.14 48.10 -67.33
N LYS N 156 10.32 48.34 -68.35
CA LYS N 156 9.86 49.67 -68.70
C LYS N 156 8.34 49.73 -68.69
N ASP N 157 7.81 50.87 -68.21
CA ASP N 157 6.40 51.24 -68.34
C ASP N 157 5.50 50.36 -67.48
N TYR N 158 5.62 50.45 -66.15
CA TYR N 158 4.75 49.73 -65.24
C TYR N 158 4.22 50.65 -64.15
N PHE N 159 3.12 50.21 -63.54
CA PHE N 159 2.51 50.91 -62.42
C PHE N 159 1.58 49.96 -61.68
N PRO N 160 1.61 49.94 -60.34
CA PRO N 160 2.54 50.72 -59.51
C PRO N 160 3.80 49.95 -59.16
N GLU N 161 4.65 50.53 -58.33
CA GLU N 161 5.77 49.78 -57.80
C GLU N 161 5.27 48.71 -56.84
N PRO N 162 6.08 47.66 -56.60
CA PRO N 162 7.42 47.41 -57.12
C PRO N 162 7.51 46.32 -58.19
N VAL N 163 8.63 46.31 -58.90
CA VAL N 163 9.02 45.23 -59.80
C VAL N 163 10.26 44.57 -59.25
N THR N 164 10.30 43.24 -59.29
CA THR N 164 11.47 42.49 -58.86
C THR N 164 12.12 41.81 -60.06
N VAL N 165 13.40 41.50 -59.91
CA VAL N 165 14.17 40.89 -60.98
C VAL N 165 15.23 40.00 -60.36
N SER N 166 15.38 38.80 -60.91
CA SER N 166 16.40 37.86 -60.46
C SER N 166 17.09 37.28 -61.67
N TRP N 167 18.38 37.00 -61.52
CA TRP N 167 19.19 36.48 -62.61
C TRP N 167 19.44 34.99 -62.41
N ASN N 168 19.10 34.21 -63.43
CA ASN N 168 19.26 32.75 -63.41
C ASN N 168 18.56 32.16 -62.19
N SER N 169 17.33 32.59 -61.98
CA SER N 169 16.48 32.14 -60.86
C SER N 169 17.15 32.40 -59.51
N GLY N 170 17.91 33.49 -59.39
CA GLY N 170 18.57 33.82 -58.15
C GLY N 170 19.96 33.25 -57.98
N ALA N 171 20.48 32.54 -58.97
CA ALA N 171 21.82 31.97 -58.84
C ALA N 171 22.90 33.04 -58.97
N LEU N 172 22.70 34.01 -59.87
CA LEU N 172 23.69 35.04 -60.14
C LEU N 172 23.33 36.30 -59.35
N THR N 173 24.06 36.56 -58.29
CA THR N 173 23.82 37.73 -57.44
C THR N 173 25.08 38.54 -57.18
N SER N 174 26.24 37.88 -57.04
CA SER N 174 27.48 38.64 -56.87
C SER N 174 27.80 39.34 -58.18
N GLY N 175 27.69 40.65 -58.20
CA GLY N 175 27.97 41.44 -59.38
C GLY N 175 26.76 41.93 -60.13
N VAL N 176 25.54 41.62 -59.67
CA VAL N 176 24.33 42.13 -60.31
C VAL N 176 24.07 43.53 -59.79
N HIS N 177 23.57 44.40 -60.65
CA HIS N 177 23.18 45.75 -60.24
C HIS N 177 21.81 46.04 -60.80
N THR N 178 20.80 46.04 -59.92
CA THR N 178 19.43 46.40 -60.26
C THR N 178 19.19 47.81 -59.72
N PHE N 179 19.03 48.77 -60.62
CA PHE N 179 18.96 50.16 -60.24
C PHE N 179 17.55 50.52 -59.75
N PRO N 180 17.44 51.48 -58.86
CA PRO N 180 16.12 51.95 -58.43
C PRO N 180 15.31 52.47 -59.61
N ALA N 181 14.00 52.25 -59.53
CA ALA N 181 13.12 52.71 -60.59
C ALA N 181 13.13 54.22 -60.69
N VAL N 182 12.98 54.72 -61.91
CA VAL N 182 12.83 56.14 -62.18
C VAL N 182 11.46 56.38 -62.80
N LEU N 183 10.77 57.41 -62.33
CA LEU N 183 9.45 57.74 -62.85
C LEU N 183 9.54 58.54 -64.15
N GLN N 184 8.96 58.00 -65.22
CA GLN N 184 8.94 58.70 -66.49
C GLN N 184 7.86 59.77 -66.47
N SER N 185 7.89 60.64 -67.49
CA SER N 185 6.87 61.69 -67.60
C SER N 185 5.48 61.13 -67.85
N SER N 186 5.39 59.96 -68.49
CA SER N 186 4.11 59.34 -68.80
C SER N 186 3.29 58.96 -67.57
N GLY N 187 3.91 58.92 -66.39
CA GLY N 187 3.25 58.41 -65.21
C GLY N 187 3.56 56.97 -64.88
N LEU N 188 4.44 56.32 -65.64
CA LEU N 188 4.82 54.94 -65.36
C LEU N 188 6.31 54.89 -65.01
N TYR N 189 6.68 53.86 -64.27
CA TYR N 189 8.05 53.66 -63.86
C TYR N 189 8.80 52.77 -64.85
N SER N 190 10.11 52.94 -64.90
CA SER N 190 10.98 52.11 -65.71
C SER N 190 12.25 51.84 -64.92
N LEU N 191 12.88 50.71 -65.21
CA LEU N 191 13.95 50.24 -64.35
C LEU N 191 14.86 49.32 -65.13
N SER N 192 16.13 49.29 -64.73
CA SER N 192 17.15 48.50 -65.42
C SER N 192 17.87 47.62 -64.42
N SER N 193 18.34 46.46 -64.90
CA SER N 193 19.11 45.54 -64.10
C SER N 193 20.25 45.02 -64.94
N VAL N 194 21.48 45.31 -64.53
CA VAL N 194 22.67 44.92 -65.28
C VAL N 194 23.54 44.05 -64.38
N VAL N 195 24.31 43.16 -65.02
CA VAL N 195 25.25 42.28 -64.33
C VAL N 195 26.49 42.10 -65.21
N THR N 196 27.66 42.09 -64.56
CA THR N 196 28.92 41.83 -65.24
C THR N 196 29.23 40.34 -65.27
N VAL N 197 29.86 39.89 -66.35
CA VAL N 197 30.11 38.47 -66.55
C VAL N 197 31.38 38.24 -67.36
N PRO N 198 32.10 37.13 -67.14
CA PRO N 198 33.29 36.84 -67.96
C PRO N 198 33.00 36.82 -69.45
N SER N 199 33.92 37.40 -70.23
CA SER N 199 33.73 37.50 -71.68
C SER N 199 33.83 36.17 -72.40
N SER N 200 34.44 35.16 -71.78
CA SER N 200 34.58 33.86 -72.43
C SER N 200 33.34 32.99 -72.31
N SER N 201 32.43 33.30 -71.39
CA SER N 201 31.21 32.53 -71.19
C SER N 201 30.02 33.15 -71.91
N LEU N 202 30.26 34.12 -72.79
CA LEU N 202 29.17 34.77 -73.51
C LEU N 202 28.44 33.80 -74.43
N GLY N 203 29.09 32.72 -74.85
CA GLY N 203 28.49 31.77 -75.75
C GLY N 203 28.08 30.47 -75.07
N THR N 204 28.72 30.17 -73.94
CA THR N 204 28.50 28.90 -73.24
C THR N 204 27.51 28.98 -72.09
N GLN N 205 27.13 30.18 -71.67
CA GLN N 205 26.28 30.33 -70.48
C GLN N 205 24.97 31.04 -70.84
N THR N 206 23.90 30.60 -70.18
CA THR N 206 22.56 31.16 -70.37
C THR N 206 22.24 32.11 -69.21
N TYR N 207 21.71 33.28 -69.54
CA TYR N 207 21.38 34.30 -68.56
C TYR N 207 19.92 34.66 -68.70
N ILE N 208 19.15 34.42 -67.64
CA ILE N 208 17.70 34.64 -67.64
C ILE N 208 17.39 35.64 -66.54
N CYS N 209 16.62 36.67 -66.86
CA CYS N 209 16.14 37.58 -65.84
C CYS N 209 14.67 37.29 -65.57
N ASN N 210 14.35 36.99 -64.31
CA ASN N 210 12.99 36.64 -63.90
C ASN N 210 12.36 37.89 -63.30
N VAL N 211 11.53 38.56 -64.10
CA VAL N 211 10.88 39.79 -63.67
C VAL N 211 9.47 39.46 -63.22
N ASN N 212 9.12 39.89 -62.01
CA ASN N 212 7.77 39.74 -61.49
C ASN N 212 7.23 41.10 -61.06
N HIS N 213 6.06 41.43 -61.60
CA HIS N 213 5.28 42.57 -61.15
C HIS N 213 3.96 41.98 -60.68
N LYS N 214 3.94 41.52 -59.44
CA LYS N 214 2.74 40.90 -58.89
C LYS N 214 1.52 41.81 -58.89
N PRO N 215 1.62 43.13 -58.64
CA PRO N 215 0.40 43.97 -58.69
C PRO N 215 -0.40 43.82 -59.97
N SER N 216 0.25 43.57 -61.11
CA SER N 216 -0.43 43.37 -62.38
C SER N 216 -0.53 41.90 -62.78
N ASN N 217 -0.06 40.99 -61.93
CA ASN N 217 -0.06 39.56 -62.19
C ASN N 217 0.73 39.23 -63.47
N THR N 218 1.86 39.91 -63.65
CA THR N 218 2.73 39.69 -64.80
C THR N 218 4.01 39.02 -64.31
N LYS N 219 4.20 37.77 -64.70
CA LYS N 219 5.44 37.02 -64.45
C LYS N 219 6.05 36.67 -65.79
N VAL N 220 7.24 37.20 -66.05
CA VAL N 220 7.94 37.00 -67.31
C VAL N 220 9.38 36.61 -67.02
N ASP N 221 9.86 35.58 -67.70
CA ASP N 221 11.24 35.11 -67.56
C ASP N 221 11.92 35.35 -68.89
N LYS N 222 12.67 36.43 -68.99
CA LYS N 222 13.28 36.82 -70.24
C LYS N 222 14.75 36.43 -70.30
N ARG N 223 15.08 35.62 -71.30
CA ARG N 223 16.45 35.23 -71.59
C ARG N 223 17.16 36.31 -72.39
N VAL N 224 18.40 36.60 -72.04
CA VAL N 224 19.20 37.62 -72.71
C VAL N 224 20.40 36.94 -73.33
N GLU N 225 20.69 37.31 -74.58
CA GLU N 225 21.82 36.74 -75.32
C GLU N 225 22.12 37.63 -76.51
N PRO N 226 23.37 37.61 -77.03
CA PRO N 226 23.78 38.41 -78.19
C PRO N 226 22.97 38.13 -79.45
N GLN O 1 43.11 58.96 -21.76
CA GLN O 1 42.52 60.05 -22.52
C GLN O 1 42.97 61.40 -21.97
N VAL O 2 43.68 61.35 -20.85
CA VAL O 2 44.29 62.53 -20.25
C VAL O 2 45.77 62.52 -20.59
N GLN O 3 46.28 63.66 -21.02
CA GLN O 3 47.67 63.75 -21.45
C GLN O 3 48.50 64.35 -20.34
N LEU O 4 49.60 63.68 -20.00
CA LEU O 4 50.52 64.14 -18.99
C LEU O 4 51.75 64.71 -19.69
N VAL O 5 52.00 65.99 -19.49
CA VAL O 5 53.08 66.70 -20.16
C VAL O 5 54.09 67.09 -19.09
N GLN O 6 55.26 66.48 -19.13
CA GLN O 6 56.30 66.74 -18.15
C GLN O 6 57.21 67.86 -18.62
N SER O 7 57.98 68.41 -17.69
CA SER O 7 58.92 69.45 -18.03
C SER O 7 60.02 68.89 -18.92
N GLY O 8 60.74 69.81 -19.58
CA GLY O 8 61.74 69.41 -20.54
C GLY O 8 63.00 68.86 -19.87
N ALA O 9 63.76 68.11 -20.65
CA ALA O 9 65.03 67.59 -20.16
C ALA O 9 65.99 68.74 -19.85
N GLU O 10 66.89 68.50 -18.89
CA GLU O 10 67.84 69.53 -18.50
C GLU O 10 69.04 68.89 -17.83
N VAL O 11 70.12 69.68 -17.75
CA VAL O 11 71.30 69.34 -16.99
C VAL O 11 71.30 70.22 -15.76
N LYS O 12 71.35 69.60 -14.58
CA LYS O 12 71.46 70.35 -13.33
C LYS O 12 72.80 70.02 -12.73
N LYS O 13 73.41 71.01 -12.07
CA LYS O 13 74.76 70.83 -11.58
C LYS O 13 74.79 69.84 -10.40
N PRO O 14 75.89 69.09 -10.24
CA PRO O 14 75.97 68.14 -9.13
C PRO O 14 75.93 68.84 -7.78
N GLY O 15 75.18 68.25 -6.86
CA GLY O 15 74.97 68.80 -5.55
C GLY O 15 73.79 69.74 -5.43
N SER O 16 73.30 70.26 -6.56
CA SER O 16 72.17 71.18 -6.56
C SER O 16 70.87 70.38 -6.40
N SER O 17 69.76 71.06 -6.61
CA SER O 17 68.44 70.46 -6.52
C SER O 17 67.73 70.64 -7.86
N VAL O 18 66.93 69.64 -8.23
CA VAL O 18 66.24 69.64 -9.51
C VAL O 18 64.75 69.60 -9.25
N MET O 19 63.99 70.26 -10.11
CA MET O 19 62.54 70.25 -10.06
C MET O 19 62.00 69.80 -11.41
N VAL O 20 61.13 68.78 -11.38
CA VAL O 20 60.46 68.29 -12.57
C VAL O 20 58.97 68.56 -12.42
N SER O 21 58.34 69.09 -13.47
CA SER O 21 56.92 69.39 -13.44
C SER O 21 56.15 68.36 -14.26
N CYS O 22 54.87 68.22 -13.93
CA CYS O 22 54.00 67.27 -14.62
C CYS O 22 52.60 67.89 -14.70
N GLN O 23 52.18 68.22 -15.91
CA GLN O 23 50.95 68.96 -16.14
C GLN O 23 49.85 68.02 -16.61
N ALA O 24 48.71 68.05 -15.94
CA ALA O 24 47.54 67.27 -16.34
C ALA O 24 46.62 68.15 -17.18
N SER O 25 46.19 67.61 -18.32
CA SER O 25 45.26 68.30 -19.21
C SER O 25 44.05 67.41 -19.47
N GLY O 26 42.87 67.97 -19.24
CA GLY O 26 41.62 67.26 -19.43
C GLY O 26 40.98 66.79 -18.13
N GLY O 27 41.66 66.94 -17.01
CA GLY O 27 41.12 66.57 -15.72
C GLY O 27 41.92 67.23 -14.61
N LEU O 28 41.39 67.14 -13.40
CA LEU O 28 42.04 67.73 -12.25
C LEU O 28 42.97 66.73 -11.59
N LEU O 29 44.05 67.25 -10.99
CA LEU O 29 44.98 66.38 -10.27
C LEU O 29 44.29 65.67 -9.12
N GLU O 30 43.25 66.29 -8.55
CA GLU O 30 42.51 65.68 -7.45
C GLU O 30 41.91 64.35 -7.86
N ASP O 31 41.61 64.17 -9.14
CA ASP O 31 41.00 62.95 -9.64
C ASP O 31 42.02 61.84 -9.88
N TYR O 32 43.25 61.98 -9.42
CA TYR O 32 44.27 60.98 -9.68
C TYR O 32 45.17 60.79 -8.48
N ILE O 33 45.82 59.63 -8.45
CA ILE O 33 47.03 59.45 -7.67
C ILE O 33 48.20 59.72 -8.60
N ILE O 34 49.03 60.70 -8.26
CA ILE O 34 50.14 61.12 -9.11
C ILE O 34 51.43 60.56 -8.53
N ASN O 35 52.11 59.71 -9.29
CA ASN O 35 53.35 59.06 -8.85
C ASN O 35 54.55 59.57 -9.64
N TRP O 36 55.72 59.42 -9.03
CA TRP O 36 56.99 59.73 -9.66
C TRP O 36 57.89 58.50 -9.65
N VAL O 37 58.30 58.07 -10.84
CA VAL O 37 59.17 56.91 -11.02
C VAL O 37 60.41 57.36 -11.79
N ARG O 38 61.58 56.82 -11.44
CA ARG O 38 62.81 57.10 -12.17
C ARG O 38 63.40 55.81 -12.71
N GLN O 39 64.20 55.94 -13.78
CA GLN O 39 64.81 54.79 -14.43
C GLN O 39 66.23 55.16 -14.85
N ALA O 40 67.24 54.56 -14.19
CA ALA O 40 68.61 54.77 -14.61
C ALA O 40 68.90 53.96 -15.88
N PRO O 41 69.86 54.40 -16.69
CA PRO O 41 70.16 53.66 -17.92
C PRO O 41 70.54 52.22 -17.63
N GLY O 42 69.89 51.30 -18.34
CA GLY O 42 70.16 49.89 -18.15
C GLY O 42 69.55 49.31 -16.90
N GLN O 43 68.63 50.02 -16.25
CA GLN O 43 68.00 49.54 -15.03
C GLN O 43 66.49 49.57 -15.20
N GLY O 44 65.79 48.90 -14.28
CA GLY O 44 64.34 48.93 -14.24
C GLY O 44 63.81 50.20 -13.60
N PRO O 45 62.48 50.31 -13.58
CA PRO O 45 61.87 51.46 -12.90
C PRO O 45 61.97 51.33 -11.39
N GLU O 46 62.03 52.46 -10.71
CA GLU O 46 62.14 52.52 -9.27
C GLU O 46 61.14 53.53 -8.73
N TRP O 47 60.35 53.11 -7.75
CA TRP O 47 59.31 53.97 -7.20
C TRP O 47 59.91 54.97 -6.23
N MET O 48 59.66 56.26 -6.49
CA MET O 48 60.14 57.33 -5.62
C MET O 48 59.07 57.79 -4.65
N GLY O 49 57.85 57.94 -5.12
CA GLY O 49 56.76 58.38 -4.27
C GLY O 49 55.55 58.72 -5.10
N GLY O 50 54.48 59.08 -4.40
CA GLY O 50 53.24 59.46 -5.06
C GLY O 50 52.40 60.32 -4.14
N ILE O 51 51.57 61.16 -4.74
CA ILE O 51 50.73 62.09 -4.00
C ILE O 51 49.29 61.91 -4.44
N ILE O 52 48.37 61.99 -3.48
CA ILE O 52 46.94 61.82 -3.73
C ILE O 52 46.24 63.09 -3.27
N PRO O 53 46.11 64.10 -4.12
CA PRO O 53 45.62 65.41 -3.65
C PRO O 53 44.25 65.36 -2.99
N VAL O 54 43.40 64.41 -3.36
CA VAL O 54 42.05 64.33 -2.78
C VAL O 54 42.10 64.01 -1.29
N LEU O 55 43.15 63.34 -0.82
CA LEU O 55 43.28 63.01 0.60
C LEU O 55 44.24 63.93 1.36
N GLY O 56 44.98 64.80 0.65
CA GLY O 56 45.97 65.64 1.31
C GLY O 56 47.09 64.85 1.93
N THR O 57 47.50 63.76 1.27
CA THR O 57 48.51 62.85 1.77
C THR O 57 49.59 62.65 0.72
N VAL O 58 50.84 62.66 1.15
CA VAL O 58 51.98 62.41 0.28
C VAL O 58 52.70 61.17 0.81
N HIS O 59 53.18 60.32 -0.11
CA HIS O 59 53.89 59.10 0.25
C HIS O 59 55.24 59.09 -0.45
N TYR O 60 56.29 58.77 0.29
CA TYR O 60 57.65 58.78 -0.23
C TYR O 60 58.29 57.41 -0.08
N GLY O 61 59.04 56.99 -1.09
CA GLY O 61 59.91 55.85 -0.97
C GLY O 61 60.98 56.11 0.07
N PRO O 62 61.30 55.09 0.87
CA PRO O 62 62.29 55.28 1.94
C PRO O 62 63.63 55.80 1.43
N LYS O 63 64.08 55.30 0.27
CA LYS O 63 65.37 55.69 -0.28
C LYS O 63 65.42 57.16 -0.66
N PHE O 64 64.28 57.77 -0.94
CA PHE O 64 64.25 59.11 -1.50
C PHE O 64 63.70 60.16 -0.54
N GLN O 65 63.08 59.76 0.58
CA GLN O 65 62.58 60.71 1.55
C GLN O 65 63.72 61.51 2.16
N GLY O 66 63.48 62.80 2.37
CA GLY O 66 64.49 63.69 2.86
C GLY O 66 65.31 64.35 1.78
N ARG O 67 65.21 63.89 0.55
CA ARG O 67 65.79 64.60 -0.59
C ARG O 67 64.84 64.65 -1.77
N VAL O 68 63.59 64.24 -1.59
CA VAL O 68 62.56 64.35 -2.62
C VAL O 68 61.37 65.11 -2.03
N THR O 69 60.84 66.05 -2.81
CA THR O 69 59.66 66.83 -2.43
C THR O 69 58.65 66.72 -3.55
N ILE O 70 57.45 66.24 -3.22
CA ILE O 70 56.37 66.10 -4.19
C ILE O 70 55.24 67.05 -3.81
N THR O 71 54.80 67.85 -4.77
CA THR O 71 53.73 68.82 -4.56
C THR O 71 52.68 68.67 -5.65
N ALA O 72 51.48 69.16 -5.37
CA ALA O 72 50.36 69.16 -6.31
C ALA O 72 49.79 70.58 -6.35
N ASP O 73 50.08 71.30 -7.42
CA ASP O 73 49.60 72.68 -7.58
C ASP O 73 48.24 72.60 -8.25
N GLU O 74 47.18 72.70 -7.44
CA GLU O 74 45.83 72.49 -7.95
C GLU O 74 45.31 73.67 -8.78
N SER O 75 45.94 74.83 -8.68
CA SER O 75 45.47 75.98 -9.45
C SER O 75 45.76 75.85 -10.93
N THR O 76 46.75 75.06 -11.31
CA THR O 76 47.11 74.88 -12.71
C THR O 76 47.06 73.43 -13.14
N ASP O 77 46.69 72.51 -12.25
CA ASP O 77 46.68 71.08 -12.53
C ASP O 77 48.07 70.58 -12.92
N THR O 78 49.09 71.15 -12.29
CA THR O 78 50.48 70.78 -12.52
C THR O 78 51.04 70.15 -11.26
N ALA O 79 51.61 68.96 -11.39
CA ALA O 79 52.34 68.32 -10.30
C ALA O 79 53.83 68.58 -10.44
N TYR O 80 54.52 68.58 -9.32
CA TYR O 80 55.95 68.88 -9.29
C TYR O 80 56.67 67.87 -8.42
N MET O 81 57.96 67.71 -8.68
CA MET O 81 58.83 66.85 -7.88
C MET O 81 60.20 67.51 -7.77
N GLU O 82 60.65 67.75 -6.55
CA GLU O 82 61.93 68.39 -6.30
C GLU O 82 62.87 67.39 -5.62
N LEU O 83 63.97 67.07 -6.29
CA LEU O 83 65.01 66.18 -5.78
C LEU O 83 66.28 67.00 -5.56
N SER O 84 66.79 66.99 -4.33
CA SER O 84 67.93 67.81 -3.93
C SER O 84 69.18 66.97 -3.71
N SER O 85 70.33 67.64 -3.74
CA SER O 85 71.64 67.01 -3.59
C SER O 85 71.83 65.92 -4.66
N LEU O 86 71.98 66.38 -5.90
CA LEU O 86 72.10 65.49 -7.04
C LEU O 86 73.50 64.89 -7.13
N ARG O 87 73.55 63.59 -7.48
CA ARG O 87 74.81 62.88 -7.65
C ARG O 87 74.68 61.96 -8.86
N SER O 88 75.76 61.22 -9.13
CA SER O 88 75.83 60.42 -10.34
C SER O 88 74.73 59.36 -10.38
N GLU O 89 74.43 58.76 -9.22
CA GLU O 89 73.39 57.73 -9.16
C GLU O 89 72.03 58.26 -9.57
N ASP O 90 71.83 59.57 -9.55
CA ASP O 90 70.52 60.15 -9.85
C ASP O 90 70.27 60.34 -11.33
N THR O 91 71.30 60.18 -12.17
CA THR O 91 71.13 60.27 -13.62
C THR O 91 70.17 59.17 -14.06
N ALA O 92 68.98 59.56 -14.53
CA ALA O 92 67.93 58.59 -14.79
C ALA O 92 66.84 59.24 -15.64
N MET O 93 66.02 58.41 -16.26
CA MET O 93 64.82 58.85 -16.96
C MET O 93 63.68 58.93 -15.95
N TYR O 94 63.09 60.12 -15.84
CA TYR O 94 62.05 60.38 -14.85
C TYR O 94 60.67 60.36 -15.51
N TYR O 95 59.77 59.56 -14.97
CA TYR O 95 58.42 59.40 -15.49
C TYR O 95 57.40 59.88 -14.47
N CYS O 96 56.37 60.54 -14.96
CA CYS O 96 55.21 60.92 -14.15
C CYS O 96 54.05 60.02 -14.55
N ALA O 97 53.54 59.25 -13.59
CA ALA O 97 52.52 58.24 -13.87
C ALA O 97 51.39 58.38 -12.85
N THR O 98 50.16 58.18 -13.32
CA THR O 98 48.97 58.42 -12.52
C THR O 98 48.16 57.15 -12.33
N GLU O 99 47.33 57.18 -11.29
CA GLU O 99 46.30 56.17 -11.07
C GLU O 99 44.99 56.90 -10.89
N THR O 100 43.95 56.40 -11.55
CA THR O 100 42.66 57.07 -11.53
C THR O 100 42.08 57.06 -10.12
N ALA O 101 41.54 58.20 -9.71
CA ALA O 101 41.03 58.35 -8.35
C ALA O 101 39.57 58.79 -8.35
N LEU O 102 38.71 58.06 -9.06
CA LEU O 102 37.29 58.40 -9.09
C LEU O 102 36.66 58.18 -7.73
N VAL O 103 36.72 56.94 -7.26
CA VAL O 103 36.20 56.53 -5.95
C VAL O 103 37.41 56.21 -5.08
N VAL O 104 37.69 57.06 -4.11
CA VAL O 104 38.86 56.91 -3.25
C VAL O 104 38.35 56.78 -1.82
N SER O 105 38.91 55.83 -1.09
CA SER O 105 38.62 55.66 0.33
C SER O 105 39.66 56.39 1.18
N GLU O 106 39.45 56.38 2.50
CA GLU O 106 40.47 56.93 3.36
C GLU O 106 41.70 56.04 3.35
N THR O 107 42.84 56.62 3.71
CA THR O 107 44.11 55.88 3.74
C THR O 107 44.38 55.16 2.41
N TYR O 108 43.97 55.76 1.31
CA TYR O 108 44.18 55.14 0.01
C TYR O 108 45.65 55.24 -0.37
N LEU O 109 46.17 54.17 -0.97
CA LEU O 109 47.57 54.04 -1.34
C LEU O 109 47.69 53.84 -2.85
N PRO O 110 48.84 54.18 -3.43
CA PRO O 110 49.06 53.87 -4.85
C PRO O 110 49.14 52.38 -5.10
N HIS O 111 48.56 51.94 -6.21
CA HIS O 111 48.50 50.52 -6.57
C HIS O 111 49.11 50.22 -7.92
N TYR O 112 48.86 51.06 -8.91
CA TYR O 112 49.33 50.83 -10.28
C TYR O 112 49.47 52.18 -10.98
N PHE O 113 49.94 52.13 -12.23
CA PHE O 113 50.16 53.32 -13.04
C PHE O 113 49.58 53.05 -14.43
N ASP O 114 48.42 53.67 -14.73
CA ASP O 114 47.74 53.44 -16.00
C ASP O 114 47.99 54.52 -17.05
N ASN O 115 48.41 55.71 -16.65
CA ASN O 115 48.62 56.81 -17.57
C ASN O 115 49.98 57.44 -17.29
N TRP O 116 50.79 57.58 -18.32
CA TRP O 116 52.18 57.97 -18.16
C TRP O 116 52.52 59.24 -18.92
N GLY O 117 53.49 59.99 -18.38
CA GLY O 117 54.12 61.07 -19.11
C GLY O 117 55.12 60.54 -20.13
N GLN O 118 55.68 61.47 -20.90
CA GLN O 118 56.64 61.08 -21.93
C GLN O 118 58.02 60.77 -21.37
N GLY O 119 58.31 61.22 -20.15
CA GLY O 119 59.61 61.00 -19.55
C GLY O 119 60.54 62.19 -19.72
N THR O 120 61.35 62.46 -18.70
CA THR O 120 62.31 63.58 -18.71
C THR O 120 63.67 63.04 -18.32
N LEU O 121 64.63 63.14 -19.25
CA LEU O 121 65.99 62.67 -19.01
C LEU O 121 66.82 63.80 -18.40
N VAL O 122 67.13 63.68 -17.11
CA VAL O 122 67.96 64.66 -16.41
C VAL O 122 69.35 64.08 -16.25
N THR O 123 70.35 64.82 -16.73
CA THR O 123 71.75 64.44 -16.59
C THR O 123 72.39 65.40 -15.61
N VAL O 124 72.92 64.88 -14.51
CA VAL O 124 73.56 65.68 -13.47
C VAL O 124 75.07 65.68 -13.71
N SER O 125 75.61 66.87 -13.99
CA SER O 125 77.02 67.00 -14.31
C SER O 125 77.42 68.46 -14.18
N SER O 126 78.73 68.69 -14.09
CA SER O 126 79.27 70.04 -14.01
C SER O 126 79.33 70.70 -15.38
N THR O 129 76.94 72.89 -20.47
CA THR O 129 75.86 72.81 -21.44
C THR O 129 76.34 73.23 -22.82
N LYS O 130 75.96 72.49 -23.86
CA LYS O 130 76.39 72.84 -25.21
C LYS O 130 75.35 72.42 -26.23
N GLY O 131 75.03 73.33 -27.16
CA GLY O 131 74.08 73.04 -28.20
C GLY O 131 74.75 72.34 -29.36
N PRO O 132 74.00 71.54 -30.12
CA PRO O 132 74.61 70.70 -31.13
C PRO O 132 74.75 71.37 -32.49
N SER O 133 75.65 70.82 -33.29
CA SER O 133 75.78 71.14 -34.70
C SER O 133 75.31 69.93 -35.51
N VAL O 134 74.60 70.20 -36.61
CA VAL O 134 74.05 69.16 -37.46
C VAL O 134 74.73 69.24 -38.81
N PHE O 135 75.20 68.09 -39.31
CA PHE O 135 75.93 68.04 -40.56
C PHE O 135 75.29 67.06 -41.52
N PRO O 136 75.16 67.42 -42.79
CA PRO O 136 74.53 66.53 -43.76
C PRO O 136 75.36 65.26 -43.95
N LEU O 137 74.66 64.18 -44.32
CA LEU O 137 75.28 62.93 -44.72
C LEU O 137 74.88 62.69 -46.17
N ALA O 138 75.60 63.34 -47.09
CA ALA O 138 75.20 63.34 -48.48
C ALA O 138 75.34 61.96 -49.10
N PRO O 139 74.36 61.51 -49.90
CA PRO O 139 74.44 60.26 -50.66
C PRO O 139 75.21 60.43 -51.97
N THR O 148 67.43 50.97 -53.42
CA THR O 148 67.09 51.89 -52.33
C THR O 148 68.34 52.62 -51.85
N ALA O 149 68.25 53.94 -51.74
CA ALA O 149 69.33 54.78 -51.28
C ALA O 149 69.07 55.27 -49.87
N ALA O 150 70.13 55.74 -49.21
CA ALA O 150 70.06 56.23 -47.84
C ALA O 150 70.67 57.62 -47.75
N LEU O 151 70.09 58.44 -46.87
CA LEU O 151 70.61 59.76 -46.58
C LEU O 151 70.36 60.05 -45.10
N GLY O 152 70.94 61.13 -44.62
CA GLY O 152 70.76 61.51 -43.23
C GLY O 152 71.53 62.75 -42.88
N CYS O 153 71.56 63.03 -41.58
CA CYS O 153 72.35 64.13 -41.03
C CYS O 153 73.00 63.66 -39.74
N LEU O 154 74.14 64.25 -39.41
CA LEU O 154 74.93 63.90 -38.24
C LEU O 154 74.84 65.03 -37.22
N VAL O 155 74.40 64.71 -36.01
CA VAL O 155 74.27 65.69 -34.93
C VAL O 155 75.37 65.43 -33.92
N LYS O 156 76.35 66.33 -33.88
CA LYS O 156 77.59 66.13 -33.16
C LYS O 156 77.78 67.24 -32.13
N ASP O 157 78.36 66.88 -30.98
CA ASP O 157 78.83 67.82 -29.96
C ASP O 157 77.71 68.57 -29.24
N TYR O 158 76.92 67.85 -28.44
CA TYR O 158 75.91 68.47 -27.59
C TYR O 158 76.01 67.90 -26.18
N PHE O 159 75.45 68.65 -25.22
CA PHE O 159 75.44 68.22 -23.83
C PHE O 159 74.34 68.97 -23.10
N PRO O 160 73.51 68.29 -22.29
CA PRO O 160 73.47 66.85 -22.06
C PRO O 160 72.53 66.14 -23.01
N GLU O 161 72.33 64.83 -22.81
CA GLU O 161 71.28 64.15 -23.53
C GLU O 161 69.92 64.62 -23.03
N PRO O 162 68.88 64.48 -23.85
CA PRO O 162 68.88 63.91 -25.19
C PRO O 162 68.73 64.96 -26.29
N VAL O 163 69.00 64.53 -27.52
CA VAL O 163 68.68 65.31 -28.72
C VAL O 163 67.58 64.57 -29.46
N THR O 164 66.61 65.33 -29.96
CA THR O 164 65.52 64.76 -30.73
C THR O 164 65.64 65.20 -32.18
N VAL O 165 65.04 64.40 -33.06
CA VAL O 165 65.14 64.62 -34.50
C VAL O 165 63.89 64.06 -35.16
N SER O 166 63.35 64.83 -36.09
CA SER O 166 62.21 64.40 -36.89
C SER O 166 62.49 64.72 -38.34
N TRP O 167 61.97 63.87 -39.23
CA TRP O 167 62.17 64.04 -40.67
C TRP O 167 60.91 64.62 -41.31
N ASN O 168 61.08 65.76 -41.97
CA ASN O 168 60.01 66.47 -42.67
C ASN O 168 58.81 66.72 -41.76
N SER O 169 59.10 67.20 -40.55
CA SER O 169 58.09 67.55 -39.53
C SER O 169 57.15 66.38 -39.22
N GLY O 170 57.67 65.15 -39.27
CA GLY O 170 56.88 63.98 -38.98
C GLY O 170 56.18 63.33 -40.16
N ALA O 171 56.34 63.87 -41.37
CA ALA O 171 55.71 63.26 -42.55
C ALA O 171 56.42 61.97 -42.92
N LEU O 172 57.75 61.95 -42.80
CA LEU O 172 58.56 60.78 -43.09
C LEU O 172 58.85 60.07 -41.78
N THR O 173 58.22 58.94 -41.57
CA THR O 173 58.38 58.14 -40.36
C THR O 173 58.70 56.69 -40.67
N SER O 174 58.14 56.14 -41.74
CA SER O 174 58.44 54.78 -42.17
C SER O 174 59.88 54.72 -42.67
N GLY O 175 60.75 54.01 -41.94
CA GLY O 175 62.13 53.84 -42.34
C GLY O 175 63.14 54.67 -41.58
N VAL O 176 62.72 55.45 -40.59
CA VAL O 176 63.65 56.25 -39.81
C VAL O 176 64.35 55.37 -38.78
N HIS O 177 65.64 55.63 -38.56
CA HIS O 177 66.41 54.96 -37.52
C HIS O 177 67.22 56.02 -36.78
N THR O 178 66.81 56.33 -35.56
CA THR O 178 67.51 57.30 -34.71
C THR O 178 68.34 56.55 -33.68
N PHE O 179 69.67 56.65 -33.80
CA PHE O 179 70.53 55.85 -32.94
C PHE O 179 70.65 56.51 -31.57
N PRO O 180 70.82 55.71 -30.51
CA PRO O 180 71.13 56.30 -29.21
C PRO O 180 72.45 57.04 -29.27
N ALA O 181 72.56 58.12 -28.50
CA ALA O 181 73.80 58.89 -28.49
C ALA O 181 74.95 58.04 -27.94
N VAL O 182 76.15 58.28 -28.47
CA VAL O 182 77.38 57.67 -27.98
C VAL O 182 78.28 58.77 -27.44
N LEU O 183 78.86 58.53 -26.27
CA LEU O 183 79.72 59.51 -25.63
C LEU O 183 81.11 59.47 -26.26
N GLN O 184 81.52 60.56 -26.89
CA GLN O 184 82.84 60.62 -27.50
C GLN O 184 83.92 60.92 -26.46
N SER O 185 85.17 60.79 -26.88
CA SER O 185 86.29 61.05 -26.00
C SER O 185 86.32 62.50 -25.53
N SER O 186 85.80 63.42 -26.35
CA SER O 186 85.77 64.83 -25.96
C SER O 186 84.86 65.11 -24.76
N GLY O 187 83.98 64.17 -24.39
CA GLY O 187 82.98 64.40 -23.38
C GLY O 187 81.61 64.75 -23.93
N LEU O 188 81.56 65.39 -25.09
CA LEU O 188 80.33 65.71 -25.78
C LEU O 188 79.72 64.45 -26.41
N TYR O 189 78.40 64.50 -26.62
CA TYR O 189 77.67 63.42 -27.26
C TYR O 189 77.57 63.67 -28.76
N SER O 190 77.43 62.59 -29.52
CA SER O 190 77.21 62.68 -30.95
C SER O 190 76.22 61.59 -31.34
N LEU O 191 75.48 61.83 -32.40
CA LEU O 191 74.38 60.94 -32.72
C LEU O 191 74.11 61.02 -34.21
N SER O 192 73.59 59.93 -34.76
CA SER O 192 73.34 59.84 -36.19
C SER O 192 71.88 59.46 -36.42
N SER O 193 71.34 59.95 -37.53
CA SER O 193 69.98 59.62 -37.93
C SER O 193 69.95 59.40 -39.43
N VAL O 194 69.64 58.18 -39.85
CA VAL O 194 69.58 57.81 -41.26
C VAL O 194 68.20 57.23 -41.54
N VAL O 195 67.73 57.39 -42.78
CA VAL O 195 66.46 56.84 -43.22
C VAL O 195 66.60 56.35 -44.64
N THR O 196 66.06 55.15 -44.91
CA THR O 196 66.07 54.60 -46.26
C THR O 196 64.82 55.03 -47.00
N VAL O 197 64.96 55.30 -48.28
CA VAL O 197 63.87 55.83 -49.10
C VAL O 197 64.11 55.37 -50.53
N PRO O 198 63.07 55.17 -51.34
CA PRO O 198 63.29 54.81 -52.75
C PRO O 198 64.21 55.81 -53.45
N SER O 199 65.13 55.27 -54.25
CA SER O 199 66.13 56.09 -54.94
C SER O 199 65.52 56.96 -56.04
N SER O 200 64.29 56.66 -56.48
CA SER O 200 63.68 57.44 -57.56
C SER O 200 63.14 58.79 -57.11
N SER O 201 62.99 59.01 -55.80
CA SER O 201 62.55 60.30 -55.28
C SER O 201 63.73 61.15 -54.79
N LEU O 202 64.97 60.72 -55.04
CA LEU O 202 66.13 61.48 -54.62
C LEU O 202 66.22 62.82 -55.35
N GLY O 203 65.64 62.92 -56.54
CA GLY O 203 65.72 64.13 -57.32
C GLY O 203 64.44 64.93 -57.29
N THR O 204 63.32 64.26 -57.04
CA THR O 204 62.02 64.91 -57.07
C THR O 204 61.51 65.32 -55.69
N GLN O 205 62.12 64.83 -54.62
CA GLN O 205 61.63 65.07 -53.27
C GLN O 205 62.73 65.75 -52.43
N THR O 206 62.32 66.65 -51.54
CA THR O 206 63.22 67.34 -50.63
C THR O 206 63.14 66.74 -49.23
N TYR O 207 64.31 66.56 -48.61
CA TYR O 207 64.43 65.93 -47.29
C TYR O 207 65.12 66.89 -46.33
N ILE O 208 64.42 67.28 -45.26
CA ILE O 208 64.94 68.17 -44.24
C ILE O 208 64.79 67.47 -42.89
N CYS O 209 65.84 67.48 -42.08
CA CYS O 209 65.80 66.91 -40.75
C CYS O 209 65.71 68.01 -39.70
N ASN O 210 64.69 67.93 -38.84
CA ASN O 210 64.39 68.93 -37.80
C ASN O 210 64.96 68.44 -36.47
N VAL O 211 66.08 69.03 -36.05
CA VAL O 211 66.77 68.66 -34.81
C VAL O 211 66.36 69.61 -33.70
N ASN O 212 65.94 69.05 -32.57
CA ASN O 212 65.61 69.82 -31.38
C ASN O 212 66.41 69.30 -30.19
N HIS O 213 67.11 70.22 -29.52
CA HIS O 213 67.79 69.96 -28.26
C HIS O 213 67.17 70.90 -27.22
N LYS O 214 66.10 70.45 -26.57
CA LYS O 214 65.39 71.29 -25.61
C LYS O 214 66.24 71.80 -24.45
N PRO O 215 67.13 71.02 -23.83
CA PRO O 215 67.89 71.55 -22.68
C PRO O 215 68.64 72.85 -22.94
N SER O 216 69.18 73.04 -24.14
CA SER O 216 69.91 74.26 -24.47
C SER O 216 69.11 75.25 -25.32
N ASN O 217 67.84 74.94 -25.59
CA ASN O 217 66.98 75.80 -26.42
C ASN O 217 67.60 76.01 -27.80
N THR O 218 68.21 74.95 -28.34
CA THR O 218 68.87 74.96 -29.64
C THR O 218 68.08 74.07 -30.60
N LYS O 219 67.51 74.69 -31.64
CA LYS O 219 66.84 74.00 -32.72
C LYS O 219 67.60 74.27 -34.00
N VAL O 220 68.02 73.21 -34.69
CA VAL O 220 68.79 73.37 -35.93
C VAL O 220 68.10 72.57 -37.02
N ASP O 221 67.79 73.23 -38.13
CA ASP O 221 67.17 72.62 -39.30
C ASP O 221 68.14 72.81 -40.46
N LYS O 222 68.92 71.77 -40.76
CA LYS O 222 69.92 71.81 -41.81
C LYS O 222 69.38 71.10 -43.05
N ARG O 223 69.36 71.82 -44.17
CA ARG O 223 68.95 71.20 -45.42
C ARG O 223 70.08 70.31 -45.91
N VAL O 224 69.72 69.12 -46.41
CA VAL O 224 70.70 68.11 -46.79
C VAL O 224 70.56 67.80 -48.26
N GLU O 225 71.69 67.65 -48.96
CA GLU O 225 71.71 67.28 -50.37
C GLU O 225 73.10 66.76 -50.71
N PRO O 226 73.23 65.93 -51.76
CA PRO O 226 74.53 65.42 -52.21
C PRO O 226 75.51 66.53 -52.60
N ASP P 1 -28.33 -33.64 -53.91
CA ASP P 1 -28.11 -34.26 -52.62
C ASP P 1 -27.14 -35.42 -52.73
N ILE P 2 -26.48 -35.76 -51.62
CA ILE P 2 -25.53 -36.87 -51.58
C ILE P 2 -26.28 -38.13 -51.19
N GLN P 3 -26.20 -39.16 -52.03
CA GLN P 3 -26.83 -40.44 -51.78
C GLN P 3 -25.86 -41.41 -51.10
N MET P 4 -26.32 -42.04 -50.02
CA MET P 4 -25.51 -42.99 -49.27
C MET P 4 -26.01 -44.41 -49.56
N THR P 5 -25.09 -45.27 -49.98
CA THR P 5 -25.40 -46.65 -50.35
C THR P 5 -24.85 -47.57 -49.27
N GLN P 6 -25.75 -48.23 -48.54
CA GLN P 6 -25.37 -49.13 -47.46
C GLN P 6 -25.55 -50.57 -47.93
N SER P 7 -24.54 -51.40 -47.66
CA SER P 7 -24.53 -52.77 -48.14
C SER P 7 -23.91 -53.67 -47.07
N PRO P 8 -24.49 -54.87 -46.85
CA PRO P 8 -25.69 -55.37 -47.52
C PRO P 8 -27.00 -54.80 -46.94
N SER P 9 -28.14 -55.19 -47.52
CA SER P 9 -29.43 -54.76 -47.00
C SER P 9 -29.84 -55.53 -45.77
N SER P 10 -29.44 -56.80 -45.69
CA SER P 10 -29.71 -57.66 -44.55
C SER P 10 -28.61 -58.69 -44.42
N LEU P 11 -28.40 -59.18 -43.20
CA LEU P 11 -27.38 -60.20 -42.95
C LEU P 11 -27.79 -61.06 -41.77
N SER P 12 -27.33 -62.31 -41.78
CA SER P 12 -27.58 -63.26 -40.71
C SER P 12 -26.25 -63.84 -40.24
N ALA P 13 -25.95 -63.68 -38.94
CA ALA P 13 -24.70 -64.17 -38.37
C ALA P 13 -24.98 -64.76 -36.98
N ALA P 14 -24.14 -65.70 -36.57
CA ALA P 14 -24.28 -66.33 -35.27
C ALA P 14 -23.69 -65.44 -34.17
N VAL P 15 -24.07 -65.74 -32.93
CA VAL P 15 -23.51 -65.00 -31.79
C VAL P 15 -22.03 -65.29 -31.70
N GLY P 16 -21.22 -64.23 -31.57
CA GLY P 16 -19.78 -64.39 -31.53
C GLY P 16 -19.11 -64.21 -32.86
N ASP P 17 -19.87 -63.95 -33.93
CA ASP P 17 -19.36 -63.80 -35.28
C ASP P 17 -18.76 -62.42 -35.48
N ARG P 18 -17.88 -62.32 -36.48
CA ARG P 18 -17.35 -61.03 -36.91
C ARG P 18 -18.18 -60.55 -38.11
N VAL P 19 -18.79 -59.37 -37.97
CA VAL P 19 -19.71 -58.83 -38.95
C VAL P 19 -19.21 -57.47 -39.42
N THR P 20 -19.26 -57.22 -40.72
CA THR P 20 -18.81 -55.97 -41.31
C THR P 20 -19.93 -55.36 -42.14
N ILE P 21 -20.16 -54.05 -41.97
CA ILE P 21 -21.15 -53.30 -42.74
C ILE P 21 -20.44 -52.16 -43.45
N THR P 22 -20.83 -51.90 -44.70
CA THR P 22 -20.16 -50.90 -45.54
C THR P 22 -21.14 -49.79 -45.92
N CYS P 23 -20.60 -48.56 -46.02
CA CYS P 23 -21.36 -47.40 -46.46
C CYS P 23 -20.56 -46.64 -47.52
N GLN P 24 -21.20 -46.34 -48.65
CA GLN P 24 -20.56 -45.60 -49.73
C GLN P 24 -21.32 -44.30 -50.01
N ALA P 25 -20.57 -43.23 -50.27
CA ALA P 25 -21.13 -41.91 -50.58
C ALA P 25 -21.06 -41.64 -52.09
N SER P 26 -21.98 -40.80 -52.55
CA SER P 26 -22.02 -40.41 -53.96
C SER P 26 -20.92 -39.44 -54.34
N GLN P 27 -20.29 -38.78 -53.37
CA GLN P 27 -19.13 -37.94 -53.64
C GLN P 27 -18.24 -37.94 -52.41
N ASP P 28 -17.05 -37.36 -52.55
CA ASP P 28 -16.08 -37.37 -51.47
C ASP P 28 -16.61 -36.56 -50.28
N ILE P 29 -16.68 -37.20 -49.12
CA ILE P 29 -17.14 -36.57 -47.89
C ILE P 29 -16.09 -36.65 -46.79
N VAL P 30 -14.80 -36.78 -47.17
CA VAL P 30 -13.69 -36.89 -46.24
C VAL P 30 -13.96 -38.03 -45.29
N ASN P 31 -14.13 -37.74 -44.00
CA ASN P 31 -14.53 -38.72 -43.01
C ASN P 31 -15.75 -38.24 -42.23
N TYR P 32 -16.55 -37.36 -42.86
CA TYR P 32 -17.72 -36.77 -42.21
C TYR P 32 -18.91 -37.73 -42.34
N LEU P 33 -18.82 -38.84 -41.62
CA LEU P 33 -19.83 -39.89 -41.67
C LEU P 33 -20.10 -40.42 -40.27
N ASN P 34 -21.37 -40.57 -39.91
CA ASN P 34 -21.79 -41.06 -38.61
C ASN P 34 -22.49 -42.41 -38.76
N TRP P 35 -22.61 -43.13 -37.64
CA TRP P 35 -23.33 -44.39 -37.58
C TRP P 35 -24.34 -44.38 -36.44
N TYR P 36 -25.52 -44.94 -36.70
CA TYR P 36 -26.59 -45.02 -35.70
C TYR P 36 -27.13 -46.44 -35.60
N GLN P 37 -27.64 -46.76 -34.42
CA GLN P 37 -28.32 -48.02 -34.15
C GLN P 37 -29.76 -47.71 -33.80
N GLN P 38 -30.70 -48.39 -34.45
CA GLN P 38 -32.12 -48.26 -34.15
C GLN P 38 -32.70 -49.65 -33.87
N LYS P 39 -33.09 -49.88 -32.65
CA LYS P 39 -33.88 -51.07 -32.42
C LYS P 39 -35.32 -50.78 -32.83
N PRO P 40 -36.09 -51.81 -33.20
CA PRO P 40 -37.47 -51.60 -33.67
C PRO P 40 -38.32 -50.77 -32.71
N GLY P 41 -38.87 -49.67 -33.21
CA GLY P 41 -39.76 -48.84 -32.42
C GLY P 41 -39.07 -47.86 -31.49
N LYS P 42 -37.75 -47.88 -31.42
CA LYS P 42 -37.00 -46.97 -30.56
C LYS P 42 -36.38 -45.87 -31.41
N ALA P 43 -36.02 -44.78 -30.74
CA ALA P 43 -35.26 -43.74 -31.39
C ALA P 43 -33.86 -44.26 -31.71
N PRO P 44 -33.22 -43.74 -32.77
CA PRO P 44 -31.84 -44.13 -33.05
C PRO P 44 -30.89 -43.65 -31.97
N LYS P 45 -29.78 -44.38 -31.82
CA LYS P 45 -28.75 -44.05 -30.84
C LYS P 45 -27.44 -43.89 -31.59
N LEU P 46 -26.71 -42.83 -31.29
CA LEU P 46 -25.45 -42.56 -31.96
C LEU P 46 -24.38 -43.54 -31.50
N LEU P 47 -23.77 -44.26 -32.45
CA LEU P 47 -22.70 -45.20 -32.17
C LEU P 47 -21.32 -44.67 -32.52
N ILE P 48 -21.13 -44.19 -33.75
CA ILE P 48 -19.84 -43.76 -34.25
C ILE P 48 -20.01 -42.39 -34.88
N TYR P 49 -19.09 -41.48 -34.56
CA TYR P 49 -19.09 -40.16 -35.18
C TYR P 49 -17.72 -39.91 -35.78
N VAL P 50 -17.73 -39.18 -36.90
CA VAL P 50 -16.55 -38.94 -37.74
C VAL P 50 -15.90 -40.27 -38.10
N ALA P 51 -16.72 -41.20 -38.62
CA ALA P 51 -16.26 -42.43 -39.27
C ALA P 51 -15.58 -43.43 -38.34
N SER P 52 -14.85 -42.97 -37.32
CA SER P 52 -14.00 -43.86 -36.54
C SER P 52 -13.99 -43.62 -35.04
N ASN P 53 -14.62 -42.56 -34.52
CA ASN P 53 -14.58 -42.27 -33.10
C ASN P 53 -15.72 -42.99 -32.38
N LEU P 54 -15.38 -43.69 -31.30
CA LEU P 54 -16.36 -44.44 -30.53
C LEU P 54 -17.11 -43.51 -29.59
N GLU P 55 -18.44 -43.63 -29.60
CA GLU P 55 -19.25 -42.88 -28.65
C GLU P 55 -19.06 -43.46 -27.26
N THR P 56 -19.07 -42.58 -26.26
CA THR P 56 -18.95 -43.01 -24.88
C THR P 56 -20.11 -43.95 -24.53
N GLY P 57 -19.78 -45.01 -23.80
CA GLY P 57 -20.77 -45.99 -23.41
C GLY P 57 -21.10 -47.03 -24.46
N VAL P 58 -20.55 -46.91 -25.66
CA VAL P 58 -20.80 -47.90 -26.71
C VAL P 58 -19.84 -49.07 -26.51
N PRO P 59 -20.33 -50.31 -26.54
CA PRO P 59 -19.46 -51.47 -26.31
C PRO P 59 -18.25 -51.47 -27.23
N SER P 60 -17.13 -51.97 -26.70
CA SER P 60 -15.88 -51.91 -27.44
C SER P 60 -15.92 -52.76 -28.71
N ARG P 61 -16.91 -53.63 -28.88
CA ARG P 61 -16.95 -54.47 -30.07
C ARG P 61 -17.29 -53.70 -31.34
N PHE P 62 -17.82 -52.48 -31.21
CA PHE P 62 -18.13 -51.66 -32.38
C PHE P 62 -16.90 -50.83 -32.77
N SER P 63 -16.67 -50.72 -34.07
CA SER P 63 -15.58 -49.89 -34.60
C SER P 63 -15.94 -49.41 -35.99
N GLY P 64 -15.36 -48.27 -36.37
CA GLY P 64 -15.58 -47.71 -37.70
C GLY P 64 -14.26 -47.39 -38.38
N SER P 65 -14.27 -47.51 -39.70
CA SER P 65 -13.10 -47.25 -40.52
C SER P 65 -13.53 -46.61 -41.83
N GLY P 66 -12.55 -46.15 -42.59
CA GLY P 66 -12.79 -45.61 -43.91
C GLY P 66 -12.39 -44.16 -44.01
N SER P 67 -12.42 -43.68 -45.25
CA SER P 67 -12.15 -42.29 -45.60
C SER P 67 -12.55 -42.10 -47.05
N GLY P 68 -12.78 -40.84 -47.42
CA GLY P 68 -13.16 -40.55 -48.79
C GLY P 68 -14.62 -40.84 -49.09
N THR P 69 -14.88 -41.93 -49.81
CA THR P 69 -16.23 -42.29 -50.21
C THR P 69 -16.71 -43.63 -49.68
N ASP P 70 -15.84 -44.46 -49.12
CA ASP P 70 -16.22 -45.77 -48.64
C ASP P 70 -15.86 -45.90 -47.17
N PHE P 71 -16.82 -46.37 -46.37
CA PHE P 71 -16.65 -46.49 -44.93
C PHE P 71 -17.16 -47.86 -44.49
N SER P 72 -16.76 -48.26 -43.28
CA SER P 72 -17.18 -49.55 -42.76
C SER P 72 -17.48 -49.48 -41.28
N LEU P 73 -18.38 -50.35 -40.86
CA LEU P 73 -18.73 -50.57 -39.45
C LEU P 73 -18.55 -52.06 -39.16
N THR P 74 -17.79 -52.37 -38.10
CA THR P 74 -17.44 -53.74 -37.77
C THR P 74 -17.75 -54.04 -36.32
N ILE P 75 -18.44 -55.16 -36.08
CA ILE P 75 -18.68 -55.67 -34.73
C ILE P 75 -17.81 -56.92 -34.54
N SER P 76 -16.88 -56.85 -33.58
CA SER P 76 -15.87 -57.89 -33.45
C SER P 76 -16.44 -59.18 -32.88
N SER P 77 -17.55 -59.12 -32.14
CA SER P 77 -18.17 -60.31 -31.55
C SER P 77 -19.66 -60.01 -31.43
N LEU P 78 -20.42 -60.43 -32.44
CA LEU P 78 -21.84 -60.09 -32.51
C LEU P 78 -22.59 -60.72 -31.34
N GLN P 79 -23.41 -59.90 -30.69
CA GLN P 79 -24.15 -60.28 -29.49
C GLN P 79 -25.65 -60.21 -29.75
N PRO P 80 -26.46 -60.95 -28.96
CA PRO P 80 -27.90 -60.97 -29.22
C PRO P 80 -28.56 -59.60 -29.21
N GLU P 81 -28.12 -58.70 -28.33
CA GLU P 81 -28.72 -57.38 -28.21
C GLU P 81 -28.34 -56.43 -29.35
N ASP P 82 -27.58 -56.90 -30.34
CA ASP P 82 -27.20 -56.07 -31.47
C ASP P 82 -28.21 -56.13 -32.59
N VAL P 83 -29.26 -56.93 -32.44
CA VAL P 83 -30.30 -57.02 -33.46
C VAL P 83 -30.99 -55.66 -33.57
N ALA P 84 -30.81 -55.03 -34.73
CA ALA P 84 -31.30 -53.67 -34.97
C ALA P 84 -31.02 -53.29 -36.41
N THR P 85 -31.47 -52.11 -36.82
CA THR P 85 -31.15 -51.56 -38.13
C THR P 85 -30.14 -50.43 -37.95
N TYR P 86 -29.10 -50.43 -38.77
CA TYR P 86 -28.01 -49.48 -38.67
C TYR P 86 -28.03 -48.55 -39.86
N TYR P 87 -27.74 -47.27 -39.62
CA TYR P 87 -27.73 -46.25 -40.64
C TYR P 87 -26.44 -45.45 -40.57
N CYS P 88 -25.85 -45.18 -41.73
CA CYS P 88 -24.79 -44.20 -41.89
C CYS P 88 -25.38 -42.87 -42.34
N GLN P 89 -24.66 -41.79 -42.04
CA GLN P 89 -25.17 -40.46 -42.34
C GLN P 89 -24.00 -39.51 -42.60
N GLN P 90 -24.08 -38.75 -43.68
CA GLN P 90 -23.03 -37.80 -44.05
C GLN P 90 -23.41 -36.38 -43.66
N TYR P 91 -22.38 -35.55 -43.48
CA TYR P 91 -22.58 -34.12 -43.24
C TYR P 91 -21.56 -33.26 -44.00
N ASP P 92 -21.05 -33.76 -45.13
CA ASP P 92 -20.15 -32.94 -45.94
C ASP P 92 -20.83 -31.67 -46.42
N ASN P 93 -22.07 -31.79 -46.90
CA ASN P 93 -22.86 -30.64 -47.31
C ASN P 93 -24.32 -30.94 -47.03
N LEU P 94 -25.11 -29.93 -47.13
CA LEU P 94 -26.53 -30.10 -46.89
C LEU P 94 -27.26 -30.55 -48.15
N PRO P 95 -28.37 -31.30 -48.03
CA PRO P 95 -29.00 -31.77 -46.79
C PRO P 95 -28.30 -33.00 -46.21
N LEU P 96 -28.33 -33.14 -44.89
CA LEU P 96 -27.84 -34.37 -44.27
C LEU P 96 -28.65 -35.55 -44.79
N THR P 97 -27.97 -36.62 -45.18
CA THR P 97 -28.62 -37.77 -45.79
C THR P 97 -28.15 -39.06 -45.14
N PHE P 98 -29.01 -40.08 -45.24
CA PHE P 98 -28.76 -41.38 -44.64
C PHE P 98 -28.63 -42.46 -45.71
N GLY P 99 -28.03 -43.57 -45.32
CA GLY P 99 -28.04 -44.76 -46.14
C GLY P 99 -29.39 -45.44 -46.10
N GLY P 100 -29.55 -46.47 -46.94
CA GLY P 100 -30.81 -47.18 -46.93
C GLY P 100 -31.04 -48.01 -45.70
N GLY P 101 -29.99 -48.31 -44.95
CA GLY P 101 -30.10 -49.07 -43.72
C GLY P 101 -29.70 -50.52 -43.92
N THR P 102 -29.16 -51.11 -42.85
CA THR P 102 -28.78 -52.53 -42.85
C THR P 102 -29.37 -53.17 -41.60
N LYS P 103 -30.27 -54.14 -41.81
CA LYS P 103 -30.91 -54.87 -40.71
C LYS P 103 -30.07 -56.10 -40.36
N VAL P 104 -29.63 -56.19 -39.12
CA VAL P 104 -28.77 -57.27 -38.66
C VAL P 104 -29.59 -58.24 -37.83
N GLU P 105 -29.57 -59.51 -38.22
CA GLU P 105 -30.30 -60.56 -37.54
C GLU P 105 -29.34 -61.64 -37.06
N ILE P 106 -29.69 -62.29 -35.96
CA ILE P 106 -28.88 -63.33 -35.35
C ILE P 106 -29.37 -64.70 -35.84
N LYS P 107 -28.44 -65.54 -36.27
CA LYS P 107 -28.74 -66.93 -36.58
C LYS P 107 -28.43 -67.77 -35.36
N ARG P 108 -29.40 -68.58 -34.93
CA ARG P 108 -29.27 -69.38 -33.71
C ARG P 108 -29.91 -70.75 -33.94
N THR P 109 -29.65 -71.67 -33.01
CA THR P 109 -30.15 -73.02 -33.13
C THR P 109 -31.69 -73.02 -33.10
N VAL P 110 -32.28 -73.94 -33.86
CA VAL P 110 -33.74 -73.93 -34.07
C VAL P 110 -34.44 -74.26 -32.76
N ALA P 111 -35.47 -73.49 -32.45
CA ALA P 111 -36.23 -73.63 -31.22
C ALA P 111 -37.70 -73.84 -31.54
N ALA P 112 -38.33 -74.77 -30.82
CA ALA P 112 -39.72 -75.05 -31.07
C ALA P 112 -40.61 -73.97 -30.44
N PRO P 113 -41.74 -73.66 -31.08
CA PRO P 113 -42.67 -72.68 -30.51
C PRO P 113 -43.59 -73.31 -29.49
N SER P 114 -43.89 -72.55 -28.44
CA SER P 114 -44.95 -72.93 -27.50
C SER P 114 -46.28 -72.39 -28.04
N VAL P 115 -47.25 -73.28 -28.21
CA VAL P 115 -48.51 -72.96 -28.88
C VAL P 115 -49.61 -72.90 -27.83
N PHE P 116 -50.26 -71.74 -27.75
CA PHE P 116 -51.33 -71.48 -26.80
C PHE P 116 -52.47 -70.81 -27.55
N ILE P 117 -53.70 -71.15 -27.17
CA ILE P 117 -54.90 -70.61 -27.80
C ILE P 117 -55.74 -69.93 -26.74
N PHE P 118 -56.34 -68.80 -27.09
CA PHE P 118 -57.19 -68.06 -26.19
C PHE P 118 -58.56 -67.90 -26.83
N PRO P 119 -59.64 -68.25 -26.15
CA PRO P 119 -60.96 -67.98 -26.68
C PRO P 119 -61.27 -66.50 -26.51
N PRO P 120 -62.28 -65.98 -27.20
CA PRO P 120 -62.68 -64.60 -26.95
C PRO P 120 -63.30 -64.48 -25.58
N SER P 121 -63.08 -63.33 -24.95
CA SER P 121 -63.53 -63.15 -23.57
C SER P 121 -65.05 -63.05 -23.50
N ASP P 122 -65.57 -63.38 -22.31
CA ASP P 122 -66.98 -63.15 -22.06
C ASP P 122 -67.28 -61.65 -22.09
N GLU P 123 -66.28 -60.84 -21.73
CA GLU P 123 -66.43 -59.38 -21.79
C GLU P 123 -66.56 -58.90 -23.22
N GLN P 124 -65.81 -59.51 -24.15
CA GLN P 124 -65.85 -59.09 -25.54
C GLN P 124 -67.14 -59.54 -26.22
N LEU P 125 -67.64 -60.73 -25.84
CA LEU P 125 -68.85 -61.24 -26.47
C LEU P 125 -70.04 -60.32 -26.26
N LYS P 126 -70.08 -59.60 -25.13
CA LYS P 126 -71.16 -58.65 -24.91
C LYS P 126 -71.14 -57.54 -25.94
N SER P 127 -69.95 -57.16 -26.43
CA SER P 127 -69.85 -56.10 -27.42
C SER P 127 -70.31 -56.51 -28.81
N GLY P 128 -70.51 -57.82 -29.05
CA GLY P 128 -71.04 -58.30 -30.30
C GLY P 128 -70.02 -58.84 -31.29
N THR P 129 -68.79 -59.10 -30.85
CA THR P 129 -67.75 -59.62 -31.71
C THR P 129 -66.93 -60.63 -30.93
N ALA P 130 -66.31 -61.57 -31.66
CA ALA P 130 -65.51 -62.62 -31.05
C ALA P 130 -64.18 -62.73 -31.79
N SER P 131 -63.08 -62.62 -31.04
CA SER P 131 -61.73 -62.78 -31.58
C SER P 131 -61.07 -63.94 -30.86
N VAL P 132 -60.58 -64.92 -31.63
CA VAL P 132 -59.90 -66.09 -31.08
C VAL P 132 -58.42 -65.94 -31.42
N VAL P 133 -57.58 -65.99 -30.38
CA VAL P 133 -56.15 -65.70 -30.51
C VAL P 133 -55.35 -66.99 -30.38
N CYS P 134 -54.36 -67.15 -31.25
CA CYS P 134 -53.43 -68.26 -31.22
C CYS P 134 -52.02 -67.70 -31.15
N LEU P 135 -51.15 -68.34 -30.35
CA LEU P 135 -49.86 -67.77 -30.00
C LEU P 135 -48.73 -68.76 -30.28
N LEU P 136 -47.70 -68.30 -30.97
CA LEU P 136 -46.43 -69.01 -31.11
C LEU P 136 -45.36 -68.21 -30.38
N ASN P 137 -44.76 -68.82 -29.34
CA ASN P 137 -43.93 -68.09 -28.40
C ASN P 137 -42.49 -68.58 -28.50
N ASN P 138 -41.57 -67.64 -28.77
CA ASN P 138 -40.13 -67.87 -28.72
C ASN P 138 -39.70 -69.05 -29.62
N PHE P 139 -39.76 -68.79 -30.92
CA PHE P 139 -39.34 -69.78 -31.91
C PHE P 139 -38.42 -69.12 -32.94
N TYR P 140 -37.74 -69.98 -33.72
CA TYR P 140 -36.83 -69.60 -34.80
C TYR P 140 -36.76 -70.76 -35.77
N PRO P 141 -36.74 -70.52 -37.09
CA PRO P 141 -36.68 -69.24 -37.81
C PRO P 141 -38.01 -68.49 -38.01
N ARG P 142 -37.90 -67.40 -38.79
CA ARG P 142 -39.02 -66.48 -39.04
C ARG P 142 -40.25 -67.17 -39.64
N GLU P 143 -40.06 -68.13 -40.55
CA GLU P 143 -41.16 -68.68 -41.34
C GLU P 143 -41.94 -69.72 -40.55
N ALA P 144 -43.25 -69.49 -40.39
CA ALA P 144 -44.17 -70.46 -39.80
C ALA P 144 -45.53 -70.32 -40.47
N LYS P 145 -46.41 -71.29 -40.20
CA LYS P 145 -47.77 -71.26 -40.74
C LYS P 145 -48.79 -71.71 -39.70
N VAL P 146 -49.89 -70.98 -39.65
CA VAL P 146 -51.02 -71.28 -38.76
C VAL P 146 -52.29 -71.28 -39.58
N GLN P 147 -52.97 -72.42 -39.61
CA GLN P 147 -54.29 -72.52 -40.23
C GLN P 147 -55.30 -72.84 -39.15
N TRP P 148 -56.33 -72.00 -39.04
CA TRP P 148 -57.36 -72.23 -38.05
C TRP P 148 -58.23 -73.43 -38.44
N LYS P 149 -58.80 -74.06 -37.42
CA LYS P 149 -59.71 -75.19 -37.61
C LYS P 149 -60.82 -75.06 -36.58
N VAL P 150 -62.03 -74.77 -37.04
CA VAL P 150 -63.22 -74.73 -36.20
C VAL P 150 -63.95 -76.06 -36.38
N ASP P 151 -64.26 -76.72 -35.27
CA ASP P 151 -64.63 -78.14 -35.28
C ASP P 151 -63.56 -78.94 -36.01
N ASN P 152 -63.78 -79.24 -37.29
CA ASN P 152 -62.75 -79.87 -38.11
C ASN P 152 -62.62 -79.21 -39.48
N ALA P 153 -63.33 -78.11 -39.73
CA ALA P 153 -63.28 -77.43 -41.02
C ALA P 153 -62.23 -76.32 -40.94
N LEU P 154 -61.21 -76.42 -41.80
CA LEU P 154 -60.19 -75.39 -41.86
C LEU P 154 -60.79 -74.08 -42.35
N GLN P 155 -60.50 -73.00 -41.64
CA GLN P 155 -60.96 -71.66 -42.02
C GLN P 155 -59.86 -70.99 -42.83
N SER P 156 -60.24 -70.30 -43.89
CA SER P 156 -59.27 -69.76 -44.84
C SER P 156 -59.50 -68.28 -45.06
N GLY P 157 -58.49 -67.47 -44.73
CA GLY P 157 -58.47 -66.07 -45.11
C GLY P 157 -59.35 -65.16 -44.29
N ASN P 158 -59.83 -65.63 -43.13
CA ASN P 158 -60.63 -64.83 -42.22
C ASN P 158 -59.87 -64.48 -40.95
N SER P 159 -58.55 -64.41 -41.04
CA SER P 159 -57.70 -64.16 -39.89
C SER P 159 -56.54 -63.25 -40.30
N GLN P 160 -55.91 -62.65 -39.30
CA GLN P 160 -54.80 -61.73 -39.48
C GLN P 160 -53.71 -62.07 -38.48
N GLU P 161 -52.46 -62.10 -38.93
CA GLU P 161 -51.34 -62.47 -38.08
C GLU P 161 -50.37 -61.30 -37.98
N SER P 162 -49.72 -61.19 -36.82
CA SER P 162 -48.74 -60.15 -36.56
C SER P 162 -47.53 -60.78 -35.89
N VAL P 163 -46.34 -60.38 -36.32
CA VAL P 163 -45.09 -60.99 -35.85
C VAL P 163 -44.23 -59.93 -35.17
N THR P 164 -43.71 -60.26 -33.99
CA THR P 164 -42.77 -59.38 -33.31
C THR P 164 -41.41 -59.40 -34.00
N GLU P 165 -40.61 -58.40 -33.69
CA GLU P 165 -39.23 -58.42 -34.14
C GLU P 165 -38.45 -59.47 -33.36
N GLN P 166 -37.25 -59.79 -33.86
CA GLN P 166 -36.42 -60.77 -33.18
C GLN P 166 -36.06 -60.27 -31.80
N ASP P 167 -36.28 -61.11 -30.80
CA ASP P 167 -36.10 -60.68 -29.42
C ASP P 167 -34.62 -60.41 -29.15
N SER P 168 -34.36 -59.33 -28.39
CA SER P 168 -33.00 -58.82 -28.22
C SER P 168 -32.14 -59.66 -27.29
N LYS P 169 -32.70 -60.59 -26.52
CA LYS P 169 -31.91 -61.33 -25.54
C LYS P 169 -31.67 -62.80 -25.91
N ASP P 170 -32.53 -63.40 -26.73
CA ASP P 170 -32.32 -64.79 -27.13
C ASP P 170 -32.55 -65.04 -28.61
N SER P 171 -32.84 -64.01 -29.40
CA SER P 171 -32.85 -64.10 -30.87
C SER P 171 -33.98 -64.98 -31.40
N THR P 172 -35.08 -65.09 -30.68
CA THR P 172 -36.26 -65.81 -31.14
C THR P 172 -37.36 -64.85 -31.57
N TYR P 173 -38.39 -65.41 -32.21
CA TYR P 173 -39.55 -64.66 -32.64
C TYR P 173 -40.79 -65.12 -31.91
N SER P 174 -41.81 -64.27 -31.94
CA SER P 174 -43.14 -64.62 -31.44
C SER P 174 -44.17 -64.15 -32.45
N LEU P 175 -45.31 -64.85 -32.52
CA LEU P 175 -46.34 -64.56 -33.52
C LEU P 175 -47.72 -64.71 -32.90
N SER P 176 -48.58 -63.73 -33.15
CA SER P 176 -49.97 -63.75 -32.71
C SER P 176 -50.87 -63.69 -33.93
N SER P 177 -51.84 -64.60 -34.01
CA SER P 177 -52.83 -64.62 -35.07
C SER P 177 -54.20 -64.39 -34.47
N THR P 178 -54.97 -63.48 -35.06
CA THR P 178 -56.30 -63.14 -34.57
C THR P 178 -57.33 -63.47 -35.63
N LEU P 179 -58.32 -64.27 -35.26
CA LEU P 179 -59.42 -64.69 -36.14
C LEU P 179 -60.65 -63.91 -35.70
N THR P 180 -61.09 -62.97 -36.53
CA THR P 180 -62.20 -62.08 -36.19
C THR P 180 -63.46 -62.53 -36.91
N LEU P 181 -64.53 -62.73 -36.14
CA LEU P 181 -65.83 -63.12 -36.68
C LEU P 181 -66.94 -62.43 -35.90
N SER P 182 -68.16 -62.55 -36.41
CA SER P 182 -69.31 -61.98 -35.75
C SER P 182 -69.76 -62.87 -34.59
N LYS P 183 -70.53 -62.27 -33.67
CA LYS P 183 -71.01 -62.99 -32.50
C LYS P 183 -71.93 -64.15 -32.89
N ALA P 184 -72.72 -63.97 -33.95
CA ALA P 184 -73.64 -65.03 -34.36
C ALA P 184 -72.88 -66.27 -34.81
N ASP P 185 -71.81 -66.08 -35.58
CA ASP P 185 -71.07 -67.22 -36.11
C ASP P 185 -70.17 -67.89 -35.06
N TYR P 186 -69.76 -67.15 -34.03
CA TYR P 186 -68.94 -67.77 -32.98
C TYR P 186 -69.77 -68.79 -32.19
N GLU P 187 -70.97 -68.41 -31.76
CA GLU P 187 -71.82 -69.35 -31.04
C GLU P 187 -72.44 -70.39 -31.96
N LYS P 188 -72.09 -70.38 -33.25
CA LYS P 188 -72.60 -71.38 -34.18
C LYS P 188 -71.87 -72.72 -34.06
N HIS P 189 -70.63 -72.70 -33.61
CA HIS P 189 -69.82 -73.90 -33.49
C HIS P 189 -69.39 -74.08 -32.03
N LYS P 190 -68.73 -75.19 -31.73
CA LYS P 190 -68.42 -75.55 -30.35
C LYS P 190 -66.91 -75.63 -30.09
N VAL P 191 -66.18 -76.46 -30.82
CA VAL P 191 -64.77 -76.71 -30.55
C VAL P 191 -63.92 -75.95 -31.57
N TYR P 192 -63.05 -75.07 -31.07
CA TYR P 192 -62.15 -74.26 -31.88
C TYR P 192 -60.70 -74.71 -31.66
N ALA P 193 -59.94 -74.78 -32.76
CA ALA P 193 -58.55 -75.18 -32.70
C ALA P 193 -57.72 -74.36 -33.68
N CYS P 194 -56.44 -74.18 -33.36
CA CYS P 194 -55.46 -73.62 -34.27
C CYS P 194 -54.30 -74.60 -34.44
N GLU P 195 -53.97 -74.92 -35.68
CA GLU P 195 -52.93 -75.90 -35.99
C GLU P 195 -51.69 -75.18 -36.52
N VAL P 196 -50.52 -75.57 -36.01
CA VAL P 196 -49.27 -74.86 -36.25
C VAL P 196 -48.20 -75.85 -36.71
N THR P 197 -47.57 -75.54 -37.85
CA THR P 197 -46.41 -76.28 -38.32
C THR P 197 -45.16 -75.41 -38.24
N HIS P 198 -44.03 -76.06 -37.94
CA HIS P 198 -42.74 -75.37 -37.81
C HIS P 198 -41.64 -76.41 -37.79
N GLN P 199 -40.40 -75.96 -38.04
CA GLN P 199 -39.27 -76.88 -38.06
C GLN P 199 -38.88 -77.39 -36.69
N GLY P 200 -39.39 -76.78 -35.61
CA GLY P 200 -38.99 -77.20 -34.29
C GLY P 200 -39.84 -78.29 -33.66
N LEU P 201 -40.94 -78.64 -34.30
CA LEU P 201 -41.81 -79.70 -33.84
C LEU P 201 -41.73 -80.89 -34.80
N SER P 202 -41.63 -82.10 -34.22
CA SER P 202 -41.64 -83.31 -35.04
C SER P 202 -42.99 -83.50 -35.72
N SER P 203 -44.07 -83.28 -34.98
CA SER P 203 -45.44 -83.30 -35.44
C SER P 203 -46.09 -81.95 -35.16
N PRO P 204 -47.03 -81.50 -36.00
CA PRO P 204 -47.66 -80.21 -35.76
C PRO P 204 -48.47 -80.23 -34.48
N VAL P 205 -48.31 -79.19 -33.67
CA VAL P 205 -48.95 -79.09 -32.37
C VAL P 205 -50.26 -78.34 -32.52
N THR P 206 -51.35 -78.92 -32.00
CA THR P 206 -52.66 -78.31 -32.05
C THR P 206 -53.19 -78.12 -30.64
N LYS P 207 -53.72 -76.93 -30.37
CA LYS P 207 -54.39 -76.60 -29.12
C LYS P 207 -55.83 -76.23 -29.43
N SER P 208 -56.76 -76.81 -28.69
CA SER P 208 -58.19 -76.57 -28.88
C SER P 208 -58.80 -76.30 -27.51
N PHE P 209 -60.09 -75.97 -27.49
CA PHE P 209 -60.76 -75.70 -26.22
C PHE P 209 -62.26 -75.96 -26.33
N ASN P 210 -62.86 -76.26 -25.18
CA ASN P 210 -64.30 -76.48 -25.04
C ASN P 210 -64.93 -75.30 -24.33
N ARG P 211 -66.09 -74.86 -24.81
CA ARG P 211 -66.78 -73.72 -24.23
C ARG P 211 -67.17 -73.98 -22.79
N GLY P 212 -66.55 -73.26 -21.86
CA GLY P 212 -66.84 -73.42 -20.45
C GLY P 212 -65.69 -72.98 -19.55
N ASP Q 1 28.96 -63.17 -30.36
CA ASP Q 1 27.51 -63.20 -30.26
C ASP Q 1 27.04 -62.60 -28.95
N ILE Q 2 25.80 -62.11 -28.94
CA ILE Q 2 25.19 -61.57 -27.74
C ILE Q 2 24.45 -62.69 -27.03
N GLN Q 3 24.82 -62.95 -25.78
CA GLN Q 3 24.20 -64.01 -25.00
C GLN Q 3 23.05 -63.45 -24.17
N MET Q 4 21.91 -64.11 -24.24
CA MET Q 4 20.71 -63.70 -23.51
C MET Q 4 20.48 -64.65 -22.35
N THR Q 5 20.33 -64.09 -21.16
CA THR Q 5 20.17 -64.84 -19.92
C THR Q 5 18.76 -64.65 -19.38
N GLN Q 6 17.97 -65.71 -19.40
CA GLN Q 6 16.61 -65.64 -18.89
C GLN Q 6 16.54 -66.34 -17.54
N SER Q 7 15.92 -65.68 -16.56
CA SER Q 7 15.88 -66.16 -15.19
C SER Q 7 14.53 -65.87 -14.57
N PRO Q 8 13.96 -66.82 -13.80
CA PRO Q 8 14.55 -68.15 -13.57
C PRO Q 8 14.27 -69.07 -14.74
N SER Q 9 14.76 -70.32 -14.67
CA SER Q 9 14.49 -71.28 -15.73
C SER Q 9 13.09 -71.85 -15.63
N SER Q 10 12.54 -71.96 -14.42
CA SER Q 10 11.19 -72.43 -14.23
C SER Q 10 10.62 -71.81 -12.96
N LEU Q 11 9.29 -71.68 -12.93
CA LEU Q 11 8.60 -71.17 -11.76
C LEU Q 11 7.19 -71.74 -11.71
N SER Q 12 6.64 -71.82 -10.50
CA SER Q 12 5.29 -72.31 -10.27
C SER Q 12 4.53 -71.24 -9.50
N ALA Q 13 3.40 -70.81 -10.05
CA ALA Q 13 2.61 -69.74 -9.46
C ALA Q 13 1.14 -70.09 -9.54
N ALA Q 14 0.37 -69.54 -8.60
CA ALA Q 14 -1.06 -69.79 -8.56
C ALA Q 14 -1.79 -68.93 -9.58
N VAL Q 15 -3.02 -69.34 -9.89
CA VAL Q 15 -3.85 -68.58 -10.80
C VAL Q 15 -4.19 -67.23 -10.17
N GLY Q 16 -4.01 -66.16 -10.93
CA GLY Q 16 -4.28 -64.82 -10.47
C GLY Q 16 -3.10 -64.09 -9.91
N ASP Q 17 -1.94 -64.74 -9.81
CA ASP Q 17 -0.76 -64.09 -9.27
C ASP Q 17 -0.12 -63.21 -10.35
N ARG Q 18 0.68 -62.25 -9.89
CA ARG Q 18 1.46 -61.41 -10.79
C ARG Q 18 2.84 -62.05 -10.95
N VAL Q 19 3.21 -62.35 -12.21
CA VAL Q 19 4.41 -63.13 -12.51
C VAL Q 19 5.35 -62.25 -13.31
N THR Q 20 6.64 -62.27 -12.94
CA THR Q 20 7.66 -61.48 -13.62
C THR Q 20 8.80 -62.39 -14.07
N ILE Q 21 9.25 -62.20 -15.31
CA ILE Q 21 10.36 -62.94 -15.88
C ILE Q 21 11.44 -61.95 -16.30
N THR Q 22 12.70 -62.33 -16.12
CA THR Q 22 13.83 -61.44 -16.35
C THR Q 22 14.68 -61.96 -17.51
N CYS Q 23 15.20 -61.04 -18.30
CA CYS Q 23 16.13 -61.32 -19.38
C CYS Q 23 17.31 -60.36 -19.28
N GLN Q 24 18.53 -60.90 -19.31
CA GLN Q 24 19.74 -60.10 -19.22
C GLN Q 24 20.54 -60.22 -20.51
N ALA Q 25 21.07 -59.09 -20.97
CA ALA Q 25 21.89 -59.05 -22.18
C ALA Q 25 23.37 -58.93 -21.82
N SER Q 26 24.21 -59.46 -22.71
CA SER Q 26 25.64 -59.38 -22.50
C SER Q 26 26.20 -58.00 -22.80
N GLN Q 27 25.46 -57.15 -23.49
CA GLN Q 27 25.87 -55.79 -23.76
C GLN Q 27 24.61 -54.93 -23.93
N ASP Q 28 24.81 -53.62 -24.03
CA ASP Q 28 23.68 -52.71 -24.18
C ASP Q 28 22.99 -52.93 -25.53
N ILE Q 29 21.70 -53.19 -25.48
CA ILE Q 29 20.90 -53.36 -26.68
C ILE Q 29 19.75 -52.33 -26.72
N VAL Q 30 19.93 -51.22 -25.99
CA VAL Q 30 18.93 -50.17 -25.86
C VAL Q 30 17.63 -50.80 -25.41
N ASN Q 31 16.62 -50.81 -26.27
CA ASN Q 31 15.38 -51.53 -26.00
C ASN Q 31 15.05 -52.47 -27.15
N TYR Q 32 16.07 -52.91 -27.88
CA TYR Q 32 15.86 -53.77 -29.05
C TYR Q 32 15.70 -55.22 -28.59
N LEU Q 33 14.60 -55.49 -27.90
CA LEU Q 33 14.38 -56.80 -27.33
C LEU Q 33 12.92 -57.20 -27.51
N ASN Q 34 12.70 -58.44 -27.94
CA ASN Q 34 11.37 -59.00 -28.14
C ASN Q 34 11.12 -60.13 -27.16
N TRP Q 35 9.84 -60.47 -27.00
CA TRP Q 35 9.40 -61.57 -26.15
C TRP Q 35 8.48 -62.48 -26.96
N TYR Q 36 8.63 -63.79 -26.78
CA TYR Q 36 7.82 -64.78 -27.46
C TYR Q 36 7.24 -65.79 -26.49
N GLN Q 37 6.10 -66.37 -26.86
CA GLN Q 37 5.45 -67.43 -26.12
C GLN Q 37 5.42 -68.68 -26.98
N GLN Q 38 5.86 -69.80 -26.41
CA GLN Q 38 5.84 -71.08 -27.11
C GLN Q 38 5.10 -72.08 -26.23
N LYS Q 39 3.91 -72.49 -26.65
CA LYS Q 39 3.23 -73.61 -26.05
C LYS Q 39 3.77 -74.92 -26.60
N PRO Q 40 3.67 -76.02 -25.85
CA PRO Q 40 4.24 -77.30 -26.29
C PRO Q 40 3.85 -77.70 -27.71
N GLY Q 41 4.86 -77.88 -28.58
CA GLY Q 41 4.63 -78.34 -29.93
C GLY Q 41 4.16 -77.29 -30.90
N LYS Q 42 3.93 -76.07 -30.44
CA LYS Q 42 3.42 -74.99 -31.28
C LYS Q 42 4.52 -73.99 -31.61
N ALA Q 43 4.30 -73.21 -32.66
CA ALA Q 43 5.21 -72.14 -33.02
C ALA Q 43 5.22 -71.06 -31.94
N PRO Q 44 6.34 -70.35 -31.76
CA PRO Q 44 6.35 -69.21 -30.85
C PRO Q 44 5.45 -68.10 -31.36
N LYS Q 45 4.95 -67.30 -30.41
CA LYS Q 45 4.05 -66.20 -30.71
C LYS Q 45 4.64 -64.90 -30.17
N LEU Q 46 4.62 -63.85 -30.99
CA LEU Q 46 5.15 -62.56 -30.56
C LEU Q 46 4.21 -61.93 -29.56
N LEU Q 47 4.72 -61.63 -28.36
CA LEU Q 47 3.96 -60.95 -27.33
C LEU Q 47 4.35 -59.49 -27.17
N ILE Q 48 5.64 -59.23 -27.06
CA ILE Q 48 6.15 -57.88 -26.84
C ILE Q 48 7.27 -57.64 -27.84
N TYR Q 49 7.22 -56.50 -28.52
CA TYR Q 49 8.28 -56.09 -29.42
C TYR Q 49 8.71 -54.67 -29.09
N VAL Q 50 9.99 -54.39 -29.30
CA VAL Q 50 10.63 -53.15 -28.89
C VAL Q 50 10.37 -52.92 -27.41
N ALA Q 51 10.67 -53.96 -26.62
CA ALA Q 51 10.74 -53.92 -25.16
C ALA Q 51 9.41 -53.72 -24.45
N SER Q 52 8.50 -52.92 -25.03
CA SER Q 52 7.32 -52.52 -24.28
C SER Q 52 6.03 -52.45 -25.08
N ASN Q 53 6.05 -52.63 -26.40
CA ASN Q 53 4.85 -52.48 -27.21
C ASN Q 53 4.08 -53.78 -27.20
N LEU Q 54 2.78 -53.69 -26.88
CA LEU Q 54 1.94 -54.88 -26.82
C LEU Q 54 1.48 -55.26 -28.22
N GLU Q 55 1.61 -56.53 -28.56
CA GLU Q 55 1.09 -57.03 -29.83
C GLU Q 55 -0.43 -57.08 -29.78
N THR Q 56 -1.06 -56.79 -30.92
CA THR Q 56 -2.51 -56.83 -31.02
C THR Q 56 -3.05 -58.23 -30.75
N GLY Q 57 -4.17 -58.29 -30.03
CA GLY Q 57 -4.80 -59.56 -29.68
C GLY Q 57 -4.17 -60.25 -28.49
N VAL Q 58 -3.08 -59.72 -27.95
CA VAL Q 58 -2.46 -60.29 -26.76
C VAL Q 58 -3.18 -59.74 -25.53
N PRO Q 59 -3.55 -60.59 -24.57
CA PRO Q 59 -4.31 -60.10 -23.42
C PRO Q 59 -3.63 -58.93 -22.73
N SER Q 60 -4.44 -58.04 -22.18
CA SER Q 60 -3.94 -56.82 -21.57
C SER Q 60 -3.05 -57.09 -20.35
N ARG Q 61 -3.04 -58.32 -19.83
CA ARG Q 61 -2.23 -58.68 -18.66
C ARG Q 61 -0.74 -58.72 -18.96
N PHE Q 62 -0.35 -58.74 -20.23
CA PHE Q 62 1.07 -58.74 -20.62
C PHE Q 62 1.59 -57.31 -20.71
N SER Q 63 2.82 -57.12 -20.24
CA SER Q 63 3.51 -55.84 -20.37
C SER Q 63 5.00 -56.11 -20.42
N GLY Q 64 5.74 -55.21 -21.06
CA GLY Q 64 7.17 -55.32 -21.14
C GLY Q 64 7.82 -54.03 -20.69
N SER Q 65 8.99 -54.18 -20.07
CA SER Q 65 9.69 -53.03 -19.53
C SER Q 65 11.19 -53.24 -19.71
N GLY Q 66 11.94 -52.19 -19.43
CA GLY Q 66 13.40 -52.28 -19.40
C GLY Q 66 14.04 -51.37 -20.43
N SER Q 67 15.36 -51.26 -20.29
CA SER Q 67 16.22 -50.52 -21.20
C SER Q 67 17.66 -50.89 -20.86
N GLY Q 68 18.55 -50.69 -21.82
CA GLY Q 68 19.94 -51.02 -21.61
C GLY Q 68 20.24 -52.50 -21.72
N THR Q 69 20.46 -53.15 -20.58
CA THR Q 69 20.83 -54.56 -20.54
C THR Q 69 19.85 -55.46 -19.79
N ASP Q 70 18.90 -54.92 -19.04
CA ASP Q 70 17.99 -55.71 -18.23
C ASP Q 70 16.56 -55.41 -18.62
N PHE Q 71 15.79 -56.47 -18.87
CA PHE Q 71 14.43 -56.34 -19.34
C PHE Q 71 13.52 -57.27 -18.55
N SER Q 72 12.22 -56.99 -18.62
CA SER Q 72 11.25 -57.79 -17.88
C SER Q 72 10.00 -57.99 -18.71
N LEU Q 73 9.34 -59.12 -18.46
CA LEU Q 73 8.02 -59.43 -19.00
C LEU Q 73 7.11 -59.71 -17.81
N THR Q 74 5.95 -59.08 -17.79
CA THR Q 74 5.07 -59.12 -16.63
C THR Q 74 3.67 -59.57 -17.03
N ILE Q 75 3.17 -60.59 -16.33
CA ILE Q 75 1.78 -61.02 -16.40
C ILE Q 75 1.13 -60.68 -15.07
N SER Q 76 0.15 -59.77 -15.09
CA SER Q 76 -0.43 -59.25 -13.85
C SER Q 76 -1.35 -60.25 -13.17
N SER Q 77 -1.86 -61.23 -13.92
CA SER Q 77 -2.76 -62.24 -13.38
C SER Q 77 -2.59 -63.51 -14.21
N LEU Q 78 -1.75 -64.42 -13.73
CA LEU Q 78 -1.44 -65.61 -14.50
C LEU Q 78 -2.69 -66.47 -14.69
N GLN Q 79 -2.94 -66.89 -15.92
CA GLN Q 79 -4.14 -67.62 -16.30
C GLN Q 79 -3.78 -69.03 -16.80
N PRO Q 80 -4.72 -69.97 -16.73
CA PRO Q 80 -4.41 -71.35 -17.14
C PRO Q 80 -3.90 -71.49 -18.57
N GLU Q 81 -4.37 -70.67 -19.51
CA GLU Q 81 -3.92 -70.78 -20.89
C GLU Q 81 -2.52 -70.23 -21.10
N ASP Q 82 -1.85 -69.77 -20.05
CA ASP Q 82 -0.51 -69.21 -20.13
C ASP Q 82 0.59 -70.24 -19.92
N VAL Q 83 0.25 -71.50 -19.63
CA VAL Q 83 1.26 -72.54 -19.45
C VAL Q 83 2.01 -72.73 -20.75
N ALA Q 84 3.30 -72.38 -20.75
CA ALA Q 84 4.11 -72.38 -21.96
C ALA Q 84 5.55 -72.05 -21.62
N THR Q 85 6.43 -72.08 -22.61
CA THR Q 85 7.81 -71.62 -22.47
C THR Q 85 7.96 -70.29 -23.19
N TYR Q 86 8.58 -69.33 -22.51
CA TYR Q 86 8.73 -67.96 -23.00
C TYR Q 86 10.18 -67.68 -23.33
N TYR Q 87 10.41 -66.91 -24.39
CA TYR Q 87 11.75 -66.59 -24.84
C TYR Q 87 11.89 -65.09 -25.08
N CYS Q 88 13.00 -64.51 -24.64
CA CYS Q 88 13.39 -63.17 -25.04
C CYS Q 88 14.37 -63.26 -26.21
N GLN Q 89 14.43 -62.17 -26.99
CA GLN Q 89 15.23 -62.15 -28.19
C GLN Q 89 15.70 -60.73 -28.47
N GLN Q 90 16.98 -60.57 -28.75
CA GLN Q 90 17.55 -59.28 -29.08
C GLN Q 90 17.70 -59.16 -30.60
N TYR Q 91 17.71 -57.91 -31.07
CA TYR Q 91 18.00 -57.67 -32.49
C TYR Q 91 18.92 -56.47 -32.67
N ASP Q 92 19.77 -56.19 -31.67
CA ASP Q 92 20.73 -55.10 -31.82
C ASP Q 92 21.71 -55.38 -32.95
N ASN Q 93 22.22 -56.61 -33.04
CA ASN Q 93 23.11 -56.95 -34.16
C ASN Q 93 22.89 -58.40 -34.56
N LEU Q 94 23.41 -58.74 -35.70
CA LEU Q 94 23.29 -60.12 -36.13
C LEU Q 94 24.50 -60.91 -35.63
N PRO Q 95 24.32 -62.21 -35.34
CA PRO Q 95 23.06 -62.94 -35.48
C PRO Q 95 22.05 -62.68 -34.36
N LEU Q 96 20.77 -62.76 -34.70
CA LEU Q 96 19.73 -62.70 -33.68
C LEU Q 96 19.89 -63.86 -32.70
N THR Q 97 19.76 -63.56 -31.42
CA THR Q 97 19.99 -64.55 -30.38
C THR Q 97 18.82 -64.55 -29.41
N PHE Q 98 18.61 -65.69 -28.76
CA PHE Q 98 17.47 -65.88 -27.87
C PHE Q 98 17.93 -66.15 -26.44
N GLY Q 99 17.01 -65.95 -25.51
CA GLY Q 99 17.25 -66.35 -24.13
C GLY Q 99 17.16 -67.84 -23.93
N GLY Q 100 17.54 -68.27 -22.73
CA GLY Q 100 17.47 -69.69 -22.41
C GLY Q 100 16.06 -70.20 -22.18
N GLY Q 101 15.13 -69.31 -21.90
CA GLY Q 101 13.75 -69.71 -21.71
C GLY Q 101 13.36 -69.82 -20.25
N THR Q 102 12.08 -69.54 -19.97
CA THR Q 102 11.49 -69.69 -18.65
C THR Q 102 10.18 -70.46 -18.79
N LYS Q 103 10.10 -71.63 -18.16
CA LYS Q 103 8.90 -72.45 -18.20
C LYS Q 103 8.00 -72.05 -17.04
N VAL Q 104 6.79 -71.58 -17.35
CA VAL Q 104 5.84 -71.12 -16.33
C VAL Q 104 4.75 -72.17 -16.19
N GLU Q 105 4.55 -72.64 -14.97
CA GLU Q 105 3.53 -73.65 -14.67
C GLU Q 105 2.57 -73.11 -13.62
N ILE Q 106 1.33 -73.58 -13.67
CA ILE Q 106 0.28 -73.15 -12.74
C ILE Q 106 0.20 -74.12 -11.58
N LYS Q 107 0.24 -73.59 -10.36
CA LYS Q 107 0.03 -74.38 -9.16
C LYS Q 107 -1.43 -74.25 -8.71
N ARG Q 108 -2.15 -75.37 -8.71
CA ARG Q 108 -3.55 -75.39 -8.31
C ARG Q 108 -3.75 -76.36 -7.15
N THR Q 109 -5.00 -76.74 -6.91
CA THR Q 109 -5.28 -77.73 -5.88
C THR Q 109 -4.95 -79.13 -6.38
N VAL Q 110 -4.73 -80.04 -5.44
CA VAL Q 110 -4.40 -81.42 -5.76
C VAL Q 110 -5.64 -82.12 -6.32
N ALA Q 111 -5.49 -82.78 -7.46
CA ALA Q 111 -6.60 -83.47 -8.12
C ALA Q 111 -6.26 -84.94 -8.28
N ALA Q 112 -7.21 -85.80 -7.93
CA ALA Q 112 -7.00 -87.23 -8.04
C ALA Q 112 -7.17 -87.68 -9.50
N PRO Q 113 -6.41 -88.70 -9.92
CA PRO Q 113 -6.57 -89.21 -11.29
C PRO Q 113 -7.70 -90.21 -11.41
N SER Q 114 -8.38 -90.16 -12.55
CA SER Q 114 -9.33 -91.20 -12.90
C SER Q 114 -8.59 -92.35 -13.55
N VAL Q 115 -8.76 -93.56 -13.01
CA VAL Q 115 -7.96 -94.73 -13.38
C VAL Q 115 -8.81 -95.65 -14.23
N PHE Q 116 -8.31 -95.93 -15.44
CA PHE Q 116 -8.99 -96.78 -16.42
C PHE Q 116 -7.98 -97.76 -17.00
N ILE Q 117 -8.41 -98.99 -17.27
CA ILE Q 117 -7.54 -100.01 -17.85
C ILE Q 117 -8.16 -100.50 -19.15
N PHE Q 118 -7.30 -100.72 -20.15
CA PHE Q 118 -7.71 -101.21 -21.45
C PHE Q 118 -6.90 -102.46 -21.77
N PRO Q 119 -7.55 -103.55 -22.18
CA PRO Q 119 -6.81 -104.73 -22.62
C PRO Q 119 -6.26 -104.54 -24.02
N PRO Q 120 -5.32 -105.37 -24.45
CA PRO Q 120 -4.85 -105.30 -25.84
C PRO Q 120 -5.92 -105.76 -26.82
N SER Q 121 -5.90 -105.16 -28.01
CA SER Q 121 -6.92 -105.45 -29.00
C SER Q 121 -6.78 -106.87 -29.54
N ASP Q 122 -7.90 -107.41 -30.03
CA ASP Q 122 -7.87 -108.71 -30.69
C ASP Q 122 -7.14 -108.67 -32.03
N GLU Q 123 -7.20 -107.53 -32.72
CA GLU Q 123 -6.52 -107.39 -34.01
C GLU Q 123 -5.01 -107.41 -33.88
N GLN Q 124 -4.49 -106.81 -32.79
CA GLN Q 124 -3.05 -106.69 -32.61
C GLN Q 124 -2.39 -108.02 -32.25
N LEU Q 125 -3.08 -108.89 -31.50
CA LEU Q 125 -2.47 -110.14 -31.06
C LEU Q 125 -2.02 -111.03 -32.21
N LYS Q 126 -2.73 -110.99 -33.34
CA LYS Q 126 -2.31 -111.81 -34.48
C LYS Q 126 -0.97 -111.38 -35.05
N SER Q 127 -0.66 -110.07 -35.01
CA SER Q 127 0.61 -109.59 -35.55
C SER Q 127 1.80 -109.94 -34.67
N GLY Q 128 1.57 -110.38 -33.43
CA GLY Q 128 2.64 -110.82 -32.56
C GLY Q 128 3.06 -109.87 -31.45
N THR Q 129 2.28 -108.85 -31.12
CA THR Q 129 2.59 -107.94 -30.03
C THR Q 129 1.32 -107.59 -29.27
N ALA Q 130 1.46 -107.32 -27.98
CA ALA Q 130 0.34 -107.00 -27.11
C ALA Q 130 0.70 -105.80 -26.23
N SER Q 131 -0.15 -104.77 -26.26
CA SER Q 131 0.02 -103.58 -25.42
C SER Q 131 -1.17 -103.40 -24.49
N VAL Q 132 -0.90 -103.31 -23.20
CA VAL Q 132 -1.93 -103.08 -22.18
C VAL Q 132 -1.75 -101.67 -21.66
N VAL Q 133 -2.81 -100.87 -21.72
CA VAL Q 133 -2.74 -99.44 -21.42
C VAL Q 133 -3.44 -99.16 -20.10
N CYS Q 134 -2.81 -98.34 -19.26
CA CYS Q 134 -3.35 -97.87 -17.99
C CYS Q 134 -3.32 -96.35 -18.02
N LEU Q 135 -4.37 -95.71 -17.51
CA LEU Q 135 -4.56 -94.27 -17.69
C LEU Q 135 -4.80 -93.56 -16.38
N LEU Q 136 -4.06 -92.47 -16.16
CA LEU Q 136 -4.35 -91.49 -15.12
C LEU Q 136 -4.75 -90.20 -15.81
N ASN Q 137 -6.00 -89.78 -15.62
CA ASN Q 137 -6.60 -88.73 -16.43
C ASN Q 137 -6.92 -87.53 -15.54
N ASN Q 138 -6.40 -86.36 -15.93
CA ASN Q 138 -6.72 -85.08 -15.30
C ASN Q 138 -6.43 -85.12 -13.80
N PHE Q 139 -5.14 -85.15 -13.49
CA PHE Q 139 -4.68 -85.19 -12.12
C PHE Q 139 -3.66 -84.08 -11.87
N TYR Q 140 -3.41 -83.84 -10.59
CA TYR Q 140 -2.44 -82.88 -10.11
C TYR Q 140 -2.06 -83.31 -8.71
N PRO Q 141 -0.78 -83.25 -8.31
CA PRO Q 141 0.35 -82.69 -9.05
C PRO Q 141 0.99 -83.62 -10.09
N ARG Q 142 2.08 -83.13 -10.68
CA ARG Q 142 2.80 -83.84 -11.72
C ARG Q 142 3.21 -85.25 -11.26
N GLU Q 143 3.61 -85.39 -10.00
CA GLU Q 143 4.25 -86.61 -9.51
C GLU Q 143 3.21 -87.70 -9.24
N ALA Q 144 3.38 -88.85 -9.92
CA ALA Q 144 2.58 -90.04 -9.69
C ALA Q 144 3.46 -91.25 -9.88
N LYS Q 145 2.96 -92.41 -9.46
CA LYS Q 145 3.70 -93.66 -9.60
C LYS Q 145 2.74 -94.77 -10.01
N VAL Q 146 3.16 -95.57 -10.98
CA VAL Q 146 2.39 -96.70 -11.49
C VAL Q 146 3.27 -97.93 -11.46
N GLN Q 147 2.88 -98.91 -10.65
CA GLN Q 147 3.56 -100.21 -10.61
C GLN Q 147 2.57 -101.27 -11.08
N TRP Q 148 2.96 -102.00 -12.12
CA TRP Q 148 2.10 -103.03 -12.69
C TRP Q 148 2.01 -104.23 -11.76
N LYS Q 149 0.89 -104.96 -11.89
CA LYS Q 149 0.65 -106.17 -11.13
C LYS Q 149 -0.02 -107.16 -12.07
N VAL Q 150 0.72 -108.19 -12.48
CA VAL Q 150 0.19 -109.28 -13.29
C VAL Q 150 -0.06 -110.46 -12.36
N ASP Q 151 -1.28 -111.00 -12.40
CA ASP Q 151 -1.76 -111.89 -11.34
C ASP Q 151 -1.58 -111.18 -10.00
N ASN Q 152 -0.48 -111.48 -9.30
CA ASN Q 152 -0.12 -110.76 -8.09
C ASN Q 152 1.35 -110.36 -8.05
N ALA Q 153 2.08 -110.55 -9.14
CA ALA Q 153 3.52 -110.28 -9.19
C ALA Q 153 3.75 -108.86 -9.67
N LEU Q 154 4.43 -108.06 -8.86
CA LEU Q 154 4.77 -106.70 -9.24
C LEU Q 154 5.73 -106.73 -10.43
N GLN Q 155 5.42 -105.94 -11.45
CA GLN Q 155 6.23 -105.87 -12.67
C GLN Q 155 7.14 -104.65 -12.61
N SER Q 156 8.40 -104.85 -13.03
CA SER Q 156 9.43 -103.81 -12.95
C SER Q 156 10.11 -103.66 -14.30
N GLY Q 157 10.04 -102.48 -14.89
CA GLY Q 157 10.87 -102.14 -16.03
C GLY Q 157 10.43 -102.71 -17.36
N ASN Q 158 9.19 -103.20 -17.43
CA ASN Q 158 8.57 -103.72 -18.65
C ASN Q 158 7.46 -102.80 -19.18
N SER Q 159 7.54 -101.51 -18.88
CA SER Q 159 6.55 -100.55 -19.31
C SER Q 159 7.21 -99.20 -19.59
N GLN Q 160 6.51 -98.37 -20.36
CA GLN Q 160 6.95 -97.02 -20.72
C GLN Q 160 5.78 -96.06 -20.59
N GLU Q 161 6.02 -94.92 -19.95
CA GLU Q 161 4.97 -93.95 -19.68
C GLU Q 161 5.27 -92.63 -20.36
N SER Q 162 4.21 -91.93 -20.74
CA SER Q 162 4.30 -90.61 -21.35
C SER Q 162 3.23 -89.73 -20.70
N VAL Q 163 3.62 -88.50 -20.37
CA VAL Q 163 2.76 -87.57 -19.66
C VAL Q 163 2.52 -86.35 -20.54
N THR Q 164 1.28 -85.90 -20.60
CA THR Q 164 0.97 -84.71 -21.36
C THR Q 164 1.53 -83.47 -20.65
N GLU Q 165 1.64 -82.39 -21.41
CA GLU Q 165 1.95 -81.13 -20.77
C GLU Q 165 0.73 -80.63 -20.01
N GLN Q 166 0.95 -79.62 -19.19
CA GLN Q 166 -0.13 -79.08 -18.37
C GLN Q 166 -1.25 -78.57 -19.27
N ASP Q 167 -2.47 -79.00 -18.97
CA ASP Q 167 -3.60 -78.73 -19.86
C ASP Q 167 -3.90 -77.23 -19.87
N SER Q 168 -4.25 -76.72 -21.06
CA SER Q 168 -4.37 -75.28 -21.27
C SER Q 168 -5.63 -74.66 -20.68
N LYS Q 169 -6.64 -75.47 -20.33
CA LYS Q 169 -7.90 -74.92 -19.82
C LYS Q 169 -8.15 -75.20 -18.35
N ASP Q 170 -7.55 -76.26 -17.78
CA ASP Q 170 -7.77 -76.57 -16.37
C ASP Q 170 -6.51 -76.94 -15.60
N SER Q 171 -5.32 -76.86 -16.21
CA SER Q 171 -4.04 -76.93 -15.52
C SER Q 171 -3.77 -78.29 -14.86
N THR Q 172 -4.35 -79.36 -15.40
CA THR Q 172 -4.07 -80.70 -14.90
C THR Q 172 -3.16 -81.44 -15.88
N TYR Q 173 -2.68 -82.59 -15.43
CA TYR Q 173 -1.82 -83.45 -16.23
C TYR Q 173 -2.55 -84.75 -16.53
N SER Q 174 -2.08 -85.44 -17.56
CA SER Q 174 -2.53 -86.79 -17.86
C SER Q 174 -1.31 -87.65 -18.15
N LEU Q 175 -1.44 -88.94 -17.84
CA LEU Q 175 -0.31 -89.86 -17.97
C LEU Q 175 -0.83 -91.18 -18.51
N SER Q 176 -0.16 -91.70 -19.54
CA SER Q 176 -0.52 -92.98 -20.15
C SER Q 176 0.66 -93.93 -20.01
N SER Q 177 0.38 -95.14 -19.52
CA SER Q 177 1.39 -96.17 -19.38
C SER Q 177 1.05 -97.33 -20.29
N THR Q 178 2.03 -97.83 -21.04
CA THR Q 178 1.82 -98.95 -21.93
C THR Q 178 2.71 -100.12 -21.52
N LEU Q 179 2.08 -101.29 -21.33
CA LEU Q 179 2.77 -102.51 -20.95
C LEU Q 179 2.86 -103.42 -22.16
N THR Q 180 4.08 -103.58 -22.66
CA THR Q 180 4.34 -104.31 -23.89
C THR Q 180 4.87 -105.70 -23.56
N LEU Q 181 4.20 -106.72 -24.08
CA LEU Q 181 4.60 -108.11 -23.90
C LEU Q 181 4.33 -108.87 -25.20
N SER Q 182 4.87 -110.07 -25.28
CA SER Q 182 4.65 -110.92 -26.44
C SER Q 182 3.30 -111.63 -26.34
N LYS Q 183 2.78 -112.04 -27.49
CA LYS Q 183 1.50 -112.76 -27.49
C LYS Q 183 1.62 -114.08 -26.73
N ALA Q 184 2.78 -114.73 -26.84
CA ALA Q 184 3.00 -115.98 -26.11
C ALA Q 184 3.00 -115.75 -24.61
N ASP Q 185 3.69 -114.69 -24.16
CA ASP Q 185 3.76 -114.41 -22.72
C ASP Q 185 2.49 -113.75 -22.20
N TYR Q 186 1.74 -113.07 -23.07
CA TYR Q 186 0.49 -112.45 -22.62
C TYR Q 186 -0.55 -113.50 -22.27
N GLU Q 187 -0.74 -114.48 -23.16
CA GLU Q 187 -1.68 -115.56 -22.91
C GLU Q 187 -1.15 -116.57 -21.90
N LYS Q 188 0.02 -116.29 -21.31
CA LYS Q 188 0.60 -117.15 -20.29
C LYS Q 188 -0.05 -116.93 -18.92
N HIS Q 189 -0.58 -115.75 -18.68
CA HIS Q 189 -1.20 -115.39 -17.41
C HIS Q 189 -2.66 -115.05 -17.64
N LYS Q 190 -3.39 -114.77 -16.55
CA LYS Q 190 -4.85 -114.65 -16.64
C LYS Q 190 -5.34 -113.25 -16.27
N VAL Q 191 -5.08 -112.78 -15.05
CA VAL Q 191 -5.65 -111.54 -14.54
C VAL Q 191 -4.57 -110.45 -14.54
N TYR Q 192 -4.84 -109.34 -15.22
CA TYR Q 192 -3.93 -108.20 -15.30
C TYR Q 192 -4.50 -107.02 -14.53
N ALA Q 193 -3.62 -106.31 -13.80
CA ALA Q 193 -4.01 -105.14 -13.03
C ALA Q 193 -2.93 -104.08 -13.10
N CYS Q 194 -3.33 -102.81 -12.99
CA CYS Q 194 -2.42 -101.70 -12.79
C CYS Q 194 -2.87 -100.95 -11.55
N GLU Q 195 -1.95 -100.78 -10.59
CA GLU Q 195 -2.24 -100.14 -9.32
C GLU Q 195 -1.56 -98.77 -9.29
N VAL Q 196 -2.28 -97.77 -8.81
CA VAL Q 196 -1.86 -96.37 -8.93
C VAL Q 196 -1.85 -95.74 -7.54
N THR Q 197 -0.72 -95.14 -7.18
CA THR Q 197 -0.57 -94.36 -5.96
C THR Q 197 -0.40 -92.89 -6.30
N HIS Q 198 -0.96 -92.03 -5.44
CA HIS Q 198 -0.91 -90.58 -5.65
C HIS Q 198 -1.33 -89.90 -4.36
N GLN Q 199 -0.99 -88.61 -4.24
CA GLN Q 199 -1.33 -87.87 -3.03
C GLN Q 199 -2.81 -87.57 -2.91
N GLY Q 200 -3.58 -87.76 -3.97
CA GLY Q 200 -5.00 -87.50 -3.94
C GLY Q 200 -5.87 -88.65 -3.54
N LEU Q 201 -5.29 -89.84 -3.40
CA LEU Q 201 -6.02 -91.02 -2.97
C LEU Q 201 -5.52 -91.44 -1.59
N SER Q 202 -6.46 -91.75 -0.70
CA SER Q 202 -6.08 -92.25 0.61
C SER Q 202 -5.42 -93.63 0.51
N SER Q 203 -6.00 -94.49 -0.32
CA SER Q 203 -5.46 -95.81 -0.64
C SER Q 203 -5.26 -95.92 -2.15
N PRO Q 204 -4.27 -96.69 -2.60
CA PRO Q 204 -4.07 -96.84 -4.05
C PRO Q 204 -5.22 -97.60 -4.70
N VAL Q 205 -5.67 -97.08 -5.83
CA VAL Q 205 -6.81 -97.64 -6.55
C VAL Q 205 -6.29 -98.62 -7.60
N THR Q 206 -6.89 -99.81 -7.64
CA THR Q 206 -6.53 -100.84 -8.61
C THR Q 206 -7.74 -101.18 -9.47
N LYS Q 207 -7.52 -101.21 -10.78
CA LYS Q 207 -8.51 -101.67 -11.74
C LYS Q 207 -7.91 -102.86 -12.48
N SER Q 208 -8.66 -103.95 -12.58
CA SER Q 208 -8.14 -105.19 -13.17
C SER Q 208 -9.12 -105.77 -14.17
N PHE Q 209 -8.68 -106.83 -14.83
CA PHE Q 209 -9.50 -107.55 -15.80
C PHE Q 209 -8.97 -108.97 -15.93
N ASN Q 210 -9.85 -109.85 -16.42
CA ASN Q 210 -9.50 -111.24 -16.70
C ASN Q 210 -9.37 -111.43 -18.21
N ARG Q 211 -8.31 -112.11 -18.63
CA ARG Q 211 -8.03 -112.30 -20.05
C ARG Q 211 -9.09 -113.15 -20.72
N ASP R 1 -56.52 7.24 39.57
CA ASP R 1 -55.32 8.00 39.91
C ASP R 1 -54.71 7.44 41.20
N ILE R 2 -53.42 7.64 41.39
CA ILE R 2 -52.74 7.21 42.61
C ILE R 2 -52.75 8.36 43.60
N GLN R 3 -53.34 8.15 44.77
CA GLN R 3 -53.35 9.16 45.82
C GLN R 3 -52.14 8.94 46.71
N MET R 4 -51.39 10.01 46.95
CA MET R 4 -50.20 9.95 47.77
C MET R 4 -50.47 10.60 49.11
N THR R 5 -50.18 9.87 50.19
CA THR R 5 -50.44 10.30 51.55
C THR R 5 -49.09 10.62 52.18
N GLN R 6 -48.85 11.89 52.47
CA GLN R 6 -47.60 12.34 53.05
C GLN R 6 -47.78 12.61 54.54
N SER R 7 -46.83 12.12 55.35
CA SER R 7 -46.92 12.18 56.79
C SER R 7 -45.55 12.48 57.38
N PRO R 8 -45.48 13.36 58.40
CA PRO R 8 -46.64 14.06 58.96
C PRO R 8 -47.07 15.25 58.12
N SER R 9 -48.12 15.97 58.54
CA SER R 9 -48.55 17.14 57.79
C SER R 9 -47.65 18.34 58.08
N SER R 10 -47.16 18.46 59.31
CA SER R 10 -46.23 19.51 59.71
C SER R 10 -45.42 19.01 60.89
N LEU R 11 -44.22 19.55 61.07
CA LEU R 11 -43.40 19.18 62.21
C LEU R 11 -42.48 20.33 62.59
N SER R 12 -42.14 20.39 63.88
CA SER R 12 -41.22 21.39 64.41
C SER R 12 -40.12 20.65 65.17
N ALA R 13 -38.87 20.86 64.77
CA ALA R 13 -37.74 20.17 65.38
C ALA R 13 -36.58 21.14 65.54
N ALA R 14 -35.72 20.86 66.52
CA ALA R 14 -34.57 21.67 66.79
C ALA R 14 -33.43 21.35 65.83
N VAL R 15 -32.47 22.28 65.73
CA VAL R 15 -31.31 22.07 64.87
C VAL R 15 -30.48 20.92 65.43
N GLY R 16 -30.10 20.00 64.54
CA GLY R 16 -29.32 18.84 64.92
C GLY R 16 -30.13 17.59 65.20
N ASP R 17 -31.46 17.68 65.14
CA ASP R 17 -32.32 16.54 65.41
C ASP R 17 -32.43 15.64 64.18
N ARG R 18 -32.86 14.40 64.42
CA ARG R 18 -33.15 13.46 63.35
C ARG R 18 -34.63 13.55 63.00
N VAL R 19 -34.93 13.84 61.74
CA VAL R 19 -36.28 14.09 61.27
C VAL R 19 -36.63 13.06 60.19
N THR R 20 -37.83 12.48 60.29
CA THR R 20 -38.29 11.48 59.33
C THR R 20 -39.62 11.92 58.75
N ILE R 21 -39.75 11.80 57.43
CA ILE R 21 -40.98 12.12 56.71
C ILE R 21 -41.43 10.86 55.98
N THR R 22 -42.74 10.61 55.98
CA THR R 22 -43.30 9.39 55.43
C THR R 22 -44.18 9.73 54.24
N CYS R 23 -44.14 8.88 53.21
CA CYS R 23 -45.03 9.00 52.07
C CYS R 23 -45.62 7.63 51.79
N GLN R 24 -46.94 7.56 51.67
CA GLN R 24 -47.65 6.31 51.42
C GLN R 24 -48.41 6.41 50.10
N ALA R 25 -48.37 5.33 49.32
CA ALA R 25 -49.09 5.25 48.06
C ALA R 25 -50.34 4.40 48.23
N SER R 26 -51.37 4.70 47.42
CA SER R 26 -52.62 3.94 47.47
C SER R 26 -52.50 2.56 46.82
N GLN R 27 -51.45 2.33 46.03
CA GLN R 27 -51.18 1.04 45.43
C GLN R 27 -49.67 0.91 45.24
N ASP R 28 -49.23 -0.28 44.85
CA ASP R 28 -47.81 -0.54 44.69
C ASP R 28 -47.22 0.33 43.58
N ILE R 29 -46.18 1.08 43.91
CA ILE R 29 -45.48 1.94 42.96
C ILE R 29 -44.00 1.56 42.85
N VAL R 30 -43.67 0.31 43.20
CA VAL R 30 -42.30 -0.20 43.16
C VAL R 30 -41.39 0.73 43.95
N ASN R 31 -40.45 1.38 43.26
CA ASN R 31 -39.63 2.42 43.88
C ASN R 31 -39.73 3.70 43.07
N TYR R 32 -40.81 3.86 42.31
CA TYR R 32 -41.02 5.03 41.46
C TYR R 32 -41.63 6.15 42.31
N LEU R 33 -40.80 6.69 43.20
CA LEU R 33 -41.23 7.77 44.08
C LEU R 33 -40.09 8.77 44.18
N ASN R 34 -40.42 10.05 44.04
CA ASN R 34 -39.45 11.13 44.10
C ASN R 34 -39.74 12.02 45.30
N TRP R 35 -38.75 12.82 45.68
CA TRP R 35 -38.89 13.78 46.77
C TRP R 35 -38.45 15.15 46.29
N TYR R 36 -39.19 16.19 46.70
CA TYR R 36 -38.87 17.57 46.34
C TYR R 36 -38.89 18.44 47.59
N GLN R 37 -38.12 19.53 47.54
CA GLN R 37 -38.07 20.54 48.59
C GLN R 37 -38.51 21.88 48.01
N GLN R 38 -39.44 22.55 48.70
CA GLN R 38 -39.90 23.87 48.28
C GLN R 38 -39.74 24.85 49.42
N LYS R 39 -38.80 25.78 49.27
CA LYS R 39 -38.68 26.92 50.15
C LYS R 39 -39.70 28.00 49.77
N PRO R 40 -40.06 28.88 50.71
CA PRO R 40 -41.12 29.87 50.44
C PRO R 40 -40.94 30.66 49.15
N GLY R 41 -41.93 30.58 48.27
CA GLY R 41 -42.00 31.37 47.06
C GLY R 41 -41.15 30.90 45.90
N LYS R 42 -40.36 29.85 46.07
CA LYS R 42 -39.49 29.36 45.00
C LYS R 42 -40.04 28.08 44.40
N ALA R 43 -39.54 27.78 43.20
CA ALA R 43 -39.86 26.52 42.56
C ALA R 43 -39.28 25.36 43.36
N PRO R 44 -39.92 24.19 43.33
CA PRO R 44 -39.34 23.01 43.98
C PRO R 44 -38.05 22.57 43.32
N LYS R 45 -37.20 21.94 44.10
CA LYS R 45 -35.94 21.39 43.64
C LYS R 45 -35.93 19.90 43.95
N LEU R 46 -35.47 19.11 42.99
CA LEU R 46 -35.46 17.66 43.18
C LEU R 46 -34.39 17.26 44.17
N LEU R 47 -34.79 16.55 45.22
CA LEU R 47 -33.86 16.00 46.21
C LEU R 47 -33.61 14.52 45.99
N ILE R 48 -34.68 13.74 45.88
CA ILE R 48 -34.57 12.30 45.79
C ILE R 48 -35.37 11.83 44.59
N TYR R 49 -34.76 10.99 43.76
CA TYR R 49 -35.44 10.36 42.63
C TYR R 49 -35.21 8.86 42.72
N VAL R 50 -36.21 8.11 42.26
CA VAL R 50 -36.24 6.65 42.39
C VAL R 50 -35.98 6.29 43.85
N ALA R 51 -36.75 6.92 44.76
CA ALA R 51 -36.85 6.53 46.16
C ALA R 51 -35.59 6.76 46.98
N SER R 52 -34.41 6.60 46.37
CA SER R 52 -33.19 6.58 47.17
C SER R 52 -31.98 7.29 46.57
N ASN R 53 -32.01 7.73 45.31
CA ASN R 53 -30.82 8.36 44.72
C ASN R 53 -30.80 9.85 45.02
N LEU R 54 -29.68 10.31 45.56
CA LEU R 54 -29.53 11.70 45.97
C LEU R 54 -29.15 12.58 44.78
N GLU R 55 -29.80 13.74 44.67
CA GLU R 55 -29.46 14.71 43.64
C GLU R 55 -28.11 15.35 43.92
N THR R 56 -27.35 15.60 42.85
CA THR R 56 -26.05 16.25 42.97
C THR R 56 -26.19 17.64 43.60
N GLY R 57 -25.25 17.96 44.48
CA GLY R 57 -25.28 19.23 45.19
C GLY R 57 -26.21 19.28 46.38
N VAL R 58 -26.97 18.23 46.63
CA VAL R 58 -27.86 18.17 47.79
C VAL R 58 -27.06 17.72 49.00
N PRO R 59 -27.20 18.38 50.15
CA PRO R 59 -26.41 18.00 51.33
C PRO R 59 -26.57 16.51 51.65
N SER R 60 -25.46 15.91 52.11
CA SER R 60 -25.38 14.48 52.38
C SER R 60 -26.29 14.01 53.51
N ARG R 61 -26.83 14.91 54.31
CA ARG R 61 -27.70 14.54 55.43
C ARG R 61 -29.06 14.01 54.97
N PHE R 62 -29.42 14.20 53.71
CA PHE R 62 -30.67 13.72 53.17
C PHE R 62 -30.52 12.29 52.65
N SER R 63 -31.53 11.47 52.89
CA SER R 63 -31.55 10.10 52.39
C SER R 63 -32.99 9.67 52.18
N GLY R 64 -33.18 8.74 51.24
CA GLY R 64 -34.50 8.22 50.97
C GLY R 64 -34.51 6.71 51.05
N SER R 65 -35.65 6.17 51.48
CA SER R 65 -35.83 4.74 51.67
C SER R 65 -37.23 4.35 51.25
N GLY R 66 -37.46 3.05 51.19
CA GLY R 66 -38.77 2.51 50.96
C GLY R 66 -38.85 1.72 49.66
N SER R 67 -39.96 1.01 49.54
CA SER R 67 -40.31 0.23 48.36
C SER R 67 -41.75 -0.23 48.55
N GLY R 68 -42.38 -0.59 47.43
CA GLY R 68 -43.76 -1.02 47.47
C GLY R 68 -44.72 0.13 47.59
N THR R 69 -45.29 0.33 48.78
CA THR R 69 -46.27 1.38 49.00
C THR R 69 -45.86 2.40 50.04
N ASP R 70 -44.82 2.15 50.83
CA ASP R 70 -44.42 3.02 51.92
C ASP R 70 -42.97 3.44 51.75
N PHE R 71 -42.72 4.74 51.85
CA PHE R 71 -41.41 5.31 51.67
C PHE R 71 -41.12 6.31 52.79
N SER R 72 -39.84 6.65 52.95
CA SER R 72 -39.43 7.58 54.00
C SER R 72 -38.35 8.51 53.48
N LEU R 73 -38.32 9.70 54.08
CA LEU R 73 -37.30 10.71 53.83
C LEU R 73 -36.66 11.05 55.16
N THR R 74 -35.32 11.05 55.20
CA THR R 74 -34.59 11.21 56.46
C THR R 74 -33.58 12.34 56.34
N ILE R 75 -33.63 13.26 57.31
CA ILE R 75 -32.61 14.30 57.48
C ILE R 75 -31.85 13.96 58.76
N SER R 76 -30.56 13.65 58.60
CA SER R 76 -29.80 13.14 59.74
C SER R 76 -29.45 14.23 60.74
N SER R 77 -29.35 15.48 60.31
CA SER R 77 -29.02 16.59 61.20
C SER R 77 -29.66 17.85 60.61
N LEU R 78 -30.87 18.15 61.08
CA LEU R 78 -31.66 19.23 60.51
C LEU R 78 -30.97 20.57 60.72
N GLN R 79 -30.91 21.37 59.67
CA GLN R 79 -30.22 22.65 59.68
C GLN R 79 -31.19 23.78 59.38
N PRO R 80 -30.87 25.01 59.80
CA PRO R 80 -31.82 26.12 59.58
C PRO R 80 -32.19 26.33 58.12
N GLU R 81 -31.26 26.11 57.19
CA GLU R 81 -31.56 26.32 55.78
C GLU R 81 -32.44 25.23 55.18
N ASP R 82 -32.87 24.27 55.99
CA ASP R 82 -33.76 23.22 55.53
C ASP R 82 -35.24 23.58 55.69
N VAL R 83 -35.54 24.76 56.24
CA VAL R 83 -36.91 25.20 56.44
C VAL R 83 -37.62 25.31 55.09
N ALA R 84 -38.62 24.45 54.89
CA ALA R 84 -39.30 24.34 53.59
C ALA R 84 -40.49 23.38 53.65
N THR R 85 -41.22 23.26 52.55
CA THR R 85 -42.27 22.26 52.40
C THR R 85 -41.76 21.18 51.46
N TYR R 86 -41.93 19.92 51.85
CA TYR R 86 -41.41 18.78 51.11
C TYR R 86 -42.55 17.97 50.49
N TYR R 87 -42.33 17.50 49.26
CA TYR R 87 -43.34 16.74 48.53
C TYR R 87 -42.76 15.46 47.97
N CYS R 88 -43.52 14.36 48.10
CA CYS R 88 -43.26 13.12 47.37
C CYS R 88 -44.13 13.04 46.12
N GLN R 89 -43.65 12.27 45.14
CA GLN R 89 -44.33 12.14 43.85
C GLN R 89 -44.02 10.78 43.23
N GLN R 90 -45.05 10.09 42.76
CA GLN R 90 -44.88 8.80 42.09
C GLN R 90 -44.94 8.97 40.57
N TYR R 91 -44.31 8.03 39.85
CA TYR R 91 -44.37 8.04 38.40
C TYR R 91 -44.58 6.65 37.80
N ASP R 92 -45.22 5.74 38.54
CA ASP R 92 -45.51 4.42 38.00
C ASP R 92 -46.37 4.51 36.74
N ASN R 93 -47.42 5.32 36.78
CA ASN R 93 -48.29 5.53 35.64
C ASN R 93 -48.83 6.96 35.69
N LEU R 94 -49.45 7.35 34.63
CA LEU R 94 -50.01 8.68 34.57
C LEU R 94 -51.45 8.69 35.09
N PRO R 95 -51.90 9.81 35.68
CA PRO R 95 -51.13 11.05 35.86
C PRO R 95 -50.14 11.02 37.02
N LEU R 96 -49.02 11.71 36.86
CA LEU R 96 -48.11 11.92 37.98
C LEU R 96 -48.82 12.70 39.09
N THR R 97 -48.63 12.25 40.32
CA THR R 97 -49.32 12.83 41.45
C THR R 97 -48.31 13.16 42.55
N PHE R 98 -48.65 14.12 43.40
CA PHE R 98 -47.78 14.56 44.47
C PHE R 98 -48.40 14.21 45.82
N GLY R 99 -47.56 14.21 46.84
CA GLY R 99 -48.05 14.10 48.20
C GLY R 99 -48.69 15.38 48.67
N GLY R 100 -49.32 15.30 49.84
CA GLY R 100 -49.97 16.49 50.39
C GLY R 100 -49.00 17.53 50.88
N GLY R 101 -47.76 17.15 51.11
CA GLY R 101 -46.73 18.07 51.57
C GLY R 101 -46.48 17.95 53.05
N THR R 102 -45.24 18.20 53.45
CA THR R 102 -44.84 18.23 54.86
C THR R 102 -44.03 19.50 55.10
N LYS R 103 -44.55 20.37 55.96
CA LYS R 103 -43.88 21.62 56.29
C LYS R 103 -42.95 21.39 57.48
N VAL R 104 -41.65 21.62 57.26
CA VAL R 104 -40.62 21.38 58.27
C VAL R 104 -40.15 22.72 58.81
N GLU R 105 -40.21 22.88 60.13
CA GLU R 105 -39.81 24.10 60.81
C GLU R 105 -38.70 23.84 61.81
N ILE R 106 -37.89 24.85 62.08
CA ILE R 106 -36.79 24.78 63.02
C ILE R 106 -37.27 25.31 64.37
N LYS R 107 -37.04 24.54 65.43
CA LYS R 107 -37.31 24.99 66.79
C LYS R 107 -36.01 25.50 67.41
N ARG R 108 -36.02 26.76 67.85
CA ARG R 108 -34.83 27.38 68.40
C ARG R 108 -35.18 28.08 69.71
N THR R 109 -34.17 28.75 70.29
CA THR R 109 -34.36 29.49 71.52
C THR R 109 -35.27 30.69 71.29
N VAL R 110 -35.58 31.40 72.36
CA VAL R 110 -36.47 32.57 72.30
C VAL R 110 -35.62 33.83 72.13
N ALA R 111 -35.88 34.57 71.05
CA ALA R 111 -35.19 35.82 70.75
C ALA R 111 -36.19 36.96 70.74
N ALA R 112 -35.82 38.08 71.36
CA ALA R 112 -36.72 39.21 71.42
C ALA R 112 -36.74 39.97 70.09
N PRO R 113 -37.88 40.56 69.73
CA PRO R 113 -37.96 41.34 68.50
C PRO R 113 -37.50 42.77 68.67
N SER R 114 -36.86 43.31 67.64
CA SER R 114 -36.58 44.74 67.56
C SER R 114 -37.78 45.44 66.94
N VAL R 115 -38.31 46.43 67.67
CA VAL R 115 -39.58 47.07 67.33
C VAL R 115 -39.30 48.47 66.79
N PHE R 116 -39.78 48.74 65.58
CA PHE R 116 -39.58 50.02 64.90
C PHE R 116 -40.90 50.47 64.29
N ILE R 117 -41.15 51.78 64.34
CA ILE R 117 -42.39 52.36 63.80
C ILE R 117 -42.03 53.44 62.77
N PHE R 118 -42.83 53.52 61.71
CA PHE R 118 -42.63 54.50 60.65
C PHE R 118 -43.92 55.28 60.40
N PRO R 119 -43.84 56.61 60.35
CA PRO R 119 -45.00 57.42 59.98
C PRO R 119 -45.20 57.41 58.48
N PRO R 120 -46.37 57.81 58.00
CA PRO R 120 -46.55 57.94 56.54
C PRO R 120 -45.73 59.11 56.00
N SER R 121 -45.23 58.93 54.78
CA SER R 121 -44.38 59.93 54.17
C SER R 121 -45.18 61.14 53.73
N ASP R 122 -44.49 62.29 53.62
CA ASP R 122 -45.13 63.46 53.06
C ASP R 122 -45.47 63.23 51.59
N GLU R 123 -44.71 62.37 50.91
CA GLU R 123 -45.04 62.05 49.52
C GLU R 123 -46.36 61.31 49.45
N GLN R 124 -46.61 60.41 50.40
CA GLN R 124 -47.87 59.67 50.43
C GLN R 124 -49.00 60.56 50.91
N LEU R 125 -48.72 61.47 51.85
CA LEU R 125 -49.76 62.33 52.42
C LEU R 125 -50.43 63.20 51.37
N LYS R 126 -49.70 63.60 50.32
CA LYS R 126 -50.27 64.39 49.25
C LYS R 126 -51.34 63.62 48.48
N SER R 127 -51.19 62.30 48.36
CA SER R 127 -52.13 61.49 47.60
C SER R 127 -53.46 61.25 48.31
N GLY R 128 -53.58 61.56 49.60
CA GLY R 128 -54.83 61.43 50.31
C GLY R 128 -55.00 60.21 51.20
N THR R 129 -53.91 59.52 51.54
CA THR R 129 -53.97 58.35 52.41
C THR R 129 -52.75 58.37 53.32
N ALA R 130 -52.91 57.76 54.51
CA ALA R 130 -51.84 57.71 55.50
C ALA R 130 -51.69 56.27 56.00
N SER R 131 -50.49 55.71 55.88
CA SER R 131 -50.18 54.37 56.36
C SER R 131 -49.06 54.43 57.39
N VAL R 132 -49.31 53.87 58.57
CA VAL R 132 -48.32 53.78 59.64
C VAL R 132 -47.90 52.32 59.77
N VAL R 133 -46.60 52.06 59.67
CA VAL R 133 -46.06 50.70 59.62
C VAL R 133 -45.30 50.40 60.91
N CYS R 134 -45.50 49.20 61.43
CA CYS R 134 -44.83 48.70 62.62
C CYS R 134 -44.13 47.40 62.28
N LEU R 135 -42.93 47.20 62.85
CA LEU R 135 -42.06 46.09 62.48
C LEU R 135 -41.64 45.30 63.71
N LEU R 136 -41.77 43.97 63.63
CA LEU R 136 -41.16 43.05 64.57
C LEU R 136 -40.08 42.27 63.83
N ASN R 137 -38.84 42.42 64.28
CA ASN R 137 -37.68 41.96 63.52
C ASN R 137 -37.00 40.82 64.26
N ASN R 138 -36.90 39.67 63.59
CA ASN R 138 -36.12 38.52 64.06
C ASN R 138 -36.55 38.09 65.47
N PHE R 139 -37.74 37.52 65.52
CA PHE R 139 -38.32 37.04 66.77
C PHE R 139 -38.78 35.59 66.65
N TYR R 140 -39.00 34.98 67.81
CA TYR R 140 -39.50 33.62 67.96
C TYR R 140 -40.18 33.55 69.32
N PRO R 141 -41.33 32.86 69.44
CA PRO R 141 -42.00 32.07 68.41
C PRO R 141 -42.91 32.85 67.44
N ARG R 142 -43.59 32.07 66.59
CA ARG R 142 -44.48 32.62 65.58
C ARG R 142 -45.52 33.56 66.17
N GLU R 143 -46.02 33.25 67.37
CA GLU R 143 -47.19 33.93 67.91
C GLU R 143 -46.80 35.30 68.46
N ALA R 144 -47.41 36.35 67.92
CA ALA R 144 -47.28 37.70 68.45
C ALA R 144 -48.60 38.43 68.22
N LYS R 145 -48.74 39.58 68.87
CA LYS R 145 -49.94 40.41 68.72
C LYS R 145 -49.56 41.88 68.75
N VAL R 146 -50.17 42.66 67.85
CA VAL R 146 -49.97 44.10 67.78
C VAL R 146 -51.33 44.78 67.77
N GLN R 147 -51.59 45.61 68.76
CA GLN R 147 -52.79 46.44 68.80
C GLN R 147 -52.38 47.90 68.70
N TRP R 148 -52.92 48.60 67.71
CA TRP R 148 -52.58 50.00 67.50
C TRP R 148 -53.23 50.88 68.57
N LYS R 149 -52.60 52.03 68.83
CA LYS R 149 -53.10 53.00 69.82
C LYS R 149 -52.86 54.41 69.31
N VAL R 150 -53.95 55.13 69.01
CA VAL R 150 -53.89 56.54 68.62
C VAL R 150 -54.27 57.39 69.83
N ASP R 151 -53.45 58.40 70.14
CA ASP R 151 -53.47 59.06 71.44
C ASP R 151 -53.30 58.02 72.54
N ASN R 152 -54.42 57.61 73.12
CA ASN R 152 -54.45 56.49 74.06
C ASN R 152 -55.58 55.53 73.72
N ALA R 153 -56.27 55.74 72.60
CA ALA R 153 -57.40 54.91 72.21
C ALA R 153 -56.93 53.78 71.30
N LEU R 154 -57.15 52.55 71.74
CA LEU R 154 -56.84 51.39 70.91
C LEU R 154 -57.73 51.35 69.68
N GLN R 155 -57.12 51.13 68.52
CA GLN R 155 -57.84 51.06 67.25
C GLN R 155 -58.13 49.60 66.94
N SER R 156 -59.32 49.33 66.43
CA SER R 156 -59.78 47.95 66.22
C SER R 156 -60.25 47.78 64.78
N GLY R 157 -59.59 46.89 64.04
CA GLY R 157 -60.08 46.43 62.76
C GLY R 157 -59.89 47.34 61.57
N ASN R 158 -59.04 48.36 61.67
CA ASN R 158 -58.73 49.23 60.54
C ASN R 158 -57.32 49.03 60.00
N SER R 159 -56.74 47.85 60.20
CA SER R 159 -55.38 47.56 59.78
C SER R 159 -55.28 46.11 59.32
N GLN R 160 -54.21 45.83 58.56
CA GLN R 160 -53.96 44.50 58.02
C GLN R 160 -52.48 44.18 58.17
N GLU R 161 -52.17 42.97 58.63
CA GLU R 161 -50.80 42.55 58.93
C GLU R 161 -50.37 41.36 58.08
N SER R 162 -49.06 41.29 57.78
CA SER R 162 -48.45 40.23 56.99
C SER R 162 -47.15 39.75 57.63
N VAL R 163 -46.94 38.42 57.64
CA VAL R 163 -45.80 37.79 58.31
C VAL R 163 -44.99 37.02 57.27
N THR R 164 -43.66 37.17 57.33
CA THR R 164 -42.78 36.40 56.47
C THR R 164 -42.70 34.96 56.92
N GLU R 165 -42.23 34.10 56.02
CA GLU R 165 -41.93 32.74 56.41
C GLU R 165 -40.65 32.71 57.25
N GLN R 166 -40.41 31.56 57.87
CA GLN R 166 -39.25 31.40 58.74
C GLN R 166 -37.97 31.58 57.93
N ASP R 167 -37.09 32.43 58.44
CA ASP R 167 -35.87 32.79 57.71
C ASP R 167 -34.93 31.59 57.62
N SER R 168 -34.31 31.43 56.45
CA SER R 168 -33.54 30.22 56.16
C SER R 168 -32.17 30.19 56.83
N LYS R 169 -31.67 31.31 57.34
CA LYS R 169 -30.33 31.32 57.93
C LYS R 169 -30.32 31.44 59.44
N ASP R 170 -31.38 31.99 60.04
CA ASP R 170 -31.42 32.12 61.49
C ASP R 170 -32.73 31.71 62.14
N SER R 171 -33.71 31.19 61.36
CA SER R 171 -34.89 30.52 61.91
C SER R 171 -35.77 31.45 62.74
N THR R 172 -35.75 32.74 62.44
CA THR R 172 -36.61 33.71 63.11
C THR R 172 -37.75 34.13 62.18
N TYR R 173 -38.72 34.85 62.75
CA TYR R 173 -39.84 35.38 62.01
C TYR R 173 -39.80 36.90 62.02
N SER R 174 -40.50 37.50 61.06
CA SER R 174 -40.71 38.94 61.04
C SER R 174 -42.17 39.22 60.71
N LEU R 175 -42.67 40.34 61.23
CA LEU R 175 -44.07 40.69 61.06
C LEU R 175 -44.18 42.19 60.84
N SER R 176 -44.94 42.58 59.81
CA SER R 176 -45.19 43.99 59.50
C SER R 176 -46.69 44.25 59.57
N SER R 177 -47.07 45.31 60.30
CA SER R 177 -48.47 45.72 60.40
C SER R 177 -48.61 47.13 59.82
N THR R 178 -49.62 47.31 58.97
CA THR R 178 -49.87 48.60 58.34
C THR R 178 -51.27 49.08 58.72
N LEU R 179 -51.34 50.30 59.25
CA LEU R 179 -52.59 50.96 59.65
C LEU R 179 -52.93 52.03 58.63
N THR R 180 -54.00 51.80 57.88
CA THR R 180 -54.39 52.67 56.76
C THR R 180 -55.54 53.58 57.18
N LEU R 181 -55.37 54.88 56.96
CA LEU R 181 -56.40 55.87 57.24
C LEU R 181 -56.39 56.95 56.17
N SER R 182 -57.41 57.80 56.20
CA SER R 182 -57.54 58.92 55.28
C SER R 182 -56.70 60.10 55.75
N LYS R 183 -56.44 61.02 54.81
CA LYS R 183 -55.65 62.22 55.12
C LYS R 183 -56.31 63.06 56.19
N ALA R 184 -57.64 63.17 56.16
CA ALA R 184 -58.33 63.99 57.16
C ALA R 184 -58.16 63.42 58.56
N ASP R 185 -58.28 62.10 58.71
CA ASP R 185 -58.21 61.51 60.04
C ASP R 185 -56.78 61.41 60.56
N TYR R 186 -55.79 61.34 59.66
CA TYR R 186 -54.40 61.30 60.12
C TYR R 186 -54.01 62.64 60.72
N GLU R 187 -54.32 63.73 60.03
CA GLU R 187 -54.01 65.05 60.57
C GLU R 187 -54.95 65.45 61.69
N LYS R 188 -55.88 64.57 62.07
CA LYS R 188 -56.74 64.84 63.21
C LYS R 188 -56.06 64.52 64.53
N HIS R 189 -55.12 63.58 64.52
CA HIS R 189 -54.42 63.16 65.72
C HIS R 189 -52.93 63.44 65.57
N LYS R 190 -52.19 63.25 66.67
CA LYS R 190 -50.78 63.62 66.72
C LYS R 190 -49.87 62.43 67.01
N VAL R 191 -50.09 61.72 68.12
CA VAL R 191 -49.19 60.69 68.58
C VAL R 191 -49.74 59.32 68.20
N TYR R 192 -48.98 58.60 67.38
CA TYR R 192 -49.33 57.27 66.92
C TYR R 192 -48.34 56.27 67.50
N ALA R 193 -48.84 55.13 67.96
CA ALA R 193 -47.99 54.12 68.56
C ALA R 193 -48.45 52.72 68.17
N CYS R 194 -47.50 51.79 68.17
CA CYS R 194 -47.78 50.37 68.05
C CYS R 194 -47.16 49.67 69.25
N GLU R 195 -47.98 48.92 69.98
CA GLU R 195 -47.54 48.23 71.18
C GLU R 195 -47.49 46.74 70.91
N VAL R 196 -46.41 46.11 71.37
CA VAL R 196 -46.13 44.72 71.03
C VAL R 196 -45.91 43.94 72.32
N THR R 197 -46.65 42.84 72.47
CA THR R 197 -46.43 41.88 73.53
C THR R 197 -45.85 40.62 72.90
N HIS R 198 -44.97 39.96 73.63
CA HIS R 198 -44.29 38.79 73.07
C HIS R 198 -43.61 38.06 74.22
N GLN R 199 -43.31 36.78 73.99
CA GLN R 199 -42.67 35.97 75.02
C GLN R 199 -41.20 36.31 75.21
N GLY R 200 -40.61 37.09 74.31
CA GLY R 200 -39.20 37.45 74.40
C GLY R 200 -38.93 38.73 75.14
N LEU R 201 -39.98 39.48 75.47
CA LEU R 201 -39.86 40.72 76.24
C LEU R 201 -40.51 40.52 77.61
N SER R 202 -39.81 40.99 78.66
CA SER R 202 -40.37 40.90 80.01
C SER R 202 -41.58 41.81 80.18
N SER R 203 -41.50 43.03 79.65
CA SER R 203 -42.56 44.03 79.65
C SER R 203 -42.90 44.42 78.22
N PRO R 204 -44.14 44.81 77.93
CA PRO R 204 -44.51 45.16 76.55
C PRO R 204 -43.76 46.39 76.08
N VAL R 205 -43.21 46.30 74.87
CA VAL R 205 -42.41 47.36 74.29
C VAL R 205 -43.31 48.23 73.43
N THR R 206 -43.25 49.54 73.62
CA THR R 206 -44.04 50.49 72.85
C THR R 206 -43.13 51.46 72.12
N LYS R 207 -43.37 51.64 70.83
CA LYS R 207 -42.70 52.65 70.03
C LYS R 207 -43.73 53.60 69.44
N SER R 208 -43.49 54.90 69.59
CA SER R 208 -44.40 55.94 69.14
C SER R 208 -43.62 57.03 68.41
N PHE R 209 -44.34 58.01 67.87
CA PHE R 209 -43.72 59.14 67.21
C PHE R 209 -44.65 60.34 67.25
N ASN R 210 -44.06 61.53 67.13
CA ASN R 210 -44.80 62.78 67.03
C ASN R 210 -44.73 63.28 65.59
N ARG R 211 -45.89 63.68 65.07
CA ARG R 211 -46.00 64.13 63.68
C ARG R 211 -45.22 65.41 63.39
N ASP S 1 -5.37 -20.67 72.39
CA ASP S 1 -6.03 -19.39 72.16
C ASP S 1 -5.25 -18.54 71.18
N ILE S 2 -5.93 -17.60 70.53
CA ILE S 2 -5.27 -16.66 69.63
C ILE S 2 -4.89 -15.44 70.45
N GLN S 3 -3.59 -15.13 70.48
CA GLN S 3 -3.12 -13.98 71.23
C GLN S 3 -3.10 -12.77 70.32
N MET S 4 -3.68 -11.67 70.78
CA MET S 4 -3.73 -10.44 70.01
C MET S 4 -2.75 -9.44 70.60
N THR S 5 -1.88 -8.91 69.76
CA THR S 5 -0.82 -7.99 70.16
C THR S 5 -1.13 -6.59 69.65
N GLN S 6 -1.41 -5.67 70.56
CA GLN S 6 -1.70 -4.30 70.18
C GLN S 6 -0.51 -3.42 70.52
N SER S 7 -0.08 -2.59 69.57
CA SER S 7 1.10 -1.75 69.70
C SER S 7 0.85 -0.42 68.99
N PRO S 8 1.26 0.70 69.59
CA PRO S 8 1.90 0.69 70.90
C PRO S 8 0.87 0.57 72.00
N SER S 9 1.32 0.50 73.25
CA SER S 9 0.38 0.46 74.36
C SER S 9 -0.20 1.84 74.65
N SER S 10 0.58 2.89 74.37
CA SER S 10 0.10 4.25 74.58
C SER S 10 0.77 5.17 73.57
N LEU S 11 0.06 6.25 73.23
CA LEU S 11 0.61 7.26 72.34
C LEU S 11 -0.06 8.60 72.64
N SER S 12 0.68 9.67 72.38
CA SER S 12 0.19 11.03 72.56
C SER S 12 0.40 11.77 71.25
N ALA S 13 -0.67 12.32 70.70
CA ALA S 13 -0.60 12.99 69.41
C ALA S 13 -1.40 14.29 69.46
N ALA S 14 -1.02 15.21 68.59
CA ALA S 14 -1.68 16.50 68.51
C ALA S 14 -2.98 16.41 67.74
N VAL S 15 -3.84 17.41 67.92
CA VAL S 15 -5.09 17.45 67.20
C VAL S 15 -4.83 17.63 65.71
N GLY S 16 -5.45 16.77 64.90
CA GLY S 16 -5.26 16.81 63.46
C GLY S 16 -4.20 15.87 62.93
N ASP S 17 -3.51 15.15 63.82
CA ASP S 17 -2.44 14.25 63.42
C ASP S 17 -3.01 12.94 62.88
N ARG S 18 -2.18 12.24 62.12
CA ARG S 18 -2.52 10.91 61.60
C ARG S 18 -1.97 9.85 62.55
N VAL S 19 -2.85 8.98 63.05
CA VAL S 19 -2.51 8.00 64.08
C VAL S 19 -2.75 6.61 63.50
N THR S 20 -1.79 5.70 63.72
CA THR S 20 -1.88 4.33 63.24
C THR S 20 -1.66 3.40 64.43
N ILE S 21 -2.51 2.39 64.56
CA ILE S 21 -2.38 1.36 65.58
C ILE S 21 -2.34 0.00 64.88
N THR S 22 -1.49 -0.90 65.40
CA THR S 22 -1.25 -2.18 64.77
C THR S 22 -1.74 -3.31 65.68
N CYS S 23 -2.26 -4.36 65.06
CA CYS S 23 -2.68 -5.55 65.78
C CYS S 23 -2.12 -6.78 65.07
N GLN S 24 -1.45 -7.64 65.83
CA GLN S 24 -0.88 -8.87 65.31
C GLN S 24 -1.48 -10.07 66.05
N ALA S 25 -1.80 -11.12 65.29
CA ALA S 25 -2.31 -12.36 65.85
C ALA S 25 -1.21 -13.41 65.86
N SER S 26 -1.33 -14.37 66.78
CA SER S 26 -0.34 -15.43 66.86
C SER S 26 -0.45 -16.43 65.71
N GLN S 27 -1.54 -16.41 64.96
CA GLN S 27 -1.68 -17.25 63.77
C GLN S 27 -2.59 -16.53 62.76
N ASP S 28 -2.72 -17.14 61.58
CA ASP S 28 -3.49 -16.57 60.50
C ASP S 28 -4.98 -16.48 60.88
N ILE S 29 -5.54 -15.28 60.82
CA ILE S 29 -6.96 -15.06 61.11
C ILE S 29 -7.70 -14.43 59.94
N VAL S 30 -7.16 -14.56 58.73
CA VAL S 30 -7.72 -13.97 57.51
C VAL S 30 -8.03 -12.50 57.75
N ASN S 31 -9.30 -12.14 57.74
CA ASN S 31 -9.74 -10.78 58.06
C ASN S 31 -10.79 -10.80 59.16
N TYR S 32 -10.80 -11.86 59.98
CA TYR S 32 -11.80 -12.00 61.04
C TYR S 32 -11.29 -11.25 62.27
N LEU S 33 -11.27 -9.93 62.15
CA LEU S 33 -10.76 -9.06 63.19
C LEU S 33 -11.65 -7.84 63.30
N ASN S 34 -12.01 -7.49 64.54
CA ASN S 34 -12.85 -6.34 64.80
C ASN S 34 -12.09 -5.31 65.62
N TRP S 35 -12.60 -4.07 65.61
CA TRP S 35 -12.05 -2.97 66.37
C TRP S 35 -13.15 -2.36 67.24
N TYR S 36 -12.81 -2.01 68.48
CA TYR S 36 -13.77 -1.41 69.39
C TYR S 36 -13.20 -0.17 70.06
N GLN S 37 -14.10 0.73 70.43
CA GLN S 37 -13.78 1.96 71.14
C GLN S 37 -14.47 1.95 72.50
N GLN S 38 -13.71 2.21 73.56
CA GLN S 38 -14.25 2.29 74.91
C GLN S 38 -13.85 3.62 75.52
N LYS S 39 -14.81 4.49 75.75
CA LYS S 39 -14.51 5.65 76.55
C LYS S 39 -14.54 5.24 78.03
N PRO S 40 -13.79 5.94 78.88
CA PRO S 40 -13.69 5.53 80.30
C PRO S 40 -15.02 5.30 81.00
N GLY S 41 -15.21 4.10 81.53
CA GLY S 41 -16.40 3.77 82.30
C GLY S 41 -17.62 3.47 81.47
N LYS S 42 -17.54 3.60 80.15
CA LYS S 42 -18.66 3.42 79.26
C LYS S 42 -18.55 2.07 78.57
N ALA S 43 -19.66 1.64 77.99
CA ALA S 43 -19.64 0.42 77.20
C ALA S 43 -18.75 0.61 75.97
N PRO S 44 -18.11 -0.46 75.51
CA PRO S 44 -17.37 -0.39 74.24
C PRO S 44 -18.31 -0.17 73.06
N LYS S 45 -17.78 0.43 72.01
CA LYS S 45 -18.55 0.75 70.81
C LYS S 45 -17.88 0.12 69.61
N LEU S 46 -18.69 -0.50 68.75
CA LEU S 46 -18.14 -1.13 67.55
C LEU S 46 -17.74 -0.06 66.54
N LEU S 47 -16.48 -0.08 66.11
CA LEU S 47 -16.00 0.82 65.06
C LEU S 47 -15.77 0.10 63.74
N ILE S 48 -15.00 -0.98 63.74
CA ILE S 48 -14.63 -1.67 62.51
C ILE S 48 -14.88 -3.16 62.70
N TYR S 49 -15.52 -3.77 61.71
CA TYR S 49 -15.73 -5.21 61.70
C TYR S 49 -15.23 -5.73 60.36
N VAL S 50 -14.75 -6.98 60.36
CA VAL S 50 -14.12 -7.60 59.21
C VAL S 50 -12.97 -6.72 58.71
N ALA S 51 -12.07 -6.35 59.62
CA ALA S 51 -10.79 -5.72 59.32
C ALA S 51 -10.88 -4.30 58.78
N SER S 52 -11.92 -4.00 57.99
CA SER S 52 -11.96 -2.73 57.27
C SER S 52 -13.34 -2.09 57.14
N ASN S 53 -14.42 -2.73 57.58
CA ASN S 53 -15.77 -2.20 57.36
C ASN S 53 -16.15 -1.23 58.47
N LEU S 54 -16.62 -0.05 58.08
CA LEU S 54 -16.99 1.01 59.02
C LEU S 54 -18.39 0.79 59.56
N GLU S 55 -18.55 0.94 60.87
CA GLU S 55 -19.86 0.90 61.48
C GLU S 55 -20.66 2.16 61.15
N THR S 56 -21.97 1.98 60.98
CA THR S 56 -22.84 3.11 60.69
C THR S 56 -22.76 4.16 61.80
N GLY S 57 -22.72 5.42 61.38
CA GLY S 57 -22.61 6.52 62.31
C GLY S 57 -21.21 6.79 62.81
N VAL S 58 -20.24 5.96 62.48
CA VAL S 58 -18.86 6.21 62.90
C VAL S 58 -18.22 7.17 61.89
N PRO S 59 -17.56 8.24 62.36
CA PRO S 59 -16.99 9.22 61.42
C PRO S 59 -16.09 8.58 60.39
N SER S 60 -16.11 9.15 59.18
CA SER S 60 -15.37 8.60 58.05
C SER S 60 -13.86 8.65 58.24
N ARG S 61 -13.35 9.37 59.24
CA ARG S 61 -11.90 9.46 59.45
C ARG S 61 -11.30 8.17 59.98
N PHE S 62 -12.12 7.24 60.48
CA PHE S 62 -11.61 5.95 60.93
C PHE S 62 -11.56 5.00 59.76
N SER S 63 -10.50 4.19 59.71
CA SER S 63 -10.39 3.18 58.67
C SER S 63 -9.59 2.00 59.22
N GLY S 64 -9.87 0.82 58.69
CA GLY S 64 -9.17 -0.38 59.09
C GLY S 64 -8.63 -1.11 57.89
N SER S 65 -7.50 -1.77 58.10
CA SER S 65 -6.85 -2.51 57.03
C SER S 65 -6.19 -3.75 57.61
N GLY S 66 -5.70 -4.59 56.71
CA GLY S 66 -4.92 -5.76 57.07
C GLY S 66 -5.58 -7.05 56.60
N SER S 67 -4.79 -8.12 56.69
CA SER S 67 -5.21 -9.48 56.37
C SER S 67 -4.10 -10.41 56.84
N GLY S 68 -4.46 -11.67 57.03
CA GLY S 68 -3.48 -12.63 57.49
C GLY S 68 -3.17 -12.47 58.96
N THR S 69 -2.02 -11.90 59.27
CA THR S 69 -1.57 -11.76 60.65
C THR S 69 -1.34 -10.32 61.11
N ASP S 70 -1.34 -9.35 60.20
CA ASP S 70 -1.07 -7.95 60.56
C ASP S 70 -2.22 -7.07 60.10
N PHE S 71 -2.70 -6.22 61.00
CA PHE S 71 -3.81 -5.32 60.71
C PHE S 71 -3.46 -3.94 61.23
N SER S 72 -4.15 -2.93 60.72
CA SER S 72 -3.90 -1.56 61.11
C SER S 72 -5.22 -0.78 61.18
N LEU S 73 -5.24 0.19 62.08
CA LEU S 73 -6.35 1.13 62.24
C LEU S 73 -5.79 2.54 62.11
N THR S 74 -6.43 3.38 61.30
CA THR S 74 -5.91 4.71 60.97
C THR S 74 -6.97 5.77 61.23
N ILE S 75 -6.58 6.83 61.93
CA ILE S 75 -7.38 8.03 62.10
C ILE S 75 -6.73 9.13 61.28
N SER S 76 -7.45 9.60 60.25
CA SER S 76 -6.88 10.53 59.27
C SER S 76 -6.73 11.96 59.78
N SER S 77 -7.54 12.36 60.77
CA SER S 77 -7.49 13.72 61.33
C SER S 77 -7.96 13.63 62.78
N LEU S 78 -6.99 13.51 63.70
CA LEU S 78 -7.31 13.23 65.09
C LEU S 78 -8.09 14.38 65.73
N GLN S 79 -9.17 14.03 66.41
CA GLN S 79 -10.12 14.95 67.02
C GLN S 79 -10.16 14.75 68.53
N PRO S 80 -10.57 15.78 69.28
CA PRO S 80 -10.59 15.66 70.75
C PRO S 80 -11.45 14.53 71.28
N GLU S 81 -12.57 14.19 70.64
CA GLU S 81 -13.47 13.16 71.14
C GLU S 81 -12.95 11.75 70.91
N ASP S 82 -11.74 11.57 70.37
CA ASP S 82 -11.20 10.24 70.11
C ASP S 82 -10.43 9.67 71.28
N VAL S 83 -10.28 10.44 72.36
CA VAL S 83 -9.56 9.95 73.54
C VAL S 83 -10.33 8.77 74.13
N ALA S 84 -9.71 7.60 74.09
CA ALA S 84 -10.33 6.35 74.52
C ALA S 84 -9.27 5.26 74.41
N THR S 85 -9.61 4.06 74.83
CA THR S 85 -8.74 2.90 74.62
C THR S 85 -9.34 2.07 73.51
N TYR S 86 -8.51 1.68 72.54
CA TYR S 86 -8.96 0.96 71.37
C TYR S 86 -8.47 -0.48 71.45
N TYR S 87 -9.32 -1.40 71.03
CA TYR S 87 -9.02 -2.82 71.12
C TYR S 87 -9.25 -3.47 69.76
N CYS S 88 -8.33 -4.35 69.37
CA CYS S 88 -8.62 -5.25 68.28
C CYS S 88 -9.13 -6.56 68.83
N GLN S 89 -9.91 -7.27 68.02
CA GLN S 89 -10.55 -8.49 68.49
C GLN S 89 -10.71 -9.42 67.30
N GLN S 90 -10.29 -10.66 67.45
CA GLN S 90 -10.41 -11.66 66.40
C GLN S 90 -11.60 -12.57 66.66
N TYR S 91 -12.13 -13.14 65.58
CA TYR S 91 -13.15 -14.18 65.66
C TYR S 91 -12.84 -15.31 64.69
N ASP S 92 -11.56 -15.50 64.39
CA ASP S 92 -11.17 -16.61 63.51
C ASP S 92 -11.56 -17.96 64.11
N ASN S 93 -11.30 -18.15 65.40
CA ASN S 93 -11.75 -19.35 66.10
C ASN S 93 -12.01 -18.99 67.56
N LEU S 94 -12.66 -19.90 68.25
CA LEU S 94 -12.98 -19.65 69.65
C LEU S 94 -11.84 -20.10 70.56
N PRO S 95 -11.67 -19.45 71.72
CA PRO S 95 -12.49 -18.34 72.24
C PRO S 95 -12.17 -17.00 71.59
N LEU S 96 -13.19 -16.16 71.52
CA LEU S 96 -12.98 -14.80 71.06
C LEU S 96 -11.99 -14.09 71.98
N THR S 97 -11.02 -13.40 71.37
CA THR S 97 -9.95 -12.77 72.12
C THR S 97 -9.75 -11.33 71.68
N PHE S 98 -9.20 -10.53 72.58
CA PHE S 98 -8.98 -9.11 72.38
C PHE S 98 -7.49 -8.78 72.37
N GLY S 99 -7.18 -7.61 71.83
CA GLY S 99 -5.84 -7.07 71.93
C GLY S 99 -5.54 -6.53 73.33
N GLY S 100 -4.28 -6.16 73.54
CA GLY S 100 -3.87 -5.61 74.82
C GLY S 100 -4.38 -4.21 75.08
N GLY S 101 -4.76 -3.49 74.04
CA GLY S 101 -5.32 -2.16 74.21
C GLY S 101 -4.30 -1.07 73.93
N THR S 102 -4.79 0.06 73.42
CA THR S 102 -3.97 1.25 73.19
C THR S 102 -4.68 2.47 73.75
N LYS S 103 -4.03 3.13 74.71
CA LYS S 103 -4.55 4.35 75.33
C LYS S 103 -4.06 5.55 74.52
N VAL S 104 -5.02 6.32 73.99
CA VAL S 104 -4.72 7.46 73.12
C VAL S 104 -4.93 8.75 73.90
N GLU S 105 -3.91 9.60 73.93
CA GLU S 105 -3.96 10.87 74.61
C GLU S 105 -3.68 11.99 73.61
N ILE S 106 -4.28 13.14 73.85
CA ILE S 106 -4.12 14.32 73.02
C ILE S 106 -3.06 15.22 73.65
N LYS S 107 -2.09 15.64 72.85
CA LYS S 107 -1.10 16.62 73.29
C LYS S 107 -1.55 18.00 72.81
N ARG S 108 -1.71 18.93 73.76
CA ARG S 108 -2.23 20.26 73.48
C ARG S 108 -1.39 21.30 74.21
N THR S 109 -1.74 22.57 74.02
CA THR S 109 -1.06 23.65 74.71
C THR S 109 -1.36 23.61 76.20
N VAL S 110 -0.46 24.20 76.98
CA VAL S 110 -0.55 24.16 78.44
C VAL S 110 -1.64 25.13 78.90
N ALA S 111 -2.52 24.65 79.79
CA ALA S 111 -3.62 25.43 80.33
C ALA S 111 -3.47 25.57 81.84
N ALA S 112 -3.70 26.79 82.33
CA ALA S 112 -3.56 27.07 83.75
C ALA S 112 -4.77 26.54 84.54
N PRO S 113 -4.54 26.11 85.78
CA PRO S 113 -5.66 25.60 86.59
C PRO S 113 -6.41 26.73 87.28
N SER S 114 -7.73 26.57 87.36
CA SER S 114 -8.57 27.40 88.21
C SER S 114 -8.61 26.79 89.60
N VAL S 115 -8.26 27.59 90.61
CA VAL S 115 -8.06 27.10 91.96
C VAL S 115 -9.24 27.53 92.82
N PHE S 116 -9.93 26.54 93.41
CA PHE S 116 -11.11 26.77 94.24
C PHE S 116 -10.99 25.91 95.49
N ILE S 117 -11.41 26.47 96.64
CA ILE S 117 -11.37 25.75 97.91
C ILE S 117 -12.77 25.75 98.53
N PHE S 118 -13.15 24.62 99.12
CA PHE S 118 -14.44 24.47 99.78
C PHE S 118 -14.23 23.97 101.21
N PRO S 119 -14.83 24.64 102.21
CA PRO S 119 -14.79 24.11 103.58
C PRO S 119 -15.78 22.98 103.75
N PRO S 120 -15.69 22.22 104.83
CA PRO S 120 -16.70 21.19 105.11
C PRO S 120 -18.03 21.79 105.46
N SER S 121 -19.10 21.09 105.08
CA SER S 121 -20.45 21.58 105.27
C SER S 121 -20.82 21.57 106.75
N ASP S 122 -21.82 22.41 107.09
CA ASP S 122 -22.33 22.42 108.45
C ASP S 122 -23.00 21.10 108.82
N GLU S 123 -23.57 20.41 107.84
CA GLU S 123 -24.23 19.13 108.09
C GLU S 123 -23.24 18.05 108.47
N GLN S 124 -22.07 18.03 107.84
CA GLN S 124 -21.10 16.96 108.06
C GLN S 124 -20.42 17.09 109.42
N LEU S 125 -20.14 18.33 109.86
CA LEU S 125 -19.43 18.53 111.12
C LEU S 125 -20.19 17.97 112.31
N LYS S 126 -21.52 18.00 112.26
CA LYS S 126 -22.32 17.43 113.35
C LYS S 126 -22.11 15.92 113.46
N SER S 127 -21.86 15.25 112.34
CA SER S 127 -21.67 13.81 112.31
C SER S 127 -20.30 13.37 112.84
N GLY S 128 -19.36 14.28 113.01
CA GLY S 128 -18.07 13.94 113.58
C GLY S 128 -16.94 13.78 112.59
N THR S 129 -17.09 14.23 111.34
CA THR S 129 -16.04 14.14 110.35
C THR S 129 -16.02 15.44 109.55
N ALA S 130 -14.83 15.81 109.06
CA ALA S 130 -14.66 17.05 108.31
C ALA S 130 -13.83 16.75 107.07
N SER S 131 -14.38 17.10 105.90
CA SER S 131 -13.69 16.95 104.62
C SER S 131 -13.54 18.31 103.95
N VAL S 132 -12.30 18.69 103.65
CA VAL S 132 -11.98 19.94 102.99
C VAL S 132 -11.53 19.63 101.57
N VAL S 133 -12.18 20.26 100.60
CA VAL S 133 -11.96 19.94 99.19
C VAL S 133 -11.20 21.08 98.53
N CYS S 134 -10.21 20.72 97.71
CA CYS S 134 -9.43 21.64 96.91
C CYS S 134 -9.53 21.20 95.46
N LEU S 135 -9.71 22.16 94.55
CA LEU S 135 -10.05 21.85 93.16
C LEU S 135 -9.10 22.54 92.21
N LEU S 136 -8.56 21.78 91.27
CA LEU S 136 -7.83 22.29 90.12
C LEU S 136 -8.67 22.02 88.89
N ASN S 137 -9.09 23.09 88.20
CA ASN S 137 -10.15 22.99 87.20
C ASN S 137 -9.60 23.26 85.82
N ASN S 138 -9.75 22.28 84.93
CA ASN S 138 -9.48 22.40 83.50
C ASN S 138 -8.07 22.94 83.23
N PHE S 139 -7.10 22.05 83.51
CA PHE S 139 -5.70 22.35 83.32
C PHE S 139 -5.05 21.24 82.51
N TYR S 140 -3.85 21.54 82.00
CA TYR S 140 -3.02 20.60 81.24
C TYR S 140 -1.58 21.06 81.39
N PRO S 141 -0.61 20.15 81.54
CA PRO S 141 -0.72 18.68 81.52
C PRO S 141 -1.16 17.99 82.81
N ARG S 142 -1.11 16.66 82.77
CA ARG S 142 -1.51 15.81 83.89
C ARG S 142 -0.79 16.13 85.19
N GLU S 143 0.49 16.52 85.11
CA GLU S 143 1.32 16.61 86.31
C GLU S 143 0.99 17.86 87.11
N ALA S 144 0.57 17.66 88.36
CA ALA S 144 0.38 18.76 89.29
C ALA S 144 0.71 18.26 90.69
N LYS S 145 0.85 19.20 91.62
CA LYS S 145 1.12 18.83 93.01
C LYS S 145 0.35 19.77 93.94
N VAL S 146 -0.26 19.18 94.96
CA VAL S 146 -1.02 19.92 95.97
C VAL S 146 -0.56 19.48 97.35
N GLN S 147 -0.01 20.41 98.13
CA GLN S 147 0.33 20.16 99.52
C GLN S 147 -0.53 21.08 100.39
N TRP S 148 -1.28 20.49 101.32
CA TRP S 148 -2.12 21.26 102.20
C TRP S 148 -1.29 22.04 103.23
N LYS S 149 -1.85 23.17 103.69
CA LYS S 149 -1.22 24.00 104.71
C LYS S 149 -2.31 24.54 105.62
N VAL S 150 -2.32 24.07 106.87
CA VAL S 150 -3.24 24.58 107.89
C VAL S 150 -2.47 25.57 108.77
N ASP S 151 -3.03 26.76 108.95
CA ASP S 151 -2.28 27.90 109.47
C ASP S 151 -1.02 28.11 108.64
N ASN S 152 0.10 27.57 109.11
CA ASN S 152 1.34 27.59 108.34
C ASN S 152 2.04 26.24 108.30
N ALA S 153 1.40 25.18 108.80
CA ALA S 153 2.02 23.87 108.88
C ALA S 153 1.70 23.06 107.62
N LEU S 154 2.74 22.63 106.91
CA LEU S 154 2.56 21.76 105.76
C LEU S 154 1.97 20.44 106.21
N GLN S 155 0.96 19.96 105.50
CA GLN S 155 0.28 18.73 105.85
C GLN S 155 0.85 17.55 105.07
N SER S 156 1.00 16.42 105.75
CA SER S 156 1.63 15.22 105.19
C SER S 156 0.74 14.01 105.38
N GLY S 157 0.31 13.41 104.27
CA GLY S 157 -0.28 12.10 104.27
C GLY S 157 -1.71 12.00 104.76
N ASN S 158 -2.43 13.12 104.86
CA ASN S 158 -3.82 13.10 105.27
C ASN S 158 -4.78 13.48 104.14
N SER S 159 -4.38 13.22 102.90
CA SER S 159 -5.21 13.63 101.77
C SER S 159 -5.13 12.59 100.67
N GLN S 160 -6.13 12.65 99.79
CA GLN S 160 -6.30 11.77 98.63
C GLN S 160 -6.70 12.60 97.42
N GLU S 161 -6.09 12.29 96.28
CA GLU S 161 -6.31 13.04 95.05
C GLU S 161 -6.97 12.14 94.03
N SER S 162 -7.80 12.76 93.19
CA SER S 162 -8.50 12.09 92.11
C SER S 162 -8.36 12.94 90.87
N VAL S 163 -8.10 12.31 89.74
CA VAL S 163 -7.86 13.00 88.48
C VAL S 163 -8.93 12.58 87.50
N THR S 164 -9.53 13.55 86.82
CA THR S 164 -10.51 13.22 85.80
C THR S 164 -9.82 12.61 84.59
N GLU S 165 -10.62 11.96 83.76
CA GLU S 165 -10.11 11.50 82.49
C GLU S 165 -9.88 12.70 81.58
N GLN S 166 -9.17 12.46 80.46
CA GLN S 166 -8.92 13.56 79.54
C GLN S 166 -10.27 14.07 79.02
N ASP S 167 -10.45 15.39 79.11
CA ASP S 167 -11.76 15.96 78.81
C ASP S 167 -12.10 15.80 77.33
N SER S 168 -13.37 15.48 77.06
CA SER S 168 -13.79 15.12 75.71
C SER S 168 -13.95 16.31 74.79
N LYS S 169 -14.03 17.53 75.33
CA LYS S 169 -14.23 18.69 74.47
C LYS S 169 -13.02 19.60 74.41
N ASP S 170 -12.13 19.61 75.42
CA ASP S 170 -10.95 20.45 75.36
C ASP S 170 -9.66 19.78 75.81
N SER S 171 -9.68 18.48 76.13
CA SER S 171 -8.48 17.69 76.37
C SER S 171 -7.69 18.17 77.58
N THR S 172 -8.38 18.75 78.56
CA THR S 172 -7.77 19.19 79.81
C THR S 172 -8.11 18.21 80.92
N TYR S 173 -7.45 18.40 82.06
CA TYR S 173 -7.69 17.57 83.23
C TYR S 173 -8.25 18.41 84.38
N SER S 174 -8.87 17.71 85.32
CA SER S 174 -9.34 18.30 86.57
C SER S 174 -8.92 17.40 87.72
N LEU S 175 -8.67 18.01 88.88
CA LEU S 175 -8.16 17.26 90.03
C LEU S 175 -8.82 17.76 91.30
N SER S 176 -9.30 16.82 92.12
CA SER S 176 -9.90 17.15 93.42
C SER S 176 -9.10 16.45 94.51
N SER S 177 -8.71 17.20 95.54
CA SER S 177 -8.02 16.65 96.70
C SER S 177 -8.91 16.85 97.93
N THR S 178 -9.05 15.81 98.73
CA THR S 178 -9.89 15.85 99.90
C THR S 178 -9.06 15.61 101.15
N LEU S 179 -9.15 16.53 102.11
CA LEU S 179 -8.43 16.46 103.38
C LEU S 179 -9.43 16.08 104.47
N THR S 180 -9.32 14.85 104.96
CA THR S 180 -10.29 14.31 105.92
C THR S 180 -9.69 14.33 107.32
N LEU S 181 -10.44 14.92 108.27
CA LEU S 181 -10.04 14.96 109.67
C LEU S 181 -11.29 14.78 110.53
N SER S 182 -11.06 14.57 111.82
CA SER S 182 -12.16 14.43 112.76
C SER S 182 -12.70 15.81 113.12
N LYS S 183 -13.94 15.82 113.64
CA LYS S 183 -14.56 17.08 114.05
C LYS S 183 -13.77 17.76 115.14
N ALA S 184 -13.17 16.98 116.06
CA ALA S 184 -12.37 17.58 117.11
C ALA S 184 -11.13 18.27 116.55
N ASP S 185 -10.48 17.65 115.56
CA ASP S 185 -9.23 18.19 115.03
C ASP S 185 -9.45 19.39 114.10
N TYR S 186 -10.63 19.47 113.47
CA TYR S 186 -10.91 20.61 112.59
C TYR S 186 -11.05 21.91 113.38
N GLU S 187 -11.86 21.88 114.44
CA GLU S 187 -12.08 23.08 115.25
C GLU S 187 -10.89 23.41 116.13
N LYS S 188 -9.79 22.67 116.00
CA LYS S 188 -8.57 22.96 116.75
C LYS S 188 -7.77 24.09 116.11
N HIS S 189 -7.91 24.27 114.81
CA HIS S 189 -7.22 25.30 114.04
C HIS S 189 -8.25 26.23 113.40
N LYS S 190 -7.75 27.27 112.74
CA LYS S 190 -8.65 28.32 112.25
C LYS S 190 -8.59 28.48 110.73
N VAL S 191 -7.43 28.79 110.15
CA VAL S 191 -7.31 29.15 108.74
C VAL S 191 -6.75 27.96 107.96
N TYR S 192 -7.50 27.52 106.94
CA TYR S 192 -7.14 26.38 106.10
C TYR S 192 -6.83 26.85 104.68
N ALA S 193 -5.75 26.32 104.10
CA ALA S 193 -5.36 26.68 102.74
C ALA S 193 -4.82 25.45 101.99
N CYS S 194 -4.99 25.47 100.66
CA CYS S 194 -4.34 24.52 99.76
C CYS S 194 -3.58 25.31 98.69
N GLU S 195 -2.29 25.03 98.57
CA GLU S 195 -1.42 25.72 97.62
C GLU S 195 -0.98 24.76 96.51
N VAL S 196 -1.02 25.25 95.27
CA VAL S 196 -0.84 24.42 94.08
C VAL S 196 0.24 25.01 93.18
N THR S 197 1.20 24.19 92.78
CA THR S 197 2.23 24.54 91.80
C THR S 197 1.97 23.79 90.50
N HIS S 198 2.30 24.43 89.38
CA HIS S 198 2.03 23.85 88.06
C HIS S 198 2.83 24.63 87.01
N GLN S 199 2.95 24.02 85.82
CA GLN S 199 3.70 24.65 84.74
C GLN S 199 2.98 25.83 84.10
N GLY S 200 1.69 26.00 84.36
CA GLY S 200 0.96 27.09 83.74
C GLY S 200 0.94 28.38 84.51
N LEU S 201 1.40 28.36 85.75
CA LEU S 201 1.51 29.56 86.57
C LEU S 201 2.98 29.86 86.84
N SER S 202 3.36 31.13 86.74
CA SER S 202 4.71 31.51 87.10
C SER S 202 4.95 31.35 88.59
N SER S 203 3.98 31.73 89.41
CA SER S 203 4.03 31.55 90.84
C SER S 203 2.85 30.71 91.33
N PRO S 204 3.04 29.91 92.38
CA PRO S 204 1.93 29.10 92.91
C PRO S 204 0.82 29.94 93.54
N VAL S 205 -0.42 29.60 93.19
CA VAL S 205 -1.61 30.31 93.66
C VAL S 205 -2.14 29.59 94.90
N THR S 206 -2.45 30.35 95.95
CA THR S 206 -2.97 29.81 97.19
C THR S 206 -4.34 30.39 97.48
N LYS S 207 -5.29 29.53 97.84
CA LYS S 207 -6.62 29.93 98.29
C LYS S 207 -6.86 29.41 99.71
N SER S 208 -7.35 30.30 100.58
CA SER S 208 -7.56 29.97 101.98
C SER S 208 -8.94 30.44 102.43
N PHE S 209 -9.29 30.08 103.67
CA PHE S 209 -10.55 30.51 104.27
C PHE S 209 -10.41 30.44 105.78
N ASN S 210 -11.26 31.22 106.46
CA ASN S 210 -11.34 31.24 107.92
C ASN S 210 -12.61 30.55 108.39
N ARG S 211 -12.47 29.69 109.40
CA ARG S 211 -13.59 28.92 109.94
C ARG S 211 -14.67 29.77 110.61
N ASP T 1 3.36 63.80 -27.99
CA ASP T 1 4.25 62.75 -28.47
C ASP T 1 5.69 63.09 -28.19
N ILE T 2 6.53 62.07 -28.13
CA ILE T 2 7.97 62.25 -27.88
C ILE T 2 8.69 62.37 -29.22
N GLN T 3 9.40 63.49 -29.40
CA GLN T 3 10.21 63.68 -30.59
C GLN T 3 11.62 63.17 -30.31
N MET T 4 12.13 62.36 -31.22
CA MET T 4 13.47 61.78 -31.10
C MET T 4 14.41 62.47 -32.09
N THR T 5 15.54 62.95 -31.58
CA THR T 5 16.52 63.67 -32.37
C THR T 5 17.74 62.79 -32.54
N GLN T 6 17.97 62.35 -33.78
CA GLN T 6 19.11 61.50 -34.11
C GLN T 6 20.15 62.35 -34.80
N SER T 7 21.41 62.22 -34.38
CA SER T 7 22.46 63.07 -34.87
C SER T 7 23.75 62.27 -35.02
N PRO T 8 24.51 62.47 -36.11
CA PRO T 8 24.18 63.37 -37.23
C PRO T 8 23.21 62.76 -38.24
N SER T 9 22.87 63.50 -39.30
CA SER T 9 21.98 62.96 -40.32
C SER T 9 22.71 62.01 -41.27
N SER T 10 23.99 62.28 -41.54
CA SER T 10 24.79 61.44 -42.43
C SER T 10 26.25 61.51 -41.98
N LEU T 11 27.00 60.46 -42.29
CA LEU T 11 28.41 60.41 -41.94
C LEU T 11 29.18 59.56 -42.95
N SER T 12 30.46 59.89 -43.11
CA SER T 12 31.37 59.16 -43.97
C SER T 12 32.62 58.82 -43.16
N ALA T 13 32.93 57.53 -43.07
CA ALA T 13 34.08 57.06 -42.29
C ALA T 13 34.78 55.96 -43.07
N ALA T 14 36.08 55.80 -42.80
CA ALA T 14 36.87 54.81 -43.50
C ALA T 14 36.59 53.41 -42.94
N VAL T 15 36.97 52.40 -43.72
CA VAL T 15 36.80 51.02 -43.29
C VAL T 15 37.68 50.74 -42.08
N GLY T 16 37.09 50.18 -41.03
CA GLY T 16 37.80 49.87 -39.81
C GLY T 16 37.72 50.91 -38.71
N ASP T 17 37.06 52.04 -38.95
CA ASP T 17 37.00 53.11 -37.96
C ASP T 17 35.96 52.82 -36.88
N ARG T 18 36.13 53.49 -35.75
CA ARG T 18 35.18 53.44 -34.65
C ARG T 18 34.21 54.61 -34.80
N VAL T 19 32.91 54.30 -34.91
CA VAL T 19 31.89 55.28 -35.24
C VAL T 19 30.86 55.33 -34.11
N THR T 20 30.44 56.55 -33.76
CA THR T 20 29.46 56.79 -32.71
C THR T 20 28.29 57.61 -33.24
N ILE T 21 27.07 57.18 -32.94
CA ILE T 21 25.85 57.89 -33.32
C ILE T 21 25.08 58.22 -32.05
N THR T 22 24.45 59.39 -32.03
CA THR T 22 23.76 59.90 -30.85
C THR T 22 22.26 60.02 -31.11
N CYS T 23 21.46 59.74 -30.08
CA CYS T 23 20.03 59.93 -30.10
C CYS T 23 19.59 60.68 -28.86
N GLN T 24 18.82 61.74 -29.04
CA GLN T 24 18.31 62.55 -27.94
C GLN T 24 16.79 62.48 -27.91
N ALA T 25 16.24 62.37 -26.70
CA ALA T 25 14.81 62.32 -26.48
C ALA T 25 14.30 63.67 -25.97
N SER T 26 13.02 63.94 -26.27
CA SER T 26 12.39 65.18 -25.83
C SER T 26 12.07 65.16 -24.34
N GLN T 27 12.04 63.99 -23.72
CA GLN T 27 11.83 63.88 -22.29
C GLN T 27 12.51 62.61 -21.80
N ASP T 28 12.53 62.44 -20.49
CA ASP T 28 13.15 61.26 -19.91
C ASP T 28 12.39 60.01 -20.30
N ILE T 29 13.11 59.06 -20.90
CA ILE T 29 12.57 57.77 -21.30
C ILE T 29 13.35 56.63 -20.63
N VAL T 30 13.99 56.92 -19.50
CA VAL T 30 14.80 55.96 -18.76
C VAL T 30 15.84 55.36 -19.70
N ASN T 31 15.75 54.07 -19.96
CA ASN T 31 16.60 53.40 -20.93
C ASN T 31 15.75 52.65 -21.95
N TYR T 32 14.51 53.09 -22.13
CA TYR T 32 13.57 52.46 -23.05
C TYR T 32 13.80 52.99 -24.47
N LEU T 33 14.94 52.58 -25.04
CA LEU T 33 15.31 53.05 -26.36
C LEU T 33 15.90 51.90 -27.16
N ASN T 34 15.45 51.76 -28.40
CA ASN T 34 15.89 50.70 -29.30
C ASN T 34 16.68 51.29 -30.46
N TRP T 35 17.42 50.42 -31.14
CA TRP T 35 18.17 50.79 -32.33
C TRP T 35 17.85 49.81 -33.46
N TYR T 36 17.72 50.32 -34.67
CA TYR T 36 17.47 49.49 -35.83
C TYR T 36 18.44 49.81 -36.96
N GLN T 37 18.69 48.82 -37.79
CA GLN T 37 19.51 48.93 -38.99
C GLN T 37 18.63 48.67 -40.20
N GLN T 38 18.70 49.57 -41.18
CA GLN T 38 17.94 49.42 -42.42
C GLN T 38 18.87 49.53 -43.61
N LYS T 39 19.06 48.43 -44.30
CA LYS T 39 19.72 48.49 -45.59
C LYS T 39 18.71 48.95 -46.65
N PRO T 40 19.17 49.56 -47.74
CA PRO T 40 18.25 50.12 -48.74
C PRO T 40 17.16 49.16 -49.21
N GLY T 41 15.90 49.57 -49.03
CA GLY T 41 14.77 48.82 -49.55
C GLY T 41 14.34 47.62 -48.73
N LYS T 42 15.05 47.30 -47.65
CA LYS T 42 14.75 46.12 -46.84
C LYS T 42 14.00 46.53 -45.58
N ALA T 43 13.36 45.54 -44.96
CA ALA T 43 12.78 45.78 -43.65
C ALA T 43 13.89 46.07 -42.65
N PRO T 44 13.62 46.88 -41.63
CA PRO T 44 14.62 47.11 -40.59
C PRO T 44 14.90 45.86 -39.77
N LYS T 45 16.08 45.82 -39.18
CA LYS T 45 16.55 44.72 -38.35
C LYS T 45 16.85 45.27 -36.96
N LEU T 46 16.38 44.58 -35.93
CA LEU T 46 16.63 45.03 -34.56
C LEU T 46 18.08 44.75 -34.18
N LEU T 47 18.80 45.78 -33.77
CA LEU T 47 20.19 45.64 -33.31
C LEU T 47 20.32 45.77 -31.81
N ILE T 48 19.79 46.85 -31.24
CA ILE T 48 19.97 47.17 -29.83
C ILE T 48 18.61 47.46 -29.23
N TYR T 49 18.32 46.84 -28.10
CA TYR T 49 17.11 47.10 -27.33
C TYR T 49 17.48 47.36 -25.87
N VAL T 50 16.64 48.17 -25.21
CA VAL T 50 16.86 48.62 -23.84
C VAL T 50 18.24 49.26 -23.73
N ALA T 51 18.51 50.21 -24.62
CA ALA T 51 19.65 51.10 -24.55
C ALA T 51 20.99 50.43 -24.80
N SER T 52 21.17 49.18 -24.37
CA SER T 52 22.51 48.60 -24.41
C SER T 52 22.61 47.14 -24.80
N ASN T 53 21.50 46.40 -24.93
CA ASN T 53 21.58 44.98 -25.20
C ASN T 53 21.64 44.69 -26.69
N LEU T 54 22.62 43.89 -27.09
CA LEU T 54 22.81 43.51 -28.49
C LEU T 54 21.89 42.34 -28.85
N GLU T 55 21.23 42.44 -29.99
CA GLU T 55 20.40 41.33 -30.45
C GLU T 55 21.29 40.15 -30.85
N THR T 56 20.81 38.95 -30.57
CA THR T 56 21.52 37.75 -30.95
C THR T 56 21.72 37.70 -32.46
N GLY T 57 22.90 37.25 -32.89
CA GLY T 57 23.25 37.20 -34.29
C GLY T 57 23.75 38.51 -34.87
N VAL T 58 23.70 39.59 -34.11
CA VAL T 58 24.24 40.88 -34.55
C VAL T 58 25.72 40.85 -34.21
N PRO T 59 26.60 41.25 -35.14
CA PRO T 59 28.04 41.19 -34.86
C PRO T 59 28.39 41.91 -33.57
N SER T 60 29.37 41.36 -32.85
CA SER T 60 29.76 41.84 -31.53
C SER T 60 30.35 43.25 -31.54
N ARG T 61 30.71 43.80 -32.70
CA ARG T 61 31.32 45.13 -32.75
C ARG T 61 30.34 46.27 -32.46
N PHE T 62 29.03 46.02 -32.48
CA PHE T 62 28.03 47.05 -32.21
C PHE T 62 27.74 47.13 -30.73
N SER T 63 27.57 48.37 -30.24
CA SER T 63 27.20 48.58 -28.85
C SER T 63 26.42 49.87 -28.73
N GLY T 64 25.56 49.93 -27.72
CA GLY T 64 24.74 51.09 -27.48
C GLY T 64 24.87 51.54 -26.04
N SER T 65 24.71 52.85 -25.84
CA SER T 65 24.84 53.44 -24.51
C SER T 65 23.80 54.52 -24.34
N GLY T 66 23.67 54.98 -23.11
CA GLY T 66 22.82 56.10 -22.77
C GLY T 66 21.70 55.69 -21.82
N SER T 67 21.06 56.73 -21.28
CA SER T 67 19.90 56.59 -20.41
C SER T 67 19.33 57.98 -20.20
N GLY T 68 18.07 58.04 -19.79
CA GLY T 68 17.44 59.32 -19.55
C GLY T 68 16.98 60.02 -20.82
N THR T 69 17.73 61.04 -21.24
CA THR T 69 17.37 61.81 -22.42
C THR T 69 18.41 61.76 -23.54
N ASP T 70 19.62 61.27 -23.26
CA ASP T 70 20.69 61.21 -24.25
C ASP T 70 21.22 59.79 -24.35
N PHE T 71 21.34 59.30 -25.58
CA PHE T 71 21.78 57.94 -25.85
C PHE T 71 22.82 57.96 -26.95
N SER T 72 23.58 56.88 -27.06
CA SER T 72 24.61 56.76 -28.08
C SER T 72 24.66 55.33 -28.61
N LEU T 73 25.03 55.21 -29.89
CA LEU T 73 25.24 53.93 -30.56
C LEU T 73 26.65 53.93 -31.15
N THR T 74 27.41 52.86 -30.89
CA THR T 74 28.82 52.81 -31.27
C THR T 74 29.12 51.56 -32.08
N ILE T 75 29.81 51.75 -33.20
CA ILE T 75 30.37 50.66 -34.01
C ILE T 75 31.88 50.70 -33.83
N SER T 76 32.44 49.63 -33.26
CA SER T 76 33.85 49.67 -32.87
C SER T 76 34.78 49.60 -34.07
N SER T 77 34.34 49.01 -35.18
CA SER T 77 35.19 48.89 -36.37
C SER T 77 34.27 48.83 -37.58
N LEU T 78 34.06 49.97 -38.21
CA LEU T 78 33.09 50.06 -39.30
C LEU T 78 33.50 49.18 -40.47
N GLN T 79 32.55 48.39 -40.96
CA GLN T 79 32.75 47.43 -42.02
C GLN T 79 31.91 47.77 -43.24
N PRO T 80 32.31 47.31 -44.43
CA PRO T 80 31.52 47.64 -45.63
C PRO T 80 30.07 47.21 -45.55
N GLU T 81 29.77 46.09 -44.90
CA GLU T 81 28.40 45.60 -44.78
C GLU T 81 27.56 46.38 -43.78
N ASP T 82 28.10 47.45 -43.19
CA ASP T 82 27.36 48.30 -42.27
C ASP T 82 26.67 49.46 -42.96
N VAL T 83 26.84 49.60 -44.27
CA VAL T 83 26.19 50.69 -44.99
C VAL T 83 24.68 50.53 -44.87
N ALA T 84 24.04 51.47 -44.20
CA ALA T 84 22.62 51.38 -43.91
C ALA T 84 22.15 52.66 -43.24
N THR T 85 20.86 52.75 -42.99
CA THR T 85 20.28 53.84 -42.22
C THR T 85 19.88 53.29 -40.85
N TYR T 86 20.25 54.00 -39.80
CA TYR T 86 20.01 53.56 -38.43
C TYR T 86 19.00 54.47 -37.76
N TYR T 87 18.10 53.87 -36.98
CA TYR T 87 17.05 54.59 -36.28
C TYR T 87 17.04 54.20 -34.81
N CYS T 88 16.87 55.20 -33.95
CA CYS T 88 16.54 54.97 -32.56
C CYS T 88 15.03 55.07 -32.39
N GLN T 89 14.52 54.41 -31.35
CA GLN T 89 13.08 54.33 -31.12
C GLN T 89 12.81 54.20 -29.63
N GLN T 90 11.92 55.04 -29.12
CA GLN T 90 11.54 55.00 -27.71
C GLN T 90 10.21 54.28 -27.53
N TYR T 91 10.02 53.71 -26.35
CA TYR T 91 8.74 53.11 -25.97
C TYR T 91 8.38 53.46 -24.53
N ASP T 92 8.85 54.61 -24.04
CA ASP T 92 8.49 55.04 -22.69
C ASP T 92 6.98 55.18 -22.54
N ASN T 93 6.33 55.82 -23.52
CA ASN T 93 4.89 55.92 -23.55
C ASN T 93 4.43 55.92 -25.00
N LEU T 94 3.18 55.79 -25.18
CA LEU T 94 2.69 55.77 -26.54
C LEU T 94 2.39 57.19 -27.03
N PRO T 95 2.52 57.45 -28.34
CA PRO T 95 2.90 56.54 -29.42
C PRO T 95 4.39 56.27 -29.51
N LEU T 96 4.76 55.08 -29.95
CA LEU T 96 6.14 54.76 -30.25
C LEU T 96 6.66 55.68 -31.33
N THR T 97 7.85 56.23 -31.13
CA THR T 97 8.41 57.20 -32.06
C THR T 97 9.84 56.83 -32.42
N PHE T 98 10.27 57.28 -33.59
CA PHE T 98 11.59 57.02 -34.13
C PHE T 98 12.37 58.32 -34.29
N GLY T 99 13.68 58.19 -34.41
CA GLY T 99 14.51 59.31 -34.80
C GLY T 99 14.36 59.64 -36.27
N GLY T 100 14.97 60.75 -36.66
CA GLY T 100 14.92 61.16 -38.06
C GLY T 100 15.76 60.27 -38.96
N GLY T 101 16.67 59.50 -38.39
CA GLY T 101 17.50 58.59 -39.13
C GLY T 101 18.88 59.15 -39.37
N THR T 102 19.86 58.24 -39.44
CA THR T 102 21.25 58.57 -39.74
C THR T 102 21.74 57.65 -40.83
N LYS T 103 22.10 58.22 -41.97
CA LYS T 103 22.60 57.42 -43.09
C LYS T 103 24.11 57.28 -42.95
N VAL T 104 24.58 56.03 -42.89
CA VAL T 104 25.99 55.74 -42.70
C VAL T 104 26.58 55.30 -44.04
N GLU T 105 27.64 55.98 -44.46
CA GLU T 105 28.32 55.73 -45.71
C GLU T 105 29.76 55.33 -45.44
N ILE T 106 30.32 54.52 -46.34
CA ILE T 106 31.71 54.08 -46.23
C ILE T 106 32.59 54.98 -47.07
N LYS T 107 33.66 55.48 -46.47
CA LYS T 107 34.69 56.21 -47.18
C LYS T 107 35.81 55.24 -47.53
N ARG T 108 36.09 55.08 -48.82
CA ARG T 108 37.12 54.15 -49.26
C ARG T 108 38.09 54.83 -50.22
N THR T 109 38.97 54.05 -50.84
CA THR T 109 39.84 54.60 -51.85
C THR T 109 39.07 54.80 -53.17
N VAL T 110 39.75 55.39 -54.15
CA VAL T 110 39.10 55.81 -55.38
C VAL T 110 39.20 54.70 -56.42
N ALA T 111 38.08 54.44 -57.11
CA ALA T 111 38.00 53.40 -58.13
C ALA T 111 37.31 53.95 -59.38
N ALA T 112 37.88 53.64 -60.54
CA ALA T 112 37.36 54.09 -61.82
C ALA T 112 36.18 53.23 -62.26
N PRO T 113 35.25 53.81 -63.02
CA PRO T 113 34.09 53.04 -63.50
C PRO T 113 34.38 52.27 -64.78
N SER T 114 33.82 51.07 -64.87
CA SER T 114 33.79 50.31 -66.11
C SER T 114 32.57 50.76 -66.92
N VAL T 115 32.81 51.23 -68.14
CA VAL T 115 31.80 51.92 -68.94
C VAL T 115 31.33 51.02 -70.08
N PHE T 116 30.03 50.76 -70.13
CA PHE T 116 29.39 49.92 -71.14
C PHE T 116 28.13 50.62 -71.64
N ILE T 117 27.86 50.48 -72.94
CA ILE T 117 26.69 51.08 -73.58
C ILE T 117 25.86 49.99 -74.24
N PHE T 118 24.53 50.15 -74.20
CA PHE T 118 23.60 49.20 -74.78
C PHE T 118 22.72 49.88 -75.81
N PRO T 119 22.60 49.33 -77.01
CA PRO T 119 21.69 49.88 -78.01
C PRO T 119 20.26 49.51 -77.67
N PRO T 120 19.27 50.14 -78.30
CA PRO T 120 17.89 49.70 -78.09
C PRO T 120 17.69 48.33 -78.69
N SER T 121 16.86 47.53 -78.01
CA SER T 121 16.67 46.14 -78.41
C SER T 121 15.84 46.03 -79.69
N ASP T 122 16.01 44.91 -80.39
CA ASP T 122 15.15 44.63 -81.53
C ASP T 122 13.71 44.39 -81.09
N GLU T 123 13.53 43.86 -79.88
CA GLU T 123 12.19 43.64 -79.36
C GLU T 123 11.48 44.96 -79.06
N GLN T 124 12.21 45.91 -78.49
CA GLN T 124 11.59 47.18 -78.12
C GLN T 124 11.34 48.05 -79.34
N LEU T 125 12.23 48.00 -80.34
CA LEU T 125 12.07 48.84 -81.52
C LEU T 125 10.76 48.56 -82.24
N LYS T 126 10.31 47.30 -82.21
CA LYS T 126 9.04 46.95 -82.83
C LYS T 126 7.87 47.64 -82.11
N SER T 127 7.99 47.85 -80.80
CA SER T 127 6.94 48.46 -80.00
C SER T 127 6.78 49.96 -80.23
N GLY T 128 7.72 50.61 -80.90
CA GLY T 128 7.61 52.03 -81.22
C GLY T 128 8.41 52.97 -80.35
N THR T 129 9.37 52.46 -79.57
CA THR T 129 10.22 53.29 -78.73
C THR T 129 11.62 52.71 -78.73
N ALA T 130 12.60 53.59 -78.52
CA ALA T 130 14.01 53.20 -78.50
C ALA T 130 14.65 53.81 -77.26
N SER T 131 15.26 52.96 -76.43
CA SER T 131 15.98 53.38 -75.25
C SER T 131 17.42 52.91 -75.36
N VAL T 132 18.36 53.84 -75.23
CA VAL T 132 19.79 53.55 -75.26
C VAL T 132 20.29 53.67 -73.83
N VAL T 133 20.91 52.60 -73.33
CA VAL T 133 21.30 52.49 -71.93
C VAL T 133 22.81 52.59 -71.82
N CYS T 134 23.26 53.37 -70.84
CA CYS T 134 24.67 53.56 -70.54
C CYS T 134 24.91 53.18 -69.09
N LEU T 135 26.04 52.52 -68.83
CA LEU T 135 26.28 51.91 -67.53
C LEU T 135 27.62 52.35 -66.97
N LEU T 136 27.63 52.78 -65.71
CA LEU T 136 28.84 52.98 -64.92
C LEU T 136 28.84 51.96 -63.79
N ASN T 137 29.82 51.07 -63.80
CA ASN T 137 29.80 49.88 -62.96
C ASN T 137 30.93 49.94 -61.95
N ASN T 138 30.57 49.86 -60.67
CA ASN T 138 31.51 49.72 -59.54
C ASN T 138 32.57 50.83 -59.55
N PHE T 139 32.11 52.02 -59.20
CA PHE T 139 32.96 53.20 -59.13
C PHE T 139 32.78 53.89 -57.79
N TYR T 140 33.73 54.79 -57.49
CA TYR T 140 33.72 55.62 -56.30
C TYR T 140 34.54 56.85 -56.62
N PRO T 141 34.13 58.05 -56.20
CA PRO T 141 32.98 58.38 -55.34
C PRO T 141 31.61 58.48 -56.00
N ARG T 142 30.64 58.90 -55.18
CA ARG T 142 29.25 59.05 -55.60
C ARG T 142 29.13 59.94 -56.83
N GLU T 143 29.98 60.96 -56.93
CA GLU T 143 29.80 62.01 -57.93
C GLU T 143 30.23 61.51 -59.31
N ALA T 144 29.32 61.55 -60.27
CA ALA T 144 29.64 61.26 -61.66
C ALA T 144 28.78 62.15 -62.56
N LYS T 145 29.17 62.21 -63.83
CA LYS T 145 28.45 62.98 -64.82
C LYS T 145 28.48 62.21 -66.14
N VAL T 146 27.32 62.14 -66.80
CA VAL T 146 27.19 61.49 -68.10
C VAL T 146 26.45 62.43 -69.03
N GLN T 147 27.10 62.87 -70.11
CA GLN T 147 26.43 63.66 -71.13
C GLN T 147 26.40 62.87 -72.44
N TRP T 148 25.19 62.66 -72.94
CA TRP T 148 24.97 61.91 -74.17
C TRP T 148 25.39 62.70 -75.40
N LYS T 149 25.74 61.98 -76.46
CA LYS T 149 26.10 62.56 -77.75
C LYS T 149 25.57 61.70 -78.87
N VAL T 150 24.62 62.22 -79.63
CA VAL T 150 24.10 61.56 -80.81
C VAL T 150 24.81 62.17 -82.01
N ASP T 151 25.40 61.31 -82.85
CA ASP T 151 26.37 61.75 -83.86
C ASP T 151 27.46 62.58 -83.22
N ASN T 152 27.32 63.90 -83.27
CA ASN T 152 28.26 64.80 -82.61
C ASN T 152 27.56 65.88 -81.78
N ALA T 153 26.23 65.83 -81.66
CA ALA T 153 25.47 66.83 -80.93
C ALA T 153 25.23 66.32 -79.50
N LEU T 154 25.69 67.07 -78.52
CA LEU T 154 25.42 66.74 -77.13
C LEU T 154 23.94 66.88 -76.84
N GLN T 155 23.36 65.86 -76.20
CA GLN T 155 21.94 65.86 -75.86
C GLN T 155 21.72 66.31 -74.41
N SER T 156 20.69 67.13 -74.22
CA SER T 156 20.41 67.77 -72.94
C SER T 156 18.95 67.53 -72.57
N GLY T 157 18.72 66.89 -71.42
CA GLY T 157 17.40 66.83 -70.83
C GLY T 157 16.43 65.86 -71.44
N ASN T 158 16.88 64.94 -72.29
CA ASN T 158 16.04 63.89 -72.83
C ASN T 158 16.39 62.52 -72.24
N SER T 159 16.93 62.52 -71.03
CA SER T 159 17.41 61.29 -70.40
C SER T 159 17.10 61.31 -68.92
N GLN T 160 17.12 60.12 -68.31
CA GLN T 160 16.83 59.94 -66.90
C GLN T 160 17.85 58.96 -66.35
N GLU T 161 18.45 59.30 -65.22
CA GLU T 161 19.51 58.48 -64.63
C GLU T 161 19.13 58.02 -63.22
N SER T 162 19.64 56.83 -62.86
CA SER T 162 19.41 56.20 -61.56
C SER T 162 20.72 55.65 -61.01
N VAL T 163 20.93 55.86 -59.70
CA VAL T 163 22.18 55.48 -59.03
C VAL T 163 21.87 54.47 -57.94
N THR T 164 22.66 53.40 -57.88
CA THR T 164 22.50 52.42 -56.82
C THR T 164 22.99 52.99 -55.49
N GLU T 165 22.55 52.35 -54.40
CA GLU T 165 23.13 52.64 -53.12
C GLU T 165 24.52 52.02 -53.03
N GLN T 166 25.26 52.41 -51.99
CA GLN T 166 26.61 51.88 -51.79
C GLN T 166 26.56 50.37 -51.55
N ASP T 167 27.39 49.64 -52.29
CA ASP T 167 27.34 48.19 -52.29
C ASP T 167 27.79 47.61 -50.94
N SER T 168 27.14 46.52 -50.54
CA SER T 168 27.29 45.96 -49.20
C SER T 168 28.59 45.20 -48.98
N LYS T 169 29.31 44.81 -50.04
CA LYS T 169 30.52 44.02 -49.86
C LYS T 169 31.81 44.76 -50.19
N ASP T 170 31.76 45.76 -51.07
CA ASP T 170 32.96 46.49 -51.43
C ASP T 170 32.78 48.00 -51.51
N SER T 171 31.61 48.54 -51.18
CA SER T 171 31.42 49.97 -50.97
C SER T 171 31.56 50.79 -52.24
N THR T 172 31.25 50.22 -53.40
CA THR T 172 31.24 50.97 -54.65
C THR T 172 29.82 51.33 -55.07
N TYR T 173 29.71 52.18 -56.07
CA TYR T 173 28.42 52.60 -56.60
C TYR T 173 28.27 52.15 -58.05
N SER T 174 27.02 52.14 -58.51
CA SER T 174 26.71 51.91 -59.91
C SER T 174 25.67 52.92 -60.37
N LEU T 175 25.71 53.25 -61.66
CA LEU T 175 24.84 54.27 -62.23
C LEU T 175 24.38 53.81 -63.61
N SER T 176 23.07 53.89 -63.83
CA SER T 176 22.46 53.56 -65.12
C SER T 176 21.74 54.78 -65.66
N SER T 177 22.03 55.13 -66.92
CA SER T 177 21.38 56.23 -67.59
C SER T 177 20.63 55.70 -68.81
N THR T 178 19.39 56.15 -68.98
CA THR T 178 18.56 55.74 -70.11
C THR T 178 18.20 56.95 -70.94
N LEU T 179 18.48 56.89 -72.24
CA LEU T 179 18.18 57.95 -73.19
C LEU T 179 16.97 57.52 -74.03
N THR T 180 15.83 58.17 -73.80
CA THR T 180 14.58 57.79 -74.42
C THR T 180 14.22 58.74 -75.55
N LEU T 181 13.95 58.18 -76.73
CA LEU T 181 13.50 58.95 -77.89
C LEU T 181 12.46 58.14 -78.63
N SER T 182 11.82 58.79 -79.60
CA SER T 182 10.80 58.10 -80.39
C SER T 182 11.45 57.22 -81.45
N LYS T 183 10.66 56.24 -81.91
CA LYS T 183 11.15 55.30 -82.92
C LYS T 183 11.52 56.03 -84.21
N ALA T 184 10.77 57.07 -84.57
CA ALA T 184 11.06 57.82 -85.78
C ALA T 184 12.42 58.50 -85.69
N ASP T 185 12.73 59.08 -84.51
CA ASP T 185 13.96 59.83 -84.33
C ASP T 185 15.18 58.92 -84.18
N TYR T 186 15.00 57.66 -83.75
CA TYR T 186 16.16 56.77 -83.64
C TYR T 186 16.72 56.43 -85.01
N GLU T 187 15.88 56.04 -85.96
CA GLU T 187 16.38 55.72 -87.29
C GLU T 187 16.78 56.95 -88.09
N LYS T 188 16.70 58.13 -87.47
CA LYS T 188 17.14 59.36 -88.12
C LYS T 188 18.65 59.52 -88.04
N HIS T 189 19.28 58.96 -87.01
CA HIS T 189 20.72 59.03 -86.81
C HIS T 189 21.31 57.63 -86.79
N LYS T 190 22.64 57.55 -86.73
CA LYS T 190 23.33 56.28 -86.86
C LYS T 190 24.16 55.93 -85.64
N VAL T 191 25.10 56.80 -85.24
CA VAL T 191 26.07 56.49 -84.19
C VAL T 191 25.66 57.21 -82.90
N TYR T 192 25.44 56.43 -81.86
CA TYR T 192 25.06 56.92 -80.55
C TYR T 192 26.20 56.68 -79.58
N ALA T 193 26.48 57.67 -78.72
CA ALA T 193 27.55 57.54 -77.74
C ALA T 193 27.14 58.14 -76.40
N CYS T 194 27.69 57.58 -75.33
CA CYS T 194 27.60 58.16 -73.99
C CYS T 194 29.02 58.34 -73.46
N GLU T 195 29.35 59.56 -73.06
CA GLU T 195 30.67 59.90 -72.57
C GLU T 195 30.63 60.16 -71.07
N VAL T 196 31.61 59.61 -70.35
CA VAL T 196 31.61 59.60 -68.90
C VAL T 196 32.94 60.15 -68.39
N THR T 197 32.86 61.14 -67.52
CA THR T 197 34.00 61.68 -66.78
C THR T 197 33.86 61.35 -65.31
N HIS T 198 35.01 61.18 -64.64
CA HIS T 198 35.03 60.81 -63.23
C HIS T 198 36.44 61.07 -62.71
N GLN T 199 36.56 61.17 -61.39
CA GLN T 199 37.87 61.41 -60.79
C GLN T 199 38.78 60.19 -60.88
N GLY T 200 38.24 59.04 -61.23
CA GLY T 200 39.01 57.82 -61.34
C GLY T 200 39.59 57.55 -62.70
N LEU T 201 39.25 58.36 -63.70
CA LEU T 201 39.78 58.21 -65.05
C LEU T 201 40.72 59.37 -65.38
N SER T 202 41.88 59.04 -65.95
CA SER T 202 42.79 60.08 -66.39
C SER T 202 42.22 60.85 -67.58
N SER T 203 41.60 60.15 -68.52
CA SER T 203 40.96 60.71 -69.70
C SER T 203 39.48 60.32 -69.72
N PRO T 204 38.62 61.16 -70.30
CA PRO T 204 37.20 60.80 -70.35
C PRO T 204 36.97 59.58 -71.22
N VAL T 205 36.15 58.67 -70.73
CA VAL T 205 35.89 57.39 -71.40
C VAL T 205 34.64 57.55 -72.26
N THR T 206 34.74 57.14 -73.52
CA THR T 206 33.63 57.20 -74.45
C THR T 206 33.32 55.80 -74.98
N LYS T 207 32.04 55.42 -74.95
CA LYS T 207 31.56 54.20 -75.59
C LYS T 207 30.48 54.57 -76.59
N SER T 208 30.61 54.05 -77.81
CA SER T 208 29.66 54.35 -78.88
C SER T 208 29.30 53.08 -79.63
N PHE T 209 28.35 53.19 -80.56
CA PHE T 209 27.94 52.07 -81.39
C PHE T 209 27.30 52.59 -82.67
N ASN T 210 27.30 51.74 -83.70
CA ASN T 210 26.68 52.03 -84.98
C ASN T 210 25.37 51.26 -85.11
N ARG T 211 24.32 51.94 -85.54
CA ARG T 211 23.00 51.32 -85.65
C ARG T 211 22.96 50.21 -86.72
N ASP U 1 61.83 45.50 2.57
CA ASP U 1 61.22 45.64 1.25
C ASP U 1 60.79 44.29 0.72
N ILE U 2 59.81 44.29 -0.19
CA ILE U 2 59.38 43.07 -0.85
C ILE U 2 60.17 42.94 -2.14
N GLN U 3 60.89 41.83 -2.29
CA GLN U 3 61.69 41.59 -3.49
C GLN U 3 60.89 40.79 -4.51
N MET U 4 60.90 41.26 -5.75
CA MET U 4 60.21 40.60 -6.85
C MET U 4 61.23 39.94 -7.78
N THR U 5 61.03 38.66 -8.06
CA THR U 5 61.95 37.86 -8.86
C THR U 5 61.31 37.55 -10.20
N GLN U 6 61.86 38.12 -11.26
CA GLN U 6 61.33 37.86 -12.59
C GLN U 6 62.26 36.89 -13.31
N SER U 7 61.67 35.86 -13.93
CA SER U 7 62.42 34.81 -14.57
C SER U 7 61.67 34.38 -15.83
N PRO U 8 62.37 34.20 -16.97
CA PRO U 8 63.81 34.44 -17.14
C PRO U 8 64.14 35.92 -17.35
N SER U 9 65.44 36.21 -17.51
CA SER U 9 65.85 37.58 -17.79
C SER U 9 65.61 37.93 -19.25
N SER U 10 65.74 36.94 -20.13
CA SER U 10 65.49 37.12 -21.55
C SER U 10 65.06 35.77 -22.12
N LEU U 11 64.31 35.84 -23.22
CA LEU U 11 63.90 34.62 -23.91
C LEU U 11 63.73 34.94 -25.39
N SER U 12 63.90 33.93 -26.22
CA SER U 12 63.75 34.06 -27.67
C SER U 12 62.74 33.03 -28.14
N ALA U 13 61.68 33.50 -28.81
CA ALA U 13 60.63 32.63 -29.29
C ALA U 13 60.18 33.09 -30.67
N ALA U 14 59.67 32.13 -31.45
CA ALA U 14 59.19 32.43 -32.78
C ALA U 14 57.78 33.02 -32.71
N VAL U 15 57.38 33.69 -33.80
CA VAL U 15 56.05 34.27 -33.88
C VAL U 15 55.00 33.18 -33.86
N GLY U 16 53.96 33.36 -33.04
CA GLY U 16 52.89 32.39 -32.92
C GLY U 16 53.06 31.43 -31.76
N ASP U 17 54.16 31.49 -31.03
CA ASP U 17 54.41 30.61 -29.91
C ASP U 17 53.65 31.07 -28.68
N ARG U 18 53.47 30.14 -27.74
CA ARG U 18 52.88 30.47 -26.45
C ARG U 18 54.00 30.76 -25.46
N VAL U 19 53.99 31.97 -24.90
CA VAL U 19 55.08 32.45 -24.05
C VAL U 19 54.50 32.75 -22.68
N THR U 20 55.18 32.29 -21.63
CA THR U 20 54.78 32.51 -20.26
C THR U 20 55.96 33.11 -19.50
N ILE U 21 55.70 34.15 -18.72
CA ILE U 21 56.71 34.79 -17.88
C ILE U 21 56.24 34.71 -16.44
N THR U 22 57.18 34.44 -15.53
CA THR U 22 56.87 34.18 -14.14
C THR U 22 57.42 35.29 -13.27
N CYS U 23 56.68 35.60 -12.20
CA CYS U 23 57.08 36.58 -11.20
C CYS U 23 56.88 35.96 -9.82
N GLN U 24 57.92 36.02 -8.99
CA GLN U 24 57.87 35.51 -7.62
C GLN U 24 58.09 36.66 -6.64
N ALA U 25 57.33 36.64 -5.56
CA ALA U 25 57.45 37.62 -4.49
C ALA U 25 58.19 37.01 -3.30
N SER U 26 58.86 37.87 -2.54
CA SER U 26 59.57 37.42 -1.35
C SER U 26 58.64 37.11 -0.18
N GLN U 27 57.38 37.55 -0.25
CA GLN U 27 56.39 37.19 0.76
C GLN U 27 55.02 37.19 0.10
N ASP U 28 54.01 36.74 0.85
CA ASP U 28 52.65 36.69 0.34
C ASP U 28 52.10 38.08 0.08
N ILE U 29 51.66 38.33 -1.15
CA ILE U 29 51.10 39.61 -1.54
C ILE U 29 49.67 39.46 -2.08
N VAL U 30 48.99 38.37 -1.72
CA VAL U 30 47.64 38.07 -2.19
C VAL U 30 47.62 38.08 -3.71
N ASN U 31 46.90 39.04 -4.30
CA ASN U 31 46.91 39.26 -5.74
C ASN U 31 47.24 40.71 -6.09
N TYR U 32 47.95 41.39 -5.19
CA TYR U 32 48.28 42.81 -5.40
C TYR U 32 49.51 42.91 -6.28
N LEU U 33 49.33 42.52 -7.54
CA LEU U 33 50.43 42.49 -8.49
C LEU U 33 49.98 43.01 -9.84
N ASN U 34 50.78 43.87 -10.45
CA ASN U 34 50.52 44.45 -11.75
C ASN U 34 51.58 43.99 -12.74
N TRP U 35 51.27 44.12 -14.03
CA TRP U 35 52.19 43.80 -15.11
C TRP U 35 52.27 45.00 -16.05
N TYR U 36 53.49 45.32 -16.50
CA TYR U 36 53.70 46.46 -17.38
C TYR U 36 54.55 46.07 -18.58
N GLN U 37 54.35 46.80 -19.67
CA GLN U 37 55.14 46.67 -20.90
C GLN U 37 55.85 47.98 -21.19
N GLN U 38 57.15 47.90 -21.50
CA GLN U 38 57.93 49.07 -21.86
C GLN U 38 58.59 48.84 -23.22
N LYS U 39 58.17 49.60 -24.21
CA LYS U 39 58.94 49.57 -25.44
C LYS U 39 60.20 50.43 -25.27
N PRO U 40 61.28 50.10 -25.99
CA PRO U 40 62.54 50.85 -25.82
C PRO U 40 62.37 52.36 -25.95
N GLY U 41 62.75 53.09 -24.91
CA GLY U 41 62.72 54.53 -24.90
C GLY U 41 61.36 55.14 -24.63
N LYS U 42 60.31 54.34 -24.51
CA LYS U 42 58.96 54.84 -24.27
C LYS U 42 58.57 54.58 -22.81
N ALA U 43 57.54 55.31 -22.38
CA ALA U 43 56.98 55.08 -21.07
C ALA U 43 56.36 53.68 -21.01
N PRO U 44 56.37 53.06 -19.83
CA PRO U 44 55.67 51.78 -19.67
C PRO U 44 54.17 51.92 -19.82
N LYS U 45 53.53 50.84 -20.24
CA LYS U 45 52.09 50.81 -20.44
C LYS U 45 51.49 49.70 -19.58
N LEU U 46 50.41 50.03 -18.88
CA LEU U 46 49.77 49.08 -17.99
C LEU U 46 49.06 48.00 -18.81
N LEU U 47 49.40 46.74 -18.56
CA LEU U 47 48.76 45.63 -19.25
C LEU U 47 47.77 44.90 -18.37
N ILE U 48 48.19 44.48 -17.18
CA ILE U 48 47.39 43.67 -16.28
C ILE U 48 47.43 44.32 -14.90
N TYR U 49 46.27 44.46 -14.28
CA TYR U 49 46.20 44.97 -12.92
C TYR U 49 45.40 44.01 -12.05
N VAL U 50 45.79 43.96 -10.78
CA VAL U 50 45.28 43.01 -9.81
C VAL U 50 45.44 41.60 -10.40
N ALA U 51 46.66 41.30 -10.83
CA ALA U 51 47.12 39.96 -11.18
C ALA U 51 46.50 39.39 -12.46
N SER U 52 45.24 39.70 -12.76
CA SER U 52 44.59 38.98 -13.84
C SER U 52 43.66 39.79 -14.73
N ASN U 53 43.36 41.05 -14.43
CA ASN U 53 42.40 41.79 -15.23
C ASN U 53 43.06 42.48 -16.40
N LEU U 54 42.48 42.29 -17.58
CA LEU U 54 43.01 42.86 -18.81
C LEU U 54 42.60 44.33 -18.94
N GLU U 55 43.58 45.17 -19.29
CA GLU U 55 43.30 46.57 -19.54
C GLU U 55 42.57 46.76 -20.85
N THR U 56 41.65 47.73 -20.88
CA THR U 56 40.94 48.05 -22.11
C THR U 56 41.93 48.49 -23.19
N GLY U 57 41.70 48.03 -24.41
CA GLY U 57 42.57 48.31 -25.53
C GLY U 57 43.80 47.44 -25.62
N VAL U 58 44.05 46.59 -24.63
CA VAL U 58 45.15 45.65 -24.68
C VAL U 58 44.64 44.39 -25.37
N PRO U 59 45.36 43.85 -26.36
CA PRO U 59 44.86 42.67 -27.07
C PRO U 59 44.53 41.51 -26.13
N SER U 60 43.48 40.77 -26.50
CA SER U 60 42.97 39.69 -25.65
C SER U 60 43.96 38.55 -25.49
N ARG U 61 45.02 38.50 -26.29
CA ARG U 61 45.99 37.40 -26.18
C ARG U 61 46.80 37.46 -24.90
N PHE U 62 46.81 38.60 -24.21
CA PHE U 62 47.49 38.73 -22.94
C PHE U 62 46.57 38.31 -21.80
N SER U 63 47.12 37.60 -20.83
CA SER U 63 46.37 37.17 -19.66
C SER U 63 47.30 37.05 -18.47
N GLY U 64 46.74 37.21 -17.28
CA GLY U 64 47.52 37.11 -16.06
C GLY U 64 46.90 36.12 -15.10
N SER U 65 47.76 35.46 -14.33
CA SER U 65 47.33 34.45 -13.37
C SER U 65 48.24 34.51 -12.15
N GLY U 66 47.85 33.78 -11.12
CA GLY U 66 48.66 33.62 -9.93
C GLY U 66 47.99 34.19 -8.69
N SER U 67 48.59 33.88 -7.56
CA SER U 67 48.18 34.39 -6.25
C SER U 67 49.25 34.00 -5.24
N GLY U 68 49.25 34.70 -4.12
CA GLY U 68 50.22 34.43 -3.07
C GLY U 68 51.59 35.01 -3.34
N THR U 69 52.56 34.16 -3.70
CA THR U 69 53.92 34.61 -3.93
C THR U 69 54.41 34.37 -5.35
N ASP U 70 53.69 33.59 -6.15
CA ASP U 70 54.10 33.25 -7.50
C ASP U 70 52.98 33.65 -8.46
N PHE U 71 53.34 34.37 -9.52
CA PHE U 71 52.38 34.87 -10.49
C PHE U 71 52.89 34.59 -11.89
N SER U 72 51.99 34.69 -12.86
CA SER U 72 52.35 34.41 -14.25
C SER U 72 51.70 35.41 -15.18
N LEU U 73 52.38 35.64 -16.29
CA LEU U 73 51.89 36.45 -17.40
C LEU U 73 51.94 35.60 -18.66
N THR U 74 50.85 35.57 -19.41
CA THR U 74 50.71 34.68 -20.55
C THR U 74 50.38 35.46 -21.81
N ILE U 75 51.18 35.26 -22.85
CA ILE U 75 50.90 35.75 -24.20
C ILE U 75 50.59 34.53 -25.05
N SER U 76 49.35 34.42 -25.52
CA SER U 76 48.93 33.21 -26.21
C SER U 76 49.48 33.11 -27.63
N SER U 77 49.81 34.24 -28.26
CA SER U 77 50.33 34.22 -29.63
C SER U 77 51.19 35.47 -29.80
N LEU U 78 52.50 35.31 -29.63
CA LEU U 78 53.43 36.43 -29.66
C LEU U 78 53.43 37.09 -31.05
N GLN U 79 53.34 38.41 -31.06
CA GLN U 79 53.24 39.21 -32.28
C GLN U 79 54.42 40.17 -32.42
N PRO U 80 54.72 40.63 -33.64
CA PRO U 80 55.91 41.49 -33.85
C PRO U 80 55.94 42.75 -33.01
N GLU U 81 54.81 43.40 -32.77
CA GLU U 81 54.80 44.65 -31.99
C GLU U 81 54.95 44.42 -30.49
N ASP U 82 55.17 43.18 -30.07
CA ASP U 82 55.32 42.84 -28.65
C ASP U 82 56.77 42.88 -28.15
N VAL U 83 57.75 43.18 -29.01
CA VAL U 83 59.15 43.29 -28.60
C VAL U 83 59.31 44.40 -27.58
N ALA U 84 59.64 44.03 -26.34
CA ALA U 84 59.71 44.99 -25.24
C ALA U 84 60.25 44.25 -24.02
N THR U 85 60.45 45.01 -22.95
CA THR U 85 60.80 44.47 -21.65
C THR U 85 59.58 44.56 -20.75
N TYR U 86 59.26 43.47 -20.07
CA TYR U 86 58.05 43.36 -19.28
C TYR U 86 58.39 43.30 -17.80
N TYR U 87 57.58 43.98 -16.98
CA TYR U 87 57.83 44.08 -15.54
C TYR U 87 56.57 43.70 -14.77
N CYS U 88 56.76 42.94 -13.70
CA CYS U 88 55.73 42.75 -12.69
C CYS U 88 55.98 43.74 -11.55
N GLN U 89 54.92 44.07 -10.83
CA GLN U 89 55.01 45.07 -9.78
C GLN U 89 54.01 44.74 -8.70
N GLN U 90 54.46 44.78 -7.45
CA GLN U 90 53.60 44.51 -6.31
C GLN U 90 53.14 45.82 -5.68
N TYR U 91 51.99 45.75 -5.01
CA TYR U 91 51.50 46.88 -4.22
C TYR U 91 50.93 46.39 -2.89
N ASP U 92 51.43 45.26 -2.40
CA ASP U 92 50.99 44.77 -1.09
C ASP U 92 51.30 45.77 0.01
N ASN U 93 52.51 46.34 0.00
CA ASN U 93 52.88 47.35 0.98
C ASN U 93 53.83 48.34 0.34
N LEU U 94 54.05 49.34 1.00
CA LEU U 94 55.02 50.26 0.43
C LEU U 94 56.43 49.86 0.89
N PRO U 95 57.46 50.11 0.09
CA PRO U 95 57.38 50.78 -1.21
C PRO U 95 56.92 49.87 -2.34
N LEU U 96 56.21 50.45 -3.30
CA LEU U 96 55.89 49.71 -4.51
C LEU U 96 57.18 49.32 -5.20
N THR U 97 57.28 48.06 -5.61
CA THR U 97 58.52 47.58 -6.21
C THR U 97 58.21 46.83 -7.49
N PHE U 98 59.21 46.79 -8.36
CA PHE U 98 59.11 46.16 -9.68
C PHE U 98 60.00 44.94 -9.75
N GLY U 99 59.70 44.08 -10.73
CA GLY U 99 60.59 42.99 -11.06
C GLY U 99 61.80 43.46 -11.84
N GLY U 100 62.74 42.54 -12.02
CA GLY U 100 63.95 42.87 -12.76
C GLY U 100 63.72 43.01 -14.26
N GLY U 101 62.62 42.48 -14.76
CA GLY U 101 62.30 42.58 -16.16
C GLY U 101 62.64 41.32 -16.93
N THR U 102 61.87 41.06 -17.98
CA THR U 102 62.11 39.96 -18.90
C THR U 102 62.06 40.52 -20.32
N LYS U 103 63.16 40.43 -21.03
CA LYS U 103 63.26 40.95 -22.39
C LYS U 103 62.85 39.85 -23.38
N VAL U 104 61.83 40.17 -24.20
CA VAL U 104 61.29 39.22 -25.17
C VAL U 104 61.83 39.59 -26.54
N GLU U 105 62.44 38.62 -27.21
CA GLU U 105 63.08 38.82 -28.50
C GLU U 105 62.43 37.94 -29.56
N ILE U 106 62.42 38.42 -30.81
CA ILE U 106 61.84 37.67 -31.92
C ILE U 106 62.96 36.94 -32.65
N LYS U 107 62.79 35.63 -32.81
CA LYS U 107 63.71 34.81 -33.58
C LYS U 107 63.19 34.54 -34.99
N ALA U 111 67.58 39.10 -41.47
CA ALA U 111 67.68 40.07 -42.56
C ALA U 111 69.11 40.61 -42.68
N ALA U 112 69.60 40.68 -43.92
CA ALA U 112 70.94 41.17 -44.21
C ALA U 112 71.01 42.70 -44.17
N PRO U 113 72.15 43.26 -43.75
CA PRO U 113 72.29 44.72 -43.72
C PRO U 113 72.76 45.33 -45.03
N SER U 114 72.19 46.48 -45.36
CA SER U 114 72.71 47.34 -46.42
C SER U 114 73.71 48.32 -45.81
N VAL U 115 74.94 48.33 -46.33
CA VAL U 115 76.04 49.07 -45.73
C VAL U 115 76.37 50.28 -46.60
N PHE U 116 76.31 51.47 -46.01
CA PHE U 116 76.54 52.74 -46.70
C PHE U 116 77.45 53.62 -45.87
N ILE U 117 78.31 54.39 -46.56
CA ILE U 117 79.27 55.29 -45.92
C ILE U 117 79.04 56.71 -46.44
N PHE U 118 79.22 57.69 -45.55
CA PHE U 118 79.08 59.11 -45.86
C PHE U 118 80.38 59.84 -45.52
N PRO U 119 80.89 60.67 -46.42
CA PRO U 119 82.12 61.43 -46.12
C PRO U 119 81.83 62.58 -45.18
N PRO U 120 82.85 63.16 -44.56
CA PRO U 120 82.62 64.36 -43.75
C PRO U 120 82.27 65.55 -44.62
N SER U 121 81.41 66.41 -44.09
CA SER U 121 80.92 67.54 -44.85
C SER U 121 82.02 68.58 -45.04
N ASP U 122 81.86 69.38 -46.10
CA ASP U 122 82.75 70.53 -46.29
C ASP U 122 82.54 71.56 -45.20
N GLU U 123 81.33 71.63 -44.64
CA GLU U 123 81.04 72.56 -43.56
C GLU U 123 81.78 72.18 -42.28
N GLN U 124 81.84 70.88 -41.97
CA GLN U 124 82.47 70.44 -40.72
C GLN U 124 83.99 70.54 -40.80
N LEU U 125 84.57 70.26 -41.96
CA LEU U 125 86.03 70.29 -42.11
C LEU U 125 86.59 71.67 -41.80
N LYS U 126 85.82 72.73 -42.08
CA LYS U 126 86.28 74.08 -41.77
C LYS U 126 86.43 74.28 -40.26
N SER U 127 85.60 73.60 -39.45
CA SER U 127 85.64 73.73 -38.00
C SER U 127 86.84 73.05 -37.36
N GLY U 128 87.57 72.20 -38.09
CA GLY U 128 88.76 71.55 -37.58
C GLY U 128 88.58 70.12 -37.14
N THR U 129 87.49 69.47 -37.52
CA THR U 129 87.24 68.07 -37.18
C THR U 129 86.59 67.39 -38.38
N ALA U 130 86.81 66.08 -38.49
CA ALA U 130 86.28 65.29 -39.58
C ALA U 130 85.65 64.05 -38.99
N SER U 131 84.37 63.82 -39.29
CA SER U 131 83.67 62.61 -38.87
C SER U 131 83.22 61.85 -40.11
N VAL U 132 83.64 60.60 -40.21
CA VAL U 132 83.27 59.71 -41.31
C VAL U 132 82.32 58.66 -40.75
N VAL U 133 81.13 58.55 -41.35
CA VAL U 133 80.06 57.72 -40.81
C VAL U 133 79.88 56.50 -41.70
N CYS U 134 79.73 55.34 -41.06
CA CYS U 134 79.47 54.07 -41.72
C CYS U 134 78.20 53.46 -41.13
N LEU U 135 77.37 52.86 -41.97
CA LEU U 135 76.03 52.48 -41.55
C LEU U 135 75.75 51.01 -41.85
N LEU U 136 75.25 50.30 -40.85
CA LEU U 136 74.66 48.96 -41.02
C LEU U 136 73.18 49.06 -40.67
N ASN U 137 72.31 48.84 -41.67
CA ASN U 137 70.90 49.17 -41.59
C ASN U 137 70.02 47.92 -41.70
N ASN U 138 69.14 47.72 -40.71
CA ASN U 138 68.09 46.68 -40.72
C ASN U 138 68.69 45.29 -40.95
N PHE U 139 69.39 44.82 -39.93
CA PHE U 139 70.01 43.51 -39.96
C PHE U 139 69.62 42.71 -38.73
N TYR U 140 69.90 41.41 -38.80
CA TYR U 140 69.62 40.47 -37.71
C TYR U 140 70.59 39.32 -37.88
N PRO U 141 71.21 38.83 -36.79
CA PRO U 141 71.02 39.23 -35.39
C PRO U 141 71.80 40.48 -34.97
N ARG U 142 71.73 40.79 -33.66
CA ARG U 142 72.39 41.97 -33.10
C ARG U 142 73.88 42.05 -33.42
N GLU U 143 74.56 40.90 -33.44
CA GLU U 143 76.02 40.89 -33.45
C GLU U 143 76.57 41.25 -34.83
N ALA U 144 77.38 42.31 -34.88
CA ALA U 144 78.10 42.69 -36.08
C ALA U 144 79.45 43.25 -35.67
N LYS U 145 80.34 43.41 -36.65
CA LYS U 145 81.67 43.95 -36.41
C LYS U 145 82.05 44.86 -37.56
N VAL U 146 82.61 46.02 -37.24
CA VAL U 146 83.04 47.01 -38.22
C VAL U 146 84.48 47.42 -37.91
N GLN U 147 85.39 47.17 -38.85
CA GLN U 147 86.77 47.65 -38.73
C GLN U 147 87.03 48.64 -39.85
N TRP U 148 87.42 49.86 -39.47
CA TRP U 148 87.73 50.88 -40.45
C TRP U 148 89.06 50.58 -41.14
N LYS U 149 89.17 51.04 -42.39
CA LYS U 149 90.38 50.89 -43.17
C LYS U 149 90.58 52.16 -44.00
N VAL U 150 91.60 52.94 -43.66
CA VAL U 150 91.96 54.14 -44.42
C VAL U 150 93.14 53.80 -45.30
N ASP U 151 93.02 54.11 -46.60
CA ASP U 151 93.92 53.56 -47.61
C ASP U 151 93.95 52.04 -47.49
N ASN U 152 94.94 51.48 -46.80
CA ASN U 152 94.96 50.04 -46.54
C ASN U 152 95.32 49.71 -45.09
N ALA U 153 95.43 50.69 -44.21
CA ALA U 153 95.83 50.45 -42.83
C ALA U 153 94.60 50.28 -41.94
N LEU U 154 94.49 49.12 -41.29
CA LEU U 154 93.39 48.89 -40.35
C LEU U 154 93.51 49.84 -39.17
N GLN U 155 92.40 50.47 -38.81
CA GLN U 155 92.37 51.43 -37.72
C GLN U 155 91.92 50.77 -36.41
N SER U 156 92.56 51.15 -35.31
CA SER U 156 92.29 50.57 -34.00
C SER U 156 92.02 51.69 -33.01
N GLY U 157 90.80 51.71 -32.47
CA GLY U 157 90.45 52.56 -31.34
C GLY U 157 90.21 54.03 -31.63
N ASN U 158 90.05 54.42 -32.88
CA ASN U 158 89.73 55.82 -33.23
C ASN U 158 88.30 55.98 -33.76
N SER U 159 87.38 55.12 -33.34
CA SER U 159 86.01 55.15 -33.84
C SER U 159 85.04 54.89 -32.70
N GLN U 160 83.77 55.26 -32.94
CA GLN U 160 82.72 55.12 -31.94
C GLN U 160 81.47 54.58 -32.62
N GLU U 161 80.84 53.57 -32.03
CA GLU U 161 79.67 52.94 -32.63
C GLU U 161 78.45 53.05 -31.71
N SER U 162 77.28 53.13 -32.35
CA SER U 162 76.00 53.16 -31.66
C SER U 162 75.02 52.24 -32.37
N VAL U 163 74.25 51.47 -31.59
CA VAL U 163 73.33 50.47 -32.12
C VAL U 163 71.92 50.80 -31.66
N THR U 164 70.97 50.76 -32.60
CA THR U 164 69.57 50.96 -32.26
C THR U 164 69.00 49.73 -31.56
N GLU U 165 67.87 49.94 -30.89
CA GLU U 165 67.09 48.84 -30.35
C GLU U 165 66.39 48.09 -31.48
N GLN U 166 65.81 46.94 -31.15
CA GLN U 166 65.12 46.12 -32.13
C GLN U 166 63.95 46.88 -32.75
N ASP U 167 63.89 46.88 -34.07
CA ASP U 167 62.89 47.67 -34.79
C ASP U 167 61.50 47.13 -34.49
N SER U 168 60.54 48.06 -34.36
CA SER U 168 59.20 47.72 -33.86
C SER U 168 58.31 47.02 -34.89
N LYS U 169 58.64 47.06 -36.18
CA LYS U 169 57.74 46.47 -37.18
C LYS U 169 58.29 45.20 -37.84
N ASP U 170 59.61 45.03 -37.90
CA ASP U 170 60.19 43.84 -38.52
C ASP U 170 61.32 43.23 -37.70
N SER U 171 61.59 43.73 -36.50
CA SER U 171 62.45 43.09 -35.51
C SER U 171 63.93 43.04 -35.94
N THR U 172 64.38 44.00 -36.74
CA THR U 172 65.79 44.08 -37.10
C THR U 172 66.47 45.20 -36.30
N TYR U 173 67.80 45.23 -36.37
CA TYR U 173 68.60 46.22 -35.69
C TYR U 173 69.32 47.10 -36.70
N SER U 174 69.80 48.25 -36.22
CA SER U 174 70.65 49.13 -37.02
C SER U 174 71.85 49.55 -36.18
N LEU U 175 72.98 49.80 -36.85
CA LEU U 175 74.22 50.14 -36.17
C LEU U 175 74.95 51.23 -36.95
N SER U 176 75.35 52.29 -36.25
CA SER U 176 76.10 53.40 -36.84
C SER U 176 77.43 53.55 -36.13
N SER U 177 78.51 53.62 -36.91
CA SER U 177 79.85 53.85 -36.39
C SER U 177 80.38 55.16 -36.95
N THR U 178 80.96 55.99 -36.08
CA THR U 178 81.49 57.29 -36.47
C THR U 178 82.99 57.35 -36.20
N LEU U 179 83.75 57.73 -37.24
CA LEU U 179 85.21 57.85 -37.17
C LEU U 179 85.57 59.32 -37.07
N THR U 180 86.03 59.74 -35.88
CA THR U 180 86.31 61.14 -35.61
C THR U 180 87.81 61.37 -35.68
N LEU U 181 88.22 62.36 -36.47
CA LEU U 181 89.62 62.74 -36.59
C LEU U 181 89.70 64.26 -36.74
N SER U 182 90.92 64.78 -36.59
CA SER U 182 91.14 66.20 -36.78
C SER U 182 91.23 66.53 -38.26
N LYS U 183 91.02 67.82 -38.58
CA LYS U 183 91.08 68.23 -39.98
C LYS U 183 92.46 67.99 -40.58
N ALA U 184 93.52 68.15 -39.78
CA ALA U 184 94.87 67.93 -40.28
C ALA U 184 95.08 66.47 -40.69
N ASP U 185 94.58 65.53 -39.89
CA ASP U 185 94.80 64.12 -40.18
C ASP U 185 93.87 63.58 -41.28
N TYR U 186 92.70 64.19 -41.47
CA TYR U 186 91.79 63.73 -42.52
C TYR U 186 92.32 64.03 -43.91
N GLU U 187 92.77 65.25 -44.13
CA GLU U 187 93.25 65.68 -45.44
C GLU U 187 94.64 65.13 -45.79
N LYS U 188 95.22 64.27 -44.94
CA LYS U 188 96.51 63.65 -45.27
C LYS U 188 96.37 62.46 -46.20
N HIS U 189 95.22 61.78 -46.18
CA HIS U 189 94.98 60.60 -46.98
C HIS U 189 93.84 60.84 -47.97
N LYS U 190 93.61 59.85 -48.84
CA LYS U 190 92.72 60.04 -49.98
C LYS U 190 91.49 59.14 -49.93
N VAL U 191 91.68 57.82 -49.90
CA VAL U 191 90.57 56.87 -50.03
C VAL U 191 90.24 56.33 -48.65
N TYR U 192 88.98 56.54 -48.22
CA TYR U 192 88.48 56.07 -46.94
C TYR U 192 87.45 54.98 -47.17
N ALA U 193 87.53 53.92 -46.36
CA ALA U 193 86.61 52.80 -46.47
C ALA U 193 86.25 52.27 -45.08
N CYS U 194 85.06 51.69 -44.97
CA CYS U 194 84.65 50.91 -43.82
C CYS U 194 84.26 49.53 -44.31
N GLU U 195 84.89 48.50 -43.76
CA GLU U 195 84.64 47.14 -44.20
C GLU U 195 83.83 46.41 -43.13
N VAL U 196 82.82 45.68 -43.56
CA VAL U 196 81.82 45.13 -42.66
C VAL U 196 81.73 43.63 -42.89
N THR U 197 81.86 42.86 -41.81
CA THR U 197 81.67 41.42 -41.82
C THR U 197 80.42 41.06 -41.01
N HIS U 198 79.71 40.03 -41.46
CA HIS U 198 78.49 39.61 -40.81
C HIS U 198 78.12 38.23 -41.36
N GLN U 199 77.25 37.53 -40.64
CA GLN U 199 76.83 36.19 -41.02
C GLN U 199 75.92 36.16 -42.24
N GLY U 200 75.38 37.32 -42.65
CA GLY U 200 74.47 37.40 -43.76
C GLY U 200 75.07 37.69 -45.11
N LEU U 201 76.36 38.00 -45.18
CA LEU U 201 77.03 38.30 -46.43
C LEU U 201 77.98 37.17 -46.81
N SER U 202 77.97 36.81 -48.10
CA SER U 202 78.88 35.76 -48.56
C SER U 202 80.33 36.23 -48.48
N SER U 203 80.58 37.47 -48.89
CA SER U 203 81.87 38.13 -48.76
C SER U 203 81.67 39.46 -48.03
N PRO U 204 82.67 39.93 -47.27
CA PRO U 204 82.50 41.22 -46.60
C PRO U 204 82.39 42.33 -47.63
N VAL U 205 81.41 43.21 -47.45
CA VAL U 205 81.13 44.26 -48.41
C VAL U 205 81.87 45.52 -48.01
N THR U 206 82.58 46.12 -48.97
CA THR U 206 83.35 47.34 -48.76
C THR U 206 82.82 48.44 -49.64
N LYS U 207 82.60 49.62 -49.05
CA LYS U 207 82.23 50.83 -49.77
C LYS U 207 83.34 51.84 -49.51
N SER U 208 83.85 52.44 -50.57
CA SER U 208 84.94 53.40 -50.44
C SER U 208 84.62 54.64 -51.27
N PHE U 209 85.47 55.65 -51.12
CA PHE U 209 85.34 56.88 -51.88
C PHE U 209 86.68 57.58 -51.91
N ASN U 210 86.84 58.44 -52.91
CA ASN U 210 88.03 59.28 -53.03
C ASN U 210 87.65 60.69 -52.59
N ARG U 211 88.49 61.30 -51.78
CA ARG U 211 88.19 62.62 -51.21
C ARG U 211 88.07 63.70 -52.29
#